data_6ZQN
#
_entry.id   6ZQN
#
_cell.length_a   1.00
_cell.length_b   1.00
_cell.length_c   1.00
_cell.angle_alpha   90.00
_cell.angle_beta   90.00
_cell.angle_gamma   90.00
#
_symmetry.space_group_name_H-M   'P 1'
#
loop_
_entity.id
_entity.type
_entity.pdbx_description
1 polymer 'ATP synthase subunit alpha, mitochondrial'
2 polymer 'ATP synthase subunit beta, mitochondrial'
3 polymer 'ATP synthase subunit gamma, mitochondrial'
4 polymer 'ATP synthase subunit delta, mitochondrial'
5 polymer 'ATP synthase subunit epsilon, mitochondrial'
6 polymer 'ATPase inhibitor, mitochondrial'
7 polymer 'ATP synthase F(0) complex subunit C2, mitochondrial'
8 polymer 'ATP synthase subunit O, mitochondrial'
9 polymer 'ATP synthase protein 8'
10 polymer 'ATP synthase subunit a'
11 polymer 'ATP synthase subunit d, mitochondrial'
12 polymer 'ATP synthase subunit f, mitochondrial'
13 polymer 'ATP synthase subunit g, mitochondrial'
14 polymer 'ATP synthase subunit ATP5MPL, mitochondrial'
15 polymer 'ATP synthase F(0) complex subunit B1, mitochondrial'
16 polymer 'ATP synthase-coupling factor 6, mitochondrial'
17 polymer 'ATP synthase membrane subunit DAPIT, mitochondrial'
18 polymer 'ATP synthase subunit e, mitochondrial'
19 non-polymer "ADENOSINE-5'-TRIPHOSPHATE"
20 non-polymer 'MAGNESIUM ION'
21 non-polymer "ADENOSINE-5'-DIPHOSPHATE"
22 non-polymer CARDIOLIPIN
23 non-polymer 1,2-DIPALMITOYL-PHOSPHATIDYL-GLYCEROLE
24 water water
#
loop_
_entity_poly.entity_id
_entity_poly.type
_entity_poly.pdbx_seq_one_letter_code
_entity_poly.pdbx_strand_id
1 'polypeptide(L)'
;EKTGTAEVSSILEERILGADTSVDLEETGRVLSIGDGIARVHGLRNVQAEEMVEFSSGLKGMSLNLEPDNVGVVVFGNDK
LIKEGDIVKRTGAIVDVPVGEELLGRVVDALGNAIDGKGPIGSKARRRVGLKAPGIIPRISVREPMQTGIKAVDSLVPIG
RGQRELIIGDRQTGKTSIAIDTIINQKRFNDGTDEKKKLYCIYVAIGQKRSTVAQLVKRLTDADAMKYTIVVSATASDAA
PLQYLAPYSGCSMGEYFRDNGKHALIIYDDLSKQAVAYRQMSLLLRRPPGREAYPGDVFYLHSRLLERAAKMNDAFGGGS
LTALPVIETQAGDVSAYIPTNVISITDGQIFLETELFYKGIRPAINVGLSVSRVGSAAQTRAMKQVAGTMKLELAQYREV
AAFAQFGSDLDAATQQLLSRGVRLTELLKQGQYSPMAIEEQVAVIYAGVRGYLDKLEPSKITKFENAFLSHVISQHQALL
GKIRTDGKISEESDAKLKEIVTNFLAGFEA
;
A,B,C
2 'polypeptide(L)'
;AAQASPSPKAGATTGRIVAVIGAVVDVQFDEGLPPILNALEVQGRETRLVLEVAQHLGESTVRTIAMDGTEGLVRGQKVL
DSGAPIRIPVGPETLGRIMNVIGEPIDERGPIKTKQFAAIHAEAPEFVEMSVEQEILVTGIKVVDLLAPYAKGGKIGLFG
GAGVGKTVLIMELINNVAKAHGGYSVFAGVGERTREGNDLYHEMIESGVINLKDATSKVALVYGQMNEPPGARARVALTG
LTVAEYFRDQEGQDVLLFIDNIFRFTQAGSEVSALLGRIPSAVGYQPTLATDMGTMQERITTTKKGSITSVQAIYVPADD
LTDPAPATTFAHLDATTVLSRAIAELGIYPAVDPLDSTSRIMDPNIVGSEHYDVARGVQKILQDYKSLQDIIAILGMDEL
SEEDKLTVSRARKIQRFLSQPFQVAEVFTGHLGKLVPLKETIKGFQQILAGEYDHLPEQAFYMVGPIEEAVAKADKLAEE
HS
;
D,E,F
3 'polypeptide(L)'
;ATLKDITRRLKSIKNIQKITKSMKMVAAAKYARAERELKPARVYGVGSLALYEKADIKTPEDKKKHLIIGVSSDRGLCGA
IHSSVAKQMKSEAANLAAAGKEVKIIGVGDKIRSILHRTHSDQFLVTFKEVGRRPPTFGDASVIALELLNSGYEFDEGSI
IFNRFRSVISYKTEEKPIFSLDTISSAESMSIYDDIDADVLRNYQEYSLANIIYYSLKESTTSEQSARMTAMDNASKNAS
EMIDKLTLTFNRTRQAVITKELIEIISGAAALD
;
G
4 'polypeptide(L)'
;AEAAAAQAPAAGPGQMSFTFASPTQVFFNSANVRQVDVPTQTGAFGILAAHVPTLQVLRPGLVVVHAEDGTTSKYFVSSG
SVTVNADSSVQLLAEEAVTLDMLDLGAAKANLEKAQSELLGAADEATRAEIQIRIEANEALVKALE
;
H
5 'polypeptide(L)' VAYWRQAGLSYIRYSQICAKAVRDALKTEFKANAMKTSGSTIKIVKVKKE I
6 'polypeptide(L)' GSESGDNVRSSAGAVRDAGGAFGKREQAEEERYFRARAKEQLAALKKHHENEISHHAKEIHHHHHH J
7 'polypeptide(L)' DIDTAAKFIGAGAATVGVAGSGAGIGTVFGSLIIGYARNPSL(M3L)QQLFSYAILGFALSEAMGLFCLMVAFLILFAM K,L,M,N,P,R,O,Q
8 'polypeptide(L)'
;FAKLVRPPVQIYGIEGRYATALYSAASKQNKLEQVEKELLRVGQILKEPKMAASLLNPYVKRSVKVKSLSDMTAKEKFSP
LTSNLINLLAENGRLTNTPAVISAFSTMMSVHRGEVPCTVTTASALDEATLTELKTVLKSFLSKGQVLKLEVKIDPSIMG
GMIVRIGEKYVDMSAKTKIQKLSRAMREIL
;
S
9 'polypeptide(L)' MPQLDTSTWLTMILSMFLTLFIIFQLKVSKHNFYHNPELTPTKMLKQNTPWETKWTKIYLPLLLPL 8
10 'polypeptide(L)'
;MNENLFTSFITPVILGLPLVTLIVLFPSLLFPTSNRLVSNRFVTLQQWMLQLVSKQMMSIHNSKGQTWTLMLMSLILFIG
STNLLGLLPHSFTPTTQLSMNLGMAIPLWAGAVITGFRNKTKASLAHFLPQGTPTPLIPMLVIIETISLFIQPMALAVRL
TANITAGHLLIHLIGGATLALMSISTTTALITFTILILLTILEFAVAMIQAYVFTLLVSLYLHDNT
;
a
11 'polypeptide(L)'
;AGRKLALKTIDWVAFGEIIPRNQKAVANSLKSWNETLTSRLATLPEKPPAIDWAYYKANVAKAGLVDDFEKKFNALKVPI
PEDKYTAQVDAEEKEDVKSCAEFLTQSKTRIQEYEKELEKMRNIIPFDQMTIEDLNEVFPETKLDKKKYPYWPHRPIETL
;
d
12 'polypeptide(L)'
;ASVVPLKEKKLLEVKLGELPSWILMRDFTPSGIAGAFQRGYYRYYNKYVNVKKGSIAGLSMVLAAYVFLNYCRSYKELKH
ERLRKYH
;
f
13 'polypeptide(L)'
;AEFVRNLAEKAPALVNAAVTYSKPRLATFWYYAKVELVPPTPAEIPTAIQSLKKIINSAKTGSFKQLTVKEALLNGLVAT
EVWMWFYVGEIIGKRGIIGYDV
;
g
14 'polypeptide(L)' MLQSLIKKVWIPMKPYYTQAYQEIWVGTGLMAYIVYKIRSADKRSKALKASSAAPAHGHH j
15 'polypeptide(L)'
;PVPPLPEHGGKVRFGLIPEEFFQFLYPKTGVTGPYVLGTGLILYLLSKEIYVITPETFSAISTIGFLVYIVKKYGASVGE
FADKLNEQKIAQLEEVKQASIKQIQDAIDMEKSQQALVQKRHYLFDVQRNNIAMALEVTYRERLHRVYREVKNRLDYHIS
VQNMMRQKEQEHMINWVEKRVVQSISAQQEKETIAKCIADLKLLSKKAQAQPVM
;
b
16 'polypeptide(L)' NKELDPVQKLFVDKIREYRTKRQTSGGPVDAGPEYQQDLDRELFKLKQMYGKADMNTFPNFTFEDPKFEVVEKPQS h
17 'polypeptide(L)' AGPEADAQFHFTGIKKYFNSYTLTGRMNCVLATYGSIALIVLYFKLRSKKTPAVKAT k
18 'polypeptide(L)' VPPVQVSPLIKLGRYSALFLGMAYGAKRYNYLKPRAEEERRLAAEEKKKRDEQKRIERELAEAQEDTILK e
#
loop_
_chem_comp.id
_chem_comp.type
_chem_comp.name
_chem_comp.formula
ADP non-polymer ADENOSINE-5'-DIPHOSPHATE 'C10 H15 N5 O10 P2'
ATP non-polymer ADENOSINE-5'-TRIPHOSPHATE 'C10 H16 N5 O13 P3'
CDL non-polymer CARDIOLIPIN 'C81 H156 O17 P2 -2'
LHG non-polymer 1,2-DIPALMITOYL-PHOSPHATIDYL-GLYCEROLE 'C38 H75 O10 P'
MG non-polymer 'MAGNESIUM ION' 'Mg 2'
#
# COMPACT_ATOMS: atom_id res chain seq x y z
N VAL A 8 40.24 -49.26 -46.46
CA VAL A 8 40.98 -48.16 -45.85
C VAL A 8 42.19 -47.83 -46.71
N SER A 9 43.17 -48.73 -46.67
CA SER A 9 44.38 -48.58 -47.48
C SER A 9 44.04 -48.08 -48.88
N SER A 10 43.19 -48.83 -49.59
CA SER A 10 42.79 -48.42 -50.92
C SER A 10 42.25 -47.00 -50.91
N ILE A 11 41.57 -46.62 -49.83
CA ILE A 11 41.08 -45.25 -49.73
C ILE A 11 42.24 -44.29 -49.50
N LEU A 12 43.22 -44.69 -48.69
CA LEU A 12 44.39 -43.84 -48.47
C LEU A 12 45.08 -43.51 -49.79
N GLU A 13 45.01 -44.42 -50.77
CA GLU A 13 45.65 -44.14 -52.05
C GLU A 13 45.12 -42.84 -52.65
N GLU A 14 43.79 -42.74 -52.80
CA GLU A 14 43.25 -41.53 -53.41
C GLU A 14 43.27 -40.37 -52.44
N ARG A 15 43.28 -40.64 -51.13
CA ARG A 15 43.50 -39.56 -50.17
C ARG A 15 44.83 -38.87 -50.43
N ILE A 16 45.86 -39.66 -50.72
CA ILE A 16 47.16 -39.08 -51.10
C ILE A 16 47.05 -38.41 -52.46
N LEU A 17 46.47 -39.10 -53.44
CA LEU A 17 46.39 -38.55 -54.79
C LEU A 17 45.63 -37.23 -54.79
N GLY A 18 44.49 -37.18 -54.09
CA GLY A 18 43.65 -36.01 -54.11
C GLY A 18 44.26 -34.86 -53.33
N ALA A 19 45.40 -34.35 -53.79
CA ALA A 19 46.10 -33.26 -53.15
C ALA A 19 46.41 -32.18 -54.18
N ASP A 20 47.15 -31.15 -53.76
CA ASP A 20 47.59 -30.06 -54.62
C ASP A 20 49.06 -29.81 -54.31
N THR A 21 49.94 -30.49 -55.05
CA THR A 21 51.37 -30.40 -54.80
C THR A 21 52.01 -29.15 -55.39
N SER A 22 51.30 -28.41 -56.23
CA SER A 22 51.90 -27.30 -56.95
C SER A 22 52.39 -26.22 -55.98
N VAL A 23 53.40 -25.48 -56.42
CA VAL A 23 53.97 -24.39 -55.64
C VAL A 23 53.71 -23.08 -56.38
N ASP A 24 54.12 -21.97 -55.80
CA ASP A 24 53.85 -20.67 -56.41
C ASP A 24 54.87 -19.65 -55.93
N LEU A 25 55.00 -18.58 -56.71
CA LEU A 25 55.82 -17.43 -56.34
C LEU A 25 54.92 -16.48 -55.54
N GLU A 26 55.12 -16.45 -54.23
CA GLU A 26 54.25 -15.72 -53.32
C GLU A 26 55.07 -14.69 -52.55
N GLU A 27 54.41 -13.62 -52.14
CA GLU A 27 55.07 -12.62 -51.31
C GLU A 27 55.32 -13.20 -49.93
N THR A 28 56.00 -12.43 -49.09
CA THR A 28 56.43 -12.98 -47.81
C THR A 28 57.03 -11.90 -46.94
N GLY A 29 56.79 -12.02 -45.63
CA GLY A 29 57.47 -11.20 -44.66
C GLY A 29 57.78 -12.04 -43.44
N ARG A 30 58.78 -11.61 -42.69
CA ARG A 30 59.29 -12.38 -41.57
C ARG A 30 58.84 -11.77 -40.26
N VAL A 31 58.50 -12.61 -39.29
CA VAL A 31 58.03 -12.11 -38.01
C VAL A 31 59.16 -11.40 -37.29
N LEU A 32 58.91 -10.18 -36.83
CA LEU A 32 59.84 -9.49 -35.94
C LEU A 32 59.61 -9.87 -34.50
N SER A 33 58.35 -9.97 -34.10
CA SER A 33 57.99 -10.12 -32.71
C SER A 33 56.76 -11.00 -32.61
N ILE A 34 56.47 -11.45 -31.40
CA ILE A 34 55.29 -12.25 -31.14
C ILE A 34 55.07 -12.26 -29.64
N GLY A 35 53.82 -12.38 -29.21
CA GLY A 35 53.54 -12.43 -27.81
C GLY A 35 52.15 -11.92 -27.52
N ASP A 36 51.42 -12.60 -26.64
CA ASP A 36 50.04 -12.28 -26.33
C ASP A 36 49.11 -12.56 -27.50
N GLY A 37 49.60 -13.22 -28.54
CA GLY A 37 48.78 -13.53 -29.69
C GLY A 37 48.81 -12.51 -30.80
N ILE A 38 49.87 -11.73 -30.92
CA ILE A 38 49.94 -10.63 -31.86
C ILE A 38 51.31 -10.65 -32.51
N ALA A 39 51.39 -11.09 -33.76
CA ALA A 39 52.64 -11.06 -34.49
C ALA A 39 52.84 -9.68 -35.09
N ARG A 40 54.10 -9.25 -35.17
CA ARG A 40 54.45 -8.00 -35.82
C ARG A 40 55.31 -8.37 -37.03
N VAL A 41 54.64 -8.70 -38.13
CA VAL A 41 55.37 -9.13 -39.30
C VAL A 41 56.08 -7.93 -39.92
N HIS A 42 57.24 -8.17 -40.50
CA HIS A 42 58.00 -7.15 -41.22
C HIS A 42 58.14 -7.58 -42.65
N GLY A 43 57.78 -6.69 -43.57
CA GLY A 43 57.70 -7.05 -44.97
C GLY A 43 56.26 -6.99 -45.41
N LEU A 44 55.86 -7.91 -46.28
CA LEU A 44 54.48 -7.93 -46.76
C LEU A 44 54.08 -6.57 -47.30
N ARG A 45 54.94 -6.01 -48.15
CA ARG A 45 54.75 -4.64 -48.58
C ARG A 45 53.43 -4.44 -49.32
N ASN A 46 52.86 -5.51 -49.89
CA ASN A 46 51.65 -5.41 -50.69
C ASN A 46 50.51 -6.20 -50.06
N VAL A 47 50.34 -6.08 -48.76
CA VAL A 47 49.33 -6.81 -48.03
C VAL A 47 48.15 -5.89 -47.77
N GLN A 48 46.96 -6.32 -48.18
CA GLN A 48 45.77 -5.54 -47.97
C GLN A 48 45.36 -5.55 -46.52
N ALA A 49 44.84 -4.42 -46.04
CA ALA A 49 44.33 -4.38 -44.68
C ALA A 49 43.21 -5.40 -44.52
N GLU A 50 43.19 -6.07 -43.38
CA GLU A 50 42.21 -7.12 -43.11
C GLU A 50 42.29 -8.22 -44.16
N GLU A 51 43.44 -8.89 -44.18
CA GLU A 51 43.73 -9.95 -45.14
C GLU A 51 44.25 -11.15 -44.39
N MET A 52 44.12 -12.33 -45.00
CA MET A 52 44.52 -13.58 -44.36
C MET A 52 45.93 -13.96 -44.82
N VAL A 53 46.86 -13.91 -43.88
CA VAL A 53 48.21 -14.38 -44.11
C VAL A 53 48.35 -15.72 -43.42
N GLU A 54 49.36 -16.50 -43.81
CA GLU A 54 49.60 -17.81 -43.24
C GLU A 54 51.02 -17.88 -42.72
N PHE A 55 51.19 -18.32 -41.48
CA PHE A 55 52.51 -18.49 -40.94
C PHE A 55 53.10 -19.82 -41.42
N SER A 56 54.41 -19.95 -41.27
CA SER A 56 55.08 -21.14 -41.77
C SER A 56 54.60 -22.39 -41.04
N SER A 57 54.40 -22.29 -39.72
CA SER A 57 54.02 -23.46 -38.96
C SER A 57 52.70 -24.04 -39.44
N GLY A 58 51.75 -23.18 -39.79
CA GLY A 58 50.48 -23.65 -40.31
C GLY A 58 49.29 -22.83 -39.86
N LEU A 59 49.50 -21.94 -38.89
CA LEU A 59 48.41 -21.11 -38.40
C LEU A 59 47.96 -20.14 -39.48
N LYS A 60 46.93 -19.37 -39.16
CA LYS A 60 46.46 -18.25 -39.97
C LYS A 60 46.70 -16.96 -39.21
N GLY A 61 46.42 -15.86 -39.87
CA GLY A 61 46.43 -14.57 -39.23
C GLY A 61 45.72 -13.58 -40.12
N MET A 62 45.25 -12.50 -39.50
CA MET A 62 44.46 -11.51 -40.20
C MET A 62 45.18 -10.18 -40.07
N SER A 63 45.83 -9.73 -41.14
CA SER A 63 46.77 -8.62 -41.03
C SER A 63 45.99 -7.35 -40.75
N LEU A 64 45.78 -7.08 -39.47
CA LEU A 64 44.79 -6.11 -39.05
C LEU A 64 45.31 -4.69 -38.96
N ASN A 65 46.59 -4.48 -38.66
CA ASN A 65 47.09 -3.15 -38.32
C ASN A 65 48.29 -2.82 -39.20
N LEU A 66 48.06 -2.23 -40.36
CA LEU A 66 49.14 -1.90 -41.29
C LEU A 66 49.84 -0.64 -40.81
N GLU A 67 50.88 -0.81 -40.04
CA GLU A 67 51.69 0.32 -39.64
C GLU A 67 52.74 0.61 -40.69
N PRO A 68 53.34 1.81 -40.69
CA PRO A 68 54.22 2.17 -41.80
C PRO A 68 55.38 1.23 -42.00
N ASP A 69 55.93 0.67 -40.94
CA ASP A 69 57.13 -0.16 -41.03
C ASP A 69 56.86 -1.64 -40.88
N ASN A 70 55.83 -2.02 -40.12
CA ASN A 70 55.49 -3.41 -39.90
C ASN A 70 53.98 -3.55 -39.99
N VAL A 71 53.53 -4.79 -40.14
CA VAL A 71 52.10 -5.10 -40.18
C VAL A 71 51.77 -5.94 -38.97
N GLY A 72 50.87 -5.43 -38.14
CA GLY A 72 50.40 -6.16 -36.98
C GLY A 72 49.34 -7.17 -37.34
N VAL A 73 49.73 -8.45 -37.30
CA VAL A 73 48.88 -9.58 -37.62
C VAL A 73 48.40 -10.19 -36.31
N VAL A 74 47.18 -10.72 -36.30
CA VAL A 74 46.60 -11.36 -35.13
C VAL A 74 46.47 -12.84 -35.43
N VAL A 75 47.10 -13.68 -34.62
CA VAL A 75 47.14 -15.11 -34.92
C VAL A 75 45.80 -15.74 -34.62
N PHE A 76 45.41 -16.72 -35.44
CA PHE A 76 44.18 -17.49 -35.21
C PHE A 76 44.49 -18.75 -34.41
N GLY A 77 45.14 -18.59 -33.29
CA GLY A 77 45.44 -19.71 -32.43
C GLY A 77 46.59 -19.39 -31.51
N ASN A 78 46.94 -20.37 -30.70
CA ASN A 78 48.08 -20.20 -29.81
C ASN A 78 49.31 -19.91 -30.64
N ASP A 79 50.06 -18.89 -30.25
CA ASP A 79 51.30 -18.53 -30.92
C ASP A 79 52.48 -19.33 -30.42
N LYS A 80 52.25 -20.29 -29.53
CA LYS A 80 53.32 -21.20 -29.14
C LYS A 80 54.06 -21.74 -30.35
N LEU A 81 53.37 -21.88 -31.48
CA LEU A 81 53.98 -22.42 -32.69
C LEU A 81 54.74 -21.38 -33.49
N ILE A 82 54.68 -20.10 -33.11
CA ILE A 82 55.31 -19.04 -33.86
C ILE A 82 56.54 -18.56 -33.10
N LYS A 83 57.55 -18.15 -33.85
CA LYS A 83 58.78 -17.64 -33.26
C LYS A 83 59.26 -16.44 -34.06
N GLU A 84 59.92 -15.52 -33.36
CA GLU A 84 60.59 -14.41 -34.03
C GLU A 84 61.53 -14.95 -35.10
N GLY A 85 61.23 -14.66 -36.36
CA GLY A 85 61.98 -15.18 -37.47
C GLY A 85 61.17 -16.00 -38.44
N ASP A 86 60.03 -16.53 -38.02
CA ASP A 86 59.21 -17.34 -38.91
C ASP A 86 58.83 -16.54 -40.15
N ILE A 87 58.30 -17.25 -41.13
CA ILE A 87 57.93 -16.69 -42.43
C ILE A 87 56.42 -16.60 -42.50
N VAL A 88 55.92 -15.42 -42.90
CA VAL A 88 54.50 -15.19 -43.08
C VAL A 88 54.27 -14.93 -44.55
N LYS A 89 53.49 -15.80 -45.19
CA LYS A 89 53.20 -15.69 -46.62
C LYS A 89 51.76 -15.23 -46.79
N ARG A 90 51.57 -14.18 -47.57
CA ARG A 90 50.24 -13.64 -47.77
C ARG A 90 49.47 -14.48 -48.79
N THR A 91 48.15 -14.48 -48.64
CA THR A 91 47.28 -15.18 -49.56
C THR A 91 46.54 -14.26 -50.51
N GLY A 92 46.41 -12.98 -50.18
CA GLY A 92 45.79 -12.01 -51.08
C GLY A 92 44.28 -11.98 -51.02
N ALA A 93 43.65 -12.83 -50.23
CA ALA A 93 42.20 -12.93 -50.19
C ALA A 93 41.70 -12.49 -48.82
N ILE A 94 40.81 -11.50 -48.83
CA ILE A 94 40.17 -11.09 -47.59
C ILE A 94 39.50 -12.32 -46.97
N VAL A 95 39.26 -12.24 -45.67
CA VAL A 95 38.66 -13.36 -44.96
C VAL A 95 37.33 -13.69 -45.62
N ASP A 96 37.12 -14.98 -45.93
CA ASP A 96 35.87 -15.45 -46.48
C ASP A 96 35.54 -16.80 -45.90
N VAL A 97 34.28 -17.20 -46.06
CA VAL A 97 33.77 -18.43 -45.43
C VAL A 97 32.88 -19.15 -46.42
N PRO A 98 32.75 -20.46 -46.26
CA PRO A 98 31.81 -21.21 -47.10
C PRO A 98 30.37 -20.86 -46.75
N VAL A 99 29.50 -21.06 -47.73
CA VAL A 99 28.08 -20.82 -47.53
C VAL A 99 27.30 -21.85 -48.34
N GLY A 100 25.98 -21.78 -48.28
CA GLY A 100 25.12 -22.65 -49.03
C GLY A 100 24.17 -23.39 -48.11
N GLU A 101 23.44 -24.33 -48.69
CA GLU A 101 22.57 -25.20 -47.91
C GLU A 101 23.27 -26.49 -47.51
N GLU A 102 24.56 -26.63 -47.81
CA GLU A 102 25.31 -27.77 -47.33
C GLU A 102 25.61 -27.67 -45.85
N LEU A 103 25.61 -26.46 -45.29
CA LEU A 103 25.94 -26.28 -43.89
C LEU A 103 24.81 -26.70 -42.97
N LEU A 104 23.57 -26.62 -43.42
CA LEU A 104 22.44 -26.94 -42.57
C LEU A 104 22.62 -28.31 -41.95
N GLY A 105 22.49 -28.37 -40.63
CA GLY A 105 22.68 -29.60 -39.90
C GLY A 105 24.10 -29.85 -39.43
N ARG A 106 25.05 -29.02 -39.84
CA ARG A 106 26.44 -29.18 -39.44
C ARG A 106 26.75 -28.27 -38.27
N VAL A 107 27.95 -28.41 -37.73
CA VAL A 107 28.50 -27.47 -36.76
C VAL A 107 29.83 -27.01 -37.30
N VAL A 108 29.96 -25.72 -37.53
CA VAL A 108 31.16 -25.15 -38.11
C VAL A 108 31.77 -24.20 -37.10
N ASP A 109 33.07 -23.99 -37.21
CA ASP A 109 33.74 -23.03 -36.35
C ASP A 109 33.74 -21.67 -37.04
N ALA A 110 34.50 -20.72 -36.50
CA ALA A 110 34.40 -19.35 -36.99
C ALA A 110 34.75 -19.24 -38.46
N LEU A 111 35.59 -20.13 -38.98
CA LEU A 111 36.05 -20.05 -40.36
C LEU A 111 35.36 -21.04 -41.27
N GLY A 112 34.22 -21.59 -40.84
CA GLY A 112 33.52 -22.55 -41.67
C GLY A 112 34.26 -23.85 -41.86
N ASN A 113 34.83 -24.41 -40.79
CA ASN A 113 35.47 -25.71 -40.83
C ASN A 113 34.70 -26.64 -39.91
N ALA A 114 34.14 -27.71 -40.46
CA ALA A 114 33.34 -28.62 -39.65
C ALA A 114 34.12 -29.11 -38.45
N ILE A 115 33.68 -28.72 -37.25
CA ILE A 115 34.22 -29.26 -36.03
C ILE A 115 33.32 -30.36 -35.48
N ASP A 116 32.49 -30.96 -36.32
CA ASP A 116 31.54 -31.97 -35.92
C ASP A 116 32.01 -33.38 -36.24
N GLY A 117 33.23 -33.54 -36.74
CA GLY A 117 33.57 -34.81 -37.37
C GLY A 117 32.65 -34.98 -38.55
N LYS A 118 31.85 -36.04 -38.53
CA LYS A 118 30.69 -36.15 -39.41
C LYS A 118 30.99 -35.75 -40.86
N GLY A 119 32.23 -35.94 -41.30
CA GLY A 119 32.60 -35.64 -42.66
C GLY A 119 32.92 -34.17 -42.86
N PRO A 120 33.32 -33.80 -44.07
CA PRO A 120 33.61 -32.40 -44.37
C PRO A 120 32.42 -31.67 -44.96
N ILE A 121 32.54 -30.35 -45.00
CA ILE A 121 31.52 -29.49 -45.61
C ILE A 121 31.67 -29.56 -47.12
N GLY A 122 30.57 -29.81 -47.81
CA GLY A 122 30.61 -29.91 -49.26
C GLY A 122 30.13 -28.65 -49.96
N SER A 123 30.45 -27.49 -49.40
CA SER A 123 30.00 -26.23 -49.97
C SER A 123 30.74 -25.95 -51.28
N LYS A 124 30.03 -25.28 -52.19
CA LYS A 124 30.59 -24.91 -53.49
C LYS A 124 31.04 -23.46 -53.54
N ALA A 125 30.18 -22.55 -53.11
CA ALA A 125 30.42 -21.11 -53.25
C ALA A 125 30.78 -20.52 -51.89
N ARG A 126 31.86 -19.75 -51.86
CA ARG A 126 32.28 -19.03 -50.66
C ARG A 126 31.74 -17.60 -50.72
N ARG A 127 32.05 -16.83 -49.68
CA ARG A 127 31.53 -15.48 -49.59
C ARG A 127 32.34 -14.71 -48.57
N ARG A 128 32.54 -13.42 -48.81
CA ARG A 128 33.35 -12.61 -47.91
C ARG A 128 32.68 -12.51 -46.55
N VAL A 129 33.34 -11.85 -45.60
CA VAL A 129 32.74 -11.58 -44.30
C VAL A 129 32.60 -10.09 -44.02
N GLY A 130 33.20 -9.23 -44.82
CA GLY A 130 33.14 -7.80 -44.59
C GLY A 130 32.36 -7.08 -45.66
N LEU A 131 31.25 -7.67 -46.09
CA LEU A 131 30.40 -7.03 -47.07
C LEU A 131 29.61 -5.90 -46.41
N LYS A 132 29.03 -5.05 -47.25
CA LYS A 132 28.21 -3.96 -46.75
C LYS A 132 26.75 -4.40 -46.68
N ALA A 133 26.01 -3.78 -45.77
CA ALA A 133 24.60 -4.05 -45.65
C ALA A 133 23.86 -3.51 -46.87
N PRO A 134 22.70 -4.08 -47.18
CA PRO A 134 21.91 -3.53 -48.29
C PRO A 134 21.50 -2.10 -48.01
N GLY A 135 21.42 -1.31 -49.06
CA GLY A 135 21.20 0.11 -48.90
C GLY A 135 19.83 0.47 -48.38
N ILE A 136 19.37 1.67 -48.72
CA ILE A 136 18.06 2.13 -48.27
C ILE A 136 16.95 1.75 -49.22
N ILE A 137 17.26 1.56 -50.51
CA ILE A 137 16.26 1.23 -51.51
C ILE A 137 15.94 -0.26 -51.48
N PRO A 138 16.93 -1.15 -51.40
CA PRO A 138 16.61 -2.58 -51.40
C PRO A 138 15.60 -2.99 -50.34
N ARG A 139 15.68 -2.42 -49.14
CA ARG A 139 14.81 -2.86 -48.07
C ARG A 139 13.36 -2.47 -48.36
N ILE A 140 12.44 -3.22 -47.77
CA ILE A 140 11.04 -2.87 -47.74
C ILE A 140 10.54 -3.08 -46.32
N SER A 141 9.50 -2.34 -45.95
CA SER A 141 9.05 -2.30 -44.57
C SER A 141 8.86 -3.71 -44.03
N VAL A 142 8.96 -3.83 -42.71
CA VAL A 142 8.82 -5.12 -42.04
C VAL A 142 7.34 -5.44 -41.90
N ARG A 143 6.91 -6.54 -42.47
CA ARG A 143 5.50 -6.87 -42.54
C ARG A 143 5.15 -8.27 -42.05
N GLU A 144 5.99 -9.27 -42.33
CA GLU A 144 5.64 -10.63 -41.93
C GLU A 144 6.03 -10.87 -40.47
N PRO A 145 5.34 -11.76 -39.78
CA PRO A 145 5.73 -12.09 -38.41
C PRO A 145 6.65 -13.30 -38.36
N MET A 146 7.47 -13.33 -37.32
CA MET A 146 8.33 -14.46 -37.02
C MET A 146 7.78 -15.08 -35.73
N GLN A 147 6.94 -16.10 -35.88
CA GLN A 147 6.37 -16.75 -34.72
C GLN A 147 7.49 -17.37 -33.89
N THR A 148 7.74 -16.81 -32.71
CA THR A 148 8.73 -17.38 -31.81
C THR A 148 8.18 -18.53 -30.99
N GLY A 149 6.87 -18.72 -30.95
CA GLY A 149 6.29 -19.78 -30.17
C GLY A 149 6.19 -19.50 -28.69
N ILE A 150 6.62 -18.32 -28.24
CA ILE A 150 6.52 -17.94 -26.83
C ILE A 150 5.40 -16.92 -26.71
N LYS A 151 4.47 -17.17 -25.78
CA LYS A 151 3.29 -16.33 -25.68
C LYS A 151 3.67 -14.87 -25.48
N ALA A 152 4.51 -14.61 -24.47
CA ALA A 152 4.84 -13.22 -24.14
C ALA A 152 5.52 -12.53 -25.31
N VAL A 153 6.54 -13.16 -25.88
CA VAL A 153 7.24 -12.56 -27.00
C VAL A 153 6.30 -12.38 -28.18
N ASP A 154 5.49 -13.39 -28.47
CA ASP A 154 4.73 -13.42 -29.70
C ASP A 154 3.46 -12.58 -29.66
N SER A 155 3.01 -12.14 -28.49
CA SER A 155 1.81 -11.34 -28.39
C SER A 155 2.05 -9.91 -27.93
N LEU A 156 2.91 -9.69 -26.94
CA LEU A 156 3.11 -8.36 -26.39
C LEU A 156 4.28 -7.62 -27.03
N VAL A 157 5.34 -8.33 -27.37
CA VAL A 157 6.53 -7.72 -27.98
C VAL A 157 6.82 -8.48 -29.28
N PRO A 158 6.06 -8.24 -30.34
CA PRO A 158 6.19 -9.06 -31.55
C PRO A 158 7.53 -8.86 -32.23
N ILE A 159 7.81 -9.78 -33.15
CA ILE A 159 9.08 -9.80 -33.88
C ILE A 159 8.83 -10.10 -35.34
N GLY A 160 8.87 -9.07 -36.18
CA GLY A 160 8.72 -9.29 -37.60
C GLY A 160 9.97 -9.85 -38.22
N ARG A 161 9.87 -10.25 -39.47
CA ARG A 161 11.00 -10.84 -40.18
C ARG A 161 11.78 -9.75 -40.88
N GLY A 162 13.02 -9.56 -40.48
CA GLY A 162 13.84 -8.47 -40.94
C GLY A 162 14.11 -7.43 -39.89
N GLN A 163 14.00 -7.78 -38.61
CA GLN A 163 14.05 -6.84 -37.52
C GLN A 163 15.08 -7.31 -36.52
N ARG A 164 15.85 -6.37 -35.99
CA ARG A 164 16.79 -6.68 -34.91
C ARG A 164 16.06 -6.56 -33.59
N GLU A 165 16.12 -7.60 -32.77
CA GLU A 165 15.39 -7.61 -31.51
C GLU A 165 16.33 -8.08 -30.41
N LEU A 166 17.04 -7.13 -29.80
CA LEU A 166 17.90 -7.44 -28.68
C LEU A 166 17.16 -8.31 -27.67
N ILE A 167 17.86 -9.28 -27.12
CA ILE A 167 17.36 -10.09 -26.02
C ILE A 167 18.30 -9.81 -24.85
N ILE A 168 17.94 -8.86 -24.00
CA ILE A 168 18.83 -8.35 -22.98
C ILE A 168 18.36 -8.84 -21.62
N GLY A 169 19.29 -8.95 -20.69
CA GLY A 169 18.94 -9.40 -19.36
C GLY A 169 20.16 -9.89 -18.63
N ASP A 170 19.98 -10.08 -17.33
CA ASP A 170 21.09 -10.49 -16.48
C ASP A 170 21.46 -11.93 -16.76
N ARG A 171 22.42 -12.45 -16.00
CA ARG A 171 22.89 -13.81 -16.16
C ARG A 171 21.87 -14.80 -15.61
N GLN A 172 21.79 -15.97 -16.25
CA GLN A 172 20.82 -17.00 -15.94
C GLN A 172 19.43 -16.41 -15.67
N THR A 173 18.87 -15.81 -16.71
CA THR A 173 17.46 -15.46 -16.72
C THR A 173 16.67 -16.15 -17.83
N GLY A 174 17.35 -16.85 -18.73
CA GLY A 174 16.65 -17.59 -19.76
C GLY A 174 16.66 -16.91 -21.10
N LYS A 175 17.82 -16.38 -21.51
CA LYS A 175 17.93 -15.75 -22.82
C LYS A 175 18.18 -16.79 -23.89
N THR A 176 19.19 -17.63 -23.69
CA THR A 176 19.41 -18.74 -24.61
C THR A 176 18.19 -19.63 -24.70
N SER A 177 17.43 -19.77 -23.61
CA SER A 177 16.21 -20.57 -23.67
C SER A 177 15.20 -19.96 -24.60
N ILE A 178 15.05 -18.63 -24.58
CA ILE A 178 14.15 -17.98 -25.52
C ILE A 178 14.63 -18.22 -26.94
N ALA A 179 15.93 -18.08 -27.17
CA ALA A 179 16.44 -18.28 -28.52
C ALA A 179 16.22 -19.70 -29.00
N ILE A 180 16.37 -20.68 -28.12
CA ILE A 180 16.23 -22.07 -28.54
C ILE A 180 14.77 -22.45 -28.70
N ASP A 181 13.88 -21.88 -27.89
CA ASP A 181 12.46 -22.06 -28.17
C ASP A 181 12.11 -21.48 -29.53
N THR A 182 12.67 -20.32 -29.86
CA THR A 182 12.46 -19.77 -31.19
C THR A 182 12.96 -20.71 -32.27
N ILE A 183 14.14 -21.30 -32.07
CA ILE A 183 14.68 -22.20 -33.08
C ILE A 183 13.78 -23.42 -33.24
N ILE A 184 13.33 -23.99 -32.14
CA ILE A 184 12.53 -25.21 -32.21
C ILE A 184 11.18 -24.93 -32.84
N ASN A 185 10.60 -23.78 -32.56
CA ASN A 185 9.26 -23.49 -33.05
C ASN A 185 9.20 -23.57 -34.57
N GLN A 186 10.28 -23.21 -35.25
CA GLN A 186 10.25 -23.17 -36.71
C GLN A 186 10.10 -24.54 -37.34
N LYS A 187 10.07 -25.61 -36.55
CA LYS A 187 9.96 -26.94 -37.13
C LYS A 187 8.66 -27.10 -37.88
N ARG A 188 7.56 -26.57 -37.34
CA ARG A 188 6.28 -26.77 -37.99
C ARG A 188 6.26 -26.15 -39.38
N PHE A 189 6.84 -24.97 -39.54
CA PHE A 189 6.94 -24.36 -40.87
C PHE A 189 7.92 -25.14 -41.74
N ASN A 190 9.08 -25.48 -41.19
CA ASN A 190 10.14 -26.09 -41.99
C ASN A 190 9.86 -27.52 -42.36
N ASP A 191 8.82 -28.12 -41.80
CA ASP A 191 8.33 -29.41 -42.26
C ASP A 191 7.21 -29.27 -43.27
N GLY A 192 6.47 -28.17 -43.23
CA GLY A 192 5.34 -27.97 -44.09
C GLY A 192 5.72 -27.77 -45.54
N THR A 193 4.87 -27.07 -46.29
CA THR A 193 5.04 -26.94 -47.74
C THR A 193 5.52 -25.56 -48.14
N ASP A 194 4.83 -24.51 -47.74
CA ASP A 194 5.11 -23.17 -48.25
C ASP A 194 6.55 -22.78 -47.99
N GLU A 195 7.18 -22.18 -48.99
CA GLU A 195 8.55 -21.70 -48.86
C GLU A 195 8.60 -20.24 -48.44
N LYS A 196 7.46 -19.61 -48.23
CA LYS A 196 7.39 -18.24 -47.74
C LYS A 196 7.21 -18.19 -46.23
N LYS A 197 7.36 -19.34 -45.55
CA LYS A 197 7.29 -19.37 -44.10
C LYS A 197 8.40 -20.23 -43.50
N LYS A 198 9.34 -20.71 -44.31
CA LYS A 198 10.43 -21.54 -43.82
C LYS A 198 11.56 -20.64 -43.33
N LEU A 199 11.95 -20.80 -42.07
CA LEU A 199 13.02 -20.02 -41.47
C LEU A 199 14.21 -20.94 -41.25
N TYR A 200 15.37 -20.53 -41.78
CA TYR A 200 16.60 -21.32 -41.68
C TYR A 200 17.44 -20.77 -40.54
N CYS A 201 17.05 -21.11 -39.32
CA CYS A 201 17.72 -20.60 -38.14
C CYS A 201 19.23 -20.81 -38.23
N ILE A 202 19.96 -19.87 -37.65
CA ILE A 202 21.39 -19.99 -37.42
C ILE A 202 21.63 -19.66 -35.96
N TYR A 203 22.68 -20.23 -35.38
CA TYR A 203 22.97 -19.97 -33.97
C TYR A 203 24.48 -19.81 -33.82
N VAL A 204 24.92 -18.59 -33.51
CA VAL A 204 26.33 -18.32 -33.30
C VAL A 204 26.61 -18.36 -31.80
N ALA A 205 27.52 -19.24 -31.39
CA ALA A 205 27.88 -19.42 -29.99
C ALA A 205 29.25 -18.81 -29.78
N ILE A 206 29.31 -17.73 -29.01
CA ILE A 206 30.53 -17.00 -28.76
C ILE A 206 30.84 -17.06 -27.27
N GLY A 207 32.07 -17.42 -26.94
CA GLY A 207 32.50 -17.41 -25.56
C GLY A 207 31.95 -18.53 -24.70
N GLN A 208 30.98 -19.29 -25.17
CA GLN A 208 30.48 -20.41 -24.42
C GLN A 208 31.50 -21.54 -24.41
N LYS A 209 31.41 -22.40 -23.41
CA LYS A 209 32.29 -23.56 -23.33
C LYS A 209 31.72 -24.70 -24.13
N ARG A 210 32.60 -25.52 -24.71
CA ARG A 210 32.17 -26.53 -25.67
C ARG A 210 31.14 -27.46 -25.06
N SER A 211 31.14 -27.63 -23.74
CA SER A 211 30.11 -28.45 -23.12
C SER A 211 28.73 -27.83 -23.33
N THR A 212 28.62 -26.51 -23.22
CA THR A 212 27.34 -25.86 -23.41
C THR A 212 26.86 -26.01 -24.84
N VAL A 213 27.74 -25.79 -25.81
CA VAL A 213 27.33 -25.95 -27.21
C VAL A 213 26.97 -27.40 -27.50
N ALA A 214 27.68 -28.35 -26.88
CA ALA A 214 27.35 -29.75 -27.09
C ALA A 214 25.96 -30.07 -26.55
N GLN A 215 25.67 -29.63 -25.33
CA GLN A 215 24.32 -29.83 -24.79
C GLN A 215 23.28 -29.17 -25.68
N LEU A 216 23.62 -28.01 -26.24
CA LEU A 216 22.67 -27.30 -27.08
C LEU A 216 22.37 -28.10 -28.34
N VAL A 217 23.40 -28.56 -29.02
CA VAL A 217 23.15 -29.34 -30.24
C VAL A 217 22.42 -30.63 -29.88
N LYS A 218 22.63 -31.14 -28.67
CA LYS A 218 21.85 -32.29 -28.23
C LYS A 218 20.37 -31.94 -28.13
N ARG A 219 20.07 -30.79 -27.54
CA ARG A 219 18.67 -30.35 -27.48
C ARG A 219 18.09 -30.21 -28.87
N LEU A 220 18.84 -29.59 -29.78
CA LEU A 220 18.32 -29.37 -31.12
C LEU A 220 18.10 -30.69 -31.84
N THR A 221 19.04 -31.64 -31.71
CA THR A 221 18.88 -32.92 -32.38
C THR A 221 17.70 -33.70 -31.81
N ASP A 222 17.51 -33.67 -30.49
CA ASP A 222 16.36 -34.36 -29.91
C ASP A 222 15.07 -33.88 -30.55
N ALA A 223 14.87 -32.58 -30.61
CA ALA A 223 13.71 -32.02 -31.27
C ALA A 223 13.82 -32.06 -32.78
N ASP A 224 14.86 -32.71 -33.31
CA ASP A 224 15.06 -32.82 -34.74
C ASP A 224 14.98 -31.45 -35.40
N ALA A 225 15.61 -30.45 -34.76
CA ALA A 225 15.64 -29.10 -35.28
C ALA A 225 16.97 -28.74 -35.90
N MET A 226 17.83 -29.73 -36.17
CA MET A 226 19.11 -29.45 -36.80
C MET A 226 19.03 -29.52 -38.32
N LYS A 227 18.05 -30.22 -38.88
CA LYS A 227 18.00 -30.36 -40.33
C LYS A 227 17.87 -29.02 -41.04
N TYR A 228 17.63 -27.92 -40.31
CA TYR A 228 17.57 -26.60 -40.92
C TYR A 228 18.36 -25.56 -40.14
N THR A 229 19.21 -25.97 -39.20
CA THR A 229 19.98 -25.04 -38.39
C THR A 229 21.46 -25.21 -38.67
N ILE A 230 22.16 -24.10 -38.76
CA ILE A 230 23.61 -24.08 -38.67
C ILE A 230 23.97 -23.65 -37.26
N VAL A 231 25.08 -24.14 -36.76
CA VAL A 231 25.56 -23.76 -35.42
C VAL A 231 27.03 -23.40 -35.56
N VAL A 232 27.30 -22.12 -35.78
CA VAL A 232 28.67 -21.65 -35.67
C VAL A 232 29.07 -21.67 -34.20
N SER A 233 30.38 -21.69 -33.95
CA SER A 233 30.83 -21.79 -32.57
C SER A 233 32.26 -21.28 -32.46
N ALA A 234 32.44 -20.16 -31.79
CA ALA A 234 33.76 -19.68 -31.38
C ALA A 234 33.78 -19.75 -29.86
N THR A 235 34.16 -20.91 -29.33
CA THR A 235 34.01 -21.18 -27.92
C THR A 235 35.15 -20.57 -27.13
N ALA A 236 35.04 -20.66 -25.80
CA ALA A 236 35.86 -19.83 -24.93
C ALA A 236 37.34 -20.05 -25.16
N SER A 237 37.76 -21.23 -25.57
CA SER A 237 39.19 -21.52 -25.73
C SER A 237 39.75 -21.02 -27.05
N ASP A 238 38.91 -20.66 -28.01
CA ASP A 238 39.39 -20.24 -29.33
C ASP A 238 39.89 -18.81 -29.26
N ALA A 239 41.07 -18.58 -29.83
CA ALA A 239 41.79 -17.32 -29.64
C ALA A 239 40.88 -16.15 -29.95
N ALA A 240 41.23 -14.97 -29.45
CA ALA A 240 40.36 -13.82 -29.57
C ALA A 240 39.87 -13.57 -30.99
N PRO A 241 40.69 -13.65 -32.04
CA PRO A 241 40.18 -13.35 -33.38
C PRO A 241 39.04 -14.25 -33.80
N LEU A 242 39.02 -15.52 -33.37
CA LEU A 242 37.94 -16.39 -33.78
C LEU A 242 36.64 -16.11 -33.06
N GLN A 243 36.69 -15.42 -31.93
CA GLN A 243 35.46 -14.95 -31.30
C GLN A 243 35.03 -13.61 -31.89
N TYR A 244 35.98 -12.74 -32.18
CA TYR A 244 35.66 -11.48 -32.82
C TYR A 244 35.08 -11.68 -34.21
N LEU A 245 35.34 -12.81 -34.83
CA LEU A 245 35.04 -13.01 -36.24
C LEU A 245 33.88 -13.95 -36.49
N ALA A 246 33.45 -14.71 -35.47
CA ALA A 246 32.34 -15.64 -35.67
C ALA A 246 31.05 -14.95 -36.06
N PRO A 247 30.64 -13.86 -35.42
CA PRO A 247 29.36 -13.23 -35.80
C PRO A 247 29.29 -12.88 -37.26
N TYR A 248 30.39 -12.45 -37.86
CA TYR A 248 30.36 -12.11 -39.28
C TYR A 248 30.31 -13.35 -40.15
N SER A 249 30.91 -14.46 -39.71
CA SER A 249 30.73 -15.71 -40.43
C SER A 249 29.27 -16.13 -40.42
N GLY A 250 28.63 -16.05 -39.25
CA GLY A 250 27.21 -16.37 -39.19
C GLY A 250 26.39 -15.43 -40.04
N CYS A 251 26.68 -14.14 -39.98
CA CYS A 251 25.89 -13.17 -40.73
C CYS A 251 26.07 -13.35 -42.23
N SER A 252 27.24 -13.82 -42.68
CA SER A 252 27.41 -14.10 -44.10
C SER A 252 26.71 -15.38 -44.51
N MET A 253 26.78 -16.42 -43.68
CA MET A 253 26.00 -17.62 -43.95
C MET A 253 24.52 -17.28 -44.06
N GLY A 254 24.05 -16.31 -43.27
CA GLY A 254 22.66 -15.89 -43.37
C GLY A 254 22.39 -14.96 -44.53
N GLU A 255 23.36 -14.14 -44.89
CA GLU A 255 23.19 -13.25 -46.04
C GLU A 255 23.05 -14.05 -47.32
N TYR A 256 23.68 -15.22 -47.39
CA TYR A 256 23.47 -16.07 -48.56
C TYR A 256 21.98 -16.38 -48.73
N PHE A 257 21.33 -16.86 -47.69
CA PHE A 257 19.90 -17.11 -47.76
C PHE A 257 19.15 -15.82 -48.07
N ARG A 258 19.46 -14.74 -47.35
CA ARG A 258 18.71 -13.51 -47.51
C ARG A 258 18.69 -13.07 -48.97
N ASP A 259 19.85 -13.04 -49.60
CA ASP A 259 19.88 -12.60 -50.99
C ASP A 259 19.53 -13.72 -51.97
N ASN A 260 19.30 -14.94 -51.48
CA ASN A 260 18.78 -16.02 -52.31
C ASN A 260 17.28 -16.22 -52.13
N GLY A 261 16.55 -15.15 -51.82
CA GLY A 261 15.11 -15.24 -51.75
C GLY A 261 14.58 -16.17 -50.68
N LYS A 262 15.40 -16.52 -49.70
CA LYS A 262 14.96 -17.33 -48.58
C LYS A 262 14.88 -16.48 -47.33
N HIS A 263 14.36 -17.08 -46.26
CA HIS A 263 14.20 -16.40 -44.99
C HIS A 263 15.10 -17.08 -43.96
N ALA A 264 15.92 -16.28 -43.29
CA ALA A 264 16.88 -16.79 -42.32
C ALA A 264 16.60 -16.18 -40.96
N LEU A 265 17.43 -16.56 -39.99
CA LEU A 265 17.32 -16.05 -38.63
C LEU A 265 18.62 -16.36 -37.91
N ILE A 266 19.28 -15.35 -37.37
CA ILE A 266 20.61 -15.53 -36.80
C ILE A 266 20.59 -15.03 -35.36
N ILE A 267 21.14 -15.82 -34.45
CA ILE A 267 21.07 -15.58 -33.03
C ILE A 267 22.49 -15.47 -32.51
N TYR A 268 22.87 -14.30 -32.01
CA TYR A 268 24.22 -14.07 -31.53
C TYR A 268 24.20 -14.24 -30.02
N ASP A 269 25.13 -15.03 -29.49
CA ASP A 269 25.02 -15.42 -28.08
C ASP A 269 26.42 -15.65 -27.50
N ASP A 270 26.99 -14.66 -26.80
CA ASP A 270 26.46 -13.31 -26.59
C ASP A 270 27.10 -12.38 -27.60
N LEU A 271 26.60 -11.16 -27.68
CA LEU A 271 27.32 -10.09 -28.36
C LEU A 271 28.17 -9.28 -27.41
N SER A 272 28.14 -9.58 -26.12
CA SER A 272 28.99 -8.95 -25.14
C SER A 272 30.24 -9.76 -24.85
N LYS A 273 30.39 -10.92 -25.46
CA LYS A 273 31.63 -11.68 -25.45
C LYS A 273 32.36 -11.57 -26.76
N GLN A 274 31.78 -10.92 -27.76
CA GLN A 274 32.51 -10.53 -28.96
C GLN A 274 33.21 -9.20 -28.75
N ALA A 275 32.54 -8.26 -28.08
CA ALA A 275 33.16 -6.97 -27.81
C ALA A 275 34.34 -7.10 -26.87
N VAL A 276 34.28 -8.05 -25.93
CA VAL A 276 35.43 -8.30 -25.06
C VAL A 276 36.61 -8.84 -25.87
N ALA A 277 36.35 -9.76 -26.79
CA ALA A 277 37.42 -10.27 -27.64
C ALA A 277 38.01 -9.17 -28.50
N TYR A 278 37.16 -8.31 -29.05
CA TYR A 278 37.69 -7.22 -29.86
C TYR A 278 38.48 -6.24 -29.00
N ARG A 279 38.06 -6.04 -27.76
CA ARG A 279 38.83 -5.18 -26.87
C ARG A 279 40.20 -5.76 -26.60
N GLN A 280 40.28 -7.07 -26.36
CA GLN A 280 41.58 -7.68 -26.18
C GLN A 280 42.44 -7.48 -27.42
N MET A 281 41.88 -7.76 -28.60
CA MET A 281 42.64 -7.59 -29.84
C MET A 281 43.18 -6.18 -29.95
N SER A 282 42.33 -5.18 -29.73
CA SER A 282 42.76 -3.79 -29.89
C SER A 282 43.80 -3.41 -28.85
N LEU A 283 43.52 -3.67 -27.58
CA LEU A 283 44.47 -3.30 -26.54
C LEU A 283 45.82 -3.94 -26.76
N LEU A 284 45.86 -5.15 -27.31
CA LEU A 284 47.15 -5.77 -27.59
C LEU A 284 47.80 -5.16 -28.83
N LEU A 285 47.01 -4.79 -29.83
CA LEU A 285 47.56 -4.07 -30.96
C LEU A 285 47.96 -2.66 -30.60
N ARG A 286 47.62 -2.21 -29.39
CA ARG A 286 48.00 -0.91 -28.86
C ARG A 286 47.17 0.23 -29.41
N ARG A 287 46.01 -0.05 -29.98
CA ARG A 287 45.13 1.01 -30.42
C ARG A 287 44.63 1.79 -29.21
N PRO A 288 44.37 3.09 -29.36
CA PRO A 288 43.96 3.89 -28.21
C PRO A 288 42.71 3.32 -27.56
N PRO A 289 42.65 3.28 -26.24
CA PRO A 289 41.42 2.81 -25.58
C PRO A 289 40.40 3.91 -25.40
N GLY A 290 39.24 3.55 -24.86
CA GLY A 290 38.17 4.51 -24.65
C GLY A 290 37.45 4.26 -23.34
N ARG A 291 36.13 4.42 -23.33
CA ARG A 291 35.37 4.14 -22.12
C ARG A 291 35.36 2.66 -21.82
N GLU A 292 35.54 2.30 -20.56
CA GLU A 292 35.61 0.91 -20.13
C GLU A 292 36.71 0.14 -20.86
N ALA A 293 37.64 0.84 -21.48
CA ALA A 293 38.78 0.31 -22.20
C ALA A 293 38.42 -0.18 -23.60
N TYR A 294 37.16 -0.10 -24.00
CA TYR A 294 36.81 -0.49 -25.35
C TYR A 294 37.39 0.50 -26.36
N PRO A 295 37.76 0.05 -27.54
CA PRO A 295 38.28 0.99 -28.54
C PRO A 295 37.20 1.93 -29.02
N GLY A 296 37.49 2.77 -30.01
CA GLY A 296 36.46 3.62 -30.57
C GLY A 296 35.57 2.96 -31.60
N ASP A 297 35.86 1.72 -31.96
CA ASP A 297 35.10 1.01 -32.98
C ASP A 297 34.05 0.07 -32.41
N VAL A 298 33.87 0.03 -31.10
CA VAL A 298 32.98 -0.96 -30.52
C VAL A 298 31.53 -0.58 -30.78
N PHE A 299 31.31 0.53 -31.47
CA PHE A 299 30.00 0.81 -32.05
C PHE A 299 29.97 0.48 -33.52
N TYR A 300 30.94 0.98 -34.28
CA TYR A 300 31.06 0.56 -35.67
C TYR A 300 31.07 -0.95 -35.77
N LEU A 301 31.78 -1.61 -34.85
CA LEU A 301 31.81 -3.07 -34.82
C LEU A 301 30.42 -3.66 -34.90
N HIS A 302 29.61 -3.40 -33.88
CA HIS A 302 28.28 -3.99 -33.83
C HIS A 302 27.40 -3.43 -34.92
N SER A 303 27.39 -2.11 -35.09
CA SER A 303 26.47 -1.50 -36.04
C SER A 303 26.62 -2.10 -37.42
N ARG A 304 27.85 -2.26 -37.90
CA ARG A 304 28.01 -2.81 -39.24
C ARG A 304 27.63 -4.27 -39.32
N LEU A 305 27.38 -4.92 -38.17
CA LEU A 305 26.94 -6.30 -38.12
C LEU A 305 25.42 -6.40 -38.07
N LEU A 306 24.81 -5.72 -37.12
CA LEU A 306 23.38 -5.75 -36.94
C LEU A 306 22.62 -4.94 -37.98
N GLU A 307 23.31 -4.27 -38.89
CA GLU A 307 22.65 -3.57 -39.98
C GLU A 307 22.59 -4.40 -41.24
N ARG A 308 23.08 -5.63 -41.20
CA ARG A 308 22.87 -6.57 -42.29
C ARG A 308 21.53 -7.28 -42.19
N ALA A 309 20.93 -7.30 -41.02
CA ALA A 309 19.61 -7.90 -40.84
C ALA A 309 18.60 -7.01 -41.55
N ALA A 310 18.21 -7.40 -42.75
CA ALA A 310 17.33 -6.61 -43.60
C ALA A 310 16.10 -7.43 -43.95
N LYS A 311 15.24 -6.83 -44.77
CA LYS A 311 14.11 -7.54 -45.38
C LYS A 311 14.06 -7.07 -46.83
N MET A 312 14.80 -7.75 -47.70
CA MET A 312 14.91 -7.34 -49.09
C MET A 312 13.52 -7.16 -49.68
N ASN A 313 13.40 -6.34 -50.70
CA ASN A 313 12.12 -6.14 -51.35
C ASN A 313 11.88 -7.30 -52.31
N ASP A 314 10.89 -7.18 -53.18
CA ASP A 314 10.55 -8.23 -54.12
C ASP A 314 11.31 -8.11 -55.44
N ALA A 315 12.10 -7.06 -55.62
CA ALA A 315 12.97 -6.95 -56.77
C ALA A 315 14.35 -7.54 -56.51
N PHE A 316 14.77 -7.58 -55.25
CA PHE A 316 16.03 -8.20 -54.86
C PHE A 316 15.83 -9.63 -54.37
N GLY A 317 14.63 -10.16 -54.45
CA GLY A 317 14.39 -11.56 -54.15
C GLY A 317 13.25 -11.77 -53.18
N GLY A 318 13.12 -10.90 -52.20
CA GLY A 318 12.15 -11.08 -51.15
C GLY A 318 12.68 -11.79 -49.92
N GLY A 319 13.99 -11.99 -49.83
CA GLY A 319 14.56 -12.68 -48.69
C GLY A 319 14.41 -11.91 -47.41
N SER A 320 15.21 -12.26 -46.40
CA SER A 320 15.07 -11.69 -45.08
C SER A 320 16.20 -12.23 -44.21
N LEU A 321 16.46 -11.53 -43.11
CA LEU A 321 17.42 -12.02 -42.12
C LEU A 321 17.09 -11.36 -40.79
N THR A 322 16.44 -12.09 -39.90
CA THR A 322 16.18 -11.58 -38.56
C THR A 322 17.49 -11.56 -37.79
N ALA A 323 17.47 -11.03 -36.57
CA ALA A 323 18.68 -11.03 -35.75
C ALA A 323 18.26 -10.85 -34.30
N LEU A 324 18.75 -11.72 -33.42
CA LEU A 324 18.36 -11.72 -32.01
C LEU A 324 19.62 -11.69 -31.15
N PRO A 325 20.37 -10.59 -31.18
CA PRO A 325 21.60 -10.52 -30.38
C PRO A 325 21.31 -10.63 -28.90
N VAL A 326 21.85 -11.65 -28.27
CA VAL A 326 21.74 -11.82 -26.83
C VAL A 326 22.81 -10.98 -26.15
N ILE A 327 22.39 -10.13 -25.23
CA ILE A 327 23.31 -9.29 -24.47
C ILE A 327 23.11 -9.59 -22.99
N GLU A 328 24.19 -9.52 -22.23
CA GLU A 328 24.17 -9.77 -20.80
C GLU A 328 24.54 -8.49 -20.07
N THR A 329 23.69 -8.06 -19.16
CA THR A 329 23.89 -6.82 -18.41
C THR A 329 24.22 -7.15 -16.97
N GLN A 330 25.19 -6.43 -16.41
CA GLN A 330 25.65 -6.70 -15.05
C GLN A 330 24.68 -6.10 -14.05
N ALA A 331 23.76 -6.92 -13.57
CA ALA A 331 22.80 -6.50 -12.55
C ALA A 331 21.92 -5.36 -13.03
N GLY A 332 21.27 -5.58 -14.17
CA GLY A 332 20.35 -4.59 -14.68
C GLY A 332 20.97 -3.24 -14.96
N ASP A 333 22.29 -3.19 -15.13
CA ASP A 333 22.97 -1.96 -15.52
C ASP A 333 22.86 -1.82 -17.03
N VAL A 334 21.67 -1.41 -17.48
CA VAL A 334 21.45 -1.19 -18.90
C VAL A 334 22.20 0.03 -19.42
N SER A 335 22.79 0.82 -18.53
CA SER A 335 23.49 2.03 -18.92
C SER A 335 24.96 1.80 -19.21
N ALA A 336 25.47 0.58 -19.08
CA ALA A 336 26.86 0.31 -19.34
C ALA A 336 27.17 0.61 -20.80
N TYR A 337 28.41 0.45 -21.23
CA TYR A 337 28.78 0.88 -22.57
C TYR A 337 28.13 -0.01 -23.62
N ILE A 338 28.44 -1.31 -23.59
CA ILE A 338 27.93 -2.20 -24.63
C ILE A 338 26.41 -2.30 -24.63
N PRO A 339 25.73 -2.44 -23.50
CA PRO A 339 24.27 -2.50 -23.56
C PRO A 339 23.65 -1.30 -24.24
N THR A 340 24.17 -0.10 -24.02
CA THR A 340 23.61 1.07 -24.70
C THR A 340 24.07 1.15 -26.14
N ASN A 341 25.27 0.67 -26.44
CA ASN A 341 25.70 0.63 -27.83
C ASN A 341 24.79 -0.25 -28.66
N VAL A 342 24.40 -1.41 -28.11
CA VAL A 342 23.59 -2.35 -28.85
C VAL A 342 22.09 -2.12 -28.64
N ILE A 343 21.70 -1.25 -27.72
CA ILE A 343 20.29 -0.91 -27.57
C ILE A 343 19.89 0.20 -28.53
N SER A 344 20.85 0.98 -29.02
CA SER A 344 20.57 2.08 -29.93
C SER A 344 20.82 1.69 -31.37
N ILE A 345 21.01 0.41 -31.65
CA ILE A 345 21.18 -0.08 -33.02
C ILE A 345 19.96 -0.88 -33.41
N THR A 346 19.39 -1.60 -32.46
CA THR A 346 18.35 -2.57 -32.74
C THR A 346 16.97 -1.93 -32.69
N ASP A 347 15.97 -2.68 -33.14
CA ASP A 347 14.61 -2.22 -33.27
C ASP A 347 13.74 -2.61 -32.09
N GLY A 348 14.33 -3.07 -31.00
CA GLY A 348 13.52 -3.44 -29.85
C GLY A 348 14.37 -3.97 -28.73
N GLN A 349 13.72 -4.62 -27.77
CA GLN A 349 14.43 -5.30 -26.69
C GLN A 349 13.47 -6.16 -25.90
N ILE A 350 13.89 -7.38 -25.59
CA ILE A 350 13.08 -8.29 -24.77
C ILE A 350 13.76 -8.41 -23.42
N PHE A 351 13.39 -7.54 -22.48
CA PHE A 351 14.11 -7.48 -21.22
C PHE A 351 13.72 -8.65 -20.33
N LEU A 352 14.70 -9.31 -19.76
CA LEU A 352 14.49 -10.41 -18.82
C LEU A 352 14.99 -10.01 -17.45
N GLU A 353 14.27 -10.42 -16.41
CA GLU A 353 14.61 -10.03 -15.05
C GLU A 353 14.52 -11.24 -14.15
N THR A 354 15.27 -11.20 -13.04
CA THR A 354 15.30 -12.31 -12.10
C THR A 354 14.22 -12.20 -11.03
N GLU A 355 13.83 -10.99 -10.64
CA GLU A 355 12.67 -10.84 -9.77
C GLU A 355 11.46 -11.54 -10.37
N LEU A 356 11.30 -11.44 -11.68
CA LEU A 356 10.21 -12.13 -12.34
C LEU A 356 10.50 -13.61 -12.51
N PHE A 357 11.76 -13.98 -12.73
CA PHE A 357 12.08 -15.38 -12.92
C PHE A 357 11.81 -16.19 -11.67
N TYR A 358 12.04 -15.62 -10.49
CA TYR A 358 11.85 -16.36 -9.26
C TYR A 358 10.48 -16.16 -8.63
N LYS A 359 9.73 -15.14 -9.05
CA LYS A 359 8.32 -15.08 -8.70
C LYS A 359 7.53 -16.18 -9.39
N GLY A 360 8.11 -16.86 -10.35
CA GLY A 360 7.44 -17.90 -11.09
C GLY A 360 6.98 -17.49 -12.47
N ILE A 361 7.30 -16.28 -12.91
CA ILE A 361 6.85 -15.80 -14.23
C ILE A 361 7.95 -16.20 -15.22
N ARG A 362 7.86 -17.42 -15.72
CA ARG A 362 8.85 -17.95 -16.65
C ARG A 362 8.18 -18.24 -17.98
N PRO A 363 8.67 -17.69 -19.11
CA PRO A 363 9.87 -16.89 -19.31
C PRO A 363 9.80 -15.55 -18.63
N ALA A 364 10.94 -15.12 -18.07
CA ALA A 364 10.96 -13.96 -17.18
C ALA A 364 11.00 -12.66 -17.97
N ILE A 365 10.08 -12.49 -18.90
CA ILE A 365 10.07 -11.29 -19.72
C ILE A 365 9.38 -10.17 -18.96
N ASN A 366 9.93 -8.97 -19.05
CA ASN A 366 9.47 -7.83 -18.27
C ASN A 366 8.78 -6.90 -19.25
N VAL A 367 7.48 -7.12 -19.45
CA VAL A 367 6.74 -6.43 -20.51
C VAL A 367 6.76 -4.93 -20.32
N GLY A 368 7.08 -4.44 -19.13
CA GLY A 368 7.17 -3.00 -18.93
C GLY A 368 8.28 -2.38 -19.72
N LEU A 369 9.46 -3.00 -19.71
CA LEU A 369 10.63 -2.46 -20.39
C LEU A 369 10.79 -2.99 -21.81
N SER A 370 10.25 -4.16 -22.10
CA SER A 370 10.37 -4.72 -23.44
C SER A 370 9.49 -3.98 -24.42
N VAL A 371 10.07 -3.59 -25.56
CA VAL A 371 9.33 -2.91 -26.61
C VAL A 371 9.77 -3.47 -27.95
N SER A 372 8.91 -3.29 -28.95
CA SER A 372 9.27 -3.57 -30.33
C SER A 372 8.80 -2.40 -31.17
N ARG A 373 9.71 -1.85 -31.97
CA ARG A 373 9.44 -0.62 -32.69
C ARG A 373 8.82 -0.84 -34.06
N VAL A 374 8.47 -2.08 -34.40
CA VAL A 374 7.53 -2.31 -35.49
C VAL A 374 6.10 -2.36 -34.96
N GLY A 375 5.88 -3.07 -33.86
CA GLY A 375 4.63 -2.98 -33.13
C GLY A 375 3.46 -3.75 -33.71
N SER A 376 2.39 -3.03 -34.03
CA SER A 376 1.19 -3.68 -34.53
C SER A 376 1.51 -4.55 -35.74
N ALA A 377 2.17 -3.98 -36.73
CA ALA A 377 2.69 -4.79 -37.82
C ALA A 377 3.58 -5.87 -37.23
N ALA A 378 3.89 -6.88 -38.03
CA ALA A 378 4.59 -8.07 -37.56
C ALA A 378 3.73 -8.91 -36.65
N GLN A 379 2.41 -8.77 -36.74
CA GLN A 379 1.47 -9.65 -36.07
C GLN A 379 0.41 -10.08 -37.07
N THR A 380 -0.17 -11.25 -36.83
CA THR A 380 -1.30 -11.70 -37.62
C THR A 380 -2.58 -11.08 -37.11
N ARG A 381 -3.52 -10.83 -38.02
CA ARG A 381 -4.72 -10.09 -37.65
C ARG A 381 -5.41 -10.71 -36.44
N ALA A 382 -5.40 -12.04 -36.35
CA ALA A 382 -6.00 -12.70 -35.20
C ALA A 382 -5.25 -12.35 -33.92
N MET A 383 -3.94 -12.55 -33.94
CA MET A 383 -3.14 -12.22 -32.78
C MET A 383 -3.18 -10.74 -32.51
N LYS A 384 -3.33 -9.92 -33.55
CA LYS A 384 -3.46 -8.49 -33.34
C LYS A 384 -4.73 -8.17 -32.55
N GLN A 385 -5.85 -8.74 -32.97
CA GLN A 385 -7.11 -8.51 -32.28
C GLN A 385 -7.02 -8.90 -30.82
N VAL A 386 -6.44 -10.06 -30.54
CA VAL A 386 -6.35 -10.52 -29.15
C VAL A 386 -5.37 -9.65 -28.36
N ALA A 387 -4.18 -9.42 -28.92
CA ALA A 387 -3.09 -8.81 -28.18
C ALA A 387 -3.27 -7.34 -27.94
N GLY A 388 -4.03 -6.61 -28.78
CA GLY A 388 -4.28 -5.22 -28.45
C GLY A 388 -4.96 -5.07 -27.11
N THR A 389 -6.07 -5.79 -26.92
CA THR A 389 -6.76 -5.75 -25.64
C THR A 389 -5.90 -6.31 -24.53
N MET A 390 -5.16 -7.40 -24.80
CA MET A 390 -4.33 -7.96 -23.75
C MET A 390 -3.28 -6.96 -23.29
N LYS A 391 -2.65 -6.26 -24.22
CA LYS A 391 -1.61 -5.29 -23.87
C LYS A 391 -2.20 -4.14 -23.07
N LEU A 392 -3.35 -3.62 -23.49
CA LEU A 392 -3.95 -2.53 -22.72
C LEU A 392 -4.32 -2.98 -21.31
N GLU A 393 -4.90 -4.18 -21.19
CA GLU A 393 -5.28 -4.68 -19.87
C GLU A 393 -4.06 -4.87 -18.99
N LEU A 394 -2.97 -5.40 -19.55
CA LEU A 394 -1.79 -5.62 -18.75
C LEU A 394 -1.14 -4.30 -18.33
N ALA A 395 -1.13 -3.31 -19.20
CA ALA A 395 -0.61 -2.00 -18.80
C ALA A 395 -1.44 -1.42 -17.66
N GLN A 396 -2.77 -1.51 -17.77
CA GLN A 396 -3.63 -1.00 -16.71
C GLN A 396 -3.36 -1.72 -15.40
N TYR A 397 -3.18 -3.05 -15.46
CA TYR A 397 -2.88 -3.79 -14.25
C TYR A 397 -1.54 -3.39 -13.67
N ARG A 398 -0.52 -3.22 -14.51
CA ARG A 398 0.80 -2.90 -14.00
C ARG A 398 0.78 -1.55 -13.29
N GLU A 399 0.05 -0.58 -13.84
CA GLU A 399 0.10 0.76 -13.26
C GLU A 399 -0.49 0.81 -11.85
N VAL A 400 -1.21 -0.22 -11.40
CA VAL A 400 -1.79 -0.22 -10.06
C VAL A 400 -1.50 -1.52 -9.34
N ALA A 401 -0.58 -2.31 -9.87
CA ALA A 401 -0.21 -3.54 -9.17
C ALA A 401 0.43 -3.26 -7.81
N ALA A 402 0.86 -2.03 -7.57
CA ALA A 402 1.47 -1.71 -6.28
C ALA A 402 0.51 -2.01 -5.14
N PHE A 403 -0.79 -1.96 -5.39
CA PHE A 403 -1.79 -2.20 -4.35
C PHE A 403 -1.98 -3.67 -4.06
N ALA A 404 -1.50 -4.55 -4.94
CA ALA A 404 -1.81 -5.97 -4.88
C ALA A 404 -1.77 -6.50 -3.45
N GLN A 405 -0.75 -6.13 -2.69
CA GLN A 405 -0.60 -6.71 -1.35
C GLN A 405 -1.77 -6.35 -0.44
N PHE A 406 -2.55 -5.33 -0.80
CA PHE A 406 -3.76 -5.01 -0.07
C PHE A 406 -5.00 -5.53 -0.79
N GLY A 407 -5.22 -5.10 -2.02
CA GLY A 407 -6.29 -5.68 -2.82
C GLY A 407 -7.64 -5.30 -2.26
N SER A 408 -7.97 -5.86 -1.10
CA SER A 408 -9.16 -5.48 -0.38
C SER A 408 -9.03 -4.03 0.07
N ASP A 409 -10.05 -3.50 0.72
CA ASP A 409 -10.04 -2.12 1.18
C ASP A 409 -9.97 -1.13 0.03
N LEU A 410 -10.26 -1.59 -1.18
CA LEU A 410 -10.09 -0.78 -2.38
C LEU A 410 -11.31 -0.91 -3.26
N ASP A 411 -11.40 0.02 -4.22
CA ASP A 411 -12.56 0.07 -5.11
C ASP A 411 -12.70 -1.22 -5.89
N ALA A 412 -13.95 -1.60 -6.18
CA ALA A 412 -14.19 -2.79 -6.97
C ALA A 412 -13.62 -2.69 -8.37
N ALA A 413 -13.39 -1.47 -8.87
CA ALA A 413 -12.79 -1.32 -10.21
C ALA A 413 -11.34 -1.77 -10.21
N THR A 414 -10.55 -1.30 -9.25
CA THR A 414 -9.17 -1.77 -9.16
C THR A 414 -9.13 -3.25 -8.76
N GLN A 415 -10.11 -3.71 -7.99
CA GLN A 415 -10.16 -5.14 -7.69
C GLN A 415 -10.37 -5.94 -8.98
N GLN A 416 -11.23 -5.46 -9.87
CA GLN A 416 -11.38 -6.10 -11.17
C GLN A 416 -10.09 -6.04 -11.96
N LEU A 417 -9.42 -4.90 -11.94
CA LEU A 417 -8.17 -4.77 -12.70
C LEU A 417 -7.14 -5.77 -12.22
N LEU A 418 -7.00 -5.93 -10.90
CA LEU A 418 -6.06 -6.90 -10.37
C LEU A 418 -6.50 -8.32 -10.71
N SER A 419 -7.80 -8.60 -10.60
CA SER A 419 -8.28 -9.95 -10.88
C SER A 419 -8.15 -10.32 -12.35
N ARG A 420 -8.03 -9.33 -13.23
CA ARG A 420 -7.77 -9.61 -14.63
C ARG A 420 -6.28 -9.70 -14.94
N GLY A 421 -5.49 -8.80 -14.34
CA GLY A 421 -4.07 -8.82 -14.57
C GLY A 421 -3.41 -10.08 -14.03
N VAL A 422 -3.85 -10.55 -12.87
CA VAL A 422 -3.28 -11.78 -12.33
C VAL A 422 -3.54 -12.94 -13.28
N ARG A 423 -4.76 -13.04 -13.79
CA ARG A 423 -5.08 -14.12 -14.72
C ARG A 423 -4.23 -14.03 -15.98
N LEU A 424 -4.08 -12.83 -16.54
CA LEU A 424 -3.28 -12.70 -17.76
C LEU A 424 -1.82 -13.03 -17.49
N THR A 425 -1.28 -12.57 -16.36
CA THR A 425 0.09 -12.91 -16.01
C THR A 425 0.27 -14.42 -15.90
N GLU A 426 -0.69 -15.11 -15.28
CA GLU A 426 -0.58 -16.55 -15.17
C GLU A 426 -0.72 -17.24 -16.52
N LEU A 427 -1.50 -16.67 -17.43
CA LEU A 427 -1.61 -17.25 -18.76
C LEU A 427 -0.32 -17.10 -19.54
N LEU A 428 0.41 -16.00 -19.35
CA LEU A 428 1.65 -15.81 -20.10
C LEU A 428 2.74 -16.78 -19.69
N LYS A 429 2.67 -17.34 -18.48
CA LYS A 429 3.68 -18.31 -18.07
C LYS A 429 3.71 -19.48 -19.04
N GLN A 430 4.91 -19.93 -19.37
CA GLN A 430 5.09 -20.96 -20.38
C GLN A 430 6.15 -21.93 -19.91
N GLY A 431 6.11 -23.14 -20.47
CA GLY A 431 7.10 -24.14 -20.18
C GLY A 431 8.35 -23.91 -20.99
N GLN A 432 9.25 -24.89 -20.92
CA GLN A 432 10.53 -24.82 -21.60
C GLN A 432 10.54 -25.76 -22.80
N TYR A 433 10.98 -25.24 -23.94
CA TYR A 433 11.00 -26.00 -25.20
C TYR A 433 9.60 -26.52 -25.53
N SER A 434 8.59 -25.71 -25.28
CA SER A 434 7.20 -26.03 -25.62
C SER A 434 6.58 -24.83 -26.32
N PRO A 435 7.07 -24.48 -27.50
CA PRO A 435 6.43 -23.40 -28.26
C PRO A 435 5.10 -23.83 -28.84
N MET A 436 4.22 -22.85 -29.05
CA MET A 436 2.85 -23.11 -29.47
C MET A 436 2.56 -22.38 -30.77
N ALA A 437 1.88 -23.07 -31.69
CA ALA A 437 1.46 -22.42 -32.92
C ALA A 437 0.62 -21.20 -32.59
N ILE A 438 0.51 -20.29 -33.57
CA ILE A 438 -0.15 -19.02 -33.29
C ILE A 438 -1.62 -19.21 -32.97
N GLU A 439 -2.27 -20.18 -33.63
CA GLU A 439 -3.69 -20.39 -33.39
C GLU A 439 -3.96 -20.82 -31.96
N GLU A 440 -3.11 -21.69 -31.40
CA GLU A 440 -3.30 -22.09 -30.01
C GLU A 440 -3.07 -20.92 -29.07
N GLN A 441 -2.08 -20.08 -29.36
CA GLN A 441 -1.88 -18.88 -28.56
C GLN A 441 -3.11 -17.99 -28.61
N VAL A 442 -3.67 -17.81 -29.80
CA VAL A 442 -4.84 -16.97 -29.94
C VAL A 442 -6.01 -17.55 -29.16
N ALA A 443 -6.20 -18.86 -29.23
CA ALA A 443 -7.29 -19.49 -28.49
C ALA A 443 -7.13 -19.26 -26.99
N VAL A 444 -5.92 -19.50 -26.47
CA VAL A 444 -5.71 -19.36 -25.02
C VAL A 444 -5.92 -17.90 -24.60
N ILE A 445 -5.31 -16.96 -25.31
CA ILE A 445 -5.39 -15.57 -24.88
C ILE A 445 -6.79 -15.01 -25.14
N TYR A 446 -7.55 -15.59 -26.06
CA TYR A 446 -8.95 -15.23 -26.21
C TYR A 446 -9.74 -15.69 -25.00
N ALA A 447 -9.56 -16.95 -24.60
CA ALA A 447 -10.20 -17.42 -23.38
C ALA A 447 -9.77 -16.61 -22.18
N GLY A 448 -8.62 -15.94 -22.25
CA GLY A 448 -8.12 -15.16 -21.14
C GLY A 448 -8.62 -13.73 -21.07
N VAL A 449 -8.64 -13.04 -22.21
CA VAL A 449 -8.94 -11.60 -22.23
C VAL A 449 -10.43 -11.29 -22.31
N ARG A 450 -11.27 -12.28 -22.60
CA ARG A 450 -12.71 -12.06 -22.71
C ARG A 450 -13.44 -12.36 -21.42
N GLY A 451 -12.72 -12.67 -20.35
CA GLY A 451 -13.33 -12.85 -19.04
C GLY A 451 -13.74 -14.27 -18.72
N TYR A 452 -13.35 -15.24 -19.52
CA TYR A 452 -13.73 -16.62 -19.26
C TYR A 452 -12.83 -17.29 -18.25
N LEU A 453 -12.10 -16.51 -17.45
CA LEU A 453 -11.38 -17.06 -16.31
C LEU A 453 -11.50 -16.21 -15.06
N ASP A 454 -12.08 -15.01 -15.12
CA ASP A 454 -12.06 -14.11 -13.97
C ASP A 454 -12.62 -14.77 -12.72
N LYS A 455 -13.55 -15.69 -12.88
CA LYS A 455 -14.15 -16.41 -11.76
C LYS A 455 -13.39 -17.66 -11.39
N LEU A 456 -12.26 -17.92 -12.04
CA LEU A 456 -11.47 -19.12 -11.81
C LEU A 456 -10.22 -18.73 -11.03
N GLU A 457 -9.95 -19.43 -9.94
CA GLU A 457 -8.90 -19.01 -9.03
C GLU A 457 -7.55 -19.04 -9.74
N PRO A 458 -6.67 -18.06 -9.46
CA PRO A 458 -5.42 -17.98 -10.23
C PRO A 458 -4.60 -19.26 -10.18
N SER A 459 -4.55 -19.91 -9.03
CA SER A 459 -3.64 -21.05 -8.86
C SER A 459 -3.91 -22.13 -9.90
N LYS A 460 -5.12 -22.19 -10.43
CA LYS A 460 -5.50 -23.25 -11.36
C LYS A 460 -5.35 -22.86 -12.81
N ILE A 461 -5.08 -21.58 -13.12
CA ILE A 461 -5.13 -21.14 -14.51
C ILE A 461 -4.23 -22.01 -15.37
N THR A 462 -2.99 -22.23 -14.93
CA THR A 462 -2.08 -23.04 -15.72
C THR A 462 -2.73 -24.36 -16.10
N LYS A 463 -3.29 -25.07 -15.12
CA LYS A 463 -3.99 -26.31 -15.42
C LYS A 463 -4.94 -26.10 -16.59
N PHE A 464 -5.90 -25.19 -16.40
CA PHE A 464 -6.86 -24.90 -17.46
C PHE A 464 -6.15 -24.83 -18.80
N GLU A 465 -5.15 -23.94 -18.89
CA GLU A 465 -4.45 -23.73 -20.14
C GLU A 465 -4.14 -25.06 -20.80
N ASN A 466 -3.34 -25.89 -20.13
CA ASN A 466 -2.95 -27.16 -20.74
C ASN A 466 -4.17 -27.96 -21.14
N ALA A 467 -5.09 -28.17 -20.19
CA ALA A 467 -6.28 -28.93 -20.50
C ALA A 467 -6.95 -28.38 -21.74
N PHE A 468 -7.14 -27.06 -21.78
CA PHE A 468 -7.84 -26.45 -22.91
C PHE A 468 -7.16 -26.85 -24.22
N LEU A 469 -5.84 -26.72 -24.28
CA LEU A 469 -5.13 -27.09 -25.49
C LEU A 469 -5.42 -28.54 -25.86
N SER A 470 -5.30 -29.44 -24.88
CA SER A 470 -5.59 -30.84 -25.15
C SER A 470 -7.02 -31.02 -25.61
N HIS A 471 -7.94 -30.21 -25.10
CA HIS A 471 -9.33 -30.30 -25.48
C HIS A 471 -9.63 -29.61 -26.80
N VAL A 472 -8.70 -28.82 -27.33
CA VAL A 472 -8.91 -28.12 -28.59
C VAL A 472 -8.15 -28.81 -29.72
N ILE A 473 -6.90 -29.17 -29.49
CA ILE A 473 -6.10 -29.78 -30.55
C ILE A 473 -6.70 -31.12 -30.96
N SER A 474 -7.08 -31.93 -29.98
CA SER A 474 -7.61 -33.26 -30.26
C SER A 474 -9.06 -33.22 -30.72
N GLN A 475 -9.76 -32.11 -30.57
CA GLN A 475 -11.18 -32.03 -30.83
C GLN A 475 -11.52 -31.13 -32.02
N HIS A 476 -11.04 -29.89 -32.01
CA HIS A 476 -11.52 -28.89 -32.95
C HIS A 476 -10.39 -28.39 -33.85
N GLN A 477 -9.59 -29.32 -34.38
CA GLN A 477 -8.53 -28.92 -35.29
C GLN A 477 -9.07 -28.14 -36.48
N ALA A 478 -10.32 -28.37 -36.86
CA ALA A 478 -10.90 -27.65 -37.99
C ALA A 478 -10.97 -26.16 -37.70
N LEU A 479 -11.43 -25.78 -36.50
CA LEU A 479 -11.50 -24.37 -36.15
C LEU A 479 -10.12 -23.74 -36.15
N LEU A 480 -9.13 -24.43 -35.58
CA LEU A 480 -7.78 -23.87 -35.56
C LEU A 480 -7.24 -23.70 -36.97
N GLY A 481 -7.49 -24.67 -37.85
CA GLY A 481 -7.09 -24.51 -39.23
C GLY A 481 -7.77 -23.33 -39.88
N LYS A 482 -9.04 -23.11 -39.56
CA LYS A 482 -9.76 -21.96 -40.09
C LYS A 482 -9.11 -20.66 -39.64
N ILE A 483 -8.68 -20.60 -38.38
CA ILE A 483 -8.02 -19.39 -37.89
C ILE A 483 -6.66 -19.23 -38.55
N ARG A 484 -5.94 -20.33 -38.75
CA ARG A 484 -4.57 -20.25 -39.22
C ARG A 484 -4.48 -19.89 -40.69
N THR A 485 -5.30 -20.53 -41.53
CA THR A 485 -5.18 -20.32 -42.98
C THR A 485 -5.50 -18.88 -43.35
N ASP A 486 -6.52 -18.30 -42.73
CA ASP A 486 -6.79 -16.86 -42.80
C ASP A 486 -6.61 -16.30 -41.40
N GLY A 487 -5.55 -15.54 -41.19
CA GLY A 487 -5.14 -15.20 -39.83
C GLY A 487 -6.03 -14.18 -39.17
N LYS A 488 -7.34 -14.36 -39.23
CA LYS A 488 -8.28 -13.44 -38.60
C LYS A 488 -9.40 -14.23 -37.95
N ILE A 489 -10.14 -13.57 -37.08
CA ILE A 489 -11.27 -14.19 -36.40
C ILE A 489 -12.57 -13.66 -37.01
N SER A 490 -13.09 -14.35 -38.01
CA SER A 490 -14.39 -14.00 -38.56
C SER A 490 -15.48 -14.28 -37.53
N GLU A 491 -16.51 -13.45 -37.52
CA GLU A 491 -17.55 -13.52 -36.49
C GLU A 491 -17.96 -14.95 -36.22
N GLU A 492 -18.04 -15.78 -37.26
CA GLU A 492 -18.35 -17.19 -37.05
C GLU A 492 -17.28 -17.85 -36.18
N SER A 493 -16.01 -17.60 -36.51
CA SER A 493 -14.92 -18.16 -35.71
C SER A 493 -14.94 -17.61 -34.30
N ASP A 494 -15.25 -16.32 -34.15
CA ASP A 494 -15.35 -15.72 -32.83
C ASP A 494 -16.40 -16.42 -31.99
N ALA A 495 -17.60 -16.58 -32.54
CA ALA A 495 -18.67 -17.22 -31.79
C ALA A 495 -18.33 -18.67 -31.48
N LYS A 496 -17.73 -19.38 -32.43
CA LYS A 496 -17.36 -20.77 -32.18
C LYS A 496 -16.34 -20.85 -31.04
N LEU A 497 -15.36 -19.96 -31.04
CA LEU A 497 -14.41 -19.93 -29.92
C LEU A 497 -15.13 -19.66 -28.61
N LYS A 498 -16.09 -18.73 -28.62
CA LYS A 498 -16.81 -18.43 -27.39
C LYS A 498 -17.55 -19.67 -26.89
N GLU A 499 -18.20 -20.40 -27.80
CA GLU A 499 -18.93 -21.59 -27.39
C GLU A 499 -17.99 -22.64 -26.83
N ILE A 500 -16.85 -22.86 -27.49
CA ILE A 500 -15.93 -23.88 -27.01
C ILE A 500 -15.41 -23.50 -25.63
N VAL A 501 -15.01 -22.25 -25.46
CA VAL A 501 -14.49 -21.82 -24.17
C VAL A 501 -15.54 -22.00 -23.08
N THR A 502 -16.76 -21.53 -23.35
CA THR A 502 -17.81 -21.60 -22.33
C THR A 502 -18.12 -23.03 -21.96
N ASN A 503 -18.39 -23.88 -22.97
CA ASN A 503 -18.78 -25.25 -22.68
C ASN A 503 -17.66 -26.01 -21.97
N PHE A 504 -16.41 -25.80 -22.41
CA PHE A 504 -15.29 -26.46 -21.75
C PHE A 504 -15.20 -26.03 -20.29
N LEU A 505 -15.18 -24.71 -20.05
CA LEU A 505 -15.09 -24.25 -18.67
C LEU A 505 -16.20 -24.84 -17.84
N ALA A 506 -17.41 -24.94 -18.41
CA ALA A 506 -18.49 -25.60 -17.71
C ALA A 506 -18.12 -27.04 -17.38
N GLY A 507 -17.48 -27.73 -18.32
CA GLY A 507 -17.07 -29.10 -18.10
C GLY A 507 -15.76 -29.21 -17.34
N PHE A 508 -15.56 -28.35 -16.36
CA PHE A 508 -14.36 -28.38 -15.53
C PHE A 508 -14.35 -27.20 -14.56
N LYS B 2 63.60 5.66 -28.00
CA LYS B 2 63.15 7.05 -28.00
C LYS B 2 63.16 7.60 -29.42
N THR B 3 63.03 8.92 -29.54
CA THR B 3 63.07 9.60 -30.82
C THR B 3 63.05 11.11 -30.56
N GLY B 4 63.13 11.92 -31.61
CA GLY B 4 63.05 13.35 -31.48
C GLY B 4 61.97 13.91 -32.37
N THR B 5 61.56 15.14 -32.05
CA THR B 5 60.53 15.83 -32.82
C THR B 5 61.09 16.75 -33.89
N ALA B 6 62.29 17.27 -33.68
CA ALA B 6 63.02 17.97 -34.72
C ALA B 6 63.97 17.05 -35.48
N GLU B 7 63.92 15.76 -35.19
CA GLU B 7 64.68 14.75 -35.92
C GLU B 7 63.88 14.22 -37.09
N VAL B 8 63.40 15.10 -37.94
CA VAL B 8 62.69 14.72 -39.14
C VAL B 8 63.62 14.86 -40.33
N SER B 9 63.29 14.18 -41.42
CA SER B 9 64.15 14.23 -42.59
C SER B 9 64.25 15.65 -43.14
N SER B 10 63.13 16.38 -43.17
CA SER B 10 63.12 17.70 -43.78
C SER B 10 64.02 18.68 -43.04
N ILE B 11 64.42 18.36 -41.81
CA ILE B 11 65.32 19.20 -41.04
C ILE B 11 66.76 18.69 -41.12
N LEU B 12 66.94 17.38 -40.98
CA LEU B 12 68.28 16.82 -41.05
C LEU B 12 68.89 17.04 -42.43
N GLU B 13 68.08 17.01 -43.48
CA GLU B 13 68.62 17.30 -44.81
C GLU B 13 69.15 18.72 -44.89
N GLU B 14 68.38 19.67 -44.37
CA GLU B 14 68.84 21.06 -44.39
C GLU B 14 70.13 21.20 -43.60
N ARG B 15 70.21 20.53 -42.46
CA ARG B 15 71.37 20.69 -41.59
C ARG B 15 72.57 19.88 -42.04
N ILE B 16 72.39 18.91 -42.94
CA ILE B 16 73.52 18.09 -43.38
C ILE B 16 74.33 18.84 -44.42
N LEU B 17 73.67 19.35 -45.46
CA LEU B 17 74.36 20.10 -46.49
C LEU B 17 74.48 21.59 -46.16
N GLY B 18 74.40 21.93 -44.88
CA GLY B 18 74.68 23.28 -44.42
C GLY B 18 73.76 24.36 -44.94
N ALA B 19 72.61 23.99 -45.50
CA ALA B 19 71.72 24.99 -46.09
C ALA B 19 71.09 25.91 -45.06
N ASP B 20 71.14 25.57 -43.78
CA ASP B 20 70.47 26.38 -42.77
C ASP B 20 71.07 27.78 -42.66
N THR B 21 72.27 28.00 -43.21
CA THR B 21 72.87 29.34 -43.19
C THR B 21 72.02 30.35 -43.94
N SER B 22 71.12 29.89 -44.81
CA SER B 22 70.32 30.77 -45.64
C SER B 22 69.03 31.20 -44.97
N VAL B 23 68.37 30.27 -44.28
CA VAL B 23 67.09 30.57 -43.63
C VAL B 23 67.37 30.98 -42.19
N ASP B 24 66.77 32.09 -41.78
CA ASP B 24 66.94 32.55 -40.41
C ASP B 24 66.25 31.61 -39.44
N LEU B 25 66.92 31.33 -38.33
CA LEU B 25 66.33 30.55 -37.25
C LEU B 25 66.33 31.31 -35.93
N GLU B 26 67.06 32.41 -35.81
CA GLU B 26 67.00 33.20 -34.60
C GLU B 26 65.72 34.02 -34.50
N GLU B 27 65.08 34.32 -35.63
CA GLU B 27 63.91 35.18 -35.62
C GLU B 27 62.79 34.66 -36.51
N THR B 28 62.82 33.39 -36.88
CA THR B 28 61.83 32.85 -37.81
C THR B 28 61.91 31.33 -37.79
N GLY B 29 60.75 30.69 -37.73
CA GLY B 29 60.68 29.24 -37.68
C GLY B 29 59.75 28.69 -38.74
N ARG B 30 59.65 27.37 -38.77
CA ARG B 30 58.80 26.67 -39.72
C ARG B 30 57.97 25.65 -38.95
N VAL B 31 56.67 25.60 -39.24
CA VAL B 31 55.76 24.75 -38.50
C VAL B 31 56.03 23.30 -38.83
N LEU B 32 56.68 22.58 -37.91
CA LEU B 32 56.95 21.17 -38.14
C LEU B 32 55.67 20.38 -38.32
N SER B 33 54.70 20.60 -37.43
CA SER B 33 53.50 19.77 -37.43
C SER B 33 52.37 20.48 -36.70
N ILE B 34 51.35 20.91 -37.43
CA ILE B 34 50.14 21.46 -36.83
C ILE B 34 49.18 20.32 -36.57
N GLY B 35 48.62 20.29 -35.38
CA GLY B 35 47.65 19.27 -35.05
C GLY B 35 47.12 19.44 -33.64
N ASP B 36 45.85 19.13 -33.42
CA ASP B 36 45.24 19.24 -32.09
C ASP B 36 45.36 20.66 -31.56
N GLY B 37 45.26 21.65 -32.45
CA GLY B 37 45.27 23.04 -32.02
C GLY B 37 46.57 23.56 -31.49
N ILE B 38 47.65 22.79 -31.56
CA ILE B 38 48.97 23.21 -31.12
C ILE B 38 49.95 22.92 -32.25
N ALA B 39 50.81 23.90 -32.55
CA ALA B 39 51.78 23.79 -33.62
C ALA B 39 53.17 23.69 -33.03
N ARG B 40 53.85 22.58 -33.29
CA ARG B 40 55.26 22.49 -32.97
C ARG B 40 56.01 23.27 -34.06
N VAL B 41 56.82 24.23 -33.67
CA VAL B 41 57.48 25.13 -34.60
C VAL B 41 58.98 25.00 -34.41
N HIS B 42 59.70 24.73 -35.49
CA HIS B 42 61.14 24.54 -35.44
C HIS B 42 61.83 25.85 -35.78
N GLY B 43 62.68 26.34 -34.88
CA GLY B 43 63.35 27.60 -35.05
C GLY B 43 63.07 28.54 -33.89
N LEU B 44 62.99 29.82 -34.20
CA LEU B 44 62.63 30.84 -33.21
C LEU B 44 63.53 30.77 -31.99
N ARG B 45 64.85 30.72 -32.22
CA ARG B 45 65.76 30.60 -31.10
C ARG B 45 65.68 31.79 -30.14
N ASN B 46 65.21 32.94 -30.61
CA ASN B 46 65.16 34.15 -29.78
C ASN B 46 63.73 34.47 -29.36
N VAL B 47 62.89 33.47 -29.15
CA VAL B 47 61.51 33.68 -28.77
C VAL B 47 61.40 33.58 -27.27
N GLN B 48 60.83 34.59 -26.64
CA GLN B 48 60.59 34.57 -25.22
C GLN B 48 59.37 33.72 -24.92
N ALA B 49 59.38 33.05 -23.77
CA ALA B 49 58.21 32.31 -23.36
C ALA B 49 57.02 33.24 -23.30
N GLU B 50 55.90 32.78 -23.86
CA GLU B 50 54.64 33.52 -23.94
C GLU B 50 54.71 34.72 -24.87
N GLU B 51 55.75 34.83 -25.71
CA GLU B 51 55.74 35.81 -26.77
C GLU B 51 54.57 35.54 -27.70
N MET B 52 54.21 36.53 -28.51
CA MET B 52 53.09 36.46 -29.43
C MET B 52 53.63 36.37 -30.85
N VAL B 53 53.83 35.13 -31.33
CA VAL B 53 54.31 34.92 -32.67
C VAL B 53 53.15 34.99 -33.66
N GLU B 54 53.49 35.28 -34.92
CA GLU B 54 52.50 35.51 -35.97
C GLU B 54 52.80 34.59 -37.13
N PHE B 55 51.83 33.75 -37.49
CA PHE B 55 52.03 32.74 -38.51
C PHE B 55 52.09 33.42 -39.88
N SER B 56 52.17 32.62 -40.93
CA SER B 56 52.24 33.13 -42.30
C SER B 56 50.86 33.26 -42.95
N SER B 57 49.80 32.86 -42.27
CA SER B 57 48.44 33.03 -42.76
C SER B 57 47.72 34.19 -42.09
N GLY B 58 48.45 35.02 -41.35
CA GLY B 58 47.85 36.09 -40.59
C GLY B 58 47.38 35.69 -39.21
N LEU B 59 47.45 34.42 -38.87
CA LEU B 59 47.03 33.97 -37.55
C LEU B 59 48.01 34.47 -36.50
N LYS B 60 47.75 34.12 -35.25
CA LYS B 60 48.64 34.51 -34.16
C LYS B 60 48.55 33.48 -33.06
N GLY B 61 49.71 33.12 -32.50
CA GLY B 61 49.76 32.23 -31.37
C GLY B 61 50.77 32.73 -30.35
N MET B 62 50.83 32.05 -29.22
CA MET B 62 51.79 32.40 -28.18
C MET B 62 52.59 31.17 -27.81
N SER B 63 53.92 31.30 -27.82
CA SER B 63 54.78 30.16 -27.54
C SER B 63 54.62 29.74 -26.09
N LEU B 64 54.19 28.50 -25.87
CA LEU B 64 54.00 27.97 -24.53
C LEU B 64 55.25 27.22 -24.05
N ASN B 65 55.58 26.13 -24.74
CA ASN B 65 56.68 25.25 -24.35
C ASN B 65 57.90 25.62 -25.17
N LEU B 66 58.97 26.00 -24.51
CA LEU B 66 60.23 26.20 -25.20
C LEU B 66 61.09 24.94 -25.05
N GLU B 67 60.63 23.89 -25.72
CA GLU B 67 61.38 22.65 -25.70
C GLU B 67 62.74 22.88 -26.36
N PRO B 68 63.74 22.08 -26.00
CA PRO B 68 65.10 22.39 -26.45
C PRO B 68 65.25 22.45 -27.95
N ASP B 69 64.47 21.69 -28.70
CA ASP B 69 64.62 21.61 -30.15
C ASP B 69 63.54 22.33 -30.92
N ASN B 70 62.33 22.48 -30.37
CA ASN B 70 61.27 23.14 -31.11
C ASN B 70 60.28 23.78 -30.15
N VAL B 71 59.85 24.99 -30.48
CA VAL B 71 58.84 25.69 -29.70
C VAL B 71 57.49 25.00 -29.87
N GLY B 72 56.59 25.28 -28.94
CA GLY B 72 55.22 24.84 -29.06
C GLY B 72 54.29 26.02 -28.95
N VAL B 73 53.45 26.24 -29.95
CA VAL B 73 52.69 27.47 -30.11
C VAL B 73 51.21 27.12 -30.13
N VAL B 74 50.41 27.80 -29.32
CA VAL B 74 48.97 27.66 -29.38
C VAL B 74 48.43 28.71 -30.34
N VAL B 75 47.67 28.27 -31.33
CA VAL B 75 47.17 29.16 -32.36
C VAL B 75 45.85 29.78 -31.89
N PHE B 76 45.82 31.10 -31.81
CA PHE B 76 44.60 31.82 -31.44
C PHE B 76 43.74 31.93 -32.69
N GLY B 77 43.10 30.82 -33.01
CA GLY B 77 42.26 30.77 -34.19
C GLY B 77 42.04 29.33 -34.59
N ASN B 78 41.75 29.14 -35.86
CA ASN B 78 41.45 27.83 -36.41
C ASN B 78 42.67 27.34 -37.16
N ASP B 79 43.23 26.21 -36.73
CA ASP B 79 44.45 25.69 -37.35
C ASP B 79 44.22 25.20 -38.77
N LYS B 80 42.96 25.08 -39.20
CA LYS B 80 42.64 24.83 -40.60
C LYS B 80 43.49 25.68 -41.51
N LEU B 81 43.86 26.88 -41.04
CA LEU B 81 44.60 27.85 -41.84
C LEU B 81 46.10 27.62 -41.84
N ILE B 82 46.60 26.75 -40.98
CA ILE B 82 48.03 26.51 -40.84
C ILE B 82 48.37 25.14 -41.42
N LYS B 83 49.48 25.06 -42.12
CA LYS B 83 49.96 23.83 -42.71
C LYS B 83 51.42 23.65 -42.36
N GLU B 84 51.82 22.41 -42.14
CA GLU B 84 53.23 22.11 -41.91
C GLU B 84 54.06 22.77 -43.01
N GLY B 85 55.12 23.45 -42.60
CA GLY B 85 55.98 24.16 -43.51
C GLY B 85 55.78 25.65 -43.53
N ASP B 86 54.68 26.14 -42.98
CA ASP B 86 54.44 27.58 -42.94
C ASP B 86 55.49 28.27 -42.08
N ILE B 87 55.75 29.53 -42.39
CA ILE B 87 56.81 30.30 -41.75
C ILE B 87 56.20 31.15 -40.65
N VAL B 88 56.76 31.04 -39.45
CA VAL B 88 56.27 31.73 -38.27
C VAL B 88 57.29 32.80 -37.88
N LYS B 89 56.82 34.02 -37.68
CA LYS B 89 57.69 35.15 -37.40
C LYS B 89 57.44 35.68 -36.00
N ARG B 90 58.51 36.10 -35.33
CA ARG B 90 58.39 36.67 -34.00
C ARG B 90 57.56 37.94 -34.05
N THR B 91 57.26 38.46 -32.86
CA THR B 91 56.77 39.82 -32.72
C THR B 91 57.41 40.57 -31.57
N GLY B 92 58.28 39.92 -30.79
CA GLY B 92 59.04 40.62 -29.78
C GLY B 92 58.20 41.36 -28.76
N ALA B 93 57.11 40.75 -28.31
CA ALA B 93 56.24 41.42 -27.35
C ALA B 93 55.39 40.36 -26.66
N ILE B 94 55.55 40.22 -25.34
CA ILE B 94 54.72 39.30 -24.59
C ILE B 94 53.27 39.54 -24.98
N VAL B 95 52.49 38.47 -25.05
CA VAL B 95 51.14 38.56 -25.58
C VAL B 95 50.39 39.65 -24.83
N ASP B 96 49.95 40.68 -25.57
CA ASP B 96 49.33 41.84 -24.98
C ASP B 96 48.17 42.29 -25.84
N VAL B 97 47.42 43.28 -25.34
CA VAL B 97 46.20 43.72 -26.00
C VAL B 97 46.11 45.23 -25.93
N PRO B 98 45.46 45.85 -26.91
CA PRO B 98 45.26 47.29 -26.85
C PRO B 98 44.36 47.65 -25.68
N VAL B 99 44.57 48.83 -25.13
CA VAL B 99 43.75 49.36 -24.05
C VAL B 99 43.54 50.85 -24.28
N GLY B 100 42.72 51.44 -23.44
CA GLY B 100 42.45 52.86 -23.49
C GLY B 100 40.97 53.12 -23.50
N GLU B 101 40.61 54.39 -23.66
CA GLU B 101 39.22 54.78 -23.83
C GLU B 101 38.82 54.84 -25.29
N GLU B 102 39.69 54.42 -26.19
CA GLU B 102 39.34 54.30 -27.60
C GLU B 102 38.62 52.99 -27.88
N LEU B 103 38.51 52.11 -26.88
CA LEU B 103 37.75 50.88 -26.98
C LEU B 103 36.31 51.04 -26.56
N LEU B 104 35.99 52.06 -25.78
CA LEU B 104 34.65 52.20 -25.23
C LEU B 104 33.62 52.25 -26.34
N GLY B 105 32.58 51.45 -26.20
CA GLY B 105 31.54 51.37 -27.20
C GLY B 105 31.83 50.44 -28.34
N ARG B 106 32.95 49.74 -28.31
CA ARG B 106 33.33 48.82 -29.37
C ARG B 106 33.14 47.39 -28.88
N VAL B 107 32.89 46.50 -29.82
CA VAL B 107 32.98 45.05 -29.58
C VAL B 107 34.30 44.60 -30.15
N VAL B 108 35.06 43.84 -29.37
CA VAL B 108 36.37 43.37 -29.77
C VAL B 108 36.46 41.89 -29.46
N ASP B 109 37.09 41.13 -30.35
CA ASP B 109 37.35 39.74 -30.05
C ASP B 109 38.46 39.65 -29.02
N ALA B 110 38.77 38.42 -28.60
CA ALA B 110 39.64 38.24 -27.44
C ALA B 110 41.00 38.90 -27.58
N LEU B 111 41.35 39.39 -28.77
CA LEU B 111 42.68 39.95 -29.02
C LEU B 111 42.66 41.44 -29.28
N GLY B 112 41.51 42.10 -29.18
CA GLY B 112 41.43 43.52 -29.46
C GLY B 112 41.19 43.89 -30.90
N ASN B 113 40.69 42.96 -31.72
CA ASN B 113 40.37 43.22 -33.11
C ASN B 113 38.87 43.41 -33.22
N ALA B 114 38.44 44.63 -33.52
CA ALA B 114 37.02 44.94 -33.53
C ALA B 114 36.27 44.02 -34.49
N ILE B 115 35.14 43.49 -34.04
CA ILE B 115 34.31 42.61 -34.85
C ILE B 115 32.91 43.19 -35.07
N ASP B 116 32.74 44.48 -34.85
CA ASP B 116 31.48 45.14 -35.19
C ASP B 116 31.58 45.92 -36.50
N GLY B 117 32.70 45.82 -37.20
CA GLY B 117 32.83 46.46 -38.50
C GLY B 117 32.64 47.96 -38.46
N LYS B 118 33.22 48.62 -37.45
CA LYS B 118 33.17 50.07 -37.32
C LYS B 118 34.55 50.70 -37.39
N GLY B 119 35.52 50.00 -37.97
CA GLY B 119 36.84 50.54 -38.15
C GLY B 119 37.78 50.15 -37.04
N PRO B 120 39.07 50.41 -37.23
CA PRO B 120 40.07 49.94 -36.26
C PRO B 120 39.93 50.64 -34.92
N ILE B 121 40.38 49.95 -33.87
CA ILE B 121 40.47 50.51 -32.54
C ILE B 121 41.70 51.41 -32.53
N GLY B 122 41.50 52.71 -32.66
CA GLY B 122 42.61 53.63 -32.69
C GLY B 122 43.17 53.92 -31.32
N SER B 123 43.76 52.93 -30.67
CA SER B 123 44.34 53.09 -29.35
C SER B 123 45.85 53.24 -29.45
N LYS B 124 46.46 53.61 -28.33
CA LYS B 124 47.90 53.84 -28.27
C LYS B 124 48.62 52.89 -27.32
N ALA B 125 48.05 52.62 -26.15
CA ALA B 125 48.69 51.80 -25.14
C ALA B 125 48.35 50.33 -25.33
N ARG B 126 49.36 49.49 -25.22
CA ARG B 126 49.20 48.04 -25.26
C ARG B 126 49.62 47.49 -23.91
N ARG B 127 48.72 46.80 -23.23
CA ARG B 127 48.97 46.27 -21.91
C ARG B 127 49.03 44.75 -21.99
N ARG B 128 49.95 44.16 -21.24
CA ARG B 128 50.07 42.72 -21.23
C ARG B 128 48.78 42.09 -20.72
N VAL B 129 48.63 40.80 -21.00
CA VAL B 129 47.57 40.01 -20.37
C VAL B 129 48.11 39.14 -19.25
N GLY B 130 49.38 38.78 -19.29
CA GLY B 130 49.98 37.97 -18.26
C GLY B 130 50.59 38.80 -17.15
N LEU B 131 49.90 39.87 -16.76
CA LEU B 131 50.42 40.71 -15.70
C LEU B 131 50.15 40.08 -14.33
N LYS B 132 50.80 40.64 -13.32
CA LYS B 132 50.65 40.23 -11.94
C LYS B 132 49.58 41.08 -11.29
N ALA B 133 48.93 40.53 -10.28
CA ALA B 133 47.92 41.27 -9.56
C ALA B 133 48.57 42.19 -8.53
N PRO B 134 47.87 43.22 -8.09
CA PRO B 134 48.46 44.14 -7.11
C PRO B 134 48.82 43.42 -5.81
N GLY B 135 49.93 43.83 -5.22
CA GLY B 135 50.41 43.16 -4.02
C GLY B 135 49.54 43.39 -2.81
N ILE B 136 50.12 43.19 -1.62
CA ILE B 136 49.37 43.34 -0.39
C ILE B 136 49.13 44.81 -0.07
N ILE B 137 50.13 45.66 -0.32
CA ILE B 137 50.16 47.03 0.20
C ILE B 137 49.30 47.96 -0.64
N PRO B 138 49.35 47.89 -1.97
CA PRO B 138 48.57 48.85 -2.77
C PRO B 138 47.10 48.89 -2.42
N ARG B 139 46.50 47.76 -2.07
CA ARG B 139 45.08 47.71 -1.81
C ARG B 139 44.73 48.36 -0.48
N ILE B 140 43.47 48.78 -0.35
CA ILE B 140 42.86 49.11 0.92
C ILE B 140 41.44 48.56 0.90
N SER B 141 40.76 48.68 2.03
CA SER B 141 39.42 48.12 2.15
C SER B 141 38.52 48.67 1.06
N VAL B 142 37.35 48.06 0.95
CA VAL B 142 36.36 48.41 -0.07
C VAL B 142 35.34 49.33 0.58
N ARG B 143 35.26 50.57 0.09
CA ARG B 143 34.51 51.62 0.76
C ARG B 143 33.33 52.12 -0.05
N GLU B 144 33.53 52.54 -1.29
CA GLU B 144 32.43 53.08 -2.06
C GLU B 144 31.45 51.96 -2.41
N PRO B 145 30.19 52.29 -2.66
CA PRO B 145 29.25 51.27 -3.12
C PRO B 145 29.15 51.20 -4.63
N MET B 146 28.88 50.01 -5.17
CA MET B 146 28.65 49.82 -6.59
C MET B 146 27.16 49.56 -6.75
N GLN B 147 26.41 50.63 -7.01
CA GLN B 147 24.95 50.53 -7.08
C GLN B 147 24.55 49.57 -8.18
N THR B 148 23.99 48.42 -7.80
CA THR B 148 23.61 47.42 -8.78
C THR B 148 22.36 47.82 -9.54
N GLY B 149 21.45 48.53 -8.91
CA GLY B 149 20.17 48.83 -9.52
C GLY B 149 19.13 47.76 -9.36
N ILE B 150 19.43 46.70 -8.62
CA ILE B 150 18.50 45.62 -8.33
C ILE B 150 18.18 45.68 -6.85
N LYS B 151 16.91 45.54 -6.51
CA LYS B 151 16.51 45.70 -5.11
C LYS B 151 17.19 44.67 -4.22
N ALA B 152 17.14 43.40 -4.63
CA ALA B 152 17.69 42.35 -3.78
C ALA B 152 19.18 42.51 -3.59
N VAL B 153 19.91 42.75 -4.68
CA VAL B 153 21.36 42.83 -4.59
C VAL B 153 21.78 44.02 -3.74
N ASP B 154 21.12 45.17 -3.93
CA ASP B 154 21.50 46.37 -3.20
C ASP B 154 21.06 46.32 -1.74
N SER B 155 20.01 45.58 -1.42
CA SER B 155 19.52 45.55 -0.06
C SER B 155 20.19 44.47 0.78
N LEU B 156 20.23 43.23 0.28
CA LEU B 156 20.65 42.10 1.07
C LEU B 156 22.00 41.52 0.70
N VAL B 157 22.51 41.81 -0.49
CA VAL B 157 23.82 41.33 -0.93
C VAL B 157 24.60 42.51 -1.46
N PRO B 158 24.87 43.53 -0.65
CA PRO B 158 25.48 44.75 -1.17
C PRO B 158 26.85 44.47 -1.78
N ILE B 159 27.17 45.20 -2.84
CA ILE B 159 28.43 45.05 -3.56
C ILE B 159 29.21 46.33 -3.41
N GLY B 160 30.46 46.22 -3.00
CA GLY B 160 31.36 47.35 -2.93
C GLY B 160 32.05 47.55 -4.25
N ARG B 161 33.15 48.29 -4.22
CA ARG B 161 33.97 48.51 -5.40
C ARG B 161 35.33 47.87 -5.19
N GLY B 162 35.74 47.03 -6.12
CA GLY B 162 36.88 46.18 -5.92
C GLY B 162 36.55 44.84 -5.33
N GLN B 163 35.31 44.63 -4.91
CA GLN B 163 34.89 43.35 -4.37
C GLN B 163 34.57 42.41 -5.53
N ARG B 164 35.07 41.18 -5.44
CA ARG B 164 34.76 40.15 -6.41
C ARG B 164 33.51 39.43 -5.96
N GLU B 165 32.38 39.74 -6.58
CA GLU B 165 31.14 39.02 -6.31
C GLU B 165 31.16 37.74 -7.13
N LEU B 166 30.07 36.98 -7.11
CA LEU B 166 30.01 35.76 -7.90
C LEU B 166 28.54 35.44 -8.12
N ILE B 167 28.08 35.62 -9.36
CA ILE B 167 26.71 35.28 -9.72
C ILE B 167 26.73 33.82 -10.12
N ILE B 168 26.28 32.94 -9.24
CA ILE B 168 26.37 31.50 -9.43
C ILE B 168 24.97 30.92 -9.36
N GLY B 169 24.62 30.10 -10.33
CA GLY B 169 23.31 29.48 -10.32
C GLY B 169 22.99 28.77 -11.61
N ASP B 170 22.11 27.77 -11.54
CA ASP B 170 21.83 26.91 -12.69
C ASP B 170 21.50 27.73 -13.91
N ARG B 171 21.61 27.13 -15.10
CA ARG B 171 21.43 27.87 -16.33
C ARG B 171 19.98 28.33 -16.49
N GLN B 172 19.81 29.36 -17.30
CA GLN B 172 18.51 30.01 -17.50
C GLN B 172 17.89 30.36 -16.17
N THR B 173 18.56 31.25 -15.45
CA THR B 173 18.11 31.63 -14.12
C THR B 173 18.08 33.14 -13.89
N GLY B 174 18.80 33.93 -14.66
CA GLY B 174 18.79 35.36 -14.44
C GLY B 174 20.15 35.92 -14.10
N LYS B 175 21.20 35.31 -14.64
CA LYS B 175 22.55 35.78 -14.39
C LYS B 175 22.93 36.88 -15.37
N THR B 176 22.85 36.58 -16.66
CA THR B 176 23.06 37.63 -17.66
C THR B 176 22.16 38.81 -17.39
N SER B 177 20.95 38.57 -16.90
CA SER B 177 20.03 39.67 -16.63
C SER B 177 20.54 40.56 -15.51
N ILE B 178 21.08 39.98 -14.44
CA ILE B 178 21.65 40.79 -13.38
C ILE B 178 22.82 41.58 -13.90
N ALA B 179 23.64 40.97 -14.74
CA ALA B 179 24.78 41.70 -15.30
C ALA B 179 24.32 42.87 -16.15
N ILE B 180 23.30 42.67 -16.98
CA ILE B 180 22.84 43.76 -17.83
C ILE B 180 22.18 44.86 -17.01
N ASP B 181 21.47 44.50 -15.94
CA ASP B 181 20.93 45.53 -15.06
C ASP B 181 22.04 46.33 -14.43
N THR B 182 23.10 45.67 -13.97
CA THR B 182 24.21 46.40 -13.38
C THR B 182 24.92 47.27 -14.40
N ILE B 183 24.90 46.88 -15.68
CA ILE B 183 25.61 47.65 -16.69
C ILE B 183 24.78 48.83 -17.17
N ILE B 184 23.46 48.69 -17.18
CA ILE B 184 22.60 49.80 -17.60
C ILE B 184 22.40 50.77 -16.46
N ASN B 185 22.45 50.29 -15.22
CA ASN B 185 22.18 51.16 -14.08
C ASN B 185 23.28 52.18 -13.85
N GLN B 186 24.43 52.03 -14.49
CA GLN B 186 25.50 53.00 -14.33
C GLN B 186 25.36 54.19 -15.26
N LYS B 187 24.31 54.24 -16.07
CA LYS B 187 24.12 55.38 -16.95
C LYS B 187 23.95 56.66 -16.14
N ARG B 188 23.20 56.59 -15.05
CA ARG B 188 22.92 57.79 -14.26
C ARG B 188 24.21 58.39 -13.71
N PHE B 189 25.12 57.55 -13.20
CA PHE B 189 26.36 58.06 -12.65
C PHE B 189 27.29 58.57 -13.75
N ASN B 190 27.22 57.98 -14.93
CA ASN B 190 28.10 58.35 -16.03
C ASN B 190 27.60 59.56 -16.81
N ASP B 191 26.72 60.37 -16.23
CA ASP B 191 26.22 61.59 -16.84
C ASP B 191 26.36 62.75 -15.87
N GLY B 192 27.53 62.84 -15.23
CA GLY B 192 27.88 63.92 -14.35
C GLY B 192 29.29 64.40 -14.63
N THR B 193 29.97 64.79 -13.58
CA THR B 193 31.36 65.23 -13.69
C THR B 193 32.28 64.50 -12.72
N ASP B 194 31.82 64.22 -11.51
CA ASP B 194 32.67 63.60 -10.50
C ASP B 194 33.21 62.27 -10.98
N GLU B 195 34.52 62.18 -11.20
CA GLU B 195 35.15 60.93 -11.58
C GLU B 195 35.06 59.89 -10.47
N LYS B 196 34.71 60.29 -9.26
CA LYS B 196 34.61 59.32 -8.16
C LYS B 196 33.41 58.40 -8.32
N LYS B 197 32.46 58.74 -9.18
CA LYS B 197 31.24 57.95 -9.36
C LYS B 197 31.22 57.18 -10.67
N LYS B 198 31.73 57.77 -11.75
CA LYS B 198 31.64 57.13 -13.05
C LYS B 198 32.25 55.74 -13.01
N LEU B 199 31.53 54.77 -13.55
CA LEU B 199 31.95 53.37 -13.56
C LEU B 199 31.90 52.87 -14.99
N TYR B 200 33.03 52.43 -15.52
CA TYR B 200 33.10 51.94 -16.89
C TYR B 200 33.01 50.43 -16.89
N CYS B 201 32.09 49.90 -17.68
CA CYS B 201 31.78 48.48 -17.64
C CYS B 201 32.43 47.73 -18.79
N ILE B 202 32.84 46.51 -18.51
CA ILE B 202 33.42 45.60 -19.48
C ILE B 202 32.63 44.30 -19.37
N TYR B 203 32.24 43.75 -20.51
CA TYR B 203 31.46 42.52 -20.54
C TYR B 203 32.20 41.51 -21.39
N VAL B 204 32.69 40.43 -20.77
CA VAL B 204 33.40 39.38 -21.47
C VAL B 204 32.43 38.24 -21.67
N ALA B 205 32.19 37.86 -22.92
CA ALA B 205 31.24 36.82 -23.27
C ALA B 205 32.03 35.63 -23.80
N ILE B 206 32.12 34.57 -23.01
CA ILE B 206 32.98 33.43 -23.28
C ILE B 206 32.10 32.25 -23.63
N GLY B 207 32.35 31.65 -24.78
CA GLY B 207 31.62 30.44 -25.14
C GLY B 207 30.12 30.62 -25.14
N GLN B 208 29.64 31.74 -25.66
CA GLN B 208 28.22 32.02 -25.72
C GLN B 208 27.77 32.21 -27.16
N LYS B 209 26.55 31.76 -27.44
CA LYS B 209 25.97 31.93 -28.76
C LYS B 209 26.20 33.34 -29.28
N ARG B 210 26.84 33.46 -30.44
CA ARG B 210 27.14 34.78 -30.97
C ARG B 210 25.87 35.58 -31.21
N SER B 211 24.75 34.90 -31.49
CA SER B 211 23.48 35.60 -31.58
C SER B 211 23.15 36.27 -30.27
N THR B 212 23.40 35.60 -29.16
CA THR B 212 23.11 36.18 -27.85
C THR B 212 23.93 37.43 -27.61
N VAL B 213 25.22 37.39 -27.93
CA VAL B 213 26.04 38.57 -27.73
C VAL B 213 25.58 39.71 -28.65
N ALA B 214 25.17 39.38 -29.87
CA ALA B 214 24.67 40.41 -30.77
C ALA B 214 23.41 41.07 -30.21
N GLN B 215 22.49 40.25 -29.69
CA GLN B 215 21.27 40.81 -29.11
C GLN B 215 21.60 41.64 -27.88
N LEU B 216 22.56 41.18 -27.08
CA LEU B 216 22.95 41.94 -25.89
C LEU B 216 23.52 43.30 -26.27
N VAL B 217 24.37 43.35 -27.29
CA VAL B 217 24.92 44.63 -27.72
C VAL B 217 23.81 45.53 -28.22
N LYS B 218 22.86 44.97 -28.98
CA LYS B 218 21.74 45.78 -29.44
C LYS B 218 20.92 46.31 -28.27
N ARG B 219 20.66 45.46 -27.28
CA ARG B 219 19.88 45.90 -26.13
C ARG B 219 20.61 46.99 -25.36
N LEU B 220 21.93 46.88 -25.22
CA LEU B 220 22.69 47.92 -24.55
C LEU B 220 22.60 49.23 -25.31
N THR B 221 22.90 49.21 -26.61
CA THR B 221 22.83 50.45 -27.38
C THR B 221 21.41 51.01 -27.42
N ASP B 222 20.39 50.18 -27.20
CA ASP B 222 19.03 50.69 -27.11
C ASP B 222 18.86 51.63 -25.93
N ALA B 223 19.72 51.55 -24.92
CA ALA B 223 19.62 52.38 -23.73
C ALA B 223 20.86 53.25 -23.56
N ASP B 224 21.55 53.53 -24.65
CA ASP B 224 22.79 54.30 -24.62
C ASP B 224 23.65 53.90 -23.42
N ALA B 225 23.68 52.60 -23.11
CA ALA B 225 24.60 52.04 -22.14
C ALA B 225 25.81 51.44 -22.82
N MET B 226 26.12 51.92 -24.03
CA MET B 226 27.24 51.42 -24.81
C MET B 226 28.32 52.46 -24.97
N LYS B 227 28.01 53.73 -24.77
CA LYS B 227 28.97 54.81 -24.88
C LYS B 227 30.10 54.63 -23.89
N TYR B 228 29.87 53.80 -22.86
CA TYR B 228 30.85 53.62 -21.81
C TYR B 228 31.13 52.15 -21.50
N THR B 229 30.81 51.24 -22.40
CA THR B 229 31.01 49.82 -22.18
C THR B 229 31.92 49.24 -23.24
N ILE B 230 32.71 48.26 -22.83
CA ILE B 230 33.45 47.42 -23.77
C ILE B 230 32.81 46.06 -23.74
N VAL B 231 32.86 45.35 -24.87
CA VAL B 231 32.29 44.02 -24.97
C VAL B 231 33.33 43.14 -25.64
N VAL B 232 34.03 42.34 -24.85
CA VAL B 232 34.97 41.36 -25.38
C VAL B 232 34.21 40.08 -25.63
N SER B 233 34.48 39.42 -26.75
CA SER B 233 33.60 38.37 -27.25
C SER B 233 34.42 37.21 -27.78
N ALA B 234 34.50 36.12 -27.01
CA ALA B 234 35.07 34.85 -27.46
C ALA B 234 33.95 33.84 -27.37
N THR B 235 33.15 33.76 -28.42
CA THR B 235 31.88 33.06 -28.38
C THR B 235 32.10 31.56 -28.55
N ALA B 236 31.02 30.80 -28.75
CA ALA B 236 31.13 29.35 -28.76
C ALA B 236 31.98 28.85 -29.92
N SER B 237 31.83 29.44 -31.09
CA SER B 237 32.56 28.95 -32.26
C SER B 237 34.06 29.14 -32.10
N ASP B 238 34.48 30.25 -31.50
CA ASP B 238 35.89 30.61 -31.48
C ASP B 238 36.74 29.51 -30.84
N ALA B 239 37.88 29.22 -31.47
CA ALA B 239 38.76 28.17 -30.99
C ALA B 239 39.03 28.34 -29.51
N ALA B 240 39.32 27.24 -28.83
CA ALA B 240 39.47 27.27 -27.38
C ALA B 240 40.49 28.29 -26.90
N PRO B 241 41.65 28.47 -27.52
CA PRO B 241 42.58 29.47 -27.01
C PRO B 241 42.00 30.86 -26.92
N LEU B 242 41.13 31.25 -27.85
CA LEU B 242 40.51 32.56 -27.75
C LEU B 242 39.55 32.63 -26.56
N GLN B 243 38.76 31.58 -26.35
CA GLN B 243 37.91 31.54 -25.16
C GLN B 243 38.73 31.49 -23.89
N TYR B 244 40.01 31.11 -23.97
CA TYR B 244 40.85 31.06 -22.79
C TYR B 244 41.53 32.40 -22.53
N LEU B 245 41.80 33.19 -23.58
CA LEU B 245 42.34 34.53 -23.36
C LEU B 245 41.28 35.57 -23.05
N ALA B 246 40.05 35.38 -23.52
CA ALA B 246 39.08 36.46 -23.39
C ALA B 246 39.02 37.05 -22.00
N PRO B 247 38.96 36.27 -20.92
CA PRO B 247 38.93 36.89 -19.60
C PRO B 247 40.16 37.70 -19.28
N TYR B 248 41.34 37.26 -19.70
CA TYR B 248 42.54 38.03 -19.42
C TYR B 248 42.58 39.30 -20.27
N SER B 249 42.11 39.25 -21.50
CA SER B 249 42.03 40.47 -22.30
C SER B 249 41.08 41.47 -21.65
N GLY B 250 39.92 41.01 -21.20
CA GLY B 250 39.02 41.92 -20.52
C GLY B 250 39.61 42.47 -19.24
N CYS B 251 40.24 41.61 -18.45
CA CYS B 251 40.80 42.06 -17.19
C CYS B 251 41.92 43.06 -17.41
N SER B 252 42.68 42.94 -18.50
CA SER B 252 43.69 43.93 -18.78
C SER B 252 43.08 45.25 -19.25
N MET B 253 42.08 45.17 -20.13
CA MET B 253 41.41 46.39 -20.57
C MET B 253 40.80 47.13 -19.39
N GLY B 254 40.41 46.41 -18.34
CA GLY B 254 39.91 47.06 -17.14
C GLY B 254 41.01 47.51 -16.20
N GLU B 255 42.11 46.76 -16.15
CA GLU B 255 43.24 47.18 -15.32
C GLU B 255 43.78 48.51 -15.80
N TYR B 256 43.69 48.79 -17.10
CA TYR B 256 44.12 50.09 -17.58
C TYR B 256 43.40 51.20 -16.84
N PHE B 257 42.09 51.04 -16.64
CA PHE B 257 41.35 52.02 -15.85
C PHE B 257 41.76 51.98 -14.39
N ARG B 258 41.82 50.78 -13.82
CA ARG B 258 42.11 50.68 -12.39
C ARG B 258 43.42 51.40 -12.05
N ASP B 259 44.40 51.32 -12.94
CA ASP B 259 45.69 51.94 -12.68
C ASP B 259 45.70 53.45 -12.89
N ASN B 260 44.63 54.02 -13.43
CA ASN B 260 44.55 55.43 -13.74
C ASN B 260 43.46 56.13 -12.96
N GLY B 261 43.26 55.72 -11.71
CA GLY B 261 42.35 56.42 -10.84
C GLY B 261 40.90 56.39 -11.25
N LYS B 262 40.52 55.53 -12.18
CA LYS B 262 39.13 55.38 -12.59
C LYS B 262 38.59 54.05 -12.07
N HIS B 263 37.27 53.89 -12.18
CA HIS B 263 36.58 52.73 -11.63
C HIS B 263 35.94 51.94 -12.76
N ALA B 264 36.16 50.63 -12.76
CA ALA B 264 35.66 49.77 -13.81
C ALA B 264 34.96 48.56 -13.20
N LEU B 265 34.22 47.85 -14.05
CA LEU B 265 33.36 46.74 -13.61
C LEU B 265 33.37 45.69 -14.69
N ILE B 266 34.05 44.58 -14.47
CA ILE B 266 34.20 43.54 -15.47
C ILE B 266 33.29 42.38 -15.12
N ILE B 267 32.57 41.89 -16.12
CA ILE B 267 31.61 40.81 -15.95
C ILE B 267 32.04 39.66 -16.85
N TYR B 268 32.60 38.62 -16.26
CA TYR B 268 32.94 37.42 -17.01
C TYR B 268 31.71 36.54 -17.11
N ASP B 269 31.34 36.17 -18.33
CA ASP B 269 30.10 35.43 -18.59
C ASP B 269 30.43 34.33 -19.60
N ASP B 270 30.89 33.18 -19.12
CA ASP B 270 31.11 32.87 -17.71
C ASP B 270 32.36 32.02 -17.54
N LEU B 271 32.93 32.06 -16.34
CA LEU B 271 34.21 31.42 -16.11
C LEU B 271 34.15 29.91 -16.28
N SER B 272 32.98 29.29 -16.11
CA SER B 272 32.92 27.84 -16.27
C SER B 272 33.31 27.44 -17.69
N LYS B 273 32.92 28.24 -18.68
CA LYS B 273 33.28 27.91 -20.06
C LYS B 273 34.74 28.20 -20.35
N GLN B 274 35.35 29.17 -19.67
CA GLN B 274 36.79 29.25 -19.73
C GLN B 274 37.43 27.98 -19.20
N ALA B 275 36.93 27.47 -18.08
CA ALA B 275 37.54 26.30 -17.49
C ALA B 275 37.41 25.10 -18.42
N VAL B 276 36.27 24.98 -19.08
CA VAL B 276 36.09 23.90 -20.06
C VAL B 276 37.06 24.07 -21.23
N ALA B 277 37.23 25.30 -21.72
CA ALA B 277 38.18 25.52 -22.81
C ALA B 277 39.60 25.18 -22.39
N TYR B 278 39.98 25.55 -21.17
CA TYR B 278 41.32 25.26 -20.70
C TYR B 278 41.52 23.76 -20.54
N ARG B 279 40.49 23.04 -20.08
CA ARG B 279 40.61 21.60 -20.01
C ARG B 279 40.80 21.01 -21.39
N GLN B 280 40.08 21.53 -22.39
CA GLN B 280 40.30 21.07 -23.75
C GLN B 280 41.76 21.26 -24.14
N MET B 281 42.27 22.48 -23.95
CA MET B 281 43.66 22.75 -24.30
C MET B 281 44.60 21.77 -23.65
N SER B 282 44.48 21.61 -22.33
CA SER B 282 45.40 20.74 -21.61
C SER B 282 45.32 19.31 -22.12
N LEU B 283 44.11 18.74 -22.15
CA LEU B 283 43.98 17.36 -22.60
C LEU B 283 44.48 17.18 -24.01
N LEU B 284 44.46 18.22 -24.84
CA LEU B 284 45.05 18.09 -26.17
C LEU B 284 46.56 18.27 -26.15
N LEU B 285 47.13 18.85 -25.09
CA LEU B 285 48.57 18.89 -24.93
C LEU B 285 49.11 17.70 -24.17
N ARG B 286 48.26 16.73 -23.85
CA ARG B 286 48.59 15.46 -23.19
C ARG B 286 48.81 15.63 -21.70
N ARG B 287 48.62 16.82 -21.13
CA ARG B 287 48.88 16.97 -19.71
C ARG B 287 47.95 16.06 -18.92
N PRO B 288 48.36 15.63 -17.73
CA PRO B 288 47.54 14.71 -16.96
C PRO B 288 46.21 15.32 -16.59
N PRO B 289 45.14 14.55 -16.61
CA PRO B 289 43.86 15.03 -16.07
C PRO B 289 43.85 14.94 -14.56
N GLY B 290 42.79 15.46 -13.96
CA GLY B 290 42.66 15.51 -12.52
C GLY B 290 41.30 15.06 -12.05
N ARG B 291 40.61 15.93 -11.31
CA ARG B 291 39.26 15.66 -10.84
C ARG B 291 38.28 16.22 -11.85
N GLU B 292 37.53 15.35 -12.50
CA GLU B 292 36.62 15.66 -13.61
C GLU B 292 37.40 15.90 -14.90
N ALA B 293 38.67 15.52 -14.95
CA ALA B 293 39.57 15.68 -16.07
C ALA B 293 40.13 17.10 -16.17
N TYR B 294 39.73 18.01 -15.30
CA TYR B 294 40.32 19.33 -15.30
C TYR B 294 41.79 19.23 -14.92
N PRO B 295 42.67 20.00 -15.55
CA PRO B 295 44.08 19.94 -15.18
C PRO B 295 44.26 20.26 -13.71
N GLY B 296 45.48 20.03 -13.22
CA GLY B 296 45.76 20.32 -11.84
C GLY B 296 45.62 21.79 -11.51
N ASP B 297 45.91 22.66 -12.47
CA ASP B 297 45.99 24.10 -12.24
C ASP B 297 44.78 24.84 -12.78
N VAL B 298 43.57 24.30 -12.63
CA VAL B 298 42.39 25.04 -13.04
C VAL B 298 41.96 25.95 -11.89
N PHE B 299 42.81 26.05 -10.87
CA PHE B 299 42.64 27.04 -9.82
C PHE B 299 43.59 28.21 -9.96
N TYR B 300 44.84 27.96 -10.31
CA TYR B 300 45.72 29.04 -10.68
C TYR B 300 45.30 29.70 -11.97
N LEU B 301 44.37 29.09 -12.69
CA LEU B 301 43.81 29.73 -13.87
C LEU B 301 42.83 30.83 -13.49
N HIS B 302 41.98 30.60 -12.50
CA HIS B 302 41.04 31.62 -12.08
C HIS B 302 41.67 32.62 -11.13
N SER B 303 42.46 32.15 -10.16
CA SER B 303 42.99 33.06 -9.15
C SER B 303 43.85 34.14 -9.78
N ARG B 304 44.71 33.77 -10.73
CA ARG B 304 45.53 34.80 -11.36
C ARG B 304 44.72 35.75 -12.22
N LEU B 305 43.41 35.53 -12.33
CA LEU B 305 42.52 36.41 -13.06
C LEU B 305 41.63 37.23 -12.13
N LEU B 306 41.06 36.59 -11.12
CA LEU B 306 40.17 37.26 -10.19
C LEU B 306 40.93 37.98 -9.09
N GLU B 307 42.24 37.83 -9.00
CA GLU B 307 43.02 38.57 -8.02
C GLU B 307 43.41 39.96 -8.51
N ARG B 308 43.17 40.27 -9.78
CA ARG B 308 43.42 41.59 -10.30
C ARG B 308 42.27 42.55 -10.08
N ALA B 309 41.12 42.06 -9.62
CA ALA B 309 39.96 42.89 -9.36
C ALA B 309 40.11 43.50 -7.96
N ALA B 310 41.05 44.42 -7.85
CA ALA B 310 41.46 44.99 -6.57
C ALA B 310 40.90 46.39 -6.43
N LYS B 311 41.24 47.01 -5.29
CA LYS B 311 40.81 48.37 -4.96
C LYS B 311 42.05 49.12 -4.53
N MET B 312 42.73 49.75 -5.49
CA MET B 312 43.93 50.51 -5.19
C MET B 312 43.63 51.54 -4.11
N ASN B 313 44.65 52.07 -3.46
CA ASN B 313 44.49 53.11 -2.47
C ASN B 313 44.95 54.44 -3.05
N ASP B 314 44.75 55.51 -2.28
CA ASP B 314 45.02 56.85 -2.80
C ASP B 314 46.46 56.98 -3.25
N ALA B 315 47.39 56.24 -2.65
CA ALA B 315 48.78 56.36 -3.04
C ALA B 315 48.98 55.97 -4.49
N PHE B 316 48.36 54.88 -4.93
CA PHE B 316 48.55 54.39 -6.29
C PHE B 316 47.56 54.97 -7.28
N GLY B 317 46.54 55.70 -6.82
CA GLY B 317 45.61 56.32 -7.73
C GLY B 317 44.19 56.29 -7.22
N GLY B 318 43.89 55.38 -6.30
CA GLY B 318 42.54 55.26 -5.82
C GLY B 318 41.61 54.58 -6.80
N GLY B 319 42.15 53.89 -7.79
CA GLY B 319 41.32 53.26 -8.79
C GLY B 319 40.53 52.10 -8.23
N SER B 320 40.07 51.21 -9.10
CA SER B 320 39.25 50.08 -8.69
C SER B 320 38.95 49.24 -9.91
N LEU B 321 38.57 47.98 -9.67
CA LEU B 321 38.07 47.11 -10.73
C LEU B 321 37.21 46.05 -10.06
N THR B 322 35.90 46.25 -10.10
CA THR B 322 34.99 45.23 -9.61
C THR B 322 34.92 44.09 -10.60
N ALA B 323 34.61 42.90 -10.11
CA ALA B 323 34.47 41.74 -10.97
C ALA B 323 33.25 40.96 -10.56
N LEU B 324 32.46 40.51 -11.54
CA LEU B 324 31.24 39.75 -11.28
C LEU B 324 31.27 38.49 -12.12
N PRO B 325 32.19 37.58 -11.83
CA PRO B 325 32.25 36.33 -12.59
C PRO B 325 30.94 35.57 -12.46
N VAL B 326 30.52 34.97 -13.56
CA VAL B 326 29.32 34.15 -13.58
C VAL B 326 29.75 32.70 -13.63
N ILE B 327 28.94 31.84 -13.03
CA ILE B 327 29.20 30.40 -13.02
C ILE B 327 27.89 29.69 -13.22
N GLU B 328 27.90 28.66 -14.06
CA GLU B 328 26.70 27.87 -14.35
C GLU B 328 26.85 26.53 -13.67
N THR B 329 26.39 26.43 -12.43
CA THR B 329 26.39 25.14 -11.77
C THR B 329 25.54 24.17 -12.57
N GLN B 330 25.80 22.89 -12.36
CA GLN B 330 24.93 21.86 -12.92
C GLN B 330 23.70 21.79 -12.03
N ALA B 331 22.92 20.72 -12.14
CA ALA B 331 21.55 20.72 -11.63
C ALA B 331 21.41 21.50 -10.34
N GLY B 332 22.12 21.10 -9.31
CA GLY B 332 22.08 21.85 -8.06
C GLY B 332 23.39 21.84 -7.29
N ASP B 333 24.43 21.29 -7.90
CA ASP B 333 25.69 21.05 -7.18
C ASP B 333 26.49 22.34 -7.12
N VAL B 334 26.60 22.90 -5.93
CA VAL B 334 27.53 23.99 -5.66
C VAL B 334 28.66 23.42 -4.82
N SER B 335 28.91 22.12 -4.98
CA SER B 335 30.07 21.47 -4.40
C SER B 335 30.95 20.85 -5.46
N ALA B 336 30.65 21.04 -6.74
CA ALA B 336 31.45 20.48 -7.80
C ALA B 336 32.83 21.13 -7.77
N TYR B 337 33.68 20.72 -8.69
CA TYR B 337 35.06 21.18 -8.66
C TYR B 337 35.15 22.68 -8.90
N ILE B 338 34.51 23.18 -9.96
CA ILE B 338 34.72 24.57 -10.36
C ILE B 338 33.91 25.54 -9.52
N PRO B 339 32.64 25.27 -9.23
CA PRO B 339 31.92 26.17 -8.33
C PRO B 339 32.62 26.35 -7.00
N THR B 340 33.21 25.28 -6.48
CA THR B 340 33.95 25.39 -5.23
C THR B 340 35.30 26.09 -5.44
N ASN B 341 35.95 25.82 -6.57
CA ASN B 341 37.21 26.49 -6.85
C ASN B 341 37.05 28.00 -6.94
N VAL B 342 35.88 28.46 -7.39
CA VAL B 342 35.66 29.90 -7.52
C VAL B 342 34.95 30.50 -6.31
N ILE B 343 34.25 29.70 -5.51
CA ILE B 343 33.65 30.24 -4.30
C ILE B 343 34.70 30.57 -3.27
N SER B 344 35.90 30.01 -3.39
CA SER B 344 36.99 30.27 -2.46
C SER B 344 37.99 31.26 -3.02
N ILE B 345 37.65 31.94 -4.12
CA ILE B 345 38.48 33.00 -4.66
C ILE B 345 37.81 34.36 -4.55
N THR B 346 36.50 34.41 -4.48
CA THR B 346 35.75 35.66 -4.48
C THR B 346 35.38 36.06 -3.06
N ASP B 347 34.90 37.29 -2.92
CA ASP B 347 34.54 37.87 -1.64
C ASP B 347 33.05 37.84 -1.38
N GLY B 348 32.29 37.11 -2.18
CA GLY B 348 30.86 37.09 -2.00
C GLY B 348 30.25 36.00 -2.84
N GLN B 349 28.92 35.98 -2.89
CA GLN B 349 28.19 35.03 -3.71
C GLN B 349 26.80 35.56 -3.92
N ILE B 350 26.20 35.21 -5.05
CA ILE B 350 24.79 35.52 -5.30
C ILE B 350 24.14 34.27 -5.88
N PHE B 351 23.51 33.48 -5.03
CA PHE B 351 22.91 32.24 -5.48
C PHE B 351 21.56 32.52 -6.12
N LEU B 352 21.38 32.06 -7.34
CA LEU B 352 20.11 32.22 -8.05
C LEU B 352 19.46 30.85 -8.12
N GLU B 353 18.64 30.54 -7.12
CA GLU B 353 17.95 29.26 -7.09
C GLU B 353 16.98 29.17 -8.26
N THR B 354 16.86 27.97 -8.84
CA THR B 354 15.96 27.77 -9.96
C THR B 354 14.54 27.47 -9.53
N GLU B 355 14.34 26.87 -8.35
CA GLU B 355 12.99 26.67 -7.85
C GLU B 355 12.29 28.00 -7.67
N LEU B 356 12.99 28.98 -7.09
CA LEU B 356 12.42 30.31 -6.98
C LEU B 356 12.09 30.88 -8.35
N PHE B 357 12.97 30.67 -9.33
CA PHE B 357 12.75 31.23 -10.65
C PHE B 357 11.49 30.64 -11.28
N TYR B 358 11.25 29.35 -11.11
CA TYR B 358 10.03 28.77 -11.63
C TYR B 358 8.80 29.39 -10.98
N LYS B 359 8.86 29.61 -9.67
CA LYS B 359 7.74 30.15 -8.91
C LYS B 359 7.55 31.64 -9.11
N GLY B 360 8.19 32.23 -10.12
CA GLY B 360 7.92 33.60 -10.48
C GLY B 360 8.62 34.65 -9.65
N ILE B 361 9.52 34.25 -8.77
CA ILE B 361 10.27 35.22 -7.94
C ILE B 361 11.51 35.60 -8.75
N ARG B 362 11.33 36.55 -9.65
CA ARG B 362 12.40 37.01 -10.52
C ARG B 362 12.76 38.44 -10.17
N PRO B 363 14.01 38.77 -9.81
CA PRO B 363 15.20 37.92 -9.77
C PRO B 363 15.07 36.78 -8.79
N ALA B 364 15.78 35.69 -9.07
CA ALA B 364 15.69 34.48 -8.28
C ALA B 364 16.66 34.46 -7.13
N ILE B 365 17.24 35.60 -6.77
CA ILE B 365 18.33 35.65 -5.80
C ILE B 365 17.90 34.94 -4.53
N ASN B 366 18.60 33.86 -4.21
CA ASN B 366 18.35 33.12 -2.98
C ASN B 366 19.08 33.84 -1.85
N VAL B 367 18.33 34.26 -0.84
CA VAL B 367 18.92 34.89 0.32
C VAL B 367 19.16 33.80 1.36
N GLY B 368 20.08 34.07 2.27
CA GLY B 368 20.53 33.06 3.21
C GLY B 368 21.76 32.36 2.70
N LEU B 369 21.70 31.86 1.48
CA LEU B 369 22.89 31.33 0.82
C LEU B 369 23.71 32.41 0.12
N SER B 370 23.19 33.62 0.02
CA SER B 370 23.86 34.71 -0.66
C SER B 370 24.46 35.64 0.39
N VAL B 371 25.76 35.90 0.28
CA VAL B 371 26.45 36.78 1.19
C VAL B 371 27.34 37.72 0.40
N SER B 372 27.63 38.88 0.99
CA SER B 372 28.62 39.80 0.48
C SER B 372 29.47 40.20 1.67
N ARG B 373 30.53 39.44 1.91
CA ARG B 373 31.33 39.63 3.12
C ARG B 373 31.74 41.08 3.30
N VAL B 374 32.20 41.71 2.22
CA VAL B 374 32.82 43.04 2.31
C VAL B 374 31.85 44.17 2.03
N GLY B 375 30.68 43.89 1.46
CA GLY B 375 29.78 44.96 1.06
C GLY B 375 29.15 45.72 2.21
N SER B 376 29.10 45.12 3.40
CA SER B 376 28.49 45.80 4.53
C SER B 376 29.21 47.10 4.86
N ALA B 377 30.54 47.08 4.83
CA ALA B 377 31.30 48.29 5.09
C ALA B 377 31.10 49.34 4.00
N ALA B 378 30.62 48.94 2.82
CA ALA B 378 30.39 49.85 1.70
C ALA B 378 28.91 49.79 1.35
N GLN B 379 28.13 50.63 1.99
CA GLN B 379 26.70 50.69 1.73
C GLN B 379 26.18 52.04 2.18
N THR B 380 25.38 52.69 1.33
CA THR B 380 24.83 53.99 1.67
C THR B 380 24.05 53.90 2.97
N ARG B 381 24.27 54.87 3.86
CA ARG B 381 23.73 54.74 5.20
C ARG B 381 22.22 54.72 5.22
N ALA B 382 21.56 55.31 4.21
CA ALA B 382 20.12 55.17 4.11
C ALA B 382 19.74 53.72 3.87
N MET B 383 20.36 53.12 2.86
CA MET B 383 20.10 51.72 2.58
C MET B 383 20.52 50.85 3.75
N LYS B 384 21.47 51.30 4.56
CA LYS B 384 21.81 50.55 5.76
C LYS B 384 20.69 50.67 6.79
N GLN B 385 20.19 51.89 7.01
CA GLN B 385 19.10 52.08 7.95
C GLN B 385 17.92 51.19 7.62
N VAL B 386 17.70 50.95 6.33
CA VAL B 386 16.56 50.13 5.91
C VAL B 386 16.90 48.64 5.90
N ALA B 387 18.05 48.26 5.35
CA ALA B 387 18.39 46.86 5.22
C ALA B 387 18.66 46.23 6.58
N GLY B 388 19.20 46.99 7.53
CA GLY B 388 19.47 46.40 8.84
C GLY B 388 18.25 45.77 9.43
N THR B 389 17.07 46.31 9.13
CA THR B 389 15.83 45.70 9.57
C THR B 389 15.24 44.75 8.54
N MET B 390 15.46 45.00 7.25
CA MET B 390 14.88 44.11 6.25
C MET B 390 15.48 42.71 6.34
N LYS B 391 16.81 42.63 6.50
CA LYS B 391 17.45 41.33 6.63
C LYS B 391 16.98 40.61 7.88
N LEU B 392 16.80 41.34 8.98
CA LEU B 392 16.31 40.73 10.20
C LEU B 392 14.91 40.16 10.01
N GLU B 393 14.03 40.94 9.37
CA GLU B 393 12.67 40.48 9.16
C GLU B 393 12.64 39.23 8.29
N LEU B 394 13.43 39.22 7.21
CA LEU B 394 13.45 38.03 6.37
C LEU B 394 14.09 36.85 7.08
N ALA B 395 15.09 37.09 7.93
CA ALA B 395 15.68 35.99 8.69
C ALA B 395 14.67 35.37 9.62
N GLN B 396 13.87 36.20 10.30
CA GLN B 396 12.80 35.67 11.13
C GLN B 396 11.78 34.91 10.29
N TYR B 397 11.43 35.44 9.12
CA TYR B 397 10.44 34.79 8.28
C TYR B 397 10.91 33.42 7.84
N ARG B 398 12.18 33.28 7.48
CA ARG B 398 12.68 32.01 6.96
C ARG B 398 12.58 30.90 7.99
N GLU B 399 12.55 31.23 9.27
CA GLU B 399 12.36 30.19 10.29
C GLU B 399 10.92 29.72 10.33
N VAL B 400 9.96 30.65 10.25
CA VAL B 400 8.55 30.33 10.39
C VAL B 400 7.97 29.93 9.04
N ALA B 401 8.82 29.77 8.03
CA ALA B 401 8.41 29.31 6.72
C ALA B 401 8.40 27.79 6.61
N ALA B 402 8.78 27.09 7.67
CA ALA B 402 8.82 25.63 7.68
C ALA B 402 7.52 25.01 8.16
N PHE B 403 6.52 25.81 8.49
CA PHE B 403 5.24 25.29 8.95
C PHE B 403 4.11 25.74 8.02
N LEU B 410 -1.93 28.92 13.43
CA LEU B 410 -0.86 29.37 14.31
C LEU B 410 -1.24 30.62 15.09
N ASP B 411 -0.55 30.85 16.21
CA ASP B 411 -0.74 32.06 16.96
C ASP B 411 -0.43 33.28 16.09
N ALA B 412 -0.92 34.44 16.52
CA ALA B 412 -0.81 35.63 15.71
C ALA B 412 0.64 36.08 15.52
N ALA B 413 1.56 35.63 16.36
CA ALA B 413 2.96 36.03 16.20
C ALA B 413 3.54 35.49 14.90
N THR B 414 3.42 34.19 14.68
CA THR B 414 3.95 33.61 13.45
C THR B 414 3.14 34.04 12.24
N GLN B 415 1.84 34.28 12.40
CA GLN B 415 1.07 34.82 11.29
C GLN B 415 1.57 36.21 10.91
N GLN B 416 1.89 37.04 11.91
CA GLN B 416 2.47 38.34 11.64
C GLN B 416 3.80 38.21 10.90
N LEU B 417 4.65 37.29 11.38
CA LEU B 417 5.96 37.13 10.74
C LEU B 417 5.82 36.62 9.30
N LEU B 418 4.90 35.68 9.07
CA LEU B 418 4.65 35.21 7.72
C LEU B 418 4.15 36.34 6.83
N SER B 419 3.23 37.16 7.34
CA SER B 419 2.72 38.27 6.54
C SER B 419 3.85 39.21 6.18
N ARG B 420 4.71 39.55 7.14
CA ARG B 420 5.82 40.44 6.87
C ARG B 420 6.75 39.85 5.81
N GLY B 421 7.10 38.58 5.97
CA GLY B 421 8.00 37.96 5.01
C GLY B 421 7.42 37.93 3.61
N VAL B 422 6.15 37.56 3.49
CA VAL B 422 5.53 37.49 2.18
C VAL B 422 5.49 38.87 1.54
N ARG B 423 5.14 39.90 2.32
CA ARG B 423 5.11 41.24 1.78
C ARG B 423 6.49 41.66 1.28
N LEU B 424 7.52 41.38 2.08
CA LEU B 424 8.87 41.80 1.68
C LEU B 424 9.32 41.07 0.42
N THR B 425 9.13 39.75 0.36
CA THR B 425 9.54 39.02 -0.83
C THR B 425 8.78 39.52 -2.05
N GLU B 426 7.47 39.75 -1.92
CA GLU B 426 6.72 40.28 -3.05
C GLU B 426 7.25 41.64 -3.46
N LEU B 427 7.76 42.42 -2.51
CA LEU B 427 8.42 43.66 -2.89
C LEU B 427 9.68 43.40 -3.70
N LEU B 428 10.47 42.42 -3.29
CA LEU B 428 11.80 42.24 -3.84
C LEU B 428 11.80 41.80 -5.31
N LYS B 429 10.66 41.37 -5.84
CA LYS B 429 10.61 41.09 -7.27
C LYS B 429 10.95 42.36 -8.05
N GLN B 430 11.18 42.18 -9.34
CA GLN B 430 11.56 43.32 -10.18
C GLN B 430 11.42 42.91 -11.64
N GLY B 431 11.31 43.91 -12.50
CA GLY B 431 11.15 43.66 -13.91
C GLY B 431 12.46 43.27 -14.54
N GLN B 432 12.74 43.78 -15.74
CA GLN B 432 13.99 43.48 -16.41
C GLN B 432 14.44 44.71 -17.18
N TYR B 433 15.73 44.99 -17.14
CA TYR B 433 16.29 46.17 -17.76
C TYR B 433 15.61 47.44 -17.24
N SER B 434 15.15 47.39 -16.00
CA SER B 434 14.51 48.52 -15.34
C SER B 434 15.13 48.71 -13.96
N PRO B 435 16.39 49.13 -13.90
CA PRO B 435 17.02 49.39 -12.62
C PRO B 435 16.56 50.73 -12.05
N MET B 436 16.44 50.77 -10.72
CA MET B 436 15.93 51.94 -10.02
C MET B 436 17.02 52.54 -9.13
N ALA B 437 17.14 53.86 -9.16
CA ALA B 437 18.14 54.53 -8.35
C ALA B 437 17.96 54.20 -6.88
N ILE B 438 19.01 54.42 -6.10
CA ILE B 438 19.00 53.97 -4.71
C ILE B 438 17.95 54.69 -3.89
N GLU B 439 17.64 55.95 -4.23
CA GLU B 439 16.62 56.68 -3.49
C GLU B 439 15.27 56.00 -3.61
N GLU B 440 14.95 55.53 -4.82
CA GLU B 440 13.70 54.82 -5.02
C GLU B 440 13.68 53.52 -4.25
N GLN B 441 14.82 52.82 -4.21
CA GLN B 441 14.89 51.60 -3.44
C GLN B 441 14.64 51.86 -1.97
N VAL B 442 15.29 52.87 -1.40
CA VAL B 442 15.06 53.14 0.01
C VAL B 442 13.61 53.51 0.25
N ALA B 443 13.02 54.32 -0.64
CA ALA B 443 11.62 54.66 -0.48
C ALA B 443 10.74 53.42 -0.40
N VAL B 444 10.88 52.52 -1.37
CA VAL B 444 9.95 51.39 -1.43
C VAL B 444 10.24 50.39 -0.30
N ILE B 445 11.52 50.10 -0.05
CA ILE B 445 11.84 49.13 0.99
C ILE B 445 11.44 49.67 2.34
N TYR B 446 11.56 50.98 2.55
CA TYR B 446 11.10 51.58 3.80
C TYR B 446 9.60 51.47 3.94
N ALA B 447 8.86 51.82 2.88
CA ALA B 447 7.42 51.67 2.94
C ALA B 447 7.00 50.24 3.19
N GLY B 448 7.84 49.27 2.83
CA GLY B 448 7.51 47.88 3.05
C GLY B 448 7.83 47.38 4.44
N VAL B 449 9.06 47.62 4.91
CA VAL B 449 9.51 47.06 6.17
C VAL B 449 8.73 47.66 7.34
N ARG B 450 8.38 48.94 7.24
CA ARG B 450 7.69 49.64 8.32
C ARG B 450 6.22 49.26 8.42
N GLY B 451 5.79 48.19 7.77
CA GLY B 451 4.49 47.62 7.97
C GLY B 451 3.37 48.25 7.19
N TYR B 452 3.61 49.40 6.54
CA TYR B 452 2.52 50.07 5.86
C TYR B 452 1.87 49.18 4.82
N LEU B 453 2.59 48.21 4.28
CA LEU B 453 2.02 47.28 3.32
C LEU B 453 1.47 46.02 3.98
N ASP B 454 1.37 45.98 5.31
CA ASP B 454 0.79 44.81 5.96
C ASP B 454 -0.67 44.62 5.58
N LYS B 455 -1.38 45.71 5.28
CA LYS B 455 -2.81 45.68 4.99
C LYS B 455 -3.09 45.73 3.50
N LEU B 456 -2.25 45.10 2.68
CA LEU B 456 -2.51 44.90 1.26
C LEU B 456 -2.47 43.42 0.96
N GLU B 457 -3.37 42.98 0.09
CA GLU B 457 -3.39 41.58 -0.30
C GLU B 457 -2.07 41.22 -0.95
N PRO B 458 -1.43 40.12 -0.55
CA PRO B 458 -0.06 39.83 -1.02
C PRO B 458 0.14 40.05 -2.52
N SER B 459 -0.91 39.82 -3.31
CA SER B 459 -0.78 39.99 -4.75
C SER B 459 -0.75 41.45 -5.17
N LYS B 460 -1.26 42.36 -4.35
CA LYS B 460 -1.42 43.75 -4.77
C LYS B 460 -0.16 44.57 -4.55
N ILE B 461 0.86 44.03 -3.90
CA ILE B 461 2.11 44.77 -3.73
C ILE B 461 2.77 44.99 -5.08
N THR B 462 2.64 44.01 -5.99
CA THR B 462 3.27 44.12 -7.30
C THR B 462 2.77 45.32 -8.08
N LYS B 463 1.57 45.82 -7.78
CA LYS B 463 1.06 47.03 -8.39
C LYS B 463 1.23 48.26 -7.50
N PHE B 464 1.15 48.07 -6.18
CA PHE B 464 1.48 49.16 -5.28
C PHE B 464 2.84 49.72 -5.66
N GLU B 465 3.88 48.90 -5.55
CA GLU B 465 5.24 49.33 -5.86
C GLU B 465 5.28 50.20 -7.11
N ASN B 466 4.68 49.72 -8.20
CA ASN B 466 4.72 50.47 -9.45
C ASN B 466 4.10 51.85 -9.28
N ALA B 467 2.89 51.90 -8.72
CA ALA B 467 2.21 53.18 -8.57
C ALA B 467 3.00 54.11 -7.64
N PHE B 468 3.56 53.55 -6.58
CA PHE B 468 4.31 54.36 -5.63
C PHE B 468 5.53 54.98 -6.29
N LEU B 469 6.27 54.19 -7.08
CA LEU B 469 7.40 54.74 -7.81
C LEU B 469 6.94 55.89 -8.70
N SER B 470 5.89 55.66 -9.49
CA SER B 470 5.44 56.73 -10.38
C SER B 470 5.10 57.99 -9.58
N HIS B 471 4.35 57.82 -8.49
CA HIS B 471 3.88 58.97 -7.73
C HIS B 471 5.04 59.73 -7.10
N VAL B 472 5.96 59.03 -6.46
CA VAL B 472 7.06 59.73 -5.77
C VAL B 472 7.98 60.39 -6.79
N ILE B 473 8.21 59.74 -7.93
CA ILE B 473 9.04 60.37 -8.94
C ILE B 473 8.36 61.63 -9.48
N SER B 474 7.04 61.60 -9.61
CA SER B 474 6.35 62.77 -10.13
C SER B 474 6.35 63.92 -9.13
N GLN B 475 6.02 63.63 -7.86
CA GLN B 475 5.67 64.68 -6.91
C GLN B 475 6.81 65.08 -5.98
N HIS B 476 7.65 64.13 -5.57
CA HIS B 476 8.54 64.38 -4.44
C HIS B 476 10.01 64.30 -4.84
N GLN B 477 10.36 64.94 -5.95
CA GLN B 477 11.77 65.02 -6.33
C GLN B 477 12.61 65.56 -5.18
N ALA B 478 12.09 66.54 -4.44
CA ALA B 478 12.89 67.20 -3.41
C ALA B 478 13.31 66.22 -2.32
N LEU B 479 12.38 65.38 -1.87
CA LEU B 479 12.70 64.45 -0.79
C LEU B 479 13.80 63.48 -1.22
N LEU B 480 13.66 62.91 -2.43
CA LEU B 480 14.68 61.99 -2.92
C LEU B 480 16.01 62.69 -3.08
N GLY B 481 15.99 63.94 -3.57
CA GLY B 481 17.22 64.69 -3.67
C GLY B 481 17.90 64.87 -2.34
N LYS B 482 17.14 65.19 -1.30
CA LYS B 482 17.71 65.33 0.03
C LYS B 482 18.27 64.01 0.52
N ILE B 483 17.55 62.91 0.30
CA ILE B 483 18.04 61.61 0.76
C ILE B 483 19.35 61.27 0.08
N ARG B 484 19.41 61.45 -1.25
CA ARG B 484 20.64 61.14 -1.97
C ARG B 484 21.79 62.02 -1.50
N THR B 485 21.58 63.34 -1.50
CA THR B 485 22.68 64.25 -1.18
C THR B 485 23.19 64.02 0.23
N ASP B 486 22.29 63.87 1.20
CA ASP B 486 22.72 63.55 2.56
C ASP B 486 23.15 62.10 2.70
N GLY B 487 22.73 61.22 1.79
CA GLY B 487 23.08 59.82 1.85
C GLY B 487 22.40 59.05 2.95
N LYS B 488 21.77 59.71 3.92
CA LYS B 488 21.12 59.05 5.04
C LYS B 488 19.72 59.62 5.21
N ILE B 489 18.81 58.78 5.69
CA ILE B 489 17.45 59.24 5.95
C ILE B 489 17.48 60.08 7.21
N SER B 490 17.48 61.40 7.04
CA SER B 490 17.43 62.30 8.18
C SER B 490 16.09 62.16 8.90
N GLU B 491 16.12 62.36 10.21
CA GLU B 491 14.90 62.19 11.01
C GLU B 491 13.74 62.97 10.40
N GLU B 492 13.99 64.20 9.97
CA GLU B 492 12.95 64.94 9.27
C GLU B 492 12.59 64.25 7.96
N SER B 493 13.58 63.70 7.26
CA SER B 493 13.29 62.96 6.04
C SER B 493 12.48 61.71 6.35
N ASP B 494 12.77 61.06 7.48
CA ASP B 494 11.94 59.93 7.89
C ASP B 494 10.51 60.37 8.12
N ALA B 495 10.32 61.49 8.81
CA ALA B 495 8.96 61.99 9.06
C ALA B 495 8.25 62.24 7.74
N LYS B 496 8.93 62.87 6.80
CA LYS B 496 8.36 63.09 5.48
C LYS B 496 7.96 61.74 4.88
N LEU B 497 8.94 60.90 4.58
CA LEU B 497 8.66 59.62 3.94
C LEU B 497 7.45 58.97 4.59
N LYS B 498 7.36 59.06 5.91
CA LYS B 498 6.22 58.48 6.63
C LYS B 498 4.92 59.11 6.18
N GLU B 499 4.85 60.44 6.17
CA GLU B 499 3.56 61.07 5.87
C GLU B 499 3.21 60.90 4.40
N ILE B 500 4.20 60.93 3.50
CA ILE B 500 3.93 60.66 2.09
C ILE B 500 3.39 59.26 1.89
N VAL B 501 4.02 58.26 2.51
CA VAL B 501 3.55 56.89 2.32
C VAL B 501 2.14 56.74 2.88
N THR B 502 1.87 57.33 4.03
CA THR B 502 0.53 57.24 4.61
C THR B 502 -0.49 57.86 3.66
N ASN B 503 -0.22 59.07 3.18
CA ASN B 503 -1.17 59.74 2.31
C ASN B 503 -1.41 58.96 1.03
N PHE B 504 -0.34 58.46 0.41
CA PHE B 504 -0.52 57.69 -0.81
C PHE B 504 -1.31 56.42 -0.55
N LEU B 505 -1.00 55.72 0.54
CA LEU B 505 -1.70 54.49 0.84
C LEU B 505 -3.18 54.74 1.07
N ALA B 506 -3.51 55.89 1.66
CA ALA B 506 -4.89 56.19 1.99
C ALA B 506 -5.85 55.76 0.87
N GLY B 507 -5.63 56.27 -0.34
CA GLY B 507 -6.57 56.06 -1.42
C GLY B 507 -6.04 55.28 -2.61
N PHE B 508 -5.29 54.22 -2.36
CA PHE B 508 -4.78 53.42 -3.47
C PHE B 508 -5.84 52.46 -4.01
N GLU B 509 -6.27 51.52 -3.17
CA GLU B 509 -7.19 50.47 -3.58
C GLU B 509 -6.86 49.93 -4.97
N VAL C 23 87.56 3.22 -15.44
CA VAL C 23 86.91 2.96 -14.17
C VAL C 23 86.31 1.57 -14.19
N ASP C 24 86.12 0.98 -13.02
CA ASP C 24 85.62 -0.38 -12.89
C ASP C 24 84.10 -0.34 -12.94
N LEU C 25 83.54 -0.61 -14.12
CA LEU C 25 82.10 -0.64 -14.29
C LEU C 25 81.49 -1.97 -13.89
N GLU C 26 82.29 -2.92 -13.41
CA GLU C 26 81.76 -4.19 -12.94
C GLU C 26 81.38 -4.13 -11.47
N GLU C 27 82.17 -3.44 -10.66
CA GLU C 27 81.96 -3.39 -9.22
C GLU C 27 81.55 -1.99 -8.77
N THR C 28 81.40 -1.06 -9.70
CA THR C 28 81.16 0.33 -9.33
C THR C 28 80.68 1.16 -10.51
N GLY C 29 79.55 1.84 -10.36
CA GLY C 29 79.00 2.68 -11.39
C GLY C 29 78.99 4.14 -10.97
N ARG C 30 78.45 4.98 -11.84
CA ARG C 30 78.36 6.41 -11.60
C ARG C 30 76.93 6.88 -11.82
N VAL C 31 76.45 7.75 -10.93
CA VAL C 31 75.07 8.21 -11.04
C VAL C 31 74.89 8.91 -12.38
N LEU C 32 73.71 8.76 -12.96
CA LEU C 32 73.31 9.41 -14.20
C LEU C 32 72.33 10.54 -13.96
N SER C 33 71.21 10.26 -13.30
CA SER C 33 70.16 11.25 -13.12
C SER C 33 69.46 10.98 -11.78
N ILE C 34 69.95 11.63 -10.73
CA ILE C 34 69.26 11.59 -9.45
C ILE C 34 68.10 12.56 -9.49
N GLY C 35 66.95 12.12 -9.03
CA GLY C 35 65.83 13.03 -8.92
C GLY C 35 64.66 12.46 -8.16
N ASP C 36 64.16 13.19 -7.18
CA ASP C 36 62.96 12.86 -6.43
C ASP C 36 63.10 11.56 -5.64
N GLY C 37 64.31 11.02 -5.52
CA GLY C 37 64.59 9.87 -4.69
C GLY C 37 65.15 8.67 -5.42
N ILE C 38 65.05 8.64 -6.75
CA ILE C 38 65.48 7.51 -7.56
C ILE C 38 66.68 7.92 -8.37
N ALA C 39 67.73 7.12 -8.33
CA ALA C 39 68.96 7.39 -9.07
C ALA C 39 69.16 6.33 -10.14
N ARG C 40 69.32 6.75 -11.38
CA ARG C 40 69.85 5.86 -12.39
C ARG C 40 71.35 5.80 -12.21
N VAL C 41 71.92 4.61 -12.39
CA VAL C 41 73.35 4.42 -12.18
C VAL C 41 73.90 3.68 -13.39
N HIS C 42 74.85 4.30 -14.08
CA HIS C 42 75.47 3.71 -15.25
C HIS C 42 76.69 2.91 -14.80
N GLY C 43 76.69 1.61 -15.09
CA GLY C 43 77.73 0.72 -14.63
C GLY C 43 77.15 -0.38 -13.75
N LEU C 44 77.92 -0.77 -12.75
CA LEU C 44 77.48 -1.78 -11.80
C LEU C 44 77.04 -3.05 -12.52
N ARG C 45 77.84 -3.48 -13.49
CA ARG C 45 77.44 -4.63 -14.31
C ARG C 45 77.28 -5.90 -13.50
N ASN C 46 77.85 -5.96 -12.29
CA ASN C 46 77.74 -7.16 -11.48
C ASN C 46 76.97 -6.86 -10.20
N VAL C 47 75.86 -6.15 -10.31
CA VAL C 47 75.02 -5.80 -9.17
C VAL C 47 73.80 -6.71 -9.16
N GLN C 48 73.53 -7.32 -8.02
CA GLN C 48 72.39 -8.22 -7.89
C GLN C 48 71.11 -7.42 -7.75
N ALA C 49 69.99 -8.05 -8.06
CA ALA C 49 68.70 -7.42 -7.83
C ALA C 49 68.42 -7.31 -6.34
N GLU C 50 67.88 -6.17 -5.93
CA GLU C 50 67.63 -5.87 -4.53
C GLU C 50 68.89 -6.03 -3.70
N GLU C 51 70.02 -5.59 -4.25
CA GLU C 51 71.28 -5.53 -3.52
C GLU C 51 71.53 -4.09 -3.11
N MET C 52 72.28 -3.92 -2.03
CA MET C 52 72.42 -2.63 -1.37
C MET C 52 73.71 -1.97 -1.82
N VAL C 53 73.60 -0.92 -2.60
CA VAL C 53 74.74 -0.14 -3.03
C VAL C 53 74.93 1.01 -2.05
N GLU C 54 76.18 1.34 -1.75
CA GLU C 54 76.50 2.48 -0.90
C GLU C 54 76.94 3.64 -1.78
N PHE C 55 76.26 4.77 -1.64
CA PHE C 55 76.72 5.98 -2.29
C PHE C 55 77.93 6.53 -1.55
N SER C 56 78.66 7.41 -2.23
CA SER C 56 79.90 7.93 -1.66
C SER C 56 79.66 8.84 -0.46
N SER C 57 78.42 9.30 -0.25
CA SER C 57 78.12 10.25 0.81
C SER C 57 77.43 9.59 2.00
N GLY C 58 77.83 8.37 2.35
CA GLY C 58 77.28 7.69 3.50
C GLY C 58 75.91 7.09 3.29
N LEU C 59 75.17 7.53 2.28
CA LEU C 59 73.84 7.01 2.03
C LEU C 59 73.92 5.55 1.58
N LYS C 60 72.76 4.96 1.34
CA LYS C 60 72.67 3.60 0.86
C LYS C 60 71.50 3.52 -0.11
N GLY C 61 71.52 2.49 -0.95
CA GLY C 61 70.49 2.34 -1.95
C GLY C 61 69.95 0.94 -2.02
N MET C 62 69.26 0.60 -3.10
CA MET C 62 68.80 -0.76 -3.31
C MET C 62 68.53 -0.93 -4.80
N SER C 63 69.38 -1.67 -5.49
CA SER C 63 69.25 -1.78 -6.93
C SER C 63 68.00 -2.56 -7.26
N LEU C 64 66.92 -1.84 -7.57
CA LEU C 64 65.64 -2.47 -7.85
C LEU C 64 65.48 -2.79 -9.33
N ASN C 65 65.64 -1.79 -10.20
CA ASN C 65 65.47 -2.02 -11.63
C ASN C 65 66.81 -2.33 -12.25
N LEU C 66 66.90 -3.43 -12.96
CA LEU C 66 68.13 -3.79 -13.67
C LEU C 66 67.81 -3.73 -15.16
N GLU C 67 67.96 -2.54 -15.73
CA GLU C 67 67.70 -2.35 -17.15
C GLU C 67 68.93 -2.69 -17.96
N PRO C 68 68.80 -2.82 -19.28
CA PRO C 68 69.96 -3.22 -20.09
C PRO C 68 71.09 -2.24 -20.06
N ASP C 69 70.85 -0.99 -19.70
CA ASP C 69 71.86 0.05 -19.76
C ASP C 69 72.18 0.66 -18.41
N ASN C 70 71.18 0.99 -17.60
CA ASN C 70 71.41 1.64 -16.32
C ASN C 70 70.54 0.99 -15.25
N VAL C 71 70.98 1.13 -14.00
CA VAL C 71 70.35 0.49 -12.86
C VAL C 71 69.53 1.52 -12.11
N GLY C 72 68.25 1.22 -11.88
CA GLY C 72 67.42 2.08 -11.08
C GLY C 72 67.52 1.74 -9.61
N VAL C 73 68.19 2.62 -8.85
CA VAL C 73 68.47 2.46 -7.44
C VAL C 73 67.59 3.41 -6.66
N VAL C 74 67.22 3.02 -5.45
CA VAL C 74 66.40 3.85 -4.58
C VAL C 74 67.22 4.23 -3.36
N VAL C 75 67.29 5.53 -3.08
CA VAL C 75 68.17 6.07 -2.06
C VAL C 75 67.46 6.03 -0.72
N PHE C 76 68.06 5.37 0.27
CA PHE C 76 67.49 5.28 1.62
C PHE C 76 67.79 6.59 2.36
N GLY C 77 67.11 7.64 1.92
CA GLY C 77 67.26 8.93 2.58
C GLY C 77 66.91 10.05 1.62
N ASN C 78 67.32 11.25 1.99
CA ASN C 78 67.14 12.41 1.14
C ASN C 78 68.35 12.53 0.23
N ASP C 79 68.11 12.74 -1.05
CA ASP C 79 69.17 12.78 -2.05
C ASP C 79 69.68 14.18 -2.30
N LYS C 80 69.63 15.07 -1.32
CA LYS C 80 70.32 16.35 -1.46
C LYS C 80 71.78 16.12 -1.80
N LEU C 81 72.42 15.14 -1.16
CA LEU C 81 73.85 14.93 -1.27
C LEU C 81 74.25 14.19 -2.53
N ILE C 82 73.33 13.59 -3.25
CA ILE C 82 73.62 12.85 -4.47
C ILE C 82 73.61 13.82 -5.64
N LYS C 83 74.66 13.77 -6.45
CA LYS C 83 74.76 14.58 -7.65
C LYS C 83 75.07 13.65 -8.81
N GLU C 84 74.67 14.05 -10.01
CA GLU C 84 75.11 13.34 -11.20
C GLU C 84 76.63 13.31 -11.20
N GLY C 85 77.19 12.14 -11.45
CA GLY C 85 78.62 11.96 -11.46
C GLY C 85 79.16 11.29 -10.21
N ASP C 86 78.39 11.22 -9.14
CA ASP C 86 78.85 10.52 -7.95
C ASP C 86 79.12 9.06 -8.27
N ILE C 87 79.87 8.40 -7.39
CA ILE C 87 80.32 7.03 -7.60
C ILE C 87 79.56 6.12 -6.65
N VAL C 88 78.74 5.24 -7.22
CA VAL C 88 78.00 4.24 -6.47
C VAL C 88 78.78 2.94 -6.50
N LYS C 89 78.96 2.33 -5.33
CA LYS C 89 79.75 1.11 -5.21
C LYS C 89 78.93 0.08 -4.44
N ARG C 90 78.74 -1.08 -5.05
CA ARG C 90 77.90 -2.10 -4.44
C ARG C 90 78.55 -2.67 -3.18
N THR C 91 77.71 -3.15 -2.27
CA THR C 91 78.21 -3.81 -1.08
C THR C 91 78.43 -5.29 -1.28
N GLY C 92 77.61 -5.94 -2.11
CA GLY C 92 77.76 -7.33 -2.42
C GLY C 92 76.81 -8.26 -1.70
N ALA C 93 75.82 -7.75 -0.99
CA ALA C 93 74.92 -8.59 -0.21
C ALA C 93 73.51 -8.03 -0.28
N ILE C 94 72.55 -8.92 -0.56
CA ILE C 94 71.13 -8.55 -0.60
C ILE C 94 70.81 -7.85 0.70
N VAL C 95 69.86 -6.92 0.66
CA VAL C 95 69.56 -6.11 1.84
C VAL C 95 69.38 -7.02 3.04
N ASP C 96 69.83 -6.54 4.20
CA ASP C 96 69.71 -7.31 5.42
C ASP C 96 69.77 -6.34 6.59
N VAL C 97 69.28 -6.81 7.73
CA VAL C 97 69.15 -5.99 8.93
C VAL C 97 69.74 -6.74 10.11
N PRO C 98 70.27 -6.05 11.11
CA PRO C 98 70.69 -6.75 12.32
C PRO C 98 69.50 -7.36 13.04
N VAL C 99 69.75 -8.50 13.68
CA VAL C 99 68.75 -9.15 14.51
C VAL C 99 69.45 -9.69 15.75
N GLY C 100 68.65 -10.02 16.75
CA GLY C 100 69.19 -10.65 17.93
C GLY C 100 68.44 -10.19 19.16
N GLU C 101 68.82 -10.78 20.29
CA GLU C 101 68.31 -10.35 21.57
C GLU C 101 68.80 -8.95 21.93
N GLU C 102 69.82 -8.46 21.25
CA GLU C 102 70.44 -7.19 21.61
C GLU C 102 69.65 -5.98 21.11
N LEU C 103 68.59 -6.19 20.34
CA LEU C 103 67.76 -5.08 19.91
C LEU C 103 66.67 -4.74 20.90
N LEU C 104 66.36 -5.63 21.83
CA LEU C 104 65.23 -5.42 22.72
C LEU C 104 65.39 -4.12 23.48
N GLY C 105 64.28 -3.40 23.63
CA GLY C 105 64.31 -2.12 24.31
C GLY C 105 65.11 -1.08 23.59
N ARG C 106 65.09 -1.09 22.26
CA ARG C 106 65.76 -0.09 21.45
C ARG C 106 64.80 0.40 20.38
N VAL C 107 64.93 1.66 20.02
CA VAL C 107 64.26 2.21 18.86
C VAL C 107 65.26 2.20 17.72
N VAL C 108 64.91 1.57 16.61
CA VAL C 108 65.83 1.42 15.49
C VAL C 108 65.19 2.00 14.24
N ASP C 109 66.03 2.42 13.32
CA ASP C 109 65.60 2.89 12.03
C ASP C 109 65.18 1.71 11.17
N ALA C 110 64.58 2.00 10.02
CA ALA C 110 64.11 0.94 9.16
C ALA C 110 65.24 0.05 8.66
N LEU C 111 66.49 0.51 8.77
CA LEU C 111 67.63 -0.29 8.37
C LEU C 111 68.25 -1.06 9.52
N GLY C 112 68.07 -0.58 10.76
CA GLY C 112 68.67 -1.21 11.91
C GLY C 112 69.67 -0.31 12.60
N ASN C 113 69.48 1.00 12.48
CA ASN C 113 70.36 1.99 13.10
C ASN C 113 69.61 2.65 14.25
N ALA C 114 70.10 2.45 15.47
CA ALA C 114 69.41 2.98 16.64
C ALA C 114 69.23 4.49 16.50
N ILE C 115 68.07 4.97 16.91
CA ILE C 115 67.77 6.40 16.83
C ILE C 115 67.28 6.92 18.18
N ASP C 116 67.50 6.15 19.24
CA ASP C 116 67.14 6.60 20.58
C ASP C 116 68.31 7.24 21.30
N GLY C 117 69.45 7.40 20.63
CA GLY C 117 70.61 8.00 21.27
C GLY C 117 71.12 7.22 22.45
N LYS C 118 70.90 5.90 22.46
CA LYS C 118 71.41 5.02 23.51
C LYS C 118 72.73 4.36 23.13
N GLY C 119 73.25 4.65 21.93
CA GLY C 119 74.54 4.14 21.54
C GLY C 119 74.46 3.11 20.43
N PRO C 120 75.56 2.44 20.15
CA PRO C 120 75.57 1.43 19.09
C PRO C 120 74.59 0.32 19.38
N ILE C 121 73.99 -0.24 18.33
CA ILE C 121 72.99 -1.27 18.51
C ILE C 121 73.65 -2.56 18.98
N GLY C 122 74.77 -2.94 18.40
CA GLY C 122 75.57 -4.04 18.90
C GLY C 122 74.94 -5.40 18.73
N SER C 123 74.84 -5.87 17.49
CA SER C 123 74.23 -7.16 17.18
C SER C 123 75.28 -8.09 16.57
N LYS C 124 75.11 -9.39 16.83
CA LYS C 124 76.05 -10.41 16.36
C LYS C 124 75.49 -11.24 15.22
N ALA C 125 74.45 -10.77 14.54
CA ALA C 125 73.85 -11.56 13.48
C ALA C 125 72.95 -10.73 12.57
N ARG C 126 73.20 -10.77 11.26
CA ARG C 126 72.34 -10.12 10.29
C ARG C 126 71.31 -11.11 9.76
N ARG C 127 70.38 -10.60 8.96
CA ARG C 127 69.34 -11.44 8.38
C ARG C 127 68.70 -10.70 7.21
N ARG C 128 68.42 -11.43 6.13
CA ARG C 128 67.85 -10.79 4.95
C ARG C 128 66.42 -10.35 5.23
N VAL C 129 65.97 -9.35 4.48
CA VAL C 129 64.60 -8.87 4.59
C VAL C 129 63.69 -9.54 3.58
N GLY C 130 64.15 -9.65 2.33
CA GLY C 130 63.37 -10.31 1.31
C GLY C 130 63.57 -11.81 1.34
N LEU C 131 63.17 -12.43 2.44
CA LEU C 131 63.37 -13.86 2.65
C LEU C 131 62.04 -14.58 2.43
N LYS C 132 62.08 -15.91 2.47
CA LYS C 132 60.96 -16.74 2.13
C LYS C 132 60.26 -17.27 3.37
N ALA C 133 58.93 -17.26 3.36
CA ALA C 133 58.16 -17.71 4.50
C ALA C 133 58.28 -19.22 4.65
N PRO C 134 58.09 -19.75 5.86
CA PRO C 134 58.21 -21.20 6.06
C PRO C 134 57.17 -21.95 5.25
N GLY C 135 57.57 -23.10 4.72
CA GLY C 135 56.74 -23.84 3.81
C GLY C 135 55.53 -24.47 4.48
N ILE C 136 55.08 -25.59 3.93
CA ILE C 136 53.87 -26.22 4.44
C ILE C 136 54.17 -27.12 5.63
N ILE C 137 55.35 -27.75 5.66
CA ILE C 137 55.63 -28.78 6.65
C ILE C 137 56.01 -28.17 7.99
N PRO C 138 56.87 -27.15 8.04
CA PRO C 138 57.28 -26.65 9.36
C PRO C 138 56.14 -26.24 10.25
N ARG C 139 55.11 -25.63 9.68
CA ARG C 139 54.03 -25.08 10.49
C ARG C 139 53.23 -26.19 11.16
N ILE C 140 52.64 -25.86 12.30
CA ILE C 140 51.69 -26.71 12.98
C ILE C 140 50.50 -25.85 13.39
N SER C 141 49.35 -26.49 13.57
CA SER C 141 48.12 -25.76 13.84
C SER C 141 48.29 -24.80 14.99
N VAL C 142 47.43 -23.78 15.05
CA VAL C 142 47.51 -22.75 16.08
C VAL C 142 46.76 -23.23 17.31
N ARG C 143 47.44 -23.26 18.44
CA ARG C 143 46.90 -23.91 19.63
C ARG C 143 46.94 -23.06 20.89
N GLU C 144 47.98 -22.25 21.08
CA GLU C 144 48.12 -21.49 22.31
C GLU C 144 47.39 -20.15 22.20
N PRO C 145 47.08 -19.52 23.34
CA PRO C 145 46.46 -18.20 23.30
C PRO C 145 47.47 -17.08 23.42
N MET C 146 47.24 -15.97 22.73
CA MET C 146 48.06 -14.76 22.85
C MET C 146 47.23 -13.73 23.58
N GLN C 147 47.34 -13.71 24.90
CA GLN C 147 46.49 -12.87 25.73
C GLN C 147 46.62 -11.41 25.33
N THR C 148 45.55 -10.84 24.80
CA THR C 148 45.53 -9.43 24.45
C THR C 148 45.19 -8.55 25.63
N GLY C 149 44.53 -9.08 26.65
CA GLY C 149 44.17 -8.29 27.80
C GLY C 149 42.96 -7.40 27.61
N ILE C 150 42.28 -7.52 26.48
CA ILE C 150 41.10 -6.71 26.19
C ILE C 150 39.89 -7.63 26.26
N LYS C 151 38.97 -7.32 27.19
CA LYS C 151 37.86 -8.22 27.45
C LYS C 151 37.07 -8.54 26.19
N ALA C 152 37.03 -7.62 25.24
CA ALA C 152 36.24 -7.81 24.03
C ALA C 152 36.92 -8.72 23.02
N VAL C 153 38.22 -8.94 23.15
CA VAL C 153 38.98 -9.75 22.20
C VAL C 153 39.22 -11.15 22.74
N ASP C 154 39.70 -11.25 23.97
CA ASP C 154 39.95 -12.57 24.55
C ASP C 154 38.67 -13.39 24.63
N SER C 155 37.53 -12.74 24.79
CA SER C 155 36.28 -13.47 24.95
C SER C 155 35.70 -13.88 23.61
N LEU C 156 35.49 -12.91 22.72
CA LEU C 156 34.71 -13.12 21.52
C LEU C 156 35.56 -13.39 20.28
N VAL C 157 36.53 -12.53 19.99
CA VAL C 157 37.41 -12.72 18.84
C VAL C 157 38.80 -13.05 19.35
N PRO C 158 39.02 -14.26 19.88
CA PRO C 158 40.32 -14.59 20.46
C PRO C 158 41.39 -14.67 19.40
N ILE C 159 42.63 -14.56 19.86
CA ILE C 159 43.81 -14.59 18.99
C ILE C 159 44.76 -15.64 19.52
N GLY C 160 45.23 -16.51 18.64
CA GLY C 160 46.18 -17.54 19.01
C GLY C 160 47.57 -17.21 18.54
N ARG C 161 48.58 -17.84 19.12
CA ARG C 161 49.95 -17.58 18.74
C ARG C 161 50.25 -18.24 17.40
N GLY C 162 50.79 -17.46 16.47
CA GLY C 162 50.96 -17.91 15.10
C GLY C 162 49.84 -17.50 14.18
N GLN C 163 48.98 -16.60 14.60
CA GLN C 163 47.81 -16.20 13.84
C GLN C 163 47.92 -14.73 13.47
N ARG C 164 47.50 -14.40 12.27
CA ARG C 164 47.52 -13.03 11.77
C ARG C 164 46.12 -12.47 11.87
N GLU C 165 45.98 -11.33 12.54
CA GLU C 165 44.66 -10.80 12.90
C GLU C 165 44.61 -9.33 12.56
N LEU C 166 44.02 -9.00 11.42
CA LEU C 166 43.88 -7.61 10.99
C LEU C 166 43.26 -6.78 12.09
N ILE C 167 43.44 -5.46 12.03
CA ILE C 167 42.72 -4.52 12.88
C ILE C 167 42.33 -3.35 12.00
N ILE C 168 41.08 -3.31 11.57
CA ILE C 168 40.66 -2.42 10.50
C ILE C 168 39.60 -1.47 11.03
N GLY C 169 39.79 -0.18 10.80
CA GLY C 169 38.80 0.80 11.21
C GLY C 169 39.19 2.17 10.73
N ASP C 170 38.24 3.09 10.82
CA ASP C 170 38.43 4.45 10.34
C ASP C 170 39.47 5.15 11.21
N ARG C 171 39.70 6.43 10.92
CA ARG C 171 40.66 7.20 11.71
C ARG C 171 40.18 7.34 13.14
N GLN C 172 41.12 7.27 14.07
CA GLN C 172 40.86 7.55 15.48
C GLN C 172 39.67 6.74 15.99
N THR C 173 39.83 5.42 15.97
CA THR C 173 38.86 4.53 16.59
C THR C 173 39.49 3.62 17.62
N GLY C 174 40.76 3.81 17.94
CA GLY C 174 41.39 3.02 18.98
C GLY C 174 42.02 1.75 18.44
N LYS C 175 42.83 1.88 17.39
CA LYS C 175 43.55 0.75 16.85
C LYS C 175 44.92 0.59 17.50
N THR C 176 45.71 1.65 17.50
CA THR C 176 46.95 1.61 18.27
C THR C 176 46.68 1.37 19.74
N SER C 177 45.47 1.65 20.21
CA SER C 177 45.14 1.32 21.59
C SER C 177 45.10 -0.19 21.79
N ILE C 178 44.51 -0.93 20.84
CA ILE C 178 44.52 -2.38 20.93
C ILE C 178 45.96 -2.89 20.94
N ALA C 179 46.79 -2.35 20.06
CA ALA C 179 48.17 -2.79 19.96
C ALA C 179 48.93 -2.54 21.24
N ILE C 180 48.79 -1.33 21.80
CA ILE C 180 49.57 -1.01 22.99
C ILE C 180 49.03 -1.75 24.21
N ASP C 181 47.72 -1.98 24.29
CA ASP C 181 47.22 -2.83 25.36
C ASP C 181 47.81 -4.22 25.25
N THR C 182 47.88 -4.76 24.03
CA THR C 182 48.50 -6.07 23.85
C THR C 182 49.96 -6.06 24.28
N ILE C 183 50.70 -5.01 23.91
CA ILE C 183 52.12 -4.99 24.23
C ILE C 183 52.34 -4.84 25.72
N ILE C 184 51.49 -4.07 26.39
CA ILE C 184 51.64 -3.89 27.83
C ILE C 184 51.26 -5.16 28.57
N ASN C 185 50.21 -5.84 28.11
CA ASN C 185 49.70 -6.98 28.86
C ASN C 185 50.73 -8.09 28.98
N GLN C 186 51.62 -8.22 28.00
CA GLN C 186 52.58 -9.31 28.05
C GLN C 186 53.57 -9.17 29.18
N LYS C 187 53.49 -8.10 29.98
CA LYS C 187 54.40 -7.95 31.10
C LYS C 187 54.11 -8.95 32.21
N ARG C 188 52.90 -9.51 32.26
CA ARG C 188 52.60 -10.52 33.27
C ARG C 188 53.50 -11.74 33.09
N PHE C 189 53.67 -12.17 31.84
CA PHE C 189 54.38 -13.39 31.52
C PHE C 189 55.87 -13.17 31.35
N ASN C 190 56.27 -12.03 30.79
CA ASN C 190 57.68 -11.78 30.52
C ASN C 190 58.49 -11.60 31.78
N ASP C 191 57.86 -11.45 32.94
CA ASP C 191 58.56 -11.39 34.21
C ASP C 191 58.41 -12.66 35.01
N GLY C 192 57.82 -13.70 34.43
CA GLY C 192 57.65 -14.97 35.11
C GLY C 192 58.81 -15.92 34.89
N THR C 193 58.71 -17.10 35.52
CA THR C 193 59.74 -18.11 35.38
C THR C 193 59.66 -18.83 34.05
N ASP C 194 58.44 -19.06 33.57
CA ASP C 194 58.24 -19.84 32.36
C ASP C 194 58.81 -19.12 31.14
N GLU C 195 59.17 -19.91 30.13
CA GLU C 195 59.70 -19.39 28.88
C GLU C 195 58.83 -19.74 27.68
N LYS C 196 57.91 -20.69 27.81
CA LYS C 196 56.94 -20.95 26.76
C LYS C 196 55.78 -19.97 26.78
N LYS C 197 55.72 -19.09 27.78
CA LYS C 197 54.70 -18.06 27.86
C LYS C 197 55.23 -16.68 27.50
N LYS C 198 56.53 -16.51 27.44
CA LYS C 198 57.11 -15.20 27.16
C LYS C 198 56.91 -14.83 25.70
N LEU C 199 56.45 -13.61 25.46
CA LEU C 199 56.09 -13.14 24.12
C LEU C 199 56.72 -11.78 23.90
N TYR C 200 57.87 -11.75 23.25
CA TYR C 200 58.50 -10.49 22.90
C TYR C 200 57.71 -9.79 21.81
N CYS C 201 57.76 -8.47 21.81
CA CYS C 201 56.93 -7.68 20.92
C CYS C 201 57.78 -6.77 20.05
N ILE C 202 57.28 -6.52 18.84
CA ILE C 202 57.90 -5.62 17.89
C ILE C 202 56.81 -4.70 17.38
N TYR C 203 57.12 -3.41 17.27
CA TYR C 203 56.14 -2.43 16.82
C TYR C 203 56.74 -1.66 15.65
N VAL C 204 56.21 -1.88 14.46
CA VAL C 204 56.68 -1.21 13.26
C VAL C 204 55.77 -0.03 12.99
N ALA C 205 56.33 1.17 13.03
CA ALA C 205 55.58 2.41 12.85
C ALA C 205 55.88 2.94 11.46
N ILE C 206 54.95 2.77 10.53
CA ILE C 206 55.10 3.27 9.17
C ILE C 206 54.25 4.52 9.02
N GLY C 207 54.87 5.61 8.57
CA GLY C 207 54.12 6.78 8.18
C GLY C 207 53.53 7.58 9.31
N GLN C 208 53.89 7.32 10.55
CA GLN C 208 53.38 8.08 11.67
C GLN C 208 54.14 9.38 11.79
N LYS C 209 53.98 10.08 12.91
CA LYS C 209 54.80 11.22 13.25
C LYS C 209 55.92 10.77 14.18
N ARG C 210 57.02 11.52 14.19
CA ARG C 210 58.01 11.30 15.23
C ARG C 210 57.42 11.60 16.59
N SER C 211 56.53 12.58 16.68
CA SER C 211 55.89 12.89 17.95
C SER C 211 55.06 11.71 18.44
N THR C 212 54.31 11.07 17.54
CA THR C 212 53.47 9.96 17.96
C THR C 212 54.32 8.77 18.39
N VAL C 213 55.40 8.48 17.68
CA VAL C 213 56.25 7.37 18.07
C VAL C 213 56.94 7.68 19.40
N ALA C 214 57.37 8.92 19.60
CA ALA C 214 58.00 9.27 20.86
C ALA C 214 57.01 9.15 22.02
N GLN C 215 55.77 9.59 21.80
CA GLN C 215 54.75 9.44 22.83
C GLN C 215 54.47 7.97 23.12
N LEU C 216 54.46 7.15 22.07
CA LEU C 216 54.25 5.72 22.25
C LEU C 216 55.36 5.11 23.09
N VAL C 217 56.60 5.47 22.79
CA VAL C 217 57.73 4.92 23.54
C VAL C 217 57.67 5.40 24.98
N LYS C 218 57.26 6.64 25.20
CA LYS C 218 57.15 7.15 26.57
C LYS C 218 56.09 6.38 27.34
N ARG C 219 54.93 6.15 26.72
CA ARG C 219 53.88 5.43 27.42
C ARG C 219 54.21 3.96 27.59
N LEU C 220 55.08 3.40 26.75
CA LEU C 220 55.56 2.05 26.98
C LEU C 220 56.54 2.03 28.15
N THR C 221 57.47 2.99 28.19
CA THR C 221 58.43 3.05 29.28
C THR C 221 57.73 3.24 30.61
N ASP C 222 56.65 4.03 30.63
CA ASP C 222 55.92 4.22 31.87
C ASP C 222 55.34 2.92 32.41
N ALA C 223 55.17 1.91 31.55
CA ALA C 223 54.72 0.59 31.97
C ALA C 223 55.88 -0.40 32.05
N ASP C 224 57.11 0.06 31.86
CA ASP C 224 58.27 -0.82 31.84
C ASP C 224 58.05 -1.99 30.89
N ALA C 225 57.45 -1.71 29.74
CA ALA C 225 57.24 -2.69 28.70
C ALA C 225 58.21 -2.52 27.55
N MET C 226 59.26 -1.73 27.73
CA MET C 226 60.29 -1.62 26.71
C MET C 226 61.44 -2.59 26.94
N LYS C 227 61.53 -3.20 28.11
CA LYS C 227 62.62 -4.14 28.33
C LYS C 227 62.49 -5.38 27.47
N TYR C 228 61.35 -5.59 26.81
CA TYR C 228 61.16 -6.73 25.93
C TYR C 228 60.50 -6.35 24.61
N THR C 229 60.63 -5.10 24.18
CA THR C 229 60.02 -4.62 22.95
C THR C 229 61.07 -4.00 22.06
N ILE C 230 60.86 -4.10 20.76
CA ILE C 230 61.61 -3.34 19.77
C ILE C 230 60.64 -2.36 19.15
N VAL C 231 61.17 -1.30 18.56
CA VAL C 231 60.33 -0.35 17.86
C VAL C 231 61.01 0.09 16.56
N VAL C 232 60.64 -0.52 15.45
CA VAL C 232 61.16 -0.09 14.16
C VAL C 232 60.37 1.13 13.71
N SER C 233 61.07 2.22 13.43
CA SER C 233 60.45 3.51 13.19
C SER C 233 60.78 3.99 11.79
N ALA C 234 59.75 4.06 10.94
CA ALA C 234 59.86 4.68 9.62
C ALA C 234 58.76 5.74 9.57
N THR C 235 59.09 6.92 10.08
CA THR C 235 58.09 7.96 10.29
C THR C 235 57.76 8.61 8.96
N ALA C 236 56.99 9.71 9.01
CA ALA C 236 56.49 10.31 7.78
C ALA C 236 57.60 10.90 6.94
N SER C 237 58.60 11.51 7.59
CA SER C 237 59.64 12.23 6.84
C SER C 237 60.57 11.27 6.12
N ASP C 238 60.84 10.10 6.69
CA ASP C 238 61.83 9.20 6.12
C ASP C 238 61.46 8.82 4.69
N ALA C 239 62.47 8.81 3.82
CA ALA C 239 62.24 8.63 2.40
C ALA C 239 61.33 7.43 2.14
N ALA C 240 60.61 7.48 1.04
CA ALA C 240 59.64 6.42 0.75
C ALA C 240 60.23 5.03 0.83
N PRO C 241 61.44 4.75 0.35
CA PRO C 241 61.95 3.38 0.46
C PRO C 241 62.01 2.88 1.89
N LEU C 242 62.36 3.73 2.85
CA LEU C 242 62.41 3.27 4.23
C LEU C 242 61.02 2.91 4.74
N GLN C 243 60.00 3.67 4.37
CA GLN C 243 58.66 3.29 4.74
C GLN C 243 58.24 1.98 4.08
N TYR C 244 58.66 1.77 2.83
CA TYR C 244 58.35 0.52 2.16
C TYR C 244 59.08 -0.66 2.77
N LEU C 245 60.22 -0.42 3.40
CA LEU C 245 61.06 -1.50 3.91
C LEU C 245 60.91 -1.73 5.41
N ALA C 246 60.26 -0.83 6.14
CA ALA C 246 60.13 -1.05 7.57
C ALA C 246 59.43 -2.34 7.91
N PRO C 247 58.28 -2.67 7.32
CA PRO C 247 57.60 -3.91 7.73
C PRO C 247 58.44 -5.15 7.54
N TYR C 248 59.24 -5.20 6.47
CA TYR C 248 60.08 -6.38 6.27
C TYR C 248 61.21 -6.42 7.29
N SER C 249 61.78 -5.28 7.63
CA SER C 249 62.80 -5.26 8.67
C SER C 249 62.23 -5.76 9.98
N GLY C 250 61.06 -5.27 10.36
CA GLY C 250 60.46 -5.76 11.59
C GLY C 250 60.15 -7.24 11.52
N CYS C 251 59.62 -7.71 10.40
CA CYS C 251 59.27 -9.11 10.29
C CYS C 251 60.50 -9.99 10.36
N SER C 252 61.66 -9.50 9.89
CA SER C 252 62.88 -10.29 10.01
C SER C 252 63.40 -10.29 11.43
N MET C 253 63.38 -9.13 12.10
CA MET C 253 63.76 -9.11 13.50
C MET C 253 62.89 -10.04 14.32
N GLY C 254 61.63 -10.23 13.91
CA GLY C 254 60.77 -11.18 14.60
C GLY C 254 60.97 -12.61 14.17
N GLU C 255 61.30 -12.84 12.90
CA GLU C 255 61.60 -14.19 12.44
C GLU C 255 62.82 -14.74 13.15
N TYR C 256 63.73 -13.87 13.59
CA TYR C 256 64.85 -14.38 14.37
C TYR C 256 64.36 -15.09 15.62
N PHE C 257 63.46 -14.46 16.37
CA PHE C 257 62.90 -15.11 17.55
C PHE C 257 62.08 -16.33 17.18
N ARG C 258 61.29 -16.23 16.11
CA ARG C 258 60.45 -17.37 15.73
C ARG C 258 61.28 -18.60 15.44
N ASP C 259 62.38 -18.43 14.69
CA ASP C 259 63.20 -19.59 14.33
C ASP C 259 63.81 -20.22 15.58
N ASN C 260 64.28 -19.41 16.51
CA ASN C 260 65.04 -19.89 17.65
C ASN C 260 64.16 -20.36 18.80
N GLY C 261 62.91 -20.69 18.55
CA GLY C 261 62.09 -21.30 19.57
C GLY C 261 61.53 -20.35 20.60
N LYS C 262 61.63 -19.05 20.39
CA LYS C 262 61.03 -18.05 21.27
C LYS C 262 59.87 -17.41 20.55
N HIS C 263 58.74 -17.29 21.23
CA HIS C 263 57.57 -16.68 20.63
C HIS C 263 57.81 -15.20 20.44
N ALA C 264 57.04 -14.60 19.54
CA ALA C 264 57.20 -13.19 19.21
C ALA C 264 55.86 -12.62 18.79
N LEU C 265 55.86 -11.34 18.45
CA LEU C 265 54.67 -10.63 18.03
C LEU C 265 55.13 -9.48 17.16
N ILE C 266 54.22 -8.94 16.36
CA ILE C 266 54.59 -7.81 15.51
C ILE C 266 53.32 -7.08 15.12
N ILE C 267 53.41 -5.75 15.12
CA ILE C 267 52.24 -4.88 14.96
C ILE C 267 52.61 -3.85 13.91
N TYR C 268 52.25 -4.11 12.65
CA TYR C 268 52.45 -3.11 11.61
C TYR C 268 51.39 -2.03 11.76
N ASP C 269 51.80 -0.77 11.77
CA ASP C 269 50.91 0.30 12.18
C ASP C 269 51.30 1.59 11.47
N ASP C 270 50.68 1.89 10.33
CA ASP C 270 49.67 1.08 9.65
C ASP C 270 50.31 0.40 8.47
N LEU C 271 49.54 -0.46 7.78
CA LEU C 271 50.03 -1.08 6.56
C LEU C 271 49.67 -0.27 5.33
N SER C 272 48.51 0.38 5.32
CA SER C 272 48.13 1.19 4.17
C SER C 272 49.20 2.21 3.83
N LYS C 273 49.89 2.74 4.83
CA LYS C 273 50.95 3.70 4.57
C LYS C 273 52.13 3.04 3.87
N GLN C 274 52.37 1.76 4.13
CA GLN C 274 53.38 1.05 3.35
C GLN C 274 52.96 0.92 1.90
N ALA C 275 51.67 0.67 1.65
CA ALA C 275 51.21 0.59 0.28
C ALA C 275 51.38 1.92 -0.43
N VAL C 276 51.12 3.03 0.26
CA VAL C 276 51.34 4.34 -0.34
C VAL C 276 52.81 4.56 -0.64
N ALA C 277 53.69 4.22 0.32
CA ALA C 277 55.12 4.39 0.09
C ALA C 277 55.59 3.58 -1.11
N TYR C 278 55.13 2.34 -1.20
CA TYR C 278 55.47 1.51 -2.35
C TYR C 278 54.94 2.10 -3.64
N ARG C 279 53.72 2.64 -3.62
CA ARG C 279 53.18 3.23 -4.84
C ARG C 279 54.06 4.38 -5.30
N GLN C 280 54.47 5.23 -4.37
CA GLN C 280 55.36 6.32 -4.77
C GLN C 280 56.65 5.76 -5.34
N MET C 281 57.28 4.85 -4.61
CA MET C 281 58.57 4.33 -5.02
C MET C 281 58.50 3.63 -6.37
N SER C 282 57.34 3.10 -6.74
CA SER C 282 57.18 2.38 -7.99
C SER C 282 56.68 3.25 -9.12
N LEU C 283 56.04 4.38 -8.83
CA LEU C 283 55.69 5.33 -9.86
C LEU C 283 56.87 6.23 -10.21
N LEU C 284 57.85 6.34 -9.33
CA LEU C 284 59.05 7.11 -9.65
C LEU C 284 60.09 6.29 -10.39
N LEU C 285 60.02 4.96 -10.32
CA LEU C 285 60.83 4.09 -11.17
C LEU C 285 60.23 3.93 -12.56
N ARG C 286 59.15 4.65 -12.87
CA ARG C 286 58.49 4.63 -14.15
C ARG C 286 57.74 3.34 -14.42
N ARG C 287 57.61 2.47 -13.43
CA ARG C 287 56.77 1.30 -13.60
C ARG C 287 55.31 1.74 -13.76
N PRO C 288 54.56 1.13 -14.67
CA PRO C 288 53.20 1.63 -14.94
C PRO C 288 52.30 1.42 -13.73
N PRO C 289 51.25 2.22 -13.60
CA PRO C 289 50.34 2.05 -12.45
C PRO C 289 49.24 1.03 -12.71
N GLY C 290 48.44 0.77 -11.68
CA GLY C 290 47.33 -0.16 -11.78
C GLY C 290 46.03 0.45 -11.29
N ARG C 291 45.39 -0.16 -10.31
CA ARG C 291 44.17 0.40 -9.74
C ARG C 291 44.50 1.44 -8.68
N GLU C 292 43.75 2.53 -8.68
CA GLU C 292 44.02 3.67 -7.80
C GLU C 292 45.48 4.10 -7.87
N ALA C 293 46.14 3.83 -8.98
CA ALA C 293 47.53 4.16 -9.24
C ALA C 293 48.50 3.25 -8.50
N TYR C 294 48.02 2.33 -7.67
CA TYR C 294 48.92 1.38 -7.05
C TYR C 294 49.53 0.48 -8.11
N PRO C 295 50.76 0.04 -7.91
CA PRO C 295 51.31 -0.97 -8.82
C PRO C 295 50.44 -2.22 -8.78
N GLY C 296 50.69 -3.12 -9.72
CA GLY C 296 49.89 -4.33 -9.75
C GLY C 296 50.14 -5.24 -8.58
N ASP C 297 51.25 -5.08 -7.88
CA ASP C 297 51.73 -6.07 -6.92
C ASP C 297 51.32 -5.78 -5.48
N VAL C 298 50.54 -4.74 -5.21
CA VAL C 298 50.27 -4.39 -3.82
C VAL C 298 49.63 -5.55 -3.08
N PHE C 299 49.23 -6.60 -3.81
CA PHE C 299 48.88 -7.83 -3.12
C PHE C 299 50.14 -8.60 -2.75
N TYR C 300 50.91 -9.02 -3.75
CA TYR C 300 52.15 -9.72 -3.45
C TYR C 300 53.06 -8.95 -2.53
N LEU C 301 52.81 -7.66 -2.31
CA LEU C 301 53.57 -6.91 -1.34
C LEU C 301 53.18 -7.28 0.08
N HIS C 302 51.88 -7.37 0.36
CA HIS C 302 51.40 -7.67 1.70
C HIS C 302 51.36 -9.15 2.00
N SER C 303 51.06 -9.98 1.00
CA SER C 303 51.05 -11.42 1.22
C SER C 303 52.45 -11.93 1.51
N ARG C 304 53.41 -11.57 0.66
CA ARG C 304 54.81 -11.89 0.91
C ARG C 304 55.20 -11.62 2.35
N LEU C 305 54.64 -10.57 2.95
CA LEU C 305 54.95 -10.15 4.31
C LEU C 305 54.21 -10.95 5.36
N LEU C 306 52.89 -11.03 5.22
CA LEU C 306 52.07 -11.64 6.25
C LEU C 306 52.23 -13.14 6.29
N GLU C 307 52.50 -13.78 5.17
CA GLU C 307 52.67 -15.22 5.19
C GLU C 307 53.87 -15.66 5.99
N ARG C 308 54.65 -14.74 6.54
CA ARG C 308 55.77 -15.11 7.39
C ARG C 308 55.37 -15.35 8.83
N ALA C 309 54.18 -14.92 9.23
CA ALA C 309 53.68 -15.14 10.58
C ALA C 309 53.28 -16.60 10.71
N ALA C 310 54.17 -17.42 11.24
CA ALA C 310 53.99 -18.85 11.30
C ALA C 310 53.88 -19.33 12.74
N LYS C 311 53.67 -20.62 12.90
CA LYS C 311 53.73 -21.31 14.19
C LYS C 311 54.48 -22.61 13.92
N MET C 312 55.80 -22.56 14.05
CA MET C 312 56.61 -23.71 13.68
C MET C 312 56.30 -24.89 14.60
N ASN C 313 56.45 -26.10 14.07
CA ASN C 313 56.16 -27.30 14.83
C ASN C 313 57.28 -27.51 15.84
N ASP C 314 57.26 -28.65 16.51
CA ASP C 314 58.22 -28.92 17.56
C ASP C 314 59.53 -29.48 17.04
N ALA C 315 59.61 -29.86 15.77
CA ALA C 315 60.88 -30.21 15.16
C ALA C 315 61.63 -28.99 14.66
N PHE C 316 60.98 -27.83 14.61
CA PHE C 316 61.61 -26.59 14.18
C PHE C 316 61.70 -25.57 15.31
N GLY C 317 61.51 -25.99 16.55
CA GLY C 317 61.70 -25.11 17.69
C GLY C 317 60.43 -24.82 18.44
N GLY C 318 59.32 -24.64 17.73
CA GLY C 318 58.08 -24.25 18.37
C GLY C 318 57.91 -22.77 18.54
N GLY C 319 58.65 -21.95 17.79
CA GLY C 319 58.50 -20.51 17.89
C GLY C 319 57.17 -20.06 17.34
N SER C 320 57.06 -18.77 17.02
CA SER C 320 55.83 -18.25 16.46
C SER C 320 56.07 -16.78 16.14
N LEU C 321 55.18 -16.22 15.34
CA LEU C 321 55.22 -14.78 15.07
C LEU C 321 53.79 -14.33 14.77
N THR C 322 53.13 -13.82 15.79
CA THR C 322 51.80 -13.27 15.60
C THR C 322 51.90 -11.91 14.93
N ALA C 323 51.12 -11.69 13.88
CA ALA C 323 51.12 -10.42 13.17
C ALA C 323 49.78 -9.73 13.38
N LEU C 324 49.83 -8.42 13.59
CA LEU C 324 48.62 -7.62 13.82
C LEU C 324 48.61 -6.43 12.89
N PRO C 325 48.51 -6.65 11.59
CA PRO C 325 48.47 -5.54 10.65
C PRO C 325 47.30 -4.61 10.97
N VAL C 326 47.55 -3.31 10.85
CA VAL C 326 46.55 -2.29 11.14
C VAL C 326 46.30 -1.52 9.85
N ILE C 327 45.08 -1.57 9.36
CA ILE C 327 44.67 -0.82 8.17
C ILE C 327 43.75 0.30 8.61
N GLU C 328 43.66 1.34 7.79
CA GLU C 328 42.70 2.41 7.99
C GLU C 328 41.83 2.55 6.75
N THR C 329 40.54 2.27 6.91
CA THR C 329 39.59 2.45 5.83
C THR C 329 39.19 3.91 5.73
N GLN C 330 38.87 4.34 4.52
CA GLN C 330 38.50 5.72 4.24
C GLN C 330 36.99 5.84 4.29
N ALA C 331 36.47 6.43 5.37
CA ALA C 331 35.03 6.61 5.54
C ALA C 331 34.33 5.27 5.76
N GLY C 332 34.93 4.40 6.58
CA GLY C 332 34.33 3.11 6.83
C GLY C 332 34.10 2.33 5.57
N ASP C 333 35.06 2.33 4.66
CA ASP C 333 34.95 1.69 3.35
C ASP C 333 35.82 0.44 3.38
N VAL C 334 35.24 -0.66 3.85
CA VAL C 334 35.95 -1.93 3.87
C VAL C 334 36.07 -2.53 2.47
N SER C 335 35.28 -2.04 1.53
CA SER C 335 35.31 -2.53 0.16
C SER C 335 36.22 -1.73 -0.73
N ALA C 336 37.23 -1.07 -0.17
CA ALA C 336 38.19 -0.33 -0.97
C ALA C 336 39.18 -1.32 -1.55
N TYR C 337 40.29 -0.83 -2.09
CA TYR C 337 41.24 -1.72 -2.73
C TYR C 337 42.13 -2.42 -1.72
N ILE C 338 42.86 -1.67 -0.91
CA ILE C 338 43.86 -2.24 -0.02
C ILE C 338 43.20 -2.91 1.19
N PRO C 339 42.14 -2.34 1.76
CA PRO C 339 41.45 -3.08 2.83
C PRO C 339 40.99 -4.46 2.39
N THR C 340 40.50 -4.61 1.17
CA THR C 340 40.11 -5.94 0.71
C THR C 340 41.29 -6.76 0.21
N ASN C 341 42.41 -6.12 -0.09
CA ASN C 341 43.62 -6.88 -0.37
C ASN C 341 44.16 -7.52 0.89
N VAL C 342 44.04 -6.85 2.03
CA VAL C 342 44.57 -7.43 3.26
C VAL C 342 43.54 -8.31 3.97
N ILE C 343 42.25 -7.98 3.86
CA ILE C 343 41.25 -8.79 4.54
C ILE C 343 41.27 -10.22 4.05
N SER C 344 41.70 -10.45 2.82
CA SER C 344 41.74 -11.79 2.25
C SER C 344 43.08 -12.47 2.49
N ILE C 345 43.96 -11.88 3.28
CA ILE C 345 45.28 -12.42 3.52
C ILE C 345 45.39 -12.91 4.95
N THR C 346 44.61 -12.32 5.84
CA THR C 346 44.72 -12.57 7.27
C THR C 346 43.71 -13.62 7.72
N ASP C 347 43.87 -14.04 8.98
CA ASP C 347 43.08 -15.12 9.55
C ASP C 347 41.88 -14.63 10.33
N GLY C 348 41.55 -13.36 10.23
CA GLY C 348 40.39 -12.84 10.93
C GLY C 348 40.26 -11.36 10.72
N GLN C 349 39.55 -10.71 11.64
CA GLN C 349 39.39 -9.27 11.60
C GLN C 349 39.07 -8.78 12.99
N ILE C 350 39.30 -7.49 13.23
CA ILE C 350 38.78 -6.82 14.39
C ILE C 350 38.21 -5.49 13.91
N PHE C 351 36.92 -5.46 13.62
CA PHE C 351 36.34 -4.30 12.94
C PHE C 351 36.05 -3.24 13.97
N LEU C 352 36.93 -2.26 14.09
CA LEU C 352 36.68 -1.09 14.91
C LEU C 352 35.70 -0.20 14.17
N GLU C 353 34.53 0.03 14.75
CA GLU C 353 33.52 0.89 14.18
C GLU C 353 33.58 2.26 14.83
N THR C 354 33.49 3.31 14.01
CA THR C 354 33.48 4.66 14.53
C THR C 354 32.08 5.10 14.94
N GLU C 355 31.07 4.27 14.72
CA GLU C 355 29.73 4.49 15.25
C GLU C 355 29.58 3.94 16.66
N LEU C 356 30.06 2.72 16.91
CA LEU C 356 30.11 2.19 18.26
C LEU C 356 31.06 2.99 19.14
N PHE C 357 31.99 3.72 18.55
CA PHE C 357 32.99 4.44 19.33
C PHE C 357 32.43 5.67 20.00
N TYR C 358 31.27 6.15 19.55
CA TYR C 358 30.58 7.27 20.17
C TYR C 358 29.39 6.81 20.99
N LYS C 359 28.57 5.92 20.44
CA LYS C 359 27.38 5.43 21.14
C LYS C 359 27.75 4.86 22.51
N GLY C 360 29.04 4.72 22.77
CA GLY C 360 29.50 4.42 24.11
C GLY C 360 30.55 3.34 24.14
N ILE C 361 30.45 2.38 23.24
CA ILE C 361 31.32 1.21 23.28
C ILE C 361 32.75 1.63 22.99
N ARG C 362 33.63 1.54 24.00
CA ARG C 362 35.06 1.62 23.78
C ARG C 362 35.64 0.46 24.56
N PRO C 363 36.54 -0.35 23.96
CA PRO C 363 37.05 -0.26 22.59
C PRO C 363 35.95 -0.58 21.60
N ALA C 364 36.00 0.05 20.43
CA ALA C 364 34.87 0.04 19.51
C ALA C 364 34.73 -1.27 18.77
N ILE C 365 35.40 -2.33 19.22
CA ILE C 365 35.40 -3.60 18.51
C ILE C 365 33.97 -3.96 18.14
N ASN C 366 33.73 -4.19 16.85
CA ASN C 366 32.40 -4.54 16.37
C ASN C 366 32.32 -6.06 16.32
N VAL C 367 31.54 -6.63 17.22
CA VAL C 367 31.35 -8.07 17.22
C VAL C 367 30.28 -8.45 16.21
N GLY C 368 30.29 -9.71 15.80
CA GLY C 368 29.41 -10.18 14.75
C GLY C 368 30.05 -10.02 13.41
N LEU C 369 30.78 -8.93 13.20
CA LEU C 369 31.63 -8.76 12.03
C LEU C 369 33.07 -9.16 12.28
N SER C 370 33.49 -9.24 13.54
CA SER C 370 34.86 -9.58 13.87
C SER C 370 34.97 -11.09 14.03
N VAL C 371 35.57 -11.75 13.05
CA VAL C 371 35.75 -13.18 13.07
C VAL C 371 37.20 -13.48 13.40
N SER C 372 37.45 -14.72 13.81
CA SER C 372 38.81 -15.24 14.01
C SER C 372 38.84 -16.66 13.46
N ARG C 373 39.19 -16.77 12.18
CA ARG C 373 39.08 -18.03 11.45
C ARG C 373 39.78 -19.18 12.17
N VAL C 374 40.66 -18.88 13.13
CA VAL C 374 41.15 -19.90 14.05
C VAL C 374 40.24 -19.89 15.26
N GLY C 375 40.22 -18.77 15.97
CA GLY C 375 39.23 -18.58 17.01
C GLY C 375 39.32 -19.54 18.18
N SER C 376 38.32 -20.40 18.32
CA SER C 376 38.07 -21.06 19.60
C SER C 376 39.25 -21.90 20.03
N ALA C 377 39.87 -22.63 19.11
CA ALA C 377 40.98 -23.50 19.48
C ALA C 377 42.07 -22.74 20.21
N ALA C 378 42.23 -21.45 19.93
CA ALA C 378 43.26 -20.66 20.58
C ALA C 378 42.94 -20.41 22.05
N GLN C 379 41.66 -20.25 22.37
CA GLN C 379 41.26 -19.77 23.68
C GLN C 379 41.73 -20.71 24.78
N THR C 380 41.58 -20.25 26.01
CA THR C 380 41.88 -21.03 27.20
C THR C 380 40.57 -21.54 27.79
N ARG C 381 40.58 -22.81 28.21
CA ARG C 381 39.35 -23.47 28.62
C ARG C 381 38.57 -22.63 29.63
N ALA C 382 39.26 -22.06 30.61
CA ALA C 382 38.58 -21.26 31.61
C ALA C 382 37.74 -20.17 30.95
N MET C 383 38.35 -19.42 30.04
CA MET C 383 37.61 -18.34 29.39
C MET C 383 36.62 -18.88 28.37
N LYS C 384 36.90 -20.06 27.80
CA LYS C 384 35.98 -20.65 26.84
C LYS C 384 34.65 -20.97 27.51
N GLN C 385 34.70 -21.48 28.74
CA GLN C 385 33.47 -21.86 29.43
C GLN C 385 32.44 -20.73 29.41
N VAL C 386 32.88 -19.51 29.69
CA VAL C 386 31.95 -18.38 29.78
C VAL C 386 31.76 -17.71 28.43
N ALA C 387 32.82 -17.62 27.61
CA ALA C 387 32.70 -16.95 26.32
C ALA C 387 31.73 -17.68 25.41
N GLY C 388 31.66 -19.01 25.50
CA GLY C 388 30.71 -19.73 24.67
C GLY C 388 29.28 -19.25 24.91
N THR C 389 28.91 -19.10 26.18
CA THR C 389 27.56 -18.63 26.50
C THR C 389 27.39 -17.17 26.16
N MET C 390 28.43 -16.37 26.40
CA MET C 390 28.34 -14.94 26.12
C MET C 390 28.11 -14.69 24.63
N LYS C 391 28.76 -15.48 23.78
CA LYS C 391 28.55 -15.34 22.35
C LYS C 391 27.07 -15.45 22.00
N LEU C 392 26.41 -16.50 22.48
CA LEU C 392 25.00 -16.69 22.15
C LEU C 392 24.14 -15.60 22.75
N GLU C 393 24.38 -15.23 24.01
CA GLU C 393 23.55 -14.22 24.64
C GLU C 393 23.66 -12.90 23.90
N LEU C 394 24.87 -12.50 23.53
CA LEU C 394 25.05 -11.24 22.81
C LEU C 394 24.48 -11.33 21.40
N ALA C 395 24.59 -12.49 20.75
CA ALA C 395 24.01 -12.61 19.42
C ALA C 395 22.51 -12.40 19.47
N GLN C 396 21.84 -13.07 20.42
CA GLN C 396 20.40 -12.86 20.57
C GLN C 396 20.10 -11.41 20.88
N TYR C 397 20.87 -10.79 21.77
CA TYR C 397 20.62 -9.40 22.10
C TYR C 397 20.72 -8.51 20.87
N ARG C 398 21.78 -8.68 20.08
CA ARG C 398 21.96 -7.87 18.90
C ARG C 398 20.88 -8.15 17.85
N GLU C 399 20.25 -9.31 17.89
CA GLU C 399 19.09 -9.52 17.02
C GLU C 399 17.94 -8.61 17.44
N VAL C 400 17.80 -8.35 18.75
CA VAL C 400 16.70 -7.56 19.27
C VAL C 400 17.23 -6.39 20.09
N ALA C 401 18.41 -5.88 19.72
CA ALA C 401 18.93 -4.68 20.35
C ALA C 401 18.54 -3.40 19.62
N ALA C 402 17.68 -3.52 18.61
CA ALA C 402 17.33 -2.41 17.73
C ALA C 402 16.04 -1.73 18.16
N PHE C 403 15.86 -1.56 19.47
CA PHE C 403 14.57 -1.17 20.05
C PHE C 403 14.64 0.00 21.01
N ALA C 404 15.45 1.02 20.71
CA ALA C 404 15.12 2.34 21.22
C ALA C 404 13.79 2.81 20.67
N GLN C 405 13.33 2.20 19.57
CA GLN C 405 12.06 2.56 18.96
C GLN C 405 10.89 2.32 19.89
N PHE C 406 10.94 1.27 20.71
CA PHE C 406 9.82 0.93 21.59
C PHE C 406 10.34 0.37 22.90
N LEU C 410 7.46 -4.59 27.43
CA LEU C 410 7.90 -5.63 26.53
C LEU C 410 7.73 -7.01 27.15
N ASP C 411 7.82 -8.04 26.30
CA ASP C 411 7.63 -9.41 26.75
C ASP C 411 8.59 -9.72 27.90
N ALA C 412 8.30 -10.77 28.67
CA ALA C 412 9.20 -11.15 29.76
C ALA C 412 10.55 -11.58 29.23
N ALA C 413 10.56 -12.53 28.28
CA ALA C 413 11.83 -13.05 27.77
C ALA C 413 12.58 -11.98 26.99
N THR C 414 11.88 -11.22 26.14
CA THR C 414 12.54 -10.18 25.38
C THR C 414 13.09 -9.10 26.30
N GLN C 415 12.34 -8.73 27.33
CA GLN C 415 12.85 -7.76 28.29
C GLN C 415 14.09 -8.27 28.99
N GLN C 416 14.07 -9.55 29.39
CA GLN C 416 15.24 -10.13 30.03
C GLN C 416 16.42 -10.12 29.09
N LEU C 417 16.19 -10.45 27.82
CA LEU C 417 17.28 -10.48 26.84
C LEU C 417 17.89 -9.10 26.66
N LEU C 418 17.03 -8.08 26.54
CA LEU C 418 17.55 -6.72 26.40
C LEU C 418 18.37 -6.32 27.62
N SER C 419 17.87 -6.63 28.81
CA SER C 419 18.60 -6.28 30.03
C SER C 419 19.95 -7.00 30.08
N ARG C 420 19.94 -8.30 29.79
CA ARG C 420 21.19 -9.07 29.85
C ARG C 420 22.18 -8.58 28.81
N GLY C 421 21.70 -8.26 27.62
CA GLY C 421 22.59 -7.71 26.61
C GLY C 421 23.21 -6.41 27.05
N VAL C 422 22.41 -5.53 27.65
CA VAL C 422 22.96 -4.27 28.14
C VAL C 422 24.03 -4.54 29.18
N ARG C 423 23.76 -5.47 30.11
CA ARG C 423 24.74 -5.78 31.14
C ARG C 423 26.05 -6.25 30.52
N LEU C 424 25.98 -7.21 29.60
CA LEU C 424 27.19 -7.75 29.01
C LEU C 424 27.94 -6.70 28.20
N THR C 425 27.22 -5.89 27.42
CA THR C 425 27.86 -4.82 26.67
C THR C 425 28.61 -3.89 27.61
N GLU C 426 27.97 -3.45 28.69
CA GLU C 426 28.64 -2.57 29.63
C GLU C 426 29.86 -3.25 30.23
N LEU C 427 29.83 -4.58 30.39
CA LEU C 427 31.00 -5.27 30.89
C LEU C 427 32.14 -5.22 29.88
N LEU C 428 31.83 -5.35 28.60
CA LEU C 428 32.91 -5.41 27.60
C LEU C 428 33.73 -4.14 27.61
N LYS C 429 33.10 -2.98 27.83
CA LYS C 429 33.83 -1.72 27.85
C LYS C 429 35.06 -1.83 28.73
N GLN C 430 36.07 -1.03 28.43
CA GLN C 430 37.33 -1.11 29.16
C GLN C 430 38.03 0.23 29.11
N GLY C 431 38.93 0.43 30.07
CA GLY C 431 39.71 1.65 30.15
C GLY C 431 40.72 1.72 29.03
N GLN C 432 41.82 2.45 29.25
CA GLN C 432 42.87 2.59 28.26
C GLN C 432 44.22 2.30 28.88
N TYR C 433 45.03 1.50 28.21
CA TYR C 433 46.34 1.09 28.72
C TYR C 433 46.20 0.45 30.10
N SER C 434 45.09 -0.24 30.32
CA SER C 434 44.85 -0.98 31.56
C SER C 434 44.38 -2.38 31.23
N PRO C 435 45.24 -3.18 30.59
CA PRO C 435 44.88 -4.58 30.34
C PRO C 435 44.70 -5.33 31.65
N MET C 436 43.80 -6.30 31.63
CA MET C 436 43.47 -7.07 32.83
C MET C 436 43.77 -8.54 32.57
N ALA C 437 44.33 -9.20 33.59
CA ALA C 437 44.72 -10.61 33.47
C ALA C 437 43.55 -11.46 33.02
N ILE C 438 43.84 -12.66 32.52
CA ILE C 438 42.77 -13.52 32.02
C ILE C 438 41.91 -14.04 33.16
N GLU C 439 42.50 -14.32 34.32
CA GLU C 439 41.70 -14.78 35.45
C GLU C 439 40.68 -13.73 35.86
N GLU C 440 41.08 -12.46 35.89
CA GLU C 440 40.14 -11.40 36.22
C GLU C 440 39.06 -11.25 35.17
N GLN C 441 39.44 -11.38 33.89
CA GLN C 441 38.44 -11.33 32.84
C GLN C 441 37.42 -12.45 33.01
N VAL C 442 37.89 -13.66 33.34
CA VAL C 442 36.97 -14.76 33.55
C VAL C 442 36.08 -14.47 34.74
N ALA C 443 36.64 -13.94 35.82
CA ALA C 443 35.82 -13.59 36.97
C ALA C 443 34.69 -12.65 36.57
N VAL C 444 35.02 -11.55 35.90
CA VAL C 444 34.01 -10.56 35.58
C VAL C 444 32.98 -11.12 34.60
N ILE C 445 33.46 -11.81 33.56
CA ILE C 445 32.54 -12.34 32.55
C ILE C 445 31.62 -13.38 33.16
N TYR C 446 32.16 -14.23 34.04
CA TYR C 446 31.36 -15.23 34.71
C TYR C 446 30.30 -14.57 35.58
N ALA C 447 30.68 -13.51 36.30
CA ALA C 447 29.69 -12.76 37.07
C ALA C 447 28.57 -12.30 36.16
N GLY C 448 28.92 -11.70 35.03
CA GLY C 448 27.90 -11.13 34.16
C GLY C 448 27.00 -12.18 33.52
N VAL C 449 27.59 -13.27 33.04
CA VAL C 449 26.82 -14.24 32.25
C VAL C 449 26.07 -15.24 33.11
N ARG C 450 26.26 -15.20 34.43
CA ARG C 450 25.56 -16.10 35.34
C ARG C 450 24.34 -15.46 35.97
N GLY C 451 23.93 -14.29 35.50
CA GLY C 451 22.72 -13.66 36.00
C GLY C 451 22.87 -12.91 37.30
N TYR C 452 24.09 -12.78 37.82
CA TYR C 452 24.33 -12.03 39.04
C TYR C 452 24.54 -10.54 38.79
N LEU C 453 24.02 -10.03 37.68
CA LEU C 453 23.99 -8.60 37.42
C LEU C 453 22.64 -8.08 36.96
N ASP C 454 21.72 -8.93 36.56
CA ASP C 454 20.54 -8.47 35.82
C ASP C 454 19.64 -7.60 36.65
N LYS C 455 19.99 -7.20 37.86
CA LYS C 455 19.19 -6.27 38.64
C LYS C 455 19.85 -4.90 38.80
N LEU C 456 21.15 -4.78 38.54
CA LEU C 456 21.83 -3.51 38.72
C LEU C 456 21.46 -2.53 37.63
N GLU C 457 21.58 -1.24 37.96
CA GLU C 457 21.32 -0.20 36.98
C GLU C 457 22.28 -0.34 35.80
N PRO C 458 21.82 -0.14 34.57
CA PRO C 458 22.73 -0.31 33.42
C PRO C 458 23.99 0.52 33.52
N SER C 459 23.89 1.75 34.02
CA SER C 459 25.06 2.61 34.14
C SER C 459 25.86 2.35 35.40
N LYS C 460 25.36 1.53 36.32
CA LYS C 460 26.13 1.19 37.52
C LYS C 460 27.23 0.19 37.22
N ILE C 461 27.00 -0.70 36.25
CA ILE C 461 27.90 -1.83 35.99
C ILE C 461 29.33 -1.35 36.10
N THR C 462 29.68 -0.31 35.35
CA THR C 462 31.04 0.18 35.30
C THR C 462 31.64 0.23 36.70
N LYS C 463 31.10 1.08 37.57
CA LYS C 463 31.69 1.21 38.90
C LYS C 463 31.76 -0.15 39.57
N PHE C 464 30.64 -0.87 39.61
CA PHE C 464 30.65 -2.22 40.17
C PHE C 464 31.85 -2.97 39.62
N GLU C 465 31.89 -3.14 38.29
CA GLU C 465 32.97 -3.87 37.66
C GLU C 465 34.29 -3.45 38.26
N ASN C 466 34.62 -2.16 38.14
CA ASN C 466 35.88 -1.68 38.68
C ASN C 466 36.05 -2.13 40.12
N ALA C 467 35.13 -1.71 40.98
CA ALA C 467 35.24 -2.05 42.39
C ALA C 467 35.41 -3.55 42.56
N PHE C 468 34.58 -4.33 41.86
CA PHE C 468 34.65 -5.77 42.01
C PHE C 468 36.09 -6.26 41.86
N LEU C 469 36.76 -5.82 40.79
CA LEU C 469 38.13 -6.24 40.57
C LEU C 469 38.94 -6.14 41.85
N SER C 470 38.99 -4.93 42.43
CA SER C 470 39.84 -4.74 43.60
C SER C 470 39.54 -5.79 44.65
N HIS C 471 38.27 -6.01 44.95
CA HIS C 471 37.92 -7.00 45.95
C HIS C 471 38.54 -8.34 45.63
N VAL C 472 38.28 -8.85 44.43
CA VAL C 472 38.82 -10.16 44.08
C VAL C 472 40.33 -10.10 43.95
N ILE C 473 40.87 -8.93 43.60
CA ILE C 473 42.32 -8.80 43.57
C ILE C 473 42.87 -8.81 44.98
N SER C 474 42.11 -8.32 45.95
CA SER C 474 42.62 -8.17 47.31
C SER C 474 42.55 -9.49 48.08
N GLN C 475 41.34 -10.01 48.27
CA GLN C 475 41.14 -11.13 49.18
C GLN C 475 41.34 -12.47 48.52
N HIS C 476 40.79 -12.67 47.32
CA HIS C 476 40.68 -14.00 46.72
C HIS C 476 41.77 -14.25 45.68
N GLN C 477 42.99 -13.78 45.93
CA GLN C 477 44.08 -14.12 45.02
C GLN C 477 44.24 -15.63 44.89
N ALA C 478 43.83 -16.39 45.90
CA ALA C 478 43.92 -17.84 45.83
C ALA C 478 43.03 -18.40 44.72
N LEU C 479 41.78 -17.91 44.63
CA LEU C 479 40.87 -18.43 43.62
C LEU C 479 41.34 -18.07 42.21
N LEU C 480 41.74 -16.82 42.02
CA LEU C 480 42.26 -16.43 40.71
C LEU C 480 43.49 -17.24 40.36
N GLY C 481 44.38 -17.46 41.33
CA GLY C 481 45.55 -18.29 41.08
C GLY C 481 45.16 -19.71 40.70
N LYS C 482 44.11 -20.24 41.34
CA LYS C 482 43.65 -21.59 41.01
C LYS C 482 43.15 -21.65 39.57
N ILE C 483 42.32 -20.68 39.18
CA ILE C 483 41.83 -20.67 37.80
C ILE C 483 43.00 -20.52 36.84
N ARG C 484 43.94 -19.62 37.13
CA ARG C 484 45.05 -19.38 36.22
C ARG C 484 45.90 -20.63 36.06
N THR C 485 46.20 -21.31 37.16
CA THR C 485 47.09 -22.47 37.10
C THR C 485 46.41 -23.66 36.45
N ASP C 486 45.16 -23.94 36.84
CA ASP C 486 44.46 -25.09 36.30
C ASP C 486 43.84 -24.80 34.93
N GLY C 487 43.71 -23.54 34.56
CA GLY C 487 43.23 -23.19 33.24
C GLY C 487 41.76 -23.40 33.01
N LYS C 488 41.01 -23.88 34.01
CA LYS C 488 39.59 -24.10 33.84
C LYS C 488 38.88 -23.83 35.16
N ILE C 489 37.59 -23.53 35.07
CA ILE C 489 36.78 -23.27 36.25
C ILE C 489 36.34 -24.59 36.83
N SER C 490 37.11 -25.13 37.77
CA SER C 490 36.72 -26.34 38.46
C SER C 490 35.36 -26.15 39.10
N GLU C 491 34.72 -27.28 39.43
CA GLU C 491 33.44 -27.20 40.13
C GLU C 491 33.61 -26.56 41.50
N GLU C 492 34.68 -26.91 42.21
CA GLU C 492 35.01 -26.19 43.43
C GLU C 492 35.31 -24.73 43.13
N SER C 493 36.06 -24.48 42.07
CA SER C 493 36.34 -23.11 41.67
C SER C 493 35.05 -22.37 41.35
N ASP C 494 34.14 -23.03 40.64
CA ASP C 494 32.86 -22.41 40.32
C ASP C 494 32.08 -22.08 41.58
N ALA C 495 32.06 -23.01 42.55
CA ALA C 495 31.33 -22.77 43.78
C ALA C 495 31.89 -21.57 44.52
N LYS C 496 33.22 -21.52 44.68
CA LYS C 496 33.82 -20.41 45.39
C LYS C 496 33.59 -19.09 44.66
N LEU C 497 33.69 -19.11 43.33
CA LEU C 497 33.46 -17.91 42.54
C LEU C 497 32.03 -17.40 42.74
N LYS C 498 31.06 -18.31 42.68
CA LYS C 498 29.67 -17.92 42.85
C LYS C 498 29.45 -17.35 44.25
N GLU C 499 30.05 -17.97 45.25
CA GLU C 499 29.93 -17.46 46.61
C GLU C 499 30.48 -16.04 46.71
N ILE C 500 31.65 -15.80 46.10
CA ILE C 500 32.23 -14.46 46.14
C ILE C 500 31.29 -13.47 45.45
N VAL C 501 30.79 -13.85 44.28
CA VAL C 501 29.96 -12.92 43.50
C VAL C 501 28.73 -12.54 44.29
N THR C 502 28.07 -13.53 44.91
CA THR C 502 26.85 -13.23 45.64
C THR C 502 27.14 -12.44 46.90
N ASN C 503 28.16 -12.85 47.66
CA ASN C 503 28.49 -12.15 48.89
C ASN C 503 28.95 -10.72 48.63
N PHE C 504 29.44 -10.44 47.43
CA PHE C 504 29.80 -9.08 47.07
C PHE C 504 28.60 -8.29 46.57
N LEU C 505 27.81 -8.88 45.68
CA LEU C 505 26.64 -8.20 45.16
C LEU C 505 25.73 -7.76 46.30
N ALA C 506 25.45 -8.67 47.23
CA ALA C 506 24.72 -8.28 48.43
C ALA C 506 25.50 -7.26 49.23
N GLY C 507 26.83 -7.35 49.22
CA GLY C 507 27.68 -6.36 49.84
C GLY C 507 27.92 -5.13 49.01
N PHE C 508 27.30 -5.06 47.84
CA PHE C 508 27.42 -3.90 46.97
C PHE C 508 26.36 -2.86 47.33
N THR D 13 70.28 -24.67 -25.93
CA THR D 13 70.96 -23.41 -26.18
C THR D 13 71.33 -22.73 -24.87
N THR D 14 71.78 -21.48 -24.94
CA THR D 14 72.18 -20.76 -23.74
C THR D 14 72.17 -19.27 -24.02
N GLY D 15 71.31 -18.54 -23.31
CA GLY D 15 71.23 -17.10 -23.40
C GLY D 15 71.73 -16.42 -22.15
N ARG D 16 71.52 -15.11 -22.11
CA ARG D 16 71.97 -14.29 -20.99
C ARG D 16 70.82 -13.42 -20.52
N ILE D 17 70.80 -13.12 -19.24
CA ILE D 17 69.82 -12.18 -18.70
C ILE D 17 70.28 -10.77 -19.06
N VAL D 18 69.39 -9.99 -19.68
CA VAL D 18 69.70 -8.62 -19.98
C VAL D 18 68.96 -7.64 -19.08
N ALA D 19 67.78 -7.99 -18.57
CA ALA D 19 67.10 -7.07 -17.67
C ALA D 19 66.31 -7.85 -16.64
N VAL D 20 66.19 -7.29 -15.44
CA VAL D 20 65.42 -7.90 -14.37
C VAL D 20 64.56 -6.84 -13.71
N ILE D 21 63.31 -6.70 -14.14
CA ILE D 21 62.41 -5.67 -13.63
C ILE D 21 61.33 -6.36 -12.83
N GLY D 22 61.28 -6.12 -11.54
CA GLY D 22 60.28 -6.77 -10.72
C GLY D 22 60.46 -8.27 -10.78
N ALA D 23 59.42 -8.97 -11.23
CA ALA D 23 59.47 -10.41 -11.44
C ALA D 23 59.34 -10.75 -12.91
N VAL D 24 59.98 -9.97 -13.76
CA VAL D 24 60.01 -10.20 -15.20
C VAL D 24 61.45 -10.05 -15.67
N VAL D 25 61.96 -11.10 -16.30
CA VAL D 25 63.35 -11.17 -16.72
C VAL D 25 63.41 -11.21 -18.23
N ASP D 26 64.14 -10.28 -18.84
CA ASP D 26 64.37 -10.28 -20.27
C ASP D 26 65.73 -10.91 -20.54
N VAL D 27 65.74 -11.93 -21.37
CA VAL D 27 66.89 -12.77 -21.65
C VAL D 27 67.23 -12.66 -23.12
N GLN D 28 68.49 -12.39 -23.44
CA GLN D 28 68.93 -12.23 -24.81
C GLN D 28 69.63 -13.49 -25.28
N PHE D 29 69.25 -13.98 -26.45
CA PHE D 29 69.80 -15.19 -27.04
C PHE D 29 70.60 -14.86 -28.28
N ASP D 30 71.73 -15.54 -28.46
CA ASP D 30 72.49 -15.46 -29.69
C ASP D 30 72.25 -16.66 -30.60
N GLU D 31 71.98 -17.82 -30.00
CA GLU D 31 71.58 -19.01 -30.74
C GLU D 31 70.09 -18.90 -31.08
N GLY D 32 69.49 -20.00 -31.51
CA GLY D 32 68.06 -19.97 -31.82
C GLY D 32 67.23 -19.69 -30.58
N LEU D 33 66.25 -18.81 -30.75
CA LEU D 33 65.36 -18.47 -29.64
C LEU D 33 64.56 -19.69 -29.22
N PRO D 34 64.14 -19.76 -27.96
CA PRO D 34 63.23 -20.81 -27.55
C PRO D 34 61.79 -20.40 -27.78
N PRO D 35 60.94 -21.31 -28.25
CA PRO D 35 59.55 -20.94 -28.52
C PRO D 35 58.88 -20.41 -27.26
N ILE D 36 57.69 -19.85 -27.45
CA ILE D 36 56.93 -19.35 -26.31
C ILE D 36 56.49 -20.53 -25.45
N LEU D 37 56.40 -20.29 -24.15
CA LEU D 37 56.01 -21.23 -23.10
C LEU D 37 57.14 -22.18 -22.72
N ASN D 38 58.29 -22.13 -23.37
CA ASN D 38 59.37 -23.01 -22.95
C ASN D 38 59.75 -22.69 -21.50
N ALA D 39 60.59 -23.55 -20.93
CA ALA D 39 61.12 -23.35 -19.60
C ALA D 39 62.62 -23.12 -19.70
N LEU D 40 63.09 -22.10 -19.01
CA LEU D 40 64.50 -21.74 -18.99
C LEU D 40 65.02 -21.90 -17.57
N GLU D 41 66.16 -22.53 -17.42
CA GLU D 41 66.78 -22.72 -16.11
C GLU D 41 67.89 -21.70 -15.94
N VAL D 42 67.77 -20.85 -14.95
CA VAL D 42 68.80 -19.88 -14.65
C VAL D 42 69.92 -20.58 -13.90
N GLN D 43 71.14 -20.48 -14.41
CA GLN D 43 72.26 -21.20 -13.83
C GLN D 43 72.84 -20.45 -12.64
N GLY D 44 73.44 -21.21 -11.72
CA GLY D 44 74.08 -20.62 -10.58
C GLY D 44 73.14 -20.23 -9.46
N ARG D 45 71.97 -20.83 -9.41
CA ARG D 45 70.97 -20.55 -8.37
C ARG D 45 70.90 -21.73 -7.41
N GLU D 46 70.96 -21.43 -6.12
CA GLU D 46 70.94 -22.49 -5.12
C GLU D 46 69.63 -23.26 -5.17
N THR D 47 68.52 -22.56 -5.33
CA THR D 47 67.22 -23.18 -5.55
C THR D 47 66.86 -23.03 -7.02
N ARG D 48 66.43 -24.12 -7.64
CA ARG D 48 66.10 -24.11 -9.06
C ARG D 48 65.16 -22.96 -9.38
N LEU D 49 65.62 -22.04 -10.23
CA LEU D 49 64.81 -20.94 -10.71
C LEU D 49 64.45 -21.21 -12.17
N VAL D 50 63.16 -21.27 -12.46
CA VAL D 50 62.66 -21.59 -13.78
C VAL D 50 61.87 -20.40 -14.28
N LEU D 51 62.26 -19.88 -15.44
CA LEU D 51 61.52 -18.83 -16.11
C LEU D 51 60.68 -19.45 -17.23
N GLU D 52 59.54 -18.83 -17.51
CA GLU D 52 58.74 -19.21 -18.68
C GLU D 52 58.75 -18.08 -19.68
N VAL D 53 59.11 -18.41 -20.92
CA VAL D 53 59.05 -17.43 -21.99
C VAL D 53 57.60 -17.04 -22.25
N ALA D 54 57.37 -15.74 -22.46
CA ALA D 54 56.03 -15.26 -22.71
C ALA D 54 55.97 -14.24 -23.85
N GLN D 55 57.09 -13.88 -24.45
CA GLN D 55 57.11 -12.93 -25.56
C GLN D 55 58.38 -13.13 -26.35
N HIS D 56 58.44 -12.47 -27.50
CA HIS D 56 59.67 -12.36 -28.30
C HIS D 56 59.81 -10.89 -28.66
N LEU D 57 60.55 -10.16 -27.83
CA LEU D 57 60.62 -8.71 -27.98
C LEU D 57 61.30 -8.26 -29.26
N GLY D 58 61.75 -9.17 -30.12
CA GLY D 58 62.47 -8.74 -31.29
C GLY D 58 63.90 -8.40 -30.94
N GLU D 59 64.81 -8.52 -31.91
CA GLU D 59 66.23 -8.36 -31.67
C GLU D 59 66.82 -9.53 -30.88
N SER D 60 66.32 -10.72 -31.14
CA SER D 60 66.84 -11.94 -30.53
C SER D 60 66.75 -11.89 -29.00
N THR D 61 65.67 -11.30 -28.51
CA THR D 61 65.39 -11.22 -27.09
C THR D 61 64.11 -11.96 -26.78
N VAL D 62 63.95 -12.39 -25.53
CA VAL D 62 62.71 -12.94 -25.04
C VAL D 62 62.44 -12.32 -23.68
N ARG D 63 61.18 -12.31 -23.29
CA ARG D 63 60.76 -11.82 -21.99
C ARG D 63 60.08 -12.97 -21.26
N THR D 64 60.42 -13.15 -19.99
CA THR D 64 60.05 -14.36 -19.27
C THR D 64 59.56 -14.00 -17.88
N ILE D 65 58.53 -14.71 -17.43
CA ILE D 65 58.06 -14.54 -16.06
C ILE D 65 58.70 -15.61 -15.19
N ALA D 66 59.21 -15.20 -14.04
CA ALA D 66 59.99 -16.08 -13.18
C ALA D 66 59.08 -16.74 -12.15
N MET D 67 59.32 -18.02 -11.90
CA MET D 67 58.52 -18.81 -10.97
C MET D 67 59.04 -18.78 -9.55
N ASP D 68 60.11 -18.04 -9.29
CA ASP D 68 60.64 -17.89 -7.95
C ASP D 68 61.17 -16.48 -7.79
N GLY D 69 61.44 -16.09 -6.55
CA GLY D 69 61.94 -14.75 -6.31
C GLY D 69 63.17 -14.46 -7.14
N THR D 70 63.23 -13.26 -7.69
CA THR D 70 64.36 -12.83 -8.51
C THR D 70 65.44 -12.12 -7.71
N GLU D 71 65.54 -12.39 -6.42
CA GLU D 71 66.61 -11.82 -5.63
C GLU D 71 67.92 -12.51 -5.97
N GLY D 72 68.96 -11.71 -6.21
CA GLY D 72 70.26 -12.23 -6.52
C GLY D 72 70.55 -12.40 -8.00
N LEU D 73 69.57 -12.26 -8.87
CA LEU D 73 69.84 -12.33 -10.30
C LEU D 73 70.78 -11.20 -10.70
N VAL D 74 71.77 -11.52 -11.52
CA VAL D 74 72.77 -10.57 -11.96
C VAL D 74 72.69 -10.45 -13.47
N ARG D 75 72.64 -9.22 -13.97
CA ARG D 75 72.64 -9.00 -15.40
C ARG D 75 73.81 -9.72 -16.04
N GLY D 76 73.51 -10.70 -16.88
CA GLY D 76 74.52 -11.48 -17.57
C GLY D 76 74.56 -12.93 -17.17
N GLN D 77 73.79 -13.36 -16.17
CA GLN D 77 73.76 -14.75 -15.80
C GLN D 77 73.37 -15.61 -16.99
N LYS D 78 74.02 -16.76 -17.13
CA LYS D 78 73.72 -17.67 -18.22
C LYS D 78 72.46 -18.45 -17.92
N VAL D 79 71.65 -18.67 -18.95
CA VAL D 79 70.33 -19.28 -18.83
C VAL D 79 70.22 -20.39 -19.87
N LEU D 80 69.86 -21.58 -19.44
CA LEU D 80 69.78 -22.76 -20.29
C LEU D 80 68.35 -23.00 -20.74
N ASP D 81 68.14 -23.12 -22.04
CA ASP D 81 66.83 -23.44 -22.56
C ASP D 81 66.56 -24.93 -22.38
N SER D 82 65.51 -25.26 -21.61
CA SER D 82 65.19 -26.66 -21.37
C SER D 82 64.86 -27.38 -22.66
N GLY D 83 63.93 -26.84 -23.43
CA GLY D 83 63.53 -27.44 -24.68
C GLY D 83 62.03 -27.60 -24.82
N ALA D 84 61.36 -27.89 -23.71
CA ALA D 84 59.92 -28.12 -23.71
C ALA D 84 59.32 -27.39 -22.51
N PRO D 85 58.02 -27.11 -22.54
CA PRO D 85 57.41 -26.34 -21.44
C PRO D 85 57.67 -27.01 -20.11
N ILE D 86 57.30 -26.35 -19.01
CA ILE D 86 57.48 -26.92 -17.69
C ILE D 86 56.90 -28.33 -17.70
N ARG D 87 57.74 -29.32 -17.40
CA ARG D 87 57.33 -30.71 -17.33
C ARG D 87 57.33 -31.16 -15.87
N ILE D 88 56.27 -31.85 -15.48
CA ILE D 88 56.09 -32.25 -14.09
C ILE D 88 55.85 -33.75 -14.03
N PRO D 89 56.18 -34.42 -12.93
CA PRO D 89 55.86 -35.84 -12.82
C PRO D 89 54.37 -36.06 -12.75
N VAL D 90 53.93 -37.20 -13.27
CA VAL D 90 52.53 -37.62 -13.12
C VAL D 90 52.51 -39.14 -13.00
N GLY D 91 51.37 -39.67 -12.58
CA GLY D 91 51.22 -41.07 -12.33
C GLY D 91 50.66 -41.32 -10.94
N PRO D 92 50.50 -42.57 -10.58
CA PRO D 92 50.01 -42.87 -9.24
C PRO D 92 51.10 -42.75 -8.19
N GLU D 93 52.27 -42.26 -8.58
CA GLU D 93 53.36 -41.99 -7.65
C GLU D 93 53.34 -40.56 -7.14
N THR D 94 52.41 -39.74 -7.61
CA THR D 94 52.20 -38.38 -7.09
C THR D 94 50.99 -38.30 -6.19
N LEU D 95 50.57 -39.42 -5.61
CA LEU D 95 49.41 -39.45 -4.74
C LEU D 95 49.86 -39.32 -3.30
N GLY D 96 49.30 -38.34 -2.60
CA GLY D 96 49.78 -38.04 -1.26
C GLY D 96 51.08 -37.28 -1.23
N ARG D 97 51.49 -36.68 -2.34
CA ARG D 97 52.73 -35.92 -2.42
C ARG D 97 52.39 -34.49 -2.79
N ILE D 98 52.74 -33.55 -1.91
CA ILE D 98 52.57 -32.15 -2.23
C ILE D 98 53.59 -31.76 -3.29
N MET D 99 53.24 -30.78 -4.12
CA MET D 99 54.09 -30.40 -5.24
C MET D 99 54.10 -28.90 -5.41
N ASN D 100 55.21 -28.40 -5.97
CA ASN D 100 55.33 -27.01 -6.35
C ASN D 100 54.61 -26.76 -7.67
N VAL D 101 54.69 -25.52 -8.14
CA VAL D 101 54.19 -25.21 -9.47
C VAL D 101 54.96 -25.98 -10.52
N ILE D 102 56.22 -26.33 -10.25
CA ILE D 102 57.07 -27.03 -11.20
C ILE D 102 57.25 -28.50 -10.82
N GLY D 103 56.32 -29.05 -10.06
CA GLY D 103 56.37 -30.45 -9.72
C GLY D 103 57.70 -30.85 -9.11
N GLU D 104 57.99 -30.35 -7.92
CA GLU D 104 59.12 -30.82 -7.15
C GLU D 104 58.64 -30.88 -5.71
N PRO D 105 58.83 -32.00 -5.02
CA PRO D 105 58.16 -32.20 -3.73
C PRO D 105 58.54 -31.12 -2.74
N ILE D 106 57.55 -30.65 -1.99
CA ILE D 106 57.76 -29.73 -0.88
C ILE D 106 57.31 -30.32 0.44
N ASP D 107 57.23 -31.65 0.52
CA ASP D 107 56.86 -32.33 1.74
C ASP D 107 58.04 -33.01 2.41
N GLU D 108 59.26 -32.73 1.97
CA GLU D 108 60.46 -33.30 2.57
C GLU D 108 60.30 -34.81 2.73
N ARG D 109 60.09 -35.48 1.60
CA ARG D 109 59.99 -36.93 1.59
C ARG D 109 60.71 -37.54 0.39
N GLY D 110 61.54 -36.79 -0.30
CA GLY D 110 62.36 -37.33 -1.35
C GLY D 110 61.69 -37.25 -2.70
N PRO D 111 62.48 -37.37 -3.77
CA PRO D 111 61.95 -37.16 -5.12
C PRO D 111 60.70 -37.96 -5.41
N ILE D 112 59.98 -37.57 -6.46
CA ILE D 112 58.78 -38.25 -6.91
C ILE D 112 59.24 -39.21 -8.00
N LYS D 113 59.38 -40.48 -7.65
CA LYS D 113 59.86 -41.49 -8.59
C LYS D 113 58.71 -41.88 -9.50
N THR D 114 58.72 -41.36 -10.72
CA THR D 114 57.66 -41.61 -11.69
C THR D 114 58.26 -42.11 -12.99
N LYS D 115 57.39 -42.43 -13.94
CA LYS D 115 57.80 -42.83 -15.28
C LYS D 115 57.31 -41.89 -16.36
N GLN D 116 56.27 -41.10 -16.11
CA GLN D 116 55.71 -40.20 -17.10
C GLN D 116 55.82 -38.76 -16.62
N PHE D 117 56.35 -37.90 -17.48
CA PHE D 117 56.35 -36.47 -17.28
C PHE D 117 55.36 -35.85 -18.25
N ALA D 118 54.62 -34.85 -17.79
CA ALA D 118 53.64 -34.18 -18.63
C ALA D 118 53.92 -32.69 -18.63
N ALA D 119 53.63 -32.05 -19.77
CA ALA D 119 53.85 -30.63 -19.93
C ALA D 119 52.56 -29.88 -19.60
N ILE D 120 52.67 -28.84 -18.79
CA ILE D 120 51.47 -28.26 -18.20
C ILE D 120 50.62 -27.56 -19.25
N HIS D 121 51.23 -27.03 -20.30
CA HIS D 121 50.51 -26.28 -21.33
C HIS D 121 50.06 -27.24 -22.42
N ALA D 122 48.86 -27.78 -22.26
CA ALA D 122 48.26 -28.68 -23.23
C ALA D 122 47.10 -27.98 -23.92
N GLU D 123 46.35 -28.72 -24.72
CA GLU D 123 45.21 -28.20 -25.46
C GLU D 123 43.91 -28.76 -24.89
N ALA D 124 42.84 -28.03 -25.14
CA ALA D 124 41.54 -28.46 -24.67
C ALA D 124 41.02 -29.60 -25.54
N PRO D 125 40.17 -30.48 -24.99
CA PRO D 125 39.53 -31.48 -25.83
C PRO D 125 38.67 -30.83 -26.89
N GLU D 126 38.69 -31.42 -28.09
CA GLU D 126 37.95 -30.87 -29.21
C GLU D 126 36.47 -31.16 -29.05
N PHE D 127 35.66 -30.48 -29.87
CA PHE D 127 34.21 -30.61 -29.74
C PHE D 127 33.74 -32.04 -29.93
N VAL D 128 34.42 -32.81 -30.79
CA VAL D 128 33.99 -34.16 -31.06
C VAL D 128 34.13 -35.05 -29.83
N GLU D 129 34.97 -34.67 -28.88
CA GLU D 129 35.25 -35.49 -27.70
C GLU D 129 34.33 -35.20 -26.53
N MET D 130 33.51 -34.15 -26.60
CA MET D 130 32.73 -33.76 -25.45
C MET D 130 31.69 -34.82 -25.11
N SER D 131 31.43 -34.98 -23.82
CA SER D 131 30.44 -35.92 -23.32
C SER D 131 29.20 -35.14 -22.90
N VAL D 132 28.04 -35.54 -23.42
CA VAL D 132 26.82 -34.76 -23.28
C VAL D 132 25.91 -35.31 -22.20
N GLU D 133 26.38 -36.28 -21.41
CA GLU D 133 25.58 -36.89 -20.36
C GLU D 133 25.74 -36.12 -19.06
N GLN D 134 24.70 -36.15 -18.24
CA GLN D 134 24.73 -35.46 -16.96
C GLN D 134 23.72 -36.10 -16.03
N GLU D 135 24.13 -36.32 -14.79
CA GLU D 135 23.27 -36.94 -13.79
C GLU D 135 23.65 -36.44 -12.41
N ILE D 136 22.64 -36.23 -11.58
CA ILE D 136 22.79 -35.53 -10.30
C ILE D 136 23.86 -36.17 -9.44
N LEU D 137 24.49 -35.37 -8.60
CA LEU D 137 25.45 -35.82 -7.60
C LEU D 137 24.90 -35.50 -6.22
N VAL D 138 25.14 -36.38 -5.26
CA VAL D 138 24.58 -36.26 -3.93
C VAL D 138 25.71 -35.86 -2.99
N THR D 139 25.72 -34.59 -2.58
CA THR D 139 26.72 -34.07 -1.67
C THR D 139 26.28 -34.13 -0.21
N GLY D 140 25.06 -34.56 0.07
CA GLY D 140 24.59 -34.59 1.44
C GLY D 140 24.52 -33.23 2.09
N ILE D 141 24.17 -32.20 1.32
CA ILE D 141 23.95 -30.86 1.85
C ILE D 141 22.58 -30.41 1.38
N LYS D 142 21.74 -29.96 2.32
CA LYS D 142 20.35 -29.70 2.01
C LYS D 142 20.23 -28.67 0.88
N VAL D 143 20.74 -27.46 1.10
CA VAL D 143 20.52 -26.39 0.13
C VAL D 143 21.11 -26.75 -1.22
N VAL D 144 22.35 -27.26 -1.21
CA VAL D 144 23.02 -27.58 -2.47
C VAL D 144 22.26 -28.68 -3.21
N ASP D 145 21.94 -29.77 -2.53
CA ASP D 145 21.26 -30.88 -3.17
C ASP D 145 19.84 -30.52 -3.59
N LEU D 146 19.26 -29.47 -3.02
CA LEU D 146 17.88 -29.14 -3.35
C LEU D 146 17.80 -28.12 -4.48
N LEU D 147 18.34 -26.93 -4.27
CA LEU D 147 18.13 -25.83 -5.21
C LEU D 147 19.18 -25.75 -6.30
N ALA D 148 20.29 -26.46 -6.16
CA ALA D 148 21.38 -26.36 -7.11
C ALA D 148 22.08 -27.70 -7.24
N PRO D 149 21.38 -28.75 -7.64
CA PRO D 149 22.01 -30.08 -7.64
C PRO D 149 23.26 -30.09 -8.52
N TYR D 150 24.28 -30.79 -8.04
CA TYR D 150 25.58 -30.81 -8.69
C TYR D 150 25.63 -31.93 -9.69
N ALA D 151 25.87 -31.60 -10.95
CA ALA D 151 26.03 -32.62 -11.97
C ALA D 151 27.30 -33.41 -11.71
N LYS D 152 27.23 -34.72 -11.86
CA LYS D 152 28.42 -35.53 -11.77
C LYS D 152 29.31 -35.26 -12.97
N GLY D 153 30.60 -35.09 -12.72
CA GLY D 153 31.51 -34.80 -13.81
C GLY D 153 31.17 -33.51 -14.52
N GLY D 154 30.90 -32.46 -13.75
CA GLY D 154 30.60 -31.15 -14.32
C GLY D 154 31.18 -30.03 -13.50
N LYS D 155 31.64 -28.97 -14.16
CA LYS D 155 32.30 -27.87 -13.47
C LYS D 155 31.36 -27.20 -12.49
N ILE D 156 31.87 -26.90 -11.30
CA ILE D 156 31.09 -26.38 -10.18
C ILE D 156 31.86 -25.23 -9.57
N GLY D 157 31.17 -24.18 -9.18
CA GLY D 157 31.81 -23.00 -8.63
C GLY D 157 31.18 -22.58 -7.33
N LEU D 158 32.00 -22.07 -6.42
CA LEU D 158 31.57 -21.65 -5.10
C LEU D 158 31.92 -20.18 -4.95
N PHE D 159 31.04 -19.31 -5.42
CA PHE D 159 31.34 -17.89 -5.41
C PHE D 159 31.22 -17.37 -3.98
N GLY D 160 31.36 -16.07 -3.81
CA GLY D 160 31.20 -15.47 -2.49
C GLY D 160 32.44 -14.78 -2.01
N GLY D 161 32.28 -13.72 -1.22
CA GLY D 161 33.39 -12.87 -0.87
C GLY D 161 34.33 -13.57 0.09
N ALA D 162 34.93 -12.82 1.01
CA ALA D 162 35.83 -13.38 2.00
C ALA D 162 35.07 -13.66 3.29
N GLY D 163 35.43 -14.77 3.94
CA GLY D 163 34.87 -15.07 5.24
C GLY D 163 33.43 -15.51 5.23
N VAL D 164 32.92 -16.04 4.11
CA VAL D 164 31.54 -16.47 4.03
C VAL D 164 31.46 -17.99 4.25
N GLY D 165 32.52 -18.71 3.91
CA GLY D 165 32.51 -20.14 4.10
C GLY D 165 32.92 -20.98 2.90
N LYS D 166 33.65 -20.39 1.95
CA LYS D 166 34.08 -21.15 0.79
C LYS D 166 34.98 -22.30 1.19
N THR D 167 35.99 -22.04 2.02
CA THR D 167 36.94 -23.08 2.38
C THR D 167 36.29 -24.15 3.22
N VAL D 168 35.41 -23.77 4.15
CA VAL D 168 34.72 -24.78 4.94
C VAL D 168 33.85 -25.64 4.04
N LEU D 169 33.19 -25.02 3.06
CA LEU D 169 32.33 -25.80 2.17
C LEU D 169 33.14 -26.77 1.33
N ILE D 170 34.29 -26.34 0.82
CA ILE D 170 35.13 -27.29 0.09
C ILE D 170 35.68 -28.35 1.02
N MET D 171 35.95 -28.02 2.28
CA MET D 171 36.38 -29.04 3.21
C MET D 171 35.29 -30.09 3.37
N GLU D 172 34.03 -29.64 3.42
CA GLU D 172 32.92 -30.59 3.50
C GLU D 172 32.83 -31.44 2.25
N LEU D 173 32.97 -30.84 1.08
CA LEU D 173 32.87 -31.62 -0.13
C LEU D 173 34.00 -32.64 -0.22
N ILE D 174 35.20 -32.26 0.23
CA ILE D 174 36.30 -33.22 0.28
C ILE D 174 35.96 -34.35 1.24
N ASN D 175 35.47 -34.00 2.43
CA ASN D 175 35.18 -35.00 3.44
C ASN D 175 34.14 -35.99 2.96
N ASN D 176 33.08 -35.50 2.31
CA ASN D 176 32.00 -36.38 1.86
C ASN D 176 32.37 -37.12 0.59
N VAL D 177 32.57 -36.38 -0.50
CA VAL D 177 32.67 -37.02 -1.81
C VAL D 177 33.99 -37.77 -1.93
N ALA D 178 35.08 -37.21 -1.42
CA ALA D 178 36.39 -37.79 -1.68
C ALA D 178 36.44 -39.25 -1.26
N LYS D 179 36.27 -39.51 0.04
CA LYS D 179 36.38 -40.89 0.53
C LYS D 179 35.34 -41.80 -0.12
N ALA D 180 34.11 -41.32 -0.23
CA ALA D 180 33.05 -42.09 -0.86
C ALA D 180 33.19 -42.17 -2.37
N HIS D 181 34.30 -41.71 -2.92
CA HIS D 181 34.53 -41.70 -4.36
C HIS D 181 35.64 -42.68 -4.69
N GLY D 182 35.38 -43.55 -5.66
CA GLY D 182 36.34 -44.58 -6.02
C GLY D 182 37.63 -44.01 -6.59
N GLY D 183 37.53 -43.36 -7.74
CA GLY D 183 38.70 -42.88 -8.44
C GLY D 183 39.51 -41.89 -7.62
N TYR D 184 40.64 -41.46 -8.20
CA TYR D 184 41.59 -40.64 -7.48
C TYR D 184 41.01 -39.25 -7.26
N SER D 185 41.81 -38.36 -6.70
CA SER D 185 41.39 -36.99 -6.47
C SER D 185 42.62 -36.10 -6.43
N VAL D 186 42.41 -34.81 -6.66
CA VAL D 186 43.48 -33.84 -6.69
C VAL D 186 42.99 -32.55 -6.04
N PHE D 187 43.85 -31.91 -5.27
CA PHE D 187 43.55 -30.61 -4.67
C PHE D 187 44.67 -29.65 -5.03
N ALA D 188 44.35 -28.62 -5.80
CA ALA D 188 45.35 -27.70 -6.33
C ALA D 188 45.11 -26.33 -5.72
N GLY D 189 45.65 -26.11 -4.53
CA GLY D 189 45.52 -24.82 -3.88
C GLY D 189 46.30 -23.76 -4.64
N VAL D 190 45.61 -22.72 -5.08
CA VAL D 190 46.20 -21.63 -5.85
C VAL D 190 46.10 -20.38 -5.00
N GLY D 191 47.22 -19.87 -4.55
CA GLY D 191 47.24 -18.56 -3.91
C GLY D 191 46.30 -18.44 -2.74
N GLU D 192 46.32 -19.40 -1.83
CA GLU D 192 45.56 -19.30 -0.59
C GLU D 192 46.48 -19.57 0.60
N ARG D 193 45.97 -19.28 1.79
CA ARG D 193 46.81 -19.23 2.98
C ARG D 193 47.61 -20.50 3.14
N THR D 194 48.89 -20.35 3.49
CA THR D 194 49.73 -21.51 3.72
C THR D 194 49.32 -22.28 4.96
N ARG D 195 48.64 -21.63 5.90
CA ARG D 195 48.12 -22.33 7.07
C ARG D 195 47.12 -23.40 6.65
N GLU D 196 46.19 -23.03 5.77
CA GLU D 196 45.21 -24.00 5.30
C GLU D 196 45.88 -25.13 4.57
N GLY D 197 47.05 -24.90 4.01
CA GLY D 197 47.80 -25.97 3.39
C GLY D 197 48.04 -27.12 4.33
N ASN D 198 48.75 -26.90 5.44
CA ASN D 198 49.00 -28.03 6.31
C ASN D 198 47.76 -28.40 7.11
N ASP D 199 46.80 -27.50 7.28
CA ASP D 199 45.56 -27.91 7.92
C ASP D 199 44.90 -29.01 7.09
N LEU D 200 44.81 -28.81 5.78
CA LEU D 200 44.28 -29.84 4.89
C LEU D 200 45.17 -31.07 4.90
N TYR D 201 46.49 -30.88 4.87
CA TYR D 201 47.40 -32.02 4.86
C TYR D 201 47.17 -32.91 6.07
N HIS D 202 47.15 -32.32 7.26
CA HIS D 202 46.96 -33.08 8.48
C HIS D 202 45.56 -33.69 8.54
N GLU D 203 44.54 -32.95 8.12
CA GLU D 203 43.20 -33.51 8.13
C GLU D 203 43.13 -34.74 7.24
N MET D 204 43.77 -34.68 6.07
CA MET D 204 43.72 -35.80 5.15
C MET D 204 44.53 -36.97 5.68
N ILE D 205 45.67 -36.71 6.31
CA ILE D 205 46.43 -37.80 6.93
C ILE D 205 45.58 -38.49 7.98
N GLU D 206 44.88 -37.70 8.81
CA GLU D 206 44.02 -38.28 9.82
C GLU D 206 42.92 -39.13 9.19
N SER D 207 42.27 -38.61 8.15
CA SER D 207 41.24 -39.37 7.47
C SER D 207 41.79 -40.63 6.83
N GLY D 208 43.10 -40.69 6.59
CA GLY D 208 43.71 -41.82 5.94
C GLY D 208 43.74 -41.76 4.43
N VAL D 209 43.14 -40.75 3.81
CA VAL D 209 43.20 -40.65 2.35
C VAL D 209 44.64 -40.51 1.89
N ILE D 210 45.49 -39.91 2.72
CA ILE D 210 46.93 -39.86 2.47
C ILE D 210 47.60 -40.75 3.51
N ASN D 211 48.40 -41.70 3.06
CA ASN D 211 49.16 -42.58 3.94
C ASN D 211 50.64 -42.40 3.66
N LEU D 212 51.42 -42.26 4.72
CA LEU D 212 52.85 -42.09 4.61
C LEU D 212 53.60 -43.41 4.80
N LYS D 213 52.89 -44.53 4.81
CA LYS D 213 53.49 -45.85 4.96
C LYS D 213 53.29 -46.71 3.74
N ASP D 214 52.07 -46.80 3.23
CA ASP D 214 51.75 -47.62 2.06
C ASP D 214 51.41 -46.72 0.87
N ALA D 215 51.33 -47.35 -0.30
CA ALA D 215 50.90 -46.66 -1.52
C ALA D 215 49.40 -46.85 -1.71
N THR D 216 48.65 -46.40 -0.71
CA THR D 216 47.19 -46.46 -0.73
C THR D 216 46.57 -45.07 -0.67
N SER D 217 47.35 -44.03 -0.94
CA SER D 217 46.83 -42.68 -0.94
C SER D 217 45.85 -42.50 -2.09
N LYS D 218 44.91 -41.58 -1.91
CA LYS D 218 43.91 -41.31 -2.92
C LYS D 218 43.91 -39.87 -3.43
N VAL D 219 44.59 -38.96 -2.75
CA VAL D 219 44.53 -37.54 -3.08
C VAL D 219 45.93 -37.06 -3.36
N ALA D 220 46.12 -36.47 -4.54
CA ALA D 220 47.33 -35.72 -4.83
C ALA D 220 47.11 -34.27 -4.46
N LEU D 221 48.19 -33.58 -4.14
CA LEU D 221 48.13 -32.19 -3.69
C LEU D 221 49.09 -31.36 -4.52
N VAL D 222 48.68 -30.12 -4.80
CA VAL D 222 49.51 -29.15 -5.47
C VAL D 222 49.28 -27.82 -4.77
N TYR D 223 50.35 -27.05 -4.56
CA TYR D 223 50.27 -25.87 -3.71
C TYR D 223 51.09 -24.74 -4.30
N GLY D 224 50.42 -23.62 -4.57
CA GLY D 224 51.08 -22.40 -4.96
C GLY D 224 50.69 -21.29 -4.02
N GLN D 225 50.64 -21.60 -2.73
CA GLN D 225 50.06 -20.71 -1.74
C GLN D 225 50.64 -19.30 -1.86
N MET D 226 49.92 -18.33 -1.36
CA MET D 226 50.07 -16.94 -1.76
C MET D 226 51.35 -16.33 -1.35
N ASN D 227 52.34 -16.99 -0.77
CA ASN D 227 53.63 -16.38 -0.55
C ASN D 227 54.53 -16.47 -1.77
N GLU D 228 54.12 -17.20 -2.80
CA GLU D 228 54.92 -17.38 -4.00
C GLU D 228 54.79 -16.18 -4.92
N PRO D 229 55.76 -15.96 -5.81
CA PRO D 229 55.69 -14.82 -6.71
C PRO D 229 54.51 -14.94 -7.65
N PRO D 230 54.04 -13.83 -8.23
CA PRO D 230 52.88 -13.91 -9.11
C PRO D 230 53.09 -14.84 -10.28
N GLY D 231 54.32 -14.96 -10.77
CA GLY D 231 54.57 -15.87 -11.87
C GLY D 231 54.23 -17.31 -11.53
N ALA D 232 54.40 -17.69 -10.27
CA ALA D 232 54.17 -19.06 -9.83
C ALA D 232 52.78 -19.29 -9.27
N ARG D 233 51.92 -18.28 -9.27
CA ARG D 233 50.52 -18.45 -8.92
C ARG D 233 49.62 -18.51 -10.14
N ALA D 234 50.09 -18.02 -11.28
CA ALA D 234 49.34 -18.13 -12.51
C ALA D 234 49.50 -19.48 -13.17
N ARG D 235 50.41 -20.33 -12.67
CA ARG D 235 50.71 -21.60 -13.29
C ARG D 235 50.45 -22.81 -12.42
N VAL D 236 50.43 -22.65 -11.09
CA VAL D 236 50.14 -23.81 -10.24
C VAL D 236 48.78 -24.39 -10.56
N ALA D 237 47.83 -23.54 -10.98
CA ALA D 237 46.56 -24.06 -11.45
C ALA D 237 46.77 -25.04 -12.58
N LEU D 238 47.66 -24.72 -13.52
CA LEU D 238 47.91 -25.62 -14.63
C LEU D 238 48.62 -26.88 -14.18
N THR D 239 49.45 -26.81 -13.14
CA THR D 239 50.09 -28.01 -12.62
C THR D 239 49.06 -28.97 -12.05
N GLY D 240 48.21 -28.49 -11.15
CA GLY D 240 47.17 -29.36 -10.62
C GLY D 240 46.27 -29.88 -11.72
N LEU D 241 45.93 -29.01 -12.66
CA LEU D 241 45.07 -29.42 -13.77
C LEU D 241 45.75 -30.47 -14.62
N THR D 242 47.07 -30.41 -14.78
CA THR D 242 47.78 -31.42 -15.55
C THR D 242 47.77 -32.76 -14.85
N VAL D 243 47.98 -32.77 -13.53
CA VAL D 243 47.93 -34.03 -12.81
C VAL D 243 46.56 -34.67 -12.96
N ALA D 244 45.51 -33.88 -12.78
CA ALA D 244 44.16 -34.44 -12.91
C ALA D 244 43.86 -34.85 -14.34
N GLU D 245 44.37 -34.12 -15.32
CA GLU D 245 44.16 -34.47 -16.70
C GLU D 245 44.80 -35.82 -17.01
N TYR D 246 45.98 -36.08 -16.46
CA TYR D 246 46.58 -37.40 -16.62
C TYR D 246 45.72 -38.48 -15.98
N PHE D 247 45.27 -38.25 -14.75
CA PHE D 247 44.45 -39.27 -14.12
C PHE D 247 43.15 -39.51 -14.87
N ARG D 248 42.67 -38.53 -15.64
CA ARG D 248 41.49 -38.75 -16.45
C ARG D 248 41.82 -39.54 -17.71
N ASP D 249 42.78 -39.05 -18.50
CA ASP D 249 43.04 -39.64 -19.81
C ASP D 249 43.79 -40.96 -19.70
N GLN D 250 45.03 -40.92 -19.19
CA GLN D 250 45.89 -42.09 -19.26
C GLN D 250 45.42 -43.21 -18.34
N GLU D 251 44.99 -42.86 -17.13
CA GLU D 251 44.56 -43.88 -16.18
C GLU D 251 43.13 -44.34 -16.42
N GLY D 252 42.40 -43.70 -17.34
CA GLY D 252 41.05 -44.14 -17.65
C GLY D 252 40.15 -44.19 -16.43
N GLN D 253 40.28 -43.22 -15.55
CA GLN D 253 39.60 -43.19 -14.26
C GLN D 253 38.61 -42.04 -14.26
N ASP D 254 37.92 -41.88 -13.13
CA ASP D 254 37.14 -40.70 -12.83
C ASP D 254 37.85 -39.96 -11.70
N VAL D 255 37.84 -38.63 -11.77
CA VAL D 255 38.68 -37.81 -10.92
C VAL D 255 37.84 -36.71 -10.28
N LEU D 256 38.21 -36.33 -9.07
CA LEU D 256 37.74 -35.10 -8.44
C LEU D 256 38.87 -34.10 -8.49
N LEU D 257 38.56 -32.86 -8.82
CA LEU D 257 39.56 -31.82 -8.93
C LEU D 257 39.07 -30.61 -8.15
N PHE D 258 39.68 -30.35 -7.01
CA PHE D 258 39.32 -29.20 -6.18
C PHE D 258 40.36 -28.12 -6.42
N ILE D 259 39.89 -26.90 -6.62
CA ILE D 259 40.76 -25.74 -6.82
C ILE D 259 40.29 -24.65 -5.88
N ASP D 260 41.23 -23.94 -5.27
CA ASP D 260 40.87 -22.94 -4.27
C ASP D 260 42.05 -22.02 -4.04
N ASN D 261 41.93 -20.72 -4.33
CA ASN D 261 40.89 -20.13 -5.18
C ASN D 261 41.26 -20.35 -6.62
N ILE D 262 40.36 -19.98 -7.53
CA ILE D 262 40.72 -19.86 -8.93
C ILE D 262 40.56 -18.43 -9.41
N PHE D 263 40.45 -17.50 -8.45
CA PHE D 263 40.56 -16.08 -8.74
C PHE D 263 41.97 -15.56 -8.51
N ARG D 264 42.74 -16.21 -7.65
CA ARG D 264 44.14 -15.84 -7.51
C ARG D 264 44.91 -16.13 -8.78
N PHE D 265 44.37 -16.95 -9.68
CA PHE D 265 45.01 -17.18 -10.97
C PHE D 265 44.91 -15.94 -11.85
N THR D 266 43.70 -15.37 -11.96
CA THR D 266 43.55 -14.17 -12.78
C THR D 266 44.22 -12.98 -12.12
N GLN D 267 44.16 -12.90 -10.80
CA GLN D 267 44.87 -11.84 -10.09
C GLN D 267 46.36 -11.94 -10.30
N ALA D 268 46.91 -13.15 -10.22
CA ALA D 268 48.34 -13.33 -10.43
C ALA D 268 48.74 -12.99 -11.85
N GLY D 269 47.88 -13.24 -12.82
CA GLY D 269 48.14 -12.76 -14.17
C GLY D 269 48.12 -11.24 -14.24
N SER D 270 47.12 -10.62 -13.62
CA SER D 270 47.02 -9.17 -13.61
C SER D 270 48.23 -8.51 -12.99
N GLU D 271 48.86 -9.18 -12.03
CA GLU D 271 49.99 -8.56 -11.34
C GLU D 271 51.17 -8.36 -12.28
N VAL D 272 51.41 -9.30 -13.20
CA VAL D 272 52.55 -9.21 -14.10
C VAL D 272 52.19 -8.67 -15.47
N SER D 273 50.91 -8.54 -15.80
CA SER D 273 50.56 -8.10 -17.14
C SER D 273 51.17 -6.74 -17.46
N ALA D 274 51.11 -5.81 -16.51
CA ALA D 274 51.57 -4.45 -16.79
C ALA D 274 53.05 -4.43 -17.14
N LEU D 275 53.86 -5.22 -16.42
CA LEU D 275 55.29 -5.25 -16.70
C LEU D 275 55.59 -5.84 -18.07
N LEU D 276 54.72 -6.71 -18.56
CA LEU D 276 54.84 -7.23 -19.92
C LEU D 276 54.45 -6.23 -20.96
N GLY D 277 54.21 -4.98 -20.59
CA GLY D 277 53.88 -3.96 -21.56
C GLY D 277 52.55 -4.19 -22.22
N ARG D 278 51.48 -4.10 -21.45
CA ARG D 278 50.13 -4.26 -21.96
C ARG D 278 49.26 -3.16 -21.39
N ILE D 279 48.42 -2.57 -22.23
CA ILE D 279 47.50 -1.56 -21.70
C ILE D 279 46.57 -2.24 -20.71
N PRO D 280 46.21 -1.62 -19.59
CA PRO D 280 45.33 -2.29 -18.64
C PRO D 280 43.86 -2.12 -18.99
N SER D 281 43.13 -3.22 -18.89
CA SER D 281 41.74 -3.29 -19.29
C SER D 281 40.84 -2.74 -18.20
N ALA D 282 39.56 -3.10 -18.25
CA ALA D 282 38.51 -2.39 -17.53
C ALA D 282 38.88 -1.97 -16.13
N VAL D 283 39.17 -2.93 -15.25
CA VAL D 283 39.29 -2.64 -13.83
C VAL D 283 40.71 -2.93 -13.38
N GLY D 284 41.68 -2.69 -14.25
CA GLY D 284 43.04 -3.03 -13.97
C GLY D 284 43.42 -4.45 -14.32
N TYR D 285 42.46 -5.27 -14.69
CA TYR D 285 42.77 -6.62 -15.11
C TYR D 285 43.50 -6.60 -16.45
N GLN D 286 44.24 -7.66 -16.72
CA GLN D 286 44.99 -7.71 -17.96
C GLN D 286 44.03 -7.67 -19.14
N PRO D 287 44.46 -7.18 -20.29
CA PRO D 287 43.55 -7.14 -21.43
C PRO D 287 43.08 -8.52 -21.85
N THR D 288 43.87 -9.55 -21.58
CA THR D 288 43.62 -10.91 -22.05
C THR D 288 42.97 -11.77 -20.98
N LEU D 289 42.08 -11.20 -20.17
CA LEU D 289 41.51 -11.96 -19.06
C LEU D 289 40.65 -13.12 -19.57
N ALA D 290 39.72 -12.84 -20.47
CA ALA D 290 38.74 -13.84 -20.85
C ALA D 290 39.39 -15.05 -21.49
N THR D 291 40.33 -14.83 -22.41
CA THR D 291 40.92 -15.96 -23.13
C THR D 291 41.95 -16.69 -22.28
N ASP D 292 42.69 -15.98 -21.43
CA ASP D 292 43.58 -16.67 -20.51
C ASP D 292 42.80 -17.56 -19.55
N MET D 293 41.60 -17.14 -19.18
CA MET D 293 40.75 -18.02 -18.37
C MET D 293 40.12 -19.13 -19.20
N GLY D 294 39.82 -18.86 -20.47
CA GLY D 294 39.23 -19.90 -21.31
C GLY D 294 40.20 -21.01 -21.62
N THR D 295 41.45 -20.68 -21.90
CA THR D 295 42.43 -21.71 -22.22
C THR D 295 42.75 -22.60 -21.04
N MET D 296 42.36 -22.21 -19.82
CA MET D 296 42.53 -23.05 -18.64
C MET D 296 41.24 -23.75 -18.26
N GLN D 297 40.16 -23.02 -18.11
CA GLN D 297 38.89 -23.61 -17.73
C GLN D 297 38.32 -24.47 -18.79
N GLU D 298 38.96 -24.71 -19.93
CA GLU D 298 38.45 -25.65 -20.90
C GLU D 298 39.37 -26.85 -21.07
N ARG D 299 40.31 -27.06 -20.17
CA ARG D 299 40.98 -28.33 -20.01
C ARG D 299 40.44 -29.10 -18.83
N ILE D 300 39.33 -28.64 -18.25
CA ILE D 300 38.75 -29.27 -17.07
C ILE D 300 37.44 -29.98 -17.39
N THR D 301 36.89 -29.82 -18.59
CA THR D 301 35.62 -30.43 -18.91
C THR D 301 35.74 -31.95 -18.93
N THR D 302 34.63 -32.61 -18.62
CA THR D 302 34.54 -34.05 -18.79
C THR D 302 34.52 -34.38 -20.27
N THR D 303 35.18 -35.49 -20.64
CA THR D 303 35.19 -35.90 -22.03
C THR D 303 34.75 -37.35 -22.16
N LYS D 304 34.90 -37.92 -23.35
CA LYS D 304 34.53 -39.31 -23.56
C LYS D 304 35.57 -40.29 -23.07
N LYS D 305 36.79 -39.83 -22.76
CA LYS D 305 37.82 -40.70 -22.22
C LYS D 305 37.76 -40.82 -20.71
N GLY D 306 37.29 -39.80 -20.03
CA GLY D 306 37.21 -39.85 -18.58
C GLY D 306 36.35 -38.72 -18.06
N SER D 307 36.18 -38.70 -16.74
CA SER D 307 35.28 -37.75 -16.08
C SER D 307 36.05 -37.00 -15.02
N ILE D 308 35.84 -35.69 -14.95
CA ILE D 308 36.42 -34.85 -13.90
C ILE D 308 35.29 -34.05 -13.27
N THR D 309 35.11 -34.23 -11.97
CA THR D 309 34.18 -33.40 -11.20
C THR D 309 35.01 -32.31 -10.55
N SER D 310 34.90 -31.08 -11.05
CA SER D 310 35.77 -29.99 -10.66
C SER D 310 34.99 -29.04 -9.77
N VAL D 311 35.48 -28.81 -8.57
CA VAL D 311 34.89 -27.85 -7.63
C VAL D 311 35.89 -26.73 -7.43
N GLN D 312 35.50 -25.52 -7.79
CA GLN D 312 36.40 -24.37 -7.78
C GLN D 312 35.85 -23.32 -6.85
N ALA D 313 36.67 -22.88 -5.90
CA ALA D 313 36.29 -21.80 -4.99
C ALA D 313 36.69 -20.48 -5.62
N ILE D 314 35.72 -19.70 -6.04
CA ILE D 314 35.97 -18.45 -6.74
C ILE D 314 35.76 -17.30 -5.77
N TYR D 315 36.84 -16.58 -5.46
CA TYR D 315 36.73 -15.35 -4.71
C TYR D 315 35.84 -14.38 -5.45
N VAL D 316 35.42 -13.33 -4.77
CA VAL D 316 34.62 -12.27 -5.37
C VAL D 316 34.99 -10.96 -4.69
N PRO D 317 35.82 -10.11 -5.29
CA PRO D 317 36.35 -8.97 -4.55
C PRO D 317 35.24 -8.06 -4.05
N ALA D 318 35.22 -7.83 -2.75
CA ALA D 318 34.25 -6.94 -2.12
C ALA D 318 32.83 -7.41 -2.38
N ASP D 319 32.64 -8.71 -2.54
CA ASP D 319 31.30 -9.28 -2.71
C ASP D 319 30.58 -8.68 -3.91
N ASP D 320 31.34 -8.30 -4.93
CA ASP D 320 30.80 -7.72 -6.15
C ASP D 320 30.83 -8.79 -7.23
N LEU D 321 29.66 -9.38 -7.51
CA LEU D 321 29.56 -10.40 -8.54
C LEU D 321 29.62 -9.83 -9.93
N THR D 322 29.62 -8.52 -10.08
CA THR D 322 29.76 -7.87 -11.38
C THR D 322 31.20 -7.65 -11.77
N ASP D 323 32.15 -7.92 -10.89
CA ASP D 323 33.54 -7.70 -11.20
C ASP D 323 33.92 -8.57 -12.39
N PRO D 324 34.84 -8.10 -13.23
CA PRO D 324 35.19 -8.90 -14.43
C PRO D 324 35.64 -10.32 -14.13
N ALA D 325 36.31 -10.57 -13.02
CA ALA D 325 36.78 -11.93 -12.78
C ALA D 325 35.60 -12.90 -12.61
N PRO D 326 34.79 -12.77 -11.55
CA PRO D 326 33.63 -13.65 -11.44
C PRO D 326 32.64 -13.50 -12.57
N ALA D 327 32.46 -12.27 -13.08
CA ALA D 327 31.53 -12.07 -14.17
C ALA D 327 31.91 -12.90 -15.38
N THR D 328 33.21 -13.04 -15.64
CA THR D 328 33.65 -13.90 -16.72
C THR D 328 33.53 -15.37 -16.33
N THR D 329 33.92 -15.71 -15.10
CA THR D 329 33.93 -17.12 -14.71
C THR D 329 32.54 -17.72 -14.72
N PHE D 330 31.50 -16.90 -14.62
CA PHE D 330 30.15 -17.45 -14.58
C PHE D 330 29.80 -18.27 -15.82
N ALA D 331 30.47 -18.04 -16.93
CA ALA D 331 30.15 -18.73 -18.17
C ALA D 331 30.81 -20.09 -18.28
N HIS D 332 31.66 -20.46 -17.33
CA HIS D 332 32.45 -21.67 -17.39
C HIS D 332 32.03 -22.69 -16.34
N LEU D 333 30.77 -22.66 -15.90
CA LEU D 333 30.33 -23.52 -14.83
C LEU D 333 29.00 -24.16 -15.18
N ASP D 334 28.75 -25.32 -14.59
CA ASP D 334 27.44 -25.94 -14.63
C ASP D 334 26.59 -25.49 -13.44
N ALA D 335 27.09 -25.71 -12.23
CA ALA D 335 26.40 -25.35 -11.01
C ALA D 335 27.18 -24.25 -10.32
N THR D 336 26.51 -23.15 -10.00
CA THR D 336 27.12 -22.01 -9.33
C THR D 336 26.38 -21.75 -8.04
N THR D 337 27.05 -21.94 -6.91
CA THR D 337 26.43 -21.75 -5.59
C THR D 337 27.03 -20.50 -4.98
N VAL D 338 26.25 -19.42 -4.97
CA VAL D 338 26.75 -18.09 -4.64
C VAL D 338 26.54 -17.86 -3.16
N LEU D 339 27.57 -18.14 -2.36
CA LEU D 339 27.50 -17.81 -0.95
C LEU D 339 27.33 -16.31 -0.78
N SER D 340 26.53 -15.93 0.21
CA SER D 340 26.19 -14.55 0.46
C SER D 340 26.54 -14.19 1.88
N ARG D 341 27.04 -12.97 2.08
CA ARG D 341 27.33 -12.53 3.43
C ARG D 341 26.08 -12.04 4.15
N ALA D 342 25.10 -11.52 3.42
CA ALA D 342 23.85 -11.12 4.02
C ALA D 342 23.18 -12.29 4.73
N ILE D 343 23.38 -13.51 4.21
CA ILE D 343 22.79 -14.70 4.82
C ILE D 343 23.72 -15.38 5.79
N ALA D 344 25.02 -15.14 5.69
CA ALA D 344 25.97 -15.69 6.65
C ALA D 344 25.92 -14.97 7.98
N GLU D 345 25.50 -13.71 8.00
CA GLU D 345 25.42 -12.95 9.22
C GLU D 345 24.09 -13.15 9.94
N LEU D 346 23.19 -13.95 9.38
CA LEU D 346 22.03 -14.43 10.10
C LEU D 346 22.27 -15.77 10.76
N GLY D 347 23.49 -16.29 10.68
CA GLY D 347 23.78 -17.58 11.25
C GLY D 347 23.39 -18.76 10.38
N ILE D 348 22.98 -18.52 9.14
CA ILE D 348 22.54 -19.60 8.26
C ILE D 348 23.78 -20.11 7.54
N TYR D 349 24.51 -20.97 8.20
CA TYR D 349 25.66 -21.60 7.57
C TYR D 349 25.30 -23.00 7.10
N PRO D 350 25.55 -23.39 5.84
CA PRO D 350 26.26 -22.69 4.77
C PRO D 350 25.52 -21.45 4.34
N ALA D 351 26.28 -20.44 3.94
CA ALA D 351 25.72 -19.14 3.64
C ALA D 351 25.04 -19.10 2.29
N VAL D 352 24.85 -20.23 1.62
CA VAL D 352 24.42 -20.23 0.24
C VAL D 352 23.22 -19.32 0.08
N ASP D 353 23.16 -18.65 -1.06
CA ASP D 353 22.02 -17.82 -1.42
C ASP D 353 21.05 -18.67 -2.22
N PRO D 354 19.86 -18.99 -1.71
CA PRO D 354 18.97 -19.89 -2.44
C PRO D 354 18.49 -19.34 -3.76
N LEU D 355 18.60 -18.03 -3.98
CA LEU D 355 18.12 -17.41 -5.20
C LEU D 355 19.22 -17.16 -6.23
N ASP D 356 20.42 -16.79 -5.80
CA ASP D 356 21.51 -16.63 -6.76
C ASP D 356 22.04 -17.97 -7.24
N SER D 357 21.94 -19.01 -6.41
CA SER D 357 22.45 -20.32 -6.81
C SER D 357 21.70 -20.84 -8.02
N THR D 358 22.40 -21.57 -8.87
CA THR D 358 21.80 -22.08 -10.10
C THR D 358 22.47 -23.39 -10.46
N SER D 359 21.79 -24.19 -11.27
CA SER D 359 22.38 -25.41 -11.79
C SER D 359 21.79 -25.71 -13.15
N ARG D 360 22.57 -26.44 -13.94
CA ARG D 360 22.14 -26.81 -15.28
C ARG D 360 21.20 -28.02 -15.26
N ILE D 361 21.29 -28.85 -14.23
CA ILE D 361 20.50 -30.07 -14.15
C ILE D 361 19.26 -29.86 -13.29
N MET D 362 18.83 -28.62 -13.11
CA MET D 362 17.53 -28.34 -12.50
C MET D 362 16.46 -28.22 -13.59
N ASP D 363 16.22 -29.34 -14.27
CA ASP D 363 15.14 -29.47 -15.22
C ASP D 363 14.36 -30.71 -14.80
N PRO D 364 13.02 -30.67 -14.83
CA PRO D 364 12.27 -31.81 -14.30
C PRO D 364 12.63 -33.12 -14.96
N ASN D 365 13.09 -33.10 -16.21
CA ASN D 365 13.50 -34.32 -16.87
C ASN D 365 14.71 -34.97 -16.21
N ILE D 366 15.45 -34.24 -15.39
CA ILE D 366 16.68 -34.76 -14.79
C ILE D 366 16.60 -34.88 -13.29
N VAL D 367 15.56 -34.34 -12.65
CA VAL D 367 15.40 -34.47 -11.21
C VAL D 367 13.97 -34.91 -10.89
N GLY D 368 13.08 -34.83 -11.87
CA GLY D 368 11.73 -35.30 -11.68
C GLY D 368 10.81 -34.20 -11.15
N SER D 369 9.51 -34.45 -11.29
CA SER D 369 8.53 -33.42 -10.96
C SER D 369 8.54 -33.09 -9.48
N GLU D 370 8.67 -34.10 -8.62
CA GLU D 370 8.62 -33.84 -7.19
C GLU D 370 9.73 -32.88 -6.77
N HIS D 371 10.97 -33.22 -7.12
CA HIS D 371 12.11 -32.41 -6.71
C HIS D 371 12.06 -31.03 -7.35
N TYR D 372 11.77 -30.98 -8.65
CA TYR D 372 11.75 -29.70 -9.34
C TYR D 372 10.70 -28.77 -8.73
N ASP D 373 9.51 -29.29 -8.47
CA ASP D 373 8.45 -28.42 -7.97
C ASP D 373 8.67 -28.06 -6.50
N VAL D 374 9.28 -28.94 -5.72
CA VAL D 374 9.66 -28.54 -4.36
C VAL D 374 10.64 -27.38 -4.41
N ALA D 375 11.66 -27.50 -5.26
CA ALA D 375 12.66 -26.43 -5.35
C ALA D 375 12.02 -25.13 -5.81
N ARG D 376 11.17 -25.19 -6.83
CA ARG D 376 10.57 -23.96 -7.32
C ARG D 376 9.60 -23.36 -6.31
N GLY D 377 8.90 -24.18 -5.53
CA GLY D 377 8.10 -23.64 -4.45
C GLY D 377 8.95 -22.93 -3.41
N VAL D 378 10.10 -23.52 -3.08
CA VAL D 378 10.99 -22.88 -2.10
C VAL D 378 11.44 -21.53 -2.62
N GLN D 379 11.87 -21.48 -3.88
CA GLN D 379 12.34 -20.21 -4.43
C GLN D 379 11.22 -19.18 -4.49
N LYS D 380 10.03 -19.60 -4.91
CA LYS D 380 8.91 -18.67 -4.97
C LYS D 380 8.61 -18.10 -3.59
N ILE D 381 8.60 -18.92 -2.56
CA ILE D 381 8.25 -18.42 -1.24
C ILE D 381 9.34 -17.50 -0.72
N LEU D 382 10.61 -17.82 -0.97
CA LEU D 382 11.67 -16.93 -0.51
C LEU D 382 11.58 -15.57 -1.20
N GLN D 383 11.30 -15.57 -2.50
CA GLN D 383 11.16 -14.29 -3.20
C GLN D 383 9.96 -13.50 -2.69
N ASP D 384 8.84 -14.18 -2.43
CA ASP D 384 7.68 -13.48 -1.91
C ASP D 384 7.97 -12.89 -0.53
N TYR D 385 8.73 -13.61 0.30
CA TYR D 385 9.15 -13.08 1.58
C TYR D 385 10.00 -11.83 1.39
N LYS D 386 10.92 -11.86 0.43
CA LYS D 386 11.71 -10.66 0.14
C LYS D 386 10.82 -9.50 -0.24
N SER D 387 9.79 -9.76 -1.05
CA SER D 387 8.88 -8.69 -1.42
C SER D 387 8.15 -8.13 -0.20
N LEU D 388 7.70 -8.99 0.70
CA LEU D 388 6.97 -8.52 1.87
C LEU D 388 7.85 -7.71 2.80
N GLN D 389 9.14 -8.05 2.91
CA GLN D 389 9.99 -7.34 3.85
C GLN D 389 9.91 -5.83 3.65
N ASP D 390 9.78 -5.38 2.40
CA ASP D 390 9.65 -3.95 2.14
C ASP D 390 8.47 -3.36 2.90
N ILE D 391 7.37 -4.08 2.97
CA ILE D 391 6.18 -3.60 3.65
C ILE D 391 6.35 -3.71 5.16
N ILE D 392 6.78 -4.87 5.63
CA ILE D 392 7.00 -5.05 7.06
C ILE D 392 7.90 -3.97 7.60
N ALA D 393 8.75 -3.39 6.74
CA ALA D 393 9.64 -2.33 7.20
C ALA D 393 8.87 -1.09 7.63
N ILE D 394 7.73 -0.83 7.02
CA ILE D 394 6.93 0.36 7.33
C ILE D 394 5.82 -0.01 8.29
N LEU D 395 4.95 -0.93 7.88
CA LEU D 395 3.81 -1.32 8.70
C LEU D 395 4.25 -1.76 10.07
N GLY D 396 5.18 -2.69 10.14
CA GLY D 396 5.27 -3.57 11.28
C GLY D 396 4.45 -4.81 11.04
N MET D 397 4.89 -5.92 11.64
CA MET D 397 4.31 -7.20 11.29
C MET D 397 2.84 -7.31 11.66
N ASP D 398 2.39 -6.58 12.67
CA ASP D 398 1.01 -6.75 13.14
C ASP D 398 0.02 -6.33 12.06
N GLU D 399 0.23 -5.16 11.45
CA GLU D 399 -0.71 -4.63 10.48
C GLU D 399 -0.75 -5.43 9.18
N LEU D 400 0.02 -6.50 9.06
CA LEU D 400 0.03 -7.30 7.84
C LEU D 400 -1.32 -7.95 7.62
N SER D 401 -1.48 -8.62 6.48
CA SER D 401 -2.64 -9.46 6.25
C SER D 401 -2.59 -10.67 7.17
N GLU D 402 -3.59 -11.54 7.05
CA GLU D 402 -3.62 -12.78 7.80
C GLU D 402 -3.13 -13.97 6.98
N GLU D 403 -3.28 -13.91 5.66
CA GLU D 403 -2.67 -14.92 4.80
C GLU D 403 -1.19 -14.67 4.58
N ASP D 404 -0.72 -13.45 4.81
CA ASP D 404 0.69 -13.14 4.59
C ASP D 404 1.55 -13.66 5.73
N LYS D 405 1.19 -13.31 6.97
CA LYS D 405 1.95 -13.77 8.13
C LYS D 405 2.24 -15.25 7.99
N LEU D 406 1.33 -15.99 7.37
CA LEU D 406 1.57 -17.41 7.09
C LEU D 406 2.78 -17.56 6.17
N THR D 407 2.83 -16.78 5.09
CA THR D 407 3.93 -16.93 4.15
C THR D 407 5.24 -16.48 4.75
N VAL D 408 5.23 -15.42 5.57
CA VAL D 408 6.46 -15.00 6.21
C VAL D 408 6.94 -16.06 7.19
N SER D 409 6.03 -16.64 7.96
CA SER D 409 6.43 -17.71 8.89
C SER D 409 6.99 -18.91 8.14
N ARG D 410 6.34 -19.29 7.04
CA ARG D 410 6.84 -20.42 6.25
C ARG D 410 8.19 -20.11 5.66
N ALA D 411 8.39 -18.88 5.16
CA ALA D 411 9.67 -18.51 4.58
C ALA D 411 10.76 -18.52 5.63
N ARG D 412 10.47 -18.02 6.83
CA ARG D 412 11.45 -18.09 7.90
C ARG D 412 11.78 -19.53 8.25
N LYS D 413 10.77 -20.39 8.32
CA LYS D 413 11.03 -21.79 8.62
C LYS D 413 11.92 -22.41 7.56
N ILE D 414 11.63 -22.16 6.28
CA ILE D 414 12.43 -22.73 5.21
C ILE D 414 13.85 -22.18 5.26
N GLN D 415 13.97 -20.87 5.48
CA GLN D 415 15.28 -20.24 5.51
C GLN D 415 16.15 -20.84 6.61
N ARG D 416 15.58 -21.05 7.79
CA ARG D 416 16.34 -21.69 8.84
C ARG D 416 16.60 -23.15 8.52
N PHE D 417 15.67 -23.82 7.84
CA PHE D 417 15.83 -25.25 7.59
C PHE D 417 16.96 -25.55 6.63
N LEU D 418 17.34 -24.59 5.78
CA LEU D 418 18.41 -24.81 4.83
C LEU D 418 19.80 -24.79 5.46
N SER D 419 19.93 -24.32 6.69
CA SER D 419 21.19 -24.43 7.41
C SER D 419 21.46 -25.88 7.76
N GLN D 420 22.68 -26.16 8.21
CA GLN D 420 23.08 -27.53 8.47
C GLN D 420 24.39 -27.57 9.23
N PRO D 421 24.54 -28.45 10.21
CA PRO D 421 25.83 -28.54 10.90
C PRO D 421 26.81 -29.45 10.19
N PHE D 422 27.92 -28.89 9.73
CA PHE D 422 28.89 -29.62 8.95
C PHE D 422 29.80 -30.45 9.82
N GLN D 423 30.38 -31.48 9.20
CA GLN D 423 31.29 -32.37 9.95
C GLN D 423 32.59 -31.67 10.29
N VAL D 424 33.02 -30.70 9.47
CA VAL D 424 34.25 -29.97 9.75
C VAL D 424 33.99 -28.75 10.62
N ALA D 425 32.73 -28.35 10.79
CA ALA D 425 32.38 -27.21 11.63
C ALA D 425 32.12 -27.62 13.08
N GLU D 426 32.51 -28.83 13.47
CA GLU D 426 32.36 -29.24 14.86
C GLU D 426 33.13 -28.33 15.80
N VAL D 427 34.16 -27.65 15.31
CA VAL D 427 34.95 -26.77 16.15
C VAL D 427 34.39 -25.35 16.20
N PHE D 428 33.59 -24.95 15.23
CA PHE D 428 32.99 -23.63 15.27
C PHE D 428 31.73 -23.62 16.13
N THR D 429 30.74 -24.43 15.76
CA THR D 429 29.47 -24.43 16.46
C THR D 429 29.41 -25.42 17.62
N GLY D 430 30.32 -26.39 17.68
CA GLY D 430 30.24 -27.43 18.67
C GLY D 430 29.17 -28.47 18.40
N HIS D 431 28.61 -28.48 17.20
CA HIS D 431 27.54 -29.40 16.86
C HIS D 431 28.13 -30.70 16.31
N LEU D 432 27.28 -31.61 15.87
CA LEU D 432 27.68 -32.86 15.26
C LEU D 432 27.33 -32.84 13.79
N GLY D 433 28.26 -33.32 12.96
CA GLY D 433 28.02 -33.27 11.52
C GLY D 433 26.79 -34.06 11.14
N LYS D 434 26.08 -33.54 10.13
CA LYS D 434 24.86 -34.18 9.64
C LYS D 434 24.93 -34.33 8.13
N LEU D 435 24.44 -35.45 7.63
CA LEU D 435 24.21 -35.67 6.22
C LEU D 435 22.73 -35.93 6.01
N VAL D 436 22.24 -35.55 4.84
CA VAL D 436 20.81 -35.68 4.55
C VAL D 436 20.62 -36.25 3.16
N PRO D 437 20.16 -37.50 3.02
CA PRO D 437 19.92 -38.04 1.68
C PRO D 437 18.87 -37.22 0.95
N LEU D 438 19.03 -37.13 -0.38
CA LEU D 438 18.21 -36.22 -1.17
C LEU D 438 16.74 -36.39 -0.89
N LYS D 439 16.27 -37.65 -0.87
CA LYS D 439 14.85 -37.91 -0.67
C LYS D 439 14.37 -37.26 0.61
N GLU D 440 15.19 -37.26 1.65
CA GLU D 440 14.77 -36.69 2.92
C GLU D 440 14.66 -35.18 2.84
N THR D 441 15.60 -34.53 2.15
CA THR D 441 15.48 -33.09 1.97
C THR D 441 14.18 -32.75 1.25
N ILE D 442 13.86 -33.51 0.20
CA ILE D 442 12.62 -33.26 -0.53
C ILE D 442 11.43 -33.45 0.39
N LYS D 443 11.43 -34.52 1.19
CA LYS D 443 10.32 -34.76 2.11
C LYS D 443 10.15 -33.58 3.06
N GLY D 444 11.26 -33.14 3.66
CA GLY D 444 11.17 -32.09 4.65
C GLY D 444 10.64 -30.80 4.07
N PHE D 445 11.12 -30.43 2.89
CA PHE D 445 10.67 -29.16 2.31
C PHE D 445 9.24 -29.28 1.80
N GLN D 446 8.84 -30.42 1.28
CA GLN D 446 7.43 -30.62 0.94
C GLN D 446 6.57 -30.40 2.16
N GLN D 447 6.94 -31.02 3.29
CA GLN D 447 6.13 -30.89 4.48
C GLN D 447 6.07 -29.44 4.95
N ILE D 448 7.21 -28.75 4.95
CA ILE D 448 7.22 -27.37 5.43
C ILE D 448 6.33 -26.49 4.54
N LEU D 449 6.46 -26.64 3.22
CA LEU D 449 5.66 -25.83 2.31
C LEU D 449 4.17 -26.14 2.45
N ALA D 450 3.83 -27.42 2.64
CA ALA D 450 2.43 -27.80 2.74
C ALA D 450 1.81 -27.32 4.04
N GLY D 451 2.61 -26.94 5.02
CA GLY D 451 2.11 -26.47 6.30
C GLY D 451 1.99 -27.52 7.37
N GLU D 452 2.54 -28.72 7.15
CA GLU D 452 2.40 -29.77 8.14
C GLU D 452 3.17 -29.45 9.42
N TYR D 453 4.08 -28.49 9.39
CA TYR D 453 4.83 -28.08 10.57
C TYR D 453 4.55 -26.64 10.95
N ASP D 454 3.41 -26.11 10.54
CA ASP D 454 3.11 -24.70 10.79
C ASP D 454 2.94 -24.39 12.27
N HIS D 455 2.83 -25.41 13.12
CA HIS D 455 2.66 -25.19 14.55
C HIS D 455 3.98 -25.09 15.30
N LEU D 456 5.07 -25.59 14.73
CA LEU D 456 6.34 -25.62 15.45
C LEU D 456 6.98 -24.24 15.45
N PRO D 457 7.84 -23.97 16.43
CA PRO D 457 8.60 -22.71 16.42
C PRO D 457 9.65 -22.71 15.33
N GLU D 458 10.10 -21.51 14.97
CA GLU D 458 11.11 -21.36 13.93
C GLU D 458 12.46 -21.90 14.39
N GLN D 459 12.86 -21.58 15.62
CA GLN D 459 14.15 -22.01 16.12
C GLN D 459 14.25 -23.52 16.25
N ALA D 460 13.17 -24.24 15.93
CA ALA D 460 13.23 -25.69 15.87
C ALA D 460 13.98 -26.18 14.63
N PHE D 461 14.06 -25.36 13.58
CA PHE D 461 14.66 -25.76 12.32
C PHE D 461 16.08 -25.27 12.14
N TYR D 462 16.66 -24.63 13.15
CA TYR D 462 17.97 -24.03 13.02
C TYR D 462 19.05 -25.06 13.31
N MET D 463 19.90 -25.33 12.32
CA MET D 463 21.05 -26.21 12.48
C MET D 463 20.64 -27.63 12.83
N VAL D 464 19.73 -28.19 12.03
CA VAL D 464 19.30 -29.57 12.19
C VAL D 464 19.36 -30.26 10.85
N GLY D 465 19.59 -31.56 10.87
CA GLY D 465 19.59 -32.35 9.67
C GLY D 465 18.15 -32.68 9.28
N PRO D 466 17.86 -33.94 8.99
CA PRO D 466 16.51 -34.27 8.50
C PRO D 466 15.41 -33.69 9.37
N ILE D 467 14.21 -33.57 8.82
CA ILE D 467 13.12 -32.86 9.50
C ILE D 467 12.76 -33.53 10.82
N GLU D 468 12.91 -34.86 10.91
CA GLU D 468 12.62 -35.52 12.17
C GLU D 468 13.44 -34.93 13.30
N GLU D 469 14.68 -34.57 13.02
CA GLU D 469 15.46 -33.86 14.02
C GLU D 469 14.82 -32.52 14.35
N ALA D 470 14.13 -31.91 13.38
CA ALA D 470 13.44 -30.66 13.67
C ALA D 470 12.34 -30.89 14.70
N VAL D 471 11.56 -31.96 14.55
CA VAL D 471 10.50 -32.20 15.52
C VAL D 471 11.07 -32.55 16.89
N ALA D 472 12.15 -33.34 16.91
CA ALA D 472 12.79 -33.66 18.19
C ALA D 472 13.30 -32.40 18.87
N LYS D 473 13.90 -31.50 18.10
CA LYS D 473 14.38 -30.24 18.67
C LYS D 473 13.23 -29.38 19.16
N ALA D 474 12.10 -29.40 18.45
CA ALA D 474 10.94 -28.65 18.91
C ALA D 474 10.48 -29.18 20.26
N ASP D 475 10.43 -30.50 20.41
CA ASP D 475 10.12 -31.08 21.71
C ASP D 475 11.10 -30.56 22.76
N LYS D 476 12.38 -30.85 22.59
CA LYS D 476 13.37 -30.52 23.61
C LYS D 476 13.38 -29.02 23.92
N LEU D 477 12.96 -28.17 22.98
CA LEU D 477 12.85 -26.75 23.25
C LEU D 477 11.61 -26.43 24.07
N ALA D 478 10.52 -27.15 23.82
CA ALA D 478 9.28 -26.90 24.56
C ALA D 478 9.36 -27.46 25.98
N GLU D 479 10.16 -28.50 26.21
CA GLU D 479 10.29 -29.03 27.55
C GLU D 479 10.90 -28.00 28.50
N GLU D 480 12.03 -27.44 28.12
CA GLU D 480 12.73 -26.48 28.97
C GLU D 480 12.01 -25.14 29.05
N HIS D 481 10.99 -24.92 28.22
CA HIS D 481 10.28 -23.65 28.17
C HIS D 481 10.00 -23.08 29.55
N THR E 13 47.86 17.05 -56.65
CA THR E 13 48.93 16.42 -55.88
C THR E 13 48.54 15.02 -55.41
N THR E 14 49.46 14.08 -55.55
CA THR E 14 49.20 12.68 -55.27
C THR E 14 50.14 12.21 -54.16
N GLY E 15 49.58 11.94 -52.99
CA GLY E 15 50.31 11.28 -51.93
C GLY E 15 50.11 9.78 -51.98
N ARG E 16 50.72 9.10 -51.04
CA ARG E 16 50.61 7.66 -50.94
C ARG E 16 50.23 7.28 -49.54
N ILE E 17 49.34 6.29 -49.41
CA ILE E 17 49.01 5.78 -48.09
C ILE E 17 50.26 5.16 -47.48
N VAL E 18 50.43 5.36 -46.18
CA VAL E 18 51.52 4.70 -45.46
C VAL E 18 51.05 3.96 -44.23
N ALA E 19 49.86 4.20 -43.71
CA ALA E 19 49.37 3.36 -42.63
C ALA E 19 47.86 3.26 -42.70
N VAL E 20 47.33 2.10 -42.32
CA VAL E 20 45.90 1.92 -42.21
C VAL E 20 45.57 1.26 -40.89
N ILE E 21 45.30 2.05 -39.86
CA ILE E 21 45.05 1.53 -38.52
C ILE E 21 43.56 1.68 -38.27
N GLY E 22 42.84 0.58 -38.35
CA GLY E 22 41.40 0.66 -38.18
C GLY E 22 40.80 1.55 -39.25
N ALA E 23 40.06 2.57 -38.82
CA ALA E 23 39.45 3.52 -39.74
C ALA E 23 40.23 4.82 -39.80
N VAL E 24 41.51 4.81 -39.43
CA VAL E 24 42.38 5.98 -39.49
C VAL E 24 43.49 5.67 -40.47
N VAL E 25 43.51 6.38 -41.58
CA VAL E 25 44.53 6.21 -42.59
C VAL E 25 45.58 7.30 -42.38
N ASP E 26 46.79 7.05 -42.88
CA ASP E 26 47.87 8.01 -42.79
C ASP E 26 48.57 8.04 -44.13
N VAL E 27 48.56 9.22 -44.76
CA VAL E 27 49.04 9.41 -46.12
C VAL E 27 50.34 10.21 -46.07
N GLN E 28 51.20 9.99 -47.05
CA GLN E 28 52.50 10.64 -47.10
C GLN E 28 52.65 11.40 -48.41
N PHE E 29 52.24 12.67 -48.40
CA PHE E 29 52.51 13.54 -49.53
C PHE E 29 53.98 13.97 -49.51
N ASP E 30 54.45 14.41 -50.67
CA ASP E 30 55.80 14.97 -50.77
C ASP E 30 55.80 16.41 -51.27
N GLU E 31 55.19 16.69 -52.42
CA GLU E 31 55.35 17.99 -53.04
C GLU E 31 54.75 19.09 -52.18
N GLY E 32 53.54 18.87 -51.65
CA GLY E 32 52.88 19.87 -50.83
C GLY E 32 51.66 19.32 -50.14
N LEU E 33 51.57 19.53 -48.84
CA LEU E 33 50.53 18.92 -48.04
C LEU E 33 49.20 19.60 -48.25
N PRO E 34 48.10 18.91 -47.97
CA PRO E 34 46.79 19.54 -48.01
C PRO E 34 46.43 20.12 -46.65
N PRO E 35 45.90 21.33 -46.58
CA PRO E 35 45.54 21.89 -45.28
C PRO E 35 44.45 21.05 -44.63
N ILE E 36 44.45 21.07 -43.29
CA ILE E 36 43.53 20.25 -42.52
C ILE E 36 42.12 20.42 -43.05
N LEU E 37 41.33 19.35 -42.98
CA LEU E 37 39.93 19.25 -43.41
C LEU E 37 39.80 19.04 -44.90
N ASN E 38 40.87 19.00 -45.68
CA ASN E 38 40.75 18.72 -47.10
C ASN E 38 40.29 17.29 -47.32
N ALA E 39 39.56 17.09 -48.41
CA ALA E 39 39.08 15.78 -48.78
C ALA E 39 40.03 15.17 -49.79
N LEU E 40 40.48 13.95 -49.53
CA LEU E 40 41.33 13.21 -50.43
C LEU E 40 40.56 12.01 -50.98
N GLU E 41 40.76 11.72 -52.26
CA GLU E 41 40.14 10.57 -52.89
C GLU E 41 41.15 9.45 -53.00
N VAL E 42 40.80 8.28 -52.49
CA VAL E 42 41.71 7.14 -52.55
C VAL E 42 41.56 6.49 -53.91
N GLN E 43 42.64 6.47 -54.67
CA GLN E 43 42.62 5.92 -56.02
C GLN E 43 42.71 4.40 -55.97
N GLY E 44 41.96 3.74 -56.84
CA GLY E 44 42.04 2.30 -56.97
C GLY E 44 40.90 1.54 -56.32
N ARG E 45 39.96 2.22 -55.69
CA ARG E 45 38.76 1.58 -55.19
C ARG E 45 37.67 1.63 -56.27
N GLU E 46 36.64 0.82 -56.08
CA GLU E 46 35.45 0.90 -56.91
C GLU E 46 34.35 1.74 -56.26
N THR E 47 34.19 1.61 -54.94
CA THR E 47 33.35 2.54 -54.20
C THR E 47 34.19 3.76 -53.84
N ARG E 48 33.59 4.94 -54.00
CA ARG E 48 34.31 6.18 -53.75
C ARG E 48 34.68 6.24 -52.28
N LEU E 49 35.95 6.06 -51.97
CA LEU E 49 36.46 6.24 -50.61
C LEU E 49 37.07 7.63 -50.49
N VAL E 50 36.60 8.39 -49.51
CA VAL E 50 37.02 9.76 -49.30
C VAL E 50 37.58 9.88 -47.89
N LEU E 51 38.83 10.29 -47.77
CA LEU E 51 39.44 10.58 -46.50
C LEU E 51 39.38 12.08 -46.24
N GLU E 52 39.43 12.45 -44.97
CA GLU E 52 39.43 13.86 -44.58
C GLU E 52 40.57 14.09 -43.63
N VAL E 53 41.47 15.01 -43.98
CA VAL E 53 42.64 15.23 -43.13
C VAL E 53 42.19 15.66 -41.75
N ALA E 54 42.99 15.33 -40.74
CA ALA E 54 42.73 15.80 -39.39
C ALA E 54 43.97 16.26 -38.65
N GLN E 55 45.17 15.97 -39.14
CA GLN E 55 46.38 16.41 -38.47
C GLN E 55 47.51 16.49 -39.48
N HIS E 56 48.60 17.12 -39.08
CA HIS E 56 49.87 17.03 -39.76
C HIS E 56 50.88 16.48 -38.77
N LEU E 57 51.56 15.39 -39.14
CA LEU E 57 52.45 14.71 -38.22
C LEU E 57 53.91 14.93 -38.57
N GLY E 58 54.21 15.96 -39.35
CA GLY E 58 55.58 16.19 -39.76
C GLY E 58 56.04 15.11 -40.70
N GLU E 59 57.18 15.30 -41.34
CA GLU E 59 57.67 14.35 -42.34
C GLU E 59 56.71 14.25 -43.51
N SER E 60 56.03 15.35 -43.82
CA SER E 60 55.16 15.42 -44.98
C SER E 60 54.13 14.29 -44.99
N THR E 61 53.55 14.03 -43.82
CA THR E 61 52.52 13.02 -43.69
C THR E 61 51.33 13.63 -42.96
N VAL E 62 50.13 13.19 -43.31
CA VAL E 62 48.90 13.71 -42.76
C VAL E 62 48.04 12.54 -42.32
N ARG E 63 47.43 12.66 -41.15
CA ARG E 63 46.57 11.62 -40.60
C ARG E 63 45.14 11.93 -40.97
N THR E 64 44.56 11.10 -41.82
CA THR E 64 43.22 11.32 -42.35
C THR E 64 42.26 10.32 -41.72
N ILE E 65 41.04 10.78 -41.47
CA ILE E 65 39.96 9.93 -40.99
C ILE E 65 39.14 9.53 -42.21
N ALA E 66 38.90 8.23 -42.35
CA ALA E 66 38.25 7.69 -43.55
C ALA E 66 36.75 7.77 -43.43
N MET E 67 36.09 8.02 -44.55
CA MET E 67 34.64 8.20 -44.60
C MET E 67 33.91 6.95 -45.09
N ASP E 68 34.59 5.81 -45.14
CA ASP E 68 33.98 4.58 -45.60
C ASP E 68 34.93 3.44 -45.22
N GLY E 69 34.43 2.21 -45.34
CA GLY E 69 35.18 1.05 -44.93
C GLY E 69 36.57 1.01 -45.54
N THR E 70 37.59 0.79 -44.72
CA THR E 70 38.98 0.82 -45.14
C THR E 70 39.60 -0.58 -45.13
N GLU E 71 38.85 -1.58 -45.57
CA GLU E 71 39.39 -2.91 -45.78
C GLU E 71 39.75 -3.05 -47.26
N GLY E 72 40.93 -3.57 -47.53
CA GLY E 72 41.45 -3.64 -48.87
C GLY E 72 42.45 -2.57 -49.23
N LEU E 73 42.67 -1.59 -48.35
CA LEU E 73 43.67 -0.57 -48.63
C LEU E 73 45.06 -1.16 -48.48
N VAL E 74 45.95 -0.79 -49.40
CA VAL E 74 47.31 -1.31 -49.45
C VAL E 74 48.27 -0.17 -49.20
N ARG E 75 49.20 -0.37 -48.27
CA ARG E 75 50.29 0.59 -48.10
C ARG E 75 50.90 0.89 -49.45
N GLY E 76 50.78 2.13 -49.89
CA GLY E 76 51.31 2.55 -51.18
C GLY E 76 50.26 2.93 -52.20
N GLN E 77 48.98 2.69 -51.95
CA GLN E 77 47.97 3.18 -52.89
C GLN E 77 48.14 4.67 -53.09
N LYS E 78 47.60 5.20 -54.17
CA LYS E 78 47.72 6.62 -54.48
C LYS E 78 46.49 7.34 -53.99
N VAL E 79 46.69 8.45 -53.27
CA VAL E 79 45.63 9.26 -52.72
C VAL E 79 45.74 10.63 -53.35
N LEU E 80 44.69 11.07 -54.03
CA LEU E 80 44.71 12.30 -54.80
C LEU E 80 43.99 13.39 -54.03
N ASP E 81 44.67 14.51 -53.80
CA ASP E 81 44.13 15.59 -53.01
C ASP E 81 43.14 16.40 -53.83
N SER E 82 41.89 16.47 -53.37
CA SER E 82 40.86 17.17 -54.14
C SER E 82 41.15 18.65 -54.21
N GLY E 83 41.45 19.29 -53.08
CA GLY E 83 41.80 20.68 -53.06
C GLY E 83 41.04 21.48 -52.02
N ALA E 84 39.79 21.14 -51.78
CA ALA E 84 38.94 21.84 -50.83
C ALA E 84 38.18 20.80 -50.01
N PRO E 85 37.66 21.19 -48.85
CA PRO E 85 37.00 20.22 -47.98
C PRO E 85 35.89 19.50 -48.73
N ILE E 86 35.34 18.49 -48.07
CA ILE E 86 34.30 17.66 -48.67
C ILE E 86 33.29 18.58 -49.32
N ARG E 87 33.05 18.39 -50.62
CA ARG E 87 32.17 19.26 -51.39
C ARG E 87 30.92 18.49 -51.80
N ILE E 88 29.79 19.18 -51.78
CA ILE E 88 28.51 18.53 -52.08
C ILE E 88 27.72 19.42 -53.02
N PRO E 89 26.78 18.83 -53.76
CA PRO E 89 25.85 19.64 -54.55
C PRO E 89 24.77 20.26 -53.69
N VAL E 90 24.42 21.52 -53.97
CA VAL E 90 23.53 22.26 -53.09
C VAL E 90 22.42 22.99 -53.83
N GLY E 91 22.22 22.70 -55.10
CA GLY E 91 21.19 23.38 -55.85
C GLY E 91 19.82 23.15 -55.25
N PRO E 92 18.77 23.66 -55.92
CA PRO E 92 17.41 23.25 -55.56
C PRO E 92 17.09 21.83 -55.99
N GLU E 93 17.94 21.22 -56.80
CA GLU E 93 17.73 19.85 -57.26
C GLU E 93 18.09 18.82 -56.22
N THR E 94 18.66 19.23 -55.09
CA THR E 94 18.87 18.36 -53.95
C THR E 94 17.64 18.23 -53.10
N LEU E 95 16.49 18.61 -53.61
CA LEU E 95 15.23 18.55 -52.88
C LEU E 95 14.51 17.26 -53.26
N GLY E 96 14.03 16.54 -52.26
CA GLY E 96 13.40 15.27 -52.51
C GLY E 96 14.36 14.15 -52.79
N ARG E 97 15.65 14.36 -52.60
CA ARG E 97 16.67 13.35 -52.84
C ARG E 97 17.26 12.91 -51.50
N ILE E 98 17.90 11.75 -51.53
CA ILE E 98 18.69 11.25 -50.41
C ILE E 98 20.14 11.25 -50.86
N MET E 99 21.02 11.78 -50.02
CA MET E 99 22.44 11.79 -50.34
C MET E 99 23.22 11.52 -49.07
N ASN E 100 24.25 10.69 -49.19
CA ASN E 100 25.08 10.38 -48.04
C ASN E 100 26.03 11.54 -47.76
N VAL E 101 26.92 11.36 -46.78
CA VAL E 101 27.65 12.49 -46.23
C VAL E 101 28.45 13.21 -47.31
N ILE E 102 29.07 12.47 -48.23
CA ILE E 102 29.94 13.09 -49.23
C ILE E 102 29.15 13.66 -50.39
N GLY E 103 27.82 13.61 -50.35
CA GLY E 103 27.01 14.19 -51.39
C GLY E 103 26.65 13.26 -52.53
N GLU E 104 26.88 11.96 -52.40
CA GLU E 104 26.55 11.02 -53.44
C GLU E 104 25.13 10.50 -53.24
N PRO E 105 24.24 10.62 -54.23
CA PRO E 105 22.87 10.17 -54.01
C PRO E 105 22.81 8.68 -53.71
N ILE E 106 21.91 8.30 -52.82
CA ILE E 106 21.69 6.90 -52.50
C ILE E 106 20.21 6.55 -52.62
N ASP E 107 19.50 7.28 -53.48
CA ASP E 107 18.10 7.00 -53.76
C ASP E 107 17.91 6.22 -55.04
N GLU E 108 18.99 5.82 -55.71
CA GLU E 108 18.90 5.06 -56.95
C GLU E 108 17.97 5.78 -57.93
N ARG E 109 18.17 7.08 -58.07
CA ARG E 109 17.44 7.87 -59.04
C ARG E 109 18.35 8.63 -59.98
N GLY E 110 19.67 8.49 -59.86
CA GLY E 110 20.60 9.13 -60.76
C GLY E 110 21.42 10.20 -60.09
N PRO E 111 22.26 10.88 -60.85
CA PRO E 111 23.09 11.95 -60.28
C PRO E 111 22.25 13.12 -59.84
N ILE E 112 22.77 13.84 -58.84
CA ILE E 112 22.13 15.07 -58.36
C ILE E 112 22.70 16.19 -59.23
N LYS E 113 22.01 16.46 -60.34
CA LYS E 113 22.49 17.42 -61.33
C LYS E 113 22.29 18.83 -60.79
N THR E 114 23.37 19.44 -60.33
CA THR E 114 23.36 20.81 -59.83
C THR E 114 24.55 21.56 -60.41
N LYS E 115 24.39 22.87 -60.52
CA LYS E 115 25.46 23.71 -61.02
C LYS E 115 26.34 24.29 -59.91
N GLN E 116 25.88 24.26 -58.67
CA GLN E 116 26.66 24.76 -57.55
C GLN E 116 27.26 23.60 -56.76
N PHE E 117 28.34 23.92 -56.05
CA PHE E 117 28.92 23.01 -55.07
C PHE E 117 29.32 23.83 -53.86
N ALA E 118 29.21 23.22 -52.69
CA ALA E 118 29.52 23.90 -51.45
C ALA E 118 30.38 23.00 -50.57
N ALA E 119 31.35 23.59 -49.89
CA ALA E 119 32.17 22.85 -48.94
C ALA E 119 31.44 22.74 -47.61
N ILE E 120 31.51 21.57 -46.99
CA ILE E 120 30.75 21.37 -45.76
C ILE E 120 31.39 22.06 -44.57
N HIS E 121 32.62 22.54 -44.70
CA HIS E 121 33.33 23.19 -43.60
C HIS E 121 33.44 24.68 -43.91
N ALA E 122 32.41 25.43 -43.54
CA ALA E 122 32.38 26.87 -43.70
C ALA E 122 32.13 27.53 -42.35
N GLU E 123 32.84 28.61 -42.08
CA GLU E 123 32.81 29.23 -40.78
C GLU E 123 31.46 29.91 -40.53
N ALA E 124 31.15 30.12 -39.26
CA ALA E 124 29.86 30.64 -38.89
C ALA E 124 29.72 32.09 -39.34
N PRO E 125 28.49 32.59 -39.47
CA PRO E 125 28.31 33.98 -39.90
C PRO E 125 29.00 34.95 -38.96
N GLU E 126 29.63 35.96 -39.54
CA GLU E 126 30.37 36.92 -38.73
C GLU E 126 29.40 37.71 -37.85
N PHE E 127 29.97 38.46 -36.91
CA PHE E 127 29.15 39.15 -35.93
C PHE E 127 28.27 40.21 -36.57
N VAL E 128 28.77 40.89 -37.61
CA VAL E 128 27.99 41.93 -38.26
C VAL E 128 26.77 41.35 -38.95
N GLU E 129 26.88 40.14 -39.51
CA GLU E 129 25.76 39.53 -40.20
C GLU E 129 24.61 39.22 -39.27
N MET E 130 24.90 38.87 -38.02
CA MET E 130 23.87 38.37 -37.13
C MET E 130 22.75 39.38 -36.98
N SER E 131 21.51 38.88 -37.00
CA SER E 131 20.32 39.72 -36.87
C SER E 131 19.95 39.84 -35.40
N VAL E 132 19.64 41.07 -34.99
CA VAL E 132 19.56 41.42 -33.57
C VAL E 132 18.15 41.34 -33.03
N GLU E 133 17.16 41.04 -33.86
CA GLU E 133 15.76 41.04 -33.46
C GLU E 133 15.28 39.60 -33.35
N GLN E 134 14.85 39.21 -32.16
CA GLN E 134 14.37 37.85 -31.91
C GLN E 134 12.91 37.76 -32.35
N GLU E 135 12.68 37.13 -33.49
CA GLU E 135 11.34 36.99 -34.04
C GLU E 135 10.72 35.69 -33.54
N ILE E 136 9.55 35.36 -34.06
CA ILE E 136 8.85 34.12 -33.73
C ILE E 136 8.47 33.42 -35.02
N LEU E 137 8.78 32.13 -35.11
CA LEU E 137 8.48 31.34 -36.29
C LEU E 137 7.09 30.74 -36.12
N VAL E 138 6.17 31.12 -37.00
CA VAL E 138 4.78 30.67 -36.91
C VAL E 138 4.73 29.30 -37.56
N THR E 139 4.67 28.25 -36.73
CA THR E 139 4.62 26.88 -37.24
C THR E 139 3.22 26.47 -37.68
N GLY E 140 2.19 27.15 -37.21
CA GLY E 140 0.83 26.76 -37.52
C GLY E 140 0.28 25.66 -36.65
N ILE E 141 0.94 25.32 -35.55
CA ILE E 141 0.47 24.32 -34.60
C ILE E 141 0.09 25.04 -33.32
N LYS E 142 -1.12 24.79 -32.84
CA LYS E 142 -1.65 25.58 -31.73
C LYS E 142 -0.77 25.46 -30.50
N VAL E 143 -0.51 24.22 -30.06
CA VAL E 143 0.21 24.04 -28.80
C VAL E 143 1.63 24.59 -28.93
N VAL E 144 2.34 24.19 -29.98
CA VAL E 144 3.71 24.63 -30.17
C VAL E 144 3.76 26.15 -30.31
N ASP E 145 2.86 26.71 -31.11
CA ASP E 145 2.90 28.13 -31.38
C ASP E 145 2.40 28.98 -30.23
N LEU E 146 1.73 28.38 -29.25
CA LEU E 146 1.18 29.13 -28.13
C LEU E 146 2.06 29.04 -26.90
N LEU E 147 2.35 27.82 -26.44
CA LEU E 147 3.04 27.67 -25.16
C LEU E 147 4.55 27.63 -25.30
N ALA E 148 5.07 27.07 -26.39
CA ALA E 148 6.51 26.94 -26.62
C ALA E 148 6.83 27.46 -28.00
N PRO E 149 6.68 28.75 -28.24
CA PRO E 149 6.87 29.28 -29.59
C PRO E 149 8.27 28.99 -30.11
N TYR E 150 8.34 28.61 -31.38
CA TYR E 150 9.61 28.39 -32.04
C TYR E 150 10.14 29.72 -32.56
N ALA E 151 11.42 29.98 -32.34
CA ALA E 151 12.04 31.23 -32.73
C ALA E 151 12.83 31.04 -34.01
N LYS E 152 12.81 32.05 -34.87
CA LYS E 152 13.60 32.00 -36.08
C LYS E 152 15.07 31.91 -35.72
N GLY E 153 15.78 31.00 -36.38
CA GLY E 153 17.18 30.81 -36.08
C GLY E 153 17.40 30.39 -34.65
N GLY E 154 16.54 29.53 -34.13
CA GLY E 154 16.69 29.00 -32.78
C GLY E 154 16.82 27.50 -32.85
N LYS E 155 17.57 26.94 -31.90
CA LYS E 155 17.87 25.52 -31.91
C LYS E 155 16.88 24.76 -31.04
N ILE E 156 15.65 24.65 -31.54
CA ILE E 156 14.60 23.95 -30.82
C ILE E 156 15.08 22.54 -30.52
N GLY E 157 14.51 21.91 -29.50
CA GLY E 157 14.89 20.56 -29.14
C GLY E 157 13.68 19.71 -28.85
N LEU E 158 13.56 18.59 -29.54
CA LEU E 158 12.34 17.79 -29.55
C LEU E 158 12.58 16.53 -28.73
N PHE E 159 12.08 16.53 -27.50
CA PHE E 159 12.25 15.39 -26.61
C PHE E 159 11.22 14.32 -26.98
N GLY E 160 11.08 13.32 -26.14
CA GLY E 160 10.09 12.28 -26.39
C GLY E 160 10.65 11.18 -27.27
N GLY E 161 10.09 9.98 -27.09
CA GLY E 161 10.54 8.78 -27.76
C GLY E 161 9.70 8.45 -28.98
N ALA E 162 9.67 7.16 -29.30
CA ALA E 162 8.91 6.66 -30.43
C ALA E 162 7.51 6.26 -30.00
N GLY E 163 6.62 6.12 -30.98
CA GLY E 163 5.24 5.77 -30.72
C GLY E 163 4.36 6.93 -30.33
N VAL E 164 4.91 8.13 -30.22
CA VAL E 164 4.17 9.30 -29.75
C VAL E 164 4.01 10.35 -30.84
N GLY E 165 4.28 10.00 -32.09
CA GLY E 165 4.07 10.94 -33.17
C GLY E 165 5.19 11.94 -33.29
N LYS E 166 6.42 11.44 -33.46
CA LYS E 166 7.58 12.30 -33.69
C LYS E 166 7.89 12.47 -35.17
N THR E 167 7.64 11.45 -35.99
CA THR E 167 7.81 11.62 -37.42
C THR E 167 6.67 12.41 -38.02
N VAL E 168 5.45 12.18 -37.54
CA VAL E 168 4.31 12.94 -38.05
C VAL E 168 4.48 14.41 -37.76
N LEU E 169 4.95 14.74 -36.55
CA LEU E 169 5.20 16.14 -36.23
C LEU E 169 6.26 16.74 -37.14
N ILE E 170 7.29 15.95 -37.46
CA ILE E 170 8.33 16.44 -38.37
C ILE E 170 7.74 16.75 -39.74
N MET E 171 6.97 15.82 -40.29
CA MET E 171 6.39 16.05 -41.60
C MET E 171 5.44 17.23 -41.57
N GLU E 172 4.66 17.37 -40.50
CA GLU E 172 3.76 18.50 -40.40
C GLU E 172 4.51 19.82 -40.32
N LEU E 173 5.58 19.88 -39.54
CA LEU E 173 6.35 21.11 -39.50
C LEU E 173 6.90 21.44 -40.88
N ILE E 174 7.37 20.42 -41.60
CA ILE E 174 7.90 20.65 -42.94
C ILE E 174 6.83 21.23 -43.84
N ASN E 175 5.66 20.60 -43.84
CA ASN E 175 4.58 21.05 -44.72
C ASN E 175 4.13 22.46 -44.36
N ASN E 176 3.93 22.71 -43.07
CA ASN E 176 3.43 24.01 -42.64
C ASN E 176 4.43 25.11 -42.96
N VAL E 177 5.73 24.85 -42.78
CA VAL E 177 6.71 25.86 -43.11
C VAL E 177 6.77 26.07 -44.61
N ALA E 178 6.62 25.01 -45.39
CA ALA E 178 6.66 25.16 -46.85
C ALA E 178 5.46 25.97 -47.34
N LYS E 179 4.32 25.84 -46.68
CA LYS E 179 3.13 26.59 -47.10
C LYS E 179 3.17 28.02 -46.58
N ALA E 180 3.22 28.19 -45.27
CA ALA E 180 3.15 29.51 -44.64
C ALA E 180 4.30 30.40 -45.07
N HIS E 181 5.53 30.03 -44.70
CA HIS E 181 6.68 30.89 -44.92
C HIS E 181 7.32 30.71 -46.28
N GLY E 182 6.84 29.75 -47.08
CA GLY E 182 7.43 29.55 -48.39
C GLY E 182 8.90 29.21 -48.35
N GLY E 183 9.32 28.45 -47.35
CA GLY E 183 10.72 28.07 -47.20
C GLY E 183 10.85 26.55 -47.18
N TYR E 184 11.92 26.06 -47.79
CA TYR E 184 12.14 24.63 -47.91
C TYR E 184 12.65 24.08 -46.58
N SER E 185 13.14 22.85 -46.59
CA SER E 185 13.56 22.20 -45.37
C SER E 185 14.71 21.26 -45.68
N VAL E 186 15.25 20.63 -44.63
CA VAL E 186 16.31 19.65 -44.76
C VAL E 186 16.12 18.63 -43.66
N PHE E 187 16.80 17.50 -43.75
CA PHE E 187 16.67 16.46 -42.73
C PHE E 187 17.98 15.69 -42.69
N ALA E 188 18.82 16.04 -41.71
CA ALA E 188 20.14 15.41 -41.56
C ALA E 188 20.01 14.27 -40.57
N GLY E 189 19.89 13.05 -41.08
CA GLY E 189 19.78 11.86 -40.28
C GLY E 189 21.12 11.33 -39.83
N VAL E 190 21.67 11.93 -38.78
CA VAL E 190 22.88 11.39 -38.15
C VAL E 190 22.56 10.04 -37.55
N GLY E 191 23.41 9.04 -37.82
CA GLY E 191 23.22 7.76 -37.18
C GLY E 191 21.79 7.28 -37.36
N GLU E 192 21.33 7.20 -38.61
CA GLU E 192 19.94 6.90 -38.93
C GLU E 192 19.83 5.42 -39.28
N ARG E 193 19.21 4.64 -38.41
CA ARG E 193 18.96 3.23 -38.71
C ARG E 193 18.48 3.08 -40.14
N THR E 194 19.04 2.11 -40.85
CA THR E 194 18.67 1.94 -42.25
C THR E 194 17.20 1.61 -42.40
N ARG E 195 16.67 0.76 -41.51
CA ARG E 195 15.25 0.43 -41.57
C ARG E 195 14.40 1.68 -41.36
N GLU E 196 14.72 2.45 -40.32
CA GLU E 196 13.95 3.67 -40.08
C GLU E 196 14.20 4.70 -41.16
N GLY E 197 15.38 4.71 -41.77
CA GLY E 197 15.60 5.61 -42.88
C GLY E 197 14.69 5.32 -44.04
N ASN E 198 14.59 4.05 -44.42
CA ASN E 198 13.67 3.68 -45.49
C ASN E 198 12.23 3.98 -45.10
N ASP E 199 11.86 3.70 -43.86
CA ASP E 199 10.49 3.97 -43.43
C ASP E 199 10.18 5.46 -43.50
N LEU E 200 11.11 6.32 -43.08
CA LEU E 200 10.88 7.75 -43.18
C LEU E 200 10.77 8.19 -44.63
N TYR E 201 11.62 7.65 -45.50
CA TYR E 201 11.53 7.99 -46.92
C TYR E 201 10.13 7.69 -47.44
N HIS E 202 9.61 6.50 -47.13
CA HIS E 202 8.32 6.13 -47.68
C HIS E 202 7.18 6.86 -46.98
N GLU E 203 7.32 7.19 -45.70
CA GLU E 203 6.33 8.04 -45.04
C GLU E 203 6.23 9.38 -45.73
N MET E 204 7.36 10.00 -46.04
CA MET E 204 7.32 11.28 -46.74
C MET E 204 6.73 11.13 -48.13
N ILE E 205 7.10 10.08 -48.84
CA ILE E 205 6.51 9.88 -50.17
C ILE E 205 4.99 9.76 -50.07
N GLU E 206 4.50 9.07 -49.04
CA GLU E 206 3.05 9.00 -48.82
C GLU E 206 2.48 10.38 -48.56
N SER E 207 2.91 11.02 -47.48
CA SER E 207 2.34 12.29 -47.06
C SER E 207 2.49 13.37 -48.12
N GLY E 208 3.44 13.23 -49.03
CA GLY E 208 3.56 14.14 -50.15
C GLY E 208 4.57 15.25 -50.00
N VAL E 209 5.36 15.27 -48.93
CA VAL E 209 6.42 16.27 -48.83
C VAL E 209 7.50 16.00 -49.87
N ILE E 210 7.80 14.73 -50.11
CA ILE E 210 8.68 14.31 -51.20
C ILE E 210 7.81 13.86 -52.35
N ASN E 211 8.08 14.37 -53.54
CA ASN E 211 7.30 14.05 -54.73
C ASN E 211 8.26 13.60 -55.82
N LEU E 212 8.05 12.39 -56.32
CA LEU E 212 8.97 11.81 -57.29
C LEU E 212 8.62 12.13 -58.73
N LYS E 213 7.51 12.82 -58.99
CA LYS E 213 6.99 12.96 -60.34
C LYS E 213 7.24 14.33 -60.95
N ASP E 214 7.18 15.40 -60.15
CA ASP E 214 7.12 16.75 -60.70
C ASP E 214 8.22 17.68 -60.20
N ALA E 215 9.06 17.25 -59.27
CA ALA E 215 10.13 18.11 -58.74
C ALA E 215 9.56 19.27 -57.95
N THR E 216 8.63 18.96 -57.04
CA THR E 216 8.05 19.93 -56.12
C THR E 216 8.13 19.39 -54.69
N SER E 217 9.30 18.89 -54.33
CA SER E 217 9.53 18.34 -53.01
C SER E 217 9.98 19.43 -52.06
N LYS E 218 9.71 19.23 -50.76
CA LYS E 218 10.01 20.22 -49.75
C LYS E 218 11.08 19.75 -48.76
N VAL E 219 11.70 18.60 -48.99
CA VAL E 219 12.69 18.06 -48.08
C VAL E 219 13.90 17.63 -48.88
N ALA E 220 15.10 17.87 -48.33
CA ALA E 220 16.34 17.42 -48.92
C ALA E 220 16.98 16.46 -47.94
N LEU E 221 16.58 15.19 -47.99
CA LEU E 221 17.06 14.24 -47.01
C LEU E 221 18.57 14.05 -47.15
N VAL E 222 19.23 13.82 -46.02
CA VAL E 222 20.63 13.45 -45.97
C VAL E 222 20.74 12.38 -44.90
N TYR E 223 21.48 11.31 -45.18
CA TYR E 223 21.50 10.15 -44.29
C TYR E 223 22.93 9.72 -44.06
N GLY E 224 23.38 9.77 -42.81
CA GLY E 224 24.58 9.06 -42.44
C GLY E 224 24.18 7.82 -41.68
N GLN E 225 24.18 6.67 -42.34
CA GLN E 225 23.64 5.48 -41.73
C GLN E 225 24.42 5.14 -40.47
N MET E 226 23.88 4.19 -39.71
CA MET E 226 24.46 3.80 -38.45
C MET E 226 25.63 2.84 -38.62
N ASN E 227 25.88 2.35 -39.83
CA ASN E 227 26.99 1.43 -40.07
C ASN E 227 28.17 2.10 -40.74
N GLU E 228 27.99 3.27 -41.33
CA GLU E 228 29.10 3.97 -41.97
C GLU E 228 30.11 4.38 -40.90
N PRO E 229 31.40 4.32 -41.20
CA PRO E 229 32.41 4.48 -40.14
C PRO E 229 32.21 5.76 -39.35
N PRO E 230 32.78 5.85 -38.15
CA PRO E 230 32.50 7.01 -37.31
C PRO E 230 32.87 8.33 -37.95
N GLY E 231 33.93 8.37 -38.74
CA GLY E 231 34.32 9.62 -39.35
C GLY E 231 33.27 10.19 -40.28
N ALA E 232 32.33 9.37 -40.73
CA ALA E 232 31.30 9.79 -41.66
C ALA E 232 29.93 9.89 -41.01
N ARG E 233 29.86 9.78 -39.69
CA ARG E 233 28.67 10.13 -38.94
C ARG E 233 28.80 11.45 -38.21
N ALA E 234 30.02 11.92 -37.99
CA ALA E 234 30.21 13.24 -37.42
C ALA E 234 29.95 14.33 -38.46
N ARG E 235 30.22 14.06 -39.73
CA ARG E 235 30.11 15.05 -40.78
C ARG E 235 28.83 14.92 -41.59
N VAL E 236 27.84 14.17 -41.10
CA VAL E 236 26.56 14.08 -41.80
C VAL E 236 25.56 15.07 -41.28
N ALA E 237 25.93 15.90 -40.32
CA ALA E 237 25.13 17.06 -39.95
C ALA E 237 25.67 18.33 -40.58
N LEU E 238 26.97 18.38 -40.86
CA LEU E 238 27.51 19.48 -41.62
C LEU E 238 27.02 19.46 -43.05
N THR E 239 26.80 18.27 -43.60
CA THR E 239 26.22 18.19 -44.94
C THR E 239 24.83 18.81 -44.97
N GLY E 240 23.99 18.48 -43.99
CA GLY E 240 22.69 19.11 -43.92
C GLY E 240 22.79 20.60 -43.70
N LEU E 241 23.72 21.03 -42.84
CA LEU E 241 23.91 22.45 -42.62
C LEU E 241 24.28 23.16 -43.91
N THR E 242 25.07 22.51 -44.76
CA THR E 242 25.47 23.17 -45.99
C THR E 242 24.33 23.22 -46.99
N VAL E 243 23.57 22.13 -47.10
CA VAL E 243 22.42 22.14 -47.98
C VAL E 243 21.45 23.24 -47.58
N ALA E 244 21.27 23.44 -46.27
CA ALA E 244 20.37 24.49 -45.80
C ALA E 244 20.99 25.87 -45.89
N GLU E 245 22.30 25.98 -45.70
CA GLU E 245 22.96 27.26 -45.85
C GLU E 245 22.84 27.76 -47.27
N TYR E 246 22.86 26.86 -48.25
CA TYR E 246 22.63 27.32 -49.61
C TYR E 246 21.29 28.02 -49.72
N PHE E 247 20.23 27.41 -49.21
CA PHE E 247 18.92 28.05 -49.31
C PHE E 247 18.93 29.38 -48.59
N ARG E 248 19.40 29.41 -47.34
CA ARG E 248 19.39 30.66 -46.59
C ARG E 248 20.13 31.77 -47.34
N ASP E 249 21.34 31.48 -47.83
CA ASP E 249 22.18 32.52 -48.40
C ASP E 249 21.75 32.85 -49.82
N GLN E 250 21.78 31.86 -50.72
CA GLN E 250 21.56 32.10 -52.13
C GLN E 250 20.08 32.25 -52.49
N GLU E 251 19.16 32.05 -51.55
CA GLU E 251 17.75 32.25 -51.85
C GLU E 251 17.01 33.02 -50.76
N GLY E 252 17.69 33.47 -49.71
CA GLY E 252 17.08 34.30 -48.69
C GLY E 252 15.71 33.86 -48.25
N GLN E 253 15.61 32.70 -47.60
CA GLN E 253 14.32 32.22 -47.15
C GLN E 253 14.52 31.40 -45.88
N ASP E 254 13.45 31.30 -45.10
CA ASP E 254 13.48 30.50 -43.89
C ASP E 254 13.66 29.02 -44.24
N VAL E 255 14.21 28.28 -43.29
CA VAL E 255 14.53 26.87 -43.51
C VAL E 255 14.35 26.14 -42.20
N LEU E 256 13.95 24.88 -42.29
CA LEU E 256 14.01 23.96 -41.16
C LEU E 256 15.24 23.09 -41.32
N LEU E 257 15.62 22.43 -40.23
CA LEU E 257 16.76 21.53 -40.27
C LEU E 257 16.56 20.55 -39.11
N PHE E 258 16.11 19.35 -39.43
CA PHE E 258 15.89 18.33 -38.41
C PHE E 258 17.14 17.48 -38.31
N ILE E 259 17.73 17.44 -37.13
CA ILE E 259 18.91 16.62 -36.90
C ILE E 259 18.52 15.49 -35.98
N ASP E 260 18.09 14.36 -36.54
CA ASP E 260 17.76 13.18 -35.77
C ASP E 260 18.88 12.16 -35.97
N ASN E 261 19.70 11.91 -34.94
CA ASN E 261 19.60 12.44 -33.59
C ASN E 261 20.79 13.34 -33.31
N ILE E 262 20.74 14.14 -32.24
CA ILE E 262 21.84 15.01 -31.87
C ILE E 262 22.66 14.46 -30.72
N PHE E 263 22.36 13.26 -30.25
CA PHE E 263 23.25 12.55 -29.34
C PHE E 263 24.18 11.61 -30.09
N ARG E 264 23.89 11.31 -31.35
CA ARG E 264 24.79 10.53 -32.17
C ARG E 264 25.80 11.39 -32.90
N PHE E 265 25.56 12.70 -32.97
CA PHE E 265 26.60 13.62 -33.39
C PHE E 265 27.75 13.65 -32.38
N THR E 266 27.42 13.78 -31.09
CA THR E 266 28.46 13.74 -30.08
C THR E 266 29.10 12.36 -29.99
N GLN E 267 28.32 11.31 -30.17
CA GLN E 267 28.88 9.97 -30.15
C GLN E 267 29.88 9.79 -31.28
N ALA E 268 29.51 10.21 -32.49
CA ALA E 268 30.43 10.08 -33.61
C ALA E 268 31.68 10.91 -33.37
N GLY E 269 31.52 12.12 -32.86
CA GLY E 269 32.70 12.92 -32.56
C GLY E 269 33.58 12.27 -31.53
N SER E 270 32.99 11.67 -30.50
CA SER E 270 33.78 11.03 -29.46
C SER E 270 34.55 9.85 -30.02
N GLU E 271 33.91 9.05 -30.86
CA GLU E 271 34.63 7.94 -31.48
C GLU E 271 35.79 8.43 -32.33
N VAL E 272 35.55 9.46 -33.14
CA VAL E 272 36.63 9.99 -33.97
C VAL E 272 37.78 10.50 -33.11
N SER E 273 37.47 11.26 -32.07
CA SER E 273 38.53 11.79 -31.22
C SER E 273 39.30 10.67 -30.57
N ALA E 274 38.63 9.62 -30.11
CA ALA E 274 39.34 8.49 -29.53
C ALA E 274 40.27 7.87 -30.55
N LEU E 275 39.82 7.72 -31.80
CA LEU E 275 40.66 7.13 -32.83
C LEU E 275 41.92 7.93 -33.05
N LEU E 276 41.81 9.25 -33.10
CA LEU E 276 43.00 10.08 -33.26
C LEU E 276 43.87 10.10 -32.03
N GLY E 277 43.54 9.32 -30.99
CA GLY E 277 44.40 9.18 -29.84
C GLY E 277 44.25 10.24 -28.78
N ARG E 278 43.36 11.20 -28.96
CA ARG E 278 43.22 12.28 -27.99
C ARG E 278 42.74 11.75 -26.65
N ILE E 279 43.23 12.36 -25.58
CA ILE E 279 42.84 11.92 -24.24
C ILE E 279 41.36 12.13 -24.04
N PRO E 280 40.61 11.15 -23.55
CA PRO E 280 39.19 11.39 -23.28
C PRO E 280 38.98 12.39 -22.15
N SER E 281 37.87 13.09 -22.24
CA SER E 281 37.47 14.14 -21.31
C SER E 281 36.58 13.57 -20.20
N ALA E 282 35.80 14.44 -19.56
CA ALA E 282 35.11 14.12 -18.32
C ALA E 282 34.54 12.71 -18.25
N VAL E 283 33.64 12.34 -19.16
CA VAL E 283 32.92 11.08 -19.03
C VAL E 283 33.25 10.18 -20.21
N GLY E 284 34.45 10.32 -20.75
CA GLY E 284 34.81 9.61 -21.95
C GLY E 284 34.53 10.35 -23.23
N TYR E 285 33.89 11.50 -23.16
CA TYR E 285 33.65 12.28 -24.35
C TYR E 285 34.94 12.94 -24.82
N GLN E 286 34.91 13.48 -26.02
CA GLN E 286 36.10 14.04 -26.59
C GLN E 286 36.51 15.29 -25.81
N PRO E 287 37.81 15.62 -25.79
CA PRO E 287 38.21 16.86 -25.13
C PRO E 287 37.63 18.09 -25.76
N THR E 288 37.23 18.03 -27.03
CA THR E 288 36.71 19.19 -27.75
C THR E 288 35.19 19.18 -27.84
N LEU E 289 34.52 18.57 -26.87
CA LEU E 289 33.07 18.41 -26.99
C LEU E 289 32.39 19.75 -27.18
N ALA E 290 32.70 20.71 -26.32
CA ALA E 290 32.01 21.99 -26.35
C ALA E 290 32.24 22.71 -27.68
N THR E 291 33.50 22.73 -28.15
CA THR E 291 33.78 23.42 -29.40
C THR E 291 33.29 22.64 -30.60
N ASP E 292 33.31 21.31 -30.55
CA ASP E 292 32.76 20.54 -31.65
C ASP E 292 31.28 20.82 -31.82
N MET E 293 30.55 20.92 -30.71
CA MET E 293 29.14 21.30 -30.80
C MET E 293 28.98 22.76 -31.19
N GLY E 294 29.88 23.63 -30.74
CA GLY E 294 29.75 25.04 -31.05
C GLY E 294 29.95 25.34 -32.52
N THR E 295 30.96 24.74 -33.14
CA THR E 295 31.24 25.03 -34.54
C THR E 295 30.22 24.41 -35.48
N MET E 296 29.17 23.81 -34.96
CA MET E 296 28.06 23.30 -35.76
C MET E 296 26.73 23.91 -35.38
N GLN E 297 26.52 24.22 -34.09
CA GLN E 297 25.31 24.90 -33.66
C GLN E 297 25.39 26.39 -33.88
N GLU E 298 26.50 26.89 -34.42
CA GLU E 298 26.69 28.32 -34.59
C GLU E 298 26.47 28.78 -36.02
N ARG E 299 26.32 27.87 -36.96
CA ARG E 299 25.84 28.22 -38.28
C ARG E 299 24.32 28.21 -38.36
N ILE E 300 23.65 27.70 -37.33
CA ILE E 300 22.18 27.70 -37.29
C ILE E 300 21.78 29.01 -36.62
N THR E 301 21.74 30.07 -37.41
CA THR E 301 21.37 31.37 -36.89
C THR E 301 20.69 32.15 -38.00
N THR E 302 20.01 33.22 -37.60
CA THR E 302 19.26 34.08 -38.51
C THR E 302 20.13 35.26 -38.87
N THR E 303 20.69 35.25 -40.07
CA THR E 303 21.40 36.40 -40.58
C THR E 303 20.39 37.34 -41.24
N LYS E 304 20.87 38.32 -42.00
CA LYS E 304 19.98 39.24 -42.68
C LYS E 304 19.44 38.69 -44.00
N LYS E 305 20.14 37.73 -44.61
CA LYS E 305 19.64 37.14 -45.84
C LYS E 305 18.45 36.23 -45.58
N GLY E 306 18.53 35.40 -44.55
CA GLY E 306 17.48 34.43 -44.27
C GLY E 306 17.66 33.91 -42.87
N SER E 307 17.26 32.66 -42.65
CA SER E 307 17.35 32.07 -41.33
C SER E 307 17.28 30.56 -41.45
N ILE E 308 17.89 29.87 -40.48
CA ILE E 308 17.88 28.42 -40.42
C ILE E 308 17.37 28.04 -39.03
N THR E 309 16.08 27.80 -38.91
CA THR E 309 15.60 27.17 -37.70
C THR E 309 16.15 25.75 -37.65
N SER E 310 15.95 25.06 -36.54
CA SER E 310 16.49 23.71 -36.41
C SER E 310 15.77 22.98 -35.29
N VAL E 311 15.21 21.82 -35.60
CA VAL E 311 14.50 21.02 -34.61
C VAL E 311 15.32 19.75 -34.42
N GLN E 312 16.05 19.69 -33.31
CA GLN E 312 17.03 18.65 -33.07
C GLN E 312 16.49 17.68 -32.03
N ALA E 313 16.33 16.42 -32.42
CA ALA E 313 15.95 15.40 -31.46
C ALA E 313 17.09 15.17 -30.49
N ILE E 314 16.75 14.97 -29.22
CA ILE E 314 17.73 14.84 -28.16
C ILE E 314 17.47 13.56 -27.39
N TYR E 315 18.51 12.76 -27.20
CA TYR E 315 18.49 11.60 -26.32
C TYR E 315 19.30 11.94 -25.09
N VAL E 316 18.72 11.71 -23.91
CA VAL E 316 19.38 12.06 -22.66
C VAL E 316 19.87 10.78 -22.02
N PRO E 317 21.17 10.47 -22.08
CA PRO E 317 21.61 9.13 -21.71
C PRO E 317 21.43 8.87 -20.22
N ALA E 318 20.73 7.78 -19.91
CA ALA E 318 20.47 7.38 -18.53
C ALA E 318 19.69 8.42 -17.76
N ASP E 319 18.91 9.25 -18.46
CA ASP E 319 18.18 10.35 -17.86
C ASP E 319 19.09 11.30 -17.10
N ASP E 320 20.36 11.39 -17.51
CA ASP E 320 21.30 12.31 -16.91
C ASP E 320 21.21 13.62 -17.66
N LEU E 321 20.53 14.60 -17.10
CA LEU E 321 20.54 15.92 -17.69
C LEU E 321 21.80 16.70 -17.33
N THR E 322 22.65 16.15 -16.47
CA THR E 322 23.97 16.70 -16.23
C THR E 322 25.04 16.10 -17.14
N ASP E 323 24.70 15.06 -17.88
CA ASP E 323 25.71 14.37 -18.68
C ASP E 323 26.33 15.36 -19.65
N PRO E 324 27.63 15.27 -19.92
CA PRO E 324 28.26 16.32 -20.74
C PRO E 324 27.63 16.52 -22.10
N ALA E 325 27.06 15.48 -22.72
CA ALA E 325 26.46 15.67 -24.05
C ALA E 325 25.15 16.43 -23.97
N PRO E 326 24.14 15.99 -23.22
CA PRO E 326 22.92 16.80 -23.05
C PRO E 326 23.14 18.05 -22.23
N ALA E 327 24.27 18.19 -21.55
CA ALA E 327 24.60 19.44 -20.88
C ALA E 327 25.28 20.43 -21.80
N THR E 328 25.93 19.95 -22.86
CA THR E 328 26.49 20.83 -23.86
C THR E 328 25.49 21.19 -24.93
N THR E 329 24.50 20.33 -25.17
CA THR E 329 23.45 20.66 -26.12
C THR E 329 22.52 21.72 -25.56
N PHE E 330 22.11 21.57 -24.30
CA PHE E 330 21.14 22.48 -23.73
C PHE E 330 21.65 23.91 -23.64
N ALA E 331 22.97 24.11 -23.73
CA ALA E 331 23.48 25.47 -23.72
C ALA E 331 23.15 26.21 -25.00
N HIS E 332 22.62 25.52 -26.01
CA HIS E 332 22.26 26.12 -27.28
C HIS E 332 20.77 26.14 -27.55
N LEU E 333 20.01 25.20 -27.02
CA LEU E 333 18.59 25.12 -27.33
C LEU E 333 17.88 26.42 -26.96
N ASP E 334 17.00 26.86 -27.86
CA ASP E 334 16.18 28.03 -27.65
C ASP E 334 14.71 27.67 -27.47
N ALA E 335 14.40 26.41 -27.21
CA ALA E 335 13.02 25.97 -27.08
C ALA E 335 13.04 24.56 -26.53
N THR E 336 11.87 23.91 -26.56
CA THR E 336 11.77 22.51 -26.20
C THR E 336 10.36 22.06 -26.55
N THR E 337 10.22 20.77 -26.85
CA THR E 337 8.93 20.23 -27.26
C THR E 337 8.88 18.79 -26.75
N VAL E 338 8.30 18.61 -25.57
CA VAL E 338 8.38 17.32 -24.88
C VAL E 338 7.14 16.53 -25.31
N LEU E 339 7.26 15.88 -26.46
CA LEU E 339 6.29 14.85 -26.82
C LEU E 339 6.24 13.82 -25.71
N SER E 340 5.03 13.47 -25.28
CA SER E 340 4.85 12.54 -24.18
C SER E 340 3.86 11.47 -24.57
N ARG E 341 4.04 10.28 -24.00
CA ARG E 341 3.12 9.18 -24.25
C ARG E 341 1.82 9.37 -23.48
N ALA E 342 1.91 9.89 -22.26
CA ALA E 342 0.72 9.99 -21.42
C ALA E 342 -0.33 10.87 -22.06
N ILE E 343 0.06 11.81 -22.92
CA ILE E 343 -0.89 12.67 -23.61
C ILE E 343 -1.37 12.05 -24.92
N ALA E 344 -0.77 10.94 -25.36
CA ALA E 344 -1.23 10.24 -26.54
C ALA E 344 -2.32 9.23 -26.24
N GLU E 345 -2.38 8.72 -25.01
CA GLU E 345 -3.48 7.85 -24.64
C GLU E 345 -4.81 8.58 -24.70
N LEU E 346 -4.84 9.83 -24.24
CA LEU E 346 -6.06 10.62 -24.34
C LEU E 346 -6.44 10.89 -25.79
N GLY E 347 -5.52 10.67 -26.72
CA GLY E 347 -5.77 10.95 -28.11
C GLY E 347 -5.46 12.37 -28.55
N ILE E 348 -5.07 13.24 -27.62
CA ILE E 348 -4.70 14.61 -27.96
C ILE E 348 -3.46 14.56 -28.82
N TYR E 349 -3.60 14.84 -30.11
CA TYR E 349 -2.51 14.81 -31.05
C TYR E 349 -2.35 16.18 -31.69
N PRO E 350 -1.13 16.77 -31.71
CA PRO E 350 0.15 16.18 -31.33
C PRO E 350 0.24 15.93 -29.84
N ALA E 351 1.07 14.98 -29.44
CA ALA E 351 1.18 14.62 -28.04
C ALA E 351 1.91 15.67 -27.23
N VAL E 352 2.29 16.79 -27.84
CA VAL E 352 3.13 17.79 -27.20
C VAL E 352 2.61 18.09 -25.81
N ASP E 353 3.46 17.94 -24.82
CA ASP E 353 3.10 18.27 -23.45
C ASP E 353 3.09 19.78 -23.29
N PRO E 354 2.06 20.36 -22.66
CA PRO E 354 2.04 21.83 -22.53
C PRO E 354 2.80 22.34 -21.33
N LEU E 355 2.94 21.51 -20.31
CA LEU E 355 3.53 21.95 -19.06
C LEU E 355 5.04 21.73 -18.99
N ASP E 356 5.59 20.87 -19.84
CA ASP E 356 7.03 20.67 -19.93
C ASP E 356 7.67 21.51 -21.01
N SER E 357 6.98 21.72 -22.12
CA SER E 357 7.53 22.46 -23.24
C SER E 357 7.94 23.86 -22.81
N THR E 358 9.23 24.13 -22.82
CA THR E 358 9.76 25.43 -22.44
C THR E 358 9.93 26.28 -23.70
N SER E 359 10.29 27.55 -23.52
CA SER E 359 10.82 28.33 -24.63
C SER E 359 11.46 29.61 -24.12
N ARG E 360 12.69 29.88 -24.55
CA ARG E 360 13.38 31.05 -24.05
C ARG E 360 12.72 32.35 -24.48
N ILE E 361 11.98 32.33 -25.60
CA ILE E 361 11.37 33.57 -26.10
C ILE E 361 9.97 33.77 -25.56
N MET E 362 9.50 32.92 -24.65
CA MET E 362 8.21 33.14 -24.02
C MET E 362 8.33 34.26 -23.01
N ASP E 363 8.61 35.48 -23.48
CA ASP E 363 8.78 36.63 -22.63
C ASP E 363 8.02 37.79 -23.26
N PRO E 364 7.32 38.59 -22.45
CA PRO E 364 6.47 39.65 -23.02
C PRO E 364 7.24 40.69 -23.80
N ASN E 365 8.55 40.78 -23.63
CA ASN E 365 9.33 41.72 -24.43
C ASN E 365 9.39 41.30 -25.89
N ILE E 366 9.17 40.02 -26.19
CA ILE E 366 9.37 39.48 -27.53
C ILE E 366 8.05 39.10 -28.18
N VAL E 367 7.31 38.16 -27.59
CA VAL E 367 6.06 37.72 -28.19
C VAL E 367 5.01 38.82 -28.14
N GLY E 368 4.99 39.57 -27.05
CA GLY E 368 3.97 40.60 -26.85
C GLY E 368 3.21 40.35 -25.56
N SER E 369 2.64 41.40 -24.98
CA SER E 369 1.96 41.25 -23.71
C SER E 369 0.76 40.33 -23.82
N GLU E 370 -0.02 40.46 -24.91
CA GLU E 370 -1.20 39.63 -25.07
C GLU E 370 -0.83 38.15 -25.16
N HIS E 371 0.11 37.82 -26.03
CA HIS E 371 0.56 36.44 -26.17
C HIS E 371 1.03 35.89 -24.83
N TYR E 372 1.85 36.67 -24.12
CA TYR E 372 2.42 36.17 -22.87
C TYR E 372 1.37 35.99 -21.80
N ASP E 373 0.46 36.95 -21.65
CA ASP E 373 -0.59 36.81 -20.64
C ASP E 373 -1.45 35.60 -20.95
N VAL E 374 -1.82 35.41 -22.22
CA VAL E 374 -2.66 34.28 -22.58
C VAL E 374 -1.93 32.96 -22.29
N ALA E 375 -0.67 32.86 -22.71
CA ALA E 375 0.07 31.62 -22.52
C ALA E 375 0.28 31.31 -21.05
N ARG E 376 0.62 32.33 -20.26
CA ARG E 376 0.82 32.11 -18.83
C ARG E 376 -0.49 31.74 -18.14
N GLY E 377 -1.61 32.34 -18.56
CA GLY E 377 -2.88 31.94 -18.01
C GLY E 377 -3.24 30.50 -18.33
N VAL E 378 -2.97 30.08 -19.57
CA VAL E 378 -3.21 28.69 -19.93
C VAL E 378 -2.34 27.77 -19.08
N GLN E 379 -1.08 28.13 -18.89
CA GLN E 379 -0.21 27.30 -18.06
C GLN E 379 -0.75 27.21 -16.64
N LYS E 380 -1.17 28.33 -16.08
CA LYS E 380 -1.65 28.33 -14.69
C LYS E 380 -2.92 27.50 -14.56
N ILE E 381 -3.86 27.65 -15.49
CA ILE E 381 -5.08 26.87 -15.39
C ILE E 381 -4.79 25.39 -15.54
N LEU E 382 -3.86 25.03 -16.44
CA LEU E 382 -3.55 23.62 -16.62
C LEU E 382 -2.85 23.05 -15.40
N GLN E 383 -1.97 23.83 -14.75
CA GLN E 383 -1.36 23.38 -13.51
C GLN E 383 -2.39 23.18 -12.43
N ASP E 384 -3.32 24.13 -12.29
CA ASP E 384 -4.35 24.00 -11.27
C ASP E 384 -5.22 22.79 -11.53
N TYR E 385 -5.56 22.53 -12.80
CA TYR E 385 -6.35 21.35 -13.10
C TYR E 385 -5.57 20.08 -12.81
N LYS E 386 -4.27 20.05 -13.12
CA LYS E 386 -3.47 18.88 -12.80
C LYS E 386 -3.48 18.62 -11.31
N SER E 387 -3.42 19.69 -10.50
CA SER E 387 -3.48 19.52 -9.06
C SER E 387 -4.85 19.00 -8.61
N LEU E 388 -5.92 19.64 -9.07
CA LEU E 388 -7.25 19.18 -8.70
C LEU E 388 -7.52 17.77 -9.17
N GLN E 389 -6.82 17.31 -10.20
CA GLN E 389 -6.95 15.93 -10.64
C GLN E 389 -6.66 14.98 -9.49
N ASP E 390 -5.62 15.29 -8.70
CA ASP E 390 -5.28 14.42 -7.58
C ASP E 390 -6.40 14.37 -6.56
N ILE E 391 -6.95 15.54 -6.21
CA ILE E 391 -8.01 15.57 -5.21
C ILE E 391 -9.23 14.80 -5.71
N ILE E 392 -9.59 14.98 -6.98
CA ILE E 392 -10.73 14.27 -7.53
C ILE E 392 -10.49 12.77 -7.51
N ALA E 393 -9.28 12.34 -7.92
CA ALA E 393 -9.00 10.92 -7.96
C ALA E 393 -9.04 10.30 -6.56
N ILE E 394 -8.50 11.01 -5.57
CA ILE E 394 -8.41 10.46 -4.22
C ILE E 394 -9.79 10.43 -3.57
N LEU E 395 -10.40 11.60 -3.41
CA LEU E 395 -11.63 11.73 -2.64
C LEU E 395 -12.87 11.60 -3.52
N GLY E 396 -13.00 12.46 -4.51
CA GLY E 396 -14.11 12.41 -5.43
C GLY E 396 -14.54 13.81 -5.84
N MET E 397 -15.31 13.88 -6.93
CA MET E 397 -15.75 15.17 -7.43
C MET E 397 -16.54 15.94 -6.38
N ASP E 398 -17.25 15.24 -5.51
CA ASP E 398 -17.99 15.90 -4.44
C ASP E 398 -17.09 16.81 -3.62
N GLU E 399 -15.83 16.41 -3.44
CA GLU E 399 -14.92 17.15 -2.58
C GLU E 399 -14.64 18.56 -3.11
N LEU E 400 -14.97 18.84 -4.37
CA LEU E 400 -14.63 20.10 -4.99
C LEU E 400 -15.84 21.03 -5.03
N SER E 401 -15.58 22.32 -4.80
CA SER E 401 -16.56 23.37 -4.97
C SER E 401 -16.68 23.74 -6.45
N GLU E 402 -17.64 24.61 -6.76
CA GLU E 402 -17.78 25.10 -8.13
C GLU E 402 -16.69 26.08 -8.51
N GLU E 403 -16.11 26.79 -7.54
CA GLU E 403 -14.99 27.67 -7.85
C GLU E 403 -13.82 26.89 -8.44
N ASP E 404 -13.76 25.58 -8.20
CA ASP E 404 -12.78 24.70 -8.80
C ASP E 404 -13.34 23.93 -9.98
N LYS E 405 -14.63 23.57 -9.95
CA LYS E 405 -15.20 22.84 -11.08
C LYS E 405 -15.22 23.69 -12.33
N LEU E 406 -15.35 25.01 -12.21
CA LEU E 406 -15.27 25.85 -13.39
C LEU E 406 -13.88 25.80 -14.01
N THR E 407 -12.83 25.87 -13.17
CA THR E 407 -11.48 25.74 -13.70
C THR E 407 -11.27 24.36 -14.30
N VAL E 408 -11.86 23.33 -13.71
CA VAL E 408 -11.72 21.99 -14.26
C VAL E 408 -12.36 21.93 -15.65
N SER E 409 -13.55 22.48 -15.80
CA SER E 409 -14.21 22.48 -17.10
C SER E 409 -13.40 23.27 -18.12
N ARG E 410 -12.89 24.43 -17.73
CA ARG E 410 -12.07 25.23 -18.64
C ARG E 410 -10.80 24.48 -19.02
N ALA E 411 -10.18 23.80 -18.06
CA ALA E 411 -8.96 23.07 -18.35
C ALA E 411 -9.22 21.92 -19.30
N ARG E 412 -10.32 21.20 -19.11
CA ARG E 412 -10.66 20.14 -20.05
C ARG E 412 -10.88 20.70 -21.45
N LYS E 413 -11.58 21.83 -21.53
CA LYS E 413 -11.78 22.46 -22.84
C LYS E 413 -10.47 22.87 -23.48
N ILE E 414 -9.53 23.39 -22.69
CA ILE E 414 -8.26 23.82 -23.25
C ILE E 414 -7.43 22.62 -23.71
N GLN E 415 -7.34 21.59 -22.85
CA GLN E 415 -6.65 20.37 -23.24
C GLN E 415 -7.21 19.82 -24.54
N ARG E 416 -8.53 19.92 -24.73
CA ARG E 416 -9.10 19.52 -26.00
C ARG E 416 -8.64 20.44 -27.12
N PHE E 417 -8.76 21.74 -26.92
CA PHE E 417 -8.52 22.68 -28.00
C PHE E 417 -7.07 22.67 -28.46
N LEU E 418 -6.14 22.18 -27.63
CA LEU E 418 -4.75 22.15 -28.05
C LEU E 418 -4.53 21.13 -29.16
N SER E 419 -5.31 20.04 -29.18
CA SER E 419 -5.20 19.07 -30.26
C SER E 419 -5.57 19.73 -31.59
N GLN E 420 -4.89 19.34 -32.65
CA GLN E 420 -5.07 19.88 -33.97
C GLN E 420 -5.03 18.75 -34.99
N PRO E 421 -5.82 18.85 -36.07
CA PRO E 421 -5.70 17.86 -37.13
C PRO E 421 -4.63 18.22 -38.15
N PHE E 422 -3.58 17.43 -38.25
CA PHE E 422 -2.52 17.69 -39.20
C PHE E 422 -2.97 17.31 -40.61
N GLN E 423 -2.40 17.98 -41.60
CA GLN E 423 -2.74 17.66 -42.98
C GLN E 423 -2.16 16.31 -43.38
N VAL E 424 -0.91 16.05 -43.01
CA VAL E 424 -0.28 14.79 -43.39
C VAL E 424 -0.96 13.61 -42.71
N ALA E 425 -1.52 13.82 -41.53
CA ALA E 425 -2.17 12.76 -40.78
C ALA E 425 -3.58 12.47 -41.28
N GLU E 426 -3.96 12.96 -42.46
CA GLU E 426 -5.28 12.67 -43.00
C GLU E 426 -5.54 11.18 -43.08
N VAL E 427 -4.50 10.38 -43.32
CA VAL E 427 -4.67 8.94 -43.44
C VAL E 427 -5.24 8.35 -42.15
N PHE E 428 -4.91 8.94 -41.00
CA PHE E 428 -5.38 8.39 -39.73
C PHE E 428 -6.81 8.82 -39.43
N THR E 429 -7.02 10.12 -39.27
CA THR E 429 -8.29 10.63 -38.75
C THR E 429 -9.25 11.08 -39.84
N GLY E 430 -8.78 11.27 -41.07
CA GLY E 430 -9.66 11.70 -42.15
C GLY E 430 -9.94 13.18 -42.14
N HIS E 431 -9.90 13.80 -40.96
CA HIS E 431 -10.12 15.23 -40.83
C HIS E 431 -9.17 16.00 -41.74
N LEU E 432 -9.47 17.26 -42.00
CA LEU E 432 -8.68 18.09 -42.90
C LEU E 432 -7.61 18.84 -42.14
N GLY E 433 -6.44 18.99 -42.76
CA GLY E 433 -5.37 19.71 -42.11
C GLY E 433 -5.72 21.18 -41.92
N LYS E 434 -5.56 21.67 -40.70
CA LYS E 434 -5.89 23.06 -40.35
C LYS E 434 -4.60 23.77 -39.96
N LEU E 435 -4.19 24.74 -40.77
CA LEU E 435 -3.02 25.56 -40.50
C LEU E 435 -3.51 26.85 -39.85
N VAL E 436 -3.86 26.77 -38.57
CA VAL E 436 -4.43 27.91 -37.86
C VAL E 436 -3.34 28.96 -37.64
N PRO E 437 -3.51 30.18 -38.13
CA PRO E 437 -2.50 31.22 -37.90
C PRO E 437 -2.43 31.60 -36.43
N LEU E 438 -1.36 32.31 -36.10
CA LEU E 438 -1.07 32.61 -34.70
C LEU E 438 -2.19 33.40 -34.04
N LYS E 439 -2.69 34.42 -34.75
CA LYS E 439 -3.71 35.28 -34.18
C LYS E 439 -4.94 34.47 -33.79
N GLU E 440 -5.34 33.53 -34.64
CA GLU E 440 -6.53 32.74 -34.36
C GLU E 440 -6.33 31.87 -33.12
N THR E 441 -5.14 31.29 -32.95
CA THR E 441 -4.87 30.52 -31.74
C THR E 441 -4.97 31.40 -30.51
N ILE E 442 -4.38 32.60 -30.56
CA ILE E 442 -4.41 33.49 -29.41
C ILE E 442 -5.84 33.85 -29.07
N LYS E 443 -6.63 34.23 -30.07
CA LYS E 443 -8.01 34.62 -29.80
C LYS E 443 -8.79 33.45 -29.23
N GLY E 444 -8.64 32.27 -29.82
CA GLY E 444 -9.38 31.13 -29.33
C GLY E 444 -9.11 30.84 -27.88
N PHE E 445 -7.83 30.88 -27.48
CA PHE E 445 -7.51 30.53 -26.10
C PHE E 445 -7.87 31.65 -25.15
N GLN E 446 -7.63 32.90 -25.54
CA GLN E 446 -8.04 34.03 -24.72
C GLN E 446 -9.53 34.04 -24.48
N GLN E 447 -10.30 33.50 -25.43
CA GLN E 447 -11.75 33.46 -25.24
C GLN E 447 -12.18 32.24 -24.43
N ILE E 448 -11.62 31.06 -24.70
CA ILE E 448 -11.96 29.91 -23.90
C ILE E 448 -11.63 30.16 -22.44
N LEU E 449 -10.61 30.97 -22.17
CA LEU E 449 -10.29 31.30 -20.79
C LEU E 449 -11.27 32.32 -20.21
N ALA E 450 -11.76 33.23 -21.03
CA ALA E 450 -12.74 34.22 -20.57
C ALA E 450 -14.12 33.64 -20.39
N GLY E 451 -14.26 32.31 -20.40
CA GLY E 451 -15.54 31.68 -20.14
C GLY E 451 -16.54 31.83 -21.25
N GLU E 452 -16.17 32.43 -22.38
CA GLU E 452 -17.14 32.72 -23.41
C GLU E 452 -17.77 31.45 -23.99
N TYR E 453 -17.16 30.29 -23.77
CA TYR E 453 -17.65 29.04 -24.34
C TYR E 453 -17.75 27.95 -23.29
N ASP E 454 -18.11 28.32 -22.05
CA ASP E 454 -18.17 27.33 -20.99
C ASP E 454 -19.34 26.36 -21.15
N HIS E 455 -20.26 26.60 -22.08
CA HIS E 455 -21.43 25.76 -22.24
C HIS E 455 -21.26 24.71 -23.34
N LEU E 456 -20.46 25.00 -24.37
CA LEU E 456 -20.33 24.04 -25.47
C LEU E 456 -19.75 22.74 -24.94
N PRO E 457 -20.21 21.59 -25.45
CA PRO E 457 -19.58 20.32 -25.06
C PRO E 457 -18.11 20.29 -25.45
N GLU E 458 -17.31 19.67 -24.59
CA GLU E 458 -15.87 19.62 -24.82
C GLU E 458 -15.55 19.11 -26.22
N GLN E 459 -16.29 18.11 -26.69
CA GLN E 459 -16.04 17.53 -28.01
C GLN E 459 -16.27 18.55 -29.11
N ALA E 460 -16.77 19.74 -28.76
CA ALA E 460 -16.84 20.81 -29.74
C ALA E 460 -15.45 21.20 -30.23
N PHE E 461 -14.47 21.23 -29.33
CA PHE E 461 -13.12 21.68 -29.66
C PHE E 461 -12.21 20.55 -30.10
N TYR E 462 -12.44 19.34 -29.61
CA TYR E 462 -11.56 18.21 -29.91
C TYR E 462 -11.27 18.12 -31.39
N MET E 463 -9.99 18.24 -31.75
CA MET E 463 -9.53 18.09 -33.13
C MET E 463 -10.21 19.09 -34.05
N VAL E 464 -9.95 20.37 -33.80
CA VAL E 464 -10.41 21.45 -34.66
C VAL E 464 -9.26 22.43 -34.87
N GLY E 465 -9.48 23.38 -35.76
CA GLY E 465 -8.51 24.41 -36.03
C GLY E 465 -8.81 25.65 -35.19
N PRO E 466 -9.36 26.69 -35.81
CA PRO E 466 -9.71 27.87 -35.01
C PRO E 466 -10.83 27.59 -34.03
N ILE E 467 -11.26 28.60 -33.27
CA ILE E 467 -12.37 28.40 -32.34
C ILE E 467 -13.71 28.41 -33.08
N GLU E 468 -13.78 29.10 -34.22
CA GLU E 468 -15.02 29.19 -34.96
C GLU E 468 -15.45 27.81 -35.44
N GLU E 469 -14.48 27.00 -35.90
CA GLU E 469 -14.78 25.63 -36.25
C GLU E 469 -15.30 24.85 -35.04
N ALA E 470 -14.80 25.17 -33.84
CA ALA E 470 -15.32 24.51 -32.64
C ALA E 470 -16.77 24.89 -32.41
N VAL E 471 -17.12 26.16 -32.63
CA VAL E 471 -18.51 26.58 -32.52
C VAL E 471 -19.38 25.80 -33.49
N ALA E 472 -18.92 25.70 -34.75
CA ALA E 472 -19.70 24.99 -35.76
C ALA E 472 -19.87 23.52 -35.39
N LYS E 473 -18.81 22.90 -34.88
CA LYS E 473 -18.91 21.50 -34.47
C LYS E 473 -19.88 21.33 -33.32
N ALA E 474 -19.87 22.27 -32.35
CA ALA E 474 -20.82 22.20 -31.25
C ALA E 474 -22.24 22.26 -31.78
N ASP E 475 -22.50 23.18 -32.72
CA ASP E 475 -23.83 23.27 -33.29
C ASP E 475 -24.21 21.97 -33.99
N LYS E 476 -23.28 21.39 -34.75
CA LYS E 476 -23.60 20.17 -35.49
C LYS E 476 -23.93 19.02 -34.55
N LEU E 477 -23.05 18.74 -33.59
CA LEU E 477 -23.24 17.56 -32.75
C LEU E 477 -24.30 17.78 -31.68
N ALA E 478 -24.80 19.00 -31.52
CA ALA E 478 -25.81 19.31 -30.51
C ALA E 478 -27.23 19.16 -31.04
N GLU E 479 -27.40 18.72 -32.27
CA GLU E 479 -28.74 18.58 -32.86
C GLU E 479 -28.99 17.14 -33.30
N THR F 13 79.55 28.78 -10.95
CA THR F 13 79.67 28.77 -12.39
C THR F 13 78.38 29.24 -13.05
N THR F 14 78.38 29.29 -14.37
CA THR F 14 77.28 29.87 -15.15
C THR F 14 76.70 28.82 -16.06
N GLY F 15 75.37 28.72 -16.09
CA GLY F 15 74.66 27.83 -16.98
C GLY F 15 73.74 28.61 -17.90
N ARG F 16 73.14 27.89 -18.84
CA ARG F 16 72.27 28.49 -19.85
C ARG F 16 70.92 27.80 -19.81
N ILE F 17 69.85 28.59 -19.82
CA ILE F 17 68.51 28.03 -19.89
C ILE F 17 68.39 27.27 -21.22
N VAL F 18 68.11 25.98 -21.13
CA VAL F 18 68.03 25.14 -22.32
C VAL F 18 66.58 24.92 -22.70
N ALA F 19 65.68 24.94 -21.74
CA ALA F 19 64.27 24.80 -22.06
C ALA F 19 63.42 25.45 -20.97
N VAL F 20 62.18 25.78 -21.33
CA VAL F 20 61.25 26.42 -20.40
C VAL F 20 59.85 25.90 -20.69
N ILE F 21 59.15 25.46 -19.65
CA ILE F 21 57.82 24.89 -19.79
C ILE F 21 56.99 25.42 -18.63
N GLY F 22 56.11 26.37 -18.91
CA GLY F 22 55.31 26.93 -17.84
C GLY F 22 56.17 27.50 -16.73
N ALA F 23 56.22 26.81 -15.60
CA ALA F 23 57.02 27.22 -14.45
C ALA F 23 58.04 26.15 -14.09
N VAL F 24 58.67 25.56 -15.10
CA VAL F 24 59.75 24.59 -14.92
C VAL F 24 60.79 24.86 -15.98
N VAL F 25 62.01 25.15 -15.56
CA VAL F 25 63.07 25.61 -16.45
C VAL F 25 64.20 24.58 -16.40
N ASP F 26 64.57 24.05 -17.57
CA ASP F 26 65.74 23.19 -17.69
C ASP F 26 66.94 24.05 -18.02
N VAL F 27 67.98 23.96 -17.19
CA VAL F 27 69.20 24.72 -17.35
C VAL F 27 70.33 23.75 -17.65
N GLN F 28 71.35 24.23 -18.35
CA GLN F 28 72.47 23.39 -18.79
C GLN F 28 73.77 24.01 -18.29
N PHE F 29 74.45 23.30 -17.41
CA PHE F 29 75.69 23.77 -16.83
C PHE F 29 76.86 23.09 -17.52
N ASP F 30 77.64 23.86 -18.28
CA ASP F 30 78.82 23.30 -18.93
C ASP F 30 79.85 22.86 -17.89
N GLU F 31 80.03 23.65 -16.84
CA GLU F 31 80.95 23.33 -15.75
C GLU F 31 80.19 22.48 -14.73
N GLY F 32 80.75 22.30 -13.54
CA GLY F 32 80.11 21.46 -12.54
C GLY F 32 78.71 21.92 -12.22
N LEU F 33 77.85 20.94 -11.94
CA LEU F 33 76.43 21.18 -11.66
C LEU F 33 76.25 21.63 -10.22
N PRO F 34 75.09 22.20 -9.90
CA PRO F 34 74.79 22.55 -8.52
C PRO F 34 74.03 21.42 -7.85
N PRO F 35 74.27 21.16 -6.57
CA PRO F 35 73.50 20.14 -5.87
C PRO F 35 72.02 20.45 -5.93
N ILE F 36 71.22 19.48 -5.49
CA ILE F 36 69.77 19.66 -5.51
C ILE F 36 69.36 20.63 -4.42
N LEU F 37 68.32 21.41 -4.70
CA LEU F 37 67.74 22.44 -3.84
C LEU F 37 68.51 23.75 -3.89
N ASN F 38 69.58 23.86 -4.67
CA ASN F 38 70.27 25.13 -4.79
C ASN F 38 69.36 26.17 -5.44
N ALA F 39 69.60 27.42 -5.10
CA ALA F 39 68.89 28.54 -5.70
C ALA F 39 69.78 29.14 -6.78
N LEU F 40 69.26 29.21 -7.99
CA LEU F 40 69.96 29.77 -9.13
C LEU F 40 69.32 31.12 -9.45
N GLU F 41 70.15 32.10 -9.75
CA GLU F 41 69.69 33.46 -10.04
C GLU F 41 69.74 33.66 -11.55
N VAL F 42 68.60 33.95 -12.16
CA VAL F 42 68.57 34.20 -13.59
C VAL F 42 69.14 35.57 -13.86
N GLN F 43 69.87 35.70 -14.97
CA GLN F 43 70.57 36.93 -15.32
C GLN F 43 69.82 37.66 -16.42
N GLY F 44 69.60 38.95 -16.22
CA GLY F 44 68.98 39.77 -17.25
C GLY F 44 67.49 39.92 -17.08
N ARG F 45 67.06 40.30 -15.88
CA ARG F 45 65.64 40.45 -15.58
C ARG F 45 65.40 41.77 -14.86
N GLU F 46 64.18 42.29 -15.02
CA GLU F 46 63.82 43.50 -14.30
C GLU F 46 63.80 43.26 -12.79
N THR F 47 63.49 42.05 -12.38
CA THR F 47 63.37 41.67 -10.98
C THR F 47 64.28 40.48 -10.73
N ARG F 48 64.13 39.86 -9.56
CA ARG F 48 64.95 38.72 -9.17
C ARG F 48 64.15 37.44 -9.35
N LEU F 49 64.46 36.68 -10.38
CA LEU F 49 63.89 35.36 -10.58
C LEU F 49 64.83 34.33 -9.99
N VAL F 50 64.33 33.53 -9.06
CA VAL F 50 65.13 32.54 -8.36
C VAL F 50 64.61 31.18 -8.74
N LEU F 51 65.30 30.50 -9.65
CA LEU F 51 65.00 29.10 -9.88
C LEU F 51 65.54 28.28 -8.73
N GLU F 52 64.98 27.09 -8.54
CA GLU F 52 65.45 26.20 -7.51
C GLU F 52 65.56 24.79 -8.08
N VAL F 53 66.73 24.18 -7.95
CA VAL F 53 66.95 22.87 -8.57
C VAL F 53 66.02 21.84 -7.92
N ALA F 54 65.60 20.87 -8.72
CA ALA F 54 64.82 19.74 -8.24
C ALA F 54 65.28 18.40 -8.79
N GLN F 55 65.97 18.34 -9.91
CA GLN F 55 66.43 17.07 -10.46
C GLN F 55 67.68 17.31 -11.28
N HIS F 56 68.43 16.23 -11.48
CA HIS F 56 69.54 16.19 -12.42
C HIS F 56 69.17 15.22 -13.53
N LEU F 57 69.06 15.73 -14.75
CA LEU F 57 68.63 14.94 -15.88
C LEU F 57 69.78 14.26 -16.60
N GLY F 58 70.99 14.36 -16.07
CA GLY F 58 72.14 13.88 -16.79
C GLY F 58 72.44 14.80 -17.95
N GLU F 59 73.51 14.47 -18.67
CA GLU F 59 73.97 15.33 -19.75
C GLU F 59 74.19 16.75 -19.24
N SER F 60 74.56 16.87 -17.97
CA SER F 60 74.89 18.12 -17.31
C SER F 60 73.67 18.98 -17.04
N THR F 61 72.49 18.60 -17.51
CA THR F 61 71.29 19.39 -17.33
C THR F 61 70.80 19.29 -15.89
N VAL F 62 70.04 20.30 -15.47
CA VAL F 62 69.25 20.25 -14.25
C VAL F 62 67.88 20.82 -14.56
N ARG F 63 66.89 20.40 -13.78
CA ARG F 63 65.52 20.86 -13.93
C ARG F 63 65.14 21.63 -12.68
N THR F 64 64.54 22.80 -12.86
CA THR F 64 64.38 23.76 -11.78
C THR F 64 62.96 24.31 -11.77
N ILE F 65 62.52 24.74 -10.60
CA ILE F 65 61.21 25.33 -10.40
C ILE F 65 61.41 26.83 -10.19
N ALA F 66 60.72 27.64 -10.99
CA ALA F 66 60.92 29.08 -10.97
C ALA F 66 60.00 29.72 -9.94
N MET F 67 60.56 30.62 -9.12
CA MET F 67 59.84 31.22 -8.02
C MET F 67 59.10 32.49 -8.41
N ASP F 68 59.07 32.84 -9.69
CA ASP F 68 58.27 33.96 -10.17
C ASP F 68 57.83 33.62 -11.58
N GLY F 69 57.35 34.62 -12.32
CA GLY F 69 56.87 34.37 -13.66
C GLY F 69 58.03 34.12 -14.61
N THR F 70 57.89 33.10 -15.44
CA THR F 70 58.89 32.80 -16.46
C THR F 70 58.62 33.52 -17.77
N GLU F 71 57.61 34.39 -17.83
CA GLU F 71 57.39 35.17 -19.03
C GLU F 71 58.64 35.96 -19.37
N GLY F 72 59.07 35.89 -20.61
CA GLY F 72 60.25 36.61 -21.03
C GLY F 72 61.53 35.82 -21.02
N LEU F 73 61.57 34.67 -20.37
CA LEU F 73 62.77 33.84 -20.39
C LEU F 73 63.04 33.39 -21.82
N VAL F 74 64.29 33.55 -22.26
CA VAL F 74 64.69 33.24 -23.62
C VAL F 74 65.64 32.07 -23.58
N ARG F 75 65.37 31.05 -24.39
CA ARG F 75 66.28 29.93 -24.52
C ARG F 75 67.68 30.45 -24.76
N GLY F 76 68.60 30.22 -23.82
CA GLY F 76 69.95 30.73 -23.91
C GLY F 76 70.30 31.77 -22.87
N GLN F 77 69.36 32.21 -22.03
CA GLN F 77 69.71 33.15 -20.98
C GLN F 77 70.77 32.54 -20.08
N LYS F 78 71.35 33.39 -19.23
CA LYS F 78 72.41 32.98 -18.31
C LYS F 78 71.87 32.87 -16.90
N VAL F 79 72.38 31.89 -16.17
CA VAL F 79 71.92 31.59 -14.82
C VAL F 79 73.13 31.34 -13.94
N LEU F 80 73.19 32.01 -12.80
CA LEU F 80 74.32 31.90 -11.89
C LEU F 80 73.94 31.04 -10.69
N ASP F 81 74.77 30.06 -10.38
CA ASP F 81 74.51 29.19 -9.25
C ASP F 81 74.82 29.94 -7.97
N SER F 82 73.77 30.36 -7.25
CA SER F 82 73.97 31.11 -6.03
C SER F 82 74.71 30.31 -4.97
N GLY F 83 74.76 28.99 -5.12
CA GLY F 83 75.64 28.15 -4.32
C GLY F 83 75.04 27.63 -3.03
N ALA F 84 73.91 28.15 -2.59
CA ALA F 84 73.26 27.67 -1.37
C ALA F 84 71.75 27.72 -1.58
N PRO F 85 71.00 26.94 -0.81
CA PRO F 85 69.55 26.95 -0.96
C PRO F 85 69.02 28.37 -0.75
N ILE F 86 67.72 28.53 -0.98
CA ILE F 86 67.11 29.82 -0.69
C ILE F 86 67.43 30.18 0.75
N ARG F 87 68.05 31.34 0.95
CA ARG F 87 68.39 31.82 2.28
C ARG F 87 67.55 33.05 2.56
N ILE F 88 66.86 33.02 3.70
CA ILE F 88 65.92 34.08 4.04
C ILE F 88 66.44 34.77 5.29
N PRO F 89 66.04 36.03 5.51
CA PRO F 89 66.45 36.73 6.73
C PRO F 89 65.57 36.33 7.89
N VAL F 90 66.17 35.78 8.93
CA VAL F 90 65.45 35.42 10.14
C VAL F 90 65.97 36.29 11.28
N GLY F 91 65.39 36.13 12.46
CA GLY F 91 65.82 36.88 13.60
C GLY F 91 64.65 37.55 14.29
N PRO F 92 64.93 38.35 15.31
CA PRO F 92 63.88 39.17 15.92
C PRO F 92 63.61 40.46 15.17
N GLU F 93 64.34 40.72 14.08
CA GLU F 93 64.12 41.89 13.25
C GLU F 93 63.19 41.63 12.08
N THR F 94 62.69 40.40 11.94
CA THR F 94 61.64 40.12 10.98
C THR F 94 60.26 40.40 11.54
N LEU F 95 60.12 40.44 12.86
CA LEU F 95 58.82 40.66 13.46
C LEU F 95 58.21 41.96 12.98
N GLY F 96 56.93 41.93 12.67
CA GLY F 96 56.22 43.10 12.22
C GLY F 96 56.41 43.42 10.75
N ARG F 97 57.12 42.60 10.01
CA ARG F 97 57.36 42.81 8.60
C ARG F 97 56.54 41.82 7.78
N ILE F 98 56.69 41.91 6.47
CA ILE F 98 56.09 40.96 5.54
C ILE F 98 57.18 40.47 4.62
N MET F 99 57.09 39.20 4.23
CA MET F 99 58.08 38.58 3.38
C MET F 99 57.37 37.77 2.32
N ASN F 100 58.02 37.60 1.19
CA ASN F 100 57.55 36.66 0.19
C ASN F 100 58.40 35.40 0.28
N VAL F 101 58.21 34.48 -0.67
CA VAL F 101 58.85 33.17 -0.57
C VAL F 101 60.36 33.32 -0.44
N ILE F 102 60.97 34.11 -1.31
CA ILE F 102 62.42 34.17 -1.39
C ILE F 102 63.00 35.11 -0.33
N GLY F 103 62.16 35.58 0.57
CA GLY F 103 62.63 36.32 1.71
C GLY F 103 62.72 37.82 1.54
N GLU F 104 62.41 38.35 0.37
CA GLU F 104 62.39 39.79 0.21
C GLU F 104 61.22 40.38 0.99
N PRO F 105 61.32 41.65 1.40
CA PRO F 105 60.16 42.31 2.00
C PRO F 105 59.21 42.82 0.93
N ILE F 106 57.92 42.82 1.27
CA ILE F 106 56.90 43.34 0.36
C ILE F 106 55.99 44.29 1.10
N ASP F 107 56.49 44.90 2.18
CA ASP F 107 55.74 45.91 2.90
C ASP F 107 56.19 47.32 2.56
N GLU F 108 57.17 47.47 1.69
CA GLU F 108 57.66 48.79 1.28
C GLU F 108 58.17 49.59 2.48
N ARG F 109 59.12 48.98 3.21
CA ARG F 109 59.66 49.61 4.40
C ARG F 109 61.16 49.45 4.52
N GLY F 110 61.85 48.91 3.51
CA GLY F 110 63.28 48.82 3.53
C GLY F 110 63.75 47.44 3.93
N PRO F 111 64.97 47.08 3.54
CA PRO F 111 65.42 45.70 3.72
C PRO F 111 65.39 45.29 5.17
N ILE F 112 65.06 44.02 5.41
CA ILE F 112 65.17 43.45 6.75
C ILE F 112 66.64 43.35 7.09
N LYS F 113 67.04 43.98 8.19
CA LYS F 113 68.45 44.05 8.59
C LYS F 113 68.67 42.99 9.67
N THR F 114 69.09 41.80 9.24
CA THR F 114 69.36 40.70 10.15
C THR F 114 70.73 40.12 9.83
N LYS F 115 71.42 39.67 10.88
CA LYS F 115 72.70 39.00 10.73
C LYS F 115 72.55 37.48 10.65
N GLN F 116 71.36 36.95 10.89
CA GLN F 116 71.12 35.52 10.87
C GLN F 116 70.31 35.19 9.62
N PHE F 117 70.96 34.53 8.66
CA PHE F 117 70.30 34.04 7.46
C PHE F 117 70.10 32.54 7.58
N ALA F 118 68.92 32.05 7.19
CA ALA F 118 68.59 30.65 7.35
C ALA F 118 68.15 30.05 6.03
N ALA F 119 68.60 28.82 5.76
CA ALA F 119 68.19 28.09 4.57
C ALA F 119 66.88 27.37 4.83
N ILE F 120 65.96 27.45 3.88
CA ILE F 120 64.58 27.03 4.12
C ILE F 120 64.40 25.54 3.97
N HIS F 121 65.51 24.80 3.80
CA HIS F 121 65.42 23.37 3.52
C HIS F 121 66.19 22.56 4.55
N ALA F 122 66.01 22.86 5.83
CA ALA F 122 66.64 22.06 6.87
C ALA F 122 65.84 20.78 7.09
N GLU F 123 66.43 19.87 7.85
CA GLU F 123 65.85 18.55 8.07
C GLU F 123 65.05 18.53 9.36
N ALA F 124 64.23 17.49 9.51
CA ALA F 124 63.31 17.41 10.62
C ALA F 124 64.07 17.13 11.92
N PRO F 125 63.52 17.55 13.06
CA PRO F 125 64.18 17.26 14.33
C PRO F 125 64.34 15.76 14.53
N GLU F 126 65.47 15.37 15.11
CA GLU F 126 65.72 13.96 15.35
C GLU F 126 64.72 13.42 16.35
N PHE F 127 64.73 12.09 16.51
CA PHE F 127 63.77 11.45 17.40
C PHE F 127 64.07 11.78 18.86
N VAL F 128 65.33 12.08 19.18
CA VAL F 128 65.75 12.22 20.57
C VAL F 128 65.48 13.63 21.06
N GLU F 129 64.76 14.42 20.26
CA GLU F 129 64.41 15.79 20.62
C GLU F 129 62.96 15.98 21.00
N MET F 130 62.06 15.14 20.51
CA MET F 130 60.64 15.40 20.68
C MET F 130 60.27 15.48 22.15
N SER F 131 59.41 16.43 22.48
CA SER F 131 58.83 16.56 23.81
C SER F 131 57.44 15.94 23.80
N VAL F 132 57.11 15.26 24.89
CA VAL F 132 55.93 14.39 24.95
C VAL F 132 54.84 14.94 25.83
N GLU F 133 55.04 16.09 26.45
CA GLU F 133 54.04 16.63 27.37
C GLU F 133 52.89 17.26 26.59
N GLN F 134 51.67 16.89 26.97
CA GLN F 134 50.46 17.43 26.37
C GLN F 134 49.66 18.13 27.46
N GLU F 135 49.29 19.38 27.20
CA GLU F 135 48.56 20.19 28.16
C GLU F 135 47.51 21.01 27.42
N ILE F 136 46.31 21.07 27.98
CA ILE F 136 45.19 21.65 27.26
C ILE F 136 45.43 23.13 27.00
N LEU F 137 44.97 23.60 25.84
CA LEU F 137 44.95 25.01 25.48
C LEU F 137 43.50 25.43 25.39
N VAL F 138 43.13 26.48 26.11
CA VAL F 138 41.75 26.94 26.17
C VAL F 138 41.59 28.09 25.20
N THR F 139 40.73 27.89 24.20
CA THR F 139 40.51 28.88 23.15
C THR F 139 39.27 29.75 23.40
N GLY F 140 38.33 29.30 24.21
CA GLY F 140 37.10 30.01 24.43
C GLY F 140 35.95 29.54 23.56
N ILE F 141 36.23 28.84 22.47
CA ILE F 141 35.18 28.30 21.63
C ILE F 141 34.56 27.11 22.34
N LYS F 142 33.24 27.07 22.41
CA LYS F 142 32.56 26.03 23.16
C LYS F 142 32.85 24.65 22.58
N VAL F 143 32.51 24.46 21.30
CA VAL F 143 32.60 23.12 20.72
C VAL F 143 34.04 22.62 20.73
N VAL F 144 34.98 23.48 20.36
CA VAL F 144 36.39 23.06 20.32
C VAL F 144 36.88 22.74 21.71
N ASP F 145 36.55 23.58 22.69
CA ASP F 145 37.02 23.34 24.05
C ASP F 145 36.35 22.14 24.69
N LEU F 146 35.23 21.68 24.16
CA LEU F 146 34.50 20.60 24.79
C LEU F 146 34.76 19.25 24.14
N LEU F 147 34.57 19.15 22.82
CA LEU F 147 34.66 17.85 22.16
C LEU F 147 36.05 17.55 21.64
N ALA F 148 36.78 18.55 21.15
CA ALA F 148 38.09 18.36 20.55
C ALA F 148 39.06 19.39 21.11
N PRO F 149 39.38 19.32 22.40
CA PRO F 149 40.25 20.33 22.99
C PRO F 149 41.60 20.37 22.30
N TYR F 150 42.15 21.58 22.20
CA TYR F 150 43.43 21.81 21.57
C TYR F 150 44.55 21.66 22.59
N ALA F 151 45.72 21.27 22.10
CA ALA F 151 46.86 20.97 22.95
C ALA F 151 47.95 21.99 22.73
N LYS F 152 48.52 22.51 23.81
CA LYS F 152 49.64 23.44 23.70
C LYS F 152 50.79 22.76 22.96
N GLY F 153 51.36 23.46 22.01
CA GLY F 153 52.50 22.93 21.29
C GLY F 153 52.16 21.65 20.56
N GLY F 154 51.04 21.63 19.84
CA GLY F 154 50.64 20.45 19.10
C GLY F 154 49.88 20.79 17.84
N LYS F 155 50.26 20.16 16.74
CA LYS F 155 49.68 20.52 15.44
C LYS F 155 48.16 20.38 15.49
N ILE F 156 47.50 21.33 14.83
CA ILE F 156 46.05 21.41 14.82
C ILE F 156 45.63 21.63 13.37
N GLY F 157 44.41 21.23 13.05
CA GLY F 157 43.93 21.34 11.68
C GLY F 157 42.48 21.75 11.65
N LEU F 158 42.13 22.55 10.65
CA LEU F 158 40.78 23.06 10.47
C LEU F 158 40.33 22.66 9.07
N PHE F 159 39.80 21.46 8.94
CA PHE F 159 39.34 21.02 7.63
C PHE F 159 38.05 21.75 7.28
N GLY F 160 37.51 21.44 6.11
CA GLY F 160 36.29 22.10 5.68
C GLY F 160 36.37 22.64 4.27
N GLY F 161 35.27 22.55 3.53
CA GLY F 161 35.27 22.92 2.14
C GLY F 161 35.44 24.40 1.95
N ALA F 162 34.92 24.94 0.86
CA ALA F 162 34.98 26.36 0.57
C ALA F 162 33.81 27.08 1.24
N GLY F 163 34.10 28.19 1.89
CA GLY F 163 33.06 29.00 2.49
C GLY F 163 32.35 28.36 3.66
N VAL F 164 33.08 27.73 4.58
CA VAL F 164 32.48 27.19 5.79
C VAL F 164 33.00 27.82 7.07
N GLY F 165 34.11 28.53 7.04
CA GLY F 165 34.53 29.25 8.23
C GLY F 165 35.96 29.03 8.67
N LYS F 166 36.80 28.43 7.83
CA LYS F 166 38.18 28.21 8.24
C LYS F 166 38.89 29.53 8.51
N THR F 167 38.70 30.51 7.63
CA THR F 167 39.36 31.79 7.82
C THR F 167 38.80 32.53 9.01
N VAL F 168 37.47 32.61 9.11
CA VAL F 168 36.86 33.25 10.27
C VAL F 168 37.30 32.55 11.54
N LEU F 169 37.46 31.22 11.49
CA LEU F 169 37.81 30.49 12.70
C LEU F 169 39.25 30.73 13.08
N ILE F 170 40.18 30.79 12.12
CA ILE F 170 41.55 31.10 12.50
C ILE F 170 41.66 32.55 12.95
N MET F 171 40.84 33.45 12.39
CA MET F 171 40.85 34.81 12.91
C MET F 171 40.37 34.86 14.34
N GLU F 172 39.32 34.09 14.66
CA GLU F 172 38.86 34.02 16.04
C GLU F 172 39.95 33.45 16.94
N LEU F 173 40.64 32.41 16.48
CA LEU F 173 41.71 31.84 17.29
C LEU F 173 42.85 32.83 17.48
N ILE F 174 43.18 33.58 16.43
CA ILE F 174 44.20 34.63 16.57
C ILE F 174 43.78 35.63 17.63
N ASN F 175 42.53 36.09 17.55
CA ASN F 175 42.04 37.05 18.53
C ASN F 175 42.12 36.48 19.94
N ASN F 176 41.72 35.22 20.11
CA ASN F 176 41.61 34.64 21.45
C ASN F 176 42.95 34.26 22.05
N VAL F 177 43.91 33.83 21.24
CA VAL F 177 45.17 33.28 21.72
C VAL F 177 46.34 34.19 21.37
N ALA F 178 46.48 34.54 20.09
CA ALA F 178 47.62 35.35 19.69
C ALA F 178 47.61 36.75 20.30
N LYS F 179 46.60 37.10 21.08
CA LYS F 179 46.63 38.32 21.88
C LYS F 179 47.24 38.05 23.26
N ALA F 180 46.83 36.96 23.89
CA ALA F 180 47.30 36.62 25.23
C ALA F 180 48.61 35.84 25.23
N HIS F 181 49.14 35.50 24.06
CA HIS F 181 50.36 34.72 23.98
C HIS F 181 51.56 35.62 24.19
N GLY F 182 52.37 35.31 25.21
CA GLY F 182 53.58 36.09 25.45
C GLY F 182 54.60 35.93 24.34
N GLY F 183 54.81 34.70 23.88
CA GLY F 183 55.82 34.45 22.88
C GLY F 183 55.52 35.12 21.56
N TYR F 184 56.33 34.82 20.55
CA TYR F 184 56.18 35.44 19.23
C TYR F 184 55.07 34.73 18.47
N SER F 185 54.98 34.98 17.17
CA SER F 185 53.93 34.38 16.35
C SER F 185 54.28 34.57 14.89
N VAL F 186 53.73 33.70 14.05
CA VAL F 186 53.98 33.75 12.62
C VAL F 186 52.69 33.41 11.90
N PHE F 187 52.44 34.10 10.79
CA PHE F 187 51.28 33.82 9.95
C PHE F 187 51.78 33.62 8.52
N ALA F 188 51.76 32.38 8.06
CA ALA F 188 52.25 32.05 6.73
C ALA F 188 51.06 31.83 5.81
N GLY F 189 50.52 32.91 5.28
CA GLY F 189 49.40 32.81 4.38
C GLY F 189 49.79 32.24 3.03
N VAL F 190 49.39 31.01 2.77
CA VAL F 190 49.69 30.31 1.52
C VAL F 190 48.47 30.33 0.64
N GLY F 191 48.66 30.66 -0.63
CA GLY F 191 47.62 30.56 -1.64
C GLY F 191 46.23 30.94 -1.18
N GLU F 192 46.06 32.13 -0.60
CA GLU F 192 44.75 32.59 -0.16
C GLU F 192 44.59 34.06 -0.53
N ARG F 193 43.35 34.53 -0.44
CA ARG F 193 42.98 35.85 -0.93
C ARG F 193 44.00 36.89 -0.52
N THR F 194 44.31 37.79 -1.46
CA THR F 194 45.26 38.86 -1.15
C THR F 194 44.62 39.94 -0.31
N ARG F 195 43.34 40.24 -0.54
CA ARG F 195 42.67 41.22 0.29
C ARG F 195 42.56 40.75 1.73
N GLU F 196 42.54 39.44 1.95
CA GLU F 196 42.54 38.93 3.32
C GLU F 196 43.88 39.16 4.00
N GLY F 197 44.98 38.96 3.26
CA GLY F 197 46.28 39.29 3.82
C GLY F 197 46.39 40.77 4.14
N ASN F 198 45.88 41.62 3.26
CA ASN F 198 45.87 43.05 3.55
C ASN F 198 45.02 43.38 4.78
N ASP F 199 43.86 42.73 4.89
CA ASP F 199 42.99 42.97 6.04
C ASP F 199 43.68 42.55 7.33
N LEU F 200 44.35 41.40 7.32
CA LEU F 200 45.06 40.96 8.51
C LEU F 200 46.16 41.93 8.87
N TYR F 201 46.94 42.37 7.88
CA TYR F 201 48.00 43.33 8.16
C TYR F 201 47.45 44.59 8.80
N HIS F 202 46.44 45.19 8.18
CA HIS F 202 45.94 46.47 8.69
C HIS F 202 45.24 46.30 10.03
N GLU F 203 44.51 45.20 10.22
CA GLU F 203 43.89 44.96 11.50
C GLU F 203 44.93 44.82 12.60
N MET F 204 46.01 44.09 12.31
CA MET F 204 47.07 43.96 13.31
C MET F 204 47.73 45.30 13.59
N ILE F 205 47.99 46.09 12.56
CA ILE F 205 48.54 47.42 12.79
C ILE F 205 47.66 48.22 13.72
N GLU F 206 46.36 48.26 13.44
CA GLU F 206 45.43 49.06 14.20
C GLU F 206 44.89 48.34 15.43
N SER F 207 45.48 47.19 15.79
CA SER F 207 45.14 46.49 17.01
C SER F 207 46.32 46.39 17.97
N GLY F 208 47.44 47.03 17.67
CA GLY F 208 48.56 47.06 18.58
C GLY F 208 49.50 45.89 18.50
N VAL F 209 49.21 44.87 17.67
CA VAL F 209 50.11 43.73 17.55
C VAL F 209 51.27 44.00 16.63
N ILE F 210 51.22 45.07 15.84
CA ILE F 210 52.34 45.50 15.03
C ILE F 210 52.53 47.00 15.25
N ASN F 211 53.79 47.43 15.27
CA ASN F 211 54.13 48.83 15.42
C ASN F 211 55.01 49.23 14.25
N LEU F 212 54.53 50.15 13.43
CA LEU F 212 55.27 50.53 12.23
C LEU F 212 56.53 51.31 12.58
N LYS F 213 56.51 52.06 13.67
CA LYS F 213 57.61 52.92 14.08
C LYS F 213 58.04 52.58 15.50
N ASP F 214 58.23 51.29 15.73
CA ASP F 214 58.73 50.79 17.00
C ASP F 214 59.51 49.51 16.70
N ALA F 215 59.77 48.72 17.74
CA ALA F 215 60.44 47.44 17.57
C ALA F 215 59.73 46.32 18.33
N THR F 216 58.50 46.56 18.79
CA THR F 216 57.82 45.64 19.70
C THR F 216 56.69 44.88 19.02
N SER F 217 56.71 44.76 17.70
CA SER F 217 55.71 43.95 17.03
C SER F 217 55.92 42.49 17.40
N LYS F 218 54.81 41.76 17.52
CA LYS F 218 54.83 40.38 17.99
C LYS F 218 54.20 39.44 16.97
N VAL F 219 54.39 39.74 15.69
CA VAL F 219 53.89 38.87 14.63
C VAL F 219 54.76 39.02 13.40
N ALA F 220 55.22 37.91 12.85
CA ALA F 220 55.83 37.89 11.53
C ALA F 220 54.80 37.42 10.53
N LEU F 221 54.88 37.94 9.32
CA LEU F 221 53.93 37.61 8.27
C LEU F 221 54.69 37.15 7.04
N VAL F 222 54.20 36.10 6.40
CA VAL F 222 54.75 35.61 5.15
C VAL F 222 53.56 35.37 4.23
N TYR F 223 53.73 35.65 2.94
CA TYR F 223 52.57 35.63 2.06
C TYR F 223 52.95 35.12 0.68
N GLY F 224 52.34 33.99 0.30
CA GLY F 224 52.44 33.47 -1.04
C GLY F 224 51.08 33.43 -1.69
N GLN F 225 50.33 34.52 -1.57
CA GLN F 225 48.91 34.53 -1.84
C GLN F 225 48.58 34.00 -3.22
N MET F 226 47.31 33.75 -3.49
CA MET F 226 46.90 32.88 -4.58
C MET F 226 47.19 33.42 -5.96
N ASN F 227 47.81 34.58 -6.10
CA ASN F 227 48.18 35.05 -7.43
C ASN F 227 49.58 34.60 -7.84
N GLU F 228 50.32 33.95 -6.95
CA GLU F 228 51.69 33.57 -7.23
C GLU F 228 51.75 32.28 -8.03
N PRO F 229 52.74 32.12 -8.90
CA PRO F 229 52.85 30.91 -9.70
C PRO F 229 53.16 29.71 -8.83
N PRO F 230 52.84 28.50 -9.30
CA PRO F 230 52.95 27.34 -8.42
C PRO F 230 54.30 27.16 -7.77
N GLY F 231 55.39 27.42 -8.50
CA GLY F 231 56.70 27.29 -7.89
C GLY F 231 56.84 28.11 -6.64
N ALA F 232 56.15 29.25 -6.57
CA ALA F 232 56.25 30.16 -5.45
C ALA F 232 55.21 29.94 -4.38
N ARG F 233 54.22 29.07 -4.64
CA ARG F 233 53.26 28.69 -3.63
C ARG F 233 53.64 27.42 -2.90
N ALA F 234 54.57 26.65 -3.44
CA ALA F 234 54.99 25.40 -2.84
C ALA F 234 56.09 25.56 -1.81
N ARG F 235 56.60 26.76 -1.60
CA ARG F 235 57.67 26.98 -0.65
C ARG F 235 57.32 27.95 0.46
N VAL F 236 56.49 28.96 0.19
CA VAL F 236 56.17 29.95 1.23
C VAL F 236 55.79 29.25 2.52
N ALA F 237 55.19 28.06 2.43
CA ALA F 237 55.00 27.26 3.62
C ALA F 237 56.32 27.01 4.30
N LEU F 238 57.33 26.59 3.53
CA LEU F 238 58.65 26.35 4.12
C LEU F 238 59.26 27.62 4.67
N THR F 239 58.94 28.78 4.10
CA THR F 239 59.46 30.02 4.66
C THR F 239 58.86 30.28 6.04
N GLY F 240 57.56 30.10 6.19
CA GLY F 240 56.99 30.19 7.52
C GLY F 240 57.60 29.17 8.47
N LEU F 241 57.77 27.94 7.99
CA LEU F 241 58.47 26.92 8.76
C LEU F 241 59.81 27.43 9.26
N THR F 242 60.57 28.09 8.38
CA THR F 242 61.91 28.52 8.74
C THR F 242 61.90 29.61 9.79
N VAL F 243 61.00 30.60 9.63
CA VAL F 243 60.95 31.67 10.61
C VAL F 243 60.55 31.10 11.97
N ALA F 244 59.54 30.23 12.01
CA ALA F 244 59.15 29.63 13.28
C ALA F 244 60.26 28.75 13.84
N GLU F 245 60.94 27.99 12.98
CA GLU F 245 62.06 27.19 13.42
C GLU F 245 63.10 28.04 14.12
N TYR F 246 63.41 29.21 13.55
CA TYR F 246 64.35 30.09 14.23
C TYR F 246 63.83 30.53 15.57
N PHE F 247 62.61 31.08 15.60
CA PHE F 247 62.10 31.59 16.87
C PHE F 247 61.99 30.50 17.92
N ARG F 248 61.99 29.24 17.53
CA ARG F 248 61.91 28.15 18.50
C ARG F 248 63.28 27.65 18.91
N ASP F 249 64.05 27.13 17.94
CA ASP F 249 65.27 26.40 18.26
C ASP F 249 66.28 27.29 18.98
N GLN F 250 66.53 28.48 18.44
CA GLN F 250 67.57 29.36 18.99
C GLN F 250 67.01 30.33 20.04
N GLU F 251 65.98 31.10 19.68
CA GLU F 251 65.39 31.98 20.68
C GLU F 251 64.83 31.19 21.85
N GLY F 252 64.46 29.93 21.63
CA GLY F 252 63.91 29.12 22.70
C GLY F 252 62.67 29.73 23.31
N GLN F 253 61.58 29.78 22.53
CA GLN F 253 60.39 30.50 22.96
C GLN F 253 59.16 29.84 22.40
N ASP F 254 58.07 29.88 23.17
CA ASP F 254 56.79 29.41 22.69
C ASP F 254 56.37 30.24 21.48
N VAL F 255 55.92 29.56 20.43
CA VAL F 255 55.56 30.20 19.18
C VAL F 255 54.19 29.70 18.76
N LEU F 256 53.47 30.54 18.02
CA LEU F 256 52.31 30.11 17.27
C LEU F 256 52.58 30.26 15.79
N LEU F 257 52.04 29.33 15.01
CA LEU F 257 52.31 29.29 13.58
C LEU F 257 50.97 29.02 12.89
N PHE F 258 50.38 30.07 12.31
CA PHE F 258 49.10 29.96 11.65
C PHE F 258 49.32 29.82 10.17
N ILE F 259 48.88 28.72 9.59
CA ILE F 259 49.01 28.47 8.15
C ILE F 259 47.62 28.40 7.56
N ASP F 260 47.38 29.17 6.51
CA ASP F 260 46.09 29.20 5.85
C ASP F 260 46.34 29.73 4.44
N ASN F 261 46.26 28.88 3.41
CA ASN F 261 45.75 27.52 3.41
C ASN F 261 46.87 26.54 3.13
N ILE F 262 46.98 25.46 3.90
CA ILE F 262 48.08 24.51 3.72
C ILE F 262 47.68 23.34 2.83
N PHE F 263 46.60 23.48 2.08
CA PHE F 263 46.33 22.57 0.98
C PHE F 263 46.84 23.11 -0.34
N ARG F 264 47.04 24.42 -0.44
CA ARG F 264 47.66 24.96 -1.63
C ARG F 264 49.09 24.49 -1.77
N PHE F 265 49.69 23.98 -0.70
CA PHE F 265 51.02 23.40 -0.81
C PHE F 265 50.99 22.16 -1.69
N THR F 266 50.11 21.21 -1.38
CA THR F 266 50.03 20.01 -2.19
C THR F 266 49.42 20.29 -3.55
N GLN F 267 48.48 21.22 -3.62
CA GLN F 267 47.93 21.60 -4.91
C GLN F 267 49.00 22.17 -5.82
N ALA F 268 49.83 23.07 -5.28
CA ALA F 268 50.93 23.62 -6.07
C ALA F 268 51.93 22.55 -6.44
N GLY F 269 52.20 21.62 -5.54
CA GLY F 269 53.06 20.51 -5.89
C GLY F 269 52.53 19.74 -7.08
N SER F 270 51.23 19.46 -7.09
CA SER F 270 50.63 18.73 -8.20
C SER F 270 50.62 19.54 -9.47
N GLU F 271 50.47 20.86 -9.36
CA GLU F 271 50.48 21.71 -10.55
C GLU F 271 51.82 21.64 -11.26
N VAL F 272 52.91 21.63 -10.50
CA VAL F 272 54.26 21.67 -11.06
C VAL F 272 54.89 20.28 -11.04
N SER F 273 54.09 19.22 -11.01
CA SER F 273 54.60 17.87 -11.08
C SER F 273 54.26 17.17 -12.38
N ALA F 274 53.32 17.70 -13.16
CA ALA F 274 53.13 17.20 -14.50
C ALA F 274 54.26 17.66 -15.41
N LEU F 275 54.76 18.87 -15.17
CA LEU F 275 55.82 19.42 -16.01
C LEU F 275 57.14 18.69 -15.76
N LEU F 276 57.41 18.30 -14.53
CA LEU F 276 58.59 17.51 -14.22
C LEU F 276 58.52 16.11 -14.81
N GLY F 277 57.45 15.77 -15.54
CA GLY F 277 57.39 14.50 -16.22
C GLY F 277 57.32 13.29 -15.31
N ARG F 278 56.50 13.35 -14.27
CA ARG F 278 56.29 12.21 -13.39
C ARG F 278 54.95 11.57 -13.67
N ILE F 279 54.90 10.25 -13.62
CA ILE F 279 53.60 9.59 -13.82
C ILE F 279 52.66 10.07 -12.72
N PRO F 280 51.40 10.36 -13.01
CA PRO F 280 50.53 10.92 -11.98
C PRO F 280 50.00 9.84 -11.04
N SER F 281 49.66 10.29 -9.84
CA SER F 281 49.24 9.44 -8.74
C SER F 281 47.72 9.31 -8.74
N ALA F 282 47.15 8.94 -7.59
CA ALA F 282 45.75 8.57 -7.48
C ALA F 282 44.80 9.46 -8.27
N VAL F 283 44.74 10.75 -7.94
CA VAL F 283 43.71 11.62 -8.50
C VAL F 283 44.38 12.71 -9.32
N GLY F 284 45.49 12.37 -9.98
CA GLY F 284 46.29 13.35 -10.66
C GLY F 284 47.29 14.04 -9.77
N TYR F 285 47.33 13.70 -8.50
CA TYR F 285 48.30 14.27 -7.59
C TYR F 285 49.69 13.74 -7.89
N GLN F 286 50.69 14.42 -7.35
CA GLN F 286 52.05 13.98 -7.56
C GLN F 286 52.23 12.59 -6.96
N PRO F 287 53.10 11.76 -7.53
CA PRO F 287 53.42 10.49 -6.87
C PRO F 287 54.07 10.69 -5.53
N THR F 288 54.62 11.87 -5.26
CA THR F 288 55.36 12.17 -4.04
C THR F 288 54.53 12.98 -3.05
N LEU F 289 53.24 12.71 -2.92
CA LEU F 289 52.42 13.54 -2.06
C LEU F 289 52.76 13.32 -0.59
N ALA F 290 52.71 12.07 -0.13
CA ALA F 290 52.83 11.80 1.29
C ALA F 290 54.17 12.26 1.83
N THR F 291 55.26 12.02 1.09
CA THR F 291 56.59 12.37 1.59
C THR F 291 56.86 13.86 1.46
N ASP F 292 56.41 14.49 0.36
CA ASP F 292 56.54 15.93 0.26
C ASP F 292 55.83 16.63 1.40
N MET F 293 54.69 16.08 1.82
CA MET F 293 53.96 16.66 2.95
C MET F 293 54.61 16.32 4.27
N GLY F 294 55.20 15.13 4.39
CA GLY F 294 55.87 14.77 5.63
C GLY F 294 57.10 15.60 5.90
N THR F 295 57.93 15.82 4.88
CA THR F 295 59.16 16.56 5.10
C THR F 295 58.90 18.00 5.56
N MET F 296 57.71 18.53 5.28
CA MET F 296 57.36 19.88 5.69
C MET F 296 56.51 19.93 6.95
N GLN F 297 55.64 18.95 7.16
CA GLN F 297 54.83 18.89 8.37
C GLN F 297 55.58 18.32 9.56
N GLU F 298 56.72 17.69 9.34
CA GLU F 298 57.46 17.07 10.42
C GLU F 298 58.48 18.02 11.04
N ARG F 299 58.60 19.23 10.53
CA ARG F 299 59.42 20.26 11.16
C ARG F 299 58.64 21.10 12.15
N ILE F 300 57.32 20.99 12.15
CA ILE F 300 56.47 21.71 13.11
C ILE F 300 56.28 20.77 14.29
N THR F 301 57.25 20.78 15.19
CA THR F 301 57.18 19.90 16.34
C THR F 301 57.71 20.62 17.57
N THR F 302 57.28 20.12 18.72
CA THR F 302 57.62 20.72 20.01
C THR F 302 58.84 20.02 20.58
N THR F 303 60.00 20.33 19.99
CA THR F 303 61.23 19.73 20.46
C THR F 303 61.51 20.18 21.89
N LYS F 304 62.57 19.66 22.49
CA LYS F 304 62.88 20.01 23.87
C LYS F 304 63.32 21.47 24.00
N LYS F 305 63.80 22.08 22.92
CA LYS F 305 64.30 23.45 23.00
C LYS F 305 63.18 24.47 23.10
N GLY F 306 62.10 24.28 22.35
CA GLY F 306 60.99 25.19 22.40
C GLY F 306 59.81 24.60 21.68
N SER F 307 58.64 25.17 21.95
CA SER F 307 57.36 24.61 21.53
C SER F 307 56.70 25.47 20.47
N ILE F 308 56.12 24.82 19.47
CA ILE F 308 55.34 25.48 18.43
C ILE F 308 53.90 24.98 18.53
N THR F 309 52.96 25.91 18.62
CA THR F 309 51.54 25.61 18.49
C THR F 309 51.15 25.98 17.07
N SER F 310 50.88 24.98 16.26
CA SER F 310 50.59 25.19 14.84
C SER F 310 49.10 25.05 14.61
N VAL F 311 48.49 26.06 14.02
CA VAL F 311 47.09 26.01 13.63
C VAL F 311 47.03 26.13 12.12
N GLN F 312 46.58 25.06 11.47
CA GLN F 312 46.62 24.96 10.03
C GLN F 312 45.20 24.86 9.50
N ALA F 313 44.90 25.65 8.48
CA ALA F 313 43.57 25.63 7.88
C ALA F 313 43.64 24.77 6.62
N ILE F 314 43.54 23.46 6.82
CA ILE F 314 43.52 22.56 5.68
C ILE F 314 42.23 22.74 4.91
N TYR F 315 42.30 22.45 3.62
CA TYR F 315 41.18 22.58 2.70
C TYR F 315 40.69 21.19 2.32
N VAL F 316 39.49 21.12 1.77
CA VAL F 316 38.91 19.83 1.38
C VAL F 316 38.26 19.99 0.01
N PRO F 317 38.85 19.50 -1.07
CA PRO F 317 38.30 19.79 -2.39
C PRO F 317 36.96 19.10 -2.61
N ALA F 318 36.03 19.85 -3.18
CA ALA F 318 34.70 19.33 -3.48
C ALA F 318 34.07 18.68 -2.26
N ASP F 319 34.30 19.28 -1.10
CA ASP F 319 33.71 18.80 0.16
C ASP F 319 33.93 17.29 0.32
N ASP F 320 35.14 16.84 0.03
CA ASP F 320 35.47 15.41 0.00
C ASP F 320 36.61 15.14 0.99
N LEU F 321 36.29 14.58 2.14
CA LEU F 321 37.30 14.21 3.13
C LEU F 321 38.08 12.95 2.76
N THR F 322 37.70 12.28 1.68
CA THR F 322 38.43 11.12 1.20
C THR F 322 39.48 11.48 0.17
N ASP F 323 39.58 12.75 -0.20
CA ASP F 323 40.56 13.17 -1.18
C ASP F 323 41.95 12.85 -0.65
N PRO F 324 42.91 12.54 -1.53
CA PRO F 324 44.25 12.17 -1.04
C PRO F 324 44.91 13.25 -0.21
N ALA F 325 44.65 14.53 -0.47
CA ALA F 325 45.35 15.58 0.26
C ALA F 325 44.96 15.57 1.73
N PRO F 326 43.71 15.89 2.07
CA PRO F 326 43.31 15.76 3.48
C PRO F 326 43.46 14.36 4.03
N ALA F 327 43.25 13.35 3.19
CA ALA F 327 43.40 11.97 3.66
C ALA F 327 44.80 11.73 4.20
N THR F 328 45.81 12.28 3.54
CA THR F 328 47.17 12.14 4.08
C THR F 328 47.38 13.08 5.25
N THR F 329 46.85 14.30 5.18
CA THR F 329 47.13 15.28 6.22
C THR F 329 46.52 14.90 7.56
N PHE F 330 45.54 14.00 7.57
CA PHE F 330 44.94 13.61 8.84
C PHE F 330 45.94 12.96 9.78
N ALA F 331 47.06 12.44 9.27
CA ALA F 331 47.99 11.70 10.09
C ALA F 331 48.99 12.59 10.81
N HIS F 332 49.08 13.86 10.45
CA HIS F 332 50.08 14.77 10.99
C HIS F 332 49.50 15.76 11.99
N LEU F 333 48.30 15.55 12.48
CA LEU F 333 47.62 16.50 13.33
C LEU F 333 47.37 15.88 14.70
N ASP F 334 47.33 16.75 15.72
CA ASP F 334 46.99 16.33 17.07
C ASP F 334 45.61 16.78 17.49
N ALA F 335 44.90 17.51 16.65
CA ALA F 335 43.50 17.84 16.91
C ALA F 335 42.84 18.33 15.64
N THR F 336 41.87 17.59 15.12
CA THR F 336 41.20 17.94 13.88
C THR F 336 39.82 18.51 14.17
N THR F 337 39.49 19.60 13.50
CA THR F 337 38.23 20.30 13.68
C THR F 337 37.55 20.36 12.33
N VAL F 338 36.78 19.33 12.00
CA VAL F 338 36.24 19.22 10.65
C VAL F 338 34.98 20.06 10.51
N LEU F 339 35.14 21.30 10.05
CA LEU F 339 33.99 22.13 9.73
C LEU F 339 33.17 21.47 8.64
N SER F 340 31.85 21.60 8.73
CA SER F 340 30.93 20.94 7.82
C SER F 340 30.05 21.97 7.13
N ARG F 341 29.64 21.66 5.91
CA ARG F 341 28.70 22.52 5.19
C ARG F 341 27.26 22.16 5.47
N ALA F 342 26.97 20.89 5.72
CA ALA F 342 25.62 20.52 6.11
C ALA F 342 25.20 21.27 7.37
N ILE F 343 26.09 21.35 8.35
CA ILE F 343 25.80 22.07 9.57
C ILE F 343 25.74 23.56 9.31
N ALA F 344 26.70 24.08 8.55
CA ALA F 344 26.72 25.50 8.27
C ALA F 344 25.44 25.97 7.61
N GLU F 345 24.83 25.12 6.78
CA GLU F 345 23.57 25.49 6.15
C GLU F 345 22.42 25.58 7.13
N LEU F 346 22.60 25.11 8.37
CA LEU F 346 21.62 25.29 9.41
C LEU F 346 21.85 26.56 10.21
N GLY F 347 22.94 27.27 9.96
CA GLY F 347 23.25 28.45 10.74
C GLY F 347 23.97 28.17 12.03
N ILE F 348 24.47 26.96 12.23
CA ILE F 348 25.20 26.60 13.45
C ILE F 348 26.65 26.98 13.19
N TYR F 349 26.98 28.23 13.45
CA TYR F 349 28.34 28.71 13.26
C TYR F 349 29.03 28.86 14.60
N PRO F 350 30.27 28.36 14.79
CA PRO F 350 31.13 27.73 13.81
C PRO F 350 30.58 26.40 13.39
N ALA F 351 30.78 26.04 12.13
CA ALA F 351 30.14 24.87 11.57
C ALA F 351 30.76 23.56 12.03
N VAL F 352 31.62 23.60 13.04
CA VAL F 352 32.37 22.42 13.45
C VAL F 352 31.44 21.22 13.50
N ASP F 353 31.93 20.08 13.05
CA ASP F 353 31.15 18.86 13.09
C ASP F 353 31.49 18.11 14.37
N PRO F 354 30.56 17.98 15.32
CA PRO F 354 30.93 17.43 16.63
C PRO F 354 31.22 15.94 16.63
N LEU F 355 31.11 15.25 15.50
CA LEU F 355 31.38 13.83 15.44
C LEU F 355 32.57 13.46 14.57
N ASP F 356 33.06 14.38 13.73
CA ASP F 356 34.36 14.21 13.10
C ASP F 356 35.47 14.84 13.92
N SER F 357 35.18 15.93 14.61
CA SER F 357 36.17 16.59 15.44
C SER F 357 36.71 15.62 16.47
N THR F 358 38.02 15.65 16.68
CA THR F 358 38.64 14.71 17.59
C THR F 358 40.03 15.23 17.97
N SER F 359 40.42 14.96 19.20
CA SER F 359 41.70 15.41 19.72
C SER F 359 42.38 14.28 20.47
N ARG F 360 43.70 14.36 20.53
CA ARG F 360 44.51 13.35 21.19
C ARG F 360 44.67 13.57 22.68
N ILE F 361 44.24 14.71 23.20
CA ILE F 361 44.27 14.98 24.63
C ILE F 361 42.88 14.83 25.26
N MET F 362 41.97 14.11 24.61
CA MET F 362 40.72 13.74 25.25
C MET F 362 40.86 12.40 25.96
N ASP F 363 41.87 12.33 26.80
CA ASP F 363 42.08 11.25 27.75
C ASP F 363 41.53 11.67 29.10
N PRO F 364 40.77 10.83 29.81
CA PRO F 364 40.19 11.29 31.07
C PRO F 364 41.22 11.83 32.03
N ASN F 365 42.47 11.37 31.93
CA ASN F 365 43.52 11.85 32.82
C ASN F 365 43.89 13.30 32.48
N ILE F 366 43.98 13.62 31.20
CA ILE F 366 44.54 14.91 30.79
C ILE F 366 43.55 16.06 30.86
N VAL F 367 42.25 15.76 31.00
CA VAL F 367 41.23 16.79 31.11
C VAL F 367 40.30 16.56 32.30
N GLY F 368 40.57 15.57 33.13
CA GLY F 368 39.71 15.27 34.26
C GLY F 368 38.57 14.36 33.86
N SER F 369 37.97 13.76 34.88
CA SER F 369 36.87 12.83 34.63
C SER F 369 35.57 13.55 34.29
N GLU F 370 35.34 14.73 34.85
CA GLU F 370 34.08 15.43 34.61
C GLU F 370 34.02 15.95 33.17
N HIS F 371 35.09 16.58 32.71
CA HIS F 371 35.13 17.09 31.35
C HIS F 371 34.95 15.96 30.35
N TYR F 372 35.68 14.87 30.57
CA TYR F 372 35.59 13.72 29.68
C TYR F 372 34.18 13.13 29.69
N ASP F 373 33.58 13.01 30.87
CA ASP F 373 32.23 12.45 30.95
C ASP F 373 31.24 13.33 30.20
N VAL F 374 31.36 14.64 30.34
CA VAL F 374 30.44 15.54 29.65
C VAL F 374 30.61 15.44 28.14
N ALA F 375 31.86 15.44 27.69
CA ALA F 375 32.11 15.34 26.25
C ALA F 375 31.55 14.04 25.69
N ARG F 376 31.77 12.93 26.41
CA ARG F 376 31.29 11.65 25.90
C ARG F 376 29.77 11.59 25.93
N GLY F 377 29.13 12.17 26.95
CA GLY F 377 27.68 12.24 26.94
C GLY F 377 27.16 13.02 25.74
N VAL F 378 27.77 14.16 25.46
CA VAL F 378 27.32 14.97 24.34
C VAL F 378 27.47 14.21 23.04
N GLN F 379 28.62 13.56 22.85
CA GLN F 379 28.83 12.82 21.61
C GLN F 379 27.86 11.65 21.51
N LYS F 380 27.60 10.98 22.62
CA LYS F 380 26.67 9.85 22.60
C LYS F 380 25.28 10.30 22.17
N ILE F 381 24.80 11.41 22.73
CA ILE F 381 23.45 11.84 22.41
C ILE F 381 23.38 12.35 20.97
N LEU F 382 24.43 13.05 20.51
CA LEU F 382 24.45 13.51 19.13
C LEU F 382 24.48 12.35 18.16
N GLN F 383 25.19 11.28 18.50
CA GLN F 383 25.22 10.10 17.63
C GLN F 383 23.86 9.40 17.61
N ASP F 384 23.20 9.32 18.77
CA ASP F 384 21.86 8.76 18.78
C ASP F 384 20.94 9.54 17.85
N TYR F 385 21.00 10.86 17.94
CA TYR F 385 20.18 11.70 17.06
C TYR F 385 20.55 11.47 15.60
N LYS F 386 21.84 11.40 15.29
CA LYS F 386 22.26 11.19 13.92
C LYS F 386 21.75 9.87 13.38
N SER F 387 21.59 8.88 14.25
CA SER F 387 21.03 7.61 13.82
C SER F 387 19.53 7.70 13.58
N LEU F 388 18.81 8.40 14.47
CA LEU F 388 17.37 8.55 14.27
C LEU F 388 17.04 9.44 13.07
N GLN F 389 18.01 10.22 12.59
CA GLN F 389 17.74 11.14 11.50
C GLN F 389 17.09 10.45 10.31
N ASP F 390 17.52 9.23 10.00
CA ASP F 390 17.03 8.56 8.79
C ASP F 390 15.53 8.33 8.88
N ILE F 391 15.02 8.01 10.07
CA ILE F 391 13.60 7.75 10.24
C ILE F 391 12.84 9.06 10.42
N ILE F 392 13.32 9.94 11.30
CA ILE F 392 12.66 11.23 11.50
C ILE F 392 12.41 11.91 10.17
N ALA F 393 13.29 11.70 9.20
CA ALA F 393 13.16 12.39 7.92
C ALA F 393 11.90 11.94 7.18
N ILE F 394 11.60 10.65 7.19
CA ILE F 394 10.51 10.13 6.38
C ILE F 394 9.23 10.03 7.20
N LEU F 395 9.24 9.17 8.22
CA LEU F 395 8.00 8.90 8.96
C LEU F 395 7.53 10.13 9.71
N GLY F 396 8.43 10.75 10.48
CA GLY F 396 8.07 11.91 11.27
C GLY F 396 8.26 11.66 12.75
N MET F 397 8.48 12.74 13.51
CA MET F 397 8.80 12.59 14.92
C MET F 397 7.67 11.96 15.70
N ASP F 398 6.46 11.92 15.15
CA ASP F 398 5.32 11.33 15.84
C ASP F 398 5.41 9.82 15.94
N GLU F 399 6.28 9.18 15.16
CA GLU F 399 6.41 7.73 15.15
C GLU F 399 7.66 7.26 15.86
N LEU F 400 7.98 7.91 16.98
CA LEU F 400 9.07 7.50 17.85
C LEU F 400 8.54 7.31 19.27
N SER F 401 9.18 6.41 20.02
CA SER F 401 8.86 6.24 21.43
C SER F 401 9.23 7.51 22.18
N GLU F 402 9.01 7.53 23.49
CA GLU F 402 9.19 8.78 24.23
C GLU F 402 10.65 9.04 24.57
N GLU F 403 11.40 8.02 24.98
CA GLU F 403 12.81 8.24 25.23
C GLU F 403 13.53 8.72 23.99
N ASP F 404 13.11 8.24 22.81
CA ASP F 404 13.69 8.74 21.58
C ASP F 404 13.36 10.21 21.37
N LYS F 405 12.14 10.62 21.69
CA LYS F 405 11.79 12.03 21.60
C LYS F 405 12.63 12.85 22.55
N LEU F 406 12.91 12.32 23.73
CA LEU F 406 13.77 13.03 24.67
C LEU F 406 15.16 13.22 24.09
N THR F 407 15.72 12.16 23.49
CA THR F 407 17.05 12.29 22.91
C THR F 407 17.04 13.28 21.75
N VAL F 408 16.00 13.25 20.92
CA VAL F 408 15.94 14.19 19.80
C VAL F 408 15.88 15.63 20.30
N SER F 409 15.01 15.89 21.28
CA SER F 409 14.91 17.25 21.80
C SER F 409 16.22 17.71 22.41
N ARG F 410 16.83 16.84 23.23
CA ARG F 410 18.10 17.21 23.84
C ARG F 410 19.18 17.43 22.80
N ALA F 411 19.22 16.58 21.78
CA ALA F 411 20.26 16.69 20.77
C ALA F 411 20.09 17.95 19.95
N ARG F 412 18.86 18.34 19.65
CA ARG F 412 18.66 19.61 18.98
C ARG F 412 19.08 20.77 19.87
N LYS F 413 18.78 20.68 21.16
CA LYS F 413 19.23 21.73 22.07
C LYS F 413 20.75 21.82 22.08
N ILE F 414 21.43 20.68 22.07
CA ILE F 414 22.89 20.67 22.16
C ILE F 414 23.50 21.19 20.86
N GLN F 415 22.99 20.73 19.72
CA GLN F 415 23.44 21.27 18.44
C GLN F 415 23.33 22.78 18.44
N ARG F 416 22.19 23.31 18.90
CA ARG F 416 22.05 24.76 18.96
C ARG F 416 23.07 25.36 19.91
N PHE F 417 23.27 24.73 21.06
CA PHE F 417 24.10 25.34 22.09
C PHE F 417 25.55 25.44 21.65
N LEU F 418 26.06 24.43 20.95
CA LEU F 418 27.44 24.48 20.49
C LEU F 418 27.71 25.68 19.61
N SER F 419 26.67 26.26 18.99
CA SER F 419 26.84 27.48 18.24
C SER F 419 27.23 28.63 19.16
N GLN F 420 28.00 29.57 18.62
CA GLN F 420 28.51 30.67 19.42
C GLN F 420 28.81 31.84 18.50
N PRO F 421 28.65 33.08 18.98
CA PRO F 421 29.04 34.23 18.16
C PRO F 421 30.46 34.70 18.44
N PHE F 422 31.22 34.98 17.39
CA PHE F 422 32.61 35.37 17.52
C PHE F 422 32.76 36.88 17.45
N GLN F 423 33.81 37.39 18.08
CA GLN F 423 34.10 38.82 17.99
C GLN F 423 34.32 39.23 16.55
N VAL F 424 35.10 38.43 15.81
CA VAL F 424 35.40 38.74 14.42
C VAL F 424 34.15 38.70 13.56
N ALA F 425 33.08 38.07 14.05
CA ALA F 425 31.81 38.03 13.34
C ALA F 425 30.83 39.08 13.85
N GLU F 426 31.30 40.05 14.65
CA GLU F 426 30.42 41.14 15.06
C GLU F 426 29.98 41.98 13.89
N VAL F 427 30.65 41.88 12.74
CA VAL F 427 30.26 42.67 11.57
C VAL F 427 29.29 41.91 10.68
N PHE F 428 29.42 40.59 10.59
CA PHE F 428 28.44 39.82 9.82
C PHE F 428 27.07 39.88 10.48
N THR F 429 27.02 39.56 11.78
CA THR F 429 25.77 39.25 12.43
C THR F 429 25.34 40.24 13.51
N GLY F 430 26.23 41.13 13.96
CA GLY F 430 25.92 42.05 15.02
C GLY F 430 25.90 41.45 16.41
N HIS F 431 25.71 40.14 16.52
CA HIS F 431 25.82 39.48 17.81
C HIS F 431 27.13 39.84 18.48
N LEU F 432 27.06 40.30 19.72
CA LEU F 432 28.27 40.60 20.47
C LEU F 432 29.09 39.33 20.66
N GLY F 433 30.39 39.42 20.43
CA GLY F 433 31.24 38.26 20.59
C GLY F 433 31.30 37.79 22.02
N LYS F 434 31.46 36.48 22.18
CA LYS F 434 31.48 35.86 23.50
C LYS F 434 32.65 34.88 23.59
N LEU F 435 33.30 34.85 24.75
CA LEU F 435 34.17 33.77 25.15
C LEU F 435 33.53 33.03 26.31
N VAL F 436 33.62 31.71 26.27
CA VAL F 436 33.02 30.86 27.28
C VAL F 436 34.14 30.16 28.05
N PRO F 437 34.44 30.58 29.27
CA PRO F 437 35.45 29.88 30.05
C PRO F 437 35.06 28.42 30.25
N LEU F 438 36.08 27.56 30.26
CA LEU F 438 35.83 26.12 30.15
C LEU F 438 34.82 25.65 31.20
N LYS F 439 34.87 26.23 32.39
CA LYS F 439 33.96 25.81 33.46
C LYS F 439 32.52 26.03 33.03
N GLU F 440 32.23 27.16 32.39
CA GLU F 440 30.87 27.44 31.95
C GLU F 440 30.43 26.46 30.87
N THR F 441 31.33 26.11 29.96
CA THR F 441 31.01 25.09 28.96
C THR F 441 30.60 23.80 29.63
N ILE F 442 31.42 23.32 30.57
CA ILE F 442 31.14 22.05 31.22
C ILE F 442 29.84 22.11 31.98
N LYS F 443 29.61 23.19 32.74
CA LYS F 443 28.37 23.33 33.48
C LYS F 443 27.17 23.34 32.55
N GLY F 444 27.25 24.10 31.47
CA GLY F 444 26.12 24.20 30.56
C GLY F 444 25.75 22.86 29.98
N PHE F 445 26.74 22.10 29.53
CA PHE F 445 26.40 20.83 28.91
C PHE F 445 26.01 19.77 29.93
N GLN F 446 26.59 19.82 31.14
CA GLN F 446 26.08 18.98 32.22
C GLN F 446 24.60 19.23 32.43
N GLN F 447 24.22 20.50 32.56
CA GLN F 447 22.83 20.83 32.84
C GLN F 447 21.93 20.44 31.69
N ILE F 448 22.35 20.67 30.45
CA ILE F 448 21.49 20.32 29.31
C ILE F 448 21.31 18.81 29.23
N LEU F 449 22.37 18.05 29.50
CA LEU F 449 22.26 16.59 29.42
C LEU F 449 21.46 16.02 30.57
N ALA F 450 21.43 16.71 31.70
CA ALA F 450 20.68 16.26 32.86
C ALA F 450 19.20 16.55 32.76
N GLY F 451 18.70 16.91 31.58
CA GLY F 451 17.30 17.22 31.44
C GLY F 451 16.84 18.37 32.28
N GLU F 452 17.77 19.22 32.73
CA GLU F 452 17.43 20.34 33.59
C GLU F 452 16.84 21.52 32.83
N TYR F 453 16.91 21.51 31.50
CA TYR F 453 16.42 22.63 30.71
C TYR F 453 15.41 22.17 29.67
N ASP F 454 14.61 21.16 30.01
CA ASP F 454 13.61 20.66 29.08
C ASP F 454 12.33 21.48 29.09
N HIS F 455 12.35 22.68 29.66
CA HIS F 455 11.20 23.58 29.65
C HIS F 455 11.45 24.82 28.82
N LEU F 456 12.38 24.76 27.87
CA LEU F 456 12.79 25.90 27.07
C LEU F 456 12.67 25.55 25.60
N PRO F 457 12.50 26.55 24.74
CA PRO F 457 12.49 26.29 23.30
C PRO F 457 13.89 26.01 22.78
N GLU F 458 13.96 25.50 21.56
CA GLU F 458 15.25 25.25 20.93
C GLU F 458 15.98 26.55 20.67
N GLN F 459 15.31 27.50 20.03
CA GLN F 459 15.97 28.74 19.62
C GLN F 459 16.38 29.61 20.79
N ALA F 460 16.18 29.15 22.04
CA ALA F 460 16.73 29.89 23.17
C ALA F 460 18.23 29.71 23.30
N PHE F 461 18.77 28.61 22.77
CA PHE F 461 20.20 28.31 22.85
C PHE F 461 20.98 28.74 21.63
N TYR F 462 20.33 29.34 20.63
CA TYR F 462 20.99 29.61 19.37
C TYR F 462 21.84 30.85 19.48
N MET F 463 23.15 30.70 19.26
CA MET F 463 24.09 31.82 19.26
C MET F 463 24.07 32.57 20.59
N VAL F 464 24.47 31.85 21.63
CA VAL F 464 24.65 32.43 22.96
C VAL F 464 25.92 31.88 23.58
N GLY F 465 26.49 32.66 24.48
CA GLY F 465 27.65 32.25 25.22
C GLY F 465 27.23 31.37 26.38
N PRO F 466 27.70 31.66 27.59
CA PRO F 466 27.40 30.77 28.73
C PRO F 466 25.92 30.52 28.86
N ILE F 467 25.54 29.48 29.60
CA ILE F 467 24.16 29.01 29.58
C ILE F 467 23.21 30.01 30.23
N GLU F 468 23.70 30.79 31.19
CA GLU F 468 22.82 31.76 31.83
C GLU F 468 22.24 32.72 30.80
N GLU F 469 23.06 33.13 29.84
CA GLU F 469 22.55 33.94 28.75
C GLU F 469 21.52 33.18 27.94
N ALA F 470 21.67 31.86 27.83
CA ALA F 470 20.66 31.07 27.14
C ALA F 470 19.33 31.14 27.86
N VAL F 471 19.34 31.04 29.19
CA VAL F 471 18.11 31.13 29.95
C VAL F 471 17.49 32.53 29.81
N ALA F 472 18.32 33.56 29.90
CA ALA F 472 17.80 34.92 29.79
C ALA F 472 17.18 35.17 28.42
N LYS F 473 17.84 34.68 27.37
CA LYS F 473 17.25 34.79 26.03
C LYS F 473 15.98 33.98 25.93
N ALA F 474 15.90 32.85 26.63
CA ALA F 474 14.66 32.09 26.65
C ALA F 474 13.54 32.92 27.26
N ASP F 475 13.84 33.63 28.35
CA ASP F 475 12.84 34.49 28.99
C ASP F 475 12.40 35.59 28.03
N LYS F 476 13.36 36.29 27.42
CA LYS F 476 12.99 37.35 26.49
C LYS F 476 12.15 36.81 25.34
N LEU F 477 12.49 35.63 24.84
CA LEU F 477 11.72 35.04 23.74
C LEU F 477 10.35 34.59 24.20
N ALA F 478 10.20 34.23 25.47
CA ALA F 478 8.90 33.81 25.98
C ALA F 478 7.91 34.96 25.95
N GLU F 479 8.34 36.17 26.32
CA GLU F 479 7.48 37.35 26.28
C GLU F 479 7.98 38.34 25.25
N ALA G 1 29.02 8.51 -0.64
CA ALA G 1 29.67 7.19 -0.41
C ALA G 1 30.03 6.53 -1.73
N THR G 2 30.47 5.28 -1.66
CA THR G 2 30.76 4.53 -2.87
C THR G 2 29.53 4.50 -3.77
N LEU G 3 29.76 4.18 -5.05
CA LEU G 3 28.65 4.14 -5.99
C LEU G 3 27.61 3.12 -5.55
N LYS G 4 28.03 1.95 -5.11
CA LYS G 4 27.08 0.91 -4.80
C LYS G 4 26.30 1.21 -3.52
N ASP G 5 26.90 1.90 -2.56
CA ASP G 5 26.12 2.33 -1.40
C ASP G 5 25.01 3.28 -1.82
N ILE G 6 25.30 4.22 -2.71
CA ILE G 6 24.27 5.13 -3.17
C ILE G 6 23.20 4.38 -3.95
N THR G 7 23.60 3.40 -4.74
CA THR G 7 22.59 2.62 -5.46
C THR G 7 21.67 1.87 -4.51
N ARG G 8 22.25 1.25 -3.48
CA ARG G 8 21.43 0.54 -2.51
C ARG G 8 20.48 1.49 -1.80
N ARG G 9 20.97 2.67 -1.41
CA ARG G 9 20.10 3.62 -0.73
C ARG G 9 18.97 4.08 -1.64
N LEU G 10 19.27 4.34 -2.92
CA LEU G 10 18.20 4.68 -3.86
C LEU G 10 17.15 3.58 -3.92
N LYS G 11 17.58 2.34 -4.07
CA LYS G 11 16.60 1.27 -4.18
C LYS G 11 15.71 1.23 -2.94
N SER G 12 16.32 1.35 -1.76
CA SER G 12 15.53 1.31 -0.53
C SER G 12 14.52 2.44 -0.49
N ILE G 13 14.96 3.66 -0.77
CA ILE G 13 14.06 4.79 -0.64
C ILE G 13 12.96 4.72 -1.69
N LYS G 14 13.26 4.25 -2.89
CA LYS G 14 12.22 4.10 -3.90
C LYS G 14 11.18 3.08 -3.46
N ASN G 15 11.61 1.96 -2.88
CA ASN G 15 10.65 1.00 -2.38
C ASN G 15 9.76 1.62 -1.32
N ILE G 16 10.35 2.35 -0.38
CA ILE G 16 9.55 2.94 0.70
C ILE G 16 8.60 3.98 0.15
N GLN G 17 9.03 4.76 -0.84
CA GLN G 17 8.17 5.77 -1.42
C GLN G 17 6.98 5.14 -2.12
N LYS G 18 7.22 4.07 -2.88
CA LYS G 18 6.11 3.38 -3.53
C LYS G 18 5.15 2.81 -2.50
N ILE G 19 5.67 2.23 -1.41
CA ILE G 19 4.80 1.67 -0.39
C ILE G 19 3.94 2.76 0.24
N THR G 20 4.54 3.92 0.53
CA THR G 20 3.75 4.97 1.16
C THR G 20 2.70 5.53 0.22
N LYS G 21 2.98 5.62 -1.08
CA LYS G 21 1.92 6.04 -2.00
C LYS G 21 0.79 5.01 -2.01
N SER G 22 1.14 3.72 -2.06
CA SER G 22 0.12 2.68 -1.98
C SER G 22 -0.75 2.87 -0.75
N MET G 23 -0.13 3.10 0.40
CA MET G 23 -0.87 3.14 1.64
C MET G 23 -1.64 4.44 1.78
N LYS G 24 -1.18 5.53 1.17
CA LYS G 24 -2.02 6.73 1.08
C LYS G 24 -3.28 6.44 0.29
N MET G 25 -3.17 5.72 -0.83
CA MET G 25 -4.36 5.40 -1.60
C MET G 25 -5.32 4.55 -0.78
N VAL G 26 -4.80 3.53 -0.10
CA VAL G 26 -5.65 2.66 0.70
C VAL G 26 -6.34 3.46 1.79
N ALA G 27 -5.59 4.29 2.51
CA ALA G 27 -6.17 5.05 3.60
C ALA G 27 -7.19 6.04 3.09
N ALA G 28 -6.96 6.63 1.91
CA ALA G 28 -7.94 7.55 1.36
C ALA G 28 -9.24 6.84 1.03
N ALA G 29 -9.16 5.64 0.47
CA ALA G 29 -10.38 4.88 0.23
C ALA G 29 -11.12 4.61 1.54
N LYS G 30 -10.38 4.12 2.54
CA LYS G 30 -10.99 3.82 3.82
C LYS G 30 -11.64 5.06 4.42
N TYR G 31 -10.97 6.20 4.31
CA TYR G 31 -11.52 7.42 4.89
C TYR G 31 -12.75 7.89 4.15
N ALA G 32 -12.76 7.77 2.82
CA ALA G 32 -13.96 8.13 2.08
C ALA G 32 -15.15 7.32 2.58
N ARG G 33 -14.96 6.01 2.71
CA ARG G 33 -16.03 5.17 3.23
C ARG G 33 -16.42 5.59 4.64
N ALA G 34 -15.43 5.84 5.49
CA ALA G 34 -15.72 6.12 6.89
C ALA G 34 -16.43 7.44 7.08
N GLU G 35 -16.12 8.43 6.25
CA GLU G 35 -16.85 9.70 6.31
C GLU G 35 -18.27 9.55 5.77
N ARG G 36 -18.43 8.88 4.63
CA ARG G 36 -19.77 8.66 4.12
C ARG G 36 -20.62 7.92 5.13
N GLU G 37 -20.00 7.07 5.95
CA GLU G 37 -20.72 6.31 6.96
C GLU G 37 -20.87 7.06 8.27
N LEU G 38 -20.00 8.02 8.57
CA LEU G 38 -20.17 8.86 9.74
C LEU G 38 -21.25 9.89 9.55
N LYS G 39 -21.57 10.24 8.31
CA LYS G 39 -22.53 11.32 8.09
C LYS G 39 -23.81 11.16 8.91
N PRO G 40 -24.47 10.00 8.96
CA PRO G 40 -25.67 9.87 9.78
C PRO G 40 -25.39 9.61 11.26
N ALA G 41 -24.31 8.89 11.56
CA ALA G 41 -23.99 8.62 12.94
C ALA G 41 -23.76 9.89 13.74
N ARG G 42 -23.38 10.98 13.08
CA ARG G 42 -23.26 12.24 13.79
C ARG G 42 -24.62 12.72 14.28
N VAL G 43 -25.64 12.63 13.43
CA VAL G 43 -27.00 12.98 13.85
C VAL G 43 -27.43 12.06 14.97
N TYR G 44 -27.11 10.77 14.86
CA TYR G 44 -27.47 9.84 15.91
C TYR G 44 -26.87 10.24 17.25
N GLY G 45 -25.57 10.47 17.30
CA GLY G 45 -24.93 10.84 18.55
C GLY G 45 -25.44 12.16 19.10
N VAL G 46 -25.66 13.13 18.23
CA VAL G 46 -26.18 14.41 18.67
C VAL G 46 -27.56 14.24 19.28
N GLY G 47 -28.41 13.45 18.62
CA GLY G 47 -29.71 13.16 19.20
C GLY G 47 -29.58 12.56 20.59
N SER G 48 -28.64 11.63 20.76
CA SER G 48 -28.46 11.04 22.08
C SER G 48 -28.12 12.11 23.11
N LEU G 49 -27.09 12.91 22.81
CA LEU G 49 -26.62 13.91 23.76
C LEU G 49 -27.63 15.03 24.00
N ALA G 50 -28.67 15.12 23.18
CA ALA G 50 -29.62 16.22 23.30
C ALA G 50 -30.17 16.35 24.71
N LEU G 51 -30.42 15.24 25.39
CA LEU G 51 -31.00 15.34 26.73
C LEU G 51 -30.05 16.03 27.70
N TYR G 52 -28.85 15.47 27.87
CA TYR G 52 -27.90 16.07 28.79
C TYR G 52 -27.55 17.48 28.38
N GLU G 53 -27.74 17.83 27.11
CA GLU G 53 -27.64 19.23 26.73
C GLU G 53 -28.77 20.04 27.33
N LYS G 54 -30.02 19.58 27.15
CA LYS G 54 -31.17 20.35 27.59
C LYS G 54 -31.22 20.46 29.10
N ALA G 55 -31.37 19.32 29.78
CA ALA G 55 -31.29 19.31 31.22
C ALA G 55 -29.86 19.66 31.65
N ASP G 56 -29.74 20.63 32.55
CA ASP G 56 -28.42 21.08 33.01
C ASP G 56 -27.97 20.23 34.20
N ILE G 57 -27.76 18.95 33.94
CA ILE G 57 -27.32 18.05 34.99
C ILE G 57 -25.99 18.54 35.56
N LYS G 58 -25.77 18.23 36.83
CA LYS G 58 -24.50 18.50 37.48
C LYS G 58 -24.04 17.18 38.09
N THR G 59 -22.97 17.17 38.87
CA THR G 59 -22.47 15.95 39.44
C THR G 59 -22.46 16.04 40.96
N PRO G 60 -22.53 14.90 41.63
CA PRO G 60 -22.64 14.89 43.10
C PRO G 60 -21.30 15.12 43.79
N GLU G 61 -20.98 16.38 44.04
CA GLU G 61 -19.66 16.81 44.49
C GLU G 61 -18.99 15.86 45.48
N ASP G 62 -19.77 15.25 46.36
CA ASP G 62 -19.23 14.39 47.41
C ASP G 62 -18.96 12.97 46.96
N LYS G 63 -19.23 12.63 45.70
CA LYS G 63 -19.06 11.27 45.19
C LYS G 63 -17.71 11.12 44.50
N LYS G 64 -16.95 10.10 44.91
CA LYS G 64 -15.56 9.98 44.52
C LYS G 64 -15.37 9.35 43.15
N LYS G 65 -15.79 8.08 43.01
CA LYS G 65 -15.33 7.24 41.92
C LYS G 65 -15.47 7.93 40.57
N HIS G 66 -14.63 7.55 39.62
CA HIS G 66 -14.60 8.21 38.33
C HIS G 66 -14.02 7.26 37.29
N LEU G 67 -14.47 7.42 36.05
CA LEU G 67 -14.09 6.53 34.95
C LEU G 67 -13.68 7.34 33.75
N ILE G 68 -12.64 6.88 33.06
CA ILE G 68 -12.15 7.50 31.84
C ILE G 68 -12.07 6.44 30.76
N ILE G 69 -12.76 6.66 29.65
CA ILE G 69 -12.78 5.71 28.54
C ILE G 69 -12.11 6.39 27.35
N GLY G 70 -10.90 5.97 27.01
CA GLY G 70 -10.17 6.54 25.92
C GLY G 70 -10.29 5.70 24.67
N VAL G 71 -10.78 6.31 23.60
CA VAL G 71 -11.07 5.61 22.36
C VAL G 71 -9.96 5.89 21.35
N SER G 72 -9.42 4.83 20.77
CA SER G 72 -8.40 4.95 19.74
C SER G 72 -8.40 3.64 18.96
N SER G 73 -7.36 3.42 18.17
CA SER G 73 -7.20 2.18 17.42
C SER G 73 -5.87 1.57 17.77
N ASP G 74 -5.57 0.42 17.17
CA ASP G 74 -4.34 -0.30 17.43
C ASP G 74 -3.32 -0.15 16.32
N ARG G 75 -3.72 0.30 15.13
CA ARG G 75 -2.80 0.52 14.03
C ARG G 75 -2.38 1.98 14.03
N GLY G 76 -1.08 2.23 14.04
CA GLY G 76 -0.58 3.51 14.49
C GLY G 76 0.40 4.24 13.60
N LEU G 77 0.22 4.21 12.29
CA LEU G 77 1.01 5.07 11.41
C LEU G 77 0.38 6.44 11.24
N CYS G 78 -0.74 6.70 11.92
CA CYS G 78 -1.41 7.99 11.86
C CYS G 78 -0.68 9.06 12.67
N GLY G 79 0.03 8.65 13.72
CA GLY G 79 0.89 9.58 14.42
C GLY G 79 0.26 10.27 15.61
N ALA G 80 -0.23 11.50 15.39
CA ALA G 80 -0.55 12.38 16.50
C ALA G 80 -1.66 11.81 17.37
N ILE G 81 -2.68 11.20 16.77
CA ILE G 81 -3.96 11.06 17.45
C ILE G 81 -3.82 10.26 18.74
N HIS G 82 -3.09 9.14 18.70
CA HIS G 82 -2.94 8.34 19.90
C HIS G 82 -2.23 9.13 21.00
N SER G 83 -1.19 9.87 20.63
CA SER G 83 -0.51 10.68 21.63
C SER G 83 -1.44 11.72 22.21
N SER G 84 -2.28 12.34 21.37
CA SER G 84 -3.19 13.36 21.84
C SER G 84 -4.15 12.80 22.88
N VAL G 85 -4.81 11.69 22.57
CA VAL G 85 -5.78 11.15 23.51
C VAL G 85 -5.08 10.62 24.75
N ALA G 86 -3.90 10.02 24.60
CA ALA G 86 -3.19 9.51 25.78
C ALA G 86 -2.78 10.67 26.69
N LYS G 87 -2.34 11.78 26.11
CA LYS G 87 -2.03 12.95 26.91
C LYS G 87 -3.28 13.45 27.63
N GLN G 88 -4.40 13.50 26.94
CA GLN G 88 -5.63 13.95 27.59
C GLN G 88 -5.98 13.05 28.76
N MET G 89 -5.88 11.74 28.57
CA MET G 89 -6.21 10.82 29.65
C MET G 89 -5.25 10.99 30.81
N LYS G 90 -3.95 11.14 30.54
CA LYS G 90 -2.99 11.38 31.60
C LYS G 90 -3.37 12.63 32.38
N SER G 91 -3.69 13.71 31.68
CA SER G 91 -4.03 14.96 32.34
C SER G 91 -5.26 14.79 33.23
N GLU G 92 -6.32 14.20 32.69
CA GLU G 92 -7.54 14.07 33.48
C GLU G 92 -7.33 13.16 34.68
N ALA G 93 -6.64 12.03 34.49
CA ALA G 93 -6.41 11.13 35.60
C ALA G 93 -5.59 11.79 36.69
N ALA G 94 -4.55 12.53 36.31
CA ALA G 94 -3.75 13.23 37.31
C ALA G 94 -4.60 14.27 38.03
N ASN G 95 -5.42 15.02 37.30
CA ASN G 95 -6.24 16.04 37.93
C ASN G 95 -7.19 15.43 38.94
N LEU G 96 -7.89 14.36 38.55
CA LEU G 96 -8.86 13.75 39.46
C LEU G 96 -8.17 13.13 40.66
N ALA G 97 -7.15 12.29 40.43
CA ALA G 97 -6.44 11.69 41.55
C ALA G 97 -5.88 12.76 42.47
N ALA G 98 -5.53 13.92 41.92
CA ALA G 98 -5.13 15.04 42.76
C ALA G 98 -6.29 15.50 43.64
N ALA G 99 -7.52 15.35 43.16
CA ALA G 99 -8.71 15.67 43.93
C ALA G 99 -9.28 14.46 44.65
N GLY G 100 -8.45 13.46 44.92
CA GLY G 100 -8.90 12.30 45.66
C GLY G 100 -10.16 11.67 45.08
N LYS G 101 -10.04 11.07 43.90
CA LYS G 101 -11.18 10.45 43.22
C LYS G 101 -10.68 9.18 42.54
N GLU G 102 -10.92 8.03 43.16
CA GLU G 102 -10.46 6.76 42.60
C GLU G 102 -10.86 6.65 41.14
N VAL G 103 -9.86 6.66 40.26
CA VAL G 103 -10.09 6.64 38.82
C VAL G 103 -9.90 5.22 38.30
N LYS G 104 -10.62 4.92 37.23
CA LYS G 104 -10.37 3.68 36.51
C LYS G 104 -10.53 3.93 35.02
N ILE G 105 -9.77 3.19 34.21
CA ILE G 105 -9.57 3.50 32.81
C ILE G 105 -10.00 2.31 31.95
N ILE G 106 -10.66 2.62 30.84
CA ILE G 106 -10.99 1.67 29.78
C ILE G 106 -10.33 2.19 28.52
N GLY G 107 -9.35 1.46 28.01
CA GLY G 107 -8.69 1.87 26.78
C GLY G 107 -9.11 1.06 25.58
N VAL G 108 -9.94 1.64 24.71
CA VAL G 108 -10.37 0.94 23.50
C VAL G 108 -9.32 1.15 22.43
N GLY G 109 -8.34 0.24 22.36
CA GLY G 109 -7.29 0.34 21.38
C GLY G 109 -5.93 0.01 21.96
N ASP G 110 -5.17 -0.85 21.27
CA ASP G 110 -3.88 -1.27 21.81
C ASP G 110 -2.94 -0.11 22.04
N LYS G 111 -3.05 0.94 21.25
CA LYS G 111 -2.12 2.05 21.40
C LYS G 111 -2.25 2.70 22.77
N ILE G 112 -3.47 2.92 23.24
CA ILE G 112 -3.66 3.51 24.56
C ILE G 112 -3.16 2.57 25.64
N ARG G 113 -3.50 1.28 25.53
CA ARG G 113 -3.02 0.30 26.50
C ARG G 113 -1.50 0.34 26.59
N SER G 114 -0.81 0.30 25.46
CA SER G 114 0.64 0.28 25.48
C SER G 114 1.19 1.58 26.03
N ILE G 115 0.75 2.71 25.49
CA ILE G 115 1.30 3.99 25.90
C ILE G 115 1.02 4.30 27.36
N LEU G 116 0.10 3.58 27.98
CA LEU G 116 -0.19 3.80 29.40
C LEU G 116 0.33 2.71 30.32
N HIS G 117 0.63 1.51 29.81
CA HIS G 117 1.03 0.43 30.69
C HIS G 117 2.26 0.80 31.51
N ARG G 118 3.07 1.72 31.02
CA ARG G 118 4.29 2.09 31.74
C ARG G 118 3.99 2.83 33.02
N THR G 119 2.92 3.63 33.05
CA THR G 119 2.66 4.54 34.17
C THR G 119 1.35 4.25 34.89
N HIS G 120 0.25 4.10 34.16
CA HIS G 120 -1.08 3.96 34.75
C HIS G 120 -1.67 2.58 34.50
N SER G 121 -0.85 1.54 34.64
CA SER G 121 -1.35 0.18 34.44
C SER G 121 -2.24 -0.28 35.57
N ASP G 122 -2.13 0.34 36.75
CA ASP G 122 -2.95 -0.08 37.89
C ASP G 122 -4.42 0.25 37.65
N GLN G 123 -4.70 1.39 37.04
CA GLN G 123 -6.05 1.93 36.94
C GLN G 123 -6.83 1.38 35.73
N PHE G 124 -6.46 0.20 35.25
CA PHE G 124 -7.13 -0.39 34.09
C PHE G 124 -8.20 -1.37 34.56
N LEU G 125 -9.44 -1.17 34.10
CA LEU G 125 -10.45 -2.19 34.32
C LEU G 125 -10.38 -3.24 33.23
N VAL G 126 -10.63 -2.84 31.99
CA VAL G 126 -10.55 -3.73 30.84
C VAL G 126 -9.96 -2.95 29.69
N THR G 127 -9.42 -3.68 28.72
CA THR G 127 -8.88 -3.10 27.52
C THR G 127 -9.38 -3.91 26.35
N PHE G 128 -9.62 -3.23 25.23
CA PHE G 128 -10.17 -3.85 24.05
C PHE G 128 -9.20 -3.68 22.89
N LYS G 129 -9.00 -4.74 22.14
CA LYS G 129 -8.11 -4.74 20.98
C LYS G 129 -8.90 -5.13 19.74
N GLU G 130 -8.19 -5.20 18.62
CA GLU G 130 -8.82 -5.47 17.34
C GLU G 130 -9.89 -4.42 17.04
N VAL G 131 -9.62 -3.18 17.42
CA VAL G 131 -10.46 -2.04 17.08
C VAL G 131 -9.74 -1.23 16.02
N GLY G 132 -10.46 -0.89 14.95
CA GLY G 132 -9.88 -0.18 13.84
C GLY G 132 -9.38 -1.07 12.72
N ARG G 133 -9.15 -2.35 13.00
CA ARG G 133 -8.78 -3.28 11.92
C ARG G 133 -9.92 -3.42 10.93
N ARG G 134 -11.15 -3.46 11.42
CA ARG G 134 -12.36 -3.51 10.61
C ARG G 134 -13.30 -2.44 11.12
N PRO G 135 -14.03 -1.75 10.24
CA PRO G 135 -14.78 -0.56 10.65
C PRO G 135 -15.60 -0.83 11.89
N PRO G 136 -15.92 0.20 12.68
CA PRO G 136 -16.69 0.01 13.90
C PRO G 136 -18.20 0.04 13.64
N THR G 137 -18.92 -0.80 14.37
CA THR G 137 -20.35 -0.96 14.20
C THR G 137 -21.03 -0.94 15.55
N PHE G 138 -22.35 -0.77 15.54
CA PHE G 138 -23.08 -0.69 16.79
C PHE G 138 -22.82 -1.90 17.67
N GLY G 139 -22.59 -3.06 17.07
CA GLY G 139 -22.29 -4.24 17.86
C GLY G 139 -21.04 -4.05 18.71
N ASP G 140 -20.02 -3.41 18.14
CA ASP G 140 -18.78 -3.20 18.88
C ASP G 140 -19.03 -2.30 20.09
N ALA G 141 -19.76 -1.21 19.89
CA ALA G 141 -20.04 -0.29 20.99
C ALA G 141 -20.89 -0.97 22.05
N SER G 142 -21.86 -1.79 21.63
CA SER G 142 -22.67 -2.52 22.60
C SER G 142 -21.83 -3.50 23.39
N VAL G 143 -20.87 -4.16 22.74
CA VAL G 143 -19.99 -5.07 23.46
C VAL G 143 -19.20 -4.31 24.51
N ILE G 144 -18.68 -3.14 24.15
CA ILE G 144 -17.94 -2.34 25.13
C ILE G 144 -18.85 -1.94 26.28
N ALA G 145 -20.08 -1.51 25.96
CA ALA G 145 -20.99 -1.09 27.01
C ALA G 145 -21.29 -2.24 27.96
N LEU G 146 -21.53 -3.43 27.42
CA LEU G 146 -21.76 -4.58 28.28
C LEU G 146 -20.54 -4.86 29.16
N GLU G 147 -19.36 -4.94 28.55
CA GLU G 147 -18.18 -5.23 29.34
C GLU G 147 -17.92 -4.16 30.38
N LEU G 148 -18.49 -2.97 30.20
CA LEU G 148 -18.47 -1.99 31.27
C LEU G 148 -19.47 -2.34 32.36
N LEU G 149 -20.75 -2.40 32.01
CA LEU G 149 -21.79 -2.60 33.02
C LEU G 149 -21.58 -3.90 33.76
N ASN G 150 -21.21 -4.96 33.05
CA ASN G 150 -20.94 -6.25 33.67
C ASN G 150 -19.64 -6.28 34.42
N SER G 151 -18.95 -5.16 34.56
CA SER G 151 -17.75 -5.09 35.38
C SER G 151 -18.14 -4.74 36.81
N GLY G 152 -17.21 -4.99 37.73
CA GLY G 152 -17.44 -4.73 39.13
C GLY G 152 -17.30 -3.30 39.55
N TYR G 153 -17.13 -2.38 38.60
CA TYR G 153 -16.90 -0.97 38.89
C TYR G 153 -18.19 -0.20 38.60
N GLU G 154 -18.91 0.17 39.66
CA GLU G 154 -20.07 1.04 39.52
C GLU G 154 -19.58 2.47 39.65
N PHE G 155 -19.18 3.05 38.52
CA PHE G 155 -18.60 4.37 38.51
C PHE G 155 -19.61 5.42 38.93
N ASP G 156 -19.15 6.41 39.69
CA ASP G 156 -20.00 7.53 40.08
C ASP G 156 -20.03 8.62 39.02
N GLU G 157 -19.20 8.53 38.00
CA GLU G 157 -19.24 9.44 36.85
C GLU G 157 -18.19 8.96 35.86
N GLY G 158 -18.40 9.31 34.60
CA GLY G 158 -17.54 8.85 33.54
C GLY G 158 -17.23 9.97 32.56
N SER G 159 -16.23 9.72 31.73
CA SER G 159 -15.82 10.68 30.71
C SER G 159 -15.15 9.92 29.59
N ILE G 160 -15.66 10.07 28.38
CA ILE G 160 -15.06 9.46 27.21
C ILE G 160 -14.16 10.49 26.55
N ILE G 161 -13.08 10.01 25.95
CA ILE G 161 -12.10 10.87 25.29
C ILE G 161 -11.84 10.31 23.90
N PHE G 162 -11.98 11.15 22.89
CA PHE G 162 -11.83 10.71 21.50
C PHE G 162 -11.46 11.92 20.67
N ASN G 163 -11.18 11.68 19.39
CA ASN G 163 -10.79 12.72 18.46
C ASN G 163 -11.94 12.94 17.49
N ARG G 164 -12.63 14.07 17.62
CA ARG G 164 -13.75 14.33 16.71
C ARG G 164 -13.22 14.88 15.40
N PHE G 165 -13.75 14.37 14.31
CA PHE G 165 -13.31 14.75 12.98
C PHE G 165 -13.94 16.08 12.57
N ARG G 166 -13.14 16.93 11.95
CA ARG G 166 -13.63 18.22 11.45
C ARG G 166 -13.33 18.42 9.98
N SER G 167 -12.18 17.96 9.50
CA SER G 167 -11.82 18.04 8.09
C SER G 167 -10.73 17.01 7.84
N VAL G 168 -10.50 16.74 6.56
CA VAL G 168 -9.47 15.75 6.20
C VAL G 168 -8.17 16.02 6.94
N ILE G 169 -7.91 17.29 7.27
CA ILE G 169 -6.66 17.70 7.88
C ILE G 169 -6.83 18.23 9.30
N SER G 170 -8.06 18.27 9.82
CA SER G 170 -8.35 18.89 11.10
C SER G 170 -9.13 17.92 11.97
N TYR G 171 -8.58 17.55 13.11
CA TYR G 171 -9.28 16.76 14.11
C TYR G 171 -8.97 17.34 15.47
N LYS G 172 -9.98 17.46 16.33
CA LYS G 172 -9.82 18.03 17.64
C LYS G 172 -10.17 16.99 18.69
N THR G 173 -9.27 16.76 19.63
CA THR G 173 -9.55 15.83 20.70
C THR G 173 -10.69 16.37 21.56
N GLU G 174 -11.52 15.45 22.05
CA GLU G 174 -12.74 15.81 22.76
C GLU G 174 -12.86 15.02 24.05
N GLU G 175 -13.79 15.45 24.87
CA GLU G 175 -14.13 14.76 26.11
C GLU G 175 -15.59 15.03 26.41
N LYS G 176 -16.37 13.98 26.59
CA LYS G 176 -17.78 14.11 26.85
C LYS G 176 -18.13 13.38 28.14
N PRO G 177 -19.16 13.83 28.86
CA PRO G 177 -19.47 13.23 30.15
C PRO G 177 -20.36 12.01 30.04
N ILE G 178 -20.06 11.01 30.86
CA ILE G 178 -20.89 9.84 31.04
C ILE G 178 -21.41 9.88 32.47
N PHE G 179 -22.74 9.81 32.61
CA PHE G 179 -23.39 9.93 33.90
C PHE G 179 -23.90 8.57 34.37
N SER G 180 -23.99 8.43 35.68
CA SER G 180 -24.51 7.21 36.28
C SER G 180 -25.98 7.40 36.63
N LEU G 181 -26.65 6.29 36.94
CA LEU G 181 -28.06 6.36 37.28
C LEU G 181 -28.28 7.21 38.52
N ASP G 182 -27.40 7.08 39.52
CA ASP G 182 -27.59 7.82 40.76
C ASP G 182 -27.51 9.33 40.51
N THR G 183 -26.52 9.77 39.75
CA THR G 183 -26.38 11.21 39.49
C THR G 183 -27.59 11.74 38.74
N ILE G 184 -28.04 11.02 37.72
CA ILE G 184 -29.14 11.50 36.90
C ILE G 184 -30.45 11.43 37.65
N SER G 185 -30.64 10.43 38.50
CA SER G 185 -31.89 10.23 39.21
C SER G 185 -31.93 10.97 40.54
N SER G 186 -30.96 11.85 40.78
CA SER G 186 -30.91 12.60 42.04
C SER G 186 -30.61 14.06 41.78
N ALA G 187 -31.11 14.62 40.70
CA ALA G 187 -30.91 16.02 40.37
C ALA G 187 -32.27 16.71 40.31
N GLU G 188 -32.40 17.80 41.05
CA GLU G 188 -33.59 18.62 40.98
C GLU G 188 -33.73 19.32 39.64
N SER G 189 -32.67 19.30 38.82
CA SER G 189 -32.75 19.96 37.53
C SER G 189 -33.80 19.32 36.64
N MET G 190 -33.88 17.99 36.64
CA MET G 190 -34.72 17.26 35.70
C MET G 190 -35.91 16.60 36.38
N SER G 191 -36.41 17.20 37.45
CA SER G 191 -37.62 16.67 38.06
C SER G 191 -38.78 16.73 37.10
N ILE G 192 -38.76 17.70 36.17
CA ILE G 192 -39.92 17.97 35.34
C ILE G 192 -40.29 16.73 34.53
N TYR G 193 -39.30 15.99 34.06
CA TYR G 193 -39.57 14.88 33.15
C TYR G 193 -40.59 13.95 33.75
N ASP G 194 -41.74 13.86 33.10
CA ASP G 194 -42.85 13.07 33.59
C ASP G 194 -42.69 11.62 33.16
N ASP G 195 -43.24 10.73 33.98
CA ASP G 195 -43.46 9.34 33.67
C ASP G 195 -42.19 8.53 33.80
N ILE G 196 -41.12 9.08 34.37
CA ILE G 196 -39.86 8.36 34.46
C ILE G 196 -39.84 7.58 35.77
N ASP G 197 -40.12 6.30 35.68
CA ASP G 197 -39.91 5.41 36.81
C ASP G 197 -38.44 5.47 37.22
N ALA G 198 -38.14 4.85 38.35
CA ALA G 198 -36.75 4.64 38.72
C ALA G 198 -36.08 3.58 37.86
N ASP G 199 -36.82 2.88 37.02
CA ASP G 199 -36.28 1.80 36.21
C ASP G 199 -36.21 2.12 34.74
N VAL G 200 -37.08 2.98 34.22
CA VAL G 200 -36.90 3.41 32.84
C VAL G 200 -35.59 4.15 32.69
N LEU G 201 -35.08 4.73 33.77
CA LEU G 201 -33.80 5.43 33.71
C LEU G 201 -32.62 4.47 33.65
N ARG G 202 -32.69 3.34 34.34
CA ARG G 202 -31.63 2.36 34.14
C ARG G 202 -31.54 1.96 32.68
N ASN G 203 -32.68 1.68 32.06
CA ASN G 203 -32.66 1.35 30.63
C ASN G 203 -32.10 2.50 29.82
N TYR G 204 -32.58 3.71 30.08
CA TYR G 204 -32.16 4.84 29.28
C TYR G 204 -30.66 5.07 29.37
N GLN G 205 -30.09 4.93 30.57
CA GLN G 205 -28.66 5.17 30.72
C GLN G 205 -27.86 4.01 30.16
N GLU G 206 -28.29 2.78 30.40
CA GLU G 206 -27.58 1.65 29.82
C GLU G 206 -27.58 1.72 28.30
N TYR G 207 -28.53 2.44 27.72
CA TYR G 207 -28.54 2.64 26.27
C TYR G 207 -27.73 3.86 25.84
N SER G 208 -27.83 4.96 26.58
CA SER G 208 -27.07 6.15 26.21
C SER G 208 -25.57 5.90 26.33
N LEU G 209 -25.15 5.02 27.23
CA LEU G 209 -23.74 4.70 27.32
C LEU G 209 -23.25 4.05 26.02
N ALA G 210 -23.93 3.00 25.58
CA ALA G 210 -23.56 2.38 24.32
C ALA G 210 -23.66 3.38 23.18
N ASN G 211 -24.64 4.27 23.25
CA ASN G 211 -24.84 5.20 22.15
C ASN G 211 -23.71 6.21 22.06
N ILE G 212 -23.26 6.77 23.19
CA ILE G 212 -22.14 7.70 23.14
C ILE G 212 -20.88 6.97 22.74
N ILE G 213 -20.68 5.74 23.22
CA ILE G 213 -19.48 5.00 22.82
C ILE G 213 -19.47 4.78 21.32
N TYR G 214 -20.61 4.42 20.74
CA TYR G 214 -20.66 4.22 19.30
C TYR G 214 -20.38 5.50 18.55
N TYR G 215 -20.93 6.62 19.01
CA TYR G 215 -20.66 7.90 18.36
C TYR G 215 -19.17 8.21 18.39
N SER G 216 -18.54 7.99 19.55
CA SER G 216 -17.10 8.24 19.64
C SER G 216 -16.33 7.33 18.73
N LEU G 217 -16.72 6.06 18.63
CA LEU G 217 -16.02 5.15 17.74
C LEU G 217 -16.07 5.65 16.30
N LYS G 218 -17.24 6.10 15.85
CA LYS G 218 -17.35 6.57 14.47
C LYS G 218 -16.49 7.79 14.25
N GLU G 219 -16.57 8.77 15.16
CA GLU G 219 -15.77 9.97 15.00
C GLU G 219 -14.29 9.64 14.99
N SER G 220 -13.85 8.79 15.91
CA SER G 220 -12.44 8.46 16.04
C SER G 220 -11.94 7.71 14.82
N THR G 221 -12.72 6.77 14.29
CA THR G 221 -12.29 6.08 13.08
C THR G 221 -12.13 7.05 11.93
N THR G 222 -13.09 7.96 11.74
CA THR G 222 -12.95 8.90 10.64
C THR G 222 -11.69 9.74 10.81
N SER G 223 -11.48 10.29 12.01
CA SER G 223 -10.33 11.15 12.22
C SER G 223 -9.04 10.39 12.03
N GLU G 224 -8.99 9.16 12.52
CA GLU G 224 -7.78 8.36 12.39
C GLU G 224 -7.46 8.07 10.94
N GLN G 225 -8.46 7.68 10.15
CA GLN G 225 -8.20 7.39 8.74
C GLN G 225 -7.74 8.64 8.01
N SER G 226 -8.37 9.79 8.28
CA SER G 226 -7.92 11.01 7.62
C SER G 226 -6.49 11.35 8.02
N ALA G 227 -6.17 11.18 9.31
CA ALA G 227 -4.82 11.48 9.77
C ALA G 227 -3.81 10.55 9.12
N ARG G 228 -4.14 9.27 8.99
CA ARG G 228 -3.22 8.33 8.35
C ARG G 228 -3.01 8.70 6.89
N MET G 229 -4.07 9.07 6.19
CA MET G 229 -3.91 9.50 4.80
C MET G 229 -2.95 10.69 4.73
N THR G 230 -3.14 11.68 5.59
CA THR G 230 -2.24 12.83 5.55
C THR G 230 -0.82 12.45 5.92
N ALA G 231 -0.65 11.59 6.92
CA ALA G 231 0.68 11.23 7.36
C ALA G 231 1.44 10.49 6.27
N MET G 232 0.77 9.57 5.57
CA MET G 232 1.47 8.88 4.49
C MET G 232 1.63 9.74 3.25
N ASP G 233 0.77 10.73 3.03
CA ASP G 233 1.06 11.72 2.00
C ASP G 233 2.34 12.48 2.32
N ASN G 234 2.51 12.89 3.59
CA ASN G 234 3.74 13.55 3.99
C ASN G 234 4.94 12.63 3.83
N ALA G 235 4.79 11.36 4.20
CA ALA G 235 5.90 10.43 4.07
C ALA G 235 6.29 10.25 2.61
N SER G 236 5.29 10.16 1.73
CA SER G 236 5.59 10.02 0.31
C SER G 236 6.29 11.26 -0.23
N LYS G 237 5.86 12.45 0.20
CA LYS G 237 6.52 13.66 -0.27
C LYS G 237 7.95 13.74 0.24
N ASN G 238 8.18 13.39 1.51
CA ASN G 238 9.54 13.38 2.04
C ASN G 238 10.41 12.40 1.26
N ALA G 239 9.90 11.20 1.01
CA ALA G 239 10.68 10.22 0.28
C ALA G 239 10.95 10.67 -1.15
N SER G 240 9.99 11.34 -1.78
CA SER G 240 10.22 11.81 -3.15
C SER G 240 11.28 12.90 -3.19
N GLU G 241 11.31 13.79 -2.20
CA GLU G 241 12.40 14.75 -2.12
C GLU G 241 13.73 14.05 -1.91
N MET G 242 13.76 13.09 -0.98
CA MET G 242 15.00 12.36 -0.74
C MET G 242 15.50 11.71 -2.02
N ILE G 243 14.58 11.16 -2.82
CA ILE G 243 14.98 10.48 -4.05
C ILE G 243 15.47 11.48 -5.08
N ASP G 244 14.81 12.64 -5.19
CA ASP G 244 15.30 13.63 -6.14
C ASP G 244 16.65 14.20 -5.74
N LYS G 245 17.05 14.07 -4.48
CA LYS G 245 18.43 14.45 -4.14
C LYS G 245 19.42 13.31 -4.34
N LEU G 246 19.02 12.09 -3.99
CA LEU G 246 19.92 10.96 -4.15
C LEU G 246 20.17 10.63 -5.60
N THR G 247 19.22 10.90 -6.50
CA THR G 247 19.50 10.69 -7.92
C THR G 247 20.58 11.63 -8.41
N LEU G 248 20.54 12.89 -7.99
CA LEU G 248 21.61 13.81 -8.36
C LEU G 248 22.94 13.32 -7.83
N THR G 249 22.97 12.91 -6.57
CA THR G 249 24.23 12.38 -6.02
C THR G 249 24.70 11.18 -6.80
N PHE G 250 23.78 10.30 -7.18
CA PHE G 250 24.14 9.07 -7.88
C PHE G 250 24.68 9.35 -9.27
N ASN G 251 24.07 10.29 -9.99
CA ASN G 251 24.58 10.66 -11.30
C ASN G 251 25.98 11.25 -11.18
N ARG G 252 26.17 12.15 -10.22
CA ARG G 252 27.51 12.68 -9.99
C ARG G 252 28.50 11.56 -9.75
N THR G 253 28.13 10.59 -8.91
CA THR G 253 29.07 9.55 -8.54
C THR G 253 29.38 8.62 -9.70
N ARG G 254 28.37 8.26 -10.51
CA ARG G 254 28.66 7.37 -11.62
C ARG G 254 29.51 8.05 -12.68
N GLN G 255 29.27 9.35 -12.93
CA GLN G 255 30.15 10.06 -13.84
C GLN G 255 31.56 10.12 -13.30
N ALA G 256 31.71 10.36 -11.99
CA ALA G 256 33.04 10.40 -11.40
C ALA G 256 33.73 9.04 -11.52
N VAL G 257 32.97 7.96 -11.38
CA VAL G 257 33.57 6.62 -11.50
C VAL G 257 34.03 6.37 -12.92
N ILE G 258 33.22 6.75 -13.91
CA ILE G 258 33.65 6.58 -15.30
C ILE G 258 34.93 7.36 -15.56
N THR G 259 34.97 8.61 -15.08
CA THR G 259 36.16 9.43 -15.29
C THR G 259 37.38 8.82 -14.61
N LYS G 260 37.23 8.34 -13.38
CA LYS G 260 38.38 7.75 -12.69
C LYS G 260 38.90 6.54 -13.44
N GLU G 261 38.01 5.68 -13.93
CA GLU G 261 38.46 4.51 -14.66
C GLU G 261 39.17 4.91 -15.95
N LEU G 262 38.63 5.88 -16.69
CA LEU G 262 39.36 6.36 -17.87
C LEU G 262 40.73 6.90 -17.51
N ILE G 263 40.84 7.68 -16.45
CA ILE G 263 42.13 8.27 -16.13
C ILE G 263 43.12 7.18 -15.74
N GLU G 264 42.66 6.16 -15.02
CA GLU G 264 43.54 5.05 -14.71
C GLU G 264 44.04 4.36 -15.97
N ILE G 265 43.12 4.09 -16.91
CA ILE G 265 43.51 3.39 -18.13
C ILE G 265 44.47 4.23 -18.95
N ILE G 266 44.22 5.53 -19.03
CA ILE G 266 45.05 6.39 -19.87
C ILE G 266 46.43 6.58 -19.25
N SER G 267 46.50 6.70 -17.93
CA SER G 267 47.80 6.76 -17.26
C SER G 267 48.56 5.46 -17.48
N GLY G 268 47.87 4.33 -17.41
CA GLY G 268 48.53 3.06 -17.65
C GLY G 268 49.03 2.93 -19.08
N ALA G 269 48.24 3.41 -20.03
CA ALA G 269 48.61 3.27 -21.44
C ALA G 269 49.75 4.21 -21.81
N ALA G 270 49.76 5.42 -21.29
CA ALA G 270 50.77 6.39 -21.66
C ALA G 270 52.06 6.24 -20.86
N ALA G 271 52.10 5.36 -19.86
CA ALA G 271 53.27 5.19 -19.02
C ALA G 271 54.12 4.01 -19.45
N LEU G 272 53.84 3.44 -20.62
CA LEU G 272 54.61 2.32 -21.13
C LEU G 272 54.97 2.53 -22.59
N MET H 16 -42.85 21.74 16.83
CA MET H 16 -42.10 20.54 17.20
C MET H 16 -40.94 20.30 16.25
N SER H 17 -39.87 19.73 16.77
CA SER H 17 -38.65 19.47 16.00
C SER H 17 -38.28 18.00 16.17
N PHE H 18 -38.72 17.17 15.24
CA PHE H 18 -38.56 15.73 15.33
C PHE H 18 -37.20 15.30 14.77
N THR H 19 -36.74 14.13 15.21
CA THR H 19 -35.48 13.58 14.71
C THR H 19 -35.50 12.07 14.93
N PHE H 20 -35.63 11.31 13.85
CA PHE H 20 -35.77 9.86 13.92
C PHE H 20 -34.61 9.26 13.16
N ALA H 21 -33.67 8.68 13.89
CA ALA H 21 -32.41 8.23 13.33
C ALA H 21 -32.09 6.82 13.81
N SER H 22 -31.38 6.09 12.98
CA SER H 22 -30.86 4.77 13.27
C SER H 22 -29.36 4.79 13.07
N PRO H 23 -28.62 3.93 13.76
CA PRO H 23 -27.15 3.99 13.66
C PRO H 23 -26.65 4.11 12.24
N THR H 24 -27.41 3.61 11.28
CA THR H 24 -26.99 3.56 9.89
C THR H 24 -27.73 4.51 8.97
N GLN H 25 -28.72 5.25 9.46
CA GLN H 25 -29.39 6.23 8.61
C GLN H 25 -30.28 7.12 9.46
N VAL H 26 -30.76 8.18 8.81
CA VAL H 26 -31.56 9.22 9.45
C VAL H 26 -32.80 9.44 8.59
N PHE H 27 -33.98 9.26 9.18
CA PHE H 27 -35.23 9.43 8.45
C PHE H 27 -35.73 10.86 8.50
N PHE H 28 -35.73 11.47 9.68
CA PHE H 28 -36.07 12.87 9.85
C PHE H 28 -34.97 13.54 10.64
N ASN H 29 -34.45 14.63 10.12
CA ASN H 29 -33.40 15.39 10.79
C ASN H 29 -33.98 16.76 11.14
N SER H 30 -34.37 16.92 12.39
CA SER H 30 -34.94 18.18 12.89
C SER H 30 -36.07 18.65 11.98
N ALA H 31 -36.75 17.71 11.34
CA ALA H 31 -37.93 18.05 10.56
C ALA H 31 -39.10 18.35 11.49
N ASN H 32 -40.18 18.85 10.90
CA ASN H 32 -41.39 19.18 11.63
C ASN H 32 -42.52 18.28 11.17
N VAL H 33 -43.31 17.78 12.12
CA VAL H 33 -44.43 16.90 11.83
C VAL H 33 -45.55 17.21 12.82
N ARG H 34 -46.75 16.72 12.51
CA ARG H 34 -47.90 17.00 13.37
C ARG H 34 -47.95 16.03 14.55
N GLN H 35 -48.11 14.74 14.27
CA GLN H 35 -48.17 13.71 15.30
C GLN H 35 -46.97 12.79 15.20
N VAL H 36 -46.71 12.09 16.29
CA VAL H 36 -45.90 10.89 16.25
C VAL H 36 -46.59 9.88 17.14
N ASP H 37 -46.49 8.61 16.80
CA ASP H 37 -47.18 7.57 17.58
C ASP H 37 -46.19 6.46 17.88
N VAL H 38 -45.57 6.55 19.05
CA VAL H 38 -44.42 5.71 19.36
C VAL H 38 -44.87 4.57 20.26
N PRO H 39 -44.31 3.38 20.12
CA PRO H 39 -44.39 2.39 21.20
C PRO H 39 -43.38 2.75 22.27
N THR H 40 -43.58 2.18 23.45
CA THR H 40 -42.67 2.41 24.55
C THR H 40 -42.72 1.20 25.47
N GLN H 41 -41.73 1.12 26.35
CA GLN H 41 -41.69 0.00 27.28
C GLN H 41 -42.91 -0.01 28.18
N THR H 42 -43.58 1.13 28.32
CA THR H 42 -44.74 1.28 29.20
C THR H 42 -45.97 1.70 28.43
N GLY H 43 -46.19 1.11 27.26
CA GLY H 43 -47.38 1.37 26.49
C GLY H 43 -47.23 2.52 25.51
N ALA H 44 -47.79 2.35 24.31
CA ALA H 44 -47.62 3.34 23.27
C ALA H 44 -48.18 4.69 23.71
N PHE H 45 -47.91 5.71 22.90
CA PHE H 45 -48.57 6.99 23.10
C PHE H 45 -48.28 7.88 21.90
N GLY H 46 -48.79 9.10 21.96
CA GLY H 46 -48.73 10.00 20.84
C GLY H 46 -48.19 11.37 21.20
N ILE H 47 -47.18 11.80 20.48
CA ILE H 47 -46.46 13.04 20.76
C ILE H 47 -46.95 14.10 19.81
N LEU H 48 -46.97 15.33 20.31
CA LEU H 48 -47.69 16.42 19.67
C LEU H 48 -47.07 17.73 20.12
N ALA H 49 -47.48 18.81 19.48
CA ALA H 49 -46.77 20.08 19.51
C ALA H 49 -46.10 20.44 20.83
N ALA H 50 -46.78 20.27 21.96
CA ALA H 50 -46.23 20.73 23.23
C ALA H 50 -46.28 19.66 24.31
N HIS H 51 -46.19 18.39 23.91
CA HIS H 51 -46.28 17.29 24.87
C HIS H 51 -45.39 17.54 26.07
N VAL H 52 -45.76 16.94 27.19
CA VAL H 52 -45.03 17.11 28.45
C VAL H 52 -43.75 16.30 28.37
N PRO H 53 -42.66 16.73 28.99
CA PRO H 53 -41.39 16.03 28.82
C PRO H 53 -41.44 14.58 29.33
N THR H 54 -40.78 13.69 28.59
CA THR H 54 -40.76 12.26 28.93
C THR H 54 -39.46 11.63 28.43
N LEU H 55 -39.15 10.46 28.98
CA LEU H 55 -37.89 9.74 28.73
C LEU H 55 -38.13 8.26 28.49
N GLN H 56 -39.06 7.92 27.62
CA GLN H 56 -39.36 6.51 27.44
C GLN H 56 -38.33 5.81 26.57
N VAL H 57 -38.16 4.52 26.82
CA VAL H 57 -37.42 3.64 25.94
C VAL H 57 -38.42 2.85 25.12
N LEU H 58 -37.97 2.35 23.98
CA LEU H 58 -38.88 1.74 23.01
C LEU H 58 -39.02 0.24 23.27
N ARG H 59 -39.91 -0.36 22.49
CA ARG H 59 -40.31 -1.74 22.62
C ARG H 59 -40.62 -2.15 21.19
N PRO H 60 -40.19 -3.32 20.76
CA PRO H 60 -40.32 -3.65 19.33
C PRO H 60 -41.71 -3.36 18.83
N GLY H 61 -41.83 -2.38 17.96
CA GLY H 61 -43.13 -1.95 17.52
C GLY H 61 -43.02 -1.17 16.24
N LEU H 62 -44.05 -0.40 15.94
CA LEU H 62 -44.03 0.45 14.76
C LEU H 62 -44.44 1.86 15.12
N VAL H 63 -43.83 2.81 14.43
CA VAL H 63 -44.05 4.24 14.62
C VAL H 63 -44.71 4.79 13.38
N VAL H 64 -45.79 5.53 13.55
CA VAL H 64 -46.45 6.20 12.44
C VAL H 64 -46.34 7.70 12.66
N VAL H 65 -45.88 8.40 11.63
CA VAL H 65 -45.57 9.82 11.70
C VAL H 65 -46.49 10.55 10.75
N HIS H 66 -47.28 11.48 11.29
CA HIS H 66 -48.24 12.25 10.50
C HIS H 66 -47.57 13.53 10.03
N ALA H 67 -47.00 13.50 8.83
CA ALA H 67 -46.39 14.69 8.27
C ALA H 67 -47.39 15.83 8.31
N GLU H 68 -46.93 17.07 8.14
CA GLU H 68 -47.83 18.21 8.37
C GLU H 68 -48.99 18.22 7.38
N ASP H 69 -48.90 17.49 6.28
CA ASP H 69 -50.06 17.26 5.43
C ASP H 69 -50.89 16.14 6.05
N GLY H 70 -51.85 15.61 5.30
CA GLY H 70 -52.58 14.45 5.78
C GLY H 70 -51.77 13.17 5.75
N THR H 71 -50.71 13.13 4.95
CA THR H 71 -49.91 11.92 4.79
C THR H 71 -49.48 11.37 6.13
N THR H 72 -49.21 10.06 6.16
CA THR H 72 -48.76 9.39 7.37
C THR H 72 -47.84 8.25 6.97
N SER H 73 -46.59 8.33 7.38
CA SER H 73 -45.60 7.31 7.08
C SER H 73 -45.52 6.32 8.22
N LYS H 74 -45.05 5.11 7.93
CA LYS H 74 -44.95 4.06 8.92
C LYS H 74 -43.54 3.48 8.92
N TYR H 75 -43.07 3.04 10.08
CA TYR H 75 -41.77 2.43 10.24
C TYR H 75 -41.86 1.40 11.34
N PHE H 76 -40.88 0.50 11.40
CA PHE H 76 -40.80 -0.49 12.46
C PHE H 76 -39.49 -0.30 13.18
N VAL H 77 -39.55 -0.11 14.50
CA VAL H 77 -38.38 0.11 15.34
C VAL H 77 -38.23 -1.07 16.28
N SER H 78 -37.05 -1.66 16.30
CA SER H 78 -36.80 -2.82 17.13
C SER H 78 -36.58 -2.44 18.58
N SER H 79 -35.96 -1.29 18.84
CA SER H 79 -35.63 -0.88 20.18
C SER H 79 -34.99 0.49 20.09
N GLY H 80 -34.79 1.11 21.24
CA GLY H 80 -34.12 2.40 21.26
C GLY H 80 -34.54 3.27 22.41
N SER H 81 -34.80 4.55 22.13
CA SER H 81 -35.23 5.47 23.17
C SER H 81 -35.85 6.69 22.54
N VAL H 82 -36.92 7.18 23.16
CA VAL H 82 -37.59 8.39 22.73
C VAL H 82 -37.47 9.40 23.86
N THR H 83 -37.06 10.62 23.51
CA THR H 83 -36.93 11.70 24.46
C THR H 83 -37.78 12.86 23.95
N VAL H 84 -38.50 13.51 24.87
CA VAL H 84 -39.35 14.64 24.52
C VAL H 84 -38.87 15.81 25.35
N ASN H 85 -37.98 16.61 24.78
CA ASN H 85 -37.33 17.67 25.54
C ASN H 85 -38.36 18.70 25.99
N ALA H 86 -37.91 19.61 26.84
CA ALA H 86 -38.81 20.61 27.40
C ALA H 86 -39.36 21.53 26.33
N ASP H 87 -38.53 21.92 25.36
CA ASP H 87 -38.88 22.91 24.35
C ASP H 87 -39.54 22.29 23.14
N SER H 88 -40.22 21.16 23.30
CA SER H 88 -40.93 20.46 22.25
C SER H 88 -39.98 19.74 21.31
N SER H 89 -38.67 19.79 21.55
CA SER H 89 -37.74 19.04 20.72
C SER H 89 -37.82 17.56 21.06
N VAL H 90 -37.96 16.73 20.03
CA VAL H 90 -38.13 15.29 20.19
C VAL H 90 -36.96 14.58 19.54
N GLN H 91 -36.58 13.45 20.10
CA GLN H 91 -35.52 12.62 19.53
C GLN H 91 -35.95 11.17 19.66
N LEU H 92 -36.07 10.48 18.54
CA LEU H 92 -36.48 9.08 18.53
C LEU H 92 -35.34 8.27 17.91
N LEU H 93 -34.47 7.72 18.75
CA LEU H 93 -33.34 6.95 18.28
C LEU H 93 -33.70 5.48 18.33
N ALA H 94 -33.48 4.77 17.23
CA ALA H 94 -33.84 3.36 17.12
C ALA H 94 -32.61 2.58 16.72
N GLU H 95 -32.35 1.48 17.42
CA GLU H 95 -31.19 0.67 17.09
C GLU H 95 -31.33 0.01 15.72
N GLU H 96 -32.53 -0.35 15.33
CA GLU H 96 -32.76 -1.01 14.04
C GLU H 96 -34.16 -0.61 13.56
N ALA H 97 -34.21 0.40 12.71
CA ALA H 97 -35.47 0.95 12.22
C ALA H 97 -35.56 0.72 10.72
N VAL H 98 -36.62 0.06 10.29
CA VAL H 98 -36.80 -0.31 8.88
C VAL H 98 -38.21 0.06 8.46
N THR H 99 -38.34 0.60 7.25
CA THR H 99 -39.67 0.82 6.71
C THR H 99 -40.35 -0.52 6.48
N LEU H 100 -41.68 -0.48 6.47
CA LEU H 100 -42.47 -1.71 6.63
C LEU H 100 -42.17 -2.71 5.51
N ASP H 101 -42.13 -2.23 4.27
CA ASP H 101 -42.02 -3.16 3.14
C ASP H 101 -40.74 -3.98 3.21
N MET H 102 -39.76 -3.57 3.99
CA MET H 102 -38.50 -4.31 4.10
C MET H 102 -38.62 -5.57 4.92
N LEU H 103 -39.82 -6.05 5.22
CA LEU H 103 -40.02 -7.18 6.12
C LEU H 103 -40.91 -8.22 5.47
N ASP H 104 -40.70 -9.48 5.82
CA ASP H 104 -41.48 -10.60 5.29
C ASP H 104 -42.30 -11.25 6.40
N LEU H 105 -43.62 -11.24 6.24
CA LEU H 105 -44.50 -11.83 7.24
C LEU H 105 -44.31 -13.34 7.32
N GLY H 106 -44.10 -13.99 6.18
CA GLY H 106 -43.92 -15.44 6.21
C GLY H 106 -42.71 -15.85 7.04
N ALA H 107 -41.55 -15.29 6.72
CA ALA H 107 -40.35 -15.58 7.49
C ALA H 107 -40.52 -15.15 8.93
N ALA H 108 -41.23 -14.03 9.16
CA ALA H 108 -41.43 -13.55 10.52
C ALA H 108 -42.18 -14.58 11.36
N LYS H 109 -43.33 -15.04 10.86
CA LYS H 109 -44.11 -16.02 11.61
C LYS H 109 -43.39 -17.35 11.70
N ALA H 110 -42.64 -17.72 10.67
CA ALA H 110 -41.87 -18.95 10.76
C ALA H 110 -40.87 -18.87 11.90
N ASN H 111 -40.15 -17.75 12.00
CA ASN H 111 -39.21 -17.58 13.09
C ASN H 111 -39.93 -17.57 14.44
N LEU H 112 -41.09 -16.92 14.49
CA LEU H 112 -41.85 -16.90 15.74
C LEU H 112 -42.21 -18.31 16.17
N GLU H 113 -42.64 -19.14 15.23
CA GLU H 113 -43.07 -20.48 15.59
C GLU H 113 -41.88 -21.34 15.99
N LYS H 114 -40.77 -21.23 15.25
CA LYS H 114 -39.53 -21.86 15.69
C LYS H 114 -39.22 -21.47 17.13
N ALA H 115 -39.30 -20.18 17.42
CA ALA H 115 -38.98 -19.67 18.75
C ALA H 115 -39.85 -20.35 19.78
N GLN H 116 -41.16 -20.16 19.70
CA GLN H 116 -42.03 -20.74 20.72
C GLN H 116 -41.84 -22.24 20.82
N SER H 117 -41.58 -22.92 19.70
CA SER H 117 -41.37 -24.35 19.74
C SER H 117 -40.14 -24.71 20.57
N GLU H 118 -39.06 -23.95 20.41
CA GLU H 118 -37.84 -24.24 21.16
C GLU H 118 -37.80 -23.56 22.53
N LEU H 119 -38.84 -22.78 22.88
CA LEU H 119 -38.87 -22.14 24.19
C LEU H 119 -38.70 -23.15 25.30
N LEU H 120 -39.52 -24.20 25.28
CA LEU H 120 -39.59 -25.12 26.41
C LEU H 120 -38.22 -25.68 26.76
N GLY H 121 -37.34 -25.82 25.77
CA GLY H 121 -35.99 -26.27 26.02
C GLY H 121 -35.06 -25.14 26.44
N ALA H 122 -35.19 -24.68 27.68
CA ALA H 122 -34.35 -23.60 28.17
C ALA H 122 -34.30 -23.67 29.69
N ALA H 123 -33.10 -23.78 30.25
CA ALA H 123 -32.94 -23.98 31.67
C ALA H 123 -32.72 -22.68 32.43
N ASP H 124 -31.64 -21.96 32.11
CA ASP H 124 -31.32 -20.75 32.85
C ASP H 124 -32.36 -19.68 32.58
N GLU H 125 -32.83 -19.03 33.64
CA GLU H 125 -33.89 -18.03 33.48
C GLU H 125 -33.49 -16.98 32.46
N ALA H 126 -32.20 -16.64 32.42
CA ALA H 126 -31.72 -15.71 31.40
C ALA H 126 -32.00 -16.24 30.00
N THR H 127 -31.79 -17.54 29.79
CA THR H 127 -32.12 -18.13 28.50
C THR H 127 -33.60 -18.00 28.20
N ARG H 128 -34.44 -18.23 29.21
CA ARG H 128 -35.87 -18.03 29.04
C ARG H 128 -36.14 -16.62 28.56
N ALA H 129 -35.48 -15.64 29.19
CA ALA H 129 -35.68 -14.25 28.82
C ALA H 129 -35.22 -13.99 27.39
N GLU H 130 -34.11 -14.61 26.98
CA GLU H 130 -33.60 -14.40 25.63
C GLU H 130 -34.62 -14.89 24.60
N ILE H 131 -35.08 -16.13 24.75
CA ILE H 131 -36.09 -16.63 23.81
C ILE H 131 -37.36 -15.80 23.91
N GLN H 132 -37.73 -15.38 25.11
CA GLN H 132 -38.96 -14.63 25.28
C GLN H 132 -38.90 -13.29 24.54
N ILE H 133 -37.75 -12.62 24.61
CA ILE H 133 -37.62 -11.35 23.91
C ILE H 133 -37.70 -11.57 22.41
N ARG H 134 -37.02 -12.62 21.92
CA ARG H 134 -37.18 -12.92 20.50
C ARG H 134 -38.65 -13.10 20.15
N ILE H 135 -39.39 -13.79 21.01
CA ILE H 135 -40.80 -14.06 20.74
C ILE H 135 -41.60 -12.77 20.72
N GLU H 136 -41.36 -11.87 21.68
CA GLU H 136 -42.12 -10.63 21.72
C GLU H 136 -41.86 -9.79 20.48
N ALA H 137 -40.58 -9.67 20.08
CA ALA H 137 -40.27 -8.92 18.88
C ALA H 137 -40.95 -9.54 17.67
N ASN H 138 -40.84 -10.86 17.53
CA ASN H 138 -41.43 -11.53 16.38
C ASN H 138 -42.93 -11.35 16.35
N GLU H 139 -43.57 -11.43 17.51
CA GLU H 139 -45.03 -11.35 17.56
C GLU H 139 -45.51 -9.96 17.22
N ALA H 140 -44.90 -8.93 17.80
CA ALA H 140 -45.28 -7.57 17.46
C ALA H 140 -45.02 -7.30 15.98
N LEU H 141 -43.94 -7.84 15.45
CA LEU H 141 -43.67 -7.70 14.03
C LEU H 141 -44.77 -8.36 13.20
N VAL H 142 -45.18 -9.56 13.58
CA VAL H 142 -46.23 -10.25 12.84
C VAL H 142 -47.50 -9.42 12.85
N LYS H 143 -47.89 -8.92 14.02
CA LYS H 143 -49.03 -8.02 14.07
C LYS H 143 -48.83 -6.82 13.16
N ALA H 144 -47.58 -6.39 12.98
CA ALA H 144 -47.33 -5.18 12.20
C ALA H 144 -47.66 -5.38 10.72
N LEU H 145 -47.44 -6.58 10.20
CA LEU H 145 -47.54 -6.83 8.76
C LEU H 145 -48.86 -7.44 8.35
N GLU H 146 -49.95 -7.06 9.01
CA GLU H 146 -51.27 -7.51 8.60
C GLU H 146 -52.22 -6.32 8.53
N VAL I 1 -39.67 -3.43 36.10
CA VAL I 1 -38.66 -4.49 36.26
C VAL I 1 -39.12 -5.70 35.46
N ALA I 2 -39.04 -5.59 34.14
CA ALA I 2 -39.56 -6.60 33.24
C ALA I 2 -38.75 -7.89 33.33
N TYR I 3 -39.31 -8.95 32.73
CA TYR I 3 -38.83 -10.29 33.01
C TYR I 3 -37.33 -10.45 32.75
N TRP I 4 -36.79 -9.71 31.80
CA TRP I 4 -35.35 -9.83 31.54
C TRP I 4 -34.54 -9.11 32.61
N ARG I 5 -35.10 -8.06 33.23
CA ARG I 5 -34.35 -7.33 34.25
C ARG I 5 -34.06 -8.22 35.46
N GLN I 6 -35.05 -9.01 35.90
CA GLN I 6 -34.78 -9.96 36.97
C GLN I 6 -33.94 -11.12 36.47
N ALA I 7 -34.06 -11.46 35.19
CA ALA I 7 -33.29 -12.57 34.64
C ALA I 7 -31.80 -12.29 34.69
N GLY I 8 -31.40 -11.03 34.88
CA GLY I 8 -30.01 -10.65 34.89
C GLY I 8 -29.53 -9.97 33.63
N LEU I 9 -30.40 -9.79 32.64
CA LEU I 9 -30.01 -9.11 31.42
C LEU I 9 -30.02 -7.59 31.62
N SER I 10 -29.36 -6.90 30.71
CA SER I 10 -29.38 -5.45 30.64
C SER I 10 -30.17 -5.00 29.43
N TYR I 11 -30.51 -3.72 29.40
CA TYR I 11 -31.26 -3.24 28.25
C TYR I 11 -30.44 -3.30 26.97
N ILE I 12 -29.11 -3.41 27.09
CA ILE I 12 -28.30 -3.56 25.89
C ILE I 12 -28.51 -4.93 25.27
N ARG I 13 -28.52 -5.99 26.08
CA ARG I 13 -28.81 -7.30 25.53
C ARG I 13 -30.21 -7.34 24.95
N TYR I 14 -31.17 -6.72 25.65
CA TYR I 14 -32.53 -6.68 25.14
C TYR I 14 -32.56 -6.04 23.76
N SER I 15 -31.90 -4.90 23.62
CA SER I 15 -31.91 -4.23 22.32
C SER I 15 -31.18 -5.05 21.27
N GLN I 16 -30.06 -5.69 21.65
CA GLN I 16 -29.36 -6.56 20.73
C GLN I 16 -30.31 -7.63 20.18
N ILE I 17 -31.02 -8.29 21.09
CA ILE I 17 -31.86 -9.42 20.70
C ILE I 17 -33.02 -8.95 19.84
N CYS I 18 -33.69 -7.88 20.24
CA CYS I 18 -34.79 -7.39 19.44
C CYS I 18 -34.31 -6.97 18.06
N ALA I 19 -33.17 -6.29 17.99
CA ALA I 19 -32.66 -5.86 16.69
C ALA I 19 -32.30 -7.06 15.83
N LYS I 20 -31.64 -8.07 16.40
CA LYS I 20 -31.31 -9.26 15.61
C LYS I 20 -32.55 -9.94 15.10
N ALA I 21 -33.58 -10.07 15.94
CA ALA I 21 -34.82 -10.68 15.51
C ALA I 21 -35.46 -9.87 14.38
N VAL I 22 -35.45 -8.55 14.48
CA VAL I 22 -36.00 -7.75 13.40
C VAL I 22 -35.20 -7.92 12.14
N ARG I 23 -33.88 -8.08 12.25
CA ARG I 23 -33.06 -8.27 11.07
C ARG I 23 -33.34 -9.62 10.42
N ASP I 24 -33.62 -10.65 11.21
CA ASP I 24 -33.91 -11.97 10.67
C ASP I 24 -35.27 -12.04 10.01
N ALA I 25 -36.07 -10.98 10.07
CA ALA I 25 -37.32 -10.89 9.33
C ALA I 25 -37.16 -10.17 8.01
N LEU I 26 -35.93 -9.89 7.60
CA LEU I 26 -35.68 -9.07 6.42
C LEU I 26 -35.79 -9.89 5.14
N LYS I 27 -36.14 -9.20 4.06
CA LYS I 27 -36.08 -9.79 2.74
C LYS I 27 -34.64 -10.09 2.37
N THR I 28 -34.39 -11.29 1.84
CA THR I 28 -33.05 -11.63 1.39
C THR I 28 -32.50 -10.55 0.46
N GLU I 29 -33.37 -9.84 -0.25
CA GLU I 29 -32.90 -8.72 -1.05
C GLU I 29 -32.22 -7.67 -0.18
N PHE I 30 -32.65 -7.53 1.08
CA PHE I 30 -32.08 -6.54 1.98
C PHE I 30 -31.14 -7.14 3.01
N LYS I 31 -31.22 -8.45 3.27
CA LYS I 31 -30.34 -9.04 4.27
C LYS I 31 -28.87 -8.83 3.94
N ALA I 32 -28.54 -8.64 2.67
CA ALA I 32 -27.14 -8.42 2.29
C ALA I 32 -26.59 -7.16 2.96
N ASN I 33 -27.30 -6.05 2.83
CA ASN I 33 -26.85 -4.82 3.48
C ASN I 33 -26.85 -4.98 4.99
N ALA I 34 -27.90 -5.61 5.54
CA ALA I 34 -28.02 -5.71 6.99
C ALA I 34 -26.87 -6.51 7.59
N MET I 35 -26.48 -7.62 6.96
CA MET I 35 -25.45 -8.47 7.56
C MET I 35 -24.14 -7.71 7.73
N LYS I 36 -23.74 -6.96 6.70
CA LYS I 36 -22.62 -6.05 6.86
C LYS I 36 -23.08 -4.84 7.66
N THR I 37 -22.22 -4.37 8.56
CA THR I 37 -22.56 -3.34 9.53
C THR I 37 -23.50 -3.87 10.61
N SER I 38 -23.42 -5.16 10.92
CA SER I 38 -24.20 -5.75 11.99
C SER I 38 -23.38 -6.55 12.97
N GLY I 39 -22.26 -7.12 12.55
CA GLY I 39 -21.46 -7.91 13.45
C GLY I 39 -20.58 -7.06 14.35
N SER I 40 -20.16 -7.66 15.45
CA SER I 40 -19.21 -7.06 16.38
C SER I 40 -17.90 -7.82 16.30
N THR I 41 -16.79 -7.09 16.22
CA THR I 41 -15.49 -7.69 16.03
C THR I 41 -14.47 -7.35 17.11
N ILE I 42 -14.77 -6.41 18.00
CA ILE I 42 -13.83 -6.06 19.05
C ILE I 42 -13.75 -7.20 20.04
N LYS I 43 -12.54 -7.64 20.34
CA LYS I 43 -12.30 -8.63 21.38
C LYS I 43 -11.90 -7.93 22.67
N ILE I 44 -11.65 -8.73 23.70
CA ILE I 44 -11.30 -8.22 25.01
C ILE I 44 -9.94 -8.79 25.40
N VAL I 45 -9.15 -7.97 26.09
CA VAL I 45 -7.92 -8.42 26.73
C VAL I 45 -8.03 -8.03 28.20
N LYS I 46 -7.97 -9.03 29.07
CA LYS I 46 -8.17 -8.78 30.49
C LYS I 46 -6.86 -8.31 31.13
N VAL I 47 -7.00 -7.70 32.31
CA VAL I 47 -5.84 -7.22 33.05
C VAL I 47 -5.27 -8.34 33.91
N VAL J 8 17.48 3.90 -15.01
CA VAL J 8 17.52 3.92 -13.55
C VAL J 8 16.21 3.34 -13.01
N ARG J 9 16.32 2.37 -12.10
CA ARG J 9 15.15 1.68 -11.58
C ARG J 9 15.48 1.14 -10.19
N SER J 10 14.56 0.35 -9.63
CA SER J 10 14.71 -0.21 -8.29
C SER J 10 14.55 -1.73 -8.34
N SER J 11 14.42 -2.37 -7.18
CA SER J 11 14.31 -3.81 -7.10
C SER J 11 13.31 -4.17 -6.01
N ALA J 12 13.19 -5.46 -5.75
CA ALA J 12 12.28 -6.00 -4.74
C ALA J 12 13.09 -6.57 -3.58
N GLY J 13 12.60 -6.36 -2.37
CA GLY J 13 13.33 -6.80 -1.20
C GLY J 13 14.63 -6.04 -1.00
N ALA J 14 14.60 -4.73 -1.20
CA ALA J 14 15.80 -3.91 -1.11
C ALA J 14 15.85 -3.00 0.11
N VAL J 15 14.76 -2.91 0.88
CA VAL J 15 14.79 -2.13 2.11
C VAL J 15 15.63 -2.78 3.18
N ARG J 16 15.99 -4.06 3.00
CA ARG J 16 16.87 -4.75 3.92
C ARG J 16 18.33 -4.71 3.49
N ASP J 17 18.59 -4.70 2.17
CA ASP J 17 19.97 -4.70 1.71
C ASP J 17 20.68 -3.41 2.09
N ALA J 18 19.99 -2.28 2.02
CA ALA J 18 20.63 -1.02 2.37
C ALA J 18 21.16 -1.02 3.79
N GLY J 19 20.60 -1.83 4.67
CA GLY J 19 21.06 -1.84 6.04
C GLY J 19 20.94 -0.51 6.74
N GLY J 20 20.08 0.38 6.25
CA GLY J 20 19.92 1.67 6.86
C GLY J 20 19.12 1.57 8.15
N ALA J 21 18.37 2.61 8.49
CA ALA J 21 17.54 2.53 9.68
C ALA J 21 16.41 1.53 9.48
N PHE J 22 15.69 1.64 8.35
CA PHE J 22 14.59 0.72 8.10
C PHE J 22 15.06 -0.71 7.95
N GLY J 23 16.23 -0.91 7.35
CA GLY J 23 16.74 -2.26 7.19
C GLY J 23 16.90 -3.01 8.49
N LYS J 24 17.12 -2.30 9.59
CA LYS J 24 17.24 -2.94 10.90
C LYS J 24 15.96 -2.88 11.72
N ARG J 25 15.20 -1.81 11.58
CA ARG J 25 13.87 -1.77 12.20
C ARG J 25 12.99 -2.89 11.69
N GLU J 26 13.17 -3.30 10.44
CA GLU J 26 12.39 -4.39 9.90
C GLU J 26 12.74 -5.71 10.57
N GLN J 27 14.03 -5.99 10.70
CA GLN J 27 14.45 -7.14 11.49
C GLN J 27 13.84 -7.08 12.88
N ALA J 28 13.85 -5.90 13.49
CA ALA J 28 13.30 -5.73 14.81
C ALA J 28 11.83 -6.14 14.86
N GLU J 29 11.03 -5.63 13.93
CA GLU J 29 9.59 -5.90 13.94
C GLU J 29 9.34 -7.38 13.73
N GLU J 30 9.99 -7.97 12.73
CA GLU J 30 9.81 -9.38 12.47
C GLU J 30 10.21 -10.21 13.68
N GLU J 31 11.24 -9.78 14.41
CA GLU J 31 11.73 -10.59 15.52
C GLU J 31 10.80 -10.51 16.72
N ARG J 32 10.29 -9.33 17.08
CA ARG J 32 9.10 -9.34 17.95
C ARG J 32 8.06 -10.34 17.52
N TYR J 33 7.52 -10.20 16.31
CA TYR J 33 6.35 -11.01 16.02
C TYR J 33 6.68 -12.47 16.21
N PHE J 34 7.81 -12.93 15.69
CA PHE J 34 8.06 -14.36 15.72
C PHE J 34 8.64 -14.85 17.03
N ARG J 35 9.25 -13.99 17.85
CA ARG J 35 9.61 -14.41 19.20
C ARG J 35 8.36 -14.62 20.04
N ALA J 36 7.40 -13.71 19.96
CA ALA J 36 6.16 -13.90 20.69
C ALA J 36 5.41 -15.13 20.20
N ARG J 37 5.35 -15.33 18.88
CA ARG J 37 4.69 -16.52 18.35
C ARG J 37 5.41 -17.78 18.80
N ALA J 38 6.74 -17.76 18.84
CA ALA J 38 7.47 -18.93 19.31
C ALA J 38 7.18 -19.20 20.77
N LYS J 39 7.06 -18.15 21.58
CA LYS J 39 6.73 -18.36 22.99
C LYS J 39 5.38 -19.03 23.14
N GLU J 40 4.35 -18.49 22.48
CA GLU J 40 3.02 -19.08 22.63
C GLU J 40 2.99 -20.49 22.05
N GLN J 41 3.73 -20.73 20.97
CA GLN J 41 3.74 -22.06 20.37
C GLN J 41 4.45 -23.06 21.27
N LEU J 42 5.52 -22.64 21.93
CA LEU J 42 6.17 -23.51 22.89
C LEU J 42 5.25 -23.83 24.06
N ALA J 43 4.54 -22.83 24.57
CA ALA J 43 3.60 -23.10 25.64
C ALA J 43 2.52 -24.08 25.19
N ALA J 44 2.00 -23.91 23.99
CA ALA J 44 0.97 -24.81 23.49
C ALA J 44 1.50 -26.22 23.31
N LEU J 45 2.73 -26.36 22.79
CA LEU J 45 3.30 -27.69 22.63
C LEU J 45 3.53 -28.36 23.98
N LYS J 46 3.98 -27.59 24.97
CA LYS J 46 4.09 -28.12 26.31
C LYS J 46 2.73 -28.64 26.73
N LYS J 47 1.75 -27.74 26.84
CA LYS J 47 0.38 -28.12 27.18
C LYS J 47 -0.03 -29.41 26.49
N HIS J 48 0.27 -29.54 25.19
CA HIS J 48 -0.15 -30.72 24.45
C HIS J 48 0.51 -31.98 25.00
N HIS J 49 1.83 -31.97 25.12
CA HIS J 49 2.51 -33.17 25.62
C HIS J 49 2.11 -33.49 27.06
N GLU J 50 1.97 -32.46 27.90
CA GLU J 50 1.55 -32.70 29.27
C GLU J 50 0.16 -33.32 29.33
N ASN J 51 -0.75 -32.84 28.47
CA ASN J 51 -2.06 -33.46 28.40
C ASN J 51 -1.95 -34.91 27.94
N GLU J 52 -1.07 -35.18 26.99
CA GLU J 52 -0.91 -36.53 26.48
C GLU J 52 -0.34 -37.49 27.52
N ILE J 53 0.15 -36.98 28.65
CA ILE J 53 0.52 -37.87 29.75
C ILE J 53 -0.70 -38.65 30.23
N SER J 54 -1.89 -38.07 30.06
CA SER J 54 -3.12 -38.74 30.46
C SER J 54 -3.58 -39.73 29.39
N ASP K 1 -99.21 23.23 61.75
CA ASP K 1 -99.57 22.53 60.49
C ASP K 1 -98.51 21.48 60.14
N ILE K 2 -98.98 20.29 59.73
CA ILE K 2 -98.07 19.24 59.31
C ILE K 2 -97.24 19.69 58.12
N ASP K 3 -97.64 20.76 57.45
CA ASP K 3 -96.85 21.30 56.36
C ASP K 3 -95.44 21.63 56.84
N THR K 4 -95.30 22.14 58.05
CA THR K 4 -93.98 22.47 58.57
C THR K 4 -93.15 21.21 58.78
N ALA K 5 -93.74 20.13 59.30
CA ALA K 5 -92.99 18.90 59.50
C ALA K 5 -92.56 18.31 58.15
N ALA K 6 -93.47 18.29 57.19
CA ALA K 6 -93.11 17.82 55.85
C ALA K 6 -92.00 18.69 55.26
N LYS K 7 -92.10 20.00 55.47
CA LYS K 7 -91.06 20.90 54.99
C LYS K 7 -89.72 20.59 55.64
N PHE K 8 -89.73 20.26 56.93
CA PHE K 8 -88.51 19.89 57.60
C PHE K 8 -87.89 18.65 56.96
N ILE K 9 -88.71 17.63 56.70
CA ILE K 9 -88.18 16.44 56.03
C ILE K 9 -87.62 16.82 54.67
N GLY K 10 -88.36 17.63 53.92
CA GLY K 10 -87.94 17.95 52.56
C GLY K 10 -86.65 18.74 52.53
N ALA K 11 -86.47 19.68 53.46
CA ALA K 11 -85.26 20.49 53.48
C ALA K 11 -84.07 19.69 53.97
N GLY K 12 -84.26 18.92 55.06
CA GLY K 12 -83.16 18.11 55.56
C GLY K 12 -82.75 17.01 54.60
N ALA K 13 -83.64 16.64 53.67
CA ALA K 13 -83.27 15.69 52.64
C ALA K 13 -82.63 16.39 51.45
N ALA K 14 -83.39 17.25 50.78
CA ALA K 14 -82.93 17.91 49.56
C ALA K 14 -81.46 18.29 49.66
N THR K 15 -81.09 18.96 50.74
CA THR K 15 -79.75 19.52 50.85
C THR K 15 -78.70 18.44 50.73
N VAL K 16 -79.07 17.18 50.97
CA VAL K 16 -78.10 16.10 50.83
C VAL K 16 -77.41 16.14 49.47
N GLY K 17 -78.01 16.83 48.49
CA GLY K 17 -77.42 16.89 47.16
C GLY K 17 -76.05 17.54 47.15
N VAL K 18 -75.78 18.44 48.11
CA VAL K 18 -74.50 19.12 48.16
C VAL K 18 -73.35 18.16 48.45
N ALA K 19 -73.64 16.92 48.85
CA ALA K 19 -72.59 15.92 48.95
C ALA K 19 -71.91 15.72 47.60
N GLY K 20 -72.70 15.79 46.53
CA GLY K 20 -72.12 15.77 45.20
C GLY K 20 -71.16 16.92 44.99
N SER K 21 -71.51 18.10 45.48
CA SER K 21 -70.60 19.24 45.38
C SER K 21 -69.32 18.99 46.16
N GLY K 22 -69.44 18.39 47.35
CA GLY K 22 -68.25 18.09 48.11
C GLY K 22 -67.31 17.17 47.37
N ALA K 23 -67.85 16.07 46.83
CA ALA K 23 -67.01 15.15 46.07
C ALA K 23 -66.45 15.82 44.82
N GLY K 24 -67.26 16.67 44.18
CA GLY K 24 -66.81 17.32 42.96
C GLY K 24 -65.64 18.25 43.20
N ILE K 25 -65.72 19.08 44.23
CA ILE K 25 -64.59 19.96 44.52
C ILE K 25 -63.39 19.15 44.98
N GLY K 26 -63.62 18.11 45.77
CA GLY K 26 -62.51 17.27 46.18
C GLY K 26 -61.75 16.72 45.00
N THR K 27 -62.47 16.18 44.02
CA THR K 27 -61.80 15.59 42.86
C THR K 27 -61.24 16.65 41.92
N VAL K 28 -61.90 17.80 41.77
CA VAL K 28 -61.34 18.85 40.95
C VAL K 28 -60.00 19.29 41.49
N PHE K 29 -59.89 19.48 42.80
CA PHE K 29 -58.59 19.92 43.29
C PHE K 29 -57.61 18.78 43.42
N GLY K 30 -58.07 17.55 43.59
CA GLY K 30 -57.16 16.43 43.44
C GLY K 30 -56.52 16.43 42.06
N SER K 31 -57.33 16.65 41.04
CA SER K 31 -56.77 16.70 39.69
C SER K 31 -55.91 17.93 39.49
N LEU K 32 -56.26 19.06 40.10
CA LEU K 32 -55.39 20.23 39.96
C LEU K 32 -54.01 19.95 40.56
N ILE K 33 -53.96 19.33 41.73
CA ILE K 33 -52.68 18.99 42.32
C ILE K 33 -51.93 18.00 41.44
N ILE K 34 -52.62 16.98 40.94
CA ILE K 34 -51.94 15.97 40.12
C ILE K 34 -51.36 16.63 38.89
N GLY K 35 -52.16 17.38 38.17
CA GLY K 35 -51.74 17.99 36.93
C GLY K 35 -50.93 19.24 37.09
N TYR K 36 -50.71 19.71 38.32
CA TYR K 36 -49.73 20.73 38.55
C TYR K 36 -48.39 20.15 38.98
N ALA K 37 -48.39 19.04 39.70
CA ALA K 37 -47.14 18.36 39.99
C ALA K 37 -46.62 17.60 38.79
N ARG K 38 -47.46 17.28 37.83
CA ARG K 38 -47.02 16.62 36.61
C ARG K 38 -46.53 17.58 35.57
N ASN K 39 -46.78 18.87 35.73
CA ASN K 39 -46.40 19.84 34.72
C ASN K 39 -46.43 21.23 35.34
N PRO K 40 -45.43 21.59 36.14
CA PRO K 40 -45.48 22.90 36.80
C PRO K 40 -45.52 24.07 35.85
N SER K 41 -45.08 23.89 34.61
CA SER K 41 -44.89 25.01 33.70
C SER K 41 -46.19 25.63 33.24
N LEU K 42 -47.34 25.03 33.53
CA LEU K 42 -48.60 25.59 33.08
C LEU K 42 -49.22 26.43 34.18
N M3L K 43 -49.74 25.77 35.20
CA M3L K 43 -50.35 26.44 36.32
CB M3L K 43 -49.28 27.06 37.23
CG M3L K 43 -49.86 27.56 38.53
CD M3L K 43 -48.91 28.54 39.17
CE M3L K 43 -48.83 28.25 40.66
NZ M3L K 43 -47.83 29.03 41.47
C M3L K 43 -51.35 27.54 35.97
O M3L K 43 -52.54 27.50 36.29
CM1 M3L K 43 -47.91 30.48 41.15
CM2 M3L K 43 -46.45 28.51 41.23
CM3 M3L K 43 -48.17 28.85 42.91
H M3L K 43 -49.76 24.78 35.31
HA M3L K 43 -50.92 25.66 36.93
HB2 M3L K 43 -48.81 27.90 36.66
HB3 M3L K 43 -48.48 26.30 37.43
HG2 M3L K 43 -50.04 26.68 39.21
HG3 M3L K 43 -50.85 28.06 38.37
HD2 M3L K 43 -49.29 29.58 38.98
HD3 M3L K 43 -47.90 28.45 38.68
HE2 M3L K 43 -48.60 27.15 40.81
HE3 M3L K 43 -49.84 28.46 41.11
HM11 M3L K 43 -47.44 31.08 41.98
HM12 M3L K 43 -48.98 30.78 41.02
HM13 M3L K 43 -47.35 30.69 40.19
HM21 M3L K 43 -45.74 29.06 41.90
HM22 M3L K 43 -46.16 28.68 40.16
HM23 M3L K 43 -46.41 27.42 41.46
HM31 M3L K 43 -47.36 29.31 43.55
HM32 M3L K 43 -48.24 27.75 43.14
HM33 M3L K 43 -49.14 29.34 43.13
N GLN K 44 -50.85 28.55 35.29
CA GLN K 44 -51.62 29.76 35.01
C GLN K 44 -52.79 29.44 34.08
N GLN K 45 -52.85 28.20 33.60
CA GLN K 45 -53.98 27.68 32.86
C GLN K 45 -54.65 26.54 33.58
N LEU K 46 -53.88 25.67 34.23
CA LEU K 46 -54.47 24.74 35.17
C LEU K 46 -55.35 25.48 36.16
N PHE K 47 -54.89 26.64 36.63
CA PHE K 47 -55.67 27.37 37.62
C PHE K 47 -56.92 27.97 37.01
N SER K 48 -56.85 28.47 35.79
CA SER K 48 -58.06 28.97 35.14
C SER K 48 -59.10 27.86 35.04
N TYR K 49 -58.68 26.70 34.52
CA TYR K 49 -59.64 25.60 34.41
C TYR K 49 -60.13 25.17 35.78
N ALA K 50 -59.28 25.24 36.80
CA ALA K 50 -59.71 24.83 38.13
C ALA K 50 -60.79 25.75 38.67
N ILE K 51 -60.59 27.07 38.55
CA ILE K 51 -61.62 27.97 39.06
C ILE K 51 -62.87 27.83 38.23
N LEU K 52 -62.74 27.58 36.93
CA LEU K 52 -63.93 27.42 36.11
C LEU K 52 -64.72 26.20 36.55
N GLY K 53 -64.04 25.07 36.73
CA GLY K 53 -64.75 23.87 37.18
C GLY K 53 -65.32 24.04 38.57
N PHE K 54 -64.57 24.67 39.46
CA PHE K 54 -65.08 24.94 40.80
C PHE K 54 -66.33 25.79 40.76
N ALA K 55 -66.29 26.90 40.05
CA ALA K 55 -67.46 27.76 39.97
C ALA K 55 -68.63 26.99 39.36
N LEU K 56 -68.36 26.21 38.33
CA LEU K 56 -69.44 25.53 37.62
C LEU K 56 -70.01 24.36 38.41
N SER K 57 -69.28 23.84 39.39
CA SER K 57 -69.82 22.79 40.25
C SER K 57 -70.48 23.35 41.52
N GLU K 58 -69.84 24.31 42.16
CA GLU K 58 -70.46 25.02 43.26
C GLU K 58 -71.71 25.76 42.81
N ALA K 59 -71.84 26.09 41.52
CA ALA K 59 -73.08 26.69 41.05
C ALA K 59 -74.24 25.72 41.23
N MET K 60 -74.07 24.47 40.82
CA MET K 60 -75.15 23.51 40.99
C MET K 60 -75.29 23.10 42.44
N GLY K 61 -74.19 23.13 43.21
CA GLY K 61 -74.31 22.89 44.64
C GLY K 61 -75.17 23.95 45.31
N LEU K 62 -74.89 25.22 45.03
CA LEU K 62 -75.73 26.28 45.59
C LEU K 62 -77.12 26.26 44.99
N PHE K 63 -77.29 25.67 43.80
CA PHE K 63 -78.64 25.51 43.29
C PHE K 63 -79.42 24.50 44.12
N CYS K 64 -78.79 23.38 44.45
CA CYS K 64 -79.42 22.45 45.39
C CYS K 64 -79.77 23.15 46.70
N LEU K 65 -78.82 23.92 47.25
CA LEU K 65 -79.08 24.64 48.48
C LEU K 65 -80.22 25.65 48.32
N MET K 66 -80.24 26.37 47.19
CA MET K 66 -81.28 27.36 46.96
C MET K 66 -82.65 26.69 46.89
N VAL K 67 -82.73 25.56 46.21
CA VAL K 67 -84.00 24.83 46.14
C VAL K 67 -84.42 24.36 47.53
N ALA K 68 -83.46 23.87 48.32
CA ALA K 68 -83.80 23.43 49.66
C ALA K 68 -84.36 24.58 50.49
N PHE K 69 -83.71 25.74 50.45
CA PHE K 69 -84.23 26.86 51.22
C PHE K 69 -85.57 27.33 50.68
N LEU K 70 -85.74 27.39 49.37
CA LEU K 70 -87.00 27.86 48.83
C LEU K 70 -88.14 26.94 49.23
N ILE K 71 -87.95 25.63 49.09
CA ILE K 71 -88.99 24.71 49.53
C ILE K 71 -89.24 24.89 51.01
N LEU K 72 -88.19 25.12 51.79
CA LEU K 72 -88.37 25.43 53.20
C LEU K 72 -88.82 26.87 53.43
N PHE K 73 -88.56 27.77 52.49
CA PHE K 73 -88.87 29.19 52.65
C PHE K 73 -89.51 29.73 51.38
N ALA K 74 -90.50 29.04 50.87
CA ALA K 74 -91.28 29.51 49.72
C ALA K 74 -91.67 30.98 49.90
N ASP L 1 -94.11 15.09 70.52
CA ASP L 1 -94.66 16.04 69.50
C ASP L 1 -94.29 15.60 68.10
N ILE L 2 -95.12 15.97 67.13
CA ILE L 2 -94.83 15.65 65.75
C ILE L 2 -93.65 16.45 65.24
N ASP L 3 -93.60 17.75 65.57
CA ASP L 3 -92.48 18.58 65.12
C ASP L 3 -91.18 18.20 65.79
N THR L 4 -91.23 17.60 66.98
CA THR L 4 -90.00 17.08 67.58
C THR L 4 -89.46 15.92 66.76
N ALA L 5 -90.32 14.94 66.46
CA ALA L 5 -89.90 13.84 65.61
C ALA L 5 -89.48 14.34 64.24
N ALA L 6 -90.24 15.27 63.67
CA ALA L 6 -89.91 15.79 62.35
C ALA L 6 -88.55 16.48 62.37
N LYS L 7 -88.27 17.26 63.40
CA LYS L 7 -86.98 17.92 63.49
C LYS L 7 -85.85 16.92 63.68
N PHE L 8 -86.07 15.86 64.46
CA PHE L 8 -85.03 14.86 64.62
C PHE L 8 -84.73 14.18 63.29
N ILE L 9 -85.75 13.87 62.51
CA ILE L 9 -85.49 13.26 61.20
C ILE L 9 -84.83 14.26 60.27
N GLY L 10 -85.22 15.54 60.35
CA GLY L 10 -84.57 16.55 59.52
C GLY L 10 -83.09 16.66 59.83
N ALA L 11 -82.73 16.68 61.11
CA ALA L 11 -81.33 16.71 61.47
C ALA L 11 -80.62 15.44 61.01
N GLY L 12 -81.27 14.29 61.15
CA GLY L 12 -80.68 13.06 60.65
C GLY L 12 -80.41 13.12 59.16
N ALA L 13 -81.32 13.76 58.41
CA ALA L 13 -81.12 13.88 56.97
C ALA L 13 -80.01 14.87 56.65
N ALA L 14 -79.91 15.96 57.41
CA ALA L 14 -78.87 16.96 57.12
C ALA L 14 -77.49 16.36 57.25
N THR L 15 -77.27 15.54 58.27
CA THR L 15 -75.94 14.99 58.51
C THR L 15 -75.52 13.96 57.47
N VAL L 16 -76.41 13.53 56.58
CA VAL L 16 -75.99 12.61 55.54
C VAL L 16 -75.02 13.29 54.58
N GLY L 17 -75.16 14.60 54.41
CA GLY L 17 -74.33 15.30 53.45
C GLY L 17 -72.85 15.25 53.80
N VAL L 18 -72.53 15.22 55.09
CA VAL L 18 -71.14 15.34 55.52
C VAL L 18 -70.32 14.18 54.97
N ALA L 19 -70.96 13.08 54.60
CA ALA L 19 -70.22 11.96 54.04
C ALA L 19 -69.55 12.34 52.74
N GLY L 20 -70.24 13.10 51.90
CA GLY L 20 -69.64 13.56 50.66
C GLY L 20 -68.39 14.35 50.91
N SER L 21 -68.42 15.24 51.90
CA SER L 21 -67.23 16.03 52.22
C SER L 21 -66.12 15.12 52.73
N GLY L 22 -66.46 14.09 53.48
CA GLY L 22 -65.45 13.14 53.92
C GLY L 22 -64.75 12.51 52.74
N ALA L 23 -65.55 12.07 51.76
CA ALA L 23 -64.98 11.50 50.56
C ALA L 23 -64.11 12.51 49.82
N GLY L 24 -64.57 13.75 49.75
CA GLY L 24 -63.81 14.78 49.06
C GLY L 24 -62.45 15.02 49.69
N ILE L 25 -62.40 15.09 51.02
CA ILE L 25 -61.12 15.26 51.69
C ILE L 25 -60.24 14.04 51.48
N GLY L 26 -60.84 12.86 51.47
CA GLY L 26 -60.06 11.68 51.20
C GLY L 26 -59.39 11.80 49.86
N THR L 27 -60.16 12.22 48.86
CA THR L 27 -59.61 12.37 47.51
C THR L 27 -58.52 13.42 47.43
N VAL L 28 -58.73 14.58 48.06
CA VAL L 28 -57.75 15.65 47.93
C VAL L 28 -56.43 15.24 48.59
N PHE L 29 -56.50 14.58 49.74
CA PHE L 29 -55.26 14.16 50.36
C PHE L 29 -54.63 12.99 49.63
N GLY L 30 -55.42 12.13 49.00
CA GLY L 30 -54.82 11.11 48.18
C GLY L 30 -54.08 11.72 47.01
N SER L 31 -54.70 12.72 46.40
CA SER L 31 -54.06 13.42 45.30
C SER L 31 -52.79 14.09 45.76
N LEU L 32 -52.79 14.64 46.98
CA LEU L 32 -51.56 15.25 47.48
C LEU L 32 -50.48 14.22 47.67
N ILE L 33 -50.80 13.05 48.19
CA ILE L 33 -49.78 12.00 48.28
C ILE L 33 -49.18 11.78 46.90
N ILE L 34 -50.03 11.60 45.90
CA ILE L 34 -49.54 11.35 44.54
C ILE L 34 -48.65 12.49 44.07
N GLY L 35 -49.15 13.72 44.19
CA GLY L 35 -48.41 14.86 43.68
C GLY L 35 -47.06 15.02 44.36
N TYR L 36 -47.07 15.17 45.68
CA TYR L 36 -45.82 15.12 46.41
C TYR L 36 -44.92 14.05 45.85
N ALA L 37 -45.45 12.86 45.69
CA ALA L 37 -44.59 11.79 45.25
C ALA L 37 -44.05 12.01 43.85
N ARG L 38 -44.67 12.86 43.05
CA ARG L 38 -44.23 13.00 41.66
C ARG L 38 -43.28 14.16 41.48
N ASN L 39 -43.39 15.20 42.28
CA ASN L 39 -42.54 16.39 42.15
C ASN L 39 -42.21 16.89 43.54
N PRO L 40 -41.44 16.11 44.30
CA PRO L 40 -41.18 16.47 45.71
C PRO L 40 -40.58 17.84 45.88
N SER L 41 -39.79 18.31 44.91
CA SER L 41 -39.24 19.64 45.01
C SER L 41 -40.31 20.71 45.18
N LEU L 42 -41.51 20.47 44.68
CA LEU L 42 -42.58 21.46 44.79
C LEU L 42 -43.35 21.35 46.08
N M3L L 43 -42.86 20.57 47.02
CA M3L L 43 -43.52 20.37 48.29
CB M3L L 43 -42.45 20.06 49.34
CG M3L L 43 -42.98 19.30 50.53
CD M3L L 43 -41.78 18.74 51.26
CE M3L L 43 -42.27 18.07 52.53
NZ M3L L 43 -41.52 18.36 53.80
C M3L L 43 -44.37 21.46 48.95
O M3L L 43 -45.07 21.22 49.92
CM1 M3L L 43 -41.58 19.82 54.15
CM2 M3L L 43 -40.11 17.92 53.67
CM3 M3L L 43 -42.16 17.58 54.91
H M3L L 43 -42.02 20.03 46.96
HA M3L L 43 -44.18 19.46 48.19
HB2 M3L L 43 -42.02 21.04 49.68
HB3 M3L L 43 -41.61 19.48 48.88
HG2 M3L L 43 -43.67 18.49 50.20
HG3 M3L L 43 -43.54 20.00 51.21
HD2 M3L L 43 -41.07 19.57 51.49
HD3 M3L L 43 -41.25 18.01 50.60
HE2 M3L L 43 -42.27 16.95 52.40
HE3 M3L L 43 -43.34 18.42 52.72
HM11 M3L L 43 -41.37 19.96 55.24
HM12 M3L L 43 -42.60 20.22 53.91
HM13 M3L L 43 -40.81 20.37 53.54
HM21 M3L L 43 -39.59 18.03 54.66
HM22 M3L L 43 -39.58 18.56 52.90
HM23 M3L L 43 -40.08 16.85 53.34
HM31 M3L L 43 -41.60 17.76 55.85
HM32 M3L L 43 -42.13 16.49 54.65
HM33 M3L L 43 -43.22 17.92 55.03
N GLN L 44 -44.34 22.68 48.42
CA GLN L 44 -44.70 23.83 49.21
C GLN L 44 -45.86 24.56 48.56
N GLN L 45 -46.20 24.15 47.34
CA GLN L 45 -47.42 24.60 46.70
C GLN L 45 -48.46 23.49 46.65
N LEU L 46 -48.03 22.25 46.71
CA LEU L 46 -48.96 21.16 46.95
C LEU L 46 -49.76 21.41 48.21
N PHE L 47 -49.10 21.83 49.29
CA PHE L 47 -49.86 22.18 50.49
C PHE L 47 -50.69 23.43 50.30
N SER L 48 -50.20 24.43 49.58
CA SER L 48 -51.04 25.60 49.36
C SER L 48 -52.36 25.18 48.73
N TYR L 49 -52.30 24.43 47.65
CA TYR L 49 -53.51 24.04 46.94
C TYR L 49 -54.32 22.97 47.67
N ALA L 50 -53.66 22.10 48.43
CA ALA L 50 -54.40 21.12 49.22
C ALA L 50 -55.14 21.78 50.37
N ILE L 51 -54.52 22.76 51.02
CA ILE L 51 -55.23 23.54 52.02
C ILE L 51 -56.39 24.28 51.39
N LEU L 52 -56.17 24.88 50.22
CA LEU L 52 -57.28 25.58 49.59
C LEU L 52 -58.43 24.63 49.30
N GLY L 53 -58.13 23.45 48.77
CA GLY L 53 -59.19 22.50 48.47
C GLY L 53 -59.86 21.97 49.72
N PHE L 54 -59.07 21.63 50.73
CA PHE L 54 -59.61 21.21 52.01
C PHE L 54 -60.58 22.24 52.59
N ALA L 55 -60.14 23.48 52.71
CA ALA L 55 -60.99 24.50 53.26
C ALA L 55 -62.24 24.68 52.41
N LEU L 56 -62.08 24.65 51.10
CA LEU L 56 -63.20 24.94 50.23
C LEU L 56 -64.18 23.78 50.12
N SER L 57 -63.80 22.59 50.58
CA SER L 57 -64.71 21.47 50.73
C SER L 57 -65.38 21.45 52.10
N GLU L 58 -64.61 21.71 53.15
CA GLU L 58 -65.22 21.89 54.46
C GLU L 58 -66.21 23.03 54.45
N ALA L 59 -66.09 23.98 53.53
CA ALA L 59 -67.14 24.98 53.39
C ALA L 59 -68.49 24.30 53.17
N MET L 60 -68.54 23.33 52.24
CA MET L 60 -69.82 22.68 51.95
C MET L 60 -70.23 21.74 53.08
N GLY L 61 -69.26 21.03 53.65
CA GLY L 61 -69.58 20.19 54.80
C GLY L 61 -70.18 20.97 55.95
N LEU L 62 -69.62 22.14 56.24
CA LEU L 62 -70.15 22.98 57.30
C LEU L 62 -71.45 23.64 56.89
N PHE L 63 -71.71 23.81 55.60
CA PHE L 63 -73.05 24.19 55.20
C PHE L 63 -74.06 23.09 55.54
N CYS L 64 -73.66 21.83 55.34
CA CYS L 64 -74.53 20.72 55.76
C CYS L 64 -74.82 20.78 57.26
N LEU L 65 -73.78 20.91 58.08
CA LEU L 65 -74.05 21.00 59.51
C LEU L 65 -74.78 22.29 59.88
N MET L 66 -74.61 23.35 59.10
CA MET L 66 -75.37 24.57 59.36
C MET L 66 -76.84 24.32 59.18
N VAL L 67 -77.23 23.65 58.08
CA VAL L 67 -78.64 23.34 57.91
C VAL L 67 -79.10 22.41 59.02
N ALA L 68 -78.25 21.48 59.44
CA ALA L 68 -78.62 20.57 60.52
C ALA L 68 -78.99 21.36 61.77
N PHE L 69 -78.13 22.30 62.18
CA PHE L 69 -78.38 23.02 63.42
C PHE L 69 -79.48 24.07 63.26
N LEU L 70 -79.65 24.64 62.08
CA LEU L 70 -80.80 25.52 61.86
C LEU L 70 -82.10 24.74 62.02
N ILE L 71 -82.12 23.50 61.53
CA ILE L 71 -83.28 22.64 61.73
C ILE L 71 -83.45 22.32 63.21
N LEU L 72 -82.37 21.99 63.90
CA LEU L 72 -82.51 21.45 65.26
C LEU L 72 -82.71 22.55 66.30
N PHE L 73 -81.72 23.43 66.46
CA PHE L 73 -81.71 24.39 67.56
C PHE L 73 -82.26 25.75 67.15
N ALA L 74 -83.18 25.79 66.19
CA ALA L 74 -83.78 27.04 65.75
C ALA L 74 -84.87 26.80 64.71
N ASP M 1 -93.60 6.60 72.60
CA ASP M 1 -93.94 8.01 72.23
C ASP M 1 -93.18 8.42 70.98
N ILE M 2 -93.84 9.23 70.13
CA ILE M 2 -93.25 9.58 68.85
C ILE M 2 -91.87 10.18 69.06
N ASP M 3 -91.63 10.82 70.21
CA ASP M 3 -90.33 11.43 70.45
C ASP M 3 -89.25 10.36 70.55
N THR M 4 -89.37 9.46 71.52
CA THR M 4 -88.33 8.48 71.77
C THR M 4 -88.28 7.40 70.70
N ALA M 5 -89.08 7.50 69.65
CA ALA M 5 -89.01 6.62 68.49
C ALA M 5 -88.38 7.30 67.29
N ALA M 6 -88.88 8.49 66.95
CA ALA M 6 -88.22 9.29 65.94
C ALA M 6 -86.77 9.58 66.32
N LYS M 7 -86.45 9.55 67.60
CA LYS M 7 -85.04 9.73 67.99
C LYS M 7 -84.19 8.57 67.48
N PHE M 8 -84.67 7.33 67.64
CA PHE M 8 -83.96 6.20 67.05
C PHE M 8 -83.90 6.32 65.55
N ILE M 9 -85.00 6.74 64.92
CA ILE M 9 -84.98 6.87 63.47
C ILE M 9 -83.91 7.86 63.03
N GLY M 10 -83.81 8.98 63.74
CA GLY M 10 -82.82 9.97 63.39
C GLY M 10 -81.40 9.49 63.59
N ALA M 11 -81.14 8.83 64.73
CA ALA M 11 -79.79 8.31 64.95
C ALA M 11 -79.41 7.32 63.87
N GLY M 12 -80.37 6.51 63.42
CA GLY M 12 -80.09 5.61 62.31
C GLY M 12 -79.80 6.35 61.02
N ALA M 13 -80.57 7.40 60.73
CA ALA M 13 -80.31 8.19 59.53
C ALA M 13 -79.05 9.02 59.65
N ALA M 14 -78.47 9.12 60.85
CA ALA M 14 -77.28 9.91 61.09
C ALA M 14 -76.00 9.10 61.01
N THR M 15 -75.98 7.92 61.64
CA THR M 15 -74.72 7.18 61.68
C THR M 15 -74.24 6.77 60.30
N VAL M 16 -75.10 6.84 59.27
CA VAL M 16 -74.68 6.50 57.92
C VAL M 16 -73.57 7.41 57.42
N GLY M 17 -73.38 8.57 58.05
CA GLY M 17 -72.42 9.53 57.53
C GLY M 17 -71.01 8.98 57.41
N VAL M 18 -70.65 8.01 58.25
CA VAL M 18 -69.27 7.50 58.24
C VAL M 18 -69.02 6.64 57.02
N ALA M 19 -70.03 6.47 56.17
CA ALA M 19 -69.74 5.97 54.84
C ALA M 19 -68.75 6.88 54.14
N GLY M 20 -68.90 8.19 54.35
CA GLY M 20 -67.93 9.12 53.80
C GLY M 20 -66.52 8.85 54.29
N SER M 21 -66.36 8.62 55.59
CA SER M 21 -65.03 8.36 56.12
C SER M 21 -64.49 7.05 55.58
N GLY M 22 -65.34 6.03 55.45
CA GLY M 22 -64.86 4.78 54.89
C GLY M 22 -64.31 4.96 53.49
N ALA M 23 -65.07 5.65 52.63
CA ALA M 23 -64.60 5.91 51.29
C ALA M 23 -63.33 6.75 51.30
N GLY M 24 -63.27 7.74 52.18
CA GLY M 24 -62.10 8.59 52.22
C GLY M 24 -60.85 7.84 52.61
N ILE M 25 -60.96 6.96 53.60
CA ILE M 25 -59.78 6.21 54.02
C ILE M 25 -59.36 5.23 52.96
N GLY M 26 -60.31 4.61 52.28
CA GLY M 26 -59.94 3.75 51.17
C GLY M 26 -59.15 4.50 50.12
N THR M 27 -59.65 5.68 49.75
CA THR M 27 -58.95 6.48 48.75
C THR M 27 -57.56 6.88 49.23
N VAL M 28 -57.46 7.30 50.48
CA VAL M 28 -56.17 7.78 51.00
C VAL M 28 -55.15 6.67 50.97
N PHE M 29 -55.53 5.48 51.42
CA PHE M 29 -54.52 4.43 51.45
C PHE M 29 -54.23 3.86 50.07
N GLY M 30 -55.17 3.90 49.13
CA GLY M 30 -54.81 3.56 47.77
C GLY M 30 -53.79 4.52 47.19
N SER M 31 -53.99 5.82 47.42
CA SER M 31 -53.02 6.79 46.97
C SER M 31 -51.67 6.55 47.61
N LEU M 32 -51.65 6.29 48.92
CA LEU M 32 -50.39 5.92 49.56
C LEU M 32 -49.74 4.75 48.85
N ILE M 33 -50.50 3.68 48.63
CA ILE M 33 -49.91 2.49 48.04
C ILE M 33 -49.21 2.83 46.74
N ILE M 34 -49.89 3.54 45.85
CA ILE M 34 -49.29 3.72 44.53
C ILE M 34 -48.15 4.74 44.60
N GLY M 35 -48.33 5.83 45.34
CA GLY M 35 -47.28 6.83 45.43
C GLY M 35 -46.06 6.31 46.14
N TYR M 36 -46.22 5.27 46.96
CA TYR M 36 -45.06 4.59 47.50
C TYR M 36 -44.47 3.62 46.50
N ALA M 37 -45.32 2.91 45.76
CA ALA M 37 -44.81 1.89 44.86
C ALA M 37 -44.01 2.63 43.82
N ARG M 38 -44.47 3.81 43.38
CA ARG M 38 -43.78 4.59 42.30
C ARG M 38 -42.34 4.90 42.75
N ASN M 39 -42.16 5.71 43.81
CA ASN M 39 -40.85 6.06 44.38
C ASN M 39 -40.76 5.72 45.86
N PRO M 40 -40.23 4.54 46.20
CA PRO M 40 -40.28 4.12 47.61
C PRO M 40 -39.55 5.02 48.57
N SER M 41 -38.42 5.59 48.16
CA SER M 41 -37.52 6.24 49.11
C SER M 41 -38.24 7.27 49.96
N LEU M 42 -39.22 7.97 49.40
CA LEU M 42 -39.90 9.03 50.11
C LEU M 42 -40.97 8.46 51.01
N M3L M 43 -40.60 7.47 51.82
CA M3L M 43 -41.56 6.77 52.62
CB M3L M 43 -40.96 5.47 53.17
CG M3L M 43 -42.00 4.37 53.20
CD M3L M 43 -41.35 3.02 53.31
CE M3L M 43 -40.97 2.77 54.77
NZ M3L M 43 -40.46 1.40 55.13
C M3L M 43 -42.15 7.57 53.77
O M3L M 43 -43.33 7.91 53.83
CM1 M3L M 43 -39.31 0.99 54.28
CM2 M3L M 43 -41.55 0.38 55.03
CM3 M3L M 43 -40.00 1.45 56.55
HA M3L M 43 -42.44 6.51 51.94
HB2 M3L M 43 -40.57 5.65 54.20
HB3 M3L M 43 -40.11 5.16 52.53
HG2 M3L M 43 -42.64 4.42 52.28
HG3 M3L M 43 -42.69 4.54 54.08
HD2 M3L M 43 -40.44 2.99 52.65
HD3 M3L M 43 -42.06 2.24 52.95
HE2 M3L M 43 -41.87 2.96 55.42
HE3 M3L M 43 -40.16 3.51 55.07
HM11 M3L M 43 -38.75 0.16 54.77
HM12 M3L M 43 -38.63 1.87 54.13
HM13 M3L M 43 -39.69 0.65 53.28
HM21 M3L M 43 -41.17 -0.61 55.42
HM22 M3L M 43 -41.85 0.26 53.95
HM23 M3L M 43 -42.43 0.69 55.64
HM31 M3L M 43 -39.71 0.43 56.89
HM32 M3L M 43 -40.83 1.85 57.19
HM33 M3L M 43 -39.12 2.14 56.61
N GLN M 44 -41.28 7.88 54.73
CA GLN M 44 -41.74 8.49 55.97
C GLN M 44 -42.61 9.71 55.73
N GLN M 45 -42.29 10.48 54.70
CA GLN M 45 -43.12 11.65 54.41
C GLN M 45 -44.45 11.25 53.80
N LEU M 46 -44.45 10.32 52.85
CA LEU M 46 -45.71 9.81 52.31
C LEU M 46 -46.56 9.25 53.43
N PHE M 47 -45.94 8.48 54.33
CA PHE M 47 -46.67 7.94 55.46
C PHE M 47 -47.18 9.06 56.37
N SER M 48 -46.39 10.11 56.55
CA SER M 48 -46.84 11.21 57.39
C SER M 48 -48.09 11.83 56.81
N TYR M 49 -48.11 12.06 55.50
CA TYR M 49 -49.29 12.64 54.89
C TYR M 49 -50.46 11.67 54.91
N ALA M 50 -50.19 10.38 54.81
CA ALA M 50 -51.26 9.40 54.92
C ALA M 50 -51.91 9.45 56.28
N ILE M 51 -51.11 9.50 57.35
CA ILE M 51 -51.71 9.55 58.68
C ILE M 51 -52.42 10.87 58.89
N LEU M 52 -51.90 11.96 58.32
CA LEU M 52 -52.64 13.22 58.39
C LEU M 52 -54.02 13.07 57.75
N GLY M 53 -54.06 12.56 56.52
CA GLY M 53 -55.33 12.45 55.82
C GLY M 53 -56.29 11.52 56.53
N PHE M 54 -55.78 10.39 57.02
CA PHE M 54 -56.57 9.52 57.86
C PHE M 54 -57.15 10.27 59.04
N ALA M 55 -56.30 10.69 59.96
CA ALA M 55 -56.75 11.40 61.14
C ALA M 55 -57.87 12.34 60.77
N LEU M 56 -57.69 13.12 59.71
CA LEU M 56 -58.66 14.19 59.47
C LEU M 56 -59.98 13.64 58.92
N SER M 57 -59.94 12.75 57.92
CA SER M 57 -61.20 12.26 57.37
C SER M 57 -61.97 11.43 58.40
N GLU M 58 -61.27 10.53 59.11
CA GLU M 58 -61.97 9.80 60.16
C GLU M 58 -62.42 10.73 61.27
N ALA M 59 -61.79 11.90 61.43
CA ALA M 59 -62.27 12.86 62.41
C ALA M 59 -63.61 13.45 61.98
N MET M 60 -63.75 13.77 60.70
CA MET M 60 -65.06 14.22 60.24
C MET M 60 -66.10 13.11 60.43
N GLY M 61 -65.71 11.88 60.12
CA GLY M 61 -66.60 10.76 60.40
C GLY M 61 -66.99 10.70 61.86
N LEU M 62 -66.02 10.90 62.75
CA LEU M 62 -66.31 10.86 64.18
C LEU M 62 -67.20 12.02 64.60
N PHE M 63 -67.12 13.15 63.91
CA PHE M 63 -68.07 14.22 64.18
C PHE M 63 -69.48 13.77 63.86
N CYS M 64 -69.65 13.08 62.75
CA CYS M 64 -70.96 12.50 62.46
C CYS M 64 -71.39 11.53 63.57
N LEU M 65 -70.48 10.63 63.94
CA LEU M 65 -70.80 9.64 64.96
C LEU M 65 -71.15 10.30 66.28
N MET M 66 -70.49 11.41 66.60
CA MET M 66 -70.77 12.12 67.84
C MET M 66 -72.10 12.85 67.79
N VAL M 67 -72.49 13.38 66.63
CA VAL M 67 -73.86 13.88 66.51
C VAL M 67 -74.85 12.78 66.86
N ALA M 68 -74.61 11.58 66.32
CA ALA M 68 -75.49 10.47 66.65
C ALA M 68 -75.50 10.20 68.15
N PHE M 69 -74.31 10.06 68.74
CA PHE M 69 -74.21 9.69 70.15
C PHE M 69 -74.50 10.84 71.10
N LEU M 70 -74.82 12.03 70.58
CA LEU M 70 -75.34 13.11 71.41
C LEU M 70 -76.84 13.24 71.31
N ILE M 71 -77.41 13.06 70.11
CA ILE M 71 -78.86 12.99 70.03
C ILE M 71 -79.37 11.77 70.80
N LEU M 72 -78.69 10.64 70.66
CA LEU M 72 -79.14 9.42 71.31
C LEU M 72 -79.12 9.53 72.82
N PHE M 73 -77.95 9.67 73.41
CA PHE M 73 -77.81 9.49 74.86
C PHE M 73 -78.22 10.75 75.62
N ALA M 74 -77.49 11.83 75.43
CA ALA M 74 -77.62 13.00 76.28
C ALA M 74 -78.68 13.99 75.80
N MET M 75 -79.40 13.68 74.73
CA MET M 75 -80.44 14.58 74.25
C MET M 75 -81.25 13.93 73.14
N ASP N 1 -96.60 -0.87 68.57
CA ASP N 1 -95.55 -0.25 69.42
C ASP N 1 -94.47 0.39 68.55
N ILE N 2 -94.50 1.71 68.46
CA ILE N 2 -93.56 2.44 67.59
C ILE N 2 -92.13 2.16 68.02
N ASP N 3 -91.93 1.64 69.23
CA ASP N 3 -90.61 1.16 69.60
C ASP N 3 -90.09 0.19 68.55
N THR N 4 -90.94 -0.75 68.15
CA THR N 4 -90.52 -1.76 67.17
C THR N 4 -90.18 -1.10 65.83
N ALA N 5 -91.05 -0.21 65.36
CA ALA N 5 -90.82 0.43 64.07
C ALA N 5 -89.56 1.28 64.10
N ALA N 6 -89.35 2.03 65.17
CA ALA N 6 -88.17 2.86 65.28
C ALA N 6 -86.91 2.01 65.29
N LYS N 7 -86.91 0.93 66.07
CA LYS N 7 -85.72 0.09 66.11
C LYS N 7 -85.46 -0.52 64.74
N PHE N 8 -86.50 -1.00 64.07
CA PHE N 8 -86.30 -1.63 62.77
C PHE N 8 -85.77 -0.64 61.74
N ILE N 9 -86.31 0.58 61.72
CA ILE N 9 -85.84 1.51 60.69
C ILE N 9 -84.50 2.14 61.06
N GLY N 10 -84.21 2.31 62.35
CA GLY N 10 -82.88 2.69 62.73
C GLY N 10 -81.84 1.69 62.28
N ALA N 11 -82.12 0.40 62.50
CA ALA N 11 -81.19 -0.62 62.04
C ALA N 11 -81.16 -0.70 60.52
N GLY N 12 -82.30 -0.41 59.86
CA GLY N 12 -82.34 -0.50 58.42
C GLY N 12 -81.62 0.63 57.72
N ALA N 13 -81.49 1.78 58.40
CA ALA N 13 -80.66 2.85 57.86
C ALA N 13 -79.21 2.65 58.27
N ALA N 14 -78.94 2.57 59.55
CA ALA N 14 -77.57 2.49 60.06
C ALA N 14 -76.78 1.39 59.39
N THR N 15 -77.42 0.48 58.67
CA THR N 15 -76.67 -0.51 57.94
C THR N 15 -76.17 0.02 56.59
N VAL N 16 -76.86 0.98 55.99
CA VAL N 16 -76.37 1.55 54.74
C VAL N 16 -75.04 2.24 54.97
N GLY N 17 -74.66 2.48 56.21
CA GLY N 17 -73.37 3.04 56.52
C GLY N 17 -72.25 2.02 56.39
N VAL N 18 -72.45 0.97 55.60
CA VAL N 18 -71.38 0.08 55.20
C VAL N 18 -71.09 0.13 53.72
N ALA N 19 -71.94 0.77 52.93
CA ALA N 19 -71.59 1.04 51.54
C ALA N 19 -70.29 1.82 51.43
N GLY N 20 -70.05 2.72 52.38
CA GLY N 20 -68.82 3.47 52.37
C GLY N 20 -67.61 2.56 52.48
N SER N 21 -67.60 1.69 53.49
CA SER N 21 -66.47 0.77 53.62
C SER N 21 -66.40 -0.18 52.44
N GLY N 22 -67.54 -0.50 51.84
CA GLY N 22 -67.50 -1.32 50.63
C GLY N 22 -66.65 -0.66 49.57
N ALA N 23 -67.02 0.58 49.23
CA ALA N 23 -66.24 1.29 48.21
C ALA N 23 -64.81 1.51 48.66
N GLY N 24 -64.58 1.69 49.96
CA GLY N 24 -63.24 1.89 50.45
C GLY N 24 -62.35 0.68 50.24
N ILE N 25 -62.86 -0.51 50.56
CA ILE N 25 -62.09 -1.72 50.30
C ILE N 25 -61.89 -1.89 48.80
N GLY N 26 -62.92 -1.60 48.01
CA GLY N 26 -62.75 -1.68 46.57
C GLY N 26 -61.58 -0.84 46.11
N THR N 27 -61.55 0.43 46.53
CA THR N 27 -60.50 1.31 46.02
C THR N 27 -59.13 0.92 46.57
N VAL N 28 -59.06 0.44 47.82
CA VAL N 28 -57.76 0.04 48.35
C VAL N 28 -57.20 -1.12 47.57
N PHE N 29 -58.03 -2.13 47.28
CA PHE N 29 -57.47 -3.26 46.56
C PHE N 29 -57.20 -2.93 45.10
N GLY N 30 -57.98 -2.04 44.49
CA GLY N 30 -57.63 -1.57 43.17
C GLY N 30 -56.29 -0.85 43.17
N SER N 31 -56.06 -0.01 44.17
CA SER N 31 -54.79 0.69 44.24
C SER N 31 -53.65 -0.28 44.49
N LEU N 32 -53.90 -1.35 45.24
CA LEU N 32 -52.87 -2.37 45.37
C LEU N 32 -52.57 -3.00 44.02
N ILE N 33 -53.59 -3.26 43.21
CA ILE N 33 -53.33 -3.80 41.88
C ILE N 33 -52.41 -2.87 41.12
N ILE N 34 -52.76 -1.58 41.08
CA ILE N 34 -51.97 -0.63 40.30
C ILE N 34 -50.53 -0.57 40.83
N GLY N 35 -50.38 -0.39 42.13
CA GLY N 35 -49.05 -0.26 42.68
C GLY N 35 -48.20 -1.49 42.43
N TYR N 36 -48.75 -2.66 42.71
CA TYR N 36 -47.98 -3.88 42.53
C TYR N 36 -47.61 -4.07 41.07
N ALA N 37 -48.53 -3.74 40.15
CA ALA N 37 -48.21 -3.88 38.73
C ALA N 37 -47.06 -2.97 38.34
N ARG N 38 -47.04 -1.74 38.88
CA ARG N 38 -45.95 -0.83 38.55
C ARG N 38 -44.61 -1.33 39.05
N ASN N 39 -44.57 -1.90 40.25
CA ASN N 39 -43.32 -2.21 40.93
C ASN N 39 -43.45 -3.60 41.53
N PRO N 40 -43.31 -4.64 40.72
CA PRO N 40 -43.50 -6.00 41.24
C PRO N 40 -42.51 -6.35 42.34
N SER N 41 -41.41 -5.63 42.45
CA SER N 41 -40.38 -5.97 43.42
C SER N 41 -40.93 -5.90 44.84
N LEU N 42 -41.74 -4.91 45.13
CA LEU N 42 -42.07 -4.57 46.51
C LEU N 42 -43.30 -5.23 47.08
N M3L N 43 -43.82 -6.28 46.47
CA M3L N 43 -45.02 -6.93 46.95
CB M3L N 43 -45.10 -8.35 46.38
CG M3L N 43 -46.45 -9.02 46.53
CD M3L N 43 -46.37 -10.52 46.29
CE M3L N 43 -45.43 -11.13 47.33
NZ M3L N 43 -45.73 -12.51 47.88
C M3L N 43 -45.20 -7.05 48.48
O M3L N 43 -46.28 -7.14 49.04
CM1 M3L N 43 -46.16 -13.46 46.82
CM2 M3L N 43 -46.75 -12.45 48.96
CM3 M3L N 43 -44.46 -13.03 48.48
H M3L N 43 -43.45 -6.72 45.64
HA M3L N 43 -45.91 -6.34 46.56
HB2 M3L N 43 -44.30 -8.93 46.90
HB3 M3L N 43 -44.83 -8.31 45.29
HG2 M3L N 43 -47.17 -8.56 45.81
HG3 M3L N 43 -46.87 -8.84 47.55
HD2 M3L N 43 -45.98 -10.70 45.25
HD3 M3L N 43 -47.39 -10.96 46.35
HE2 M3L N 43 -45.38 -10.44 48.22
HE3 M3L N 43 -44.40 -11.19 46.87
HM11 M3L N 43 -46.01 -14.52 47.16
HM12 M3L N 43 -45.55 -13.28 45.89
HM13 M3L N 43 -47.24 -13.29 46.59
HM21 M3L N 43 -46.92 -13.48 49.36
HM22 M3L N 43 -47.71 -12.05 48.54
HM23 M3L N 43 -46.39 -11.79 49.79
HM31 M3L N 43 -44.67 -13.96 49.06
HM32 M3L N 43 -44.04 -12.24 49.18
HM33 M3L N 43 -43.72 -13.25 47.68
N GLN N 44 -44.07 -6.99 49.16
CA GLN N 44 -43.95 -7.47 50.52
C GLN N 44 -44.17 -6.29 51.43
N GLN N 45 -44.38 -5.13 50.82
CA GLN N 45 -44.63 -3.87 51.50
C GLN N 45 -45.95 -3.27 51.08
N LEU N 46 -46.18 -3.22 49.77
CA LEU N 46 -47.51 -2.86 49.29
C LEU N 46 -48.57 -3.74 49.95
N PHE N 47 -48.28 -5.03 50.10
CA PHE N 47 -49.28 -5.91 50.68
C PHE N 47 -49.52 -5.61 52.15
N SER N 48 -48.46 -5.34 52.91
CA SER N 48 -48.66 -5.02 54.31
C SER N 48 -49.47 -3.75 54.46
N TYR N 49 -49.16 -2.74 53.65
CA TYR N 49 -49.96 -1.52 53.67
C TYR N 49 -51.40 -1.81 53.27
N ALA N 50 -51.60 -2.67 52.28
CA ALA N 50 -52.96 -2.98 51.84
C ALA N 50 -53.76 -3.64 52.96
N ILE N 51 -53.13 -4.57 53.68
CA ILE N 51 -53.81 -5.20 54.81
C ILE N 51 -54.14 -4.16 55.87
N LEU N 52 -53.20 -3.28 56.19
CA LEU N 52 -53.48 -2.23 57.15
C LEU N 52 -54.70 -1.43 56.74
N GLY N 53 -54.73 -0.99 55.49
CA GLY N 53 -55.86 -0.19 55.03
C GLY N 53 -57.17 -0.96 55.04
N PHE N 54 -57.13 -2.21 54.61
CA PHE N 54 -58.33 -3.01 54.60
C PHE N 54 -58.91 -3.14 56.00
N ALA N 55 -58.07 -3.49 56.96
CA ALA N 55 -58.55 -3.60 58.34
C ALA N 55 -59.06 -2.26 58.83
N LEU N 56 -58.34 -1.18 58.54
CA LEU N 56 -58.66 0.12 59.12
C LEU N 56 -59.87 0.76 58.46
N SER N 57 -60.37 0.21 57.36
CA SER N 57 -61.65 0.64 56.82
C SER N 57 -62.78 -0.35 57.15
N GLU N 58 -62.47 -1.64 57.13
CA GLU N 58 -63.43 -2.62 57.62
C GLU N 58 -63.85 -2.29 59.04
N ALA N 59 -62.97 -1.66 59.82
CA ALA N 59 -63.32 -1.30 61.19
C ALA N 59 -64.38 -0.20 61.22
N MET N 60 -64.22 0.85 60.42
CA MET N 60 -65.25 1.87 60.36
C MET N 60 -66.55 1.33 59.81
N GLY N 61 -66.51 0.27 58.99
CA GLY N 61 -67.74 -0.43 58.66
C GLY N 61 -68.32 -1.17 59.86
N LEU N 62 -67.45 -1.82 60.63
CA LEU N 62 -67.91 -2.53 61.82
C LEU N 62 -68.58 -1.59 62.80
N PHE N 63 -68.16 -0.33 62.84
CA PHE N 63 -68.82 0.61 63.76
C PHE N 63 -70.29 0.78 63.40
N CYS N 64 -70.60 0.94 62.12
CA CYS N 64 -72.01 1.04 61.76
C CYS N 64 -72.73 -0.26 62.06
N LEU N 65 -72.13 -1.40 61.74
CA LEU N 65 -72.82 -2.65 62.01
C LEU N 65 -73.08 -2.82 63.51
N MET N 66 -72.12 -2.43 64.35
CA MET N 66 -72.30 -2.61 65.78
C MET N 66 -73.29 -1.60 66.34
N VAL N 67 -73.36 -0.38 65.80
CA VAL N 67 -74.47 0.49 66.19
C VAL N 67 -75.79 -0.18 65.87
N ALA N 68 -75.90 -0.80 64.69
CA ALA N 68 -77.11 -1.53 64.36
C ALA N 68 -77.40 -2.60 65.41
N PHE N 69 -76.39 -3.40 65.77
CA PHE N 69 -76.63 -4.51 66.68
C PHE N 69 -76.93 -4.05 68.10
N LEU N 70 -76.32 -2.94 68.55
CA LEU N 70 -76.64 -2.40 69.87
C LEU N 70 -77.94 -1.63 69.91
N ILE N 71 -78.52 -1.30 68.76
CA ILE N 71 -79.91 -0.87 68.78
C ILE N 71 -80.85 -2.07 68.75
N LEU N 72 -80.53 -3.12 68.00
CA LEU N 72 -81.46 -4.25 67.89
C LEU N 72 -81.42 -5.14 69.13
N PHE N 73 -80.28 -5.81 69.34
CA PHE N 73 -80.15 -6.75 70.45
C PHE N 73 -80.43 -6.06 71.76
N ALA N 74 -79.57 -5.13 72.13
CA ALA N 74 -79.82 -4.26 73.26
C ALA N 74 -80.58 -3.03 72.76
N MET N 75 -80.65 -1.99 73.57
CA MET N 75 -81.33 -0.77 73.18
C MET N 75 -81.01 0.37 74.15
N ASP O 1 -104.89 1.39 53.25
CA ASP O 1 -104.21 0.52 54.25
C ASP O 1 -102.76 0.94 54.40
N ILE O 2 -102.23 0.81 55.61
CA ILE O 2 -100.83 1.14 55.85
C ILE O 2 -99.92 0.23 55.03
N ASP O 3 -100.28 -1.05 54.93
CA ASP O 3 -99.35 -2.04 54.41
C ASP O 3 -99.00 -1.76 52.95
N THR O 4 -99.98 -1.38 52.14
CA THR O 4 -99.66 -1.07 50.75
C THR O 4 -98.75 0.14 50.67
N ALA O 5 -98.95 1.14 51.55
CA ALA O 5 -98.06 2.28 51.56
C ALA O 5 -96.63 1.87 51.90
N ALA O 6 -96.49 0.98 52.89
CA ALA O 6 -95.16 0.51 53.24
C ALA O 6 -94.53 -0.26 52.09
N LYS O 7 -95.31 -1.06 51.39
CA LYS O 7 -94.80 -1.75 50.20
C LYS O 7 -94.30 -0.73 49.19
N PHE O 8 -95.09 0.30 48.92
CA PHE O 8 -94.68 1.33 47.96
C PHE O 8 -93.37 1.95 48.38
N ILE O 9 -93.27 2.37 49.64
CA ILE O 9 -92.08 3.07 50.10
C ILE O 9 -90.87 2.16 50.03
N GLY O 10 -91.00 0.91 50.49
CA GLY O 10 -89.88 0.00 50.47
C GLY O 10 -89.39 -0.28 49.07
N ALA O 11 -90.32 -0.51 48.14
CA ALA O 11 -89.91 -0.72 46.76
C ALA O 11 -89.22 0.52 46.20
N GLY O 12 -89.74 1.70 46.53
CA GLY O 12 -89.12 2.92 46.04
C GLY O 12 -87.73 3.15 46.59
N ALA O 13 -87.50 2.78 47.84
CA ALA O 13 -86.16 2.94 48.41
C ALA O 13 -85.20 1.91 47.83
N ALA O 14 -85.62 0.65 47.77
CA ALA O 14 -84.69 -0.39 47.37
C ALA O 14 -84.19 -0.21 45.95
N THR O 15 -84.85 0.60 45.13
CA THR O 15 -84.35 0.87 43.79
C THR O 15 -83.39 2.02 43.74
N VAL O 16 -82.81 2.39 44.88
CA VAL O 16 -81.66 3.29 44.86
C VAL O 16 -80.37 2.52 44.66
N GLY O 17 -80.29 1.33 45.24
CA GLY O 17 -79.08 0.52 45.18
C GLY O 17 -78.47 0.48 43.80
N VAL O 18 -79.31 0.54 42.76
CA VAL O 18 -78.81 0.48 41.40
C VAL O 18 -77.92 1.67 41.06
N ALA O 19 -77.91 2.71 41.90
CA ALA O 19 -76.95 3.79 41.69
C ALA O 19 -75.52 3.27 41.75
N GLY O 20 -75.25 2.37 42.68
CA GLY O 20 -73.94 1.76 42.74
C GLY O 20 -73.59 1.05 41.45
N SER O 21 -74.57 0.35 40.86
CA SER O 21 -74.32 -0.32 39.59
C SER O 21 -74.02 0.68 38.49
N GLY O 22 -74.77 1.78 38.42
CA GLY O 22 -74.49 2.77 37.39
C GLY O 22 -73.08 3.31 37.51
N ALA O 23 -72.69 3.73 38.72
CA ALA O 23 -71.35 4.28 38.90
C ALA O 23 -70.28 3.23 38.62
N GLY O 24 -70.47 2.01 39.09
CA GLY O 24 -69.47 0.98 38.89
C GLY O 24 -69.28 0.62 37.43
N ILE O 25 -70.37 0.54 36.68
CA ILE O 25 -70.25 0.28 35.25
C ILE O 25 -69.52 1.42 34.57
N GLY O 26 -69.85 2.66 34.94
CA GLY O 26 -69.11 3.78 34.39
C GLY O 26 -67.62 3.65 34.65
N THR O 27 -67.25 3.30 35.87
CA THR O 27 -65.84 3.15 36.20
C THR O 27 -65.19 2.07 35.38
N VAL O 28 -65.83 0.90 35.26
CA VAL O 28 -65.21 -0.19 34.52
C VAL O 28 -64.99 0.21 33.07
N PHE O 29 -65.98 0.81 32.44
CA PHE O 29 -65.78 1.10 31.03
C PHE O 29 -64.85 2.28 30.83
N GLY O 30 -64.82 3.23 31.77
CA GLY O 30 -63.83 4.29 31.67
C GLY O 30 -62.42 3.74 31.76
N SER O 31 -62.20 2.80 32.69
CA SER O 31 -60.90 2.18 32.77
C SER O 31 -60.57 1.39 31.52
N LEU O 32 -61.56 0.76 30.89
CA LEU O 32 -61.23 0.11 29.62
C LEU O 32 -60.85 1.13 28.56
N ILE O 33 -61.53 2.27 28.51
CA ILE O 33 -61.13 3.30 27.56
C ILE O 33 -59.67 3.68 27.78
N ILE O 34 -59.29 3.93 29.03
CA ILE O 34 -57.92 4.32 29.33
C ILE O 34 -56.97 3.22 28.91
N GLY O 35 -57.24 1.99 29.34
CA GLY O 35 -56.27 0.93 29.16
C GLY O 35 -56.24 0.35 27.77
N TYR O 36 -57.20 0.69 26.92
CA TYR O 36 -57.09 0.35 25.51
C TYR O 36 -56.44 1.48 24.70
N ALA O 37 -56.74 2.75 25.02
CA ALA O 37 -55.98 3.85 24.42
C ALA O 37 -54.52 3.74 24.82
N ARG O 38 -54.28 3.01 25.90
CA ARG O 38 -52.97 2.79 26.46
C ARG O 38 -52.08 1.93 25.58
N ASN O 39 -52.65 0.87 25.00
CA ASN O 39 -51.94 -0.37 24.66
C ASN O 39 -52.78 -1.16 23.69
N PRO O 40 -52.97 -0.65 22.51
CA PRO O 40 -53.97 -1.24 21.61
C PRO O 40 -53.68 -2.68 21.24
N SER O 41 -52.58 -3.24 21.72
CA SER O 41 -52.20 -4.59 21.31
C SER O 41 -52.99 -5.67 22.05
N LEU O 42 -53.70 -5.32 23.11
CA LEU O 42 -54.40 -6.31 23.91
C LEU O 42 -55.90 -6.22 23.77
N M3L O 43 -56.35 -5.37 22.86
CA M3L O 43 -57.76 -5.10 22.65
CB M3L O 43 -58.05 -4.82 21.18
CG M3L O 43 -59.44 -4.24 21.04
CD M3L O 43 -59.62 -3.63 19.66
CE M3L O 43 -60.27 -4.64 18.75
NZ M3L O 43 -60.83 -4.10 17.45
C M3L O 43 -58.73 -6.18 23.08
O M3L O 43 -59.64 -5.99 23.88
CM1 M3L O 43 -59.85 -3.21 16.77
CM2 M3L O 43 -62.10 -3.35 17.68
CM3 M3L O 43 -61.13 -5.27 16.56
H M3L O 43 -55.79 -4.83 22.23
HA M3L O 43 -58.03 -4.17 23.25
HB2 M3L O 43 -57.97 -5.78 20.61
HB3 M3L O 43 -57.30 -4.11 20.77
HG2 M3L O 43 -59.62 -3.46 21.83
HG3 M3L O 43 -60.21 -5.05 21.19
HD2 M3L O 43 -58.61 -3.32 19.26
HD3 M3L O 43 -60.24 -2.69 19.76
HE2 M3L O 43 -61.14 -5.14 19.28
HE3 M3L O 43 -59.51 -5.44 18.46
HM11 M3L O 43 -60.11 -3.10 15.68
HM12 M3L O 43 -58.82 -3.63 16.88
HM13 M3L O 43 -59.88 -2.18 17.25
HM21 M3L O 43 -62.48 -2.96 16.70
HM22 M3L O 43 -61.91 -2.50 18.38
HM23 M3L O 43 -62.87 -4.05 18.12
HM31 M3L O 43 -61.68 -4.91 15.65
HM32 M3L O 43 -61.77 -6.00 17.12
HM33 M3L O 43 -60.17 -5.75 16.25
N GLN O 44 -58.53 -7.37 22.52
CA GLN O 44 -59.40 -8.50 22.85
C GLN O 44 -59.49 -8.67 24.35
N GLN O 45 -58.44 -9.24 24.94
CA GLN O 45 -58.44 -9.59 26.35
C GLN O 45 -59.11 -8.52 27.21
N LEU O 46 -58.88 -7.26 26.85
CA LEU O 46 -59.42 -6.17 27.65
C LEU O 46 -60.95 -6.21 27.69
N PHE O 47 -61.65 -6.53 26.64
CA PHE O 47 -63.08 -6.72 26.73
C PHE O 47 -63.24 -7.87 27.64
N SER O 48 -62.76 -8.99 27.41
CA SER O 48 -63.07 -10.08 28.34
C SER O 48 -63.13 -9.53 29.76
N TYR O 49 -62.07 -8.85 30.19
CA TYR O 49 -62.01 -8.30 31.57
C TYR O 49 -63.07 -7.22 31.81
N ALA O 50 -63.42 -6.36 30.83
CA ALA O 50 -64.44 -5.35 31.04
C ALA O 50 -65.81 -5.98 31.17
N ILE O 51 -66.11 -6.96 30.33
CA ILE O 51 -67.42 -7.60 30.42
C ILE O 51 -67.53 -8.38 31.71
N LEU O 52 -66.44 -9.00 32.19
CA LEU O 52 -66.51 -9.65 33.48
C LEU O 52 -66.88 -8.65 34.58
N GLY O 53 -66.21 -7.50 34.59
CA GLY O 53 -66.51 -6.51 35.61
C GLY O 53 -67.90 -5.93 35.50
N PHE O 54 -68.32 -5.62 34.27
CA PHE O 54 -69.68 -5.20 34.04
C PHE O 54 -70.66 -6.24 34.54
N ALA O 55 -70.35 -7.51 34.33
CA ALA O 55 -71.20 -8.58 34.81
C ALA O 55 -71.38 -8.49 36.31
N LEU O 56 -70.28 -8.35 37.03
CA LEU O 56 -70.41 -8.39 38.49
C LEU O 56 -71.11 -7.14 39.04
N SER O 57 -70.78 -5.96 38.51
CA SER O 57 -71.48 -4.76 38.96
C SER O 57 -72.96 -4.84 38.61
N GLU O 58 -73.26 -5.33 37.42
CA GLU O 58 -74.63 -5.58 37.01
C GLU O 58 -75.33 -6.50 37.99
N ALA O 59 -74.67 -7.59 38.36
CA ALA O 59 -75.25 -8.53 39.31
C ALA O 59 -75.67 -7.81 40.58
N MET O 60 -74.80 -6.95 41.09
CA MET O 60 -75.12 -6.27 42.34
C MET O 60 -76.34 -5.36 42.18
N GLY O 61 -76.32 -4.52 41.14
CA GLY O 61 -77.46 -3.64 40.93
C GLY O 61 -78.76 -4.39 40.77
N LEU O 62 -78.72 -5.49 40.02
CA LEU O 62 -79.92 -6.26 39.79
C LEU O 62 -80.35 -7.07 41.01
N PHE O 63 -79.43 -7.46 41.89
CA PHE O 63 -79.85 -7.99 43.18
C PHE O 63 -80.69 -6.97 43.91
N CYS O 64 -80.19 -5.73 43.97
CA CYS O 64 -80.96 -4.68 44.63
C CYS O 64 -82.36 -4.59 44.03
N LEU O 65 -82.44 -4.46 42.72
CA LEU O 65 -83.76 -4.23 42.14
C LEU O 65 -84.63 -5.48 42.15
N MET O 66 -84.03 -6.66 42.19
CA MET O 66 -84.84 -7.87 42.34
C MET O 66 -85.51 -7.90 43.70
N VAL O 67 -84.79 -7.55 44.76
CA VAL O 67 -85.45 -7.41 46.05
C VAL O 67 -86.51 -6.34 45.98
N ALA O 68 -86.24 -5.26 45.25
CA ALA O 68 -87.22 -4.18 45.15
C ALA O 68 -88.53 -4.67 44.54
N PHE O 69 -88.46 -5.46 43.47
CA PHE O 69 -89.68 -5.98 42.87
C PHE O 69 -90.31 -7.06 43.75
N LEU O 70 -89.49 -7.94 44.32
CA LEU O 70 -90.02 -8.97 45.21
C LEU O 70 -90.88 -8.36 46.30
N ILE O 71 -90.35 -7.37 47.02
CA ILE O 71 -91.14 -6.75 48.07
C ILE O 71 -92.38 -6.09 47.50
N LEU O 72 -92.24 -5.43 46.36
CA LEU O 72 -93.36 -4.72 45.77
C LEU O 72 -94.53 -5.64 45.48
N PHE O 73 -94.31 -6.94 45.34
CA PHE O 73 -95.39 -7.88 45.06
C PHE O 73 -95.24 -9.15 45.89
N ALA O 74 -94.85 -8.99 47.15
CA ALA O 74 -94.74 -10.12 48.08
C ALA O 74 -94.20 -9.65 49.42
N ASP P 1 -102.23 18.98 55.77
CA ASP P 1 -102.54 18.01 54.69
C ASP P 1 -101.47 16.93 54.63
N ILE P 2 -101.86 15.73 54.23
CA ILE P 2 -100.94 14.61 54.07
C ILE P 2 -100.43 14.51 52.64
N ASP P 3 -101.31 14.71 51.65
CA ASP P 3 -100.87 14.58 50.27
C ASP P 3 -99.81 15.63 49.93
N THR P 4 -100.01 16.88 50.37
CA THR P 4 -98.99 17.89 50.10
C THR P 4 -97.74 17.65 50.95
N ALA P 5 -97.89 17.04 52.12
CA ALA P 5 -96.73 16.65 52.89
C ALA P 5 -95.86 15.67 52.12
N ALA P 6 -96.49 14.63 51.55
CA ALA P 6 -95.75 13.71 50.70
C ALA P 6 -95.27 14.39 49.44
N LYS P 7 -96.01 15.40 48.97
CA LYS P 7 -95.57 16.18 47.83
C LYS P 7 -94.20 16.78 48.09
N PHE P 8 -94.08 17.49 49.22
CA PHE P 8 -92.80 18.12 49.56
C PHE P 8 -91.74 17.08 49.90
N ILE P 9 -92.14 15.97 50.52
CA ILE P 9 -91.16 14.92 50.81
C ILE P 9 -90.58 14.36 49.52
N GLY P 10 -91.43 14.05 48.56
CA GLY P 10 -90.94 13.56 47.28
C GLY P 10 -90.09 14.57 46.56
N ALA P 11 -90.48 15.84 46.62
CA ALA P 11 -89.68 16.88 45.99
C ALA P 11 -88.29 16.96 46.61
N GLY P 12 -88.21 16.95 47.95
CA GLY P 12 -86.94 17.02 48.62
C GLY P 12 -86.13 15.73 48.55
N ALA P 13 -86.77 14.62 48.17
CA ALA P 13 -86.03 13.40 47.93
C ALA P 13 -85.44 13.37 46.53
N ALA P 14 -86.29 13.50 45.51
CA ALA P 14 -85.82 13.41 44.13
C ALA P 14 -84.74 14.44 43.81
N THR P 15 -84.76 15.59 44.47
CA THR P 15 -83.73 16.60 44.22
C THR P 15 -82.36 16.16 44.69
N VAL P 16 -82.21 14.95 45.21
CA VAL P 16 -80.89 14.37 45.43
C VAL P 16 -80.28 13.84 44.14
N GLY P 17 -81.05 13.79 43.06
CA GLY P 17 -80.51 13.41 41.77
C GLY P 17 -79.52 14.40 41.19
N VAL P 18 -79.20 15.47 41.93
CA VAL P 18 -78.21 16.44 41.48
C VAL P 18 -76.82 16.13 42.02
N ALA P 19 -76.71 15.35 43.09
CA ALA P 19 -75.39 14.97 43.58
C ALA P 19 -74.66 14.10 42.58
N GLY P 20 -75.39 13.27 41.85
CA GLY P 20 -74.76 12.55 40.75
C GLY P 20 -74.17 13.48 39.73
N SER P 21 -74.88 14.56 39.42
CA SER P 21 -74.33 15.57 38.53
C SER P 21 -73.09 16.21 39.12
N GLY P 22 -73.10 16.49 40.42
CA GLY P 22 -71.90 17.03 41.06
C GLY P 22 -70.70 16.13 40.89
N ALA P 23 -70.87 14.85 41.21
CA ALA P 23 -69.76 13.91 41.03
C ALA P 23 -69.31 13.88 39.58
N GLY P 24 -70.25 13.77 38.65
CA GLY P 24 -69.89 13.63 37.26
C GLY P 24 -69.15 14.84 36.72
N ILE P 25 -69.65 16.04 37.02
CA ILE P 25 -69.02 17.25 36.52
C ILE P 25 -67.65 17.44 37.14
N GLY P 26 -67.54 17.21 38.45
CA GLY P 26 -66.23 17.30 39.06
C GLY P 26 -65.25 16.38 38.37
N THR P 27 -65.66 15.14 38.11
CA THR P 27 -64.75 14.21 37.47
C THR P 27 -64.39 14.65 36.06
N VAL P 28 -65.36 15.16 35.31
CA VAL P 28 -65.07 15.51 33.92
C VAL P 28 -64.11 16.68 33.85
N PHE P 29 -64.28 17.68 34.70
CA PHE P 29 -63.31 18.77 34.60
C PHE P 29 -61.98 18.48 35.29
N GLY P 30 -61.94 17.62 36.29
CA GLY P 30 -60.65 17.15 36.75
C GLY P 30 -59.90 16.38 35.68
N SER P 31 -60.63 15.54 34.95
CA SER P 31 -60.02 14.81 33.85
C SER P 31 -59.58 15.75 32.75
N LEU P 32 -60.32 16.81 32.50
CA LEU P 32 -59.84 17.81 31.55
C LEU P 32 -58.54 18.42 32.05
N ILE P 33 -58.49 18.81 33.33
CA ILE P 33 -57.24 19.32 33.89
C ILE P 33 -56.08 18.40 33.55
N ILE P 34 -56.18 17.13 33.94
CA ILE P 34 -55.05 16.23 33.74
C ILE P 34 -54.76 16.01 32.25
N GLY P 35 -55.79 15.66 31.49
CA GLY P 35 -55.56 15.34 30.10
C GLY P 35 -55.06 16.50 29.30
N TYR P 36 -55.26 17.72 29.79
CA TYR P 36 -54.66 18.87 29.14
C TYR P 36 -53.26 19.12 29.66
N ALA P 37 -53.02 18.92 30.96
CA ALA P 37 -51.65 19.01 31.46
C ALA P 37 -50.74 18.15 30.61
N ARG P 38 -51.16 16.92 30.32
CA ARG P 38 -50.27 16.03 29.59
C ARG P 38 -50.02 16.51 28.18
N ASN P 39 -51.04 17.01 27.49
CA ASN P 39 -50.95 17.27 26.06
C ASN P 39 -51.52 18.65 25.73
N PRO P 40 -50.85 19.70 26.13
CA PRO P 40 -51.43 21.04 26.03
C PRO P 40 -51.70 21.52 24.62
N SER P 41 -51.44 20.70 23.60
CA SER P 41 -51.72 21.09 22.23
C SER P 41 -53.04 20.54 21.74
N LEU P 42 -53.94 20.18 22.63
CA LEU P 42 -55.22 19.62 22.24
C LEU P 42 -56.38 20.39 22.84
N M3L P 43 -56.11 21.51 23.50
CA M3L P 43 -57.14 22.20 24.22
CB M3L P 43 -56.58 23.38 25.03
CG M3L P 43 -56.01 24.48 24.17
CD M3L P 43 -55.65 25.68 25.03
CE M3L P 43 -56.93 26.27 25.60
NZ M3L P 43 -57.13 27.78 25.55
C M3L P 43 -58.29 22.76 23.39
O M3L P 43 -58.76 23.88 23.56
CM1 M3L P 43 -56.78 28.35 24.21
CM2 M3L P 43 -56.37 28.44 26.63
CM3 M3L P 43 -58.59 28.04 25.79
H M3L P 43 -55.22 21.98 23.55
HA M3L P 43 -57.60 21.46 24.95
HB2 M3L P 43 -55.77 22.95 25.67
HB3 M3L P 43 -57.38 23.77 25.71
HG2 M3L P 43 -56.71 24.80 23.36
HG3 M3L P 43 -55.07 24.10 23.66
HD2 M3L P 43 -55.08 26.42 24.41
HD3 M3L P 43 -54.96 25.34 25.85
HE2 M3L P 43 -57.00 25.99 26.69
HE3 M3L P 43 -57.81 25.83 25.06
HM11 M3L P 43 -57.39 29.28 24.02
HM12 M3L P 43 -56.98 27.59 23.41
HM13 M3L P 43 -55.68 28.62 24.21
HM21 M3L P 43 -56.48 29.56 26.52
HM22 M3L P 43 -55.28 28.18 26.53
HM23 M3L P 43 -56.75 28.13 27.63
HM31 M3L P 43 -58.76 29.14 25.86
HM32 M3L P 43 -58.90 27.55 26.75
HM33 M3L P 43 -59.19 27.63 24.94
N GLN P 44 -58.76 21.94 22.46
CA GLN P 44 -59.82 22.35 21.57
C GLN P 44 -60.53 21.11 21.07
N GLN P 45 -60.10 19.94 21.55
CA GLN P 45 -60.81 18.71 21.36
C GLN P 45 -60.97 18.07 22.73
N LEU P 46 -59.98 18.25 23.59
CA LEU P 46 -60.20 18.00 25.01
C LEU P 46 -61.34 18.86 25.52
N PHE P 47 -61.33 20.14 25.18
CA PHE P 47 -62.37 21.03 25.67
C PHE P 47 -63.71 20.72 25.02
N SER P 48 -63.70 20.36 23.74
CA SER P 48 -64.95 19.98 23.09
C SER P 48 -65.55 18.74 23.74
N TYR P 49 -64.76 17.69 23.93
CA TYR P 49 -65.27 16.52 24.62
C TYR P 49 -65.70 16.85 26.03
N ALA P 50 -65.03 17.80 26.69
CA ALA P 50 -65.41 18.14 28.04
C ALA P 50 -66.76 18.84 28.07
N ILE P 51 -67.00 19.74 27.11
CA ILE P 51 -68.31 20.37 27.01
C ILE P 51 -69.38 19.34 26.72
N LEU P 52 -69.09 18.41 25.81
CA LEU P 52 -70.07 17.36 25.52
C LEU P 52 -70.40 16.57 26.78
N GLY P 53 -69.38 16.16 27.54
CA GLY P 53 -69.63 15.38 28.73
C GLY P 53 -70.35 16.16 29.81
N PHE P 54 -69.95 17.41 30.03
CA PHE P 54 -70.65 18.27 30.97
C PHE P 54 -72.11 18.41 30.61
N ALA P 55 -72.39 18.69 29.34
CA ALA P 55 -73.78 18.80 28.91
C ALA P 55 -74.50 17.49 29.13
N LEU P 56 -73.87 16.37 28.79
CA LEU P 56 -74.59 15.10 28.82
C LEU P 56 -74.69 14.52 30.22
N SER P 57 -74.05 15.13 31.22
CA SER P 57 -74.25 14.72 32.61
C SER P 57 -75.20 15.69 33.34
N GLU P 58 -74.91 16.98 33.25
CA GLU P 58 -75.87 17.96 33.76
C GLU P 58 -77.22 17.83 33.06
N ALA P 59 -77.25 17.22 31.88
CA ALA P 59 -78.52 16.94 31.24
C ALA P 59 -79.40 16.11 32.16
N MET P 60 -78.96 14.90 32.47
CA MET P 60 -79.82 14.07 33.30
C MET P 60 -79.85 14.56 34.74
N GLY P 61 -78.90 15.39 35.16
CA GLY P 61 -79.05 16.11 36.42
C GLY P 61 -80.26 17.02 36.45
N LEU P 62 -80.28 18.02 35.57
CA LEU P 62 -81.44 18.89 35.45
C LEU P 62 -82.70 18.13 35.08
N PHE P 63 -82.55 16.95 34.51
CA PHE P 63 -83.68 16.12 34.16
C PHE P 63 -84.32 15.51 35.40
N CYS P 64 -83.50 15.03 36.33
CA CYS P 64 -84.02 14.65 37.65
C CYS P 64 -84.65 15.85 38.34
N LEU P 65 -83.99 17.01 38.25
CA LEU P 65 -84.54 18.20 38.89
C LEU P 65 -85.89 18.57 38.32
N MET P 66 -86.07 18.46 37.00
CA MET P 66 -87.35 18.81 36.40
C MET P 66 -88.42 17.76 36.70
N VAL P 67 -88.04 16.49 36.83
CA VAL P 67 -89.01 15.51 37.30
C VAL P 67 -89.48 15.88 38.70
N ALA P 68 -88.55 16.29 39.56
CA ALA P 68 -88.94 16.73 40.90
C ALA P 68 -89.83 17.95 40.82
N PHE P 69 -89.52 18.88 39.92
CA PHE P 69 -90.34 20.08 39.77
C PHE P 69 -91.75 19.72 39.32
N LEU P 70 -91.87 18.78 38.40
CA LEU P 70 -93.19 18.37 37.92
C LEU P 70 -93.98 17.72 39.05
N ILE P 71 -93.40 16.71 39.71
CA ILE P 71 -94.14 16.07 40.79
C ILE P 71 -94.53 17.10 41.84
N LEU P 72 -93.66 18.07 42.10
CA LEU P 72 -93.95 19.08 43.10
C LEU P 72 -95.17 19.91 42.71
N PHE P 73 -95.11 20.61 41.58
CA PHE P 73 -96.14 21.59 41.25
C PHE P 73 -97.25 21.01 40.36
N ALA P 74 -96.90 20.58 39.15
CA ALA P 74 -97.89 20.29 38.11
C ALA P 74 -98.13 18.80 37.93
N MET P 75 -98.12 18.03 39.01
CA MET P 75 -98.42 16.61 38.91
C MET P 75 -99.88 16.41 38.50
N PHE Q 1 58.47 22.19 -46.24
CA PHE Q 1 59.95 22.38 -46.28
C PHE Q 1 60.48 22.09 -47.68
N ALA Q 2 61.78 22.24 -47.85
CA ALA Q 2 62.39 21.99 -49.15
C ALA Q 2 62.10 20.57 -49.59
N LYS Q 3 61.68 20.43 -50.85
CA LYS Q 3 61.45 19.11 -51.42
C LYS Q 3 62.70 18.27 -51.29
N LEU Q 4 62.53 17.01 -50.89
CA LEU Q 4 63.64 16.08 -50.78
C LEU Q 4 63.35 14.85 -51.62
N VAL Q 5 64.40 14.30 -52.21
CA VAL Q 5 64.29 13.15 -53.09
C VAL Q 5 64.27 11.88 -52.23
N ARG Q 6 63.23 11.08 -52.38
CA ARG Q 6 63.06 9.90 -51.56
C ARG Q 6 64.03 8.80 -52.01
N PRO Q 7 64.42 7.91 -51.10
CA PRO Q 7 65.27 6.80 -51.48
C PRO Q 7 64.45 5.75 -52.22
N PRO Q 8 65.10 4.69 -52.71
CA PRO Q 8 64.36 3.63 -53.41
C PRO Q 8 63.68 2.69 -52.42
N VAL Q 9 64.34 2.45 -51.30
CA VAL Q 9 63.81 1.62 -50.23
C VAL Q 9 63.59 2.50 -49.02
N GLN Q 10 62.62 2.13 -48.20
CA GLN Q 10 62.27 2.88 -47.00
C GLN Q 10 62.75 2.11 -45.79
N ILE Q 11 63.58 2.75 -44.98
CA ILE Q 11 64.01 2.20 -43.70
C ILE Q 11 63.47 3.10 -42.60
N TYR Q 12 63.13 2.50 -41.47
CA TYR Q 12 62.35 3.16 -40.45
C TYR Q 12 63.06 3.11 -39.11
N GLY Q 13 62.75 4.07 -38.26
CA GLY Q 13 63.44 4.26 -37.01
C GLY Q 13 64.40 5.43 -37.06
N ILE Q 14 65.27 5.49 -36.07
CA ILE Q 14 66.27 6.55 -36.03
C ILE Q 14 67.19 6.43 -37.24
N GLU Q 15 67.75 5.24 -37.44
CA GLU Q 15 68.61 5.04 -38.59
C GLU Q 15 67.87 5.35 -39.87
N GLY Q 16 66.57 5.04 -39.93
CA GLY Q 16 65.82 5.37 -41.13
C GLY Q 16 65.82 6.86 -41.41
N ARG Q 17 65.55 7.66 -40.39
CA ARG Q 17 65.49 9.11 -40.59
C ARG Q 17 66.85 9.65 -41.00
N TYR Q 18 67.91 9.25 -40.29
CA TYR Q 18 69.22 9.80 -40.61
C TYR Q 18 69.69 9.34 -41.98
N ALA Q 19 69.49 8.07 -42.32
CA ALA Q 19 69.91 7.57 -43.62
C ALA Q 19 69.13 8.24 -44.73
N THR Q 20 67.82 8.44 -44.55
CA THR Q 20 67.05 9.11 -45.58
C THR Q 20 67.53 10.55 -45.77
N ALA Q 21 67.79 11.24 -44.67
CA ALA Q 21 68.31 12.61 -44.78
C ALA Q 21 69.61 12.62 -45.56
N LEU Q 22 70.55 11.76 -45.18
CA LEU Q 22 71.85 11.75 -45.84
C LEU Q 22 71.71 11.39 -47.31
N TYR Q 23 70.88 10.39 -47.63
CA TYR Q 23 70.73 9.97 -49.01
C TYR Q 23 70.14 11.09 -49.86
N SER Q 24 69.11 11.76 -49.35
CA SER Q 24 68.51 12.84 -50.13
C SER Q 24 69.48 14.00 -50.30
N ALA Q 25 70.23 14.32 -49.25
CA ALA Q 25 71.20 15.40 -49.36
C ALA Q 25 72.32 15.05 -50.33
N ALA Q 26 72.72 13.78 -50.37
CA ALA Q 26 73.79 13.37 -51.27
C ALA Q 26 73.32 13.31 -52.71
N SER Q 27 72.10 12.84 -52.95
CA SER Q 27 71.57 12.82 -54.30
C SER Q 27 71.72 14.19 -54.95
N LYS Q 28 71.30 15.23 -54.24
CA LYS Q 28 71.76 16.57 -54.58
C LYS Q 28 73.25 16.63 -54.34
N GLN Q 29 73.97 17.22 -55.28
CA GLN Q 29 75.43 17.24 -55.33
C GLN Q 29 75.99 15.91 -55.84
N ASN Q 30 75.16 14.89 -56.04
CA ASN Q 30 75.56 13.69 -56.78
C ASN Q 30 76.76 13.00 -56.16
N LYS Q 31 76.93 13.13 -54.84
CA LYS Q 31 78.09 12.56 -54.15
C LYS Q 31 77.79 11.21 -53.51
N LEU Q 32 76.88 10.42 -54.10
CA LEU Q 32 76.46 9.18 -53.45
C LEU Q 32 77.64 8.21 -53.29
N GLU Q 33 78.40 7.99 -54.36
CA GLU Q 33 79.43 6.97 -54.29
C GLU Q 33 80.52 7.34 -53.29
N GLN Q 34 81.04 8.56 -53.38
CA GLN Q 34 82.06 8.96 -52.42
C GLN Q 34 81.49 9.06 -51.01
N VAL Q 35 80.20 9.39 -50.89
CA VAL Q 35 79.57 9.40 -49.57
C VAL Q 35 79.59 8.00 -48.98
N GLU Q 36 79.27 6.99 -49.78
CA GLU Q 36 79.32 5.63 -49.29
C GLU Q 36 80.74 5.21 -48.92
N LYS Q 37 81.71 5.63 -49.72
CA LYS Q 37 83.10 5.34 -49.37
C LYS Q 37 83.46 5.92 -48.02
N GLU Q 38 83.12 7.19 -47.80
CA GLU Q 38 83.43 7.83 -46.53
C GLU Q 38 82.66 7.19 -45.38
N LEU Q 39 81.44 6.75 -45.64
CA LEU Q 39 80.67 6.07 -44.60
C LEU Q 39 81.37 4.78 -44.18
N LEU Q 40 81.83 4.00 -45.15
CA LEU Q 40 82.58 2.80 -44.80
C LEU Q 40 83.82 3.15 -44.00
N ARG Q 41 84.51 4.24 -44.38
CA ARG Q 41 85.70 4.63 -43.63
C ARG Q 41 85.36 4.95 -42.18
N VAL Q 42 84.36 5.81 -41.96
CA VAL Q 42 83.99 6.15 -40.59
C VAL Q 42 83.55 4.92 -39.83
N GLY Q 43 83.06 3.91 -40.54
CA GLY Q 43 82.77 2.64 -39.91
C GLY Q 43 83.93 2.19 -39.03
N GLN Q 44 85.08 1.94 -39.65
CA GLN Q 44 86.25 1.52 -38.89
C GLN Q 44 86.74 2.62 -37.97
N ILE Q 45 86.81 3.85 -38.46
CA ILE Q 45 87.37 4.93 -37.65
C ILE Q 45 86.63 5.07 -36.33
N LEU Q 46 85.38 4.61 -36.26
CA LEU Q 46 84.59 4.63 -35.03
C LEU Q 46 84.69 3.32 -34.26
N LYS Q 47 85.52 2.38 -34.71
CA LYS Q 47 85.72 1.12 -34.01
C LYS Q 47 87.07 1.03 -33.32
N GLU Q 48 87.92 2.04 -33.43
CA GLU Q 48 89.18 2.03 -32.72
C GLU Q 48 88.90 2.05 -31.21
N PRO Q 49 89.72 1.37 -30.40
CA PRO Q 49 89.36 1.23 -28.98
C PRO Q 49 89.17 2.55 -28.27
N LYS Q 50 90.04 3.52 -28.52
CA LYS Q 50 89.90 4.81 -27.84
C LYS Q 50 88.68 5.56 -28.34
N MET Q 51 88.49 5.62 -29.66
CA MET Q 51 87.32 6.31 -30.20
C MET Q 51 86.04 5.60 -29.80
N ALA Q 52 86.02 4.27 -29.89
CA ALA Q 52 84.83 3.52 -29.50
C ALA Q 52 84.61 3.53 -28.00
N ALA Q 53 85.60 3.93 -27.20
CA ALA Q 53 85.44 3.98 -25.75
C ALA Q 53 85.03 5.37 -25.27
N SER Q 54 85.54 6.42 -25.89
CA SER Q 54 85.17 7.77 -25.49
C SER Q 54 83.83 8.20 -26.06
N LEU Q 55 83.26 7.46 -27.00
CA LEU Q 55 81.97 7.75 -27.59
C LEU Q 55 80.87 6.84 -27.05
N LEU Q 56 81.11 6.20 -25.92
CA LEU Q 56 80.10 5.47 -25.18
C LEU Q 56 79.93 6.02 -23.77
N ASN Q 57 81.02 6.46 -23.15
CA ASN Q 57 80.92 7.12 -21.87
C ASN Q 57 79.98 8.31 -21.99
N PRO Q 58 78.94 8.42 -21.16
CA PRO Q 58 78.08 9.59 -21.20
C PRO Q 58 78.56 10.77 -20.39
N TYR Q 59 79.70 10.65 -19.72
CA TYR Q 59 80.24 11.72 -18.89
C TYR Q 59 81.28 12.55 -19.62
N VAL Q 60 81.46 12.33 -20.92
CA VAL Q 60 82.27 13.20 -21.75
C VAL Q 60 81.35 14.29 -22.28
N LYS Q 61 81.59 15.53 -21.86
CA LYS Q 61 80.75 16.64 -22.27
C LYS Q 61 80.44 16.54 -23.75
N ARG Q 62 79.20 16.85 -24.13
CA ARG Q 62 78.80 16.68 -25.51
C ARG Q 62 79.70 17.47 -26.45
N SER Q 63 80.01 18.72 -26.10
CA SER Q 63 80.87 19.53 -26.93
C SER Q 63 82.24 18.90 -27.09
N VAL Q 64 82.73 18.20 -26.07
CA VAL Q 64 84.01 17.51 -26.18
C VAL Q 64 83.95 16.46 -27.28
N LYS Q 65 82.89 15.65 -27.29
CA LYS Q 65 82.73 14.65 -28.33
C LYS Q 65 82.61 15.30 -29.70
N VAL Q 66 81.85 16.39 -29.80
CA VAL Q 66 81.66 17.05 -31.08
C VAL Q 66 83.00 17.55 -31.61
N LYS Q 67 83.81 18.16 -30.74
CA LYS Q 67 85.10 18.68 -31.19
C LYS Q 67 86.06 17.55 -31.56
N SER Q 68 86.06 16.45 -30.81
CA SER Q 68 86.91 15.33 -31.16
C SER Q 68 86.52 14.75 -32.51
N LEU Q 69 85.22 14.63 -32.76
CA LEU Q 69 84.77 14.15 -34.06
C LEU Q 69 85.18 15.12 -35.16
N SER Q 70 85.08 16.42 -34.90
CA SER Q 70 85.49 17.40 -35.90
C SER Q 70 86.97 17.25 -36.24
N ASP Q 71 87.80 17.09 -35.22
CA ASP Q 71 89.23 16.93 -35.46
C ASP Q 71 89.51 15.65 -36.25
N MET Q 72 88.89 14.55 -35.85
CA MET Q 72 89.11 13.30 -36.56
C MET Q 72 88.67 13.43 -38.02
N THR Q 73 87.54 14.10 -38.26
CA THR Q 73 87.06 14.25 -39.63
C THR Q 73 87.98 15.16 -40.44
N ALA Q 74 88.58 16.15 -39.81
CA ALA Q 74 89.60 16.95 -40.50
C ALA Q 74 90.78 16.08 -40.90
N LYS Q 75 91.25 15.24 -39.97
CA LYS Q 75 92.37 14.37 -40.29
C LYS Q 75 92.03 13.41 -41.42
N GLU Q 76 90.84 12.83 -41.39
CA GLU Q 76 90.43 11.90 -42.43
C GLU Q 76 89.96 12.59 -43.69
N LYS Q 77 89.77 13.91 -43.66
CA LYS Q 77 89.43 14.70 -44.84
C LYS Q 77 88.18 14.13 -45.53
N PHE Q 78 87.07 14.21 -44.81
CA PHE Q 78 85.79 13.77 -45.33
C PHE Q 78 85.11 14.88 -46.13
N SER Q 79 84.13 14.48 -46.92
CA SER Q 79 83.33 15.44 -47.65
C SER Q 79 82.53 16.28 -46.67
N PRO Q 80 82.11 17.48 -47.06
CA PRO Q 80 81.27 18.28 -46.15
C PRO Q 80 80.02 17.53 -45.69
N LEU Q 81 79.41 16.75 -46.57
CA LEU Q 81 78.19 16.04 -46.19
C LEU Q 81 78.46 15.02 -45.09
N THR Q 82 79.51 14.21 -45.24
CA THR Q 82 79.76 13.18 -44.25
C THR Q 82 80.22 13.79 -42.93
N SER Q 83 81.05 14.83 -42.98
CA SER Q 83 81.45 15.49 -41.74
C SER Q 83 80.25 16.11 -41.05
N ASN Q 84 79.36 16.74 -41.81
CA ASN Q 84 78.17 17.32 -41.22
C ASN Q 84 77.28 16.25 -40.60
N LEU Q 85 77.16 15.11 -41.26
CA LEU Q 85 76.36 14.02 -40.70
C LEU Q 85 76.97 13.49 -39.41
N ILE Q 86 78.29 13.34 -39.37
CA ILE Q 86 78.92 12.90 -38.14
C ILE Q 86 78.69 13.90 -37.02
N ASN Q 87 78.85 15.19 -37.32
CA ASN Q 87 78.50 16.23 -36.37
C ASN Q 87 77.08 16.03 -35.86
N LEU Q 88 76.12 16.10 -36.77
CA LEU Q 88 74.70 15.90 -36.50
C LEU Q 88 74.46 14.76 -35.53
N LEU Q 89 74.95 13.58 -35.87
CA LEU Q 89 74.83 12.45 -34.95
C LEU Q 89 75.48 12.77 -33.61
N ALA Q 90 76.56 13.54 -33.60
CA ALA Q 90 77.29 13.79 -32.37
C ALA Q 90 76.46 14.63 -31.40
N GLU Q 91 75.95 15.77 -31.86
CA GLU Q 91 75.24 16.66 -30.94
C GLU Q 91 73.83 16.18 -30.62
N ASN Q 92 73.18 15.48 -31.54
CA ASN Q 92 71.89 14.89 -31.21
C ASN Q 92 72.04 13.73 -30.22
N GLY Q 93 73.26 13.29 -29.96
CA GLY Q 93 73.49 12.22 -29.02
C GLY Q 93 73.21 10.84 -29.56
N ARG Q 94 72.92 10.72 -30.86
CA ARG Q 94 72.53 9.45 -31.47
C ARG Q 94 73.69 8.77 -32.18
N LEU Q 95 74.93 9.06 -31.79
CA LEU Q 95 76.04 8.40 -32.44
C LEU Q 95 76.22 6.97 -31.96
N THR Q 96 75.62 6.61 -30.82
CA THR Q 96 75.72 5.24 -30.33
C THR Q 96 75.16 4.25 -31.34
N ASN Q 97 74.29 4.70 -32.23
CA ASN Q 97 73.72 3.87 -33.28
C ASN Q 97 74.17 4.36 -34.66
N THR Q 98 75.42 4.82 -34.76
CA THR Q 98 75.98 5.10 -36.07
C THR Q 98 76.06 3.88 -36.96
N PRO Q 99 76.50 2.71 -36.49
CA PRO Q 99 76.51 1.53 -37.37
C PRO Q 99 75.16 1.22 -37.97
N ALA Q 100 74.07 1.47 -37.25
CA ALA Q 100 72.75 1.28 -37.83
C ALA Q 100 72.54 2.19 -39.02
N VAL Q 101 73.00 3.44 -38.92
CA VAL Q 101 72.81 4.40 -40.00
C VAL Q 101 73.50 3.91 -41.26
N ILE Q 102 74.83 3.76 -41.21
CA ILE Q 102 75.58 3.42 -42.42
C ILE Q 102 75.04 2.13 -43.03
N SER Q 103 74.78 1.13 -42.19
CA SER Q 103 74.23 -0.12 -42.72
C SER Q 103 72.97 0.17 -43.52
N ALA Q 104 72.02 0.90 -42.91
CA ALA Q 104 70.82 1.28 -43.63
C ALA Q 104 71.17 1.99 -44.93
N PHE Q 105 72.10 2.94 -44.88
CA PHE Q 105 72.47 3.65 -46.08
C PHE Q 105 72.97 2.70 -47.15
N SER Q 106 73.76 1.70 -46.75
CA SER Q 106 74.19 0.71 -47.72
C SER Q 106 72.99 0.07 -48.40
N THR Q 107 72.02 -0.38 -47.60
CA THR Q 107 70.81 -0.97 -48.17
C THR Q 107 70.10 0.01 -49.07
N MET Q 108 70.19 1.31 -48.78
CA MET Q 108 69.59 2.30 -49.66
C MET Q 108 70.40 2.52 -50.91
N MET Q 109 71.73 2.42 -50.82
CA MET Q 109 72.54 2.61 -52.01
C MET Q 109 72.52 1.37 -52.89
N SER Q 110 72.52 0.19 -52.29
CA SER Q 110 72.47 -1.03 -53.10
C SER Q 110 71.27 -1.00 -54.03
N VAL Q 111 70.09 -0.77 -53.48
CA VAL Q 111 68.89 -0.76 -54.32
C VAL Q 111 68.97 0.36 -55.35
N HIS Q 112 69.71 1.42 -55.05
CA HIS Q 112 69.88 2.47 -56.05
C HIS Q 112 70.61 1.93 -57.27
N ARG Q 113 71.66 1.13 -57.06
CA ARG Q 113 72.37 0.53 -58.17
C ARG Q 113 71.73 -0.76 -58.63
N GLY Q 114 70.64 -1.19 -57.98
CA GLY Q 114 69.84 -2.28 -58.47
C GLY Q 114 70.51 -3.63 -58.33
N GLU Q 115 70.78 -4.04 -57.09
CA GLU Q 115 71.35 -5.36 -56.79
C GLU Q 115 70.39 -6.04 -55.83
N VAL Q 116 69.38 -6.71 -56.39
CA VAL Q 116 68.34 -7.32 -55.56
C VAL Q 116 68.95 -8.43 -54.73
N PRO Q 117 68.65 -8.53 -53.44
CA PRO Q 117 69.10 -9.68 -52.67
C PRO Q 117 68.42 -10.95 -53.14
N CYS Q 118 69.08 -12.07 -52.86
CA CYS Q 118 68.54 -13.38 -53.15
C CYS Q 118 69.01 -14.35 -52.09
N THR Q 119 68.55 -15.59 -52.18
CA THR Q 119 69.01 -16.61 -51.26
C THR Q 119 68.51 -17.96 -51.72
N VAL Q 120 69.39 -18.95 -51.68
CA VAL Q 120 69.07 -20.32 -52.07
C VAL Q 120 69.50 -21.22 -50.92
N THR Q 121 68.54 -21.71 -50.16
CA THR Q 121 68.80 -22.68 -49.11
C THR Q 121 68.59 -24.07 -49.69
N THR Q 122 69.64 -24.90 -49.63
CA THR Q 122 69.67 -26.19 -50.29
C THR Q 122 69.50 -27.32 -49.28
N ALA Q 123 69.01 -28.45 -49.78
CA ALA Q 123 68.83 -29.62 -48.92
C ALA Q 123 70.16 -30.04 -48.30
N SER Q 124 71.24 -29.94 -49.06
CA SER Q 124 72.57 -30.26 -48.55
C SER Q 124 73.58 -29.56 -49.46
N ALA Q 125 74.84 -29.97 -49.37
CA ALA Q 125 75.89 -29.38 -50.19
C ALA Q 125 75.42 -29.30 -51.64
N LEU Q 126 75.97 -28.33 -52.37
CA LEU Q 126 75.56 -28.09 -53.75
C LEU Q 126 76.78 -27.89 -54.63
N ASP Q 127 76.73 -28.44 -55.83
CA ASP Q 127 77.77 -28.23 -56.82
C ASP Q 127 77.80 -26.77 -57.25
N GLU Q 128 78.83 -26.40 -58.02
CA GLU Q 128 78.87 -25.07 -58.63
C GLU Q 128 78.11 -25.03 -59.94
N ALA Q 129 78.29 -26.02 -60.80
CA ALA Q 129 77.54 -26.04 -62.06
C ALA Q 129 76.05 -25.89 -61.79
N THR Q 130 75.56 -26.56 -60.75
CA THR Q 130 74.20 -26.31 -60.29
C THR Q 130 74.01 -24.85 -59.91
N LEU Q 131 74.99 -24.27 -59.21
CA LEU Q 131 74.89 -22.86 -58.88
C LEU Q 131 74.90 -21.99 -60.12
N THR Q 132 75.68 -22.39 -61.13
CA THR Q 132 75.70 -21.64 -62.38
C THR Q 132 74.32 -21.62 -63.02
N GLU Q 133 73.70 -22.79 -63.17
CA GLU Q 133 72.37 -22.83 -63.76
C GLU Q 133 71.36 -22.07 -62.89
N LEU Q 134 71.49 -22.18 -61.58
CA LEU Q 134 70.59 -21.45 -60.68
C LEU Q 134 70.68 -19.95 -60.93
N LYS Q 135 71.89 -19.40 -60.98
CA LYS Q 135 72.02 -17.98 -61.23
C LYS Q 135 71.46 -17.62 -62.60
N THR Q 136 71.77 -18.43 -63.61
CA THR Q 136 71.33 -18.11 -64.95
C THR Q 136 69.81 -18.09 -65.04
N VAL Q 137 69.13 -18.93 -64.26
CA VAL Q 137 67.68 -18.96 -64.31
C VAL Q 137 67.06 -17.88 -63.42
N LEU Q 138 67.66 -17.62 -62.27
CA LEU Q 138 67.13 -16.59 -61.37
C LEU Q 138 67.21 -15.22 -62.02
N LYS Q 139 68.28 -14.97 -62.79
CA LYS Q 139 68.34 -13.74 -63.56
C LYS Q 139 67.08 -13.57 -64.42
N SER Q 140 66.34 -14.64 -64.69
CA SER Q 140 65.10 -14.54 -65.43
C SER Q 140 64.00 -13.84 -64.65
N PHE Q 141 64.14 -13.74 -63.32
CA PHE Q 141 63.11 -13.12 -62.49
C PHE Q 141 63.31 -11.62 -62.30
N LEU Q 142 64.53 -11.12 -62.44
CA LEU Q 142 64.79 -9.71 -62.24
C LEU Q 142 64.07 -8.87 -63.29
N SER Q 143 64.16 -7.55 -63.16
CA SER Q 143 63.68 -6.64 -64.18
C SER Q 143 64.84 -6.37 -65.15
N LYS Q 144 64.67 -5.38 -66.02
CA LYS Q 144 65.66 -5.09 -67.05
C LYS Q 144 66.71 -4.15 -66.47
N GLY Q 145 67.87 -4.70 -66.14
CA GLY Q 145 68.97 -3.91 -65.61
C GLY Q 145 69.43 -4.36 -64.25
N GLN Q 146 68.52 -4.92 -63.46
CA GLN Q 146 68.85 -5.32 -62.11
C GLN Q 146 70.01 -6.32 -62.10
N VAL Q 147 70.55 -6.54 -60.91
CA VAL Q 147 71.64 -7.48 -60.68
C VAL Q 147 71.23 -8.40 -59.53
N LEU Q 148 71.87 -9.55 -59.46
CA LEU Q 148 71.57 -10.55 -58.46
C LEU Q 148 72.67 -10.56 -57.40
N LYS Q 149 72.27 -10.54 -56.12
CA LYS Q 149 73.21 -10.72 -55.02
C LYS Q 149 72.76 -11.98 -54.29
N LEU Q 150 73.31 -13.12 -54.69
CA LEU Q 150 72.86 -14.42 -54.22
C LEU Q 150 73.79 -14.92 -53.12
N GLU Q 151 73.19 -15.32 -51.99
CA GLU Q 151 73.91 -15.85 -50.85
C GLU Q 151 73.44 -17.28 -50.64
N VAL Q 152 74.19 -18.25 -51.20
CA VAL Q 152 73.81 -19.64 -51.05
C VAL Q 152 73.92 -20.05 -49.58
N LYS Q 153 73.14 -21.06 -49.21
CA LYS Q 153 73.20 -21.63 -47.87
C LYS Q 153 72.89 -23.11 -47.95
N ILE Q 154 73.59 -23.89 -47.15
CA ILE Q 154 73.35 -25.33 -47.04
C ILE Q 154 72.46 -25.56 -45.83
N ASP Q 155 71.52 -26.49 -45.94
CA ASP Q 155 70.59 -26.80 -44.86
C ASP Q 155 70.18 -28.26 -44.96
N PRO Q 156 70.78 -29.14 -44.15
CA PRO Q 156 70.27 -30.52 -44.06
C PRO Q 156 69.00 -30.64 -43.25
N SER Q 157 68.64 -29.61 -42.48
CA SER Q 157 67.42 -29.67 -41.68
C SER Q 157 66.21 -29.89 -42.58
N ILE Q 158 66.14 -29.19 -43.71
CA ILE Q 158 65.13 -29.54 -44.69
C ILE Q 158 65.50 -30.89 -45.30
N MET Q 159 64.48 -31.56 -45.84
CA MET Q 159 64.69 -32.91 -46.37
C MET Q 159 65.31 -32.87 -47.75
N GLY Q 160 64.61 -32.25 -48.70
CA GLY Q 160 65.11 -32.16 -50.06
C GLY Q 160 64.76 -30.82 -50.69
N GLY Q 161 64.84 -30.74 -52.01
CA GLY Q 161 64.40 -29.54 -52.69
C GLY Q 161 65.19 -28.33 -52.25
N MET Q 162 64.55 -27.17 -52.29
CA MET Q 162 65.26 -25.96 -51.88
C MET Q 162 64.27 -24.81 -51.67
N ILE Q 163 64.76 -23.77 -51.00
CA ILE Q 163 64.01 -22.56 -50.74
C ILE Q 163 64.71 -21.42 -51.43
N VAL Q 164 63.96 -20.64 -52.22
CA VAL Q 164 64.54 -19.54 -52.97
C VAL Q 164 63.82 -18.26 -52.59
N ARG Q 165 64.57 -17.30 -52.07
CA ARG Q 165 64.09 -15.95 -51.81
C ARG Q 165 64.66 -14.99 -52.85
N ILE Q 166 63.80 -14.13 -53.39
CA ILE Q 166 64.19 -13.11 -54.34
C ILE Q 166 63.50 -11.82 -53.91
N GLY Q 167 64.24 -10.93 -53.26
CA GLY Q 167 63.61 -9.77 -52.66
C GLY Q 167 62.66 -10.19 -51.56
N GLU Q 168 61.35 -10.04 -51.80
CA GLU Q 168 60.36 -10.63 -50.93
C GLU Q 168 59.85 -11.95 -51.46
N LYS Q 169 59.74 -12.09 -52.79
CA LYS Q 169 59.17 -13.30 -53.37
C LYS Q 169 59.86 -14.52 -52.81
N TYR Q 170 59.07 -15.54 -52.51
CA TYR Q 170 59.56 -16.68 -51.75
C TYR Q 170 58.92 -17.94 -52.31
N VAL Q 171 59.73 -18.81 -52.89
CA VAL Q 171 59.26 -20.07 -53.47
C VAL Q 171 59.91 -21.19 -52.69
N ASP Q 172 59.07 -22.04 -52.11
CA ASP Q 172 59.51 -23.14 -51.25
C ASP Q 172 59.18 -24.44 -51.97
N MET Q 173 60.23 -25.14 -52.40
CA MET Q 173 60.10 -26.46 -53.00
C MET Q 173 61.00 -27.43 -52.28
N SER Q 174 60.90 -27.44 -50.95
CA SER Q 174 61.61 -28.40 -50.13
C SER Q 174 60.74 -29.61 -49.89
N ALA Q 175 61.34 -30.79 -50.01
CA ALA Q 175 60.59 -32.01 -49.79
C ALA Q 175 59.92 -32.02 -48.42
N LYS Q 176 60.54 -31.40 -47.43
CA LYS Q 176 59.96 -31.34 -46.10
C LYS Q 176 58.56 -30.75 -46.14
N THR Q 177 58.45 -29.49 -46.60
CA THR Q 177 57.16 -28.83 -46.63
C THR Q 177 56.17 -29.59 -47.49
N LYS Q 178 56.64 -30.26 -48.54
CA LYS Q 178 55.75 -31.13 -49.30
C LYS Q 178 55.20 -32.25 -48.40
N ILE Q 179 56.06 -32.82 -47.55
CA ILE Q 179 55.61 -33.89 -46.68
C ILE Q 179 54.55 -33.38 -45.72
N GLN Q 180 54.80 -32.23 -45.10
CA GLN Q 180 53.77 -31.68 -44.21
C GLN Q 180 52.49 -31.37 -44.97
N LYS Q 181 52.61 -30.85 -46.20
CA LYS Q 181 51.42 -30.52 -46.97
C LYS Q 181 50.59 -31.76 -47.28
N LEU Q 182 51.25 -32.83 -47.71
CA LEU Q 182 50.52 -34.06 -48.00
C LEU Q 182 49.91 -34.65 -46.74
N SER Q 183 50.64 -34.65 -45.63
CA SER Q 183 50.08 -35.18 -44.40
C SER Q 183 48.87 -34.37 -43.97
N ARG Q 184 48.94 -33.05 -44.12
CA ARG Q 184 47.83 -32.18 -43.74
C ARG Q 184 46.61 -32.42 -44.62
N ALA Q 185 46.80 -32.39 -45.95
CA ALA Q 185 45.68 -32.60 -46.86
C ALA Q 185 45.17 -34.02 -46.76
N MET Q 186 45.95 -34.91 -46.19
CA MET Q 186 45.57 -36.30 -45.97
C MET Q 186 44.90 -36.53 -44.62
N ARG Q 187 45.15 -35.69 -43.63
CA ARG Q 187 44.53 -35.85 -42.33
C ARG Q 187 43.15 -35.19 -42.32
N ASP R 1 -101.32 -3.33 59.84
CA ASP R 1 -100.18 -3.48 60.79
C ASP R 1 -99.04 -2.51 60.46
N ILE R 2 -98.37 -2.03 61.50
CA ILE R 2 -97.17 -1.23 61.35
C ILE R 2 -95.92 -2.09 61.42
N ASP R 3 -95.87 -3.01 62.39
CA ASP R 3 -94.69 -3.86 62.53
C ASP R 3 -94.33 -4.50 61.20
N THR R 4 -95.31 -4.98 60.45
CA THR R 4 -95.03 -5.44 59.10
C THR R 4 -94.61 -4.27 58.21
N ALA R 5 -95.26 -3.12 58.38
CA ALA R 5 -94.85 -1.95 57.62
C ALA R 5 -93.43 -1.54 57.99
N ALA R 6 -93.08 -1.64 59.28
CA ALA R 6 -91.70 -1.39 59.68
C ALA R 6 -90.75 -2.36 59.01
N LYS R 7 -91.14 -3.65 58.97
CA LYS R 7 -90.30 -4.62 58.29
C LYS R 7 -90.05 -4.22 56.85
N PHE R 8 -91.12 -3.84 56.14
CA PHE R 8 -90.95 -3.52 54.73
C PHE R 8 -90.07 -2.29 54.54
N ILE R 9 -90.31 -1.24 55.32
CA ILE R 9 -89.49 -0.03 55.18
C ILE R 9 -88.03 -0.35 55.49
N GLY R 10 -87.78 -1.09 56.55
CA GLY R 10 -86.40 -1.38 56.92
C GLY R 10 -85.70 -2.24 55.89
N ALA R 11 -86.38 -3.25 55.37
CA ALA R 11 -85.77 -4.08 54.33
C ALA R 11 -85.50 -3.27 53.08
N GLY R 12 -86.38 -2.34 52.75
CA GLY R 12 -86.12 -1.48 51.61
C GLY R 12 -84.94 -0.56 51.84
N ALA R 13 -84.77 -0.09 53.07
CA ALA R 13 -83.74 0.91 53.35
C ALA R 13 -82.41 0.30 53.76
N ALA R 14 -82.32 -1.01 53.94
CA ALA R 14 -81.03 -1.64 54.19
C ALA R 14 -80.36 -2.09 52.91
N THR R 15 -81.14 -2.38 51.87
CA THR R 15 -80.55 -2.86 50.64
C THR R 15 -79.65 -1.80 50.02
N VAL R 16 -79.99 -0.52 50.18
CA VAL R 16 -79.19 0.53 49.58
C VAL R 16 -77.72 0.41 49.96
N GLY R 17 -77.42 -0.25 51.07
CA GLY R 17 -76.03 -0.49 51.42
C GLY R 17 -75.25 -1.28 50.38
N VAL R 18 -75.94 -1.82 49.38
CA VAL R 18 -75.29 -2.64 48.35
C VAL R 18 -74.62 -1.79 47.28
N ALA R 19 -75.11 -0.57 47.04
CA ALA R 19 -74.47 0.28 46.04
C ALA R 19 -73.00 0.48 46.33
N GLY R 20 -72.62 0.49 47.61
CA GLY R 20 -71.22 0.62 47.95
C GLY R 20 -70.40 -0.50 47.34
N SER R 21 -70.89 -1.73 47.44
CA SER R 21 -70.16 -2.84 46.85
C SER R 21 -70.23 -2.82 45.34
N GLY R 22 -71.32 -2.33 44.76
CA GLY R 22 -71.32 -2.16 43.32
C GLY R 22 -70.20 -1.25 42.87
N ALA R 23 -70.07 -0.11 43.53
CA ALA R 23 -68.99 0.82 43.19
C ALA R 23 -67.64 0.18 43.44
N GLY R 24 -67.50 -0.55 44.54
CA GLY R 24 -66.23 -1.18 44.85
C GLY R 24 -65.80 -2.18 43.80
N ILE R 25 -66.74 -3.00 43.33
CA ILE R 25 -66.40 -3.98 42.30
C ILE R 25 -66.03 -3.26 41.01
N GLY R 26 -66.76 -2.21 40.66
CA GLY R 26 -66.36 -1.44 39.50
C GLY R 26 -64.95 -0.91 39.63
N THR R 27 -64.61 -0.36 40.79
CA THR R 27 -63.27 0.17 41.01
C THR R 27 -62.22 -0.92 40.87
N VAL R 28 -62.45 -2.07 41.49
CA VAL R 28 -61.43 -3.12 41.45
C VAL R 28 -61.21 -3.59 40.03
N PHE R 29 -62.27 -3.80 39.27
CA PHE R 29 -62.02 -4.32 37.93
C PHE R 29 -61.50 -3.24 36.98
N GLY R 30 -61.85 -1.98 37.18
CA GLY R 30 -61.20 -0.94 36.40
C GLY R 30 -59.72 -0.87 36.71
N SER R 31 -59.36 -0.92 37.99
CA SER R 31 -57.95 -0.90 38.35
C SER R 31 -57.24 -2.09 37.75
N LEU R 32 -57.89 -3.24 37.67
CA LEU R 32 -57.24 -4.40 37.06
C LEU R 32 -57.03 -4.17 35.58
N ILE R 33 -58.03 -3.66 34.87
CA ILE R 33 -57.82 -3.29 33.48
C ILE R 33 -56.56 -2.45 33.32
N ILE R 34 -56.48 -1.38 34.10
CA ILE R 34 -55.33 -0.48 34.00
C ILE R 34 -54.04 -1.25 34.28
N GLY R 35 -53.96 -1.87 35.45
CA GLY R 35 -52.73 -2.53 35.84
C GLY R 35 -52.28 -3.54 34.82
N TYR R 36 -53.20 -4.35 34.32
CA TYR R 36 -52.85 -5.31 33.29
C TYR R 36 -52.33 -4.59 32.05
N ALA R 37 -52.96 -3.48 31.68
CA ALA R 37 -52.42 -2.69 30.59
C ALA R 37 -50.93 -2.32 30.60
N ARG R 38 -50.36 -2.05 31.77
CA ARG R 38 -48.88 -1.93 31.82
C ARG R 38 -48.00 -3.17 31.74
N ASN R 39 -48.52 -4.25 32.29
CA ASN R 39 -47.67 -5.32 32.80
C ASN R 39 -48.27 -6.68 32.53
N PRO R 40 -48.62 -6.96 31.27
CA PRO R 40 -49.33 -8.23 31.00
C PRO R 40 -48.59 -9.45 31.46
N SER R 41 -47.31 -9.31 31.82
CA SER R 41 -46.50 -10.39 32.37
C SER R 41 -46.82 -10.67 33.81
N LEU R 42 -47.93 -10.18 34.34
CA LEU R 42 -48.28 -10.43 35.72
C LEU R 42 -49.62 -11.12 35.88
N M3L R 43 -50.41 -11.16 34.82
CA M3L R 43 -51.78 -11.67 34.86
CB M3L R 43 -52.18 -12.12 33.45
CG M3L R 43 -53.60 -11.76 33.14
CD M3L R 43 -53.92 -12.24 31.74
CE M3L R 43 -54.63 -13.57 31.88
NZ M3L R 43 -54.62 -14.46 30.66
C M3L R 43 -52.20 -12.84 35.75
O M3L R 43 -53.26 -13.43 35.57
CM1 M3L R 43 -53.31 -15.14 30.45
CM2 M3L R 43 -54.98 -13.68 29.45
CM3 M3L R 43 -55.68 -15.50 30.87
H M3L R 43 -50.17 -10.85 33.90
HA M3L R 43 -52.44 -10.81 35.16
HB2 M3L R 43 -52.05 -13.23 33.40
HB3 M3L R 43 -51.49 -11.66 32.70
HG2 M3L R 43 -53.75 -10.65 33.22
HG3 M3L R 43 -54.30 -12.23 33.87
HD2 M3L R 43 -52.97 -12.34 31.16
HD3 M3L R 43 -54.56 -11.47 31.22
HE2 M3L R 43 -55.71 -13.40 32.16
HE3 M3L R 43 -54.14 -14.16 32.71
HM11 M3L R 43 -53.38 -15.86 29.60
HM12 M3L R 43 -53.03 -15.69 31.39
HM13 M3L R 43 -52.53 -14.37 30.23
HM21 M3L R 43 -55.53 -14.33 28.71
HM22 M3L R 43 -54.04 -13.29 28.97
HM23 M3L R 43 -55.65 -12.82 29.74
HM31 M3L R 43 -55.61 -16.26 30.04
HM32 M3L R 43 -56.69 -15.03 30.87
HM33 M3L R 43 -55.50 -16.02 31.85
N GLN R 44 -51.38 -13.21 36.73
CA GLN R 44 -51.63 -14.39 37.54
C GLN R 44 -51.30 -14.04 38.98
N GLN R 45 -51.04 -12.77 39.21
CA GLN R 45 -51.22 -12.14 40.50
C GLN R 45 -52.32 -11.11 40.47
N LEU R 46 -52.44 -10.38 39.35
CA LEU R 46 -53.51 -9.39 39.17
C LEU R 46 -54.80 -10.17 39.36
N PHE R 47 -54.85 -11.40 38.86
CA PHE R 47 -56.03 -12.31 39.06
C PHE R 47 -56.17 -12.68 40.53
N SER R 48 -55.07 -12.92 41.26
CA SER R 48 -55.09 -13.34 42.70
C SER R 48 -55.59 -12.19 43.59
N TYR R 49 -55.08 -10.96 43.44
CA TYR R 49 -55.49 -9.79 44.20
C TYR R 49 -56.88 -9.32 43.80
N ALA R 50 -57.29 -9.54 42.56
CA ALA R 50 -58.58 -9.03 42.11
C ALA R 50 -59.73 -9.85 42.68
N ILE R 51 -59.60 -11.17 42.67
CA ILE R 51 -60.63 -11.97 43.33
C ILE R 51 -60.58 -11.75 44.83
N LEU R 52 -59.40 -11.51 45.40
CA LEU R 52 -59.41 -11.16 46.81
C LEU R 52 -60.20 -9.88 47.04
N GLY R 53 -59.97 -8.86 46.22
CA GLY R 53 -60.69 -7.61 46.37
C GLY R 53 -62.18 -7.76 46.12
N PHE R 54 -62.54 -8.53 45.10
CA PHE R 54 -63.95 -8.79 44.85
C PHE R 54 -64.60 -9.51 46.02
N ALA R 55 -63.92 -10.50 46.57
CA ALA R 55 -64.48 -11.21 47.72
C ALA R 55 -64.70 -10.26 48.88
N LEU R 56 -63.73 -9.42 49.17
CA LEU R 56 -63.83 -8.57 50.34
C LEU R 56 -64.62 -7.30 50.09
N SER R 57 -65.06 -7.06 48.86
CA SER R 57 -66.09 -6.05 48.62
C SER R 57 -67.48 -6.69 48.64
N GLU R 58 -67.60 -7.87 48.04
CA GLU R 58 -68.87 -8.56 48.00
C GLU R 58 -69.33 -9.01 49.38
N ALA R 59 -68.42 -9.43 50.25
CA ALA R 59 -68.82 -9.86 51.58
C ALA R 59 -69.51 -8.73 52.34
N MET R 60 -68.85 -7.57 52.39
CA MET R 60 -69.39 -6.43 53.10
C MET R 60 -70.33 -5.60 52.23
N GLY R 61 -70.66 -6.10 51.04
CA GLY R 61 -71.82 -5.60 50.33
C GLY R 61 -73.03 -6.50 50.51
N LEU R 62 -72.81 -7.77 50.81
CA LEU R 62 -73.91 -8.71 50.98
C LEU R 62 -74.32 -8.88 52.43
N PHE R 63 -73.48 -8.47 53.38
CA PHE R 63 -73.94 -8.46 54.77
C PHE R 63 -75.20 -7.62 54.92
N CYS R 64 -75.28 -6.50 54.20
CA CYS R 64 -76.49 -5.70 54.30
C CYS R 64 -77.69 -6.43 53.70
N LEU R 65 -77.48 -7.20 52.63
CA LEU R 65 -78.58 -8.03 52.13
C LEU R 65 -78.99 -9.07 53.15
N MET R 66 -78.01 -9.68 53.82
CA MET R 66 -78.33 -10.63 54.87
C MET R 66 -79.19 -9.96 55.93
N VAL R 67 -78.82 -8.75 56.33
CA VAL R 67 -79.60 -8.04 57.35
C VAL R 67 -80.99 -7.72 56.83
N ALA R 68 -81.10 -7.36 55.56
CA ALA R 68 -82.43 -7.07 55.00
C ALA R 68 -83.31 -8.30 55.07
N PHE R 69 -82.78 -9.46 54.71
CA PHE R 69 -83.58 -10.68 54.76
C PHE R 69 -83.87 -11.08 56.20
N LEU R 70 -82.92 -10.85 57.11
CA LEU R 70 -83.20 -11.04 58.51
C LEU R 70 -84.43 -10.24 58.93
N ILE R 71 -84.44 -8.94 58.60
CA ILE R 71 -85.55 -8.09 58.99
C ILE R 71 -86.85 -8.61 58.36
N LEU R 72 -86.81 -8.93 57.08
CA LEU R 72 -88.02 -9.40 56.41
C LEU R 72 -88.58 -10.65 57.06
N PHE R 73 -87.79 -11.70 57.15
CA PHE R 73 -88.32 -13.00 57.58
C PHE R 73 -88.10 -13.25 59.06
N ALA R 74 -86.84 -13.29 59.49
CA ALA R 74 -86.52 -13.70 60.85
C ALA R 74 -86.63 -12.56 61.84
N MET R 75 -87.04 -11.37 61.40
CA MET R 75 -87.20 -10.26 62.29
C MET R 75 -85.86 -9.90 62.94
N MET S 1 -97.01 -12.62 41.19
CA MET S 1 -95.90 -12.33 40.23
C MET S 1 -95.82 -13.40 39.16
N PRO S 2 -96.06 -13.02 37.90
CA PRO S 2 -96.09 -14.01 36.82
C PRO S 2 -94.92 -14.98 36.90
N GLN S 3 -93.77 -14.51 37.38
CA GLN S 3 -92.61 -15.37 37.51
C GLN S 3 -92.72 -16.35 38.67
N LEU S 4 -93.76 -16.25 39.49
CA LEU S 4 -93.85 -17.04 40.71
C LEU S 4 -95.04 -17.99 40.76
N ASP S 5 -95.85 -18.07 39.69
CA ASP S 5 -96.92 -19.06 39.63
C ASP S 5 -96.28 -20.41 39.35
N THR S 6 -95.72 -21.00 40.40
CA THR S 6 -94.95 -22.23 40.24
C THR S 6 -95.72 -23.30 39.50
N SER S 7 -97.04 -23.17 39.39
CA SER S 7 -97.82 -24.16 38.66
C SER S 7 -97.23 -24.41 37.27
N THR S 8 -96.80 -23.34 36.60
CA THR S 8 -96.29 -23.46 35.24
C THR S 8 -94.87 -23.98 35.18
N TRP S 9 -94.12 -23.88 36.28
CA TRP S 9 -92.67 -24.00 36.18
C TRP S 9 -92.26 -25.25 35.41
N LEU S 10 -92.81 -26.40 35.80
CA LEU S 10 -92.43 -27.71 35.19
C LEU S 10 -92.40 -27.59 33.67
N THR S 11 -93.47 -27.10 33.04
CA THR S 11 -93.59 -27.03 31.55
C THR S 11 -92.48 -26.12 31.00
N MET S 12 -92.23 -24.99 31.67
CA MET S 12 -91.18 -24.02 31.23
C MET S 12 -89.82 -24.72 31.29
N ILE S 13 -89.55 -25.47 32.36
CA ILE S 13 -88.25 -26.18 32.56
C ILE S 13 -88.09 -27.23 31.45
N LEU S 14 -89.13 -28.01 31.18
CA LEU S 14 -89.06 -29.11 30.17
C LEU S 14 -88.82 -28.51 28.78
N SER S 15 -89.51 -27.41 28.44
CA SER S 15 -89.36 -26.75 27.12
C SER S 15 -87.95 -26.21 26.97
N MET S 16 -87.41 -25.54 27.99
CA MET S 16 -86.04 -24.95 27.94
C MET S 16 -85.02 -26.08 27.80
N PHE S 17 -85.16 -27.16 28.57
CA PHE S 17 -84.20 -28.31 28.56
C PHE S 17 -84.22 -28.97 27.19
N LEU S 18 -85.40 -29.19 26.59
CA LEU S 18 -85.50 -29.88 25.29
C LEU S 18 -84.80 -29.03 24.23
N THR S 19 -85.06 -27.71 24.21
CA THR S 19 -84.44 -26.79 23.20
C THR S 19 -82.93 -26.76 23.42
N LEU S 20 -82.46 -26.61 24.66
CA LEU S 20 -81.02 -26.47 24.96
C LEU S 20 -80.27 -27.77 24.66
N PHE S 21 -80.81 -28.94 25.01
CA PHE S 21 -80.09 -30.24 24.86
C PHE S 21 -80.53 -31.02 23.62
N ILE S 22 -81.82 -31.29 23.44
CA ILE S 22 -82.29 -32.13 22.31
C ILE S 22 -82.13 -31.38 20.98
N ILE S 23 -82.40 -30.07 20.92
CA ILE S 23 -82.46 -29.32 19.62
C ILE S 23 -81.20 -28.51 19.27
N PHE S 24 -80.63 -27.68 20.17
CA PHE S 24 -79.51 -26.76 19.83
C PHE S 24 -78.19 -27.52 19.70
N GLN S 25 -77.98 -28.57 20.48
CA GLN S 25 -76.80 -29.43 20.41
C GLN S 25 -76.65 -29.99 19.00
N LEU S 26 -77.71 -30.58 18.47
CA LEU S 26 -77.66 -31.09 17.12
C LEU S 26 -77.31 -29.98 16.15
N LYS S 27 -78.15 -28.96 16.09
CA LYS S 27 -78.03 -27.96 15.03
C LYS S 27 -76.67 -27.31 15.01
N VAL S 28 -75.97 -27.29 16.14
CA VAL S 28 -74.61 -26.77 16.13
C VAL S 28 -73.62 -27.85 15.76
N SER S 29 -73.86 -29.09 16.19
CA SER S 29 -72.95 -30.18 15.84
C SER S 29 -72.87 -30.40 14.34
N LYS S 30 -73.86 -29.92 13.58
CA LYS S 30 -73.91 -30.13 12.15
C LYS S 30 -73.23 -29.04 11.37
N HIS S 31 -72.25 -28.36 11.96
CA HIS S 31 -71.40 -27.43 11.24
C HIS S 31 -70.01 -28.04 11.07
N ASN S 32 -69.28 -27.54 10.08
CA ASN S 32 -68.14 -28.28 9.54
C ASN S 32 -66.81 -27.96 10.24
N PHE S 33 -66.36 -26.71 10.19
CA PHE S 33 -64.99 -26.35 10.57
C PHE S 33 -63.99 -27.41 10.15
N TYR S 34 -63.98 -27.74 8.87
CA TYR S 34 -63.01 -28.69 8.37
C TYR S 34 -61.61 -28.14 8.48
N HIS S 35 -60.65 -29.02 8.76
CA HIS S 35 -59.26 -28.62 8.70
C HIS S 35 -58.96 -28.00 7.34
N ASN S 36 -58.46 -26.78 7.36
CA ASN S 36 -58.07 -26.15 6.10
C ASN S 36 -57.00 -27.01 5.46
N PRO S 37 -57.10 -27.32 4.16
CA PRO S 37 -56.21 -28.33 3.59
C PRO S 37 -54.75 -27.91 3.70
N GLU S 38 -53.90 -28.92 3.90
CA GLU S 38 -52.47 -28.68 4.05
C GLU S 38 -51.86 -28.28 2.72
N LEU S 39 -50.53 -28.10 2.73
CA LEU S 39 -49.80 -27.65 1.55
C LEU S 39 -48.60 -28.53 1.22
N THR S 40 -48.04 -29.25 2.20
CA THR S 40 -46.85 -30.04 1.97
C THR S 40 -47.17 -31.30 1.16
N PRO S 41 -46.16 -31.91 0.52
CA PRO S 41 -46.39 -33.15 -0.21
C PRO S 41 -46.99 -34.24 0.66
N MET T 1 -105.35 -1.04 35.38
CA MET T 1 -103.96 -0.96 34.86
C MET T 1 -102.98 -1.59 35.85
N ASN T 2 -103.53 -2.20 36.90
CA ASN T 2 -102.69 -2.85 37.90
C ASN T 2 -101.90 -3.98 37.29
N GLU T 3 -102.55 -4.79 36.43
CA GLU T 3 -101.95 -5.99 35.88
C GLU T 3 -101.67 -5.91 34.40
N ASN T 4 -102.35 -5.03 33.66
CA ASN T 4 -102.24 -5.06 32.21
C ASN T 4 -100.83 -4.74 31.73
N LEU T 5 -99.93 -4.42 32.66
CA LEU T 5 -98.52 -4.27 32.34
C LEU T 5 -97.72 -5.56 32.52
N PHE T 6 -98.07 -6.39 33.51
CA PHE T 6 -97.42 -7.67 33.70
C PHE T 6 -97.96 -8.75 32.79
N THR T 7 -99.04 -8.50 32.07
CA THR T 7 -99.69 -9.57 31.32
C THR T 7 -98.70 -10.25 30.38
N SER T 8 -97.91 -9.47 29.65
CA SER T 8 -97.03 -10.05 28.65
C SER T 8 -95.95 -10.94 29.25
N PHE T 9 -95.91 -11.12 30.57
CA PHE T 9 -95.03 -12.10 31.19
C PHE T 9 -95.77 -13.34 31.67
N ILE T 10 -97.09 -13.36 31.57
CA ILE T 10 -97.84 -14.55 31.95
C ILE T 10 -97.57 -15.65 30.94
N THR T 11 -97.25 -16.84 31.43
CA THR T 11 -96.93 -17.94 30.54
C THR T 11 -98.08 -18.16 29.57
N PRO T 12 -97.82 -18.36 28.28
CA PRO T 12 -98.91 -18.54 27.33
C PRO T 12 -99.45 -19.95 27.38
N VAL T 13 -100.78 -20.07 27.50
CA VAL T 13 -101.45 -21.34 27.28
C VAL T 13 -102.79 -21.05 26.63
N ILE T 14 -102.92 -21.38 25.34
CA ILE T 14 -104.16 -21.05 24.63
C ILE T 14 -105.33 -21.82 25.22
N LEU T 15 -105.14 -23.10 25.48
CA LEU T 15 -106.07 -23.91 26.26
C LEU T 15 -105.24 -24.62 27.31
N GLY T 16 -105.79 -25.61 28.00
CA GLY T 16 -105.03 -26.26 29.03
C GLY T 16 -103.87 -27.06 28.45
N LEU T 17 -103.01 -26.38 27.71
CA LEU T 17 -101.89 -27.01 27.02
C LEU T 17 -100.67 -26.11 27.15
N PRO T 18 -99.47 -26.67 27.06
CA PRO T 18 -98.25 -25.86 27.08
C PRO T 18 -97.90 -25.31 25.70
N LEU T 19 -98.60 -24.26 25.30
CA LEU T 19 -98.22 -23.56 24.08
C LEU T 19 -96.78 -23.08 24.17
N VAL T 20 -96.35 -22.65 25.35
CA VAL T 20 -95.05 -22.03 25.50
C VAL T 20 -93.97 -22.82 24.79
N THR T 21 -94.10 -24.14 24.74
CA THR T 21 -93.03 -24.95 24.19
C THR T 21 -92.71 -24.51 22.77
N LEU T 22 -93.72 -24.34 21.93
CA LEU T 22 -93.46 -23.88 20.58
C LEU T 22 -92.60 -22.63 20.60
N ILE T 23 -92.99 -21.65 21.40
CA ILE T 23 -92.20 -20.43 21.49
C ILE T 23 -90.77 -20.77 21.87
N VAL T 24 -90.61 -21.56 22.94
CA VAL T 24 -89.30 -21.86 23.44
C VAL T 24 -88.46 -22.55 22.39
N LEU T 25 -89.09 -23.16 21.40
CA LEU T 25 -88.38 -23.84 20.33
C LEU T 25 -88.23 -22.98 19.09
N PHE T 26 -89.14 -22.05 18.86
CA PHE T 26 -89.12 -21.32 17.60
C PHE T 26 -87.77 -20.72 17.29
N PRO T 27 -87.03 -20.14 18.23
CA PRO T 27 -85.68 -19.67 17.88
C PRO T 27 -84.87 -20.72 17.16
N SER T 28 -85.06 -22.00 17.51
CA SER T 28 -84.29 -23.04 16.87
C SER T 28 -84.26 -22.87 15.36
N LEU T 29 -85.42 -22.88 14.72
CA LEU T 29 -85.44 -22.94 13.28
C LEU T 29 -85.04 -21.64 12.63
N LEU T 30 -84.45 -20.72 13.39
CA LEU T 30 -83.77 -19.58 12.79
C LEU T 30 -82.32 -19.88 12.46
N PHE T 31 -81.85 -21.10 12.69
CA PHE T 31 -80.46 -21.48 12.45
C PHE T 31 -80.41 -22.69 11.55
N PRO T 32 -80.76 -22.54 10.29
CA PRO T 32 -80.74 -23.68 9.39
C PRO T 32 -79.34 -24.27 9.30
N THR T 33 -79.20 -25.39 8.60
CA THR T 33 -77.92 -26.06 8.48
C THR T 33 -77.87 -26.75 7.12
N SER T 34 -76.65 -27.04 6.67
CA SER T 34 -76.46 -27.62 5.35
C SER T 34 -75.13 -28.35 5.31
N ASN T 35 -74.80 -28.87 4.14
CA ASN T 35 -73.55 -29.59 3.92
C ASN T 35 -72.73 -29.02 2.78
N ARG T 36 -73.28 -28.09 2.01
CA ARG T 36 -72.56 -27.53 0.88
C ARG T 36 -71.32 -26.81 1.38
N LEU T 37 -70.19 -27.08 0.72
CA LEU T 37 -68.99 -26.29 1.00
C LEU T 37 -69.22 -24.82 0.68
N VAL T 38 -70.19 -24.52 -0.16
CA VAL T 38 -70.60 -23.15 -0.42
C VAL T 38 -72.09 -23.09 -0.08
N SER T 39 -72.39 -22.73 1.16
CA SER T 39 -73.75 -22.83 1.68
C SER T 39 -74.51 -21.54 1.43
N ASN T 40 -75.74 -21.50 1.92
CA ASN T 40 -76.53 -20.28 1.88
C ASN T 40 -75.79 -19.16 2.59
N ARG T 41 -76.23 -17.93 2.34
CA ARG T 41 -75.68 -16.80 3.09
C ARG T 41 -75.86 -17.00 4.59
N PHE T 42 -77.05 -17.40 5.02
CA PHE T 42 -77.30 -17.56 6.44
C PHE T 42 -76.33 -18.54 7.07
N VAL T 43 -76.20 -19.72 6.47
CA VAL T 43 -75.32 -20.71 7.06
C VAL T 43 -73.89 -20.22 7.05
N THR T 44 -73.49 -19.49 6.00
CA THR T 44 -72.12 -18.98 5.96
C THR T 44 -71.88 -18.00 7.10
N LEU T 45 -72.80 -17.05 7.29
CA LEU T 45 -72.62 -16.07 8.34
C LEU T 45 -72.60 -16.73 9.70
N GLN T 46 -73.46 -17.73 9.91
CA GLN T 46 -73.46 -18.38 11.20
C GLN T 46 -72.22 -19.24 11.38
N GLN T 47 -71.66 -19.78 10.30
CA GLN T 47 -70.35 -20.39 10.39
C GLN T 47 -69.33 -19.40 10.89
N TRP T 48 -69.33 -18.21 10.30
CA TRP T 48 -68.35 -17.21 10.70
C TRP T 48 -68.53 -16.82 12.16
N MET T 49 -69.78 -16.61 12.58
CA MET T 49 -70.04 -16.24 13.97
C MET T 49 -69.60 -17.35 14.91
N LEU T 50 -69.90 -18.60 14.58
CA LEU T 50 -69.47 -19.70 15.43
C LEU T 50 -67.96 -19.74 15.54
N GLN T 51 -67.26 -19.64 14.42
CA GLN T 51 -65.80 -19.61 14.50
C GLN T 51 -65.36 -18.50 15.43
N LEU T 52 -65.84 -17.28 15.18
CA LEU T 52 -65.36 -16.12 15.91
C LEU T 52 -65.57 -16.31 17.40
N VAL T 53 -66.81 -16.62 17.80
CA VAL T 53 -67.12 -16.68 19.22
C VAL T 53 -66.44 -17.88 19.87
N SER T 54 -66.49 -19.05 19.24
CA SER T 54 -65.86 -20.23 19.82
C SER T 54 -64.38 -19.96 20.07
N LYS T 55 -63.66 -19.50 19.05
CA LYS T 55 -62.27 -19.13 19.25
C LYS T 55 -62.14 -18.18 20.43
N GLN T 56 -62.76 -17.00 20.30
CA GLN T 56 -62.58 -15.93 21.28
C GLN T 56 -62.77 -16.45 22.70
N MET T 57 -63.92 -17.07 22.97
CA MET T 57 -64.21 -17.50 24.32
C MET T 57 -63.34 -18.69 24.72
N MET T 58 -63.50 -19.81 24.03
CA MET T 58 -62.94 -21.04 24.54
C MET T 58 -61.42 -21.06 24.51
N SER T 59 -60.77 -20.09 23.85
CA SER T 59 -59.32 -20.08 23.77
C SER T 59 -58.67 -20.39 25.12
N ILE T 60 -59.16 -19.76 26.19
CA ILE T 60 -58.48 -19.84 27.47
C ILE T 60 -58.45 -21.29 27.97
N HIS T 61 -59.55 -22.01 27.80
CA HIS T 61 -59.69 -23.31 28.44
C HIS T 61 -58.73 -24.33 27.83
N ASN T 62 -58.33 -25.28 28.66
CA ASN T 62 -57.57 -26.43 28.19
C ASN T 62 -58.52 -27.47 27.61
N SER T 63 -57.96 -28.62 27.23
CA SER T 63 -58.75 -29.64 26.56
C SER T 63 -60.00 -29.98 27.34
N LYS T 64 -59.85 -30.29 28.62
CA LYS T 64 -61.00 -30.69 29.42
C LYS T 64 -62.06 -29.60 29.38
N GLY T 65 -61.66 -28.35 29.59
CA GLY T 65 -62.61 -27.27 29.47
C GLY T 65 -63.18 -27.15 28.07
N GLN T 66 -62.35 -27.37 27.05
CA GLN T 66 -62.84 -27.26 25.68
C GLN T 66 -63.84 -28.35 25.35
N THR T 67 -63.95 -29.39 26.18
CA THR T 67 -64.98 -30.38 25.94
C THR T 67 -66.38 -29.80 26.06
N TRP T 68 -66.51 -28.61 26.63
CA TRP T 68 -67.80 -27.94 26.81
C TRP T 68 -68.08 -26.90 25.75
N THR T 69 -67.31 -26.90 24.66
CA THR T 69 -67.51 -25.90 23.62
C THR T 69 -68.92 -25.98 23.06
N LEU T 70 -69.40 -27.19 22.83
CA LEU T 70 -70.75 -27.35 22.29
C LEU T 70 -71.77 -26.73 23.22
N MET T 71 -71.73 -27.10 24.50
CA MET T 71 -72.61 -26.46 25.46
C MET T 71 -72.56 -24.96 25.29
N LEU T 72 -71.39 -24.37 25.50
CA LEU T 72 -71.33 -22.91 25.59
C LEU T 72 -71.82 -22.25 24.31
N MET T 73 -71.44 -22.77 23.14
CA MET T 73 -71.93 -22.17 21.91
C MET T 73 -73.44 -22.27 21.80
N SER T 74 -73.99 -23.46 22.08
CA SER T 74 -75.42 -23.61 22.02
C SER T 74 -76.10 -22.68 23.00
N LEU T 75 -75.52 -22.52 24.18
CA LEU T 75 -76.12 -21.69 25.21
C LEU T 75 -76.17 -20.24 24.76
N ILE T 76 -75.06 -19.74 24.24
CA ILE T 76 -75.04 -18.34 23.83
C ILE T 76 -76.00 -18.12 22.67
N LEU T 77 -75.99 -19.01 21.67
CA LEU T 77 -76.93 -18.85 20.58
C LEU T 77 -78.36 -18.85 21.09
N PHE T 78 -78.68 -19.79 21.99
CA PHE T 78 -80.04 -19.90 22.47
C PHE T 78 -80.47 -18.62 23.17
N ILE T 79 -79.66 -18.14 24.11
CA ILE T 79 -80.07 -16.98 24.89
C ILE T 79 -80.15 -15.75 24.00
N GLY T 80 -79.12 -15.51 23.18
CA GLY T 80 -79.14 -14.35 22.31
C GLY T 80 -80.35 -14.35 21.41
N SER T 81 -80.65 -15.50 20.80
CA SER T 81 -81.79 -15.58 19.89
C SER T 81 -83.10 -15.37 20.63
N THR T 82 -83.27 -16.01 21.79
CA THR T 82 -84.52 -15.82 22.51
C THR T 82 -84.73 -14.36 22.84
N ASN T 83 -83.68 -13.68 23.32
CA ASN T 83 -83.83 -12.27 23.64
C ASN T 83 -84.21 -11.47 22.40
N LEU T 84 -83.44 -11.63 21.32
CA LEU T 84 -83.70 -10.84 20.13
C LEU T 84 -85.14 -11.03 19.66
N LEU T 85 -85.60 -12.28 19.57
CA LEU T 85 -86.99 -12.48 19.18
C LEU T 85 -87.93 -11.86 20.19
N GLY T 86 -87.63 -12.00 21.48
CA GLY T 86 -88.49 -11.43 22.47
C GLY T 86 -88.70 -9.95 22.27
N LEU T 87 -87.71 -9.27 21.69
CA LEU T 87 -87.89 -7.84 21.47
C LEU T 87 -89.00 -7.51 20.48
N LEU T 88 -89.50 -8.49 19.72
CA LEU T 88 -90.52 -8.21 18.73
C LEU T 88 -91.80 -7.75 19.42
N PRO T 89 -92.67 -7.07 18.67
CA PRO T 89 -93.76 -6.31 19.30
C PRO T 89 -94.50 -6.98 20.44
N HIS T 90 -95.16 -8.10 20.21
CA HIS T 90 -95.92 -8.76 21.27
C HIS T 90 -95.26 -10.04 21.74
N SER T 91 -94.07 -10.34 21.22
CA SER T 91 -93.43 -11.61 21.54
C SER T 91 -93.35 -11.81 23.04
N PHE T 92 -93.48 -13.06 23.44
CA PHE T 92 -93.31 -13.46 24.82
C PHE T 92 -91.87 -13.94 25.00
N THR T 93 -91.05 -13.15 25.68
CA THR T 93 -89.63 -13.46 25.79
C THR T 93 -89.45 -14.45 26.91
N PRO T 94 -89.25 -15.73 26.62
CA PRO T 94 -89.34 -16.74 27.69
C PRO T 94 -88.29 -16.59 28.75
N THR T 95 -87.16 -15.93 28.47
CA THR T 95 -86.10 -15.80 29.46
C THR T 95 -86.52 -14.97 30.66
N THR T 96 -87.64 -14.26 30.59
CA THR T 96 -88.13 -13.46 31.69
C THR T 96 -88.79 -14.28 32.79
N GLN T 97 -88.68 -15.61 32.77
CA GLN T 97 -89.20 -16.44 33.84
C GLN T 97 -88.05 -17.08 34.60
N LEU T 98 -87.99 -16.82 35.90
CA LEU T 98 -86.89 -17.30 36.71
C LEU T 98 -86.81 -18.81 36.70
N SER T 99 -87.93 -19.50 36.49
CA SER T 99 -87.85 -20.94 36.30
C SER T 99 -86.93 -21.24 35.13
N MET T 100 -87.10 -20.49 34.06
CA MET T 100 -86.33 -20.71 32.85
C MET T 100 -84.84 -20.46 33.07
N ASN T 101 -84.49 -19.30 33.62
CA ASN T 101 -83.08 -19.00 33.85
C ASN T 101 -82.48 -19.97 34.85
N LEU T 102 -83.25 -20.35 35.87
CA LEU T 102 -82.76 -21.35 36.80
C LEU T 102 -82.48 -22.66 36.08
N GLY T 103 -83.37 -23.04 35.17
CA GLY T 103 -83.14 -24.23 34.37
C GLY T 103 -81.81 -24.18 33.65
N MET T 104 -81.52 -23.05 33.02
CA MET T 104 -80.21 -22.91 32.39
C MET T 104 -79.10 -22.98 33.43
N ALA T 105 -79.28 -22.30 34.56
CA ALA T 105 -78.15 -21.91 35.40
C ALA T 105 -77.71 -23.05 36.31
N ILE T 106 -78.58 -23.49 37.20
CA ILE T 106 -78.08 -24.30 38.30
C ILE T 106 -77.51 -25.62 37.77
N PRO T 107 -78.01 -26.19 36.67
CA PRO T 107 -77.36 -27.40 36.16
C PRO T 107 -75.97 -27.12 35.63
N LEU T 108 -75.78 -26.03 34.89
CA LEU T 108 -74.47 -25.77 34.31
C LEU T 108 -73.44 -25.48 35.40
N TRP T 109 -73.76 -24.56 36.31
CA TRP T 109 -72.82 -24.25 37.38
C TRP T 109 -72.61 -25.47 38.27
N ALA T 110 -73.67 -26.21 38.54
CA ALA T 110 -73.51 -27.44 39.32
C ALA T 110 -72.58 -28.40 38.61
N GLY T 111 -72.71 -28.53 37.31
CA GLY T 111 -71.81 -29.40 36.56
C GLY T 111 -70.38 -28.92 36.66
N ALA T 112 -70.16 -27.62 36.57
CA ALA T 112 -68.81 -27.09 36.68
C ALA T 112 -68.21 -27.43 38.05
N VAL T 113 -68.98 -27.20 39.11
CA VAL T 113 -68.44 -27.42 40.45
C VAL T 113 -68.22 -28.91 40.70
N ILE T 114 -69.21 -29.74 40.38
CA ILE T 114 -69.06 -31.16 40.60
C ILE T 114 -67.95 -31.72 39.72
N THR T 115 -67.68 -31.09 38.58
CA THR T 115 -66.53 -31.48 37.78
C THR T 115 -65.25 -31.15 38.50
N GLY T 116 -65.11 -29.91 38.96
CA GLY T 116 -63.94 -29.50 39.69
C GLY T 116 -63.72 -30.29 40.95
N PHE T 117 -64.75 -30.98 41.43
CA PHE T 117 -64.60 -31.89 42.57
C PHE T 117 -64.24 -33.29 42.12
N ARG T 118 -64.99 -33.85 41.16
CA ARG T 118 -64.73 -35.20 40.68
C ARG T 118 -63.31 -35.32 40.15
N ASN T 119 -63.00 -34.60 39.08
CA ASN T 119 -61.71 -34.78 38.43
C ASN T 119 -60.58 -34.40 39.38
N LYS T 120 -60.74 -33.29 40.09
CA LYS T 120 -59.72 -32.76 40.98
C LYS T 120 -60.37 -32.43 42.31
N THR T 121 -59.60 -32.48 43.39
CA THR T 121 -60.18 -32.33 44.71
C THR T 121 -59.40 -31.33 45.57
N LYS T 122 -58.14 -31.07 45.22
CA LYS T 122 -57.30 -30.27 46.10
C LYS T 122 -57.54 -28.78 45.89
N ALA T 123 -57.21 -28.26 44.70
CA ALA T 123 -57.33 -26.84 44.47
C ALA T 123 -58.77 -26.37 44.62
N SER T 124 -59.72 -27.24 44.29
CA SER T 124 -61.13 -26.87 44.44
C SER T 124 -61.43 -26.52 45.88
N LEU T 125 -60.89 -27.29 46.82
CA LEU T 125 -61.07 -26.95 48.23
C LEU T 125 -60.22 -25.77 48.63
N ALA T 126 -58.99 -25.70 48.13
CA ALA T 126 -58.08 -24.66 48.58
C ALA T 126 -58.53 -23.27 48.15
N HIS T 127 -59.30 -23.17 47.07
CA HIS T 127 -59.68 -21.85 46.57
C HIS T 127 -60.49 -21.06 47.57
N PHE T 128 -61.08 -21.71 48.55
CA PHE T 128 -61.81 -20.96 49.57
C PHE T 128 -60.90 -20.27 50.55
N LEU T 129 -59.60 -20.26 50.28
CA LEU T 129 -58.64 -19.50 51.06
C LEU T 129 -57.71 -18.77 50.11
N PRO T 130 -57.90 -17.46 49.90
CA PRO T 130 -57.05 -16.75 48.94
C PRO T 130 -55.60 -16.81 49.37
N GLN T 131 -54.72 -16.83 48.38
CA GLN T 131 -53.31 -17.11 48.61
C GLN T 131 -52.67 -16.08 49.55
N GLY T 132 -51.78 -16.57 50.40
CA GLY T 132 -50.96 -15.68 51.20
C GLY T 132 -51.76 -14.74 52.08
N THR T 133 -52.73 -15.25 52.78
CA THR T 133 -53.55 -14.39 53.62
C THR T 133 -53.04 -14.39 55.06
N PRO T 134 -53.15 -13.25 55.77
CA PRO T 134 -52.70 -13.23 57.16
C PRO T 134 -53.55 -14.12 58.07
N THR T 135 -52.88 -14.67 59.08
CA THR T 135 -53.56 -15.62 59.96
C THR T 135 -54.73 -15.01 60.72
N PRO T 136 -54.61 -13.82 61.35
CA PRO T 136 -55.58 -13.45 62.39
C PRO T 136 -57.00 -13.27 61.89
N LEU T 137 -57.26 -13.51 60.61
CA LEU T 137 -58.60 -13.41 60.08
C LEU T 137 -59.00 -14.56 59.17
N ILE T 138 -58.12 -15.53 58.94
CA ILE T 138 -58.36 -16.61 57.97
C ILE T 138 -59.78 -17.14 58.10
N PRO T 139 -60.22 -17.60 59.27
CA PRO T 139 -61.59 -18.13 59.36
C PRO T 139 -62.64 -17.11 58.91
N MET T 140 -62.58 -15.90 59.46
CA MET T 140 -63.57 -14.89 59.11
C MET T 140 -63.61 -14.65 57.61
N LEU T 141 -62.48 -14.86 56.92
CA LEU T 141 -62.45 -14.67 55.48
C LEU T 141 -62.96 -15.90 54.74
N VAL T 142 -62.67 -17.10 55.25
CA VAL T 142 -63.04 -18.30 54.51
C VAL T 142 -64.54 -18.37 54.31
N ILE T 143 -65.30 -18.07 55.36
CA ILE T 143 -66.76 -18.10 55.25
C ILE T 143 -67.24 -17.26 54.08
N ILE T 144 -66.49 -16.22 53.72
CA ILE T 144 -66.89 -15.39 52.59
C ILE T 144 -66.81 -16.19 51.30
N GLU T 145 -65.68 -16.85 51.07
CA GLU T 145 -65.49 -17.53 49.81
C GLU T 145 -66.63 -18.49 49.53
N THR T 146 -66.93 -19.37 50.48
CA THR T 146 -68.03 -20.30 50.29
C THR T 146 -69.30 -19.56 49.94
N ILE T 147 -69.60 -18.48 50.66
CA ILE T 147 -70.78 -17.69 50.31
C ILE T 147 -70.66 -17.22 48.87
N SER T 148 -69.52 -16.60 48.54
CA SER T 148 -69.32 -16.11 47.19
C SER T 148 -69.41 -17.22 46.17
N LEU T 149 -69.24 -18.47 46.59
CA LEU T 149 -69.51 -19.57 45.67
C LEU T 149 -71.00 -19.70 45.41
N PHE T 150 -71.78 -19.94 46.46
CA PHE T 150 -73.18 -20.30 46.27
C PHE T 150 -73.97 -19.16 45.68
N ILE T 151 -73.55 -17.92 45.91
CA ILE T 151 -74.28 -16.80 45.31
C ILE T 151 -74.19 -16.81 43.80
N GLN T 152 -73.14 -17.41 43.25
CA GLN T 152 -72.93 -17.34 41.80
C GLN T 152 -74.09 -17.92 41.02
N PRO T 153 -74.48 -19.17 41.22
CA PRO T 153 -75.54 -19.74 40.38
C PRO T 153 -76.80 -18.90 40.40
N MET T 154 -77.38 -18.69 41.59
CA MET T 154 -78.58 -17.87 41.68
C MET T 154 -78.36 -16.54 40.97
N ALA T 155 -77.25 -15.87 41.28
CA ALA T 155 -76.92 -14.63 40.59
C ALA T 155 -77.13 -14.77 39.10
N LEU T 156 -76.42 -15.71 38.48
CA LEU T 156 -76.56 -15.93 37.05
C LEU T 156 -78.01 -15.86 36.65
N ALA T 157 -78.83 -16.71 37.24
CA ALA T 157 -80.24 -16.74 36.87
C ALA T 157 -80.78 -15.33 36.89
N VAL T 158 -80.82 -14.72 38.08
CA VAL T 158 -81.49 -13.43 38.19
C VAL T 158 -80.93 -12.48 37.16
N ARG T 159 -79.63 -12.57 36.90
CA ARG T 159 -79.00 -11.67 35.95
C ARG T 159 -79.90 -11.49 34.74
N LEU T 160 -80.08 -12.56 33.99
CA LEU T 160 -80.89 -12.47 32.78
C LEU T 160 -82.22 -11.86 33.13
N THR T 161 -82.97 -12.55 33.99
CA THR T 161 -84.30 -12.09 34.36
C THR T 161 -84.25 -10.60 34.58
N ALA T 162 -83.42 -10.19 35.53
CA ALA T 162 -83.51 -8.82 36.03
C ALA T 162 -83.40 -7.84 34.88
N ASN T 163 -82.48 -8.09 33.96
CA ASN T 163 -82.39 -7.20 32.81
C ASN T 163 -83.61 -7.39 31.94
N ILE T 164 -83.75 -8.58 31.38
CA ILE T 164 -84.66 -8.76 30.26
C ILE T 164 -86.04 -8.25 30.63
N THR T 165 -86.65 -8.86 31.65
CA THR T 165 -88.01 -8.48 32.00
C THR T 165 -88.09 -6.97 32.13
N ALA T 166 -87.18 -6.41 32.92
CA ALA T 166 -87.18 -4.97 33.11
C ALA T 166 -87.23 -4.27 31.76
N GLY T 167 -86.23 -4.50 30.93
CA GLY T 167 -86.20 -3.89 29.63
C GLY T 167 -87.56 -3.90 29.00
N HIS T 168 -88.16 -5.08 28.84
CA HIS T 168 -89.43 -5.15 28.15
C HIS T 168 -90.44 -4.27 28.87
N LEU T 169 -90.67 -4.53 30.16
CA LEU T 169 -91.63 -3.75 30.99
C LEU T 169 -91.35 -2.25 30.83
N LEU T 170 -90.09 -1.81 30.86
CA LEU T 170 -89.70 -0.38 30.74
C LEU T 170 -90.14 0.14 29.36
N ILE T 171 -89.93 -0.64 28.31
CA ILE T 171 -90.33 -0.26 26.91
C ILE T 171 -91.85 -0.09 26.89
N HIS T 172 -92.60 -1.00 27.52
CA HIS T 172 -94.08 -0.95 27.58
C HIS T 172 -94.52 0.28 28.37
N LEU T 173 -93.82 0.61 29.46
CA LEU T 173 -94.19 1.75 30.34
C LEU T 173 -94.14 3.05 29.54
N ILE T 174 -93.09 3.30 28.75
CA ILE T 174 -93.00 4.54 27.98
C ILE T 174 -94.09 4.58 26.93
N GLY T 175 -94.38 3.43 26.32
CA GLY T 175 -95.48 3.37 25.38
C GLY T 175 -96.66 4.11 25.95
N GLY T 176 -97.18 3.62 27.08
CA GLY T 176 -98.32 4.25 27.69
C GLY T 176 -98.18 5.75 27.66
N ALA T 177 -97.06 6.24 28.20
CA ALA T 177 -96.85 7.68 28.27
C ALA T 177 -97.15 8.34 26.93
N THR T 178 -96.39 7.97 25.89
CA THR T 178 -96.58 8.66 24.63
C THR T 178 -98.02 8.53 24.16
N LEU T 179 -98.61 7.34 24.32
CA LEU T 179 -100.00 7.17 23.93
C LEU T 179 -100.88 8.20 24.62
N ALA T 180 -100.78 8.27 25.95
CA ALA T 180 -101.56 9.27 26.68
C ALA T 180 -101.25 10.66 26.17
N LEU T 181 -99.98 10.95 25.90
CA LEU T 181 -99.61 12.29 25.49
C LEU T 181 -100.12 12.65 24.13
N MET T 182 -100.69 11.70 23.39
CA MET T 182 -101.36 12.08 22.15
C MET T 182 -102.58 12.95 22.40
N SER T 183 -103.05 13.02 23.64
CA SER T 183 -104.12 13.92 24.03
C SER T 183 -103.60 15.27 24.52
N ILE T 184 -102.28 15.49 24.49
CA ILE T 184 -101.66 16.70 24.99
C ILE T 184 -100.69 17.19 23.91
N SER T 185 -99.97 18.28 24.21
CA SER T 185 -99.03 18.87 23.26
C SER T 185 -98.19 17.80 22.59
N THR T 186 -98.31 17.72 21.26
CA THR T 186 -97.68 16.62 20.53
C THR T 186 -96.17 16.68 20.61
N THR T 187 -95.59 17.83 20.95
CA THR T 187 -94.14 17.91 21.05
C THR T 187 -93.62 16.98 22.14
N THR T 188 -94.31 16.95 23.29
CA THR T 188 -93.91 16.03 24.35
C THR T 188 -94.03 14.59 23.89
N ALA T 189 -95.11 14.28 23.17
CA ALA T 189 -95.29 12.92 22.67
C ALA T 189 -94.15 12.53 21.74
N LEU T 190 -93.78 13.43 20.83
CA LEU T 190 -92.69 13.13 19.91
C LEU T 190 -91.38 12.96 20.65
N ILE T 191 -91.13 13.81 21.65
CA ILE T 191 -89.94 13.63 22.48
C ILE T 191 -89.92 12.23 23.06
N THR T 192 -90.96 11.88 23.82
CA THR T 192 -91.02 10.56 24.44
C THR T 192 -90.86 9.46 23.41
N PHE T 193 -91.38 9.67 22.20
CA PHE T 193 -91.19 8.69 21.15
C PHE T 193 -89.71 8.53 20.82
N THR T 194 -88.98 9.64 20.74
CA THR T 194 -87.54 9.56 20.46
C THR T 194 -86.82 8.82 21.58
N ILE T 195 -87.14 9.14 22.83
CA ILE T 195 -86.54 8.40 23.93
C ILE T 195 -86.87 6.92 23.81
N LEU T 196 -88.09 6.60 23.38
CA LEU T 196 -88.44 5.20 23.19
C LEU T 196 -87.58 4.55 22.12
N ILE T 197 -87.31 5.27 21.04
CA ILE T 197 -86.40 4.75 20.02
C ILE T 197 -85.05 4.41 20.64
N LEU T 198 -84.52 5.35 21.43
CA LEU T 198 -83.23 5.10 22.08
C LEU T 198 -83.32 3.90 23.00
N LEU T 199 -84.42 3.75 23.72
CA LEU T 199 -84.59 2.59 24.58
C LEU T 199 -84.55 1.30 23.76
N THR T 200 -85.19 1.28 22.60
CA THR T 200 -85.14 0.09 21.78
C THR T 200 -83.72 -0.22 21.35
N ILE T 201 -82.96 0.81 20.99
CA ILE T 201 -81.55 0.60 20.66
C ILE T 201 -80.86 -0.08 21.82
N LEU T 202 -81.05 0.47 23.02
CA LEU T 202 -80.36 -0.06 24.19
C LEU T 202 -80.83 -1.46 24.52
N GLU T 203 -82.09 -1.79 24.26
CA GLU T 203 -82.60 -3.12 24.54
C GLU T 203 -81.97 -4.15 23.61
N PHE T 204 -81.91 -3.84 22.33
CA PHE T 204 -81.17 -4.73 21.43
C PHE T 204 -79.73 -4.89 21.89
N ALA T 205 -79.13 -3.81 22.40
CA ALA T 205 -77.75 -3.95 22.89
C ALA T 205 -77.68 -4.92 24.05
N VAL T 206 -78.51 -4.69 25.08
CA VAL T 206 -78.40 -5.48 26.30
C VAL T 206 -78.78 -6.93 26.05
N ALA T 207 -79.63 -7.20 25.06
CA ALA T 207 -79.94 -8.58 24.75
C ALA T 207 -78.68 -9.37 24.43
N MET T 208 -77.94 -8.93 23.41
CA MET T 208 -76.73 -9.64 23.03
C MET T 208 -75.70 -9.58 24.15
N ILE T 209 -75.55 -8.42 24.81
CA ILE T 209 -74.55 -8.34 25.86
C ILE T 209 -74.86 -9.34 26.95
N GLN T 210 -76.14 -9.51 27.28
CA GLN T 210 -76.52 -10.43 28.36
C GLN T 210 -76.28 -11.87 27.96
N ALA T 211 -76.64 -12.24 26.74
CA ALA T 211 -76.30 -13.58 26.29
C ALA T 211 -74.81 -13.82 26.47
N TYR T 212 -74.00 -12.88 25.96
CA TYR T 212 -72.56 -13.04 25.96
C TYR T 212 -72.04 -13.15 27.39
N VAL T 213 -72.51 -12.29 28.27
CA VAL T 213 -71.96 -12.24 29.61
C VAL T 213 -72.36 -13.47 30.40
N PHE T 214 -73.61 -13.93 30.24
CA PHE T 214 -74.02 -15.17 30.88
C PHE T 214 -73.10 -16.30 30.48
N THR T 215 -72.93 -16.50 29.18
CA THR T 215 -72.08 -17.62 28.75
C THR T 215 -70.65 -17.41 29.20
N LEU T 216 -70.17 -16.17 29.22
CA LEU T 216 -68.80 -15.91 29.63
C LEU T 216 -68.59 -16.26 31.10
N LEU T 217 -69.53 -15.90 31.96
CA LEU T 217 -69.41 -16.26 33.35
C LEU T 217 -69.39 -17.76 33.51
N VAL T 218 -70.29 -18.47 32.83
CA VAL T 218 -70.26 -19.92 32.97
C VAL T 218 -68.91 -20.45 32.48
N SER T 219 -68.41 -19.90 31.38
CA SER T 219 -67.15 -20.39 30.82
C SER T 219 -66.02 -20.21 31.81
N LEU T 220 -65.92 -19.05 32.44
CA LEU T 220 -64.79 -18.82 33.33
C LEU T 220 -64.96 -19.52 34.66
N TYR T 221 -66.20 -19.79 35.10
CA TYR T 221 -66.38 -20.73 36.20
C TYR T 221 -65.78 -22.07 35.83
N LEU T 222 -66.10 -22.56 34.64
CA LEU T 222 -65.55 -23.83 34.21
C LEU T 222 -64.02 -23.78 34.19
N HIS T 223 -63.47 -22.67 33.69
CA HIS T 223 -62.02 -22.53 33.67
C HIS T 223 -61.45 -22.58 35.07
N ASP T 224 -62.11 -21.94 36.03
CA ASP T 224 -61.66 -22.01 37.41
C ASP T 224 -61.67 -23.46 37.90
N ASN T 225 -62.70 -24.21 37.54
CA ASN T 225 -62.84 -25.60 37.97
C ASN T 225 -62.42 -26.59 36.91
N THR T 226 -61.75 -26.14 35.86
CA THR T 226 -61.32 -27.03 34.79
C THR T 226 -60.61 -28.25 35.35
N LEU U 5 -9.51 -52.13 -31.72
CA LEU U 5 -9.18 -50.72 -31.88
C LEU U 5 -10.42 -49.89 -32.18
N ALA U 6 -11.59 -50.43 -31.84
CA ALA U 6 -12.86 -49.76 -32.09
C ALA U 6 -13.16 -48.86 -30.90
N LEU U 7 -13.03 -47.56 -31.11
CA LEU U 7 -13.30 -46.56 -30.07
C LEU U 7 -14.55 -45.78 -30.46
N LYS U 8 -15.48 -45.66 -29.51
CA LYS U 8 -16.83 -45.19 -29.79
C LYS U 8 -17.07 -43.82 -29.17
N THR U 9 -18.11 -43.16 -29.66
CA THR U 9 -18.44 -41.80 -29.27
C THR U 9 -19.03 -41.76 -27.87
N ILE U 10 -18.87 -40.61 -27.22
CA ILE U 10 -19.31 -40.43 -25.84
C ILE U 10 -19.77 -38.98 -25.67
N ASP U 11 -20.85 -38.81 -24.90
CA ASP U 11 -21.28 -37.49 -24.42
C ASP U 11 -20.98 -37.47 -22.92
N TRP U 12 -19.75 -37.05 -22.59
CA TRP U 12 -19.26 -37.22 -21.24
C TRP U 12 -20.13 -36.53 -20.19
N VAL U 13 -20.87 -35.49 -20.58
CA VAL U 13 -21.72 -34.81 -19.61
C VAL U 13 -22.80 -35.77 -19.09
N ALA U 14 -23.45 -36.49 -20.01
CA ALA U 14 -24.42 -37.49 -19.58
C ALA U 14 -23.74 -38.59 -18.77
N PHE U 15 -22.57 -39.03 -19.23
CA PHE U 15 -21.82 -40.05 -18.51
C PHE U 15 -21.64 -39.65 -17.05
N GLY U 16 -21.28 -38.39 -16.81
CA GLY U 16 -21.05 -37.94 -15.45
C GLY U 16 -22.23 -38.15 -14.54
N GLU U 17 -23.43 -38.21 -15.10
CA GLU U 17 -24.64 -38.44 -14.32
C GLU U 17 -24.81 -39.89 -13.91
N ILE U 18 -23.85 -40.75 -14.27
CA ILE U 18 -24.05 -42.19 -14.20
C ILE U 18 -23.84 -42.70 -12.78
N ILE U 19 -22.65 -42.49 -12.23
CA ILE U 19 -22.19 -43.24 -11.07
C ILE U 19 -22.81 -42.67 -9.81
N PRO U 20 -23.09 -43.48 -8.78
CA PRO U 20 -23.40 -42.91 -7.48
C PRO U 20 -22.22 -42.09 -6.97
N ARG U 21 -22.49 -41.27 -5.96
CA ARG U 21 -21.43 -40.41 -5.43
C ARG U 21 -20.27 -41.22 -4.88
N ASN U 22 -20.50 -42.48 -4.52
CA ASN U 22 -19.45 -43.26 -3.86
C ASN U 22 -18.29 -43.54 -4.81
N GLN U 23 -18.58 -44.05 -6.00
CA GLN U 23 -17.53 -44.46 -6.92
C GLN U 23 -17.16 -43.38 -7.91
N LYS U 24 -17.73 -42.17 -7.76
CA LYS U 24 -17.40 -41.09 -8.69
C LYS U 24 -15.91 -40.84 -8.74
N ALA U 25 -15.21 -40.99 -7.60
CA ALA U 25 -13.77 -40.74 -7.59
C ALA U 25 -13.05 -41.69 -8.53
N VAL U 26 -13.28 -42.99 -8.39
CA VAL U 26 -12.64 -43.94 -9.29
C VAL U 26 -13.14 -43.74 -10.72
N ALA U 27 -14.39 -43.31 -10.88
CA ALA U 27 -14.90 -43.04 -12.21
C ALA U 27 -14.06 -41.98 -12.91
N ASN U 28 -13.83 -40.86 -12.23
CA ASN U 28 -13.01 -39.81 -12.82
C ASN U 28 -11.56 -40.26 -12.96
N SER U 29 -11.07 -41.09 -12.04
CA SER U 29 -9.71 -41.59 -12.16
C SER U 29 -9.56 -42.40 -13.44
N LEU U 30 -10.50 -43.29 -13.72
CA LEU U 30 -10.44 -44.09 -14.93
C LEU U 30 -10.70 -43.25 -16.17
N LYS U 31 -11.50 -42.19 -16.03
CA LYS U 31 -11.64 -41.23 -17.12
C LYS U 31 -10.30 -40.61 -17.48
N SER U 32 -9.54 -40.21 -16.46
CA SER U 32 -8.20 -39.68 -16.68
C SER U 32 -7.29 -40.73 -17.29
N TRP U 33 -7.40 -41.97 -16.82
CA TRP U 33 -6.72 -43.08 -17.47
C TRP U 33 -7.01 -43.05 -18.96
N ASN U 34 -8.29 -42.94 -19.31
CA ASN U 34 -8.70 -42.94 -20.70
C ASN U 34 -8.01 -41.85 -21.48
N GLU U 35 -8.11 -40.61 -20.99
CA GLU U 35 -7.56 -39.50 -21.76
C GLU U 35 -6.04 -39.62 -21.88
N THR U 36 -5.37 -39.94 -20.78
CA THR U 36 -3.91 -40.03 -20.80
C THR U 36 -3.46 -41.10 -21.77
N LEU U 37 -4.09 -42.28 -21.71
CA LEU U 37 -3.70 -43.36 -22.61
C LEU U 37 -4.04 -43.02 -24.05
N THR U 38 -5.14 -42.33 -24.28
CA THR U 38 -5.48 -41.90 -25.63
C THR U 38 -4.39 -41.02 -26.21
N SER U 39 -3.99 -40.00 -25.44
CA SER U 39 -2.91 -39.13 -25.91
C SER U 39 -1.64 -39.93 -26.12
N ARG U 40 -1.32 -40.83 -25.18
CA ARG U 40 -0.08 -41.58 -25.26
C ARG U 40 -0.04 -42.41 -26.53
N LEU U 41 -1.17 -43.03 -26.89
CA LEU U 41 -1.26 -43.73 -28.16
C LEU U 41 -1.09 -42.75 -29.32
N ALA U 42 -1.70 -41.58 -29.22
CA ALA U 42 -1.52 -40.59 -30.27
C ALA U 42 -0.04 -40.31 -30.50
N THR U 43 0.77 -40.41 -29.45
CA THR U 43 2.20 -40.12 -29.58
C THR U 43 2.92 -41.05 -30.54
N LEU U 44 3.00 -42.33 -30.20
CA LEU U 44 3.83 -43.25 -30.96
C LEU U 44 3.16 -43.64 -32.29
N PRO U 45 3.95 -44.07 -33.26
CA PRO U 45 3.41 -44.42 -34.57
C PRO U 45 2.80 -45.82 -34.55
N GLU U 46 2.22 -46.19 -35.69
CA GLU U 46 1.51 -47.46 -35.80
C GLU U 46 2.44 -48.66 -35.78
N LYS U 47 3.64 -48.53 -36.34
CA LYS U 47 4.50 -49.68 -36.61
C LYS U 47 5.97 -49.31 -36.51
N PRO U 48 6.81 -50.17 -35.92
CA PRO U 48 8.26 -49.91 -35.95
C PRO U 48 8.81 -50.19 -37.34
N PRO U 49 9.53 -49.24 -37.93
CA PRO U 49 9.86 -49.34 -39.36
C PRO U 49 10.74 -50.54 -39.67
N ALA U 50 11.01 -50.74 -40.95
CA ALA U 50 11.85 -51.85 -41.40
C ALA U 50 13.32 -51.59 -41.10
N ILE U 51 14.03 -52.65 -40.77
CA ILE U 51 15.47 -52.58 -40.52
C ILE U 51 16.19 -52.74 -41.85
N ASP U 52 17.10 -51.81 -42.14
CA ASP U 52 17.81 -51.80 -43.42
C ASP U 52 18.84 -52.92 -43.40
N TRP U 53 18.34 -54.14 -43.60
CA TRP U 53 19.24 -55.30 -43.60
C TRP U 53 20.27 -55.18 -44.71
N ALA U 54 19.86 -54.68 -45.88
CA ALA U 54 20.79 -54.52 -46.99
C ALA U 54 21.92 -53.56 -46.60
N TYR U 55 21.58 -52.38 -46.11
CA TYR U 55 22.60 -51.41 -45.74
C TYR U 55 23.49 -51.97 -44.63
N TYR U 56 22.89 -52.60 -43.63
CA TYR U 56 23.67 -53.16 -42.54
C TYR U 56 24.67 -54.17 -43.08
N LYS U 57 24.21 -55.14 -43.85
CA LYS U 57 25.11 -56.11 -44.45
C LYS U 57 26.21 -55.42 -45.23
N ALA U 58 25.86 -54.35 -45.94
CA ALA U 58 26.86 -53.61 -46.71
C ALA U 58 27.95 -53.08 -45.78
N ASN U 59 27.57 -52.18 -44.87
CA ASN U 59 28.54 -51.64 -43.94
C ASN U 59 29.07 -52.71 -42.99
N VAL U 60 28.18 -53.55 -42.46
CA VAL U 60 28.59 -54.54 -41.47
C VAL U 60 29.36 -55.64 -42.18
N ALA U 61 30.69 -55.57 -42.12
CA ALA U 61 31.53 -56.60 -42.71
C ALA U 61 31.41 -57.93 -41.99
N LYS U 62 30.77 -57.97 -40.82
CA LYS U 62 30.66 -59.21 -40.07
C LYS U 62 30.10 -60.31 -40.98
N ALA U 63 30.64 -61.52 -40.81
CA ALA U 63 30.45 -62.58 -41.78
C ALA U 63 28.98 -62.86 -42.07
N GLY U 64 28.24 -63.33 -41.07
CA GLY U 64 26.86 -63.70 -41.28
C GLY U 64 25.94 -63.20 -40.20
N LEU U 65 26.52 -62.60 -39.16
CA LEU U 65 25.70 -62.14 -38.04
C LEU U 65 24.61 -61.20 -38.53
N VAL U 66 24.88 -60.42 -39.58
CA VAL U 66 23.90 -59.48 -40.12
C VAL U 66 22.65 -60.23 -40.51
N ASP U 67 22.77 -61.11 -41.51
CA ASP U 67 21.60 -61.82 -41.99
C ASP U 67 21.16 -62.86 -40.98
N ASP U 68 22.08 -63.37 -40.16
CA ASP U 68 21.69 -64.22 -39.05
C ASP U 68 20.59 -63.57 -38.24
N PHE U 69 20.88 -62.40 -37.68
CA PHE U 69 19.89 -61.69 -36.89
C PHE U 69 18.70 -61.26 -37.74
N GLU U 70 18.95 -60.89 -39.00
CA GLU U 70 17.83 -60.58 -39.89
C GLU U 70 16.79 -61.69 -39.87
N LYS U 71 17.23 -62.90 -40.23
CA LYS U 71 16.32 -64.03 -40.28
C LYS U 71 15.70 -64.29 -38.92
N LYS U 72 16.52 -64.31 -37.87
CA LYS U 72 16.00 -64.65 -36.56
C LYS U 72 14.92 -63.65 -36.14
N PHE U 73 15.22 -62.35 -36.20
CA PHE U 73 14.23 -61.31 -36.06
C PHE U 73 12.95 -61.63 -36.81
N ASN U 74 13.06 -61.75 -38.13
CA ASN U 74 11.87 -61.96 -38.94
C ASN U 74 11.08 -63.17 -38.46
N ALA U 75 11.78 -64.15 -37.89
CA ALA U 75 11.09 -65.31 -37.34
C ALA U 75 10.40 -64.98 -36.02
N LEU U 76 11.07 -64.21 -35.16
CA LEU U 76 10.51 -63.93 -33.84
C LEU U 76 9.18 -63.21 -33.96
N LYS U 77 8.25 -63.58 -33.08
CA LYS U 77 6.91 -63.00 -33.06
C LYS U 77 6.57 -62.55 -31.66
N VAL U 78 5.92 -61.39 -31.55
CA VAL U 78 5.65 -60.75 -30.27
C VAL U 78 4.53 -61.48 -29.54
N PRO U 79 4.57 -61.57 -28.21
CA PRO U 79 3.40 -61.99 -27.44
C PRO U 79 2.36 -60.89 -27.40
N ILE U 80 1.26 -61.09 -28.11
CA ILE U 80 0.14 -60.16 -28.01
C ILE U 80 -0.54 -60.36 -26.67
N PRO U 81 -0.85 -59.30 -25.91
CA PRO U 81 -1.55 -59.49 -24.64
C PRO U 81 -2.94 -60.05 -24.86
N GLU U 82 -3.46 -60.72 -23.83
CA GLU U 82 -4.69 -61.48 -23.93
C GLU U 82 -5.77 -60.84 -23.05
N ASP U 83 -7.00 -60.85 -23.56
CA ASP U 83 -8.12 -60.28 -22.84
C ASP U 83 -8.36 -61.00 -21.53
N LYS U 84 -8.04 -60.36 -20.41
CA LYS U 84 -8.30 -60.91 -19.09
C LYS U 84 -9.19 -60.00 -18.25
N TYR U 85 -8.96 -58.68 -18.30
CA TYR U 85 -9.94 -57.76 -17.76
C TYR U 85 -11.30 -57.96 -18.41
N THR U 86 -11.33 -58.47 -19.63
CA THR U 86 -12.53 -58.48 -20.44
C THR U 86 -13.55 -59.48 -19.88
N ALA U 87 -14.05 -59.23 -18.68
CA ALA U 87 -14.90 -60.20 -18.00
C ALA U 87 -16.14 -59.62 -17.35
N GLN U 88 -16.16 -58.33 -17.01
CA GLN U 88 -17.23 -57.76 -16.19
C GLN U 88 -18.48 -57.44 -17.00
N VAL U 89 -18.68 -58.10 -18.15
CA VAL U 89 -19.72 -57.67 -19.07
C VAL U 89 -21.10 -57.87 -18.46
N ASP U 90 -21.27 -58.95 -17.69
CA ASP U 90 -22.54 -59.15 -17.00
C ASP U 90 -22.90 -57.93 -16.17
N ALA U 91 -21.90 -57.23 -15.63
CA ALA U 91 -22.15 -55.96 -14.97
C ALA U 91 -23.17 -55.17 -15.76
N GLU U 92 -22.82 -54.84 -17.00
CA GLU U 92 -23.76 -54.16 -17.89
C GLU U 92 -25.14 -54.80 -17.76
N GLU U 93 -25.23 -56.07 -18.13
CA GLU U 93 -26.51 -56.75 -18.11
C GLU U 93 -27.14 -56.71 -16.72
N LYS U 94 -26.37 -57.02 -15.68
CA LYS U 94 -27.01 -56.96 -14.37
C LYS U 94 -27.34 -55.54 -14.00
N GLU U 95 -26.49 -54.58 -14.36
CA GLU U 95 -26.90 -53.19 -14.26
C GLU U 95 -28.15 -52.95 -15.08
N ASP U 96 -28.17 -53.49 -16.30
CA ASP U 96 -29.39 -53.44 -17.11
C ASP U 96 -30.58 -53.97 -16.33
N VAL U 97 -30.39 -55.05 -15.57
CA VAL U 97 -31.50 -55.56 -14.75
C VAL U 97 -31.91 -54.52 -13.73
N LYS U 98 -30.95 -53.95 -13.01
CA LYS U 98 -31.29 -53.01 -11.96
C LYS U 98 -32.09 -51.84 -12.52
N SER U 99 -31.69 -51.36 -13.69
CA SER U 99 -32.38 -50.24 -14.31
C SER U 99 -33.57 -50.66 -15.16
N CYS U 100 -33.45 -51.74 -15.92
CA CYS U 100 -34.46 -52.10 -16.90
C CYS U 100 -35.45 -53.14 -16.38
N ALA U 101 -35.10 -53.88 -15.34
CA ALA U 101 -36.04 -54.83 -14.75
C ALA U 101 -36.39 -54.41 -13.35
N GLU U 102 -35.38 -54.28 -12.48
CA GLU U 102 -35.63 -53.98 -11.09
C GLU U 102 -36.06 -52.55 -10.87
N PHE U 103 -35.89 -51.68 -11.86
CA PHE U 103 -36.34 -50.30 -11.77
C PHE U 103 -37.40 -49.95 -12.79
N LEU U 104 -37.42 -50.63 -13.93
CA LEU U 104 -38.42 -50.30 -14.95
C LEU U 104 -39.83 -50.56 -14.45
N THR U 105 -40.09 -51.76 -13.92
CA THR U 105 -41.44 -52.11 -13.53
C THR U 105 -41.88 -51.35 -12.28
N GLN U 106 -40.97 -51.16 -11.32
CA GLN U 106 -41.34 -50.43 -10.11
C GLN U 106 -41.69 -49.00 -10.45
N SER U 107 -40.85 -48.35 -11.26
CA SER U 107 -41.17 -47.00 -11.71
C SER U 107 -42.47 -47.00 -12.49
N LYS U 108 -42.67 -48.00 -13.35
CA LYS U 108 -43.88 -48.09 -14.15
C LYS U 108 -45.12 -48.10 -13.25
N THR U 109 -45.12 -48.96 -12.24
CA THR U 109 -46.27 -49.05 -11.35
C THR U 109 -46.44 -47.76 -10.57
N ARG U 110 -45.35 -47.17 -10.09
CA ARG U 110 -45.45 -45.86 -9.47
C ARG U 110 -46.18 -44.89 -10.38
N ILE U 111 -45.84 -44.91 -11.67
CA ILE U 111 -46.53 -44.05 -12.62
C ILE U 111 -48.01 -44.40 -12.67
N GLN U 112 -48.33 -45.62 -13.12
CA GLN U 112 -49.72 -45.99 -13.28
C GLN U 112 -50.53 -45.52 -12.07
N GLU U 113 -49.97 -45.69 -10.88
CA GLU U 113 -50.56 -45.11 -9.70
C GLU U 113 -50.80 -43.62 -9.90
N TYR U 114 -49.72 -42.87 -10.11
CA TYR U 114 -49.82 -41.41 -10.12
C TYR U 114 -50.78 -40.94 -11.21
N GLU U 115 -50.68 -41.53 -12.40
CA GLU U 115 -51.66 -41.34 -13.45
C GLU U 115 -53.07 -41.45 -12.87
N LYS U 116 -53.35 -42.58 -12.23
CA LYS U 116 -54.68 -42.86 -11.74
C LYS U 116 -55.15 -41.78 -10.78
N GLU U 117 -54.29 -41.41 -9.83
CA GLU U 117 -54.70 -40.36 -8.90
C GLU U 117 -54.96 -39.06 -9.65
N LEU U 118 -54.09 -38.71 -10.59
CA LEU U 118 -54.29 -37.47 -11.34
C LEU U 118 -55.65 -37.46 -12.01
N GLU U 119 -55.88 -38.42 -12.90
CA GLU U 119 -57.18 -38.48 -13.55
C GLU U 119 -58.30 -38.53 -12.54
N LYS U 120 -58.02 -39.06 -11.35
CA LYS U 120 -58.97 -38.96 -10.24
C LYS U 120 -59.08 -37.56 -9.69
N MET U 121 -58.38 -36.58 -10.25
CA MET U 121 -58.52 -35.21 -9.81
C MET U 121 -59.50 -34.43 -10.69
N ARG U 122 -59.43 -34.63 -12.01
CA ARG U 122 -60.33 -33.91 -12.89
C ARG U 122 -61.78 -34.32 -12.70
N ASN U 123 -62.02 -35.51 -12.16
CA ASN U 123 -63.39 -35.97 -11.95
C ASN U 123 -64.04 -35.35 -10.72
N ILE U 124 -63.30 -34.57 -9.93
CA ILE U 124 -63.89 -33.97 -8.74
C ILE U 124 -64.96 -32.98 -9.15
N ILE U 125 -66.13 -33.08 -8.54
CA ILE U 125 -67.24 -32.21 -8.89
C ILE U 125 -66.87 -30.79 -8.51
N PRO U 126 -67.46 -29.77 -9.14
CA PRO U 126 -67.17 -28.39 -8.72
C PRO U 126 -67.52 -28.20 -7.26
N PHE U 127 -66.74 -27.35 -6.60
CA PHE U 127 -66.89 -27.20 -5.15
C PHE U 127 -68.31 -26.84 -4.78
N ASP U 128 -68.96 -25.99 -5.57
CA ASP U 128 -70.36 -25.66 -5.29
C ASP U 128 -71.18 -26.92 -5.11
N GLN U 129 -70.91 -27.94 -5.93
CA GLN U 129 -71.63 -29.20 -5.81
C GLN U 129 -71.17 -30.01 -4.61
N MET U 130 -70.00 -29.74 -4.05
CA MET U 130 -69.40 -30.67 -3.11
C MET U 130 -70.09 -30.57 -1.76
N THR U 131 -69.58 -31.35 -0.82
CA THR U 131 -70.12 -31.44 0.53
C THR U 131 -69.01 -31.99 1.42
N ILE U 132 -69.01 -31.56 2.69
CA ILE U 132 -67.89 -31.77 3.59
C ILE U 132 -67.31 -33.17 3.42
N GLU U 133 -68.18 -34.19 3.36
CA GLU U 133 -67.69 -35.55 3.14
C GLU U 133 -66.90 -35.65 1.85
N ASP U 134 -67.28 -34.90 0.82
CA ASP U 134 -66.52 -34.91 -0.42
C ASP U 134 -65.06 -34.56 -0.15
N LEU U 135 -64.83 -33.46 0.55
CA LEU U 135 -63.46 -33.12 0.93
C LEU U 135 -62.85 -34.20 1.79
N ASN U 136 -63.63 -34.71 2.75
CA ASN U 136 -63.10 -35.70 3.68
C ASN U 136 -62.46 -36.87 2.94
N GLU U 137 -63.19 -37.45 1.99
CA GLU U 137 -62.65 -38.58 1.26
C GLU U 137 -61.65 -38.16 0.20
N VAL U 138 -61.83 -37.00 -0.43
CA VAL U 138 -60.86 -36.52 -1.40
C VAL U 138 -59.53 -36.19 -0.71
N PHE U 139 -59.60 -35.43 0.37
CA PHE U 139 -58.42 -35.03 1.15
C PHE U 139 -58.61 -35.55 2.56
N PRO U 140 -58.09 -36.73 2.87
CA PRO U 140 -58.26 -37.26 4.23
C PRO U 140 -57.63 -36.33 5.26
N GLU U 141 -56.72 -35.47 4.80
CA GLU U 141 -56.12 -34.48 5.70
C GLU U 141 -57.13 -33.45 6.17
N THR U 142 -58.28 -33.32 5.51
CA THR U 142 -59.36 -32.47 5.99
C THR U 142 -60.31 -33.22 6.91
N LYS U 143 -60.05 -34.49 7.18
CA LYS U 143 -60.85 -35.21 8.17
C LYS U 143 -60.74 -34.51 9.52
N LEU U 144 -61.65 -34.87 10.41
CA LEU U 144 -61.67 -34.33 11.77
C LEU U 144 -61.40 -35.40 12.81
N ASP U 145 -61.02 -36.61 12.39
CA ASP U 145 -60.53 -37.66 13.28
C ASP U 145 -61.24 -37.66 14.64
N LYS U 146 -62.56 -37.78 14.62
CA LYS U 146 -63.30 -37.69 15.87
C LYS U 146 -62.83 -38.71 16.89
N LYS U 147 -62.23 -39.81 16.43
CA LYS U 147 -61.73 -40.80 17.36
C LYS U 147 -60.71 -40.22 18.32
N LYS U 148 -60.00 -39.17 17.89
CA LYS U 148 -59.11 -38.45 18.78
C LYS U 148 -59.79 -37.26 19.44
N TYR U 149 -60.77 -36.66 18.78
CA TYR U 149 -61.51 -35.52 19.31
C TYR U 149 -62.99 -35.81 19.17
N PRO U 150 -63.51 -36.74 19.96
CA PRO U 150 -64.92 -37.13 19.79
C PRO U 150 -65.89 -35.99 20.02
N TYR U 151 -65.48 -34.98 20.77
CA TYR U 151 -66.36 -33.85 21.05
C TYR U 151 -66.23 -32.79 19.98
N TRP U 152 -67.27 -31.98 19.87
CA TRP U 152 -67.27 -30.88 18.92
C TRP U 152 -66.20 -29.87 19.33
N PRO U 153 -65.59 -29.19 18.36
CA PRO U 153 -65.69 -29.34 16.91
C PRO U 153 -64.72 -30.37 16.38
N HIS U 154 -64.13 -31.15 17.28
CA HIS U 154 -63.25 -32.27 16.98
C HIS U 154 -61.85 -31.81 16.60
N ARG U 155 -61.55 -30.53 16.69
CA ARG U 155 -60.18 -30.05 16.52
C ARG U 155 -59.89 -29.05 17.63
N PRO U 156 -58.66 -28.98 18.10
CA PRO U 156 -58.32 -27.95 19.09
C PRO U 156 -58.71 -26.59 18.53
N ILE U 157 -59.50 -25.85 19.32
CA ILE U 157 -60.08 -24.60 18.83
C ILE U 157 -58.98 -23.68 18.34
N GLU U 158 -57.89 -23.57 19.10
CA GLU U 158 -56.77 -22.73 18.67
C GLU U 158 -56.25 -23.17 17.31
N THR U 159 -56.44 -24.44 16.96
CA THR U 159 -56.10 -24.90 15.63
C THR U 159 -57.09 -24.35 14.62
N PRO V 5 -104.70 -37.32 -14.36
CA PRO V 5 -104.93 -38.75 -14.20
C PRO V 5 -104.98 -39.18 -12.73
N LEU V 6 -103.87 -39.06 -12.02
CA LEU V 6 -103.87 -39.35 -10.60
C LEU V 6 -104.81 -38.37 -9.88
N LYS V 7 -105.29 -38.79 -8.72
CA LYS V 7 -106.13 -37.92 -7.90
C LYS V 7 -105.43 -37.41 -6.66
N GLU V 8 -104.40 -38.10 -6.16
CA GLU V 8 -103.57 -37.56 -5.09
C GLU V 8 -102.70 -36.46 -5.68
N LYS V 9 -103.36 -35.35 -5.99
CA LYS V 9 -102.75 -34.19 -6.62
C LYS V 9 -102.81 -32.99 -5.67
N LYS V 10 -102.18 -31.90 -6.08
CA LYS V 10 -102.08 -30.73 -5.23
C LYS V 10 -103.44 -30.09 -5.03
N LEU V 11 -103.77 -29.81 -3.77
CA LEU V 11 -105.10 -29.33 -3.44
C LEU V 11 -105.43 -28.04 -4.16
N LEU V 12 -104.46 -27.16 -4.31
CA LEU V 12 -104.73 -25.84 -4.85
C LEU V 12 -105.39 -25.91 -6.22
N GLU V 13 -105.44 -27.09 -6.82
CA GLU V 13 -106.13 -27.27 -8.08
C GLU V 13 -107.16 -28.38 -8.07
N VAL V 14 -107.27 -29.16 -6.98
CA VAL V 14 -108.29 -30.18 -6.87
C VAL V 14 -109.65 -29.57 -7.20
N LYS V 15 -110.53 -30.38 -7.78
CA LYS V 15 -111.81 -29.89 -8.26
C LYS V 15 -112.80 -29.81 -7.11
N LEU V 16 -113.34 -28.63 -6.87
CA LEU V 16 -114.21 -28.42 -5.72
C LEU V 16 -115.33 -29.44 -5.67
N GLY V 17 -115.87 -29.81 -6.82
CA GLY V 17 -116.99 -30.73 -6.83
C GLY V 17 -116.67 -32.03 -6.12
N GLU V 18 -115.50 -32.58 -6.40
CA GLU V 18 -115.06 -33.83 -5.79
C GLU V 18 -114.11 -33.61 -4.63
N LEU V 19 -113.93 -32.37 -4.20
CA LEU V 19 -112.97 -32.08 -3.14
C LEU V 19 -113.12 -32.98 -1.92
N PRO V 20 -114.32 -33.24 -1.40
CA PRO V 20 -114.42 -34.14 -0.25
C PRO V 20 -113.81 -35.50 -0.52
N SER V 21 -113.88 -35.95 -1.77
CA SER V 21 -113.17 -37.18 -2.12
C SER V 21 -111.69 -37.03 -1.83
N TRP V 22 -111.07 -35.99 -2.35
CA TRP V 22 -109.66 -35.76 -2.05
C TRP V 22 -109.43 -35.76 -0.55
N ILE V 23 -110.26 -35.03 0.17
CA ILE V 23 -110.07 -34.89 1.62
C ILE V 23 -110.00 -36.25 2.27
N LEU V 24 -111.05 -37.05 2.09
CA LEU V 24 -111.08 -38.37 2.72
C LEU V 24 -109.94 -39.24 2.23
N MET V 25 -109.50 -39.04 0.99
CA MET V 25 -108.42 -39.86 0.44
C MET V 25 -107.10 -39.56 1.16
N ARG V 26 -106.72 -38.30 1.27
CA ARG V 26 -105.38 -37.98 1.73
C ARG V 26 -105.14 -38.50 3.13
N ASP V 27 -103.99 -39.17 3.31
CA ASP V 27 -103.67 -39.77 4.59
C ASP V 27 -103.93 -38.81 5.73
N PHE V 28 -104.28 -39.38 6.89
CA PHE V 28 -104.58 -38.60 8.08
C PHE V 28 -103.93 -39.16 9.32
N THR V 29 -103.07 -40.16 9.19
CA THR V 29 -102.32 -40.66 10.33
C THR V 29 -101.31 -39.59 10.77
N PRO V 30 -100.93 -39.58 12.05
CA PRO V 30 -100.01 -38.54 12.51
C PRO V 30 -98.74 -38.46 11.70
N SER V 31 -98.19 -39.61 11.29
CA SER V 31 -97.02 -39.60 10.42
C SER V 31 -97.31 -38.78 9.18
N GLY V 32 -98.53 -38.87 8.65
CA GLY V 32 -98.90 -38.04 7.51
C GLY V 32 -98.81 -36.57 7.85
N ILE V 33 -99.21 -36.19 9.06
CA ILE V 33 -99.13 -34.80 9.46
C ILE V 33 -97.68 -34.35 9.54
N ALA V 34 -96.81 -35.19 10.11
CA ALA V 34 -95.40 -34.85 10.17
C ALA V 34 -94.83 -34.67 8.78
N GLY V 35 -95.18 -35.57 7.86
CA GLY V 35 -94.74 -35.42 6.49
C GLY V 35 -95.23 -34.12 5.88
N ALA V 36 -96.48 -33.74 6.14
CA ALA V 36 -97.00 -32.50 5.61
C ALA V 36 -96.20 -31.32 6.12
N PHE V 37 -95.92 -31.29 7.42
CA PHE V 37 -95.16 -30.18 7.99
C PHE V 37 -93.76 -30.12 7.41
N GLN V 38 -93.09 -31.26 7.31
CA GLN V 38 -91.74 -31.24 6.74
C GLN V 38 -91.78 -30.74 5.31
N ARG V 39 -92.75 -31.21 4.53
CA ARG V 39 -92.85 -30.78 3.15
C ARG V 39 -93.02 -29.28 3.07
N GLY V 40 -93.93 -28.73 3.88
CA GLY V 40 -94.16 -27.29 3.84
C GLY V 40 -92.92 -26.51 4.25
N TYR V 41 -92.28 -26.95 5.33
CA TYR V 41 -91.09 -26.26 5.79
C TYR V 41 -90.05 -26.20 4.70
N TYR V 42 -89.73 -27.34 4.10
CA TYR V 42 -88.71 -27.34 3.08
C TYR V 42 -89.16 -26.57 1.85
N ARG V 43 -90.45 -26.60 1.53
CA ARG V 43 -90.93 -25.79 0.42
C ARG V 43 -90.56 -24.35 0.64
N TYR V 44 -90.92 -23.79 1.79
CA TYR V 44 -90.60 -22.38 2.03
C TYR V 44 -89.09 -22.17 2.10
N TYR V 45 -88.38 -23.05 2.79
CA TYR V 45 -86.97 -22.88 3.01
C TYR V 45 -86.22 -22.79 1.69
N ASN V 46 -86.48 -23.73 0.79
CA ASN V 46 -85.85 -23.71 -0.51
C ASN V 46 -86.42 -22.63 -1.40
N LYS V 47 -87.62 -22.15 -1.11
CA LYS V 47 -88.20 -21.11 -1.93
C LYS V 47 -87.51 -19.78 -1.70
N TYR V 48 -87.27 -19.42 -0.43
CA TYR V 48 -86.84 -18.08 -0.10
C TYR V 48 -85.48 -17.98 0.57
N VAL V 49 -84.90 -19.07 1.04
CA VAL V 49 -83.72 -19.03 1.87
C VAL V 49 -82.52 -19.66 1.17
N ASN V 50 -82.68 -20.86 0.62
CA ASN V 50 -81.55 -21.67 0.19
C ASN V 50 -81.09 -21.26 -1.21
N VAL V 51 -80.59 -20.02 -1.32
CA VAL V 51 -80.09 -19.49 -2.57
C VAL V 51 -78.78 -18.77 -2.30
N LYS V 52 -78.04 -18.48 -3.37
CA LYS V 52 -76.75 -17.82 -3.17
C LYS V 52 -76.93 -16.45 -2.54
N LYS V 53 -77.94 -15.70 -2.97
CA LYS V 53 -78.15 -14.34 -2.46
C LYS V 53 -79.62 -14.16 -2.12
N GLY V 54 -79.98 -14.41 -0.86
CA GLY V 54 -81.33 -14.22 -0.40
C GLY V 54 -81.45 -13.03 0.51
N SER V 55 -82.31 -12.08 0.16
CA SER V 55 -82.51 -10.90 0.96
C SER V 55 -83.15 -11.27 2.30
N ILE V 56 -83.42 -10.25 3.11
CA ILE V 56 -84.05 -10.47 4.41
C ILE V 56 -85.46 -11.00 4.22
N ALA V 57 -85.92 -11.10 2.98
CA ALA V 57 -87.13 -11.85 2.72
C ALA V 57 -87.10 -13.19 3.44
N GLY V 58 -85.92 -13.76 3.63
CA GLY V 58 -85.84 -15.04 4.31
C GLY V 58 -86.39 -14.98 5.72
N LEU V 59 -86.00 -13.96 6.48
CA LEU V 59 -86.45 -13.80 7.85
C LEU V 59 -87.74 -13.00 7.95
N SER V 60 -87.78 -11.82 7.34
CA SER V 60 -88.96 -10.97 7.43
C SER V 60 -90.23 -11.81 7.36
N MET V 61 -90.27 -12.78 6.44
CA MET V 61 -91.41 -13.69 6.39
C MET V 61 -91.72 -14.28 7.76
N VAL V 62 -90.79 -15.05 8.31
CA VAL V 62 -91.10 -15.83 9.50
C VAL V 62 -91.30 -14.92 10.70
N LEU V 63 -90.52 -13.83 10.78
CA LEU V 63 -90.72 -12.89 11.88
C LEU V 63 -92.11 -12.24 11.81
N ALA V 64 -92.57 -11.87 10.63
CA ALA V 64 -93.93 -11.34 10.52
C ALA V 64 -94.94 -12.38 10.94
N ALA V 65 -94.74 -13.63 10.52
CA ALA V 65 -95.66 -14.68 10.96
C ALA V 65 -95.63 -14.82 12.47
N TYR V 66 -94.45 -14.73 13.06
CA TYR V 66 -94.29 -14.86 14.50
C TYR V 66 -95.04 -13.74 15.22
N VAL V 67 -94.89 -12.51 14.75
CA VAL V 67 -95.59 -11.39 15.35
C VAL V 67 -97.09 -11.59 15.22
N PHE V 68 -97.55 -12.01 14.05
CA PHE V 68 -98.98 -12.21 13.86
C PHE V 68 -99.51 -13.26 14.80
N LEU V 69 -98.81 -14.38 14.93
CA LEU V 69 -99.25 -15.43 15.84
C LEU V 69 -99.30 -14.93 17.27
N ASN V 70 -98.27 -14.20 17.69
CA ASN V 70 -98.25 -13.72 19.06
C ASN V 70 -99.39 -12.76 19.30
N TYR V 71 -99.65 -11.88 18.36
CA TYR V 71 -100.77 -10.96 18.54
C TYR V 71 -102.07 -11.74 18.68
N CYS V 72 -102.32 -12.66 17.75
CA CYS V 72 -103.54 -13.46 17.84
C CYS V 72 -103.65 -14.11 19.21
N ARG V 73 -102.60 -14.82 19.62
CA ARG V 73 -102.62 -15.49 20.91
C ARG V 73 -102.86 -14.52 22.05
N SER V 74 -102.51 -13.25 21.87
CA SER V 74 -102.66 -12.25 22.90
C SER V 74 -103.85 -11.34 22.66
N TYR V 75 -104.91 -11.84 22.04
CA TYR V 75 -106.04 -10.99 21.73
C TYR V 75 -107.06 -10.96 22.86
N LYS V 76 -107.62 -12.12 23.21
CA LYS V 76 -108.65 -12.13 24.24
C LYS V 76 -108.16 -11.47 25.51
N GLU V 77 -106.85 -11.53 25.75
CA GLU V 77 -106.23 -10.94 26.93
C GLU V 77 -105.91 -9.48 26.73
N LEU V 78 -106.27 -8.89 25.59
CA LEU V 78 -106.21 -7.45 25.46
C LEU V 78 -107.43 -6.88 24.77
N LYS V 79 -108.55 -7.60 24.74
CA LYS V 79 -109.80 -6.98 24.34
C LYS V 79 -110.19 -5.86 25.30
N HIS V 80 -109.61 -5.83 26.49
CA HIS V 80 -110.02 -4.92 27.55
C HIS V 80 -109.32 -3.57 27.46
N GLU V 81 -108.83 -3.19 26.29
CA GLU V 81 -108.14 -1.93 26.09
C GLU V 81 -108.68 -1.17 24.89
N ARG V 82 -109.94 -1.40 24.56
CA ARG V 82 -110.55 -0.68 23.46
C ARG V 82 -110.57 0.81 23.75
N LEU V 83 -110.17 1.62 22.78
CA LEU V 83 -110.20 3.06 22.91
C LEU V 83 -111.56 3.65 22.57
N ARG V 84 -112.59 2.82 22.52
CA ARG V 84 -113.93 3.29 22.24
C ARG V 84 -114.91 2.16 22.56
N LYS V 85 -115.93 2.45 23.35
CA LYS V 85 -116.84 1.39 23.80
C LYS V 85 -117.70 0.89 22.67
N TYR V 86 -118.11 1.77 21.76
CA TYR V 86 -119.06 1.44 20.71
C TYR V 86 -118.39 1.58 19.35
N HIS V 87 -118.49 0.54 18.54
CA HIS V 87 -117.84 0.50 17.24
C HIS V 87 -118.48 -0.57 16.38
N THR W 20 -87.74 17.94 -3.42
CA THR W 20 -88.00 16.65 -2.80
C THR W 20 -88.28 15.60 -3.86
N TYR W 21 -87.76 14.39 -3.64
CA TYR W 21 -87.99 13.30 -4.58
C TYR W 21 -89.43 12.82 -4.57
N SER W 22 -90.25 13.31 -3.64
CA SER W 22 -91.66 12.95 -3.64
C SER W 22 -92.34 13.34 -4.95
N LYS W 23 -91.80 14.34 -5.65
CA LYS W 23 -92.47 14.84 -6.85
C LYS W 23 -92.63 13.77 -7.92
N PRO W 24 -91.56 13.17 -8.45
CA PRO W 24 -91.75 12.11 -9.44
C PRO W 24 -92.53 10.93 -8.89
N ARG W 25 -92.34 10.61 -7.61
CA ARG W 25 -93.08 9.51 -7.01
C ARG W 25 -94.58 9.75 -7.15
N LEU W 26 -95.07 10.81 -6.52
CA LEU W 26 -96.50 11.11 -6.60
C LEU W 26 -96.93 11.28 -8.05
N ALA W 27 -96.03 11.73 -8.92
CA ALA W 27 -96.38 11.80 -10.33
C ALA W 27 -96.77 10.43 -10.86
N THR W 28 -95.93 9.43 -10.60
CA THR W 28 -96.24 8.08 -11.04
C THR W 28 -97.50 7.55 -10.38
N PHE W 29 -97.64 7.79 -9.08
CA PHE W 29 -98.81 7.27 -8.37
C PHE W 29 -100.09 7.84 -8.96
N TRP W 30 -100.11 9.15 -9.24
CA TRP W 30 -101.30 9.73 -9.83
C TRP W 30 -101.49 9.27 -11.26
N TYR W 31 -100.38 9.06 -11.99
CA TYR W 31 -100.47 8.44 -13.31
C TYR W 31 -101.27 7.14 -13.24
N TYR W 32 -100.99 6.32 -12.25
CA TYR W 32 -101.74 5.08 -12.12
C TYR W 32 -103.17 5.33 -11.68
N ALA W 33 -103.34 6.16 -10.64
CA ALA W 33 -104.66 6.35 -10.08
C ALA W 33 -105.64 6.86 -11.12
N LYS W 34 -105.23 7.85 -11.93
CA LYS W 34 -106.15 8.50 -12.84
C LYS W 34 -106.75 7.55 -13.86
N VAL W 35 -106.13 6.40 -14.08
CA VAL W 35 -106.66 5.44 -15.03
C VAL W 35 -107.22 4.19 -14.35
N GLU W 36 -106.73 3.83 -13.17
CA GLU W 36 -107.30 2.68 -12.46
C GLU W 36 -108.39 3.10 -11.46
N LEU W 37 -108.03 3.94 -10.50
CA LEU W 37 -108.96 4.28 -9.42
C LEU W 37 -110.10 5.19 -9.86
N VAL W 38 -109.91 5.93 -10.95
CA VAL W 38 -110.83 6.99 -11.37
C VAL W 38 -112.28 6.54 -11.25
N PRO W 39 -113.24 7.42 -10.99
CA PRO W 39 -114.64 7.02 -10.92
C PRO W 39 -115.15 6.56 -12.27
N PRO W 40 -116.15 5.68 -12.29
CA PRO W 40 -116.60 5.10 -13.56
C PRO W 40 -117.46 6.05 -14.40
N THR W 41 -118.00 5.54 -15.50
CA THR W 41 -118.83 6.32 -16.41
C THR W 41 -120.17 5.62 -16.59
N PRO W 42 -121.21 6.37 -16.96
CA PRO W 42 -122.54 5.74 -17.11
C PRO W 42 -122.57 4.62 -18.13
N ALA W 43 -121.78 4.72 -19.19
CA ALA W 43 -121.76 3.65 -20.18
C ALA W 43 -121.39 2.32 -19.54
N GLU W 44 -120.61 2.35 -18.45
CA GLU W 44 -120.29 1.12 -17.73
C GLU W 44 -121.55 0.48 -17.18
N ILE W 45 -122.50 1.30 -16.75
CA ILE W 45 -123.66 0.79 -16.02
C ILE W 45 -124.36 -0.34 -16.77
N PRO W 46 -124.73 -0.17 -18.04
CA PRO W 46 -125.40 -1.28 -18.75
C PRO W 46 -124.55 -2.53 -18.77
N THR W 47 -123.31 -2.38 -19.24
CA THR W 47 -122.38 -3.49 -19.27
C THR W 47 -122.26 -4.14 -17.91
N ALA W 48 -122.06 -3.31 -16.88
CA ALA W 48 -121.96 -3.85 -15.53
C ALA W 48 -123.16 -4.69 -15.18
N ILE W 49 -124.37 -4.16 -15.38
CA ILE W 49 -125.55 -4.86 -14.92
C ILE W 49 -125.74 -6.16 -15.71
N GLN W 50 -125.42 -6.16 -17.00
CA GLN W 50 -125.48 -7.41 -17.73
C GLN W 50 -124.50 -8.42 -17.13
N SER W 51 -123.31 -7.95 -16.76
CA SER W 51 -122.34 -8.85 -16.14
C SER W 51 -122.91 -9.43 -14.85
N LEU W 52 -123.52 -8.58 -14.03
CA LEU W 52 -124.15 -9.08 -12.80
C LEU W 52 -125.19 -10.12 -13.11
N LYS W 53 -126.05 -9.84 -14.10
CA LYS W 53 -127.10 -10.78 -14.44
C LYS W 53 -126.52 -12.12 -14.84
N LYS W 54 -125.46 -12.10 -15.65
CA LYS W 54 -124.85 -13.35 -16.09
C LYS W 54 -124.26 -14.10 -14.90
N ILE W 55 -123.57 -13.38 -14.02
CA ILE W 55 -123.01 -14.03 -12.84
C ILE W 55 -124.12 -14.67 -12.02
N ILE W 56 -125.25 -13.97 -11.88
CA ILE W 56 -126.32 -14.48 -11.04
C ILE W 56 -126.98 -15.69 -11.69
N ASN W 57 -127.18 -15.64 -13.00
CA ASN W 57 -127.73 -16.79 -13.71
C ASN W 57 -126.82 -18.00 -13.55
N SER W 58 -125.51 -17.78 -13.63
CA SER W 58 -124.57 -18.87 -13.40
C SER W 58 -124.72 -19.42 -11.99
N ALA W 59 -124.71 -18.53 -11.00
CA ALA W 59 -124.73 -18.98 -9.61
C ALA W 59 -126.02 -19.74 -9.30
N LYS W 60 -127.17 -19.14 -9.59
CA LYS W 60 -128.43 -19.83 -9.35
C LYS W 60 -128.51 -21.12 -10.13
N THR W 61 -127.93 -21.13 -11.33
CA THR W 61 -127.91 -22.34 -12.15
C THR W 61 -127.13 -23.47 -11.50
N GLY W 62 -126.32 -23.18 -10.49
CA GLY W 62 -125.42 -24.19 -9.97
C GLY W 62 -124.23 -24.46 -10.86
N SER W 63 -123.99 -23.59 -11.85
CA SER W 63 -122.94 -23.77 -12.83
C SER W 63 -121.58 -23.30 -12.35
N PHE W 64 -121.50 -22.71 -11.15
CA PHE W 64 -120.21 -22.30 -10.61
C PHE W 64 -119.43 -23.46 -10.03
N LYS W 65 -119.91 -24.70 -10.19
CA LYS W 65 -119.15 -25.86 -9.77
C LYS W 65 -117.97 -26.07 -10.69
N GLN W 66 -117.89 -25.29 -11.75
CA GLN W 66 -116.85 -25.41 -12.76
C GLN W 66 -115.67 -24.46 -12.51
N LEU W 67 -115.44 -24.11 -11.25
CA LEU W 67 -114.33 -23.25 -10.87
C LEU W 67 -113.43 -23.97 -9.88
N THR W 68 -112.13 -23.98 -10.15
CA THR W 68 -111.18 -24.55 -9.22
C THR W 68 -110.99 -23.65 -8.01
N VAL W 69 -110.40 -24.21 -6.96
CA VAL W 69 -110.27 -23.48 -5.71
C VAL W 69 -109.54 -22.16 -5.94
N LYS W 70 -108.50 -22.17 -6.77
CA LYS W 70 -107.74 -20.95 -7.01
C LYS W 70 -108.64 -19.81 -7.47
N GLU W 71 -109.46 -20.07 -8.48
CA GLU W 71 -110.30 -19.01 -9.01
C GLU W 71 -111.36 -18.61 -7.99
N ALA W 72 -111.86 -19.57 -7.23
CA ALA W 72 -112.80 -19.25 -6.16
C ALA W 72 -112.18 -18.26 -5.19
N LEU W 73 -110.94 -18.51 -4.78
CA LEU W 73 -110.25 -17.61 -3.87
C LEU W 73 -110.04 -16.25 -4.51
N LEU W 74 -109.70 -16.24 -5.81
CA LEU W 74 -109.54 -14.95 -6.47
C LEU W 74 -110.82 -14.14 -6.38
N ASN W 75 -111.95 -14.76 -6.71
CA ASN W 75 -113.22 -14.05 -6.64
C ASN W 75 -113.52 -13.60 -5.22
N GLY W 76 -113.28 -14.48 -4.24
CA GLY W 76 -113.54 -14.11 -2.86
C GLY W 76 -112.70 -12.93 -2.42
N LEU W 77 -111.42 -12.93 -2.78
CA LEU W 77 -110.54 -11.83 -2.41
C LEU W 77 -110.98 -10.53 -3.06
N VAL W 78 -111.36 -10.56 -4.33
CA VAL W 78 -111.80 -9.32 -4.97
C VAL W 78 -113.10 -8.85 -4.34
N ALA W 79 -113.97 -9.78 -3.95
CA ALA W 79 -115.20 -9.41 -3.28
C ALA W 79 -114.91 -8.72 -1.95
N THR W 80 -114.00 -9.29 -1.16
CA THR W 80 -113.62 -8.66 0.09
C THR W 80 -113.03 -7.29 -0.17
N GLU W 81 -112.18 -7.19 -1.19
CA GLU W 81 -111.56 -5.92 -1.53
C GLU W 81 -112.61 -4.86 -1.80
N VAL W 82 -113.55 -5.16 -2.70
CA VAL W 82 -114.54 -4.16 -3.07
C VAL W 82 -115.39 -3.81 -1.85
N TRP W 83 -115.88 -4.82 -1.14
CA TRP W 83 -116.77 -4.55 -0.01
C TRP W 83 -116.08 -3.70 1.05
N MET W 84 -114.83 -4.01 1.34
CA MET W 84 -114.04 -3.30 2.32
C MET W 84 -113.91 -1.81 2.02
N TRP W 85 -114.19 -1.39 0.79
CA TRP W 85 -114.44 0.03 0.57
C TRP W 85 -115.63 0.51 1.39
N PHE W 86 -116.53 -0.40 1.75
CA PHE W 86 -117.64 -0.02 2.63
C PHE W 86 -117.12 0.52 3.95
N TYR W 87 -116.17 -0.18 4.56
CA TYR W 87 -115.59 0.31 5.79
C TYR W 87 -114.77 1.57 5.55
N VAL W 88 -114.13 1.67 4.40
CA VAL W 88 -113.43 2.92 4.08
C VAL W 88 -114.41 4.10 4.11
N GLY W 89 -115.55 3.93 3.46
CA GLY W 89 -116.54 4.98 3.45
C GLY W 89 -117.08 5.25 4.84
N GLU W 90 -117.38 4.19 5.59
CA GLU W 90 -117.79 4.38 6.97
C GLU W 90 -116.82 5.28 7.70
N ILE W 91 -115.52 5.02 7.54
CA ILE W 91 -114.50 5.85 8.16
C ILE W 91 -114.67 7.30 7.74
N ILE W 92 -114.51 7.57 6.44
CA ILE W 92 -114.44 8.97 6.03
C ILE W 92 -115.73 9.69 6.33
N GLY W 93 -116.84 8.96 6.48
CA GLY W 93 -118.08 9.57 6.92
C GLY W 93 -118.06 9.75 8.43
N LYS W 94 -117.97 8.65 9.17
CA LYS W 94 -117.85 8.70 10.61
C LYS W 94 -116.44 9.20 10.90
N ARG W 95 -116.30 10.52 10.90
CA ARG W 95 -115.01 11.19 10.85
C ARG W 95 -113.98 10.49 11.74
N GLY W 96 -114.42 9.99 12.89
CA GLY W 96 -113.52 9.24 13.74
C GLY W 96 -112.99 8.01 13.03
N ILE W 97 -111.68 7.78 13.16
CA ILE W 97 -111.05 6.63 12.53
C ILE W 97 -111.36 5.33 13.23
N ILE W 98 -112.12 5.39 14.33
CA ILE W 98 -112.40 4.22 15.14
C ILE W 98 -113.89 3.89 15.12
N LEU X 2 -91.52 -45.27 17.06
CA LEU X 2 -91.01 -43.96 16.73
C LEU X 2 -89.53 -43.86 17.10
N GLN X 3 -88.84 -45.00 17.04
CA GLN X 3 -87.43 -45.03 17.40
C GLN X 3 -86.58 -44.20 16.44
N SER X 4 -87.13 -43.81 15.30
CA SER X 4 -86.32 -43.15 14.27
C SER X 4 -85.67 -41.88 14.80
N LEU X 5 -86.42 -41.05 15.51
CA LEU X 5 -85.86 -39.83 16.04
C LEU X 5 -84.73 -40.13 17.01
N ILE X 6 -84.94 -41.09 17.90
CA ILE X 6 -83.91 -41.43 18.87
C ILE X 6 -82.66 -41.91 18.15
N LYS X 7 -82.84 -42.68 17.08
CA LYS X 7 -81.70 -43.14 16.29
C LYS X 7 -80.97 -41.95 15.67
N LYS X 8 -81.72 -40.98 15.17
CA LYS X 8 -81.10 -39.80 14.59
C LYS X 8 -80.49 -38.88 15.64
N VAL X 9 -80.79 -39.09 16.93
CA VAL X 9 -80.37 -38.16 17.97
C VAL X 9 -79.54 -38.89 19.01
N TRP X 10 -80.12 -39.91 19.64
CA TRP X 10 -79.44 -40.58 20.74
C TRP X 10 -78.08 -41.08 20.32
N ILE X 11 -77.93 -41.45 19.05
CA ILE X 11 -76.71 -42.07 18.55
C ILE X 11 -75.64 -40.99 18.38
N PRO X 12 -75.90 -39.89 17.68
CA PRO X 12 -74.87 -38.85 17.54
C PRO X 12 -74.47 -38.21 18.87
N MET X 13 -75.29 -38.32 19.90
CA MET X 13 -75.07 -37.61 21.16
C MET X 13 -74.43 -38.49 22.23
N LYS X 14 -74.14 -39.75 21.92
CA LYS X 14 -73.71 -40.70 22.95
C LYS X 14 -72.53 -40.22 23.77
N PRO X 15 -71.46 -39.67 23.21
CA PRO X 15 -70.37 -39.19 24.07
C PRO X 15 -70.81 -38.10 25.01
N TYR X 16 -71.89 -37.40 24.66
CA TYR X 16 -72.46 -36.40 25.55
C TYR X 16 -73.37 -37.06 26.58
N TYR X 17 -74.42 -37.73 26.13
CA TYR X 17 -75.44 -38.26 27.02
C TYR X 17 -75.04 -39.55 27.70
N THR X 18 -73.77 -39.94 27.64
CA THR X 18 -73.34 -41.15 28.31
C THR X 18 -72.12 -40.91 29.20
N GLN X 19 -71.20 -40.05 28.75
CA GLN X 19 -70.00 -39.77 29.53
C GLN X 19 -69.83 -38.30 29.88
N ALA X 20 -69.93 -37.40 28.89
CA ALA X 20 -69.60 -36.00 29.15
C ALA X 20 -70.67 -35.28 29.94
N TYR X 21 -71.85 -35.87 30.10
CA TYR X 21 -72.97 -35.27 30.83
C TYR X 21 -73.35 -36.05 32.09
N GLN X 22 -72.42 -36.79 32.68
CA GLN X 22 -72.70 -37.31 34.01
C GLN X 22 -72.92 -36.16 35.00
N GLU X 23 -72.04 -35.17 34.97
CA GLU X 23 -72.18 -34.03 35.87
C GLU X 23 -73.49 -33.28 35.60
N ILE X 24 -73.84 -33.11 34.33
CA ILE X 24 -75.04 -32.37 34.02
C ILE X 24 -76.28 -33.12 34.49
N TRP X 25 -76.28 -34.45 34.42
CA TRP X 25 -77.44 -35.18 34.90
C TRP X 25 -77.51 -35.18 36.42
N VAL X 26 -76.37 -35.21 37.10
CA VAL X 26 -76.42 -35.03 38.55
C VAL X 26 -77.02 -33.66 38.87
N GLY X 27 -76.58 -32.62 38.16
CA GLY X 27 -77.16 -31.31 38.36
C GLY X 27 -78.65 -31.30 38.06
N THR X 28 -79.07 -32.05 37.04
CA THR X 28 -80.49 -32.11 36.71
C THR X 28 -81.28 -32.76 37.83
N GLY X 29 -80.76 -33.83 38.42
CA GLY X 29 -81.43 -34.43 39.56
C GLY X 29 -81.52 -33.45 40.72
N LEU X 30 -80.44 -32.69 40.95
CA LEU X 30 -80.47 -31.70 42.00
C LEU X 30 -81.53 -30.65 41.72
N MET X 31 -81.66 -30.23 40.46
CA MET X 31 -82.74 -29.32 40.12
C MET X 31 -84.10 -29.94 40.40
N ALA X 32 -84.27 -31.20 40.03
CA ALA X 32 -85.54 -31.85 40.29
C ALA X 32 -85.89 -31.72 41.76
N TYR X 33 -84.94 -32.05 42.62
CA TYR X 33 -85.18 -31.94 44.05
C TYR X 33 -85.49 -30.51 44.46
N ILE X 34 -84.73 -29.55 43.94
CA ILE X 34 -84.88 -28.17 44.38
C ILE X 34 -86.24 -27.62 43.98
N VAL X 35 -86.61 -27.81 42.72
CA VAL X 35 -87.91 -27.32 42.27
C VAL X 35 -89.02 -28.07 42.97
N TYR X 36 -88.82 -29.35 43.28
CA TYR X 36 -89.82 -30.07 44.07
C TYR X 36 -90.00 -29.42 45.43
N LYS X 37 -88.90 -29.07 46.10
CA LYS X 37 -89.00 -28.42 47.39
C LYS X 37 -89.70 -27.06 47.27
N ILE X 38 -89.36 -26.29 46.24
CA ILE X 38 -89.99 -24.99 46.09
C ILE X 38 -91.48 -25.14 45.87
N ARG X 39 -91.89 -26.07 45.01
CA ARG X 39 -93.30 -26.28 44.79
C ARG X 39 -93.98 -26.76 46.06
N SER X 40 -93.32 -27.64 46.82
CA SER X 40 -93.92 -28.10 48.07
C SER X 40 -94.15 -26.94 49.02
N ALA X 41 -93.15 -26.06 49.14
CA ALA X 41 -93.30 -24.91 50.03
C ALA X 41 -94.43 -24.01 49.57
N ASP X 42 -94.52 -23.76 48.27
CA ASP X 42 -95.59 -22.91 47.76
C ASP X 42 -96.95 -23.56 48.00
N LYS X 43 -97.04 -24.87 47.80
CA LYS X 43 -98.29 -25.58 48.07
C LYS X 43 -98.67 -25.45 49.54
N ARG X 44 -97.70 -25.64 50.43
CA ARG X 44 -97.98 -25.49 51.85
C ARG X 44 -98.51 -24.11 52.16
N SER X 45 -97.80 -23.08 51.69
CA SER X 45 -98.20 -21.71 52.03
C SER X 45 -99.58 -21.39 51.48
N LYS X 46 -99.85 -21.78 50.23
CA LYS X 46 -101.15 -21.50 49.65
C LYS X 46 -102.26 -22.36 50.22
N ALA X 47 -101.91 -23.48 50.86
CA ALA X 47 -102.94 -24.30 51.49
C ALA X 47 -103.60 -23.55 52.64
N LEU X 48 -102.82 -22.81 53.41
CA LEU X 48 -103.39 -22.06 54.53
C LEU X 48 -104.43 -21.05 54.06
N LYS X 49 -104.40 -20.66 52.81
CA LYS X 49 -105.38 -19.73 52.27
C LYS X 49 -106.37 -20.45 51.37
N PRO Y 1 -72.28 -34.19 -4.52
CA PRO Y 1 -73.50 -34.83 -5.02
C PRO Y 1 -74.70 -33.89 -5.06
N VAL Y 2 -74.84 -33.05 -4.05
CA VAL Y 2 -76.05 -32.22 -3.97
C VAL Y 2 -76.10 -31.30 -5.18
N PRO Y 3 -77.27 -31.04 -5.75
CA PRO Y 3 -77.34 -30.15 -6.90
C PRO Y 3 -76.86 -28.75 -6.55
N PRO Y 4 -76.67 -27.89 -7.52
CA PRO Y 4 -76.30 -26.50 -7.21
C PRO Y 4 -77.49 -25.74 -6.63
N LEU Y 5 -77.18 -24.71 -5.87
CA LEU Y 5 -78.20 -23.92 -5.23
C LEU Y 5 -79.00 -23.15 -6.26
N PRO Y 6 -80.29 -22.90 -6.00
CA PRO Y 6 -81.01 -21.93 -6.81
C PRO Y 6 -80.28 -20.60 -6.84
N GLU Y 7 -80.71 -19.68 -7.68
CA GLU Y 7 -80.00 -18.40 -7.78
C GLU Y 7 -80.62 -17.33 -6.91
N HIS Y 8 -81.94 -17.15 -6.96
CA HIS Y 8 -82.63 -16.24 -6.06
C HIS Y 8 -83.92 -16.91 -5.61
N GLY Y 9 -84.30 -16.63 -4.37
CA GLY Y 9 -85.57 -17.09 -3.86
C GLY Y 9 -86.72 -16.26 -4.39
N GLY Y 10 -87.93 -16.67 -4.04
CA GLY Y 10 -89.10 -15.98 -4.53
C GLY Y 10 -89.05 -14.50 -4.27
N LYS Y 11 -89.23 -13.71 -5.33
CA LYS Y 11 -89.20 -12.26 -5.17
C LYS Y 11 -90.32 -11.82 -4.25
N VAL Y 12 -90.03 -10.82 -3.43
CA VAL Y 12 -90.94 -10.35 -2.39
C VAL Y 12 -91.07 -8.84 -2.53
N ARG Y 13 -92.23 -8.33 -2.14
CA ARG Y 13 -92.50 -6.92 -2.18
C ARG Y 13 -92.52 -6.37 -0.76
N PHE Y 14 -91.85 -5.23 -0.56
CA PHE Y 14 -91.63 -4.68 0.76
C PHE Y 14 -90.85 -5.64 1.64
N GLY Y 15 -90.21 -6.64 1.03
CA GLY Y 15 -89.61 -7.69 1.83
C GLY Y 15 -90.61 -8.37 2.72
N LEU Y 16 -91.89 -8.27 2.40
CA LEU Y 16 -92.94 -8.78 3.28
C LEU Y 16 -94.07 -9.50 2.57
N ILE Y 17 -94.16 -9.49 1.25
CA ILE Y 17 -95.21 -10.22 0.54
C ILE Y 17 -94.64 -10.86 -0.72
N PRO Y 18 -94.86 -12.15 -0.95
CA PRO Y 18 -94.37 -12.76 -2.19
C PRO Y 18 -95.05 -12.15 -3.40
N GLU Y 19 -94.31 -12.12 -4.50
CA GLU Y 19 -94.80 -11.46 -5.71
C GLU Y 19 -96.02 -12.19 -6.26
N GLU Y 20 -96.03 -13.52 -6.23
CA GLU Y 20 -97.09 -14.26 -6.87
C GLU Y 20 -98.46 -13.86 -6.34
N PHE Y 21 -98.56 -13.37 -5.12
CA PHE Y 21 -99.82 -12.81 -4.66
C PHE Y 21 -100.23 -11.64 -5.54
N PHE Y 22 -99.29 -10.74 -5.81
CA PHE Y 22 -99.58 -9.62 -6.69
C PHE Y 22 -99.99 -10.13 -8.07
N GLN Y 23 -99.34 -11.21 -8.53
CA GLN Y 23 -99.72 -11.78 -9.80
C GLN Y 23 -101.17 -12.28 -9.78
N PHE Y 24 -101.57 -12.95 -8.70
CA PHE Y 24 -102.97 -13.36 -8.59
C PHE Y 24 -103.90 -12.18 -8.67
N LEU Y 25 -103.53 -11.07 -8.02
CA LEU Y 25 -104.41 -9.91 -8.09
C LEU Y 25 -104.48 -9.33 -9.49
N TYR Y 26 -103.35 -9.30 -10.19
CA TYR Y 26 -103.27 -8.51 -11.42
C TYR Y 26 -104.39 -8.81 -12.42
N PRO Y 27 -104.76 -10.06 -12.68
CA PRO Y 27 -105.84 -10.30 -13.65
C PRO Y 27 -107.10 -9.53 -13.36
N LYS Y 28 -107.50 -9.44 -12.09
CA LYS Y 28 -108.80 -8.85 -11.76
C LYS Y 28 -108.70 -7.39 -11.35
N THR Y 29 -107.52 -6.93 -10.94
CA THR Y 29 -107.37 -5.55 -10.51
C THR Y 29 -106.12 -4.87 -11.05
N GLY Y 30 -105.20 -5.60 -11.68
CA GLY Y 30 -104.02 -4.99 -12.24
C GLY Y 30 -102.97 -4.68 -11.21
N VAL Y 31 -102.76 -3.40 -10.92
CA VAL Y 31 -101.62 -2.96 -10.13
C VAL Y 31 -102.05 -2.38 -8.79
N THR Y 32 -103.11 -1.58 -8.76
CA THR Y 32 -103.49 -0.90 -7.54
C THR Y 32 -104.07 -1.88 -6.52
N GLY Y 33 -104.85 -2.85 -6.97
CA GLY Y 33 -105.58 -3.74 -6.10
C GLY Y 33 -104.84 -4.19 -4.87
N PRO Y 34 -103.60 -4.67 -5.01
CA PRO Y 34 -102.87 -5.10 -3.82
C PRO Y 34 -102.72 -4.00 -2.78
N TYR Y 35 -102.24 -2.85 -3.21
CA TYR Y 35 -102.02 -1.75 -2.28
C TYR Y 35 -103.33 -1.34 -1.62
N VAL Y 36 -104.40 -1.27 -2.40
CA VAL Y 36 -105.68 -0.89 -1.84
C VAL Y 36 -106.13 -1.92 -0.81
N LEU Y 37 -105.97 -3.21 -1.13
CA LEU Y 37 -106.38 -4.23 -0.19
C LEU Y 37 -105.61 -4.11 1.11
N GLY Y 38 -104.29 -3.94 1.02
CA GLY Y 38 -103.51 -3.76 2.24
C GLY Y 38 -104.02 -2.58 3.05
N THR Y 39 -103.96 -1.38 2.47
CA THR Y 39 -104.31 -0.18 3.22
C THR Y 39 -105.71 -0.28 3.81
N GLY Y 40 -106.67 -0.75 3.03
CA GLY Y 40 -108.02 -0.84 3.53
C GLY Y 40 -108.17 -1.93 4.58
N LEU Y 41 -107.33 -2.95 4.55
CA LEU Y 41 -107.35 -3.92 5.64
C LEU Y 41 -106.90 -3.27 6.94
N ILE Y 42 -105.84 -2.47 6.87
CA ILE Y 42 -105.49 -1.67 8.05
C ILE Y 42 -106.67 -0.82 8.48
N LEU Y 43 -107.34 -0.20 7.51
CA LEU Y 43 -108.47 0.66 7.87
C LEU Y 43 -109.57 -0.13 8.54
N TYR Y 44 -109.89 -1.32 8.03
CA TYR Y 44 -110.93 -2.13 8.65
C TYR Y 44 -110.54 -2.55 10.05
N LEU Y 45 -109.30 -3.00 10.22
CA LEU Y 45 -108.87 -3.47 11.52
C LEU Y 45 -108.90 -2.35 12.55
N LEU Y 46 -108.44 -1.18 12.17
CA LEU Y 46 -108.47 -0.05 13.09
C LEU Y 46 -109.90 0.38 13.38
N SER Y 47 -110.65 0.68 12.32
CA SER Y 47 -112.02 1.15 12.48
C SER Y 47 -112.83 0.14 13.28
N LYS Y 48 -113.05 -1.05 12.71
CA LYS Y 48 -113.70 -2.09 13.47
C LYS Y 48 -112.91 -2.43 14.71
N GLU Y 49 -111.69 -1.94 14.82
CA GLU Y 49 -110.97 -1.89 16.08
C GLU Y 49 -110.63 -3.29 16.57
N ILE Y 50 -110.00 -4.06 15.68
CA ILE Y 50 -109.42 -5.34 16.07
C ILE Y 50 -107.98 -5.19 16.50
N TYR Y 51 -107.21 -4.39 15.76
CA TYR Y 51 -105.86 -4.05 16.16
C TYR Y 51 -105.93 -2.77 16.99
N VAL Y 52 -105.77 -2.91 18.29
CA VAL Y 52 -106.03 -1.83 19.24
C VAL Y 52 -104.71 -1.09 19.50
N ILE Y 53 -104.73 0.22 19.33
CA ILE Y 53 -103.53 1.01 19.58
C ILE Y 53 -103.19 0.91 21.06
N THR Y 54 -102.02 0.37 21.37
CA THR Y 54 -101.59 0.16 22.74
C THR Y 54 -100.10 0.40 22.83
N PRO Y 55 -99.56 0.59 24.03
CA PRO Y 55 -98.12 0.78 24.18
C PRO Y 55 -97.31 -0.18 23.32
N GLU Y 56 -97.77 -1.44 23.25
CA GLU Y 56 -97.10 -2.39 22.38
C GLU Y 56 -97.05 -1.87 20.95
N THR Y 57 -98.04 -1.09 20.54
CA THR Y 57 -98.01 -0.53 19.18
C THR Y 57 -96.84 0.40 18.99
N PHE Y 58 -96.57 1.27 19.97
CA PHE Y 58 -95.46 2.20 19.80
C PHE Y 58 -94.12 1.49 19.93
N SER Y 59 -94.01 0.53 20.84
CA SER Y 59 -92.81 -0.28 20.87
C SER Y 59 -92.60 -0.98 19.54
N ALA Y 60 -93.69 -1.44 18.91
CA ALA Y 60 -93.60 -2.15 17.64
C ALA Y 60 -93.12 -1.22 16.54
N ILE Y 61 -93.72 -0.03 16.44
CA ILE Y 61 -93.32 0.89 15.39
C ILE Y 61 -91.85 1.26 15.57
N SER Y 62 -91.43 1.49 16.80
CA SER Y 62 -90.03 1.82 17.04
C SER Y 62 -89.11 0.68 16.62
N THR Y 63 -89.42 -0.54 17.07
CA THR Y 63 -88.56 -1.67 16.76
C THR Y 63 -88.48 -1.92 15.27
N ILE Y 64 -89.63 -1.91 14.59
CA ILE Y 64 -89.63 -2.16 13.16
C ILE Y 64 -88.89 -1.06 12.44
N GLY Y 65 -89.05 0.19 12.87
CA GLY Y 65 -88.28 1.26 12.29
C GLY Y 65 -86.79 1.00 12.43
N PHE Y 66 -86.36 0.57 13.61
CA PHE Y 66 -84.95 0.34 13.80
C PHE Y 66 -84.46 -0.79 12.91
N LEU Y 67 -85.22 -1.89 12.82
CA LEU Y 67 -84.79 -3.00 11.99
C LEU Y 67 -84.70 -2.60 10.52
N VAL Y 68 -85.72 -1.89 10.03
CA VAL Y 68 -85.69 -1.50 8.63
C VAL Y 68 -84.54 -0.56 8.37
N TYR Y 69 -84.25 0.34 9.31
CA TYR Y 69 -83.10 1.22 9.14
C TYR Y 69 -81.81 0.42 9.07
N ILE Y 70 -81.63 -0.50 10.03
CA ILE Y 70 -80.39 -1.26 10.08
C ILE Y 70 -80.20 -2.06 8.81
N VAL Y 71 -81.25 -2.72 8.33
CA VAL Y 71 -81.11 -3.50 7.11
C VAL Y 71 -80.81 -2.58 5.94
N LYS Y 72 -81.60 -1.52 5.77
CA LYS Y 72 -81.37 -0.62 4.65
C LYS Y 72 -79.96 -0.06 4.68
N LYS Y 73 -79.34 0.00 5.85
CA LYS Y 73 -78.02 0.60 5.95
C LYS Y 73 -76.88 -0.40 5.79
N TYR Y 74 -77.04 -1.64 6.26
CA TYR Y 74 -75.93 -2.59 6.31
C TYR Y 74 -76.20 -3.88 5.56
N GLY Y 75 -77.31 -4.01 4.85
CA GLY Y 75 -77.61 -5.25 4.15
C GLY Y 75 -76.58 -5.55 3.09
N ALA Y 76 -76.20 -4.53 2.31
CA ALA Y 76 -75.14 -4.74 1.33
C ALA Y 76 -73.92 -5.27 2.06
N SER Y 77 -73.35 -4.44 2.93
CA SER Y 77 -72.14 -4.82 3.66
C SER Y 77 -72.17 -6.27 4.08
N VAL Y 78 -73.22 -6.68 4.79
CA VAL Y 78 -73.26 -8.04 5.31
C VAL Y 78 -73.32 -9.05 4.17
N GLY Y 79 -74.13 -8.79 3.15
CA GLY Y 79 -74.27 -9.77 2.08
C GLY Y 79 -72.96 -9.99 1.34
N GLU Y 80 -72.32 -8.90 0.90
CA GLU Y 80 -71.07 -9.07 0.21
C GLU Y 80 -69.98 -9.61 1.13
N PHE Y 81 -70.07 -9.34 2.43
CA PHE Y 81 -69.11 -9.93 3.35
C PHE Y 81 -69.24 -11.45 3.36
N ALA Y 82 -70.48 -11.94 3.46
CA ALA Y 82 -70.68 -13.38 3.44
C ALA Y 82 -70.20 -13.98 2.13
N ASP Y 83 -70.52 -13.32 1.02
CA ASP Y 83 -70.08 -13.83 -0.27
C ASP Y 83 -68.56 -13.84 -0.35
N LYS Y 84 -67.92 -12.83 0.22
CA LYS Y 84 -66.46 -12.81 0.27
C LYS Y 84 -65.94 -14.01 1.03
N LEU Y 85 -66.57 -14.34 2.16
CA LEU Y 85 -66.14 -15.52 2.90
C LEU Y 85 -66.21 -16.75 2.01
N ASN Y 86 -67.34 -16.93 1.34
CA ASN Y 86 -67.51 -18.10 0.49
C ASN Y 86 -66.41 -18.17 -0.56
N GLU Y 87 -66.25 -17.08 -1.31
CA GLU Y 87 -65.31 -17.11 -2.42
C GLU Y 87 -63.88 -17.26 -1.93
N GLN Y 88 -63.56 -16.69 -0.76
CA GLN Y 88 -62.22 -16.88 -0.23
C GLN Y 88 -61.94 -18.35 0.03
N LYS Y 89 -62.87 -19.04 0.70
CA LYS Y 89 -62.60 -20.45 0.96
C LYS Y 89 -62.58 -21.26 -0.33
N ILE Y 90 -63.42 -20.89 -1.30
CA ILE Y 90 -63.39 -21.59 -2.58
C ILE Y 90 -62.02 -21.43 -3.24
N ALA Y 91 -61.49 -20.20 -3.22
CA ALA Y 91 -60.18 -19.96 -3.80
C ALA Y 91 -59.12 -20.76 -3.09
N GLN Y 92 -59.18 -20.82 -1.77
CA GLN Y 92 -58.19 -21.60 -1.03
C GLN Y 92 -58.24 -23.06 -1.47
N LEU Y 93 -59.44 -23.61 -1.56
CA LEU Y 93 -59.57 -25.01 -1.94
C LEU Y 93 -59.02 -25.25 -3.34
N GLU Y 94 -59.44 -24.43 -4.31
CA GLU Y 94 -59.01 -24.67 -5.68
C GLU Y 94 -57.50 -24.51 -5.80
N GLU Y 95 -56.92 -23.52 -5.11
CA GLU Y 95 -55.48 -23.31 -5.27
C GLU Y 95 -54.68 -24.44 -4.63
N VAL Y 96 -55.15 -24.96 -3.49
CA VAL Y 96 -54.45 -26.12 -2.94
C VAL Y 96 -54.56 -27.30 -3.90
N LYS Y 97 -55.70 -27.41 -4.58
CA LYS Y 97 -55.81 -28.45 -5.61
C LYS Y 97 -54.77 -28.23 -6.71
N GLN Y 98 -54.61 -26.98 -7.14
CA GLN Y 98 -53.64 -26.67 -8.18
C GLN Y 98 -52.24 -27.07 -7.74
N ALA Y 99 -51.88 -26.72 -6.51
CA ALA Y 99 -50.56 -27.08 -6.00
C ALA Y 99 -50.40 -28.59 -5.97
N SER Y 100 -51.44 -29.30 -5.56
CA SER Y 100 -51.37 -30.76 -5.52
C SER Y 100 -51.10 -31.33 -6.90
N ILE Y 101 -51.86 -30.87 -7.90
CA ILE Y 101 -51.69 -31.42 -9.24
C ILE Y 101 -50.31 -31.07 -9.79
N LYS Y 102 -49.82 -29.88 -9.48
CA LYS Y 102 -48.46 -29.53 -9.90
C LYS Y 102 -47.46 -30.47 -9.27
N GLN Y 103 -47.64 -30.80 -8.00
CA GLN Y 103 -46.77 -31.77 -7.36
C GLN Y 103 -46.82 -33.11 -8.08
N ILE Y 104 -48.02 -33.52 -8.50
CA ILE Y 104 -48.15 -34.79 -9.20
C ILE Y 104 -47.37 -34.75 -10.51
N GLN Y 105 -47.50 -33.65 -11.27
CA GLN Y 105 -46.76 -33.55 -12.52
C GLN Y 105 -45.27 -33.55 -12.27
N ASP Y 106 -44.82 -32.92 -11.18
CA ASP Y 106 -43.41 -32.96 -10.84
C ASP Y 106 -42.95 -34.40 -10.64
N ALA Y 107 -43.73 -35.18 -9.88
CA ALA Y 107 -43.37 -36.57 -9.69
C ALA Y 107 -43.32 -37.30 -11.03
N ILE Y 108 -44.30 -37.05 -11.89
CA ILE Y 108 -44.37 -37.74 -13.17
C ILE Y 108 -43.12 -37.45 -14.00
N ASP Y 109 -42.79 -36.17 -14.14
CA ASP Y 109 -41.65 -35.83 -14.99
C ASP Y 109 -40.34 -36.29 -14.37
N MET Y 110 -40.23 -36.28 -13.04
CA MET Y 110 -39.01 -36.80 -12.41
C MET Y 110 -38.84 -38.28 -12.72
N GLU Y 111 -39.93 -39.04 -12.64
CA GLU Y 111 -39.86 -40.45 -13.00
C GLU Y 111 -39.49 -40.62 -14.47
N LYS Y 112 -40.07 -39.81 -15.35
CA LYS Y 112 -39.70 -39.87 -16.76
C LYS Y 112 -38.21 -39.60 -16.94
N SER Y 113 -37.69 -38.63 -16.19
CA SER Y 113 -36.27 -38.32 -16.25
C SER Y 113 -35.43 -39.52 -15.84
N GLN Y 114 -35.84 -40.20 -14.77
CA GLN Y 114 -35.12 -41.42 -14.39
C GLN Y 114 -35.17 -42.45 -15.50
N GLN Y 115 -36.34 -42.61 -16.13
CA GLN Y 115 -36.46 -43.59 -17.21
C GLN Y 115 -35.50 -43.26 -18.34
N ALA Y 116 -35.43 -41.99 -18.73
CA ALA Y 116 -34.49 -41.60 -19.78
C ALA Y 116 -33.05 -41.85 -19.34
N LEU Y 117 -32.73 -41.49 -18.10
CA LEU Y 117 -31.38 -41.71 -17.59
C LEU Y 117 -31.00 -43.17 -17.66
N VAL Y 118 -31.99 -44.07 -17.55
CA VAL Y 118 -31.70 -45.49 -17.64
C VAL Y 118 -31.05 -45.82 -18.98
N GLN Y 119 -31.50 -45.17 -20.05
CA GLN Y 119 -31.00 -45.51 -21.38
C GLN Y 119 -29.48 -45.52 -21.43
N LYS Y 120 -28.87 -44.45 -20.94
CA LYS Y 120 -27.42 -44.32 -20.97
C LYS Y 120 -26.75 -45.03 -19.80
N ARG Y 121 -27.45 -45.93 -19.12
CA ARG Y 121 -26.87 -46.57 -17.95
C ARG Y 121 -25.69 -47.48 -18.30
N HIS Y 122 -25.48 -47.76 -19.60
CA HIS Y 122 -24.43 -48.66 -20.04
C HIS Y 122 -23.13 -47.95 -20.39
N TYR Y 123 -23.17 -46.65 -20.68
CA TYR Y 123 -22.01 -45.97 -21.23
C TYR Y 123 -20.77 -46.20 -20.37
N LEU Y 124 -20.94 -46.28 -19.06
CA LEU Y 124 -19.80 -46.47 -18.18
C LEU Y 124 -18.98 -47.67 -18.61
N PHE Y 125 -19.65 -48.80 -18.81
CA PHE Y 125 -18.92 -50.01 -19.17
C PHE Y 125 -18.37 -49.92 -20.59
N ASP Y 126 -19.05 -49.21 -21.48
CA ASP Y 126 -18.49 -48.95 -22.79
C ASP Y 126 -17.13 -48.28 -22.66
N VAL Y 127 -17.07 -47.26 -21.80
CA VAL Y 127 -15.82 -46.54 -21.57
C VAL Y 127 -14.78 -47.48 -20.99
N GLN Y 128 -15.17 -48.27 -20.00
CA GLN Y 128 -14.24 -49.21 -19.39
C GLN Y 128 -13.64 -50.14 -20.44
N ARG Y 129 -14.49 -50.66 -21.32
CA ARG Y 129 -14.04 -51.61 -22.34
C ARG Y 129 -13.08 -50.93 -23.30
N ASN Y 130 -13.46 -49.73 -23.76
CA ASN Y 130 -12.60 -48.99 -24.67
C ASN Y 130 -11.23 -48.79 -24.05
N ASN Y 131 -11.19 -48.35 -22.79
CA ASN Y 131 -9.93 -48.05 -22.15
C ASN Y 131 -9.07 -49.29 -22.02
N ILE Y 132 -9.64 -50.38 -21.50
CA ILE Y 132 -8.83 -51.56 -21.28
C ILE Y 132 -8.33 -52.13 -22.61
N ALA Y 133 -9.20 -52.20 -23.61
CA ALA Y 133 -8.79 -52.74 -24.90
C ALA Y 133 -7.69 -51.90 -25.50
N MET Y 134 -7.84 -50.58 -25.48
CA MET Y 134 -6.81 -49.75 -26.09
C MET Y 134 -5.52 -49.79 -25.28
N ALA Y 135 -5.61 -50.04 -23.96
CA ALA Y 135 -4.40 -50.25 -23.17
C ALA Y 135 -3.67 -51.51 -23.61
N LEU Y 136 -4.42 -52.58 -23.84
CA LEU Y 136 -3.79 -53.79 -24.38
C LEU Y 136 -3.13 -53.50 -25.71
N GLU Y 137 -3.80 -52.70 -26.55
CA GLU Y 137 -3.20 -52.31 -27.82
C GLU Y 137 -1.93 -51.50 -27.59
N VAL Y 138 -1.93 -50.65 -26.56
CA VAL Y 138 -0.74 -49.88 -26.21
C VAL Y 138 0.41 -50.81 -25.92
N THR Y 139 0.17 -51.81 -25.09
CA THR Y 139 1.22 -52.78 -24.75
C THR Y 139 1.72 -53.48 -26.00
N TYR Y 140 0.80 -53.93 -26.85
CA TYR Y 140 1.16 -54.52 -28.13
C TYR Y 140 2.13 -53.62 -28.90
N ARG Y 141 1.69 -52.40 -29.18
CA ARG Y 141 2.46 -51.51 -30.04
C ARG Y 141 3.81 -51.18 -29.43
N GLU Y 142 3.83 -50.88 -28.13
CA GLU Y 142 5.09 -50.53 -27.49
C GLU Y 142 6.04 -51.72 -27.48
N ARG Y 143 5.51 -52.94 -27.33
CA ARG Y 143 6.38 -54.11 -27.43
C ARG Y 143 7.03 -54.18 -28.81
N LEU Y 144 6.23 -53.96 -29.86
CA LEU Y 144 6.79 -53.95 -31.20
C LEU Y 144 7.90 -52.92 -31.34
N HIS Y 145 7.62 -51.69 -30.92
CA HIS Y 145 8.60 -50.63 -31.07
C HIS Y 145 9.84 -50.93 -30.24
N ARG Y 146 9.67 -51.54 -29.08
CA ARG Y 146 10.80 -51.80 -28.20
C ARG Y 146 11.69 -52.89 -28.78
N VAL Y 147 11.10 -53.94 -29.35
CA VAL Y 147 11.94 -54.97 -29.97
C VAL Y 147 12.70 -54.38 -31.15
N TYR Y 148 12.02 -53.57 -31.97
CA TYR Y 148 12.71 -52.90 -33.06
C TYR Y 148 13.89 -52.08 -32.54
N ARG Y 149 13.64 -51.32 -31.47
CA ARG Y 149 14.71 -50.52 -30.87
C ARG Y 149 15.88 -51.38 -30.46
N GLU Y 150 15.60 -52.47 -29.75
CA GLU Y 150 16.70 -53.28 -29.22
C GLU Y 150 17.53 -53.86 -30.35
N VAL Y 151 16.87 -54.38 -31.39
CA VAL Y 151 17.63 -54.99 -32.48
C VAL Y 151 18.50 -53.94 -33.17
N LYS Y 152 17.93 -52.78 -33.45
CA LYS Y 152 18.71 -51.74 -34.11
C LYS Y 152 19.88 -51.33 -33.25
N ASN Y 153 19.67 -51.16 -31.94
CA ASN Y 153 20.76 -50.80 -31.04
C ASN Y 153 21.85 -51.86 -31.04
N ARG Y 154 21.45 -53.12 -30.97
CA ARG Y 154 22.42 -54.19 -30.88
C ARG Y 154 23.30 -54.22 -32.13
N LEU Y 155 22.70 -54.03 -33.30
CA LEU Y 155 23.50 -54.01 -34.51
C LEU Y 155 24.33 -52.74 -34.61
N ASP Y 156 23.81 -51.63 -34.06
CA ASP Y 156 24.58 -50.39 -34.04
C ASP Y 156 25.87 -50.57 -33.25
N TYR Y 157 25.81 -51.34 -32.17
CA TYR Y 157 27.04 -51.71 -31.47
C TYR Y 157 28.13 -52.13 -32.43
N HIS Y 158 27.84 -53.12 -33.27
CA HIS Y 158 28.87 -53.66 -34.14
C HIS Y 158 29.23 -52.69 -35.25
N ILE Y 159 28.26 -51.91 -35.74
CA ILE Y 159 28.60 -50.88 -36.71
C ILE Y 159 29.64 -49.92 -36.12
N SER Y 160 29.40 -49.47 -34.89
CA SER Y 160 30.33 -48.57 -34.23
C SER Y 160 31.68 -49.25 -34.02
N VAL Y 161 31.67 -50.53 -33.70
CA VAL Y 161 32.93 -51.27 -33.56
C VAL Y 161 33.70 -51.22 -34.87
N GLN Y 162 33.00 -51.42 -35.99
CA GLN Y 162 33.68 -51.33 -37.29
C GLN Y 162 34.22 -49.93 -37.54
N ASN Y 163 33.44 -48.90 -37.21
CA ASN Y 163 33.87 -47.54 -37.50
C ASN Y 163 35.11 -47.18 -36.69
N MET Y 164 35.09 -47.49 -35.39
CA MET Y 164 36.26 -47.26 -34.55
C MET Y 164 37.46 -48.06 -35.04
N MET Y 165 37.24 -49.33 -35.39
CA MET Y 165 38.32 -50.13 -35.96
C MET Y 165 38.96 -49.39 -37.13
N ARG Y 166 38.12 -48.93 -38.06
CA ARG Y 166 38.64 -48.32 -39.27
C ARG Y 166 39.41 -47.04 -38.96
N GLN Y 167 38.84 -46.17 -38.12
CA GLN Y 167 39.52 -44.91 -37.85
C GLN Y 167 40.84 -45.12 -37.11
N LYS Y 168 40.86 -46.02 -36.13
CA LYS Y 168 42.08 -46.24 -35.38
C LYS Y 168 43.16 -46.87 -36.25
N GLU Y 169 42.78 -47.83 -37.09
CA GLU Y 169 43.77 -48.40 -37.98
C GLU Y 169 44.23 -47.36 -38.99
N GLN Y 170 43.32 -46.48 -39.41
CA GLN Y 170 43.70 -45.39 -40.31
C GLN Y 170 44.81 -44.56 -39.70
N GLU Y 171 44.59 -44.06 -38.49
CA GLU Y 171 45.60 -43.20 -37.88
C GLU Y 171 46.90 -43.96 -37.69
N HIS Y 172 46.82 -45.24 -37.32
CA HIS Y 172 48.06 -46.01 -37.16
C HIS Y 172 48.79 -46.14 -38.49
N MET Y 173 48.06 -46.40 -39.57
CA MET Y 173 48.68 -46.52 -40.88
C MET Y 173 49.40 -45.23 -41.21
N ILE Y 174 48.76 -44.10 -40.93
CA ILE Y 174 49.38 -42.80 -41.16
C ILE Y 174 50.69 -42.71 -40.38
N ASN Y 175 50.58 -42.78 -39.06
CA ASN Y 175 51.77 -42.74 -38.20
C ASN Y 175 52.91 -43.51 -38.84
N TRP Y 176 52.66 -44.79 -39.15
CA TRP Y 176 53.68 -45.65 -39.71
C TRP Y 176 54.21 -45.10 -41.02
N VAL Y 177 53.31 -44.62 -41.88
CA VAL Y 177 53.69 -44.24 -43.24
C VAL Y 177 54.59 -43.02 -43.21
N GLU Y 178 54.20 -41.98 -42.46
CA GLU Y 178 55.07 -40.81 -42.42
C GLU Y 178 56.38 -41.10 -41.68
N LYS Y 179 56.35 -42.00 -40.68
CA LYS Y 179 57.61 -42.37 -40.05
C LYS Y 179 58.54 -43.01 -41.07
N ARG Y 180 58.01 -43.90 -41.91
CA ARG Y 180 58.82 -44.47 -42.98
C ARG Y 180 59.23 -43.43 -43.99
N VAL Y 181 58.39 -42.42 -44.24
CA VAL Y 181 58.76 -41.35 -45.15
C VAL Y 181 60.01 -40.65 -44.66
N VAL Y 182 60.01 -40.24 -43.39
CA VAL Y 182 61.17 -39.54 -42.84
C VAL Y 182 62.36 -40.49 -42.78
N GLN Y 183 62.13 -41.77 -42.53
CA GLN Y 183 63.22 -42.74 -42.52
C GLN Y 183 63.86 -42.85 -43.90
N SER Y 184 63.04 -42.88 -44.95
CA SER Y 184 63.50 -43.24 -46.29
C SER Y 184 64.03 -42.05 -47.08
N ILE Y 185 63.46 -40.86 -46.87
CA ILE Y 185 63.88 -39.69 -47.63
C ILE Y 185 65.37 -39.44 -47.54
N SER Y 186 66.05 -40.06 -46.57
CA SER Y 186 67.50 -40.00 -46.51
C SER Y 186 68.15 -40.66 -47.73
N ALA Y 187 67.39 -41.45 -48.49
CA ALA Y 187 67.94 -42.12 -49.66
C ALA Y 187 68.50 -41.10 -50.64
N GLN Y 188 69.37 -41.56 -51.52
CA GLN Y 188 70.15 -40.70 -52.40
C GLN Y 188 69.30 -40.31 -53.61
N GLN Y 189 68.79 -39.09 -53.60
CA GLN Y 189 68.13 -38.53 -54.78
C GLN Y 189 68.49 -37.06 -54.97
N GLU Y 190 69.59 -36.60 -54.35
CA GLU Y 190 69.89 -35.18 -54.31
C GLU Y 190 69.93 -34.58 -55.70
N LYS Y 191 70.89 -35.02 -56.52
CA LYS Y 191 71.06 -34.44 -57.85
C LYS Y 191 69.76 -34.50 -58.65
N GLU Y 192 69.05 -35.62 -58.58
CA GLU Y 192 67.79 -35.74 -59.29
C GLU Y 192 66.79 -34.70 -58.79
N THR Y 193 66.69 -34.54 -57.48
CA THR Y 193 65.77 -33.55 -56.91
C THR Y 193 66.13 -32.15 -57.36
N ILE Y 194 67.42 -31.81 -57.35
CA ILE Y 194 67.85 -30.49 -57.78
C ILE Y 194 67.50 -30.29 -59.24
N ALA Y 195 67.70 -31.32 -60.06
CA ALA Y 195 67.37 -31.22 -61.49
C ALA Y 195 65.89 -30.91 -61.68
N LYS Y 196 65.02 -31.67 -61.02
CA LYS Y 196 63.60 -31.42 -61.18
C LYS Y 196 63.21 -30.05 -60.65
N CYS Y 197 63.76 -29.65 -59.50
CA CYS Y 197 63.39 -28.35 -58.94
C CYS Y 197 63.86 -27.21 -59.83
N ILE Y 198 65.05 -27.32 -60.41
CA ILE Y 198 65.56 -26.26 -61.27
C ILE Y 198 64.74 -26.20 -62.55
N ALA Y 199 64.34 -27.36 -63.09
CA ALA Y 199 63.42 -27.35 -64.22
C ALA Y 199 62.11 -26.68 -63.84
N ASP Y 200 61.66 -26.89 -62.61
CA ASP Y 200 60.42 -26.29 -62.16
C ASP Y 200 60.54 -24.77 -62.04
N LEU Y 201 61.66 -24.28 -61.52
CA LEU Y 201 61.92 -22.85 -61.54
C LEU Y 201 61.96 -22.33 -62.97
N LYS Y 202 62.54 -23.11 -63.88
CA LYS Y 202 62.56 -22.72 -65.29
C LYS Y 202 61.14 -22.53 -65.80
N LEU Y 203 60.27 -23.49 -65.50
CA LEU Y 203 58.88 -23.38 -65.93
C LEU Y 203 58.18 -22.20 -65.26
N LEU Y 204 58.46 -21.98 -63.97
CA LEU Y 204 57.84 -20.87 -63.26
C LEU Y 204 58.25 -19.54 -63.84
N SER Y 205 59.53 -19.39 -64.19
CA SER Y 205 59.99 -18.17 -64.86
C SER Y 205 59.38 -18.05 -66.25
N LYS Y 206 59.33 -19.15 -66.99
CA LYS Y 206 58.77 -19.13 -68.34
C LYS Y 206 57.33 -18.63 -68.32
N LYS Y 207 56.53 -19.12 -67.37
CA LYS Y 207 55.19 -18.60 -67.19
C LYS Y 207 55.18 -17.23 -66.53
N ALA Y 208 56.29 -16.84 -65.89
CA ALA Y 208 56.32 -15.56 -65.20
C ALA Y 208 56.13 -14.41 -66.17
N GLN Y 209 56.76 -14.48 -67.34
CA GLN Y 209 56.64 -13.43 -68.35
C GLN Y 209 56.18 -14.02 -69.67
N ASP Z 5 52.74 -37.89 -63.61
CA ASP Z 5 52.31 -37.92 -62.22
C ASP Z 5 53.36 -38.57 -61.32
N PRO Z 6 54.04 -39.61 -61.81
CA PRO Z 6 55.18 -40.14 -61.05
C PRO Z 6 56.38 -39.21 -61.02
N VAL Z 7 56.32 -38.06 -61.70
CA VAL Z 7 57.47 -37.16 -61.74
C VAL Z 7 57.87 -36.73 -60.33
N GLN Z 8 56.89 -36.48 -59.48
CA GLN Z 8 57.16 -36.11 -58.10
C GLN Z 8 57.49 -37.38 -57.32
N LYS Z 9 58.75 -37.51 -56.89
CA LYS Z 9 59.17 -38.69 -56.16
C LYS Z 9 58.40 -38.85 -54.85
N LEU Z 10 57.82 -37.78 -54.35
CA LEU Z 10 57.03 -37.87 -53.13
C LEU Z 10 55.85 -38.82 -53.32
N PHE Z 11 55.16 -38.72 -54.45
CA PHE Z 11 54.01 -39.59 -54.68
C PHE Z 11 54.43 -41.05 -54.65
N VAL Z 12 55.49 -41.40 -55.39
CA VAL Z 12 55.92 -42.80 -55.43
C VAL Z 12 56.39 -43.24 -54.05
N ASP Z 13 57.10 -42.36 -53.33
CA ASP Z 13 57.56 -42.71 -52.00
C ASP Z 13 56.38 -43.12 -51.11
N LYS Z 14 55.38 -42.25 -51.04
CA LYS Z 14 54.20 -42.57 -50.25
C LYS Z 14 53.53 -43.82 -50.78
N ILE Z 15 53.46 -43.95 -52.10
CA ILE Z 15 52.72 -45.05 -52.71
C ILE Z 15 53.32 -46.39 -52.30
N ARG Z 16 54.65 -46.52 -52.39
CA ARG Z 16 55.20 -47.84 -52.12
C ARG Z 16 55.44 -48.09 -50.65
N GLU Z 17 55.59 -47.06 -49.81
CA GLU Z 17 55.43 -47.29 -48.39
C GLU Z 17 54.05 -47.87 -48.11
N TYR Z 18 53.03 -47.24 -48.69
CA TYR Z 18 51.66 -47.74 -48.60
C TYR Z 18 51.57 -49.19 -49.05
N ARG Z 19 52.17 -49.52 -50.19
CA ARG Z 19 52.07 -50.88 -50.71
C ARG Z 19 52.69 -51.86 -49.73
N THR Z 20 53.97 -51.69 -49.43
CA THR Z 20 54.64 -52.55 -48.46
C THR Z 20 53.77 -52.71 -47.22
N LYS Z 21 53.10 -51.62 -46.82
CA LYS Z 21 52.21 -51.69 -45.66
C LYS Z 21 51.07 -52.66 -45.92
N ARG Z 22 50.42 -52.54 -47.08
CA ARG Z 22 49.29 -53.40 -47.37
C ARG Z 22 49.73 -54.87 -47.42
N GLN Z 23 50.90 -55.13 -47.99
CA GLN Z 23 51.43 -56.48 -47.99
C GLN Z 23 51.67 -56.96 -46.57
N THR Z 24 52.22 -56.10 -45.71
CA THR Z 24 52.38 -56.44 -44.31
C THR Z 24 51.05 -56.58 -43.59
N SER Z 25 49.96 -56.13 -44.22
CA SER Z 25 48.63 -56.13 -43.60
C SER Z 25 48.15 -57.52 -43.24
N GLY Z 26 48.97 -58.55 -43.46
CA GLY Z 26 48.70 -59.84 -42.86
C GLY Z 26 48.46 -59.69 -41.37
N GLY Z 27 49.02 -58.64 -40.79
CA GLY Z 27 48.65 -58.19 -39.47
C GLY Z 27 48.87 -56.69 -39.37
N PRO Z 28 48.27 -56.04 -38.37
CA PRO Z 28 48.51 -54.60 -38.21
C PRO Z 28 49.94 -54.36 -37.74
N VAL Z 29 50.80 -53.90 -38.65
CA VAL Z 29 52.23 -53.93 -38.39
C VAL Z 29 52.55 -52.90 -37.31
N ASP Z 30 53.43 -53.28 -36.39
CA ASP Z 30 53.93 -52.36 -35.39
C ASP Z 30 52.79 -51.75 -34.59
N ALA Z 31 51.76 -52.57 -34.33
CA ALA Z 31 50.64 -52.09 -33.53
C ALA Z 31 51.12 -51.56 -32.19
N GLY Z 32 51.89 -52.35 -31.46
CA GLY Z 32 52.41 -51.96 -30.18
C GLY Z 32 51.39 -52.17 -29.08
N PRO Z 33 51.82 -52.73 -27.94
CA PRO Z 33 50.85 -53.09 -26.90
C PRO Z 33 50.03 -51.92 -26.41
N GLU Z 34 50.53 -50.69 -26.54
CA GLU Z 34 49.74 -49.51 -26.20
C GLU Z 34 48.52 -49.41 -27.11
N TYR Z 35 48.67 -49.81 -28.37
CA TYR Z 35 47.52 -49.97 -29.25
C TYR Z 35 46.46 -50.86 -28.60
N GLN Z 36 46.88 -52.03 -28.14
CA GLN Z 36 45.94 -52.95 -27.51
C GLN Z 36 45.32 -52.35 -26.26
N GLN Z 37 46.11 -51.63 -25.46
CA GLN Z 37 45.57 -51.02 -24.25
C GLN Z 37 44.49 -49.99 -24.58
N ASP Z 38 44.75 -49.14 -25.57
CA ASP Z 38 43.74 -48.18 -26.00
C ASP Z 38 42.49 -48.91 -26.45
N LEU Z 39 42.67 -49.95 -27.26
CA LEU Z 39 41.54 -50.76 -27.69
C LEU Z 39 40.75 -51.25 -26.49
N ASP Z 40 41.45 -51.79 -25.50
CA ASP Z 40 40.79 -52.35 -24.33
C ASP Z 40 39.91 -51.29 -23.68
N ARG Z 41 40.52 -50.16 -23.32
CA ARG Z 41 39.79 -49.13 -22.58
C ARG Z 41 38.55 -48.67 -23.35
N GLU Z 42 38.76 -48.28 -24.61
CA GLU Z 42 37.65 -47.72 -25.37
C GLU Z 42 36.58 -48.77 -25.66
N LEU Z 43 36.97 -50.02 -25.89
CA LEU Z 43 35.98 -51.07 -26.11
C LEU Z 43 35.12 -51.28 -24.87
N PHE Z 44 35.73 -51.35 -23.68
CA PHE Z 44 34.88 -51.40 -22.50
C PHE Z 44 33.92 -50.23 -22.52
N LYS Z 45 34.45 -49.00 -22.49
CA LYS Z 45 33.58 -47.84 -22.37
C LYS Z 45 32.43 -47.90 -23.37
N LEU Z 46 32.74 -48.28 -24.61
CA LEU Z 46 31.69 -48.43 -25.62
C LEU Z 46 30.66 -49.45 -25.17
N LYS Z 47 31.12 -50.59 -24.64
CA LYS Z 47 30.18 -51.64 -24.24
C LYS Z 47 29.27 -51.16 -23.12
N GLN Z 48 29.84 -50.55 -22.07
CA GLN Z 48 29.00 -50.04 -21.00
C GLN Z 48 27.99 -49.03 -21.54
N MET Z 49 28.42 -48.16 -22.45
CA MET Z 49 27.44 -47.27 -23.07
C MET Z 49 26.36 -48.07 -23.79
N TYR Z 50 26.71 -49.23 -24.31
CA TYR Z 50 25.77 -50.11 -24.98
C TYR Z 50 25.14 -51.14 -24.05
N GLY Z 51 25.50 -51.14 -22.78
CA GLY Z 51 24.93 -52.07 -21.83
C GLY Z 51 25.80 -53.31 -21.66
N LYS Z 52 25.27 -54.25 -20.88
CA LYS Z 52 25.96 -55.48 -20.53
C LYS Z 52 25.36 -56.72 -21.18
N ALA Z 53 24.28 -56.59 -21.93
CA ALA Z 53 23.63 -57.75 -22.52
C ALA Z 53 24.58 -58.46 -23.50
N ASP Z 54 24.48 -59.79 -23.52
CA ASP Z 54 25.28 -60.58 -24.45
C ASP Z 54 25.01 -60.13 -25.87
N MET Z 55 26.06 -59.78 -26.60
CA MET Z 55 25.88 -59.19 -27.92
C MET Z 55 25.89 -60.26 -29.00
N ASN Z 56 25.09 -61.31 -28.78
CA ASN Z 56 25.07 -62.45 -29.68
C ASN Z 56 23.68 -62.96 -30.02
N THR Z 57 22.66 -62.67 -29.21
CA THR Z 57 21.33 -63.23 -29.43
C THR Z 57 20.25 -62.16 -29.41
N PHE Z 58 19.00 -62.60 -29.36
CA PHE Z 58 17.84 -61.72 -29.21
C PHE Z 58 17.36 -61.81 -27.77
N PRO Z 59 17.89 -60.97 -26.87
CA PRO Z 59 17.49 -61.08 -25.46
C PRO Z 59 15.98 -61.13 -25.29
N ASN Z 60 15.50 -62.23 -24.72
CA ASN Z 60 14.07 -62.46 -24.60
C ASN Z 60 13.48 -61.54 -23.54
N PHE Z 61 12.17 -61.29 -23.66
CA PHE Z 61 11.49 -60.33 -22.80
C PHE Z 61 10.36 -60.94 -22.00
N THR Z 62 9.47 -61.70 -22.62
CA THR Z 62 8.32 -62.26 -21.92
C THR Z 62 7.50 -61.13 -21.29
N PHE Z 63 6.95 -60.31 -22.18
CA PHE Z 63 6.38 -59.03 -21.78
C PHE Z 63 5.23 -59.23 -20.80
N GLU Z 64 5.10 -58.28 -19.88
CA GLU Z 64 4.16 -58.36 -18.78
C GLU Z 64 2.90 -57.57 -19.10
N ASP Z 65 1.73 -58.21 -18.92
CA ASP Z 65 0.42 -57.61 -19.13
C ASP Z 65 -0.13 -57.05 -17.82
N PRO Z 66 -1.00 -56.03 -17.86
CA PRO Z 66 -1.51 -55.34 -16.67
C PRO Z 66 -1.69 -56.23 -15.45
N THR AA 12 -42.66 -26.01 60.18
CA THR AA 12 -42.92 -26.36 61.57
C THR AA 12 -44.13 -27.30 61.65
N GLY AA 13 -44.94 -27.14 62.69
CA GLY AA 13 -46.11 -27.97 62.86
C GLY AA 13 -47.36 -27.29 62.33
N ILE AA 14 -48.22 -26.81 63.23
CA ILE AA 14 -49.47 -26.19 62.81
C ILE AA 14 -49.19 -25.03 61.85
N LYS AA 15 -48.23 -24.17 62.21
CA LYS AA 15 -47.93 -23.02 61.36
C LYS AA 15 -47.50 -23.45 59.96
N LYS AA 16 -47.00 -24.68 59.81
CA LYS AA 16 -46.71 -25.23 58.49
C LYS AA 16 -47.68 -26.33 58.10
N TYR AA 17 -48.39 -26.93 59.05
CA TYR AA 17 -49.48 -27.84 58.72
C TYR AA 17 -50.73 -27.09 58.29
N PHE AA 18 -50.97 -25.92 58.90
CA PHE AA 18 -52.10 -25.06 58.57
C PHE AA 18 -51.65 -23.79 57.86
N ASN AA 19 -50.50 -23.81 57.21
CA ASN AA 19 -49.99 -22.62 56.55
C ASN AA 19 -51.01 -22.12 55.54
N SER AA 20 -51.17 -20.80 55.48
CA SER AA 20 -52.10 -20.20 54.51
C SER AA 20 -51.51 -20.19 53.11
N TYR AA 21 -50.19 -20.07 53.00
CA TYR AA 21 -49.57 -20.02 51.68
C TYR AA 21 -49.60 -21.38 51.01
N THR AA 22 -49.29 -22.44 51.76
CA THR AA 22 -49.12 -23.77 51.19
C THR AA 22 -50.44 -24.34 50.72
N LEU AA 23 -50.39 -25.03 49.57
CA LEU AA 23 -51.62 -25.53 48.95
C LEU AA 23 -52.36 -26.46 49.90
N THR AA 24 -51.66 -27.45 50.44
CA THR AA 24 -52.31 -28.35 51.39
C THR AA 24 -52.75 -27.60 52.64
N GLY AA 25 -51.95 -26.64 53.08
CA GLY AA 25 -52.36 -25.84 54.23
C GLY AA 25 -53.66 -25.11 54.01
N ARG AA 26 -53.89 -24.65 52.77
CA ARG AA 26 -55.15 -23.98 52.47
C ARG AA 26 -56.32 -24.96 52.64
N MET AA 27 -56.18 -26.18 52.13
CA MET AA 27 -57.21 -27.18 52.36
C MET AA 27 -57.43 -27.39 53.84
N ASN AA 28 -56.34 -27.51 54.60
CA ASN AA 28 -56.47 -27.82 56.02
C ASN AA 28 -57.21 -26.70 56.74
N CYS AA 29 -56.90 -25.45 56.40
CA CYS AA 29 -57.58 -24.32 57.03
C CYS AA 29 -59.05 -24.28 56.65
N VAL AA 30 -59.36 -24.51 55.37
CA VAL AA 30 -60.76 -24.51 54.96
C VAL AA 30 -61.51 -25.61 55.67
N LEU AA 31 -60.92 -26.80 55.75
CA LEU AA 31 -61.58 -27.91 56.42
C LEU AA 31 -61.75 -27.62 57.90
N ALA AA 32 -60.77 -26.97 58.52
CA ALA AA 32 -60.90 -26.60 59.92
C ALA AA 32 -62.06 -25.64 60.12
N THR AA 33 -62.20 -24.65 59.24
CA THR AA 33 -63.32 -23.72 59.36
C THR AA 33 -64.65 -24.45 59.20
N TYR AA 34 -64.74 -25.33 58.21
CA TYR AA 34 -65.97 -26.07 58.01
C TYR AA 34 -66.28 -26.97 59.20
N GLY AA 35 -65.24 -27.60 59.76
CA GLY AA 35 -65.44 -28.44 60.93
C GLY AA 35 -65.91 -27.65 62.12
N SER AA 36 -65.35 -26.46 62.32
CA SER AA 36 -65.83 -25.61 63.41
C SER AA 36 -67.29 -25.21 63.20
N ILE AA 37 -67.65 -24.90 61.96
CA ILE AA 37 -69.04 -24.52 61.68
C ILE AA 37 -69.98 -25.67 61.99
N ALA AA 38 -69.63 -26.87 61.52
CA ALA AA 38 -70.47 -28.04 61.80
C ALA AA 38 -70.52 -28.32 63.30
N LEU AA 39 -69.37 -28.20 63.98
CA LEU AA 39 -69.32 -28.38 65.41
C LEU AA 39 -70.32 -27.47 66.10
N ILE AA 40 -70.28 -26.18 65.78
CA ILE AA 40 -71.10 -25.23 66.51
C ILE AA 40 -72.58 -25.41 66.16
N VAL AA 41 -72.88 -25.71 64.90
CA VAL AA 41 -74.29 -25.89 64.54
C VAL AA 41 -74.87 -27.09 65.27
N LEU AA 42 -74.12 -28.20 65.32
CA LEU AA 42 -74.60 -29.36 66.07
C LEU AA 42 -74.65 -29.05 67.57
N TYR AA 43 -73.69 -28.27 68.06
CA TYR AA 43 -73.65 -27.92 69.47
C TYR AA 43 -74.90 -27.19 69.89
N PHE AA 44 -75.27 -26.14 69.16
CA PHE AA 44 -76.42 -25.32 69.51
C PHE AA 44 -77.74 -25.90 69.02
N LYS AA 45 -77.72 -26.86 68.10
CA LYS AA 45 -78.97 -27.44 67.62
C LYS AA 45 -79.71 -28.18 68.73
N LEU AA 46 -78.96 -28.94 69.55
CA LEU AA 46 -79.58 -29.75 70.59
C LEU AA 46 -79.90 -28.96 71.86
N ARG AA 47 -79.38 -27.75 72.00
CA ARG AA 47 -79.63 -26.95 73.20
C ARG AA 47 -81.05 -26.41 73.19
N PRO BA 2 -97.72 -1.40 -17.15
CA PRO BA 2 -98.78 -2.05 -17.93
C PRO BA 2 -100.16 -1.87 -17.30
N PRO BA 3 -100.58 -0.62 -17.09
CA PRO BA 3 -101.86 -0.37 -16.43
C PRO BA 3 -102.99 -1.19 -17.04
N VAL BA 4 -104.04 -1.45 -16.26
CA VAL BA 4 -105.09 -2.37 -16.63
C VAL BA 4 -106.43 -1.68 -16.46
N GLN BA 5 -107.36 -1.97 -17.38
CA GLN BA 5 -108.73 -1.49 -17.29
C GLN BA 5 -109.53 -2.49 -16.48
N VAL BA 6 -109.88 -2.12 -15.24
CA VAL BA 6 -110.56 -3.05 -14.35
C VAL BA 6 -111.99 -3.29 -14.84
N SER BA 7 -112.54 -4.43 -14.45
CA SER BA 7 -113.91 -4.77 -14.80
C SER BA 7 -114.85 -3.71 -14.24
N PRO BA 8 -115.70 -3.09 -15.07
CA PRO BA 8 -116.61 -2.07 -14.54
C PRO BA 8 -117.50 -2.59 -13.45
N LEU BA 9 -117.84 -3.88 -13.46
CA LEU BA 9 -118.61 -4.47 -12.38
C LEU BA 9 -117.94 -4.19 -11.04
N ILE BA 10 -116.67 -4.57 -10.93
CA ILE BA 10 -115.97 -4.41 -9.66
C ILE BA 10 -115.90 -2.94 -9.29
N LYS BA 11 -115.73 -2.08 -10.29
CA LYS BA 11 -115.50 -0.67 -10.02
C LYS BA 11 -116.77 0.01 -9.50
N LEU BA 12 -117.89 -0.28 -10.14
CA LEU BA 12 -119.16 0.24 -9.67
C LEU BA 12 -119.51 -0.33 -8.30
N GLY BA 13 -119.24 -1.62 -8.09
CA GLY BA 13 -119.43 -2.16 -6.76
C GLY BA 13 -118.60 -1.41 -5.73
N ARG BA 14 -117.36 -1.08 -6.08
CA ARG BA 14 -116.49 -0.33 -5.19
C ARG BA 14 -117.13 0.98 -4.79
N TYR BA 15 -117.53 1.78 -5.78
CA TYR BA 15 -118.02 3.12 -5.45
C TYR BA 15 -119.38 3.06 -4.76
N SER BA 16 -120.25 2.14 -5.18
CA SER BA 16 -121.52 1.97 -4.51
C SER BA 16 -121.33 1.59 -3.05
N ALA BA 17 -120.38 0.69 -2.78
CA ALA BA 17 -120.10 0.32 -1.40
C ALA BA 17 -119.57 1.51 -0.63
N LEU BA 18 -118.73 2.34 -1.26
CA LEU BA 18 -118.24 3.52 -0.55
C LEU BA 18 -119.40 4.42 -0.13
N PHE BA 19 -120.37 4.62 -1.02
CA PHE BA 19 -121.46 5.53 -0.66
C PHE BA 19 -122.43 4.88 0.31
N LEU BA 20 -122.65 3.58 0.20
CA LEU BA 20 -123.38 2.89 1.26
C LEU BA 20 -122.67 3.08 2.60
N GLY BA 21 -121.34 3.07 2.59
CA GLY BA 21 -120.61 3.37 3.81
C GLY BA 21 -120.85 4.78 4.30
N MET BA 22 -120.84 5.75 3.38
CA MET BA 22 -121.24 7.11 3.73
C MET BA 22 -122.51 7.07 4.57
N ALA BA 23 -123.56 6.50 3.97
CA ALA BA 23 -124.87 6.51 4.62
C ALA BA 23 -124.83 5.81 5.96
N TYR BA 24 -124.26 4.61 6.00
CA TYR BA 24 -124.27 3.84 7.23
C TYR BA 24 -123.53 4.57 8.34
N GLY BA 25 -122.35 5.11 8.03
CA GLY BA 25 -121.58 5.78 9.04
C GLY BA 25 -122.31 6.99 9.60
N ALA BA 26 -122.84 7.84 8.72
CA ALA BA 26 -123.55 9.01 9.20
C ALA BA 26 -124.74 8.60 10.05
N LYS BA 27 -125.53 7.64 9.54
CA LYS BA 27 -126.73 7.23 10.24
C LYS BA 27 -126.39 6.71 11.63
N ARG BA 28 -125.39 5.83 11.72
CA ARG BA 28 -125.09 5.22 13.01
C ARG BA 28 -124.50 6.24 13.96
N TYR BA 29 -123.66 7.14 13.47
CA TYR BA 29 -123.12 8.18 14.34
C TYR BA 29 -124.25 8.99 14.96
N ASN BA 30 -125.18 9.45 14.13
CA ASN BA 30 -126.30 10.22 14.66
C ASN BA 30 -127.12 9.38 15.62
N TYR BA 31 -127.49 8.17 15.21
CA TYR BA 31 -128.27 7.28 16.05
C TYR BA 31 -127.64 7.07 17.41
N LEU BA 32 -126.31 7.03 17.46
CA LEU BA 32 -125.63 6.50 18.63
C LEU BA 32 -125.13 7.57 19.58
N LYS BA 33 -124.83 8.77 19.09
CA LYS BA 33 -124.43 9.84 20.00
C LYS BA 33 -125.41 10.02 21.15
N PRO BA 34 -126.74 10.04 20.92
CA PRO BA 34 -127.67 10.15 22.05
C PRO BA 34 -127.39 9.10 23.11
N ARG BA 35 -127.41 7.84 22.70
CA ARG BA 35 -127.24 6.75 23.65
C ARG BA 35 -125.98 6.94 24.46
N ALA BA 36 -124.90 7.35 23.81
CA ALA BA 36 -123.66 7.62 24.52
C ALA BA 36 -123.87 8.70 25.57
N GLU BA 37 -124.62 9.76 25.23
CA GLU BA 37 -124.74 10.84 26.21
C GLU BA 37 -125.52 10.41 27.43
N GLU BA 38 -126.70 9.77 27.26
CA GLU BA 38 -127.41 9.44 28.48
C GLU BA 38 -126.61 8.40 29.27
N GLU BA 39 -125.92 7.50 28.57
CA GLU BA 39 -125.18 6.48 29.30
C GLU BA 39 -124.06 7.10 30.13
N ARG BA 40 -123.27 8.02 29.55
CA ARG BA 40 -122.21 8.63 30.34
C ARG BA 40 -122.79 9.48 31.46
N ARG BA 41 -123.91 10.17 31.21
CA ARG BA 41 -124.49 10.99 32.27
C ARG BA 41 -124.97 10.11 33.42
N LEU BA 42 -125.65 9.01 33.11
CA LEU BA 42 -126.12 8.11 34.15
C LEU BA 42 -124.96 7.52 34.92
N ALA BA 43 -123.91 7.11 34.21
CA ALA BA 43 -122.74 6.59 34.89
C ALA BA 43 -122.13 7.63 35.81
N ALA BA 44 -122.04 8.88 35.35
CA ALA BA 44 -121.44 9.93 36.16
C ALA BA 44 -122.24 10.17 37.43
N GLU BA 45 -123.56 10.31 37.29
CA GLU BA 45 -124.37 10.54 38.49
C GLU BA 45 -124.29 9.36 39.44
N GLU BA 46 -124.34 8.14 38.90
CA GLU BA 46 -124.25 6.97 39.76
C GLU BA 46 -122.93 6.94 40.50
N LYS BA 47 -121.83 7.23 39.81
CA LYS BA 47 -120.52 7.20 40.46
C LYS BA 47 -120.40 8.29 41.52
N LYS BA 48 -120.89 9.49 41.24
CA LYS BA 48 -120.81 10.54 42.26
C LYS BA 48 -121.62 10.15 43.50
N LYS BA 49 -122.81 9.60 43.29
CA LYS BA 49 -123.62 9.19 44.44
C LYS BA 49 -122.94 8.08 45.23
N ARG BA 50 -122.45 7.05 44.53
CA ARG BA 50 -121.77 5.95 45.19
C ARG BA 50 -120.55 6.45 45.95
N ASP BA 51 -119.78 7.36 45.34
CA ASP BA 51 -118.57 7.85 45.95
C ASP BA 51 -118.87 8.68 47.20
N GLU BA 52 -119.93 9.49 47.15
CA GLU BA 52 -120.28 10.26 48.33
C GLU BA 52 -120.77 9.34 49.45
N GLN BA 53 -121.47 8.26 49.10
CA GLN BA 53 -121.85 7.29 50.11
C GLN BA 53 -120.63 6.60 50.71
N LYS BA 54 -119.66 6.22 49.87
CA LYS BA 54 -118.40 5.72 50.41
C LYS BA 54 -117.77 6.74 51.36
N ARG BA 55 -117.77 8.01 50.96
CA ARG BA 55 -117.14 9.05 51.77
C ARG BA 55 -117.79 9.14 53.14
N ILE BA 56 -119.12 9.15 53.19
CA ILE BA 56 -119.80 9.20 54.47
C ILE BA 56 -119.53 7.93 55.27
N GLU BA 57 -119.44 6.79 54.59
CA GLU BA 57 -119.05 5.54 55.25
C GLU BA 57 -117.62 5.63 55.77
N ASP CA 1 -105.87 10.70 52.75
CA ASP CA 1 -105.37 9.34 52.43
C ASP CA 1 -103.85 9.34 52.35
N ILE CA 2 -103.26 8.16 52.59
CA ILE CA 2 -101.81 8.00 52.46
C ILE CA 2 -101.41 7.17 51.25
N ASP CA 3 -102.38 6.62 50.51
CA ASP CA 3 -102.05 5.82 49.34
C ASP CA 3 -101.28 6.65 48.32
N THR CA 4 -101.93 7.68 47.77
CA THR CA 4 -101.28 8.53 46.78
C THR CA 4 -100.12 9.33 47.38
N ALA CA 5 -100.22 9.70 48.65
CA ALA CA 5 -99.10 10.38 49.30
C ALA CA 5 -97.85 9.52 49.27
N ALA CA 6 -97.96 8.28 49.74
CA ALA CA 6 -96.82 7.37 49.68
C ALA CA 6 -96.40 7.11 48.25
N LYS CA 7 -97.35 7.12 47.31
CA LYS CA 7 -96.96 6.98 45.91
C LYS CA 7 -96.00 8.10 45.51
N PHE CA 8 -96.34 9.35 45.87
CA PHE CA 8 -95.46 10.46 45.51
C PHE CA 8 -94.11 10.34 46.19
N ILE CA 9 -94.11 9.99 47.48
CA ILE CA 9 -92.83 9.90 48.19
C ILE CA 9 -91.96 8.81 47.60
N GLY CA 10 -92.54 7.65 47.31
CA GLY CA 10 -91.77 6.56 46.75
C GLY CA 10 -91.24 6.86 45.36
N ALA CA 11 -92.07 7.51 44.52
CA ALA CA 11 -91.58 7.91 43.20
C ALA CA 11 -90.42 8.88 43.33
N GLY CA 12 -90.55 9.85 44.23
CA GLY CA 12 -89.49 10.82 44.41
C GLY CA 12 -88.22 10.24 45.01
N ALA CA 13 -88.34 9.12 45.73
CA ALA CA 13 -87.14 8.48 46.23
C ALA CA 13 -86.50 7.58 45.18
N ALA CA 14 -87.32 6.91 44.38
CA ALA CA 14 -86.77 6.04 43.35
C ALA CA 14 -86.08 6.84 42.25
N THR CA 15 -86.61 8.02 41.93
CA THR CA 15 -85.99 8.78 40.84
C THR CA 15 -84.55 9.15 41.13
N VAL CA 16 -84.13 9.09 42.40
CA VAL CA 16 -82.75 9.39 42.75
C VAL CA 16 -81.76 8.41 42.16
N GLY CA 17 -82.24 7.29 41.62
CA GLY CA 17 -81.34 6.29 41.09
C GLY CA 17 -80.53 6.75 39.89
N VAL CA 18 -80.83 7.92 39.33
CA VAL CA 18 -80.02 8.46 38.24
C VAL CA 18 -78.80 9.22 38.73
N ALA CA 19 -78.63 9.36 40.05
CA ALA CA 19 -77.36 9.84 40.56
C ALA CA 19 -76.23 8.94 40.07
N GLY CA 20 -76.44 7.63 40.14
CA GLY CA 20 -75.42 6.71 39.66
C GLY CA 20 -75.14 6.88 38.19
N SER CA 21 -76.19 7.05 37.38
CA SER CA 21 -75.98 7.20 35.95
C SER CA 21 -75.22 8.49 35.65
N GLY CA 22 -75.51 9.56 36.39
CA GLY CA 22 -74.77 10.79 36.19
C GLY CA 22 -73.30 10.65 36.51
N ALA CA 23 -72.99 10.05 37.66
CA ALA CA 23 -71.59 9.84 38.02
C ALA CA 23 -70.90 8.92 37.02
N GLY CA 24 -71.60 7.88 36.55
CA GLY CA 24 -71.00 6.97 35.60
C GLY CA 24 -70.69 7.62 34.28
N ILE CA 25 -71.61 8.43 33.77
CA ILE CA 25 -71.32 9.14 32.52
C ILE CA 25 -70.17 10.11 32.71
N GLY CA 26 -70.10 10.75 33.88
CA GLY CA 26 -68.95 11.60 34.14
C GLY CA 26 -67.65 10.84 34.04
N THR CA 27 -67.59 9.68 34.69
CA THR CA 27 -66.35 8.89 34.65
C THR CA 27 -66.03 8.41 33.25
N VAL CA 28 -67.04 7.97 32.51
CA VAL CA 28 -66.81 7.44 31.17
C VAL CA 28 -66.28 8.54 30.25
N PHE CA 29 -66.92 9.71 30.25
CA PHE CA 29 -66.48 10.77 29.38
C PHE CA 29 -65.27 11.51 29.90
N GLY CA 30 -64.82 11.23 31.11
CA GLY CA 30 -63.52 11.70 31.54
C GLY CA 30 -62.41 10.77 31.10
N SER CA 31 -62.62 9.47 31.28
CA SER CA 31 -61.65 8.50 30.80
C SER CA 31 -61.51 8.59 29.29
N LEU CA 32 -62.57 8.95 28.58
CA LEU CA 32 -62.43 9.18 27.14
C LEU CA 32 -61.45 10.29 26.87
N ILE CA 33 -61.56 11.40 27.61
CA ILE CA 33 -60.65 12.52 27.40
C ILE CA 33 -59.22 12.09 27.66
N ILE CA 34 -58.99 11.37 28.76
CA ILE CA 34 -57.64 10.94 29.09
C ILE CA 34 -57.09 10.02 28.01
N GLY CA 35 -57.87 8.99 27.64
CA GLY CA 35 -57.39 8.03 26.66
C GLY CA 35 -57.14 8.65 25.31
N TYR CA 36 -57.99 9.59 24.91
CA TYR CA 36 -57.74 10.32 23.67
C TYR CA 36 -56.50 11.17 23.77
N ALA CA 37 -56.26 11.79 24.92
CA ALA CA 37 -55.06 12.61 25.09
C ALA CA 37 -53.81 11.76 24.97
N ARG CA 38 -53.88 10.50 25.37
CA ARG CA 38 -52.69 9.65 25.31
C ARG CA 38 -52.41 9.18 23.89
N ASN CA 39 -53.44 8.88 23.12
CA ASN CA 39 -53.29 8.21 21.82
C ASN CA 39 -54.43 8.63 20.91
N PRO CA 40 -54.37 9.84 20.35
CA PRO CA 40 -55.45 10.32 19.50
C PRO CA 40 -55.47 9.74 18.09
N SER CA 41 -54.72 8.68 17.83
CA SER CA 41 -54.74 8.00 16.55
C SER CA 41 -55.76 6.87 16.49
N LEU CA 42 -56.58 6.72 17.53
CA LEU CA 42 -57.64 5.72 17.53
C LEU CA 42 -58.92 6.31 18.15
N M3L CA 43 -59.18 7.55 17.75
CA M3L CA 43 -60.32 8.31 18.16
CB M3L CA 43 -60.32 9.67 17.47
CG M3L CA 43 -61.29 10.63 18.10
CD M3L CA 43 -61.13 12.02 17.49
CE M3L CA 43 -61.99 12.08 16.24
NZ M3L CA 43 -61.88 13.30 15.35
C M3L CA 43 -61.69 7.70 17.92
O M3L CA 43 -62.61 7.76 18.73
CM1 M3L CA 43 -61.90 14.55 16.16
CM2 M3L CA 43 -62.98 13.34 14.37
CM3 M3L CA 43 -60.59 13.24 14.60
H M3L CA 43 -58.60 8.08 17.12
HA M3L CA 43 -60.24 8.49 19.28
HB2 M3L CA 43 -59.28 10.08 17.52
HB3 M3L CA 43 -60.57 9.54 16.38
HG2 M3L CA 43 -62.34 10.28 17.96
HG3 M3L CA 43 -61.10 10.69 19.21
HD2 M3L CA 43 -60.04 12.17 17.23
HD3 M3L CA 43 -61.42 12.79 18.24
HE2 M3L CA 43 -61.78 11.20 15.58
HE3 M3L CA 43 -63.08 12.02 16.55
HM11 M3L CA 43 -62.80 14.58 16.82
HM12 M3L CA 43 -61.92 15.44 15.47
HM13 M3L CA 43 -60.97 14.60 16.80
HM21 M3L CA 43 -63.96 13.49 14.91
HM22 M3L CA 43 -63.02 12.37 13.80
HM23 M3L CA 43 -62.83 14.19 13.65
HM31 M3L CA 43 -60.53 14.09 13.88
HM32 M3L CA 43 -59.73 13.30 15.32
HM33 M3L CA 43 -60.53 12.27 14.04
N GLN CA 44 -61.85 7.09 16.75
CA GLN CA 44 -63.13 6.52 16.37
C GLN CA 44 -63.48 5.36 17.30
N GLN CA 45 -62.51 4.47 17.53
CA GLN CA 45 -62.74 3.36 18.44
C GLN CA 45 -62.96 3.84 19.87
N LEU CA 46 -62.22 4.87 20.29
CA LEU CA 46 -62.47 5.41 21.62
C LEU CA 46 -63.90 5.93 21.75
N PHE CA 47 -64.37 6.68 20.75
CA PHE CA 47 -65.72 7.21 20.83
C PHE CA 47 -66.75 6.08 20.80
N SER CA 48 -66.48 5.03 20.04
CA SER CA 48 -67.36 3.86 20.08
C SER CA 48 -67.67 3.26 21.45
N TYR CA 49 -66.63 2.95 22.21
CA TYR CA 49 -66.87 2.42 23.56
C TYR CA 49 -67.36 3.45 24.61
N ALA CA 50 -67.06 4.71 24.31
CA ALA CA 50 -67.51 5.79 25.18
C ALA CA 50 -69.03 5.74 25.02
N ILE CA 51 -69.51 5.65 23.77
CA ILE CA 51 -70.95 5.53 23.56
C ILE CA 51 -71.46 4.23 24.16
N LEU CA 52 -70.70 3.15 24.01
CA LEU CA 52 -71.13 1.88 24.60
C LEU CA 52 -71.29 2.01 26.11
N GLY CA 53 -70.29 2.56 26.78
CA GLY CA 53 -70.35 2.68 28.24
C GLY CA 53 -71.44 3.63 28.69
N PHE CA 54 -71.61 4.74 27.99
CA PHE CA 54 -72.67 5.68 28.33
C PHE CA 54 -74.03 5.00 28.20
N ALA CA 55 -74.24 4.24 27.14
CA ALA CA 55 -75.51 3.54 26.98
C ALA CA 55 -75.71 2.52 28.09
N LEU CA 56 -74.66 1.77 28.43
CA LEU CA 56 -74.82 0.74 29.45
C LEU CA 56 -75.02 1.32 30.85
N SER CA 57 -74.66 2.59 31.06
CA SER CA 57 -74.98 3.22 32.35
C SER CA 57 -76.35 3.91 32.33
N GLU CA 58 -76.69 4.58 31.23
CA GLU CA 58 -78.02 5.16 31.12
C GLU CA 58 -79.10 4.10 31.17
N ALA CA 59 -78.82 2.88 30.70
CA ALA CA 59 -79.84 1.84 30.75
C ALA CA 59 -80.10 1.49 32.20
N MET CA 60 -79.04 1.34 32.98
CA MET CA 60 -79.22 0.94 34.36
C MET CA 60 -79.63 2.09 35.29
N GLY CA 61 -79.61 3.33 34.78
CA GLY CA 61 -80.50 4.35 35.32
C GLY CA 61 -81.97 4.45 35.02
N LEU CA 62 -82.35 4.17 33.78
CA LEU CA 62 -83.78 4.07 33.45
C LEU CA 62 -84.47 2.84 34.07
N PHE CA 63 -83.65 1.99 34.69
CA PHE CA 63 -84.21 0.88 35.46
C PHE CA 63 -84.92 1.60 36.61
N CYS CA 64 -84.22 2.53 37.28
CA CYS CA 64 -84.86 3.24 38.37
C CYS CA 64 -85.92 4.20 37.86
N LEU CA 65 -85.75 4.74 36.64
CA LEU CA 65 -86.87 5.48 36.04
C LEU CA 65 -88.15 4.69 35.83
N MET CA 66 -88.04 3.45 35.36
CA MET CA 66 -89.23 2.62 35.21
C MET CA 66 -89.88 2.26 36.54
N VAL CA 67 -89.05 2.04 37.56
CA VAL CA 67 -89.61 1.71 38.86
C VAL CA 67 -90.35 2.97 39.32
N ALA CA 68 -89.76 4.14 39.11
CA ALA CA 68 -90.42 5.37 39.49
C ALA CA 68 -91.74 5.54 38.75
N PHE CA 69 -91.73 5.36 37.43
CA PHE CA 69 -92.96 5.53 36.67
C PHE CA 69 -93.98 4.44 37.00
N LEU CA 70 -93.50 3.22 37.27
CA LEU CA 70 -94.41 2.17 37.69
C LEU CA 70 -95.14 2.56 38.97
N ILE CA 71 -94.38 2.95 40.00
CA ILE CA 71 -95.04 3.35 41.25
C ILE CA 71 -95.87 4.60 41.05
N LEU CA 72 -95.52 5.41 40.05
CA LEU CA 72 -96.23 6.66 39.84
C LEU CA 72 -97.62 6.42 39.24
N PHE CA 73 -97.71 5.53 38.25
CA PHE CA 73 -98.95 5.33 37.52
C PHE CA 73 -99.58 3.98 37.82
N ALA CA 74 -98.85 2.90 37.63
CA ALA CA 74 -99.29 1.59 38.08
C ALA CA 74 -98.85 1.41 39.53
N MET CA 75 -98.91 0.20 40.04
CA MET CA 75 -98.53 -0.05 41.42
C MET CA 75 -97.84 -1.41 41.56
PG ATP DA . 23.52 -18.01 -19.32
O1G ATP DA . 23.28 -16.53 -19.35
O2G ATP DA . 23.98 -18.61 -20.62
O3G ATP DA . 24.26 -18.48 -18.10
PB ATP DA . 20.87 -17.93 -20.00
O1B ATP DA . 20.80 -16.50 -19.58
O2B ATP DA . 21.11 -18.26 -21.44
O3B ATP DA . 22.05 -18.59 -19.13
PA ATP DA . 19.25 -20.17 -20.01
O1A ATP DA . 18.32 -20.11 -21.19
O2A ATP DA . 20.57 -20.87 -20.13
O3A ATP DA . 19.54 -18.67 -19.51
O5' ATP DA . 18.41 -20.80 -18.80
C5' ATP DA . 18.83 -20.71 -17.46
C4' ATP DA . 17.85 -21.49 -16.61
O4' ATP DA . 16.55 -20.91 -16.71
C3' ATP DA . 17.74 -22.93 -17.07
O3' ATP DA . 18.31 -23.82 -16.10
C2' ATP DA . 16.26 -23.20 -17.19
O2' ATP DA . 15.89 -24.31 -16.36
C1' ATP DA . 15.57 -21.94 -16.70
N9 ATP DA . 14.45 -21.59 -17.59
C8 ATP DA . 14.54 -20.84 -18.69
N7 ATP DA . 13.32 -20.70 -19.28
C5 ATP DA . 12.45 -21.38 -18.54
C6 ATP DA . 11.00 -21.64 -18.59
N6 ATP DA . 10.26 -21.12 -19.61
N1 ATP DA . 10.46 -22.39 -17.63
C2 ATP DA . 11.19 -22.90 -16.63
N3 ATP DA . 12.52 -22.71 -16.52
C4 ATP DA . 13.19 -21.96 -17.42
H5'1 ATP DA . 18.86 -19.66 -17.15
H5'2 ATP DA . 19.84 -21.12 -17.35
H4' ATP DA . 18.19 -21.47 -15.56
H3' ATP DA . 18.22 -23.05 -18.04
HO3' ATP DA . 18.38 -24.70 -16.48
H2' ATP DA . 16.00 -23.39 -18.24
HO2' ATP DA . 16.23 -25.13 -16.75
H1' ATP DA . 15.20 -22.11 -15.68
H8 ATP DA . 15.45 -20.40 -19.07
HN61 ATP DA . 10.71 -20.56 -20.32
HN62 ATP DA . 9.27 -21.31 -19.65
H2 ATP DA . 10.70 -23.51 -15.87
MG MG EA . 22.94 -18.73 -22.52
PG ATP FA . 21.69 31.48 -19.90
O1G ATP FA . 20.89 32.52 -20.63
O2G ATP FA . 23.16 31.78 -19.87
O3G ATP FA . 21.36 30.05 -20.25
PB ATP FA . 20.80 33.07 -17.83
O1B ATP FA . 20.28 32.94 -16.43
O2B ATP FA . 21.94 34.00 -18.13
O3B ATP FA . 21.24 31.62 -18.37
PA ATP FA . 18.93 34.91 -18.66
O1A ATP FA . 19.50 35.54 -17.43
O2A ATP FA . 19.08 35.57 -20.00
O3A ATP FA . 19.54 33.44 -18.75
O5' ATP FA . 17.37 34.67 -18.41
C5' ATP FA . 16.65 33.65 -19.09
C4' ATP FA . 15.19 34.06 -19.14
O4' ATP FA . 14.77 34.55 -17.87
C3' ATP FA . 14.96 35.19 -20.14
O3' ATP FA . 13.93 34.84 -21.05
C2' ATP FA . 14.53 36.37 -19.31
O2' ATP FA . 13.50 37.12 -19.96
C1' ATP FA . 14.04 35.76 -18.02
N9 ATP FA . 14.28 36.67 -16.90
C8 ATP FA . 15.47 36.86 -16.31
N7 ATP FA . 15.36 37.76 -15.31
C5 ATP FA . 14.08 38.15 -15.24
C6 ATP FA . 13.30 39.08 -14.42
N6 ATP FA . 13.90 39.78 -13.44
N1 ATP FA . 12.00 39.21 -14.69
C2 ATP FA . 11.40 38.51 -15.67
N3 ATP FA . 12.05 37.65 -16.46
C4 ATP FA . 13.37 37.43 -16.30
H5'1 ATP FA . 16.75 32.71 -18.56
H5'2 ATP FA . 17.05 33.54 -20.10
H4' ATP FA . 14.58 33.19 -19.44
H3' ATP FA . 15.90 35.42 -20.67
HO3' ATP FA . 13.86 35.51 -21.75
H2' ATP FA . 15.40 37.01 -19.11
HO2' ATP FA . 13.86 37.53 -20.76
H1' ATP FA . 12.96 35.54 -18.12
H8 ATP FA . 16.39 36.37 -16.60
HN61 ATP FA . 14.89 39.67 -13.27
HN62 ATP FA . 13.36 40.41 -12.86
H2 ATP FA . 10.34 38.66 -15.83
MG MG GA . 23.43 33.94 -19.71
PG ATP HA . 45.17 7.21 14.55
O1G ATP HA . 44.89 8.68 14.47
O2G ATP HA . 46.62 6.83 14.67
O3G ATP HA . 44.38 6.39 13.57
PB ATP HA . 43.99 5.29 16.06
O1B ATP HA . 42.84 5.24 15.10
O2B ATP HA . 45.15 4.36 15.89
O3B ATP HA . 44.59 6.76 15.97
PA ATP HA . 44.14 5.78 18.83
O1A ATP HA . 45.03 6.92 18.41
O2A ATP HA . 44.76 4.69 19.65
O3A ATP HA . 43.39 5.20 17.54
O5' ATP HA . 42.91 6.38 19.66
C5' ATP HA . 42.60 7.77 19.64
C4' ATP HA . 41.90 8.16 20.93
O4' ATP HA . 40.89 7.20 21.25
C3' ATP HA . 42.89 8.16 22.08
O3' ATP HA . 43.15 9.50 22.53
C2' ATP HA . 42.23 7.38 23.18
O2' ATP HA . 42.15 8.15 24.38
C1' ATP HA . 40.84 7.04 22.67
N9 ATP HA . 40.55 5.66 23.07
C8 ATP HA . 40.92 4.57 22.40
N7 ATP HA . 40.49 3.44 23.03
C5 ATP HA . 39.85 3.83 24.13
C6 ATP HA . 39.16 3.14 25.24
N6 ATP HA . 39.08 1.80 25.28
N1 ATP HA . 38.61 3.91 26.20
C2 ATP HA . 38.68 5.26 26.16
N3 ATP HA . 39.29 5.93 25.19
C4 ATP HA . 39.89 5.29 24.16
H5'1 ATP HA . 41.96 7.99 18.78
H5'2 ATP HA . 43.52 8.36 19.53
H4' ATP HA . 41.46 9.15 20.82
H3' ATP HA . 43.82 7.66 21.78
HO3' ATP HA . 43.89 9.49 23.15
H2' ATP HA . 42.79 6.45 23.35
HO2' ATP HA . 43.04 8.25 24.76
H1' ATP HA . 40.11 7.73 23.12
H8 ATP HA . 41.48 4.57 21.47
HN61 ATP HA . 39.51 1.26 24.53
HN62 ATP HA . 38.61 1.34 26.04
H2 ATP HA . 38.22 5.81 26.97
MG MG IA . 47.22 5.02 15.73
PB ADP JA . 36.65 -18.07 2.90
O1B ADP JA . 35.35 -18.68 2.44
O2B ADP JA . 37.83 -18.97 2.74
O3B ADP JA . 36.86 -16.65 2.48
PA ADP JA . 36.32 -19.32 5.33
O1A ADP JA . 35.41 -20.25 4.58
O2A ADP JA . 37.70 -19.77 5.70
O3A ADP JA . 36.46 -17.97 4.48
O5' ADP JA . 35.56 -18.80 6.63
C5' ADP JA . 35.72 -19.52 7.84
C4' ADP JA . 34.82 -18.86 8.88
O4' ADP JA . 33.48 -18.91 8.43
C3' ADP JA . 34.91 -19.57 10.20
O3' ADP JA . 35.62 -18.77 11.15
C2' ADP JA . 33.48 -19.78 10.63
O2' ADP JA . 33.16 -18.90 11.72
C1' ADP JA . 32.61 -19.40 9.45
N9 ADP JA . 31.89 -20.59 8.96
C8 ADP JA . 31.98 -21.10 7.72
N7 ADP JA . 31.20 -22.19 7.59
C5 ADP JA . 30.60 -22.40 8.77
C6 ADP JA . 29.65 -23.38 9.31
N6 ADP JA . 29.17 -24.39 8.56
N1 ADP JA . 29.26 -23.23 10.60
C2 ADP JA . 29.74 -22.24 11.36
N3 ADP JA . 30.60 -21.32 10.93
C4 ADP JA . 31.06 -21.34 9.66
H5'1 ADP JA . 36.76 -19.48 8.17
H5'2 ADP JA . 35.43 -20.56 7.71
H4' ADP JA . 35.14 -17.81 9.00
H3' ADP JA . 35.39 -20.55 10.06
HO3' ADP JA . 35.78 -19.29 11.95
H2' ADP JA . 33.32 -20.82 10.91
HO2' ADP JA . 33.62 -19.21 12.52
H1' ADP JA . 31.89 -18.62 9.76
H8 ADP JA . 32.60 -20.69 6.93
HN61 ADP JA . 29.47 -24.47 7.59
HN62 ADP JA . 28.52 -25.05 8.95
H2 ADP JA . 29.40 -22.17 12.39
MG MG KA . 39.75 -19.78 2.10
PB ADP LA . 6.59 7.74 -34.03
O1B ADP LA . 5.63 6.88 -33.24
O2B ADP LA . 8.04 7.60 -33.62
O3B ADP LA . 6.12 9.16 -34.21
PA ADP LA . 5.22 7.37 -36.40
O1A ADP LA . 5.10 8.85 -36.65
O2A ADP LA . 5.31 6.43 -37.57
O3A ADP LA . 6.52 7.12 -35.48
O5' ADP LA . 3.97 6.93 -35.49
C5' ADP LA . 3.21 7.91 -34.79
C4' ADP LA . 1.82 7.38 -34.49
O4' ADP LA . 1.09 8.35 -33.75
C3' ADP LA . 1.03 7.11 -35.76
O3' ADP LA . 0.90 5.70 -36.00
C2' ADP LA . -0.33 7.73 -35.54
O2' ADP LA . -1.34 6.73 -35.40
C1' ADP LA . -0.23 8.54 -34.27
N9 ADP LA . -0.43 9.98 -34.58
C8 ADP LA . 0.53 10.90 -34.66
N7 ADP LA . 0.01 12.11 -34.96
C5 ADP LA . -1.32 11.97 -35.08
C6 ADP LA . -2.45 12.85 -35.37
N6 ADP LA . -2.29 14.17 -35.62
N1 ADP LA . -3.69 12.29 -35.40
C2 ADP LA . -3.88 10.99 -35.15
N3 ADP LA . -2.89 10.14 -34.87
C4 ADP LA . -1.60 10.56 -34.82
H5'1 ADP LA . 3.13 8.82 -35.38
H5'2 ADP LA . 3.71 8.15 -33.84
H4' ADP LA . 1.90 6.45 -33.91
H3' ADP LA . 1.52 7.60 -36.61
HO3' ADP LA . 0.53 5.56 -36.88
H2' ADP LA . -0.57 8.41 -36.38
HO2' ADP LA . -1.47 6.27 -36.24
H1' ADP LA . -0.98 8.19 -33.55
H8 ADP LA . 1.59 10.70 -34.51
HN61 ADP LA . -1.36 14.56 -35.61
HN62 ADP LA . -3.08 14.75 -35.83
H2 ADP LA . -4.90 10.60 -35.18
PB ADP MA . 36.73 29.89 3.84
O1B ADP MA . 36.31 29.17 5.09
O2B ADP MA . 38.10 30.52 3.89
O3B ADP MA . 36.45 29.12 2.59
PA ADP MA . 35.47 32.05 5.05
O1A ADP MA . 35.53 31.16 6.25
O2A ADP MA . 36.31 33.29 5.01
O3A ADP MA . 35.73 31.13 3.75
O5' ADP MA . 33.95 32.46 4.88
C5' ADP MA . 33.16 32.33 6.04
C4' ADP MA . 31.71 32.68 5.77
O4' ADP MA . 30.91 31.87 6.63
C3' ADP MA . 31.40 34.12 6.06
O3' ADP MA . 31.02 34.80 4.88
C2' ADP MA . 30.26 34.10 7.04
O2' ADP MA . 29.05 34.50 6.40
C1' ADP MA . 30.12 32.67 7.50
N9 ADP MA . 30.62 32.53 8.88
C8 ADP MA . 31.78 31.96 9.23
N7 ADP MA . 31.95 32.00 10.58
C5 ADP MA . 30.89 32.62 11.10
C6 ADP MA . 30.44 33.00 12.45
N6 ADP MA . 31.18 32.71 13.54
N1 ADP MA . 29.25 33.63 12.56
C2 ADP MA . 28.50 33.92 11.48
N3 ADP MA . 28.86 33.60 10.23
C4 ADP MA . 30.02 32.96 9.98
H5'1 ADP MA . 33.56 32.96 6.83
H5'2 ADP MA . 33.20 31.29 6.39
H4' ADP MA . 31.47 32.46 4.71
H3' ADP MA . 32.27 34.61 6.53
HO3' ADP MA . 30.84 35.73 5.08
H2' ADP MA . 30.48 34.75 7.90
HO2' ADP MA . 29.05 35.46 6.28
H1' ADP MA . 29.06 32.35 7.45
H8 ADP MA . 32.49 31.52 8.54
HN61 ADP MA . 32.06 32.24 13.44
HN62 ADP MA . 30.85 32.99 14.45
H2 ADP MA . 27.56 34.43 11.64
MG MG NA . 39.98 31.53 3.47
C1 CDL OA . -81.50 -31.10 9.33
O1 CDL OA . -81.54 -30.56 10.62
CA2 CDL OA . -81.94 -32.56 9.38
OA2 CDL OA . -83.17 -32.65 10.06
PA1 CDL OA . -84.49 -33.13 9.22
OA3 CDL OA . -84.56 -32.41 7.90
OA4 CDL OA . -84.41 -34.61 8.97
OA5 CDL OA . -85.85 -32.79 10.08
CA3 CDL OA . -86.39 -33.80 10.90
CA4 CDL OA . -86.22 -33.41 12.37
OA6 CDL OA . -87.14 -32.41 12.69
CA5 CDL OA . -88.42 -32.87 12.99
OA7 CDL OA . -88.79 -33.91 12.57
C11 CDL OA . -89.36 -32.03 13.86
C12 CDL OA . -90.50 -31.49 13.00
C13 CDL OA . -91.81 -32.18 13.34
C14 CDL OA . -92.97 -31.26 12.97
C15 CDL OA . -93.36 -30.42 14.19
C16 CDL OA . -93.76 -29.01 13.73
C17 CDL OA . -94.75 -28.40 14.73
C18 CDL OA . -95.14 -27.00 14.26
C19 CDL OA . -96.51 -26.64 14.80
C20 CDL OA . -96.87 -25.24 14.32
C21 CDL OA . -98.23 -24.82 14.89
C22 CDL OA . -98.65 -23.49 14.25
CA6 CDL OA . -84.81 -32.90 12.61
OA8 CDL OA . -84.71 -32.44 13.93
CA7 CDL OA . -84.77 -33.46 14.87
OA9 CDL OA . -83.85 -34.18 15.00
C31 CDL OA . -86.01 -33.65 15.72
C32 CDL OA . -85.63 -34.33 17.03
C33 CDL OA . -86.60 -33.88 18.13
C34 CDL OA . -86.71 -34.95 19.22
C35 CDL OA . -87.84 -34.58 20.16
C36 CDL OA . -88.15 -35.75 21.10
C37 CDL OA . -86.97 -35.99 22.05
C38 CDL OA . -87.46 -36.78 23.26
C39 CDL OA . -86.29 -37.10 24.19
C40 CDL OA . -85.34 -38.09 23.52
C41 CDL OA . -84.42 -38.72 24.57
C42 CDL OA . -83.07 -39.00 23.94
CB2 CDL OA . -82.44 -30.32 8.41
OB2 CDL OA . -82.11 -28.97 8.41
PB2 CDL OA . -82.55 -28.09 9.73
OB3 CDL OA . -81.58 -28.41 10.84
OB4 CDL OA . -82.51 -26.62 9.41
OB5 CDL OA . -84.07 -28.53 10.20
CB3 CDL OA . -84.55 -27.97 11.39
CB4 CDL OA . -85.74 -28.77 11.90
OB6 CDL OA . -86.91 -28.13 11.50
CB5 CDL OA . -87.33 -28.49 10.21
OB7 CDL OA . -86.53 -28.83 9.41
C51 CDL OA . -88.82 -28.43 9.84
C52 CDL OA . -89.64 -29.16 10.91
C53 CDL OA . -90.45 -28.11 11.69
C54 CDL OA . -91.62 -27.60 10.85
C55 CDL OA . -91.86 -26.13 11.22
C56 CDL OA . -93.32 -25.74 10.96
C57 CDL OA . -93.46 -25.13 9.56
C58 CDL OA . -94.85 -24.50 9.45
C59 CDL OA . -95.37 -24.58 8.00
C60 CDL OA . -96.48 -23.53 7.81
C61 CDL OA . -97.74 -23.93 8.60
C62 CDL OA . -98.64 -22.69 8.80
C63 CDL OA . -98.12 -21.87 9.99
C64 CDL OA . -99.12 -20.77 10.36
C65 CDL OA . -99.12 -19.68 9.28
C66 CDL OA . -99.78 -18.42 9.84
C67 CDL OA . -99.66 -17.27 8.83
CB6 CDL OA . -85.70 -28.86 13.43
OB8 CDL OA . -86.15 -27.65 13.99
CB7 CDL OA . -87.33 -27.73 14.75
OB9 CDL OA . -87.57 -28.69 15.38
C71 CDL OA . -88.31 -26.54 14.77
C72 CDL OA . -89.48 -26.85 15.71
C73 CDL OA . -90.16 -25.53 16.11
C74 CDL OA . -91.67 -25.61 15.79
C75 CDL OA . -92.41 -24.53 16.59
C76 CDL OA . -92.74 -23.34 15.67
C77 CDL OA . -94.11 -22.76 16.06
C78 CDL OA . -93.94 -21.32 16.55
C79 CDL OA . -95.08 -20.97 17.53
C80 CDL OA . -95.41 -19.49 17.43
C81 CDL OA . -96.28 -19.07 18.61
H1 CDL OA . -80.59 -31.05 8.98
H1O1 CDL OA . -81.03 -31.01 11.14
HA22 CDL OA . -81.27 -33.09 9.85
HA21 CDL OA . -82.05 -32.90 8.48
HA32 CDL OA . -87.32 -33.91 10.70
HA31 CDL OA . -85.92 -34.63 10.74
HA4 CDL OA . -86.39 -34.19 12.92
H112 CDL OA . -89.71 -32.58 14.57
H111 CDL OA . -88.85 -31.29 14.24
H122 CDL OA . -90.59 -30.53 13.17
H121 CDL OA . -90.29 -31.63 12.06
H132 CDL OA . -91.84 -32.38 14.28
H131 CDL OA . -91.88 -33.00 12.83
H142 CDL OA . -93.73 -31.80 12.70
H141 CDL OA . -92.70 -30.68 12.25
H152 CDL OA . -94.12 -30.84 14.64
H151 CDL OA . -92.61 -30.35 14.80
H162 CDL OA . -94.18 -29.06 12.86
H161 CDL OA . -92.97 -28.45 13.69
H172 CDL OA . -94.33 -28.33 15.60
H171 CDL OA . -95.53 -28.96 14.79
H182 CDL OA . -94.48 -26.36 14.57
H181 CDL OA . -95.17 -27.00 13.29
H192 CDL OA . -97.18 -27.27 14.48
H191 CDL OA . -96.49 -26.66 15.78
H202 CDL OA . -96.19 -24.60 14.62
H201 CDL OA . -96.91 -25.23 13.35
H212 CDL OA . -98.89 -25.50 14.68
H211 CDL OA . -98.15 -24.70 15.85
H222 CDL OA . -98.91 -23.64 13.33
H221 CDL OA . -97.91 -22.86 14.28
HA62 CDL OA . -84.18 -33.62 12.47
HA61 CDL OA . -84.61 -32.17 12.00
H312 CDL OA . -86.65 -34.21 15.25
H311 CDL OA . -86.41 -32.78 15.91
H322 CDL OA . -85.69 -35.29 16.93
H321 CDL OA . -84.72 -34.08 17.29
H332 CDL OA . -86.28 -33.05 18.53
H331 CDL OA . -87.48 -33.73 17.74
H342 CDL OA . -86.90 -35.81 18.81
H341 CDL OA . -85.87 -35.00 19.70
H352 CDL OA . -88.64 -34.36 19.65
H351 CDL OA . -87.58 -33.81 20.70
H362 CDL OA . -88.30 -36.55 20.57
H361 CDL OA . -88.94 -35.55 21.61
H372 CDL OA . -86.63 -35.13 22.35
H371 CDL OA . -86.28 -36.48 21.58
H382 CDL OA . -88.13 -36.27 23.74
H381 CDL OA . -87.86 -37.61 22.95
H392 CDL OA . -86.62 -37.48 25.01
H391 CDL OA . -85.81 -36.28 24.38
H402 CDL OA . -85.85 -38.78 23.08
H401 CDL OA . -84.80 -37.63 22.87
H412 CDL OA . -84.32 -38.11 25.31
H411 CDL OA . -84.82 -39.56 24.87
H422 CDL OA . -83.18 -39.33 23.03
H421 CDL OA . -82.54 -38.18 23.92
HB22 CDL OA . -83.35 -30.43 8.73
HB21 CDL OA . -82.36 -30.68 7.51
HB32 CDL OA . -84.82 -27.05 11.23
HB31 CDL OA . -83.84 -27.99 12.06
HB4 CDL OA . -85.72 -29.67 11.53
H512 CDL OA . -88.95 -28.85 8.98
H511 CDL OA . -89.09 -27.50 9.80
H522 CDL OA . -90.25 -29.79 10.48
H521 CDL OA . -89.05 -29.64 11.51
H532 CDL OA . -89.87 -27.38 11.93
H531 CDL OA . -90.80 -28.51 12.51
H542 CDL OA . -92.41 -28.12 11.05
H541 CDL OA . -91.41 -27.68 9.91
H552 CDL OA . -91.28 -25.57 10.67
H551 CDL OA . -91.64 -25.99 12.14
H562 CDL OA . -93.89 -26.52 11.04
H561 CDL OA . -93.59 -25.08 11.62
H572 CDL OA . -92.78 -24.45 9.42
H571 CDL OA . -93.36 -25.83 8.89
H582 CDL OA . -95.46 -24.96 10.04
H581 CDL OA . -94.79 -23.56 9.71
H592 CDL OA . -94.65 -24.41 7.39
H591 CDL OA . -95.74 -25.47 7.84
H602 CDL OA . -96.17 -22.67 8.12
H601 CDL OA . -96.70 -23.47 6.87
H612 CDL OA . -98.24 -24.60 8.10
H611 CDL OA . -97.50 -24.29 9.46
H622 CDL OA . -98.62 -22.15 8.00
H621 CDL OA . -99.55 -22.97 8.98
H632 CDL OA . -97.27 -21.46 9.76
H631 CDL OA . -97.99 -22.45 10.75
H642 CDL OA . -100.01 -21.16 10.42
H641 CDL OA . -98.88 -20.38 11.21
H652 CDL OA . -99.63 -19.98 8.50
H651 CDL OA . -98.22 -19.49 9.02
H662 CDL OA . -99.33 -18.16 10.65
H661 CDL OA . -100.71 -18.58 10.03
H673 CDL OA . -99.68 -16.43 9.29
H672 CDL OA . -98.83 -17.36 8.33
H671 CDL OA . -100.42 -17.31 8.22
HB62 CDL OA . -86.26 -29.60 13.72
HB61 CDL OA . -84.79 -29.03 13.72
H712 CDL OA . -88.65 -26.40 13.87
H711 CDL OA . -87.84 -25.75 15.06
O1 LHG PA . -98.48 -30.06 0.25
C1 LHG PA . -99.64 -30.37 -0.50
C2 LHG PA . -100.19 -29.09 -1.10
O2 LHG PA . -101.58 -29.17 -1.30
C3 LHG PA . -99.61 -28.77 -2.45
O3 LHG PA . -99.87 -27.40 -2.48
P LHG PA . -101.18 -26.82 -3.20
O4 LHG PA . -100.72 -25.97 -4.32
O5 LHG PA . -102.16 -27.92 -3.08
O6 LHG PA . -101.51 -25.70 -2.04
C4 LHG PA . -100.51 -24.82 -1.63
C5 LHG PA . -101.28 -23.64 -1.05
C6 LHG PA . -102.06 -24.04 0.21
O7 LHG PA . -100.32 -22.70 -0.67
C7 LHG PA . -100.80 -21.44 -0.62
O9 LHG PA . -101.99 -21.18 -0.63
C8 LHG PA . -99.73 -20.49 -0.28
C9 LHG PA . -99.33 -20.71 1.15
C10 LHG PA . -99.92 -19.61 2.00
O8 LHG PA . -103.26 -23.28 0.11
C23 LHG PA . -104.21 -23.52 1.07
O10 LHG PA . -103.98 -24.34 1.93
C24 LHG PA . -105.36 -22.53 1.28
C11 LHG PA . -99.76 -20.20 3.38
C12 LHG PA . -99.91 -19.10 4.39
C13 LHG PA . -101.39 -18.85 4.58
C14 LHG PA . -101.64 -17.59 5.35
C15 LHG PA . -101.37 -16.44 4.40
C16 LHG PA . -102.48 -15.41 4.55
C17 LHG PA . -102.41 -14.74 5.93
C18 LHG PA . -103.74 -14.02 6.03
C19 LHG PA . -104.90 -14.90 6.46
C20 LHG PA . -104.65 -15.07 7.94
C25 LHG PA . -106.29 -22.86 2.41
C26 LHG PA . -107.27 -21.75 2.82
C27 LHG PA . -108.41 -22.51 3.46
C28 LHG PA . -109.33 -21.70 4.34
C29 LHG PA . -109.91 -20.62 3.45
C30 LHG PA . -109.32 -19.23 3.61
HO1 LHG PA . -98.79 -29.55 0.85
HC11 LHG PA . -100.32 -30.82 0.04
HC12 LHG PA . -99.48 -30.98 -1.23
HC2 LHG PA . -99.95 -28.34 -0.54
H02 LHG PA . -101.64 -29.81 -1.85
HC31 LHG PA . -100.04 -29.25 -3.17
HC32 LHG PA . -98.66 -28.93 -2.51
HC41 LHG PA . -99.92 -24.57 -2.36
HC42 LHG PA . -99.97 -25.25 -0.96
HC5 LHG PA . -101.92 -23.37 -1.73
HC61 LHG PA . -101.51 -23.83 0.98
HC62 LHG PA . -102.14 -25.01 0.21
HC81 LHG PA . -99.95 -19.56 -0.43
HC82 LHG PA . -98.94 -20.67 -0.82
HC91 LHG PA . -98.36 -20.69 1.22
HC92 LHG PA . -99.61 -21.57 1.46
H101 LHG PA . -100.84 -19.46 1.77
H102 LHG PA . -99.44 -18.78 1.89
H241 LHG PA . -105.88 -22.43 0.47
H242 LHG PA . -105.02 -21.63 1.42
H111 LHG PA . -98.88 -20.59 3.47
H112 LHG PA . -100.42 -20.90 3.52
H121 LHG PA . -99.44 -18.32 4.07
H122 LHG PA . -99.52 -19.39 5.23
H131 LHG PA . -101.77 -19.61 5.08
H132 LHG PA . -101.86 -18.80 3.74
H141 LHG PA . -101.03 -17.55 6.10
H142 LHG PA . -102.55 -17.57 5.70
H151 LHG PA . -101.34 -16.76 3.49
H152 LHG PA . -100.52 -16.03 4.61
H161 LHG PA . -103.34 -15.83 4.41
H162 LHG PA . -102.38 -14.73 3.87
H171 LHG PA . -101.68 -14.11 5.98
H172 LHG PA . -102.29 -15.38 6.64
H181 LHG PA . -103.95 -13.62 5.17
H182 LHG PA . -103.65 -13.29 6.67
H191 LHG PA . -104.90 -15.76 6.01
H192 LHG PA . -105.76 -14.49 6.29
H251 LHG PA . -105.75 -23.04 3.20
H252 LHG PA . -106.75 -23.68 2.19
H261 LHG PA . -107.57 -21.23 2.06
H262 LHG PA . -106.87 -21.14 3.45
H271 LHG PA . -108.02 -23.23 4.00
H272 LHG PA . -108.95 -22.93 2.77
H281 LHG PA . -108.81 -21.29 5.05
H282 LHG PA . -110.03 -22.23 4.76
H291 LHG PA . -110.85 -20.54 3.70
H292 LHG PA . -109.90 -20.87 2.51
O1 LHG QA . -119.78 -10.16 17.52
C1 LHG QA . -119.32 -10.87 18.68
C2 LHG QA . -118.22 -10.07 19.34
O2 LHG QA . -118.76 -9.12 20.24
C3 LHG QA . -117.39 -9.28 18.37
O3 LHG QA . -116.11 -9.51 18.91
P LHG QA . -114.79 -8.90 18.24
O4 LHG QA . -115.10 -7.51 17.82
O5 LHG QA . -113.68 -9.50 19.03
O6 LHG QA . -114.93 -9.75 16.81
C4 LHG QA . -114.93 -11.14 16.82
C5 LHG QA . -113.45 -11.50 16.86
C6 LHG QA . -113.14 -12.43 18.03
O7 LHG QA . -113.17 -12.21 15.67
C7 LHG QA . -113.02 -11.40 14.60
O9 LHG QA . -113.28 -10.21 14.63
C8 LHG QA . -112.71 -12.19 13.38
C9 LHG QA . -111.81 -11.38 12.48
C10 LHG QA . -110.59 -12.19 12.13
O8 LHG QA . -111.70 -12.43 18.09
C23 LHG QA . -111.05 -13.55 17.63
O10 LHG QA . -111.61 -14.63 17.67
C24 LHG QA . -109.55 -13.50 17.34
C11 LHG QA . -110.04 -11.44 10.93
C12 LHG QA . -108.72 -12.05 10.57
C13 LHG QA . -108.11 -11.24 9.45
C14 LHG QA . -106.60 -11.30 9.50
C15 LHG QA . -106.09 -10.49 8.32
C16 LHG QA . -104.81 -9.82 8.71
C17 LHG QA . -103.84 -9.82 7.54
C18 LHG QA . -103.09 -8.51 7.67
C19 LHG QA . -102.00 -8.36 6.62
C20 LHG QA . -101.65 -6.89 6.68
C21 LHG QA . -100.76 -6.56 5.52
C22 LHG QA . -100.05 -5.26 5.80
C25 LHG QA . -109.08 -12.38 16.41
C26 LHG QA . -107.57 -12.24 16.27
C27 LHG QA . -107.37 -11.28 15.12
C28 LHG QA . -105.95 -11.16 14.65
C29 LHG QA . -105.86 -9.87 13.85
C30 LHG QA . -104.56 -9.65 13.11
C31 LHG QA . -103.73 -8.47 13.54
C32 LHG QA . -102.25 -8.57 13.24
C33 LHG QA . -101.67 -7.18 13.39
C34 LHG QA . -100.36 -7.10 14.13
C35 LHG QA . -99.53 -5.93 13.64
C36 LHG QA . -98.45 -5.64 14.67
C37 LHG QA . -97.29 -5.02 13.96
C38 LHG QA . -97.49 -3.57 13.56
HO1 LHG QA . -120.63 -10.19 17.62
HC11 LHG QA . -119.01 -11.76 18.44
HC12 LHG QA . -120.01 -11.02 19.33
HC2 LHG QA . -117.61 -10.67 19.78
H02 LHG QA . -118.07 -8.75 20.55
HC31 LHG QA . -117.62 -8.33 18.35
HC32 LHG QA . -117.43 -9.61 17.45
HC41 LHG QA . -115.40 -11.51 16.05
HC42 LHG QA . -115.39 -11.45 17.60
HC5 LHG QA . -112.98 -10.68 17.00
HC61 LHG QA . -113.54 -13.29 17.84
HC62 LHG QA . -113.61 -12.11 18.81
HC81 LHG QA . -113.48 -12.50 12.90
HC82 LHG QA . -112.21 -12.98 13.64
HC91 LHG QA . -111.54 -10.56 12.92
HC92 LHG QA . -112.28 -11.11 11.68
H101 LHG QA . -110.83 -13.10 11.90
H102 LHG QA . -109.95 -12.23 12.85
H241 LHG QA . -109.23 -14.34 16.98
H242 LHG QA . -109.04 -13.42 18.15
H111 LHG QA . -109.91 -10.51 11.16
H112 LHG QA . -110.65 -11.49 10.18
H121 LHG QA . -108.86 -12.98 10.32
H122 LHG QA . -108.13 -12.02 11.34
H131 LHG QA . -108.39 -10.33 9.52
H132 LHG QA . -108.38 -11.57 8.57
H141 LHG QA . -106.31 -12.23 9.43
H142 LHG QA . -106.28 -10.95 10.35
H151 LHG QA . -106.76 -9.84 8.07
H152 LHG QA . -105.95 -11.08 7.56
H161 LHG QA . -104.40 -10.26 9.47
H162 LHG QA . -104.99 -8.90 8.98
H171 LHG QA . -104.32 -9.84 6.69
H172 LHG QA . -103.25 -10.58 7.56
H181 LHG QA . -102.68 -8.47 8.56
H182 LHG QA . -103.71 -7.78 7.61
H191 LHG QA . -102.31 -8.61 5.74
H192 LHG QA . -101.23 -8.91 6.82
H201 LHG QA . -101.20 -6.63 7.50
H202 LHG QA . -102.44 -6.33 6.63
H211 LHG QA . -101.25 -6.46 4.69
H212 LHG QA . -100.05 -7.22 5.40
H221 LHG QA . -99.48 -5.07 5.05
H222 LHG QA . -99.49 -5.32 6.60
H223 LHG QA . -100.68 -4.52 5.88
H251 LHG QA . -109.41 -11.55 16.76
H252 LHG QA . -109.51 -12.53 15.55
H261 LHG QA . -107.14 -13.10 16.10
H262 LHG QA . -107.18 -11.89 17.08
H271 LHG QA . -107.69 -10.41 15.41
H272 LHG QA . -107.92 -11.55 14.37
H281 LHG QA . -105.74 -11.90 14.05
H282 LHG QA . -105.30 -11.17 15.37
H291 LHG QA . -105.94 -9.15 14.49
H292 LHG QA . -106.60 -9.78 13.24
H301 LHG QA . -104.75 -9.56 12.16
H302 LHG QA . -104.02 -10.45 13.19
H311 LHG QA . -103.90 -8.27 14.47
H312 LHG QA . -104.07 -7.71 13.05
H321 LHG QA . -102.09 -8.95 12.37
H322 LHG QA . -101.85 -9.16 13.89
H331 LHG QA . -102.30 -6.66 13.90
H332 LHG QA . -101.59 -6.76 12.52
H341 LHG QA . -99.85 -7.93 14.08
H342 LHG QA . -100.54 -6.95 15.08
H351 LHG QA . -100.08 -5.15 13.51
H352 LHG QA . -99.13 -6.14 12.79
H361 LHG QA . -98.18 -6.47 15.11
H362 LHG QA . -98.79 -5.04 15.36
H371 LHG QA . -97.03 -5.51 13.17
H372 LHG QA . -96.53 -5.04 14.57
H381 LHG QA . -96.64 -3.27 13.20
H382 LHG QA . -97.64 -3.01 14.34
H383 LHG QA . -98.20 -3.45 12.91
C1 CDL RA . -96.64 -21.88 -5.12
O1 CDL RA . -96.73 -23.05 -4.33
CA2 CDL RA . -95.18 -21.60 -5.47
OA2 CDL RA . -94.38 -22.63 -4.96
PA1 CDL RA . -94.06 -22.62 -3.35
OA3 CDL RA . -94.80 -23.74 -2.68
OA4 CDL RA . -92.57 -22.78 -3.15
OA5 CDL RA . -94.53 -21.17 -2.73
CA3 CDL RA . -95.82 -21.05 -2.21
CA4 CDL RA . -95.73 -20.72 -0.73
OA6 CDL RA . -95.05 -19.52 -0.56
CA5 CDL RA . -95.00 -19.06 0.74
OA7 CDL RA . -94.37 -19.63 1.56
C11 CDL RA . -95.77 -17.80 1.13
C12 CDL RA . -95.74 -17.63 2.64
C13 CDL RA . -95.93 -16.15 2.98
C14 CDL RA . -96.24 -16.02 4.46
C15 CDL RA . -96.47 -14.53 4.77
C16 CDL RA . -97.43 -14.42 5.94
C17 CDL RA . -97.63 -12.94 6.27
C18 CDL RA . -98.81 -12.79 7.22
C19 CDL RA . -99.10 -11.30 7.41
C20 CDL RA . -99.47 -11.02 8.87
C21 CDL RA . -99.34 -9.53 9.15
C22 CDL RA . -98.20 -9.29 10.14
C23 CDL RA . -98.18 -7.81 10.50
C24 CDL RA . -96.87 -7.17 10.01
C25 CDL RA . -95.73 -7.54 10.94
C26 CDL RA . -94.55 -6.60 10.70
C27 CDL RA . -93.25 -7.27 11.15
CA6 CDL RA . -94.97 -21.83 0.00
OA8 CDL RA . -95.39 -21.86 1.34
CA7 CDL RA . -94.71 -22.79 2.10
OA9 CDL RA . -93.62 -23.14 1.77
C31 CDL RA . -95.35 -23.37 3.36
C32 CDL RA . -96.23 -22.31 4.00
C33 CDL RA . -95.36 -21.18 4.56
C34 CDL RA . -96.09 -20.49 5.71
C35 CDL RA . -95.53 -19.08 5.94
C36 CDL RA . -94.17 -19.15 6.62
C37 CDL RA . -94.35 -19.41 8.11
C38 CDL RA . -93.10 -20.06 8.69
C39 CDL RA . -92.99 -21.52 8.24
C40 CDL RA . -91.62 -21.77 7.61
C41 CDL RA . -90.56 -21.63 8.69
C42 CDL RA . -89.22 -22.11 8.18
C43 CDL RA . -88.20 -20.98 8.27
C44 CDL RA . -86.81 -21.51 7.89
C45 CDL RA . -85.75 -20.53 8.35
C46 CDL RA . -85.86 -19.24 7.53
CB2 CDL RA . -97.46 -22.07 -6.39
OB2 CDL RA . -98.80 -21.83 -6.08
PB2 CDL RA . -99.56 -20.52 -6.73
OB3 CDL RA . -98.64 -19.76 -7.66
OB4 CDL RA . -100.77 -20.97 -7.50
OB5 CDL RA . -100.02 -19.51 -5.50
CB3 CDL RA . -99.21 -19.51 -4.36
CB4 CDL RA . -99.67 -18.39 -3.41
OB6 CDL RA . -100.60 -17.57 -4.03
CB5 CDL RA . -101.93 -17.99 -3.91
OB7 CDL RA . -102.28 -18.99 -4.44
C51 CDL RA . -102.94 -17.17 -3.12
C52 CDL RA . -103.84 -18.09 -2.29
C53 CDL RA . -103.67 -17.79 -0.79
C54 CDL RA . -104.39 -16.47 -0.45
C55 CDL RA . -104.85 -16.53 1.02
C56 CDL RA . -104.89 -15.10 1.60
CB6 CDL RA . -98.45 -17.56 -3.02
OB8 CDL RA . -98.68 -16.92 -1.79
CB7 CDL RA . -99.61 -15.87 -1.89
OB9 CDL RA . -99.82 -15.35 -2.93
C71 CDL RA . -100.35 -15.41 -0.62
C72 CDL RA . -99.35 -14.83 0.39
C73 CDL RA . -100.08 -14.55 1.71
C74 CDL RA . -99.64 -13.19 2.28
C75 CDL RA . -100.79 -12.58 3.09
C76 CDL RA . -100.70 -11.05 3.03
C77 CDL RA . -101.99 -10.43 3.60
H1 CDL RA . -97.00 -21.13 -4.61
H1O1 CDL RA . -97.44 -23.46 -4.53
HA22 CDL RA . -95.08 -21.57 -6.44
HA21 CDL RA . -94.91 -20.75 -5.09
HA32 CDL RA . -96.29 -21.88 -2.32
HA31 CDL RA . -96.29 -20.34 -2.66
HA4 CDL RA . -96.62 -20.64 -0.35
H112 CDL RA . -95.35 -17.03 0.71
H111 CDL RA . -96.68 -17.87 0.83
H122 CDL RA . -94.87 -17.91 2.99
H121 CDL RA . -96.44 -18.15 3.05
H132 CDL RA . -95.13 -15.66 2.76
H131 CDL RA . -96.68 -15.80 2.45
H142 CDL RA . -95.50 -16.34 4.97
H141 CDL RA . -97.03 -16.52 4.67
H152 CDL RA . -96.85 -14.10 4.00
H151 CDL RA . -95.62 -14.12 5.00
H162 CDL RA . -97.07 -14.88 6.72
H161 CDL RA . -98.29 -14.81 5.71
H172 CDL RA . -96.82 -12.60 6.71
H171 CDL RA . -97.79 -12.44 5.47
H182 CDL RA . -98.60 -13.20 8.07
H181 CDL RA . -99.59 -13.22 6.83
H192 CDL RA . -98.31 -10.79 7.18
H191 CDL RA . -99.83 -11.04 6.84
H202 CDL RA . -100.38 -11.31 9.03
H201 CDL RA . -98.87 -11.51 9.46
H212 CDL RA . -99.15 -9.06 8.32
H211 CDL RA . -100.17 -9.21 9.53
H222 CDL RA . -98.35 -9.82 10.95
H221 CDL RA . -97.36 -9.54 9.74
H232 CDL RA . -98.92 -7.35 10.09
H231 CDL RA . -98.24 -7.72 11.47
H242 CDL RA . -96.98 -6.21 10.00
H241 CDL RA . -96.68 -7.48 9.12
H252 CDL RA . -95.45 -8.46 10.77
H251 CDL RA . -96.02 -7.46 11.87
H262 CDL RA . -94.50 -6.40 9.75
H261 CDL RA . -94.68 -5.78 11.19
H273 CDL RA . -93.28 -7.40 12.11
H272 CDL RA . -92.50 -6.71 10.92
H271 CDL RA . -93.16 -8.13 10.71
HA62 CDL RA . -95.15 -22.69 -0.42
HA61 CDL RA . -94.03 -21.64 -0.03
H312 CDL RA . -94.66 -23.64 3.98
H311 CDL RA . -95.90 -24.14 3.12
H322 CDL RA . -96.75 -22.71 4.73
H321 CDL RA . -96.84 -21.94 3.35
H332 CDL RA . -95.18 -20.54 3.86
H331 CDL RA . -94.53 -21.55 4.89
H342 CDL RA . -97.03 -20.42 5.50
H341 CDL RA . -95.98 -21.01 6.52
H352 CDL RA . -96.14 -18.58 6.50
H351 CDL RA . -95.44 -18.63 5.09
H362 CDL RA . -93.64 -19.87 6.22
H361 CDL RA . -93.70 -18.31 6.49
H372 CDL RA . -95.12 -20.00 8.24
H371 CDL RA . -94.51 -18.56 8.56
H382 CDL RA . -92.33 -19.57 8.37
H381 CDL RA . -93.13 -20.02 9.65
H392 CDL RA . -93.69 -21.70 7.58
H391 CDL RA . -93.11 -22.09 9.01
H402 CDL RA . -91.46 -21.14 6.91
H401 CDL RA . -91.59 -22.68 7.26
H412 CDL RA . -90.82 -22.16 9.47
H411 CDL RA . -90.48 -20.69 8.95
H422 CDL RA . -88.92 -22.84 8.74
H421 CDL RA . -89.30 -22.42 7.26
H432 CDL RA . -88.17 -20.64 9.17
H431 CDL RA . -88.45 -20.26 7.66
H442 CDL RA . -86.76 -21.62 6.93
H441 CDL RA . -86.67 -22.36 8.32
H452 CDL RA . -84.87 -20.92 8.21
H451 CDL RA . -85.87 -20.32 9.28
H462 CDL RA . -84.98 -19.00 7.19
H461 CDL RA . -86.45 -19.38 6.78
HB22 CDL RA . -97.16 -21.45 -7.07
HB21 CDL RA . -97.36 -22.98 -6.71
HB32 CDL RA . -99.27 -20.36 -3.90
HB31 CDL RA . -98.30 -19.35 -4.61
HB4 CDL RA . -100.06 -18.79 -2.61
H512 CDL RA . -103.49 -16.64 -3.72
H511 CDL RA . -102.46 -16.56 -2.52
H522 CDL RA . -104.76 -17.96 -2.55
H521 CDL RA . -103.58 -19.01 -2.45
H532 CDL RA . -102.73 -17.71 -0.58
H531 CDL RA . -104.07 -18.51 -0.27
H542 CDL RA . -103.77 -15.72 -0.56
H541 CDL RA . -105.15 -16.35 -1.02
H552 CDL RA . -105.75 -16.91 1.07
H551 CDL RA . -104.24 -17.07 1.53
H562 CDL RA . -105.19 -14.49 0.92
H561 CDL RA . -103.99 -14.86 1.89
C1 CDL SA . -81.70 -5.05 1.14
O1 CDL SA . -80.41 -4.87 1.66
CA2 CDL SA . -82.31 -6.32 1.71
OA2 CDL SA . -81.75 -7.44 1.07
PA1 CDL SA . -80.17 -7.79 1.36
OA3 CDL SA . -79.47 -8.04 0.06
OA4 CDL SA . -79.52 -6.65 2.09
OA5 CDL SA . -80.06 -9.14 2.29
CA3 CDL SA . -78.80 -9.70 2.42
CA4 CDL SA . -78.50 -9.98 3.88
OA6 CDL SA . -79.26 -11.06 4.29
CA5 CDL SA . -78.55 -12.26 4.20
OA7 CDL SA . -77.93 -12.50 3.22
C11 CDL SA . -78.56 -13.26 5.33
C12 CDL SA . -78.85 -12.54 6.64
C13 CDL SA . -77.94 -13.06 7.75
C14 CDL SA . -78.70 -13.13 9.06
C15 CDL SA . -77.80 -13.75 10.13
C16 CDL SA . -78.52 -14.90 10.82
C17 CDL SA . -79.55 -14.35 11.79
C18 CDL SA . -80.25 -15.49 12.50
C19 CDL SA . -80.55 -15.09 13.95
C20 CDL SA . -81.59 -13.98 13.98
C21 CDL SA . -82.04 -13.78 15.42
C22 CDL SA . -83.44 -13.16 15.45
C23 CDL SA . -83.39 -11.71 14.94
C24 CDL SA . -84.62 -10.97 15.43
C25 CDL SA . -84.58 -9.54 14.95
CA6 CDL SA . -78.89 -8.76 4.72
OA8 CDL SA . -78.51 -9.00 6.05
CA7 CDL SA . -79.01 -8.08 6.97
OA9 CDL SA . -79.84 -7.31 6.65
C31 CDL SA . -78.48 -8.07 8.41
C32 CDL SA . -79.08 -9.23 9.19
C33 CDL SA . -78.64 -9.14 10.64
C34 CDL SA . -79.17 -10.34 11.44
C35 CDL SA . -78.94 -10.12 12.93
C36 CDL SA . -77.50 -10.44 13.28
C37 CDL SA . -77.18 -9.94 14.68
C38 CDL SA . -75.68 -10.16 14.94
C39 CDL SA . -75.27 -9.53 16.26
C40 CDL SA . -73.75 -9.39 16.29
C41 CDL SA . -73.11 -10.76 16.47
C42 CDL SA . -71.60 -10.59 16.59
C43 CDL SA . -70.95 -11.95 16.79
CB2 CDL SA . -82.57 -3.86 1.53
OB2 CDL SA . -83.78 -3.94 0.83
PB2 CDL SA . -84.23 -2.67 -0.10
OB3 CDL SA . -83.50 -1.42 0.34
OB4 CDL SA . -83.92 -2.95 -1.54
OB5 CDL SA . -85.86 -2.42 0.07
CB3 CDL SA . -86.60 -3.37 0.77
CB4 CDL SA . -86.41 -3.18 2.27
OB6 CDL SA . -86.52 -4.41 2.92
CB5 CDL SA . -86.28 -4.33 4.31
OB7 CDL SA . -85.76 -3.37 4.76
C51 CDL SA . -86.70 -5.47 5.23
C52 CDL SA . -87.74 -4.97 6.26
C53 CDL SA . -88.37 -6.18 6.95
C54 CDL SA . -88.73 -5.81 8.39
C55 CDL SA . -89.58 -6.95 9.00
C56 CDL SA . -89.27 -7.12 10.49
C57 CDL SA . -88.23 -8.24 10.70
C58 CDL SA . -86.88 -7.83 10.10
C59 CDL SA . -85.81 -8.85 10.51
C60 CDL SA . -84.41 -8.30 10.23
C61 CDL SA . -83.38 -9.10 11.04
C62 CDL SA . -82.13 -8.24 11.32
C63 CDL SA . -81.82 -8.26 12.81
C64 CDL SA . -80.88 -7.10 13.16
C65 CDL SA . -80.46 -7.16 14.63
C66 CDL SA . -79.51 -6.01 14.94
C67 CDL SA . -78.64 -6.37 16.14
CB6 CDL SA . -87.48 -2.22 2.81
OB8 CDL SA . -88.57 -2.97 3.28
CB7 CDL SA . -89.75 -2.22 3.50
OB9 CDL SA . -89.83 -1.12 3.07
C71 CDL SA . -90.91 -2.81 4.28
C72 CDL SA . -91.10 -2.01 5.58
C73 CDL SA . -92.46 -2.35 6.21
C74 CDL SA . -92.28 -3.50 7.22
C75 CDL SA . -93.61 -3.73 7.97
C76 CDL SA . -94.48 -2.46 7.86
H1 CDL SA . -81.65 -5.12 0.18
H1O1 CDL SA . -80.13 -4.10 1.47
HA22 CDL SA . -83.27 -6.32 1.57
HA21 CDL SA . -82.13 -6.37 2.67
HA32 CDL SA . -78.76 -10.53 1.92
HA31 CDL SA . -78.14 -9.09 2.06
HA4 CDL SA . -77.56 -10.16 4.00
H112 CDL SA . -77.70 -13.70 5.39
H111 CDL SA . -79.25 -13.93 5.17
H122 CDL SA . -78.69 -11.59 6.54
H121 CDL SA . -79.79 -12.68 6.90
H132 CDL SA . -77.62 -13.96 7.52
H131 CDL SA . -77.18 -12.47 7.84
H142 CDL SA . -79.50 -13.68 8.96
H141 CDL SA . -78.96 -12.24 9.33
H152 CDL SA . -77.57 -13.08 10.78
H151 CDL SA . -76.98 -14.08 9.71
H162 CDL SA . -77.87 -15.43 11.30
H161 CDL SA . -78.96 -15.46 10.15
H172 CDL SA . -80.21 -13.82 11.30
H171 CDL SA . -79.11 -13.77 12.44
H182 CDL SA . -79.68 -16.27 12.49
H181 CDL SA . -81.08 -15.69 12.05
H192 CDL SA . -79.73 -14.79 14.37
H191 CDL SA . -80.88 -15.87 14.43
H202 CDL SA . -82.35 -14.23 13.43
H201 CDL SA . -81.20 -13.16 13.64
H212 CDL SA . -81.42 -13.19 15.88
H211 CDL SA . -82.07 -14.64 15.88
H222 CDL SA . -84.04 -13.67 14.89
H221 CDL SA . -83.76 -13.15 16.36
H232 CDL SA . -83.37 -11.71 13.97
H231 CDL SA . -82.58 -11.28 15.28
H242 CDL SA . -85.42 -11.41 15.10
H241 CDL SA . -84.63 -10.98 16.40
H252 CDL SA . -84.73 -9.51 13.99
H251 CDL SA . -83.71 -9.15 15.15
HA62 CDL SA . -79.85 -8.61 4.67
HA61 CDL SA . -78.43 -7.97 4.39
H312 CDL SA . -77.51 -8.15 8.39
H311 CDL SA . -78.72 -7.23 8.83
H322 CDL SA . -78.77 -10.07 8.80
H321 CDL SA . -80.05 -9.20 9.13
H332 CDL SA . -77.68 -9.12 10.69
H331 CDL SA . -78.99 -8.32 11.03
H342 CDL SA . -78.69 -11.13 11.16
H341 CDL SA . -80.12 -10.45 11.27
H352 CDL SA . -79.54 -10.69 13.44
H351 CDL SA . -79.12 -9.18 13.15
H362 CDL SA . -76.91 -10.01 12.65
H361 CDL SA . -77.36 -11.41 13.24
H372 CDL SA . -77.37 -8.99 14.75
H371 CDL SA . -77.69 -10.43 15.33
H382 CDL SA . -75.50 -11.11 14.97
H381 CDL SA . -75.18 -9.76 14.22
H392 CDL SA . -75.67 -8.65 16.34
H391 CDL SA . -75.56 -10.09 17.00
H402 CDL SA . -73.49 -8.81 17.03
H401 CDL SA . -73.44 -8.99 15.46
H412 CDL SA . -73.31 -11.31 15.70
H411 CDL SA . -73.45 -11.18 17.28
H422 CDL SA . -71.39 -10.02 17.33
H421 CDL SA . -71.25 -10.19 15.76
H432 CDL SA . -70.36 -11.92 17.56
H431 CDL SA . -71.63 -12.62 16.93
HB22 CDL SA . -82.74 -3.88 2.49
HB21 CDL SA . -82.11 -3.04 1.30
HB32 CDL SA . -87.55 -3.28 0.55
HB31 CDL SA . -86.31 -4.26 0.53
HB4 CDL SA . -85.53 -2.80 2.44
H512 CDL SA . -87.09 -6.18 4.70
H511 CDL SA . -85.92 -5.81 5.71
H522 CDL SA . -88.42 -4.46 5.79
H521 CDL SA . -87.29 -4.41 6.90
H532 CDL SA . -87.74 -6.92 6.95
H531 CDL SA . -89.17 -6.44 6.47
H542 CDL SA . -89.26 -4.99 8.39
H541 CDL SA . -87.92 -5.69 8.92
H552 CDL SA . -90.52 -6.74 8.89
H551 CDL SA . -89.38 -7.77 8.54
H562 CDL SA . -90.08 -7.36 10.97
H561 CDL SA . -88.92 -6.29 10.85
H572 CDL SA . -88.55 -9.05 10.25
H571 CDL SA . -88.13 -8.42 11.65
H582 CDL SA . -86.63 -6.94 10.43
H581 CDL SA . -86.94 -7.80 9.13
H592 CDL SA . -85.90 -9.05 11.45
H591 CDL SA . -85.95 -9.67 10.00
H602 CDL SA . -84.21 -8.37 9.28
H601 CDL SA . -84.38 -7.37 10.49
H612 CDL SA . -83.12 -9.88 10.52
H611 CDL SA . -83.77 -9.39 11.87
H622 CDL SA . -81.38 -8.60 10.83
H621 CDL SA . -82.29 -7.33 11.02
H632 CDL SA . -82.65 -8.15 13.32
H631 CDL SA . -81.41 -9.10 13.05
H642 CDL SA . -80.09 -7.15 12.60
H641 CDL SA . -81.33 -6.25 12.99
H652 CDL SA . -81.25 -7.10 15.19
H651 CDL SA . -80.01 -8.01 14.80
H662 CDL SA . -80.02 -5.22 15.14
H661 CDL SA . -78.94 -5.84 14.17
H673 CDL SA . -77.96 -7.01 15.86
H672 CDL SA . -78.21 -5.57 16.48
H671 CDL SA . -79.18 -6.77 16.83
HB62 CDL SA . -87.78 -1.65 2.09
HB61 CDL SA . -87.12 -1.69 3.53
#